data_8QBY
#
_entry.id   8QBY
#
_cell.length_a   1.00
_cell.length_b   1.00
_cell.length_c   1.00
_cell.angle_alpha   90.00
_cell.angle_beta   90.00
_cell.angle_gamma   90.00
#
_symmetry.space_group_name_H-M   'P 1'
#
loop_
_entity.id
_entity.type
_entity.pdbx_description
1 polymer 'NADH-quinone oxidoreductase subunit K'
2 polymer 'NADH-quinone oxidoreductase'
3 polymer 'Protein-L-isoaspartate O-methyltransferase'
4 polymer 'NADH-quinone oxidoreductase subunit I'
5 polymer 'NADH dehydrogenase subunit E'
6 polymer 'NADH-quinone oxidoreductase subunit N'
7 polymer 'NADH-quinone oxidoreductase subunit H'
8 polymer 'NADH-quinone oxidoreductase subunit F'
9 polymer 'NADH-quinone oxidoreductase subunit D'
10 polymer 'NADH:ubiquinone oxidoreductase 17.2 kD subunit'
11 polymer 'NADH-quinone oxidoreductase subunit A'
12 polymer 'NADH-quinone oxidoreductase chain 10'
13 polymer 'Zinc finger CHCC-type domain-containing protein'
14 polymer 'ETC complex I subunit conserved region'
15 polymer 'NADH-quinone oxidoreductase subunit C'
16 polymer 'NADH-quinone oxidoreductase subunit B'
17 polymer 'NADH dehydrogenase subunit L'
18 polymer 'NADH dehydrogenase subunit M'
19 non-polymer 'IRON/SULFUR CLUSTER'
20 non-polymer 'FE2/S2 (INORGANIC) CLUSTER'
21 non-polymer 'SODIUM ION'
22 non-polymer 1,2-DIACYL-GLYCEROL-3-SN-PHOSPHATE
23 non-polymer O-[(R)-{[(2R)-2,3-bis(octadecanoyloxy)propyl]oxy}(hydroxy)phosphoryl]-L-serine
24 non-polymer 'CALCIUM ION'
25 non-polymer 1,2-Distearoyl-sn-glycerophosphoethanolamine
26 non-polymer CARDIOLIPIN
27 non-polymer 'FLAVIN MONONUCLEOTIDE'
28 non-polymer 1,2-DIACYL-SN-GLYCERO-3-PHOSPHOCHOLINE
29 non-polymer 'ZINC ION'
30 non-polymer UBIQUINONE-10
31 water water
#
loop_
_entity_poly.entity_id
_entity_poly.type
_entity_poly.pdbx_seq_one_letter_code
_entity_poly.pdbx_strand_id
1 'polypeptide(L)'
;MIGLTHYLVVGAILFVTGIFGIFVNRKNVIVILMSIELMLLAVNINFVAFSTHLGDLAGQVFTMFVLTVAAAEAAIGLAI
LVVFFRNRGTIAVEDVNVMKG
;
K
2 'polypeptide(L)'
;MADLRKIKIDDTIIEVDPNMTLIQACEMAGIEVPRFCYHERLSIAGNCRMCLVEVVGGPPKPAASCAMQVKDLRPGPEGA
PSEIRTNSPMVKKAREGVMEFLLINHPLDCPICDQGGECDLQDQAMAYGVDFSRYREPKRATEDLNLGPLVETHMTRCIS
CTRCVRFTTEVAGITQMGQTGRGEDSEITSYLNQTLESNMQGNIIDLCPVGALVSKPYAFTARPWELTKTESIDVMDALG
SSIRIDTKGREVMRILPRNHDGVNEEWISDKTRFVWDGLRRQRLDRPYIRENGRLRPASWPEALEAAARAMKGKKIAGLI
GDLVPAEAAFSLKQLVEGLGGKVECRVDGARLPAGNRSAYVGTARIEDIDDAEMIQLIGTNPRDEAPVLNARIRKAWSKG
AKVGLVGEPVDLTYDYAHVGTDRAALESLSSREISDETKARPSIVIVGQGAIREADGEAVLAHAMKLAENSNSGLLILHT
AAGRVGAMDVGAVTEGGLLAAIDGAEVVYNLGADEVDIDQGPFVIYQGSHGDRGAHRADIILPGACYTEESGLFVNTEGR
PQLAMRANFAPGEGKENWAILRALSAELGATQPWDSLAGLRRKLVEAVPHLAQIDQVPQNEWQPLGRFDLGQASFRYAIR
DFYLTNPIARSSPLMGELSAMAAARKAPAPLAAE
;
G
3 'polypeptide(L)'
;MTDFAQRRTMMVDTQVRPNEVTSYPVIEAMLNVPREQFVPESRRDVAYVGNNIDLAPGRVLLEPRTLGKMMDILNLQNGD
LVLDVGCGYGYSAAVMARIAEAVVAVEEDAAMAAEAEGRLAAQDVFNVAVVQGALAEGCPGQAPYDAILIEGAVEQVPEA
LTEQLREGGRIVALFREGNLGIVRLGHKLDGRVNWRFAFNAVAPLLPGFARPRGFVL
;
t
4 'polypeptide(L)'
;MAFDFARATKYFLMWDFIKGFGLGMRYFVSPKPTLNYPHEKGPLSPRFRGEHALRRYPNGEERCIACKLCEAVCPAQAIT
IDAEPREDGSRRTTRYDIDMTKCIYCGFCQEACPVDAIVEGPNFEYATETREELFYDKQKLLANGERWEAEIARNLQLDA
PYR
;
I
5 'polypeptide(L)'
;MLRRLSPIQPDSFEFTPANLEWARAQMTKYPEGRQQSAIIPVLWRAQEQEGWLSRPAIEYCADLLGMPYIRALEVATFYF
MFQLQPVGSVAHIQICGTTTCMICGAEDLIRVCKEKIAPEPHALSADGRFSWEEVECLGACTNAPMAQIGKDFYEDLTVE
KLAALIDRFAAGEVPVPGPQNGRFSAEALGGPTALADLKGGEAHNASVARALRLGDSIKRIDGTEVPITTPWLATQNGV
;
E
6 'polypeptide(L)'
;MTSLDFSTILPEVVLAGYALAALMAGAYLGKDRLARTLLWVTVAAFLVVAAMVGLGNHVDGAAFHGMFIDDGFSRFAKVV
TLVAAAGVLAMSADYMQRRNMLRFEFPIIVALAVLGMMFMVSAGDLLTLYMGLELQSLALYVVAAMRRDSVRSSEAGLKY
FVLGSLSSGLLLYGASLVYGFAGTTGFEGIISTIEAGHLSLGVLFGLVFMLVGLSFKVSAVPFHMWTPDVYEGSPTPVTA
FFATAPKVAAMALIARLVFDAFGHVIGDWSQIVAALAVMSMFLGSIAGIGQTNIKRLMAYSSIAHMGFALVGLAAGTAIG
VQNMLLYMTIYAVMNIGTFAFILSMERDGVPVTDLAALNRFAWTDPVKALAMLVLMFSLAGVPPTLGFFAKFGVLTAAVD
AGMGWLAVLGVIASVIGAFYYLRIVYYMYFGGESEGMTSRMGAVQYLALMVPALAMLVGAISMFGVDSAAGRAAETLVGP
VAAIEQPAEAAQAEPVQGE
;
N
7 'polypeptide(L)'
;MAEFWASPYGFALSMLLQGLAVIAFVMGSLIFMVYGDRKIWAAVQMRRGPNVVGPWGLLQTFADALKYIVKEIVIPAGAD
KFVYFLAPFLSMMLALFAFVVIPFDEGWVMANINVGILFIFAASSLEVYGVIMGGWASNSKYPFLASLRSAAQMISYEVS
LGLIIIGIIISTGSMNLTAIVEAQRGDYGLLNWYWLPHLPMVVLFFVSALAECNRPPFDLVEAESELVAGFMTEYSSTPY
LLFMAGEYIAMYLMCALLSLLFFGGWLSPVPFIADGWWWMVIKMWFWFYMFAMVKAIVPRYRYDQLMRIGWKVFLPLSLG
WVVLVAILARYEILGGFWARFAVGG
;
H
8 'polypeptide(L)'
;MLNDQDRIFTNLYGMGDRSLAGAKKRGHWDGTAAIIQRGRDKIIDEMKASGLRGRGGAGFPTGMKWSFMPKESDGRPSYL
VINADESEPATCKDREIMRHDPHTLIEGALIASFAMGAHAAYIYIRGEFIREREALQAAIDECYDAGLLGRNAAGSGWDF
DLYLHHGAGAYICGEETALLESLEGKKGMPRMKPPFPAGAGLYGCPTTVNNVESIAVVPTILRRGAEWFASFGRPNNAGV
KLFGLTGHVNTPCVVEEAMSIPMRELIEKHGGGIRGGWKNLKAVIPGGASCPVLTAEQCENAIMDYDGMRELRSSFGTAC
MIVMDQSTDVVKAIWRLSKFFKHESCGQCTPCREGTGWMMRVMERLVRGDAEVEEIDMLFDVTKQVEGHTICALGDAAAW
PIQGLIRNFREEIEDRIKAKRTGRMGAMAAE
;
F
9 'polypeptide(L)'
;MDGDIRKNSYDDGSMDALTGEQSIRNFNINFGPQHPAAHGVLRMVLELDGEIVERADPHIGLLH(2MR)GTEKLMESRTY
LQNLPYLDRLDYVAPMNQEHAWCLAIERLTGTVIPRRASLIRVLYSEIGRILNHLMGVTTGAMDVGALTPPLWGFEAREE
LMIFYERACGARLHAAYFRPGGVHQDLPPDLLDDIEEWCERFPKLVDDLDTLLTENRIFKQRLVDIGIVTEADALDWGYT
GVMVRGSGLAWDLRRSQPYECYDEFDFQIPVGRNGDCYDRYLCRMAEMRESCKIMQQAVQKLRAEPAGDVLARGKLTPPR
RAEMKRDMESLIHHFKLYTEGFKVPAGEVYAAVEAPKGEFGVYLVADGTNKPWRAKLRAPGFAHLQSIDWMSRGHMLADV
PAIIATLDIVFGEVDR
;
D
10 'polypeptide(L)'
;MSFLLRFLTWWNSQTLNTQVWTKLYGEKVGEDDQGNVYYQSGGGKRRWVIYNGESEASRISPEWHGWLHHTYKEPPTAAP
LAHKPWEKPHEPNLTGSSGAYHPAGSLYRAQPVERRDYDAWQPE
;
q
11 'polypeptide(L)'
;(FME)EYLLQEYLPILVFLGMASALAIVLILAAAVIAVRNPDPEKVSAYECGFNAFDDARMKFDVRFYLVSILFIIFDLE
VAFLFPWAVSFASLSDVAFWGMMVFLAVLTVGFAYEWKKGALEWA
;
A
12 'polypeptide(L)'
;MMTFAFYLFAISACVAGFMVVIGRNPVHSVLWLILAFLSAAGLFVLQGAEFVAMLLVVVYVGAVAVLFLFVVMMLDVDFA
ELKGELARYLPLALVIGVVLLAQLGIAFSGWTPSDQAESLRAAPVDAAVENTLGLGLVLYDRYVLMFQLAGLVLLVAMIG
AIVLTMRHRKDVKRQNVLEQMWRDPAKTMELKDVKPGQGL
;
J
13 'polypeptide(L)' MTIPAPEIQTVTSWKVACDGDEARGLGHPRVWLAIPRDTGWVECGYCDKRFVIDREHAHDDH R
14 'polypeptide(L)'
;MRVRIYKPARNAMQSGTARTRNWVLDFPPADPRAIDPLMGWTSSDDTQSQVRLRFETRKQAEDYAREHGLDYEVIEPHTR
AANIRPRGYGENFASDRRAPWTH
;
Q
15 'polypeptide(L)'
;MSEALSDEALLELAEHIALRRENDVISTQVAFGELTVNATLSGVIGLIEFLRNDPNCRFSTLIDITAVDNPARPARFDVV
YHLLSMYQNQRIRVKVQVREDELVPSLIGVFPGANWYEREVFDLFGILFSGHSDLRRILTDYGFRGHPLRKDFPTTGYVE
VRWSDIEKRVVYEPVNLVQEYRQFDFLSPWEGAKYVLPGDEKAPEAKK
;
C
16 'polypeptide(L)'
;MMTGLNTAGADRDLATAELNRELQDKGFLLTTTEDIINWARNGSLHWMTFGLACCAVEMMQTSMPRYDLERFGTAPRASP
RQSDLMIVAGTLTNKMAPALRKVYDQMPEPRYVISMGSCANGGGYYHYSYSVVRGCDRIVPVDIYVPGCPPTAEALLYGI
LQLQRRIRRTGTLVR
;
B
17 'polypeptide(L)'
;MEKFVLFAPLIASLIAGLGWRAIGEKAAQYLTTGVLFLSCLISWYLFLSFDGVPRHIPVLDWVVTGDFHAEWAIRLDRLT
AIMLIVVTTVSALVHMYSLGYMAHDDNWTHDEHYKARFFAYLSFFTFAMLMLVTADNLLQMFFGWEGVGVASYLLIGFYY
KKASANAAAMKAFIVNRVGDFGFLLGIFGIYWLTGSVQFDEIFRQVPQLAQTEMHFLWRDWNAANLLGFLLFVGAMGKSA
QLLLHTWLPDAMEGPTPVSALIHAATMVTAGVFLVCRMSPLYEFAPDAKNFIVIIGATTAFFAATVGLVQNDIKRVIAYS
TCSQLGYMFVAAGVGVYSAAMFHLLTHAFFKAMLFLGAGSVIHAMHHEQDMRNYGGLRKKIPLTFWAMMIGTFAITGVGI
PLTHLGFAGFLSKDAIIESAYAGSGYAFWLLVIAACFTSFYSWRLIFLTFYGKPRGDHHAHDHAHESPPVMTIPLGVLAI
GAVFAGMVWYGPFFGDHHKVTEYFHIAGAHHEAAEGEEAEHATAEAPVEHAVADTATAEGEAAAEAEHAEIAAPVGGAIY
MHPDNHIMDEAHHAPAWVKVSPFVAMVLGLITAWTFYIANPSLPRRLAAQQPALYRFLLNKWYFDEIYEFIFVRPAKWLG
RVLWKGGDGAVIDGTINGVAMGLIPRLTRAAVRVQSGYLFHYAFAMVLGIVGLLIWVMMRGAH
;
L
18 'polypeptide(L)'
;MTNLLSIITFLPIVAAIIMALFLRGQDEAAARNAKWLALLTTTATFVISLFVLFRFDPANTGFQFVEDHAWIMGLRYKMG
VDGISVLFVLLTTFMMPLTILSTWQVQDKVKEYMIAFLVLEGLMIGVFTALDLVLFYLFFEAGLIPMFLIIGIWGGKDRI
YASFKFFLYTFLGSVLMLVAMIAMYRMAGTTDIPTLLTFDFPSENFRLLGMTVVGGMQMLLFLAFFASFAVKMPMWPVHT
WLPDAHVQAPTAGSVLLAAVLLKMGGYGFLRFSLPMFPVASGVAQPYVFWLSAIAIVYTSLVALAQSDMKKVIAYSSVAH
MGYVTMGVFAANQIGVDGAIFQMLSHGFISGALFLCVGVIYDRMHTREIDAYGGLVNRMPAYAAVFMFFTMANVGLPGTS
GFVGEFLTLMGVFRVDTWVALVATSGVILSAAYALWLYRRVTLGQLIKESLKSITDMTPRERWVFIPLIAMTLILGVYPR
LVTDVTGPAVAALVQDYNQSQPAAPVATAQASH
;
M
#
loop_
_chem_comp.id
_chem_comp.type
_chem_comp.name
_chem_comp.formula
3PE non-polymer 1,2-Distearoyl-sn-glycerophosphoethanolamine 'C41 H82 N O8 P'
3PH non-polymer 1,2-DIACYL-GLYCEROL-3-SN-PHOSPHATE 'C39 H77 O8 P'
CA non-polymer 'CALCIUM ION' 'Ca 2'
CDL non-polymer CARDIOLIPIN 'C81 H156 O17 P2 -2'
FES non-polymer 'FE2/S2 (INORGANIC) CLUSTER' 'Fe2 S2'
FMN non-polymer 'FLAVIN MONONUCLEOTIDE' 'C17 H21 N4 O9 P'
NA non-polymer 'SODIUM ION' 'Na 1'
P5S non-polymer O-[(R)-{[(2R)-2,3-bis(octadecanoyloxy)propyl]oxy}(hydroxy)phosphoryl]-L-serine 'C42 H82 N O10 P'
PC1 non-polymer 1,2-DIACYL-SN-GLYCERO-3-PHOSPHOCHOLINE 'C44 H88 N O8 P'
SF4 non-polymer 'IRON/SULFUR CLUSTER' 'Fe4 S4'
U10 non-polymer UBIQUINONE-10 'C59 H90 O4'
ZN non-polymer 'ZINC ION' 'Zn 2'
#
# COMPACT_ATOMS: atom_id res chain seq x y z
N MET A 1 -15.97 16.67 61.93
CA MET A 1 -16.14 18.11 61.58
C MET A 1 -15.05 18.57 60.62
N ILE A 2 -15.46 19.16 59.51
CA ILE A 2 -14.53 19.54 58.44
C ILE A 2 -14.15 21.00 58.61
N GLY A 3 -12.86 21.24 58.84
CA GLY A 3 -12.34 22.58 58.97
C GLY A 3 -11.34 22.91 57.88
N LEU A 4 -10.60 24.01 58.07
CA LEU A 4 -9.65 24.44 57.06
C LEU A 4 -8.57 23.39 56.84
N THR A 5 -8.09 22.77 57.92
CA THR A 5 -6.99 21.82 57.80
C THR A 5 -7.34 20.68 56.86
N HIS A 6 -8.60 20.27 56.83
CA HIS A 6 -9.01 19.20 55.94
C HIS A 6 -8.75 19.55 54.49
N TYR A 7 -9.09 20.78 54.08
CA TYR A 7 -8.91 21.18 52.70
C TYR A 7 -7.45 21.42 52.37
N LEU A 8 -6.70 21.98 53.32
CA LEU A 8 -5.27 22.19 53.09
C LEU A 8 -4.56 20.86 52.91
N VAL A 9 -4.96 19.84 53.65
CA VAL A 9 -4.34 18.53 53.51
C VAL A 9 -4.61 17.97 52.11
N VAL A 10 -5.85 18.11 51.61
CA VAL A 10 -6.14 17.66 50.26
C VAL A 10 -5.31 18.46 49.26
N GLY A 11 -5.22 19.78 49.44
CA GLY A 11 -4.40 20.59 48.57
C GLY A 11 -2.94 20.14 48.57
N ALA A 12 -2.40 19.84 49.75
CA ALA A 12 -1.01 19.43 49.83
C ALA A 12 -0.78 18.13 49.09
N ILE A 13 -1.71 17.18 49.21
CA ILE A 13 -1.55 15.89 48.56
C ILE A 13 -1.57 16.05 47.04
N LEU A 14 -2.53 16.80 46.52
CA LEU A 14 -2.60 17.02 45.08
C LEU A 14 -1.37 17.76 44.59
N PHE A 15 -0.90 18.74 45.37
CA PHE A 15 0.28 19.51 44.99
C PHE A 15 1.51 18.62 44.89
N VAL A 16 1.74 17.79 45.91
CA VAL A 16 2.90 16.91 45.87
C VAL A 16 2.75 15.87 44.77
N THR A 17 1.52 15.40 44.53
CA THR A 17 1.28 14.48 43.44
C THR A 17 1.64 15.12 42.10
N GLY A 18 1.23 16.36 41.88
CA GLY A 18 1.53 17.02 40.62
C GLY A 18 3.01 17.27 40.44
N ILE A 19 3.70 17.69 41.50
CA ILE A 19 5.15 17.85 41.44
C ILE A 19 5.80 16.51 41.17
N PHE A 20 5.34 15.46 41.86
CA PHE A 20 5.86 14.13 41.64
C PHE A 20 5.73 13.69 40.19
N GLY A 21 4.62 14.03 39.55
CA GLY A 21 4.42 13.62 38.17
C GLY A 21 5.46 14.17 37.23
N ILE A 22 5.95 15.39 37.52
CA ILE A 22 6.91 16.02 36.62
C ILE A 22 8.25 15.30 36.65
N PHE A 23 8.77 14.98 37.84
CA PHE A 23 10.14 14.50 37.93
C PHE A 23 10.24 12.98 37.99
N VAL A 24 9.14 12.25 37.80
CA VAL A 24 9.20 10.81 37.61
C VAL A 24 8.77 10.39 36.21
N ASN A 25 8.08 11.24 35.47
CA ASN A 25 7.62 10.86 34.13
C ASN A 25 8.82 10.69 33.19
N ARG A 26 8.72 9.68 32.32
CA ARG A 26 9.74 9.44 31.32
C ARG A 26 9.20 9.34 29.90
N LYS A 27 7.96 8.89 29.71
CA LYS A 27 7.52 8.41 28.42
C LYS A 27 6.62 9.37 27.65
N ASN A 28 6.09 10.40 28.29
CA ASN A 28 5.13 11.26 27.63
C ASN A 28 5.18 12.65 28.24
N VAL A 29 5.33 13.66 27.39
CA VAL A 29 5.33 15.04 27.84
C VAL A 29 3.91 15.54 28.09
N ILE A 30 2.90 14.93 27.48
CA ILE A 30 1.52 15.35 27.74
C ILE A 30 1.15 15.03 29.17
N VAL A 31 1.62 13.90 29.71
CA VAL A 31 1.31 13.57 31.09
C VAL A 31 1.96 14.56 32.03
N ILE A 32 3.11 15.12 31.65
CA ILE A 32 3.70 16.22 32.42
C ILE A 32 2.78 17.44 32.40
N LEU A 33 2.20 17.74 31.24
CA LEU A 33 1.23 18.83 31.17
C LEU A 33 0.03 18.57 32.06
N MET A 34 -0.37 17.30 32.19
CA MET A 34 -1.44 16.96 33.13
C MET A 34 -1.00 17.16 34.57
N SER A 35 0.26 16.83 34.88
CA SER A 35 0.75 17.01 36.25
C SER A 35 0.80 18.48 36.61
N ILE A 36 1.19 19.33 35.67
CA ILE A 36 1.19 20.77 35.92
C ILE A 36 -0.23 21.24 36.22
N GLU A 37 -1.22 20.67 35.53
CA GLU A 37 -2.61 21.03 35.81
C GLU A 37 -3.05 20.54 37.18
N LEU A 38 -2.59 19.36 37.60
CA LEU A 38 -2.85 18.90 38.97
C LEU A 38 -2.22 19.84 39.99
N MET A 39 -1.00 20.29 39.73
CA MET A 39 -0.31 21.19 40.65
C MET A 39 -1.07 22.50 40.79
N LEU A 40 -1.57 23.06 39.68
CA LEU A 40 -2.31 24.30 39.77
C LEU A 40 -3.69 24.10 40.37
N LEU A 41 -4.29 22.93 40.17
CA LEU A 41 -5.55 22.64 40.86
C LEU A 41 -5.36 22.65 42.36
N ALA A 42 -4.25 22.09 42.83
CA ALA A 42 -3.97 22.08 44.27
C ALA A 42 -3.84 23.49 44.81
N VAL A 43 -3.22 24.39 44.05
CA VAL A 43 -3.11 25.78 44.47
C VAL A 43 -4.49 26.40 44.64
N ASN A 44 -5.37 26.17 43.67
CA ASN A 44 -6.71 26.76 43.76
C ASN A 44 -7.47 26.22 44.97
N ILE A 45 -7.28 24.96 45.33
CA ILE A 45 -7.90 24.43 46.53
C ILE A 45 -7.46 25.23 47.75
N ASN A 46 -6.17 25.57 47.83
CA ASN A 46 -5.69 26.41 48.92
C ASN A 46 -6.37 27.77 48.91
N PHE A 47 -6.40 28.42 47.75
CA PHE A 47 -6.95 29.77 47.68
C PHE A 47 -8.44 29.77 48.02
N VAL A 48 -9.18 28.80 47.49
CA VAL A 48 -10.60 28.71 47.81
C VAL A 48 -10.80 28.37 49.28
N ALA A 49 -10.01 27.44 49.81
CA ALA A 49 -10.15 27.07 51.21
C ALA A 49 -9.86 28.25 52.14
N PHE A 50 -8.77 28.96 51.90
CA PHE A 50 -8.47 30.13 52.72
C PHE A 50 -9.54 31.20 52.53
N SER A 51 -10.02 31.38 51.30
CA SER A 51 -11.01 32.41 51.03
C SER A 51 -12.28 32.19 51.83
N THR A 52 -12.84 30.98 51.77
CA THR A 52 -14.15 30.77 52.38
C THR A 52 -14.06 30.75 53.90
N HIS A 53 -12.95 30.24 54.43
CA HIS A 53 -12.79 30.16 55.87
C HIS A 53 -12.44 31.51 56.49
N LEU A 54 -11.87 32.43 55.72
CA LEU A 54 -11.68 33.80 56.17
C LEU A 54 -12.88 34.68 55.92
N GLY A 55 -13.84 34.23 55.10
CA GLY A 55 -14.89 35.11 54.64
C GLY A 55 -14.40 36.22 53.74
N ASP A 56 -13.53 35.91 52.78
CA ASP A 56 -12.96 36.89 51.88
C ASP A 56 -13.03 36.35 50.46
N LEU A 57 -13.30 37.23 49.49
CA LEU A 57 -13.42 36.82 48.11
C LEU A 57 -12.12 36.94 47.32
N ALA A 58 -11.05 37.44 47.92
CA ALA A 58 -9.81 37.61 47.16
C ALA A 58 -9.27 36.27 46.69
N GLY A 59 -9.32 35.25 47.55
CA GLY A 59 -8.83 33.95 47.16
C GLY A 59 -9.61 33.36 46.00
N GLN A 60 -10.91 33.62 45.95
CA GLN A 60 -11.70 33.18 44.80
C GLN A 60 -11.39 34.02 43.57
N VAL A 61 -11.11 35.31 43.75
CA VAL A 61 -10.65 36.12 42.64
C VAL A 61 -9.30 35.61 42.15
N PHE A 62 -8.40 35.28 43.07
CA PHE A 62 -7.11 34.73 42.69
C PHE A 62 -7.28 33.44 41.89
N THR A 63 -8.26 32.63 42.26
CA THR A 63 -8.47 31.37 41.55
C THR A 63 -8.84 31.61 40.09
N MET A 64 -9.67 32.61 39.82
CA MET A 64 -10.05 32.88 38.43
C MET A 64 -8.84 33.23 37.59
N PHE A 65 -7.88 33.97 38.15
CA PHE A 65 -6.71 34.34 37.40
C PHE A 65 -5.73 33.18 37.27
N VAL A 66 -5.69 32.27 38.25
CA VAL A 66 -4.87 31.08 38.11
C VAL A 66 -5.40 30.21 36.98
N LEU A 67 -6.72 30.14 36.83
CA LEU A 67 -7.29 29.42 35.69
C LEU A 67 -6.92 30.08 34.37
N THR A 68 -6.92 31.41 34.33
CA THR A 68 -6.53 32.11 33.11
C THR A 68 -5.12 31.75 32.70
N VAL A 69 -4.18 31.79 33.63
CA VAL A 69 -2.80 31.46 33.31
C VAL A 69 -2.66 29.98 33.01
N ALA A 70 -3.41 29.13 33.73
CA ALA A 70 -3.40 27.71 33.43
C ALA A 70 -3.85 27.45 31.99
N ALA A 71 -4.89 28.13 31.54
CA ALA A 71 -5.32 27.98 30.15
C ALA A 71 -4.24 28.44 29.19
N ALA A 72 -3.66 29.60 29.44
CA ALA A 72 -2.61 30.12 28.56
C ALA A 72 -1.40 29.20 28.57
N GLU A 73 -1.05 28.67 29.75
CA GLU A 73 0.09 27.76 29.84
C GLU A 73 -0.15 26.48 29.05
N ALA A 74 -1.36 25.92 29.14
CA ALA A 74 -1.65 24.71 28.39
C ALA A 74 -1.58 24.96 26.89
N ALA A 75 -2.12 26.09 26.43
CA ALA A 75 -2.07 26.40 25.00
C ALA A 75 -0.64 26.50 24.52
N ILE A 76 0.20 27.22 25.26
CA ILE A 76 1.60 27.38 24.86
C ILE A 76 2.36 26.07 25.05
N GLY A 77 2.06 25.34 26.12
CA GLY A 77 2.72 24.07 26.33
C GLY A 77 2.46 23.08 25.21
N LEU A 78 1.21 23.01 24.75
CA LEU A 78 0.89 22.13 23.63
C LEU A 78 1.52 22.63 22.33
N ALA A 79 1.55 23.95 22.14
CA ALA A 79 2.17 24.49 20.94
C ALA A 79 3.66 24.17 20.89
N ILE A 80 4.36 24.34 22.02
CA ILE A 80 5.78 24.00 22.06
C ILE A 80 5.97 22.51 21.86
N LEU A 81 5.07 21.69 22.42
CA LEU A 81 5.16 20.26 22.21
C LEU A 81 4.94 19.88 20.75
N VAL A 82 4.06 20.60 20.06
CA VAL A 82 3.82 20.32 18.64
C VAL A 82 5.10 20.52 17.84
N VAL A 83 5.81 21.63 18.07
CA VAL A 83 7.01 21.89 17.29
C VAL A 83 8.11 20.91 17.63
N PHE A 84 8.16 20.43 18.87
CA PHE A 84 9.14 19.40 19.22
C PHE A 84 8.82 18.09 18.52
N PHE A 85 7.55 17.68 18.54
CA PHE A 85 7.14 16.44 17.90
C PHE A 85 7.47 16.47 16.41
N ARG A 86 7.26 17.61 15.76
CA ARG A 86 7.59 17.73 14.35
C ARG A 86 9.08 17.58 14.10
N ASN A 87 9.91 18.10 15.00
CA ASN A 87 11.35 18.05 14.82
C ASN A 87 11.97 16.74 15.27
N ARG A 88 11.31 16.00 16.14
CA ARG A 88 11.88 14.78 16.70
C ARG A 88 11.11 13.52 16.36
N GLY A 89 9.80 13.63 16.11
CA GLY A 89 8.99 12.47 15.85
C GLY A 89 8.52 11.74 17.08
N THR A 90 8.84 12.25 18.27
CA THR A 90 8.50 11.61 19.53
C THR A 90 8.13 12.70 20.52
N ILE A 91 7.45 12.32 21.60
CA ILE A 91 7.20 13.25 22.70
C ILE A 91 7.59 12.62 24.03
N ALA A 92 8.47 11.62 23.98
CA ALA A 92 8.97 11.01 25.20
C ALA A 92 9.87 11.99 25.94
N VAL A 93 9.73 12.02 27.26
CA VAL A 93 10.55 12.93 28.07
C VAL A 93 12.03 12.63 27.87
N GLU A 94 12.39 11.35 27.81
CA GLU A 94 13.78 10.96 27.69
C GLU A 94 14.39 11.39 26.37
N ASP A 95 13.58 11.80 25.39
CA ASP A 95 14.10 12.27 24.12
C ASP A 95 14.35 13.77 24.09
N VAL A 96 13.90 14.50 25.10
CA VAL A 96 14.22 15.94 25.21
C VAL A 96 15.53 16.00 25.97
N ASN A 97 16.61 15.64 25.29
CA ASN A 97 17.88 15.46 25.98
C ASN A 97 19.11 15.81 25.14
N VAL A 98 18.96 16.47 23.98
CA VAL A 98 20.10 16.64 23.09
C VAL A 98 21.13 17.58 23.71
N MET A 99 20.69 18.58 24.46
CA MET A 99 21.58 19.57 25.06
C MET A 99 21.93 19.16 26.48
N LYS A 100 23.22 19.07 26.76
CA LYS A 100 23.69 18.61 28.05
C LYS A 100 25.11 19.10 28.27
N GLY A 101 25.57 18.99 29.51
CA GLY A 101 26.93 19.36 29.84
C GLY A 101 27.03 20.30 31.02
N ALA B 2 -10.75 -42.54 -67.09
CA ALA B 2 -9.85 -41.67 -66.35
C ALA B 2 -9.68 -40.34 -67.10
N ASP B 3 -10.66 -40.02 -67.95
CA ASP B 3 -10.60 -38.81 -68.76
C ASP B 3 -11.44 -37.73 -68.07
N LEU B 4 -10.86 -37.15 -67.03
CA LEU B 4 -11.58 -36.19 -66.22
C LEU B 4 -12.00 -34.99 -67.06
N ARG B 5 -13.16 -34.43 -66.72
CA ARG B 5 -13.77 -33.35 -67.47
C ARG B 5 -13.92 -32.13 -66.57
N LYS B 6 -13.60 -30.96 -67.10
CA LYS B 6 -13.72 -29.73 -66.35
C LYS B 6 -15.17 -29.23 -66.39
N ILE B 7 -15.67 -28.80 -65.25
CA ILE B 7 -17.01 -28.25 -65.14
C ILE B 7 -16.95 -27.06 -64.19
N LYS B 8 -17.71 -26.03 -64.48
CA LYS B 8 -17.78 -24.84 -63.64
C LYS B 8 -19.09 -24.87 -62.88
N ILE B 9 -19.02 -24.98 -61.56
CA ILE B 9 -20.19 -24.94 -60.69
C ILE B 9 -20.19 -23.59 -60.00
N ASP B 10 -21.21 -22.79 -60.28
CA ASP B 10 -21.26 -21.42 -59.77
C ASP B 10 -20.00 -20.68 -60.19
N ASP B 11 -19.01 -20.58 -59.29
CA ASP B 11 -17.75 -19.92 -59.59
C ASP B 11 -16.55 -20.82 -59.31
N THR B 12 -16.77 -22.12 -59.18
CA THR B 12 -15.72 -23.09 -58.93
C THR B 12 -15.52 -23.94 -60.16
N ILE B 13 -14.31 -23.96 -60.70
CA ILE B 13 -13.95 -24.87 -61.78
C ILE B 13 -13.31 -26.09 -61.13
N ILE B 14 -13.78 -27.27 -61.54
CA ILE B 14 -13.41 -28.51 -60.88
C ILE B 14 -13.36 -29.60 -61.95
N GLU B 15 -12.50 -30.59 -61.71
CA GLU B 15 -12.28 -31.69 -62.63
C GLU B 15 -12.85 -32.97 -62.02
N VAL B 16 -13.74 -33.65 -62.75
CA VAL B 16 -14.49 -34.76 -62.20
C VAL B 16 -14.59 -35.89 -63.21
N ASP B 17 -14.83 -37.08 -62.70
CA ASP B 17 -15.18 -38.22 -63.54
C ASP B 17 -16.47 -37.89 -64.30
N PRO B 18 -16.50 -38.08 -65.63
CA PRO B 18 -17.71 -37.71 -66.38
C PRO B 18 -18.95 -38.51 -65.99
N ASN B 19 -18.79 -39.66 -65.34
CA ASN B 19 -19.95 -40.46 -64.94
C ASN B 19 -20.61 -39.93 -63.67
N MET B 20 -19.96 -39.02 -62.96
CA MET B 20 -20.58 -38.40 -61.80
C MET B 20 -21.86 -37.67 -62.20
N THR B 21 -22.84 -37.68 -61.30
CA THR B 21 -23.98 -36.79 -61.47
C THR B 21 -23.61 -35.40 -60.97
N LEU B 22 -24.42 -34.42 -61.37
CA LEU B 22 -24.14 -33.04 -60.99
C LEU B 22 -24.15 -32.88 -59.47
N ILE B 23 -24.99 -33.66 -58.78
CA ILE B 23 -25.05 -33.54 -57.33
C ILE B 23 -23.77 -34.08 -56.70
N GLN B 24 -23.22 -35.16 -57.25
CA GLN B 24 -21.95 -35.68 -56.75
C GLN B 24 -20.82 -34.70 -57.03
N ALA B 25 -20.82 -34.08 -58.21
CA ALA B 25 -19.81 -33.07 -58.53
C ALA B 25 -19.92 -31.88 -57.58
N CYS B 26 -21.14 -31.45 -57.28
CA CYS B 26 -21.32 -30.32 -56.38
C CYS B 26 -20.73 -30.61 -55.01
N GLU B 27 -20.96 -31.80 -54.48
CA GLU B 27 -20.40 -32.16 -53.18
C GLU B 27 -18.88 -32.20 -53.23
N MET B 28 -18.32 -32.70 -54.33
CA MET B 28 -16.87 -32.69 -54.49
C MET B 28 -16.32 -31.28 -54.46
N ALA B 29 -17.09 -30.31 -54.95
CA ALA B 29 -16.69 -28.91 -54.91
C ALA B 29 -17.07 -28.23 -53.61
N GLY B 30 -17.64 -28.95 -52.65
CA GLY B 30 -18.06 -28.33 -51.41
C GLY B 30 -19.21 -27.38 -51.53
N ILE B 31 -20.12 -27.60 -52.46
CA ILE B 31 -21.29 -26.77 -52.65
C ILE B 31 -22.52 -27.55 -52.22
N GLU B 32 -23.26 -26.99 -51.28
CA GLU B 32 -24.42 -27.65 -50.72
C GLU B 32 -25.59 -27.62 -51.69
N VAL B 33 -26.25 -28.77 -51.87
CA VAL B 33 -27.42 -28.89 -52.73
C VAL B 33 -28.51 -29.59 -51.93
N PRO B 34 -29.68 -28.99 -51.76
CA PRO B 34 -30.74 -29.66 -51.00
C PRO B 34 -31.27 -30.87 -51.75
N ARG B 35 -31.80 -31.82 -50.98
CA ARG B 35 -32.23 -33.10 -51.52
C ARG B 35 -33.15 -33.78 -50.53
N PHE B 36 -34.08 -34.58 -51.03
CA PHE B 36 -34.79 -35.53 -50.20
C PHE B 36 -34.69 -36.96 -50.71
N CYS B 37 -34.93 -37.17 -52.00
CA CYS B 37 -35.08 -38.52 -52.50
C CYS B 37 -33.74 -39.17 -52.83
N TYR B 38 -32.73 -38.38 -53.18
CA TYR B 38 -31.43 -38.95 -53.53
C TYR B 38 -30.71 -39.47 -52.30
N HIS B 39 -30.11 -40.65 -52.43
CA HIS B 39 -29.19 -41.18 -51.45
C HIS B 39 -28.01 -41.80 -52.17
N GLU B 40 -26.82 -41.64 -51.61
CA GLU B 40 -25.60 -42.06 -52.29
C GLU B 40 -25.61 -43.54 -52.63
N ARG B 41 -26.20 -44.38 -51.77
CA ARG B 41 -26.13 -45.83 -51.93
C ARG B 41 -27.44 -46.43 -52.41
N LEU B 42 -28.36 -45.63 -52.92
CA LEU B 42 -29.61 -46.12 -53.46
C LEU B 42 -29.72 -45.69 -54.92
N SER B 43 -30.61 -46.37 -55.66
CA SER B 43 -30.81 -46.00 -57.05
C SER B 43 -31.39 -44.59 -57.13
N ILE B 44 -30.99 -43.87 -58.16
CA ILE B 44 -31.48 -42.51 -58.36
C ILE B 44 -32.97 -42.55 -58.68
N ALA B 45 -33.75 -41.73 -57.97
CA ALA B 45 -35.19 -41.69 -58.12
C ALA B 45 -35.69 -40.43 -58.82
N GLY B 46 -35.26 -39.26 -58.38
CA GLY B 46 -35.61 -38.03 -59.04
C GLY B 46 -37.02 -37.53 -58.81
N ASN B 47 -37.65 -37.90 -57.69
CA ASN B 47 -39.05 -37.58 -57.48
C ASN B 47 -39.29 -36.38 -56.57
N CYS B 48 -38.35 -36.02 -55.69
CA CYS B 48 -38.61 -34.91 -54.78
C CYS B 48 -38.51 -33.56 -55.48
N ARG B 49 -37.64 -33.46 -56.49
CA ARG B 49 -37.43 -32.24 -57.27
C ARG B 49 -36.81 -31.12 -56.45
N MET B 50 -36.18 -31.44 -55.32
CA MET B 50 -35.56 -30.42 -54.49
C MET B 50 -34.16 -30.08 -54.95
N CYS B 51 -33.54 -30.91 -55.78
CA CYS B 51 -32.16 -30.75 -56.18
C CYS B 51 -31.99 -29.99 -57.49
N LEU B 52 -33.02 -29.28 -57.93
CA LEU B 52 -32.99 -28.67 -59.25
C LEU B 52 -31.93 -27.58 -59.32
N VAL B 53 -31.15 -27.60 -60.39
CA VAL B 53 -30.12 -26.61 -60.65
C VAL B 53 -30.34 -26.03 -62.04
N GLU B 54 -29.58 -25.00 -62.35
CA GLU B 54 -29.64 -24.35 -63.65
C GLU B 54 -28.42 -24.74 -64.47
N VAL B 55 -28.67 -25.26 -65.66
CA VAL B 55 -27.60 -25.53 -66.62
C VAL B 55 -27.53 -24.33 -67.56
N VAL B 56 -26.40 -23.60 -67.49
CA VAL B 56 -26.25 -22.40 -68.29
C VAL B 56 -26.25 -22.78 -69.76
N GLY B 57 -27.13 -22.14 -70.54
CA GLY B 57 -27.21 -22.39 -71.96
C GLY B 57 -28.21 -23.44 -72.38
N GLY B 58 -28.68 -24.28 -71.45
CA GLY B 58 -29.66 -25.29 -71.78
C GLY B 58 -31.05 -24.72 -71.86
N PRO B 59 -32.03 -25.61 -71.96
CA PRO B 59 -33.41 -25.14 -71.96
C PRO B 59 -33.75 -24.50 -70.63
N PRO B 60 -34.74 -23.60 -70.61
CA PRO B 60 -35.05 -22.90 -69.36
C PRO B 60 -35.49 -23.82 -68.22
N LYS B 61 -35.83 -25.07 -68.50
CA LYS B 61 -36.20 -25.99 -67.43
C LYS B 61 -35.04 -26.16 -66.46
N PRO B 62 -35.27 -26.09 -65.16
CA PRO B 62 -34.25 -26.56 -64.22
C PRO B 62 -34.04 -28.06 -64.37
N ALA B 63 -32.82 -28.50 -64.09
CA ALA B 63 -32.43 -29.89 -64.21
C ALA B 63 -32.24 -30.51 -62.83
N ALA B 64 -32.68 -31.74 -62.66
CA ALA B 64 -32.45 -32.49 -61.43
C ALA B 64 -30.98 -32.90 -61.38
N SER B 65 -30.24 -32.33 -60.43
CA SER B 65 -28.81 -32.59 -60.37
C SER B 65 -28.50 -34.01 -59.95
N CYS B 66 -29.45 -34.69 -59.30
CA CYS B 66 -29.18 -36.05 -58.87
C CYS B 66 -29.20 -37.04 -60.03
N ALA B 67 -29.87 -36.70 -61.12
CA ALA B 67 -30.07 -37.62 -62.23
C ALA B 67 -29.25 -37.27 -63.46
N MET B 68 -28.62 -36.12 -63.51
CA MET B 68 -27.91 -35.66 -64.69
C MET B 68 -26.42 -35.92 -64.52
N GLN B 69 -25.87 -36.80 -65.35
CA GLN B 69 -24.44 -37.04 -65.36
C GLN B 69 -23.70 -35.88 -66.01
N VAL B 70 -22.44 -35.69 -65.60
CA VAL B 70 -21.64 -34.60 -66.13
C VAL B 70 -21.48 -34.74 -67.64
N LYS B 71 -21.28 -35.96 -68.11
CA LYS B 71 -21.06 -36.15 -69.54
C LYS B 71 -22.29 -35.79 -70.37
N ASP B 72 -23.48 -35.74 -69.75
CA ASP B 72 -24.67 -35.32 -70.46
C ASP B 72 -24.70 -33.83 -70.73
N LEU B 73 -23.92 -33.03 -70.01
CA LEU B 73 -23.92 -31.59 -70.23
C LEU B 73 -23.31 -31.28 -71.59
N ARG B 74 -23.99 -30.47 -72.37
CA ARG B 74 -23.44 -30.05 -73.65
C ARG B 74 -22.18 -29.25 -73.40
N PRO B 75 -21.07 -29.54 -74.09
CA PRO B 75 -19.84 -28.80 -73.83
C PRO B 75 -20.00 -27.32 -74.16
N GLY B 76 -19.23 -26.49 -73.45
CA GLY B 76 -19.27 -25.07 -73.66
C GLY B 76 -18.62 -24.66 -74.97
N PRO B 77 -18.89 -23.45 -75.43
CA PRO B 77 -18.38 -23.02 -76.73
C PRO B 77 -16.86 -22.98 -76.74
N GLU B 78 -16.28 -23.58 -77.79
CA GLU B 78 -14.84 -23.73 -78.01
C GLU B 78 -14.23 -24.80 -77.12
N GLY B 79 -15.02 -25.50 -76.32
CA GLY B 79 -14.48 -26.44 -75.35
C GLY B 79 -14.31 -25.86 -73.97
N ALA B 80 -14.87 -24.69 -73.70
CA ALA B 80 -14.88 -24.18 -72.34
C ALA B 80 -15.66 -25.14 -71.45
N PRO B 81 -15.33 -25.21 -70.16
CA PRO B 81 -16.07 -26.11 -69.27
C PRO B 81 -17.54 -25.74 -69.20
N SER B 82 -18.39 -26.75 -69.13
CA SER B 82 -19.82 -26.54 -68.96
C SER B 82 -20.09 -25.90 -67.60
N GLU B 83 -21.11 -25.04 -67.56
CA GLU B 83 -21.44 -24.27 -66.37
C GLU B 83 -22.80 -24.69 -65.83
N ILE B 84 -22.89 -24.81 -64.51
CA ILE B 84 -24.18 -24.99 -63.83
C ILE B 84 -24.22 -24.04 -62.64
N ARG B 85 -25.39 -23.46 -62.40
CA ARG B 85 -25.58 -22.50 -61.32
C ARG B 85 -26.42 -23.15 -60.22
N THR B 86 -25.96 -23.03 -58.99
CA THR B 86 -26.75 -23.41 -57.82
C THR B 86 -27.19 -22.20 -57.02
N ASN B 87 -26.96 -20.99 -57.53
CA ASN B 87 -27.22 -19.76 -56.81
C ASN B 87 -28.11 -18.79 -57.55
N SER B 88 -28.54 -19.12 -58.76
CA SER B 88 -29.26 -18.19 -59.60
C SER B 88 -30.66 -17.95 -59.08
N PRO B 89 -31.31 -16.87 -59.52
CA PRO B 89 -32.72 -16.65 -59.14
C PRO B 89 -33.64 -17.78 -59.53
N MET B 90 -33.37 -18.46 -60.66
CA MET B 90 -34.22 -19.59 -61.04
C MET B 90 -34.14 -20.69 -59.99
N VAL B 91 -32.95 -20.99 -59.51
CA VAL B 91 -32.80 -22.04 -58.51
C VAL B 91 -33.47 -21.63 -57.21
N LYS B 92 -33.31 -20.37 -56.80
CA LYS B 92 -33.95 -19.91 -55.58
C LYS B 92 -35.47 -20.06 -55.66
N LYS B 93 -36.05 -19.70 -56.81
CA LYS B 93 -37.49 -19.82 -56.97
C LYS B 93 -37.90 -21.29 -57.03
N ALA B 94 -37.13 -22.13 -57.71
CA ALA B 94 -37.47 -23.54 -57.80
C ALA B 94 -37.46 -24.20 -56.44
N ARG B 95 -36.45 -23.90 -55.62
CA ARG B 95 -36.37 -24.51 -54.29
C ARG B 95 -37.50 -24.03 -53.40
N GLU B 96 -37.83 -22.74 -53.47
CA GLU B 96 -38.93 -22.23 -52.67
C GLU B 96 -40.25 -22.85 -53.10
N GLY B 97 -40.44 -23.06 -54.40
CA GLY B 97 -41.67 -23.67 -54.86
C GLY B 97 -41.84 -25.11 -54.42
N VAL B 98 -40.77 -25.91 -54.53
CA VAL B 98 -40.85 -27.30 -54.15
C VAL B 98 -41.04 -27.44 -52.65
N MET B 99 -40.35 -26.59 -51.87
CA MET B 99 -40.52 -26.63 -50.42
C MET B 99 -41.95 -26.31 -50.02
N GLU B 100 -42.57 -25.33 -50.71
CA GLU B 100 -43.96 -25.02 -50.44
C GLU B 100 -44.85 -26.22 -50.73
N PHE B 101 -44.63 -26.90 -51.86
CA PHE B 101 -45.42 -28.08 -52.18
C PHE B 101 -45.22 -29.19 -51.17
N LEU B 102 -44.01 -29.31 -50.60
CA LEU B 102 -43.76 -30.35 -49.63
C LEU B 102 -44.50 -30.10 -48.32
N LEU B 103 -44.81 -28.85 -48.01
CA LEU B 103 -45.37 -28.51 -46.71
C LEU B 103 -46.87 -28.33 -46.70
N ILE B 104 -47.53 -28.22 -47.85
CA ILE B 104 -48.95 -27.88 -47.82
C ILE B 104 -49.76 -28.98 -47.12
N ASN B 105 -49.42 -30.25 -47.34
CA ASN B 105 -50.13 -31.36 -46.71
C ASN B 105 -49.39 -31.94 -45.51
N HIS B 106 -48.22 -31.42 -45.18
CA HIS B 106 -47.46 -31.98 -44.06
C HIS B 106 -48.12 -31.60 -42.74
N PRO B 107 -48.23 -32.54 -41.80
CA PRO B 107 -48.90 -32.24 -40.54
C PRO B 107 -48.09 -31.35 -39.62
N LEU B 108 -48.80 -30.57 -38.81
CA LEU B 108 -48.16 -29.71 -37.80
C LEU B 108 -47.80 -30.55 -36.58
N ASP B 109 -46.79 -31.40 -36.76
CA ASP B 109 -46.47 -32.44 -35.81
C ASP B 109 -45.13 -32.27 -35.11
N CYS B 110 -44.36 -31.24 -35.44
CA CYS B 110 -42.98 -31.17 -34.94
C CYS B 110 -42.88 -31.38 -33.44
N PRO B 111 -43.73 -30.80 -32.59
CA PRO B 111 -43.62 -31.05 -31.14
C PRO B 111 -43.77 -32.52 -30.75
N ILE B 112 -44.63 -33.28 -31.42
CA ILE B 112 -44.86 -34.67 -31.06
C ILE B 112 -44.11 -35.64 -31.97
N CYS B 113 -43.30 -35.14 -32.88
CA CYS B 113 -42.62 -35.97 -33.86
C CYS B 113 -41.18 -36.20 -33.43
N ASP B 114 -40.76 -37.46 -33.41
CA ASP B 114 -39.42 -37.80 -32.94
C ASP B 114 -38.32 -37.25 -33.85
N GLN B 115 -38.63 -36.94 -35.11
CA GLN B 115 -37.61 -36.40 -36.00
C GLN B 115 -37.20 -34.99 -35.59
N GLY B 116 -38.10 -34.24 -34.97
CA GLY B 116 -37.84 -32.86 -34.62
C GLY B 116 -36.48 -32.61 -34.00
N GLY B 117 -35.75 -31.65 -34.54
CA GLY B 117 -34.42 -31.34 -34.10
C GLY B 117 -33.33 -31.94 -34.95
N GLU B 118 -33.60 -33.04 -35.63
CA GLU B 118 -32.70 -33.63 -36.61
C GLU B 118 -33.48 -34.02 -37.85
N CYS B 119 -34.30 -33.10 -38.37
CA CYS B 119 -35.18 -33.36 -39.48
C CYS B 119 -34.70 -32.61 -40.71
N ASP B 120 -34.48 -33.34 -41.81
CA ASP B 120 -34.08 -32.69 -43.04
C ASP B 120 -35.17 -31.77 -43.58
N LEU B 121 -36.43 -32.10 -43.34
CA LEU B 121 -37.51 -31.23 -43.79
C LEU B 121 -37.51 -29.92 -43.02
N GLN B 122 -37.38 -29.97 -41.70
CA GLN B 122 -37.28 -28.75 -40.92
C GLN B 122 -36.08 -27.93 -41.35
N ASP B 123 -34.93 -28.57 -41.49
CA ASP B 123 -33.68 -27.84 -41.68
C ASP B 123 -33.61 -27.22 -43.07
N GLN B 124 -34.05 -27.96 -44.09
CA GLN B 124 -34.03 -27.40 -45.43
C GLN B 124 -35.18 -26.42 -45.65
N ALA B 125 -36.29 -26.57 -44.93
CA ALA B 125 -37.33 -25.55 -44.98
C ALA B 125 -36.83 -24.24 -44.38
N MET B 126 -36.05 -24.33 -43.31
CA MET B 126 -35.46 -23.12 -42.73
C MET B 126 -34.49 -22.46 -43.70
N ALA B 127 -33.66 -23.25 -44.36
CA ALA B 127 -32.59 -22.70 -45.19
C ALA B 127 -33.04 -22.35 -46.60
N TYR B 128 -34.08 -22.99 -47.13
CA TYR B 128 -34.38 -22.90 -48.55
C TYR B 128 -35.81 -22.52 -48.88
N GLY B 129 -36.70 -22.44 -47.89
CA GLY B 129 -38.09 -22.08 -48.11
C GLY B 129 -38.37 -20.66 -47.67
N VAL B 130 -39.61 -20.24 -47.90
CA VAL B 130 -40.12 -18.98 -47.37
C VAL B 130 -40.58 -19.21 -45.94
N ASP B 131 -40.84 -18.13 -45.19
CA ASP B 131 -41.16 -18.22 -43.78
C ASP B 131 -42.67 -18.18 -43.50
N PHE B 132 -43.51 -18.25 -44.52
CA PHE B 132 -44.96 -18.11 -44.34
C PHE B 132 -45.68 -19.12 -45.23
N SER B 133 -46.97 -19.27 -44.99
CA SER B 133 -47.83 -20.19 -45.72
C SER B 133 -48.87 -19.43 -46.54
N ARG B 134 -49.21 -19.98 -47.70
CA ARG B 134 -50.32 -19.51 -48.51
C ARG B 134 -51.43 -20.55 -48.65
N TYR B 135 -51.27 -21.71 -48.04
CA TYR B 135 -52.22 -22.80 -48.20
C TYR B 135 -53.36 -22.64 -47.19
N ARG B 136 -54.60 -22.67 -47.70
CA ARG B 136 -55.78 -22.43 -46.88
C ARG B 136 -56.78 -23.58 -46.96
N GLU B 137 -56.38 -24.74 -47.44
CA GLU B 137 -57.29 -25.85 -47.62
C GLU B 137 -57.07 -26.92 -46.55
N PRO B 138 -57.99 -27.87 -46.42
CA PRO B 138 -57.74 -29.00 -45.54
C PRO B 138 -56.52 -29.78 -45.98
N LYS B 139 -55.82 -30.37 -45.02
CA LYS B 139 -54.65 -31.16 -45.30
C LYS B 139 -55.02 -32.64 -45.43
N ARG B 140 -54.17 -33.37 -46.12
CA ARG B 140 -54.34 -34.82 -46.24
C ARG B 140 -54.09 -35.49 -44.90
N ALA B 141 -54.85 -36.54 -44.62
CA ALA B 141 -54.64 -37.38 -43.45
C ALA B 141 -54.51 -38.83 -43.91
N THR B 142 -53.54 -39.54 -43.36
CA THR B 142 -53.18 -40.86 -43.81
C THR B 142 -53.23 -41.86 -42.66
N GLU B 143 -53.63 -43.08 -42.97
CA GLU B 143 -53.61 -44.16 -42.00
C GLU B 143 -52.21 -44.71 -41.85
N ASP B 144 -51.93 -45.28 -40.69
CA ASP B 144 -50.60 -45.76 -40.36
C ASP B 144 -50.48 -47.24 -40.68
N LEU B 145 -49.24 -47.71 -40.70
CA LEU B 145 -48.92 -49.08 -41.08
C LEU B 145 -48.62 -49.91 -39.85
N ASN B 146 -48.58 -51.23 -40.05
CA ASN B 146 -48.28 -52.18 -38.99
C ASN B 146 -47.02 -52.95 -39.41
N LEU B 147 -45.86 -52.36 -39.15
CA LEU B 147 -44.60 -52.89 -39.63
C LEU B 147 -43.84 -53.70 -38.58
N GLY B 148 -44.38 -53.85 -37.38
CA GLY B 148 -43.77 -54.68 -36.38
C GLY B 148 -43.27 -53.89 -35.19
N PRO B 149 -42.53 -54.54 -34.30
CA PRO B 149 -42.11 -53.89 -33.05
C PRO B 149 -40.94 -52.93 -33.17
N LEU B 150 -40.30 -52.83 -34.33
CA LEU B 150 -39.14 -51.97 -34.47
C LEU B 150 -39.44 -50.63 -35.12
N VAL B 151 -40.40 -50.57 -36.04
CA VAL B 151 -40.68 -49.36 -36.80
C VAL B 151 -42.09 -48.89 -36.47
N GLU B 152 -42.18 -47.70 -35.88
CA GLU B 152 -43.45 -47.00 -35.69
C GLU B 152 -43.67 -46.10 -36.90
N THR B 153 -44.92 -46.01 -37.36
CA THR B 153 -45.24 -45.25 -38.55
C THR B 153 -46.20 -44.12 -38.25
N HIS B 154 -45.92 -42.96 -38.84
CA HIS B 154 -46.83 -41.82 -38.88
C HIS B 154 -46.86 -41.37 -40.33
N MET B 155 -47.71 -42.01 -41.13
CA MET B 155 -47.64 -41.89 -42.58
C MET B 155 -48.17 -40.57 -43.11
N THR B 156 -48.88 -39.79 -42.30
CA THR B 156 -49.24 -38.44 -42.71
C THR B 156 -47.99 -37.60 -42.92
N ARG B 157 -46.88 -37.95 -42.25
CA ARG B 157 -45.62 -37.24 -42.40
C ARG B 157 -44.87 -37.64 -43.65
N CYS B 158 -45.22 -38.76 -44.28
CA CYS B 158 -44.48 -39.24 -45.44
C CYS B 158 -44.49 -38.21 -46.57
N ILE B 159 -43.31 -38.00 -47.16
CA ILE B 159 -43.17 -37.09 -48.30
C ILE B 159 -42.95 -37.86 -49.60
N SER B 160 -43.18 -39.17 -49.60
CA SER B 160 -43.20 -39.97 -50.84
C SER B 160 -41.85 -39.97 -51.54
N CYS B 161 -40.78 -40.03 -50.77
CA CYS B 161 -39.44 -40.07 -51.34
C CYS B 161 -39.06 -41.46 -51.84
N THR B 162 -39.76 -42.49 -51.38
CA THR B 162 -39.53 -43.90 -51.72
C THR B 162 -38.15 -44.41 -51.34
N ARG B 163 -37.45 -43.75 -50.42
CA ARG B 163 -36.19 -44.29 -49.93
C ARG B 163 -36.40 -45.64 -49.27
N CYS B 164 -37.47 -45.77 -48.48
CA CYS B 164 -37.75 -47.02 -47.80
C CYS B 164 -37.96 -48.15 -48.80
N VAL B 165 -38.73 -47.90 -49.86
CA VAL B 165 -38.98 -48.92 -50.87
C VAL B 165 -37.67 -49.33 -51.54
N ARG B 166 -36.84 -48.36 -51.89
CA ARG B 166 -35.63 -48.68 -52.63
C ARG B 166 -34.62 -49.39 -51.74
N PHE B 167 -34.55 -49.05 -50.46
CA PHE B 167 -33.62 -49.75 -49.58
C PHE B 167 -34.06 -51.18 -49.32
N THR B 168 -35.33 -51.37 -48.97
CA THR B 168 -35.79 -52.72 -48.64
C THR B 168 -35.70 -53.63 -49.85
N THR B 169 -35.91 -53.09 -51.05
CA THR B 169 -35.88 -53.91 -52.25
C THR B 169 -34.45 -54.14 -52.73
N GLU B 170 -33.64 -53.10 -52.84
CA GLU B 170 -32.30 -53.24 -53.38
C GLU B 170 -31.30 -53.77 -52.36
N VAL B 171 -31.28 -53.21 -51.15
CA VAL B 171 -30.26 -53.57 -50.17
C VAL B 171 -30.71 -54.72 -49.30
N ALA B 172 -31.86 -54.59 -48.62
CA ALA B 172 -32.34 -55.66 -47.77
C ALA B 172 -32.76 -56.89 -48.56
N GLY B 173 -33.14 -56.72 -49.82
CA GLY B 173 -33.48 -57.85 -50.66
C GLY B 173 -34.85 -58.46 -50.42
N ILE B 174 -35.76 -57.70 -49.82
CA ILE B 174 -37.12 -58.15 -49.59
C ILE B 174 -38.05 -57.38 -50.52
N THR B 175 -39.24 -57.94 -50.72
CA THR B 175 -40.24 -57.37 -51.62
C THR B 175 -41.57 -57.21 -50.91
N GLN B 176 -41.56 -56.55 -49.77
CA GLN B 176 -42.78 -56.32 -49.01
C GLN B 176 -43.35 -54.92 -49.16
N MET B 177 -42.52 -53.92 -49.45
CA MET B 177 -42.93 -52.53 -49.44
C MET B 177 -43.16 -52.05 -50.88
N GLY B 178 -44.15 -51.18 -51.04
CA GLY B 178 -44.46 -50.62 -52.33
C GLY B 178 -45.27 -49.36 -52.14
N GLN B 179 -45.54 -48.70 -53.25
CA GLN B 179 -46.36 -47.50 -53.27
C GLN B 179 -47.61 -47.79 -54.09
N THR B 180 -48.73 -47.98 -53.40
CA THR B 180 -50.00 -48.31 -54.05
C THR B 180 -50.79 -47.05 -54.33
N GLY B 181 -51.80 -47.18 -55.18
CA GLY B 181 -52.64 -46.07 -55.56
C GLY B 181 -51.96 -45.13 -56.55
N ARG B 182 -52.52 -43.94 -56.64
CA ARG B 182 -52.06 -42.95 -57.62
C ARG B 182 -52.29 -41.56 -57.07
N GLY B 183 -51.45 -40.61 -57.51
CA GLY B 183 -51.64 -39.22 -57.16
C GLY B 183 -51.37 -38.92 -55.70
N GLU B 184 -52.03 -37.88 -55.19
CA GLU B 184 -51.83 -37.48 -53.80
C GLU B 184 -52.39 -38.52 -52.83
N ASP B 185 -53.15 -39.49 -53.31
CA ASP B 185 -53.65 -40.57 -52.49
C ASP B 185 -52.79 -41.83 -52.57
N SER B 186 -51.66 -41.78 -53.25
CA SER B 186 -50.76 -42.93 -53.29
C SER B 186 -50.12 -43.13 -51.93
N GLU B 187 -50.13 -44.37 -51.46
CA GLU B 187 -49.65 -44.71 -50.12
C GLU B 187 -48.44 -45.63 -50.20
N ILE B 188 -47.41 -45.30 -49.44
CA ILE B 188 -46.38 -46.26 -49.12
C ILE B 188 -46.95 -47.30 -48.17
N THR B 189 -46.70 -48.57 -48.44
CA THR B 189 -47.35 -49.61 -47.67
C THR B 189 -46.55 -50.90 -47.74
N SER B 190 -46.82 -51.78 -46.80
CA SER B 190 -46.40 -53.18 -46.85
C SER B 190 -47.56 -54.02 -47.37
N TYR B 191 -47.23 -55.11 -48.07
CA TYR B 191 -48.30 -55.94 -48.62
C TYR B 191 -49.11 -56.57 -47.49
N LEU B 192 -50.43 -56.40 -47.57
CA LEU B 192 -51.37 -56.96 -46.58
C LEU B 192 -51.12 -56.42 -45.18
N ASN B 193 -50.47 -55.26 -45.06
CA ASN B 193 -50.17 -54.66 -43.76
C ASN B 193 -49.49 -55.67 -42.84
N GLN B 194 -48.54 -56.42 -43.37
CA GLN B 194 -47.80 -57.39 -42.61
C GLN B 194 -46.51 -56.75 -42.07
N THR B 195 -46.03 -57.28 -40.96
CA THR B 195 -44.79 -56.77 -40.40
C THR B 195 -43.61 -57.14 -41.30
N LEU B 196 -42.67 -56.22 -41.43
CA LEU B 196 -41.50 -56.47 -42.26
C LEU B 196 -40.67 -57.61 -41.69
N GLU B 197 -40.21 -58.49 -42.56
CA GLU B 197 -39.43 -59.65 -42.18
C GLU B 197 -38.02 -59.48 -42.73
N SER B 198 -37.14 -58.89 -41.91
CA SER B 198 -35.77 -58.63 -42.31
C SER B 198 -34.99 -58.21 -41.08
N ASN B 199 -33.77 -58.73 -40.94
CA ASN B 199 -32.88 -58.28 -39.88
C ASN B 199 -32.07 -57.05 -40.29
N MET B 200 -32.42 -56.43 -41.41
CA MET B 200 -31.81 -55.18 -41.86
C MET B 200 -32.81 -54.03 -41.83
N GLN B 201 -34.03 -54.25 -41.33
CA GLN B 201 -35.10 -53.29 -41.52
C GLN B 201 -34.89 -52.01 -40.70
N GLY B 202 -34.15 -52.06 -39.61
CA GLY B 202 -33.97 -50.87 -38.79
C GLY B 202 -33.32 -49.73 -39.53
N ASN B 203 -32.68 -50.01 -40.67
CA ASN B 203 -31.99 -48.97 -41.41
C ASN B 203 -32.95 -47.98 -42.07
N ILE B 204 -34.21 -48.36 -42.30
CA ILE B 204 -35.12 -47.41 -42.93
C ILE B 204 -35.47 -46.28 -41.99
N ILE B 205 -35.27 -46.46 -40.68
CA ILE B 205 -35.45 -45.36 -39.74
C ILE B 205 -34.46 -44.24 -40.03
N ASP B 206 -33.20 -44.58 -40.28
CA ASP B 206 -32.24 -43.55 -40.66
C ASP B 206 -32.59 -42.96 -42.02
N LEU B 207 -32.95 -43.82 -42.97
CA LEU B 207 -33.10 -43.38 -44.36
C LEU B 207 -34.31 -42.47 -44.52
N CYS B 208 -35.39 -42.73 -43.80
CA CYS B 208 -36.58 -41.90 -43.94
C CYS B 208 -36.23 -40.47 -43.53
N PRO B 209 -36.35 -39.48 -44.41
CA PRO B 209 -35.91 -38.13 -44.07
C PRO B 209 -36.82 -37.42 -43.08
N VAL B 210 -38.03 -37.91 -42.87
CA VAL B 210 -38.99 -37.29 -41.99
C VAL B 210 -39.38 -38.29 -40.91
N GLY B 211 -40.26 -37.90 -40.00
CA GLY B 211 -40.68 -38.78 -38.94
C GLY B 211 -41.81 -39.70 -39.32
N ALA B 212 -41.86 -40.11 -40.60
CA ALA B 212 -42.85 -41.10 -41.01
C ALA B 212 -42.48 -42.49 -40.50
N LEU B 213 -41.22 -42.88 -40.64
CA LEU B 213 -40.73 -44.15 -40.12
C LEU B 213 -39.78 -43.84 -38.97
N VAL B 214 -40.17 -44.23 -37.76
CA VAL B 214 -39.39 -43.93 -36.56
C VAL B 214 -39.22 -45.21 -35.76
N SER B 215 -38.30 -45.15 -34.79
CA SER B 215 -37.98 -46.29 -33.94
C SER B 215 -39.01 -46.39 -32.82
N LYS B 216 -39.67 -47.54 -32.72
CA LYS B 216 -40.55 -47.78 -31.57
C LYS B 216 -39.78 -47.80 -30.26
N PRO B 217 -38.69 -48.56 -30.12
CA PRO B 217 -37.99 -48.59 -28.84
C PRO B 217 -37.50 -47.24 -28.37
N TYR B 218 -37.12 -46.35 -29.29
CA TYR B 218 -36.58 -45.04 -28.94
C TYR B 218 -37.65 -43.97 -28.80
N ALA B 219 -38.89 -44.26 -29.18
CA ALA B 219 -39.92 -43.23 -29.32
C ALA B 219 -40.11 -42.44 -28.03
N PHE B 220 -40.05 -41.11 -28.16
CA PHE B 220 -40.41 -40.13 -27.14
C PHE B 220 -39.38 -39.98 -26.03
N THR B 221 -38.26 -40.69 -26.09
CA THR B 221 -37.36 -40.74 -24.95
C THR B 221 -36.31 -39.63 -24.95
N ALA B 222 -36.06 -38.98 -26.07
CA ALA B 222 -35.01 -37.96 -26.09
C ALA B 222 -35.17 -37.09 -27.32
N ARG B 223 -34.52 -35.94 -27.28
CA ARG B 223 -34.36 -35.08 -28.43
C ARG B 223 -32.90 -35.10 -28.88
N PRO B 224 -32.63 -34.88 -30.17
CA PRO B 224 -31.26 -35.08 -30.66
C PRO B 224 -30.23 -34.19 -29.98
N TRP B 225 -30.62 -32.99 -29.55
CA TRP B 225 -29.66 -32.05 -28.99
C TRP B 225 -29.18 -32.44 -27.60
N GLU B 226 -29.88 -33.33 -26.90
CA GLU B 226 -29.48 -33.74 -25.57
C GLU B 226 -28.39 -34.80 -25.56
N LEU B 227 -28.16 -35.48 -26.67
CA LEU B 227 -27.40 -36.71 -26.66
C LEU B 227 -25.91 -36.46 -26.77
N THR B 228 -25.14 -37.18 -25.96
CA THR B 228 -23.70 -37.26 -26.11
C THR B 228 -23.39 -38.40 -27.08
N LYS B 229 -22.54 -38.12 -28.05
CA LYS B 229 -22.26 -39.06 -29.13
C LYS B 229 -20.85 -39.61 -29.00
N THR B 230 -20.73 -40.93 -29.09
CA THR B 230 -19.45 -41.62 -29.00
C THR B 230 -19.31 -42.54 -30.21
N GLU B 231 -18.24 -42.35 -30.97
CA GLU B 231 -17.98 -43.17 -32.14
C GLU B 231 -17.22 -44.42 -31.70
N SER B 232 -17.83 -45.58 -31.91
CA SER B 232 -17.32 -46.83 -31.35
C SER B 232 -17.47 -47.93 -32.39
N ILE B 233 -17.30 -49.17 -31.92
CA ILE B 233 -17.29 -50.35 -32.77
C ILE B 233 -18.24 -51.38 -32.17
N ASP B 234 -19.05 -52.00 -33.02
CA ASP B 234 -20.04 -52.95 -32.58
C ASP B 234 -19.42 -54.33 -32.37
N VAL B 235 -19.94 -55.06 -31.39
CA VAL B 235 -19.47 -56.40 -31.07
C VAL B 235 -20.57 -57.45 -31.16
N MET B 236 -21.77 -57.09 -31.60
CA MET B 236 -22.84 -58.08 -31.71
C MET B 236 -22.51 -59.15 -32.73
N ASP B 237 -21.62 -58.87 -33.65
CA ASP B 237 -21.07 -59.87 -34.55
C ASP B 237 -19.60 -59.56 -34.82
N ALA B 238 -18.97 -60.41 -35.63
CA ALA B 238 -17.55 -60.29 -35.92
C ALA B 238 -17.24 -59.30 -37.04
N LEU B 239 -18.25 -58.69 -37.64
CA LEU B 239 -18.00 -57.71 -38.69
C LEU B 239 -17.38 -56.43 -38.16
N GLY B 240 -17.61 -56.09 -36.90
CA GLY B 240 -17.05 -54.88 -36.33
C GLY B 240 -17.58 -53.61 -36.96
N SER B 241 -18.91 -53.52 -37.11
CA SER B 241 -19.51 -52.37 -37.75
C SER B 241 -19.19 -51.09 -36.99
N SER B 242 -18.98 -50.00 -37.74
CA SER B 242 -18.80 -48.69 -37.14
C SER B 242 -20.15 -48.15 -36.71
N ILE B 243 -20.23 -47.70 -35.46
CA ILE B 243 -21.49 -47.27 -34.86
C ILE B 243 -21.27 -45.97 -34.12
N ARG B 244 -22.38 -45.30 -33.81
CA ARG B 244 -22.41 -44.16 -32.93
C ARG B 244 -23.32 -44.50 -31.76
N ILE B 245 -22.82 -44.33 -30.54
CA ILE B 245 -23.59 -44.61 -29.34
C ILE B 245 -24.04 -43.28 -28.75
N ASP B 246 -25.35 -43.14 -28.57
CA ASP B 246 -25.94 -41.90 -28.06
C ASP B 246 -26.35 -42.11 -26.61
N THR B 247 -25.74 -41.36 -25.71
CA THR B 247 -25.99 -41.50 -24.28
C THR B 247 -26.59 -40.21 -23.74
N LYS B 248 -27.36 -40.35 -22.66
CA LYS B 248 -27.88 -39.22 -21.91
C LYS B 248 -27.62 -39.52 -20.44
N GLY B 249 -26.64 -38.84 -19.85
CA GLY B 249 -26.26 -39.12 -18.50
C GLY B 249 -25.51 -40.43 -18.37
N ARG B 250 -26.13 -41.41 -17.73
CA ARG B 250 -25.50 -42.70 -17.46
C ARG B 250 -25.93 -43.79 -18.43
N GLU B 251 -26.92 -43.54 -19.28
CA GLU B 251 -27.57 -44.58 -20.07
C GLU B 251 -27.37 -44.35 -21.55
N VAL B 252 -27.19 -45.45 -22.29
CA VAL B 252 -27.26 -45.39 -23.74
C VAL B 252 -28.71 -45.26 -24.15
N MET B 253 -28.98 -44.33 -25.08
CA MET B 253 -30.35 -44.07 -25.51
C MET B 253 -30.67 -44.66 -26.86
N ARG B 254 -29.68 -44.86 -27.72
CA ARG B 254 -29.87 -45.51 -29.01
C ARG B 254 -28.51 -45.76 -29.62
N ILE B 255 -28.50 -46.54 -30.69
CA ILE B 255 -27.30 -46.91 -31.42
C ILE B 255 -27.55 -46.65 -32.90
N LEU B 256 -26.65 -45.91 -33.53
CA LEU B 256 -26.80 -45.51 -34.92
C LEU B 256 -25.59 -45.98 -35.72
N PRO B 257 -25.76 -46.31 -36.99
CA PRO B 257 -24.61 -46.59 -37.83
C PRO B 257 -23.82 -45.33 -38.12
N ARG B 258 -22.54 -45.50 -38.37
CA ARG B 258 -21.73 -44.46 -38.97
C ARG B 258 -20.91 -45.09 -40.09
N ASN B 259 -20.51 -44.26 -41.04
CA ASN B 259 -19.99 -44.77 -42.29
C ASN B 259 -18.63 -45.44 -42.11
N HIS B 260 -18.45 -46.59 -42.75
CA HIS B 260 -17.13 -47.17 -42.98
C HIS B 260 -17.20 -47.90 -44.31
N ASP B 261 -16.61 -47.32 -45.36
CA ASP B 261 -16.74 -47.87 -46.70
C ASP B 261 -16.23 -49.29 -46.78
N GLY B 262 -15.24 -49.65 -45.97
CA GLY B 262 -14.62 -50.94 -46.04
C GLY B 262 -15.19 -52.02 -45.16
N VAL B 263 -16.15 -51.71 -44.28
CA VAL B 263 -16.67 -52.71 -43.36
C VAL B 263 -18.18 -52.87 -43.50
N ASN B 264 -18.93 -51.84 -43.11
CA ASN B 264 -20.38 -51.93 -43.04
C ASN B 264 -21.06 -50.88 -43.89
N GLU B 265 -20.31 -50.13 -44.69
CA GLU B 265 -20.86 -49.03 -45.47
C GLU B 265 -21.52 -48.04 -44.52
N GLU B 266 -22.84 -47.96 -44.51
CA GLU B 266 -23.53 -47.14 -43.52
C GLU B 266 -24.76 -47.86 -42.97
N TRP B 267 -24.71 -49.19 -42.91
CA TRP B 267 -25.80 -49.99 -42.41
C TRP B 267 -25.36 -50.78 -41.17
N ILE B 268 -26.33 -51.12 -40.32
CA ILE B 268 -26.12 -52.09 -39.25
C ILE B 268 -27.33 -53.00 -39.22
N SER B 269 -27.14 -54.19 -38.65
CA SER B 269 -28.24 -55.13 -38.50
C SER B 269 -29.12 -54.75 -37.32
N ASP B 270 -30.25 -55.43 -37.21
CA ASP B 270 -31.20 -55.12 -36.14
C ASP B 270 -30.65 -55.52 -34.78
N LYS B 271 -29.89 -56.61 -34.71
CA LYS B 271 -29.25 -56.96 -33.45
C LYS B 271 -28.30 -55.89 -32.99
N THR B 272 -27.43 -55.42 -33.88
CA THR B 272 -26.51 -54.33 -33.53
C THR B 272 -27.28 -53.10 -33.09
N ARG B 273 -28.38 -52.79 -33.77
CA ARG B 273 -29.06 -51.52 -33.56
C ARG B 273 -29.80 -51.48 -32.24
N PHE B 274 -30.50 -52.55 -31.88
CA PHE B 274 -31.57 -52.48 -30.90
C PHE B 274 -31.26 -53.20 -29.60
N VAL B 275 -30.01 -53.62 -29.37
CA VAL B 275 -29.71 -54.35 -28.16
C VAL B 275 -29.45 -53.45 -26.96
N TRP B 276 -29.63 -52.14 -27.09
CA TRP B 276 -29.29 -51.28 -25.97
C TRP B 276 -30.24 -51.49 -24.80
N ASP B 277 -31.45 -52.01 -25.05
CA ASP B 277 -32.36 -52.25 -23.94
C ASP B 277 -31.91 -53.42 -23.09
N GLY B 278 -31.10 -54.32 -23.65
CA GLY B 278 -30.48 -55.36 -22.86
C GLY B 278 -29.22 -54.93 -22.15
N LEU B 279 -28.70 -53.74 -22.48
CA LEU B 279 -27.47 -53.26 -21.86
C LEU B 279 -27.63 -52.96 -20.38
N ARG B 280 -28.84 -52.65 -19.93
CA ARG B 280 -29.08 -52.26 -18.54
C ARG B 280 -29.97 -53.28 -17.83
N ARG B 281 -29.94 -54.53 -18.26
CA ARG B 281 -30.72 -55.60 -17.65
C ARG B 281 -29.81 -56.77 -17.34
N GLN B 282 -30.16 -57.50 -16.28
CA GLN B 282 -29.45 -58.72 -15.89
C GLN B 282 -27.96 -58.46 -15.70
N ARG B 283 -27.65 -57.33 -15.09
CA ARG B 283 -26.27 -56.89 -14.95
C ARG B 283 -25.67 -57.44 -13.66
N LEU B 284 -24.42 -57.89 -13.76
CA LEU B 284 -23.64 -58.23 -12.58
C LEU B 284 -22.99 -56.95 -12.09
N ASP B 285 -23.41 -56.47 -10.92
CA ASP B 285 -22.93 -55.20 -10.39
C ASP B 285 -22.21 -55.35 -9.07
N ARG B 286 -22.15 -56.55 -8.50
CA ARG B 286 -21.40 -56.85 -7.30
C ARG B 286 -20.61 -58.14 -7.54
N PRO B 287 -19.54 -58.36 -6.80
CA PRO B 287 -18.97 -59.70 -6.73
C PRO B 287 -19.88 -60.64 -5.96
N TYR B 288 -19.76 -61.93 -6.26
CA TYR B 288 -20.48 -62.96 -5.56
C TYR B 288 -19.52 -64.08 -5.19
N ILE B 289 -19.86 -64.80 -4.13
CA ILE B 289 -19.13 -65.98 -3.69
C ILE B 289 -20.14 -67.05 -3.35
N ARG B 290 -19.89 -68.28 -3.79
CA ARG B 290 -20.78 -69.38 -3.48
C ARG B 290 -20.45 -69.93 -2.10
N GLU B 291 -21.45 -69.99 -1.22
CA GLU B 291 -21.30 -70.50 0.14
C GLU B 291 -22.50 -71.39 0.45
N ASN B 292 -22.23 -72.67 0.68
CA ASN B 292 -23.29 -73.65 0.94
C ASN B 292 -24.28 -73.69 -0.22
N GLY B 293 -23.76 -73.68 -1.44
CA GLY B 293 -24.57 -73.89 -2.62
C GLY B 293 -25.26 -72.65 -3.15
N ARG B 294 -25.14 -71.51 -2.48
CA ARG B 294 -25.81 -70.29 -2.91
C ARG B 294 -24.79 -69.18 -3.10
N LEU B 295 -25.02 -68.37 -4.13
CA LEU B 295 -24.17 -67.21 -4.41
C LEU B 295 -24.64 -66.05 -3.56
N ARG B 296 -23.73 -65.49 -2.76
CA ARG B 296 -24.08 -64.37 -1.89
C ARG B 296 -23.16 -63.20 -2.14
N PRO B 297 -23.63 -61.98 -1.93
CA PRO B 297 -22.80 -60.81 -2.25
C PRO B 297 -21.50 -60.79 -1.47
N ALA B 298 -20.44 -60.34 -2.14
CA ALA B 298 -19.13 -60.23 -1.53
C ALA B 298 -18.50 -58.92 -2.00
N SER B 299 -17.55 -58.43 -1.21
CA SER B 299 -16.83 -57.23 -1.58
C SER B 299 -15.67 -57.57 -2.52
N TRP B 300 -15.15 -56.55 -3.19
CA TRP B 300 -14.06 -56.76 -4.13
C TRP B 300 -12.83 -57.36 -3.45
N PRO B 301 -12.34 -56.82 -2.34
CA PRO B 301 -11.19 -57.47 -1.68
C PRO B 301 -11.47 -58.90 -1.27
N GLU B 302 -12.68 -59.21 -0.79
CA GLU B 302 -13.00 -60.56 -0.36
C GLU B 302 -13.03 -61.52 -1.55
N ALA B 303 -13.71 -61.13 -2.63
CA ALA B 303 -13.79 -62.01 -3.80
C ALA B 303 -12.43 -62.23 -4.43
N LEU B 304 -11.59 -61.19 -4.51
CA LEU B 304 -10.26 -61.36 -5.06
C LEU B 304 -9.44 -62.32 -4.19
N GLU B 305 -9.56 -62.20 -2.87
CA GLU B 305 -8.87 -63.13 -1.98
C GLU B 305 -9.41 -64.55 -2.17
N ALA B 306 -10.72 -64.71 -2.29
CA ALA B 306 -11.29 -66.03 -2.47
C ALA B 306 -10.87 -66.63 -3.80
N ALA B 307 -10.81 -65.81 -4.86
CA ALA B 307 -10.33 -66.29 -6.15
C ALA B 307 -8.86 -66.66 -6.07
N ALA B 308 -8.06 -65.82 -5.41
CA ALA B 308 -6.63 -66.12 -5.29
C ALA B 308 -6.41 -67.41 -4.52
N ARG B 309 -7.19 -67.65 -3.47
CA ARG B 309 -7.08 -68.90 -2.74
C ARG B 309 -7.41 -70.09 -3.62
N ALA B 310 -8.45 -69.98 -4.44
CA ALA B 310 -8.85 -71.10 -5.27
C ALA B 310 -7.80 -71.40 -6.33
N MET B 311 -7.09 -70.38 -6.79
CA MET B 311 -6.17 -70.55 -7.92
C MET B 311 -4.78 -70.95 -7.47
N LYS B 312 -4.30 -70.41 -6.36
CA LYS B 312 -2.93 -70.65 -5.93
C LYS B 312 -2.63 -72.13 -5.79
N GLY B 313 -1.62 -72.59 -6.51
CA GLY B 313 -1.16 -73.96 -6.43
C GLY B 313 -1.95 -74.95 -7.27
N LYS B 314 -2.91 -74.50 -8.07
CA LYS B 314 -3.81 -75.40 -8.78
C LYS B 314 -3.47 -75.43 -10.26
N LYS B 315 -4.20 -76.31 -10.97
CA LYS B 315 -4.16 -76.35 -12.42
C LYS B 315 -5.29 -75.50 -12.96
N ILE B 316 -4.95 -74.45 -13.70
CA ILE B 316 -5.90 -73.44 -14.13
C ILE B 316 -6.10 -73.52 -15.63
N ALA B 317 -7.36 -73.41 -16.05
CA ALA B 317 -7.72 -73.26 -17.45
C ALA B 317 -8.43 -71.92 -17.63
N GLY B 318 -8.04 -71.17 -18.65
CA GLY B 318 -8.66 -69.91 -18.95
C GLY B 318 -9.47 -69.94 -20.23
N LEU B 319 -10.74 -69.61 -20.15
CA LEU B 319 -11.63 -69.55 -21.31
C LEU B 319 -11.88 -68.10 -21.66
N ILE B 320 -11.76 -67.76 -22.94
CA ILE B 320 -12.01 -66.41 -23.44
C ILE B 320 -13.25 -66.45 -24.31
N GLY B 321 -14.23 -65.60 -24.02
CA GLY B 321 -15.51 -65.64 -24.68
C GLY B 321 -15.59 -64.72 -25.89
N ASP B 322 -16.80 -64.63 -26.44
CA ASP B 322 -16.99 -64.00 -27.74
C ASP B 322 -16.83 -62.48 -27.68
N LEU B 323 -17.22 -61.86 -26.56
CA LEU B 323 -17.27 -60.41 -26.46
C LEU B 323 -16.07 -59.81 -25.74
N VAL B 324 -14.97 -60.54 -25.65
CA VAL B 324 -13.81 -60.12 -24.86
C VAL B 324 -12.86 -59.29 -25.74
N PRO B 325 -12.41 -58.12 -25.31
CA PRO B 325 -11.45 -57.35 -26.10
C PRO B 325 -10.05 -57.96 -26.05
N ALA B 326 -9.22 -57.55 -27.01
CA ALA B 326 -7.92 -58.18 -27.20
C ALA B 326 -7.03 -57.99 -25.98
N GLU B 327 -7.09 -56.83 -25.33
CA GLU B 327 -6.24 -56.59 -24.17
C GLU B 327 -6.60 -57.51 -23.02
N ALA B 328 -7.89 -57.74 -22.79
CA ALA B 328 -8.29 -58.68 -21.74
C ALA B 328 -7.83 -60.09 -22.05
N ALA B 329 -7.90 -60.51 -23.32
CA ALA B 329 -7.40 -61.81 -23.70
C ALA B 329 -5.89 -61.90 -23.51
N PHE B 330 -5.17 -60.85 -23.90
CA PHE B 330 -3.73 -60.80 -23.67
C PHE B 330 -3.40 -60.84 -22.19
N SER B 331 -4.16 -60.11 -21.37
CA SER B 331 -3.90 -60.09 -19.94
C SER B 331 -4.15 -61.47 -19.33
N LEU B 332 -5.22 -62.13 -19.73
CA LEU B 332 -5.52 -63.45 -19.19
C LEU B 332 -4.46 -64.46 -19.59
N LYS B 333 -4.00 -64.40 -20.83
CA LYS B 333 -2.93 -65.29 -21.26
C LYS B 333 -1.67 -65.08 -20.43
N GLN B 334 -1.32 -63.82 -20.18
CA GLN B 334 -0.16 -63.52 -19.37
C GLN B 334 -0.33 -64.06 -17.95
N LEU B 335 -1.53 -63.93 -17.38
CA LEU B 335 -1.74 -64.34 -16.00
C LEU B 335 -1.79 -65.86 -15.87
N VAL B 336 -2.67 -66.51 -16.64
CA VAL B 336 -2.90 -67.94 -16.44
C VAL B 336 -1.69 -68.76 -16.90
N GLU B 337 -1.07 -68.36 -18.00
CA GLU B 337 0.12 -69.07 -18.45
C GLU B 337 1.31 -68.80 -17.53
N GLY B 338 1.36 -67.61 -16.92
CA GLY B 338 2.36 -67.35 -15.92
C GLY B 338 2.28 -68.27 -14.72
N LEU B 339 1.08 -68.81 -14.45
CA LEU B 339 0.90 -69.79 -13.39
C LEU B 339 0.95 -71.22 -13.93
N GLY B 340 1.50 -71.41 -15.13
CA GLY B 340 1.55 -72.73 -15.73
C GLY B 340 0.20 -73.29 -16.10
N GLY B 341 -0.70 -72.47 -16.62
CA GLY B 341 -2.02 -72.91 -17.00
C GLY B 341 -2.24 -72.89 -18.49
N LYS B 342 -3.49 -73.06 -18.90
CA LYS B 342 -3.88 -73.17 -20.31
C LYS B 342 -5.01 -72.20 -20.60
N VAL B 343 -4.92 -71.45 -21.69
CA VAL B 343 -5.96 -70.52 -22.08
C VAL B 343 -6.42 -70.88 -23.48
N GLU B 344 -7.73 -70.99 -23.66
CA GLU B 344 -8.32 -71.25 -24.96
C GLU B 344 -9.36 -70.19 -25.28
N CYS B 345 -9.38 -69.75 -26.54
CA CYS B 345 -10.40 -68.83 -27.01
C CYS B 345 -11.39 -69.49 -27.97
N ARG B 346 -11.05 -70.62 -28.57
CA ARG B 346 -11.95 -71.31 -29.49
C ARG B 346 -12.96 -72.13 -28.68
N VAL B 347 -13.76 -71.42 -27.90
CA VAL B 347 -14.71 -72.07 -27.00
C VAL B 347 -15.90 -72.66 -27.75
N ASP B 348 -16.04 -72.36 -29.04
CA ASP B 348 -17.09 -72.93 -29.85
C ASP B 348 -16.66 -74.18 -30.60
N GLY B 349 -15.41 -74.62 -30.42
CA GLY B 349 -14.91 -75.79 -31.10
C GLY B 349 -14.36 -75.56 -32.48
N ALA B 350 -14.32 -74.31 -32.94
CA ALA B 350 -13.79 -74.04 -34.26
C ALA B 350 -12.33 -74.48 -34.34
N ARG B 351 -12.01 -75.22 -35.39
CA ARG B 351 -10.66 -75.75 -35.58
C ARG B 351 -9.81 -74.76 -36.39
N LEU B 352 -9.72 -73.56 -35.88
CA LEU B 352 -8.91 -72.54 -36.52
C LEU B 352 -7.43 -72.81 -36.22
N PRO B 353 -6.57 -72.93 -37.24
CA PRO B 353 -5.15 -73.21 -36.96
C PRO B 353 -4.53 -72.05 -36.19
N ALA B 354 -3.60 -72.38 -35.30
CA ALA B 354 -2.93 -71.38 -34.49
C ALA B 354 -1.66 -70.91 -35.17
N GLY B 355 -1.48 -69.60 -35.24
CA GLY B 355 -0.31 -69.02 -35.85
C GLY B 355 -0.38 -68.84 -37.36
N ASN B 356 -1.43 -69.38 -37.99
CA ASN B 356 -1.60 -69.28 -39.44
C ASN B 356 -2.71 -68.27 -39.69
N ARG B 357 -2.35 -66.99 -39.75
CA ARG B 357 -3.36 -65.94 -39.92
C ARG B 357 -4.09 -66.06 -41.23
N SER B 358 -3.44 -66.54 -42.30
CA SER B 358 -4.12 -66.73 -43.57
C SER B 358 -5.14 -67.85 -43.51
N ALA B 359 -5.10 -68.68 -42.47
CA ALA B 359 -6.03 -69.80 -42.36
C ALA B 359 -7.18 -69.54 -41.40
N TYR B 360 -7.00 -68.68 -40.39
CA TYR B 360 -8.12 -68.32 -39.53
C TYR B 360 -8.67 -66.92 -39.81
N VAL B 361 -8.02 -66.14 -40.66
CA VAL B 361 -8.57 -64.87 -41.15
C VAL B 361 -8.77 -64.91 -42.66
N GLY B 362 -7.76 -65.36 -43.39
CA GLY B 362 -7.83 -65.42 -44.83
C GLY B 362 -6.99 -64.34 -45.48
N THR B 363 -7.33 -64.05 -46.74
CA THR B 363 -6.62 -63.08 -47.54
C THR B 363 -7.51 -62.05 -48.21
N ALA B 364 -8.82 -62.13 -48.03
CA ALA B 364 -9.75 -61.24 -48.69
C ALA B 364 -10.24 -60.17 -47.73
N ARG B 365 -10.31 -58.94 -48.22
CA ARG B 365 -10.99 -57.86 -47.52
C ARG B 365 -12.49 -57.96 -47.73
N ILE B 366 -13.25 -57.35 -46.82
CA ILE B 366 -14.69 -57.28 -47.02
C ILE B 366 -15.02 -56.49 -48.27
N GLU B 367 -14.29 -55.41 -48.50
CA GLU B 367 -14.50 -54.56 -49.67
C GLU B 367 -14.26 -55.29 -50.98
N ASP B 368 -13.57 -56.42 -50.96
CA ASP B 368 -13.34 -57.19 -52.18
C ASP B 368 -14.61 -57.83 -52.70
N ILE B 369 -15.62 -58.06 -51.85
CA ILE B 369 -16.84 -58.71 -52.30
C ILE B 369 -17.54 -57.88 -53.36
N ASP B 370 -17.50 -56.55 -53.23
CA ASP B 370 -18.22 -55.70 -54.18
C ASP B 370 -17.84 -56.02 -55.61
N ASP B 371 -16.55 -56.11 -55.90
CA ASP B 371 -16.08 -56.31 -57.26
C ASP B 371 -15.99 -57.78 -57.65
N ALA B 372 -16.16 -58.70 -56.71
CA ALA B 372 -16.07 -60.12 -57.04
C ALA B 372 -17.12 -60.50 -58.05
N GLU B 373 -16.74 -61.33 -59.01
CA GLU B 373 -17.66 -61.86 -60.02
C GLU B 373 -18.10 -63.28 -59.73
N MET B 374 -17.31 -64.04 -58.98
CA MET B 374 -17.69 -65.34 -58.47
C MET B 374 -17.52 -65.34 -56.97
N ILE B 375 -18.54 -65.79 -56.25
CA ILE B 375 -18.49 -65.91 -54.80
C ILE B 375 -18.92 -67.32 -54.44
N GLN B 376 -18.11 -68.00 -53.62
CA GLN B 376 -18.40 -69.34 -53.17
C GLN B 376 -18.58 -69.34 -51.66
N LEU B 377 -19.72 -69.83 -51.20
CA LEU B 377 -20.03 -69.93 -49.78
C LEU B 377 -19.93 -71.38 -49.36
N ILE B 378 -19.24 -71.63 -48.25
CA ILE B 378 -19.02 -72.98 -47.75
C ILE B 378 -19.46 -73.03 -46.31
N GLY B 379 -20.58 -73.69 -46.05
CA GLY B 379 -21.05 -73.87 -44.69
C GLY B 379 -21.24 -72.58 -43.93
N THR B 380 -21.77 -71.56 -44.60
CA THR B 380 -21.99 -70.26 -43.98
C THR B 380 -23.33 -69.71 -44.45
N ASN B 381 -24.14 -69.25 -43.52
CA ASN B 381 -25.31 -68.46 -43.84
C ASN B 381 -24.99 -67.01 -43.53
N PRO B 382 -24.53 -66.24 -44.52
CA PRO B 382 -24.11 -64.86 -44.23
C PRO B 382 -25.25 -63.98 -43.75
N ARG B 383 -26.50 -64.34 -44.07
CA ARG B 383 -27.62 -63.52 -43.63
C ARG B 383 -27.79 -63.56 -42.13
N ASP B 384 -27.41 -64.66 -41.48
CA ASP B 384 -27.51 -64.76 -40.03
C ASP B 384 -26.20 -64.49 -39.32
N GLU B 385 -25.06 -64.63 -40.00
CA GLU B 385 -23.77 -64.42 -39.36
C GLU B 385 -23.28 -62.98 -39.50
N ALA B 386 -23.61 -62.33 -40.62
CA ALA B 386 -23.21 -60.95 -40.85
C ALA B 386 -24.16 -60.36 -41.89
N PRO B 387 -25.36 -59.97 -41.47
CA PRO B 387 -26.36 -59.51 -42.45
C PRO B 387 -25.91 -58.35 -43.29
N VAL B 388 -25.08 -57.45 -42.75
CA VAL B 388 -24.57 -56.34 -43.53
C VAL B 388 -23.59 -56.85 -44.59
N LEU B 389 -22.77 -57.83 -44.24
CA LEU B 389 -21.89 -58.44 -45.23
C LEU B 389 -22.68 -59.21 -46.27
N ASN B 390 -23.79 -59.84 -45.87
CA ASN B 390 -24.66 -60.49 -46.84
C ASN B 390 -25.24 -59.48 -47.81
N ALA B 391 -25.63 -58.31 -47.31
CA ALA B 391 -26.14 -57.27 -48.20
C ALA B 391 -25.08 -56.84 -49.20
N ARG B 392 -23.81 -56.96 -48.85
CA ARG B 392 -22.74 -56.65 -49.78
C ARG B 392 -22.57 -57.73 -50.84
N ILE B 393 -22.83 -58.99 -50.47
CA ILE B 393 -22.86 -60.06 -51.47
C ILE B 393 -24.00 -59.84 -52.45
N ARG B 394 -25.17 -59.45 -51.93
CA ARG B 394 -26.31 -59.19 -52.80
C ARG B 394 -26.00 -58.07 -53.78
N LYS B 395 -25.30 -57.03 -53.33
CA LYS B 395 -24.93 -55.95 -54.22
C LYS B 395 -24.06 -56.46 -55.38
N ALA B 396 -23.10 -57.34 -55.08
CA ALA B 396 -22.31 -57.93 -56.14
C ALA B 396 -23.17 -58.76 -57.08
N TRP B 397 -24.10 -59.53 -56.52
CA TRP B 397 -24.97 -60.36 -57.35
C TRP B 397 -25.86 -59.50 -58.24
N SER B 398 -26.22 -58.31 -57.77
CA SER B 398 -27.01 -57.39 -58.59
C SER B 398 -26.21 -56.89 -59.78
N LYS B 399 -24.90 -56.76 -59.64
CA LYS B 399 -24.04 -56.36 -60.74
C LYS B 399 -23.65 -57.52 -61.64
N GLY B 400 -24.14 -58.73 -61.35
CA GLY B 400 -23.94 -59.88 -62.20
C GLY B 400 -23.16 -61.02 -61.57
N ALA B 401 -22.60 -60.87 -60.38
CA ALA B 401 -21.77 -61.92 -59.80
C ALA B 401 -22.56 -63.20 -59.63
N LYS B 402 -21.87 -64.33 -59.79
CA LYS B 402 -22.44 -65.64 -59.59
C LYS B 402 -22.10 -66.12 -58.19
N VAL B 403 -23.07 -66.73 -57.52
CA VAL B 403 -22.90 -67.17 -56.14
C VAL B 403 -23.17 -68.66 -56.09
N GLY B 404 -22.26 -69.40 -55.47
CA GLY B 404 -22.46 -70.81 -55.20
C GLY B 404 -22.47 -71.04 -53.70
N LEU B 405 -23.22 -72.06 -53.28
CA LEU B 405 -23.36 -72.37 -51.86
C LEU B 405 -23.18 -73.86 -51.63
N VAL B 406 -22.42 -74.18 -50.60
CA VAL B 406 -22.29 -75.55 -50.08
C VAL B 406 -22.89 -75.54 -48.69
N GLY B 407 -24.00 -76.24 -48.52
CA GLY B 407 -24.70 -76.26 -47.25
C GLY B 407 -26.19 -76.38 -47.51
N GLU B 408 -26.94 -76.27 -46.43
CA GLU B 408 -28.40 -76.36 -46.52
C GLU B 408 -28.94 -75.19 -47.32
N PRO B 409 -29.96 -75.41 -48.15
CA PRO B 409 -30.52 -74.30 -48.92
C PRO B 409 -31.30 -73.36 -48.02
N VAL B 410 -30.94 -72.08 -48.07
CA VAL B 410 -31.57 -71.05 -47.25
C VAL B 410 -31.87 -69.84 -48.13
N ASP B 411 -32.76 -68.98 -47.63
CA ASP B 411 -33.12 -67.74 -48.31
C ASP B 411 -32.08 -66.69 -47.95
N LEU B 412 -31.23 -66.34 -48.93
CA LEU B 412 -30.19 -65.36 -48.73
C LEU B 412 -30.54 -63.99 -49.30
N THR B 413 -31.70 -63.87 -49.96
CA THR B 413 -32.19 -62.69 -50.68
C THR B 413 -31.53 -62.55 -52.05
N TYR B 414 -30.70 -63.50 -52.47
CA TYR B 414 -30.21 -63.55 -53.85
C TYR B 414 -30.16 -65.01 -54.27
N ASP B 415 -30.19 -65.23 -55.58
CA ASP B 415 -30.11 -66.57 -56.12
C ASP B 415 -28.69 -67.09 -56.04
N TYR B 416 -28.55 -68.41 -56.01
CA TYR B 416 -27.24 -69.03 -55.95
C TYR B 416 -27.33 -70.44 -56.50
N ALA B 417 -26.18 -71.01 -56.85
CA ALA B 417 -26.10 -72.40 -57.27
C ALA B 417 -25.88 -73.27 -56.04
N HIS B 418 -26.75 -74.25 -55.85
CA HIS B 418 -26.63 -75.17 -54.72
C HIS B 418 -25.73 -76.33 -55.14
N VAL B 419 -24.43 -76.20 -54.87
CA VAL B 419 -23.49 -77.25 -55.25
C VAL B 419 -23.76 -78.54 -54.49
N GLY B 420 -24.31 -78.44 -53.29
CA GLY B 420 -24.55 -79.60 -52.46
C GLY B 420 -24.61 -79.19 -51.01
N THR B 421 -24.85 -80.18 -50.15
CA THR B 421 -25.06 -79.92 -48.74
C THR B 421 -24.03 -80.56 -47.82
N ASP B 422 -23.19 -81.47 -48.30
CA ASP B 422 -22.31 -82.24 -47.45
C ASP B 422 -20.87 -82.07 -47.91
N ARG B 423 -19.95 -82.73 -47.20
CA ARG B 423 -18.52 -82.55 -47.46
C ARG B 423 -18.08 -83.18 -48.76
N ALA B 424 -18.88 -84.08 -49.34
CA ALA B 424 -18.59 -84.55 -50.70
C ALA B 424 -18.72 -83.41 -51.69
N ALA B 425 -19.70 -82.54 -51.49
CA ALA B 425 -19.87 -81.39 -52.38
C ALA B 425 -18.66 -80.47 -52.32
N LEU B 426 -18.14 -80.22 -51.12
CA LEU B 426 -16.93 -79.42 -51.00
C LEU B 426 -15.78 -80.11 -51.73
N GLU B 427 -15.68 -81.43 -51.60
CA GLU B 427 -14.59 -82.16 -52.26
C GLU B 427 -14.62 -81.94 -53.76
N SER B 428 -15.80 -81.94 -54.37
CA SER B 428 -15.88 -81.78 -55.81
C SER B 428 -15.34 -80.43 -56.24
N LEU B 429 -15.66 -79.38 -55.50
CA LEU B 429 -15.24 -78.04 -55.91
C LEU B 429 -13.72 -77.89 -55.91
N SER B 430 -13.06 -78.36 -54.85
CA SER B 430 -11.62 -78.16 -54.75
C SER B 430 -10.86 -78.89 -55.84
N SER B 431 -11.35 -80.07 -56.23
CA SER B 431 -10.69 -80.88 -57.24
C SER B 431 -11.08 -80.50 -58.67
N ARG B 432 -11.96 -79.53 -58.85
CA ARG B 432 -12.40 -79.15 -60.19
C ARG B 432 -11.30 -78.35 -60.89
N GLU B 433 -11.32 -78.41 -62.22
CA GLU B 433 -10.40 -77.66 -63.07
C GLU B 433 -11.06 -76.39 -63.56
N ILE B 434 -10.27 -75.32 -63.64
CA ILE B 434 -10.79 -73.97 -63.87
C ILE B 434 -10.03 -73.38 -65.06
N SER B 435 -10.78 -72.79 -65.99
CA SER B 435 -10.18 -72.20 -67.17
C SER B 435 -9.28 -71.03 -66.79
N ASP B 436 -8.28 -70.78 -67.63
CA ASP B 436 -7.46 -69.59 -67.43
C ASP B 436 -8.29 -68.32 -67.49
N GLU B 437 -9.41 -68.35 -68.21
CA GLU B 437 -10.27 -67.17 -68.28
C GLU B 437 -11.00 -66.96 -66.96
N THR B 438 -11.48 -68.04 -66.34
CA THR B 438 -12.17 -67.91 -65.07
C THR B 438 -11.23 -67.49 -63.96
N LYS B 439 -10.03 -68.08 -63.95
CA LYS B 439 -9.07 -67.79 -62.89
C LYS B 439 -8.65 -66.33 -62.87
N ALA B 440 -8.81 -65.60 -63.97
CA ALA B 440 -8.39 -64.22 -64.04
C ALA B 440 -9.47 -63.23 -63.58
N ARG B 441 -10.68 -63.70 -63.34
CA ARG B 441 -11.71 -62.80 -62.85
C ARG B 441 -11.65 -62.69 -61.33
N PRO B 442 -11.97 -61.53 -60.75
CA PRO B 442 -12.00 -61.43 -59.29
C PRO B 442 -13.03 -62.38 -58.68
N SER B 443 -12.66 -63.02 -57.59
CA SER B 443 -13.52 -63.99 -56.94
C SER B 443 -13.12 -64.13 -55.48
N ILE B 444 -13.98 -64.79 -54.71
CA ILE B 444 -13.77 -64.91 -53.27
C ILE B 444 -14.41 -66.20 -52.78
N VAL B 445 -13.77 -66.81 -51.79
CA VAL B 445 -14.29 -68.00 -51.11
C VAL B 445 -14.52 -67.62 -49.66
N ILE B 446 -15.72 -67.87 -49.15
CA ILE B 446 -16.10 -67.51 -47.79
C ILE B 446 -16.45 -68.78 -47.04
N VAL B 447 -15.87 -68.95 -45.85
CA VAL B 447 -16.05 -70.13 -45.02
C VAL B 447 -16.62 -69.70 -43.68
N GLY B 448 -17.69 -70.38 -43.25
CA GLY B 448 -18.29 -70.09 -41.97
C GLY B 448 -17.71 -70.93 -40.84
N GLN B 449 -17.97 -70.49 -39.62
CA GLN B 449 -17.53 -71.25 -38.46
C GLN B 449 -18.24 -72.59 -38.38
N GLY B 450 -19.47 -72.68 -38.90
CA GLY B 450 -20.19 -73.93 -38.85
C GLY B 450 -19.51 -75.05 -39.59
N ALA B 451 -18.77 -74.72 -40.66
CA ALA B 451 -18.11 -75.74 -41.45
C ALA B 451 -16.93 -76.36 -40.72
N ILE B 452 -16.24 -75.58 -39.89
CA ILE B 452 -14.95 -75.98 -39.34
C ILE B 452 -15.05 -76.28 -37.84
N ARG B 453 -16.25 -76.53 -37.33
CA ARG B 453 -16.46 -76.75 -35.91
C ARG B 453 -16.48 -78.22 -35.52
N GLU B 454 -16.13 -79.12 -36.43
CA GLU B 454 -16.18 -80.54 -36.18
C GLU B 454 -14.77 -81.12 -36.25
N ALA B 455 -14.67 -82.44 -36.06
CA ALA B 455 -13.37 -83.07 -35.99
C ALA B 455 -12.54 -82.81 -37.25
N ASP B 456 -13.18 -82.77 -38.42
CA ASP B 456 -12.48 -82.54 -39.67
C ASP B 456 -12.39 -81.06 -40.03
N GLY B 457 -12.54 -80.16 -39.05
CA GLY B 457 -12.57 -78.74 -39.37
C GLY B 457 -11.30 -78.28 -40.05
N GLU B 458 -10.16 -78.80 -39.61
CA GLU B 458 -8.89 -78.43 -40.24
C GLU B 458 -8.86 -78.86 -41.70
N ALA B 459 -9.38 -80.05 -42.00
CA ALA B 459 -9.43 -80.51 -43.38
C ALA B 459 -10.38 -79.67 -44.22
N VAL B 460 -11.51 -79.26 -43.64
CA VAL B 460 -12.43 -78.40 -44.38
C VAL B 460 -11.73 -77.12 -44.80
N LEU B 461 -10.94 -76.53 -43.90
CA LEU B 461 -10.17 -75.35 -44.30
C LEU B 461 -9.20 -75.70 -45.41
N ALA B 462 -8.52 -76.84 -45.31
CA ALA B 462 -7.52 -77.21 -46.30
C ALA B 462 -8.13 -77.25 -47.70
N HIS B 463 -9.34 -77.76 -47.84
CA HIS B 463 -9.99 -77.77 -49.14
C HIS B 463 -10.40 -76.35 -49.55
N ALA B 464 -10.83 -75.53 -48.60
CA ALA B 464 -11.20 -74.16 -48.92
C ALA B 464 -10.01 -73.37 -49.44
N MET B 465 -8.85 -73.51 -48.80
CA MET B 465 -7.66 -72.85 -49.31
C MET B 465 -7.24 -73.43 -50.65
N LYS B 466 -7.39 -74.75 -50.81
CA LYS B 466 -7.09 -75.37 -52.10
C LYS B 466 -7.99 -74.80 -53.19
N LEU B 467 -9.29 -74.72 -52.92
CA LEU B 467 -10.21 -74.11 -53.88
C LEU B 467 -9.84 -72.66 -54.14
N ALA B 468 -9.52 -71.90 -53.10
CA ALA B 468 -9.15 -70.51 -53.28
C ALA B 468 -7.92 -70.39 -54.15
N GLU B 469 -6.91 -71.24 -53.91
CA GLU B 469 -5.69 -71.19 -54.70
C GLU B 469 -5.95 -71.57 -56.15
N ASN B 470 -6.79 -72.58 -56.38
CA ASN B 470 -7.08 -73.01 -57.74
C ASN B 470 -7.76 -71.92 -58.53
N SER B 471 -8.71 -71.22 -57.92
CA SER B 471 -9.48 -70.20 -58.60
C SER B 471 -8.79 -68.85 -58.62
N ASN B 472 -7.63 -68.73 -58.00
CA ASN B 472 -6.97 -67.44 -57.84
C ASN B 472 -7.92 -66.44 -57.23
N SER B 473 -8.50 -66.83 -56.10
CA SER B 473 -9.55 -66.06 -55.44
C SER B 473 -9.15 -65.77 -54.00
N GLY B 474 -9.65 -64.66 -53.47
CA GLY B 474 -9.43 -64.35 -52.08
C GLY B 474 -10.21 -65.29 -51.18
N LEU B 475 -9.73 -65.41 -49.94
CA LEU B 475 -10.37 -66.25 -48.94
C LEU B 475 -10.78 -65.39 -47.76
N LEU B 476 -11.96 -65.66 -47.22
CA LEU B 476 -12.47 -64.97 -46.04
C LEU B 476 -13.06 -66.02 -45.11
N ILE B 477 -12.58 -66.04 -43.87
CA ILE B 477 -13.19 -66.88 -42.84
C ILE B 477 -14.16 -66.00 -42.07
N LEU B 478 -15.44 -66.28 -42.21
CA LEU B 478 -16.47 -65.47 -41.58
C LEU B 478 -16.64 -65.92 -40.14
N HIS B 479 -16.25 -65.06 -39.21
CA HIS B 479 -16.32 -65.36 -37.78
C HIS B 479 -17.66 -64.93 -37.22
N THR B 480 -18.07 -65.59 -36.14
CA THR B 480 -19.27 -65.22 -35.42
C THR B 480 -18.99 -64.33 -34.21
N ALA B 481 -17.79 -64.40 -33.65
CA ALA B 481 -17.47 -63.75 -32.38
C ALA B 481 -16.55 -62.58 -32.62
N ALA B 482 -16.92 -61.43 -32.05
CA ALA B 482 -16.11 -60.23 -32.22
C ALA B 482 -14.73 -60.40 -31.62
N GLY B 483 -14.62 -61.14 -30.51
CA GLY B 483 -13.35 -61.28 -29.83
C GLY B 483 -12.46 -62.40 -30.30
N ARG B 484 -12.86 -63.16 -31.31
CA ARG B 484 -12.11 -64.36 -31.68
C ARG B 484 -10.78 -64.02 -32.35
N VAL B 485 -10.82 -63.23 -33.42
CA VAL B 485 -9.60 -63.00 -34.19
C VAL B 485 -8.58 -62.26 -33.34
N GLY B 486 -9.03 -61.35 -32.48
CA GLY B 486 -8.12 -60.70 -31.57
C GLY B 486 -7.49 -61.67 -30.58
N ALA B 487 -8.30 -62.58 -30.03
CA ALA B 487 -7.76 -63.58 -29.11
C ALA B 487 -6.76 -64.47 -29.80
N MET B 488 -7.04 -64.88 -31.04
CA MET B 488 -6.09 -65.68 -31.79
C MET B 488 -4.80 -64.92 -32.05
N ASP B 489 -4.88 -63.62 -32.32
CA ASP B 489 -3.68 -62.86 -32.65
C ASP B 489 -2.69 -62.82 -31.49
N VAL B 490 -3.18 -62.83 -30.25
CA VAL B 490 -2.28 -62.80 -29.10
C VAL B 490 -1.96 -64.24 -28.69
N GLY B 491 -2.31 -65.19 -29.54
CA GLY B 491 -1.98 -66.58 -29.30
C GLY B 491 -2.64 -67.17 -28.08
N ALA B 492 -3.88 -66.81 -27.81
CA ALA B 492 -4.61 -67.35 -26.66
C ALA B 492 -5.24 -68.69 -27.05
N VAL B 493 -4.38 -69.68 -27.23
CA VAL B 493 -4.77 -71.00 -27.70
C VAL B 493 -3.95 -72.06 -26.98
N THR B 494 -4.47 -73.28 -26.95
CA THR B 494 -3.73 -74.45 -26.51
C THR B 494 -3.95 -75.59 -27.49
N GLU B 495 -2.93 -76.41 -27.66
CA GLU B 495 -3.04 -77.53 -28.58
C GLU B 495 -4.12 -78.48 -28.09
N GLY B 496 -5.04 -78.84 -28.99
CA GLY B 496 -6.18 -79.67 -28.66
C GLY B 496 -7.43 -78.90 -28.31
N GLY B 497 -7.36 -77.58 -28.26
CA GLY B 497 -8.56 -76.78 -28.10
C GLY B 497 -9.16 -76.87 -26.71
N LEU B 498 -10.48 -76.65 -26.66
CA LEU B 498 -11.17 -76.56 -25.38
C LEU B 498 -10.98 -77.81 -24.53
N LEU B 499 -11.18 -78.99 -25.11
CA LEU B 499 -11.06 -80.21 -24.34
C LEU B 499 -9.65 -80.46 -23.84
N ALA B 500 -8.64 -79.90 -24.50
CA ALA B 500 -7.27 -80.04 -24.02
C ALA B 500 -6.92 -79.00 -22.96
N ALA B 501 -7.71 -77.94 -22.81
CA ALA B 501 -7.52 -76.98 -21.74
C ALA B 501 -8.32 -77.34 -20.49
N ILE B 502 -9.43 -78.06 -20.65
CA ILE B 502 -10.26 -78.43 -19.51
C ILE B 502 -9.86 -79.76 -18.90
N ASP B 503 -9.16 -80.61 -19.64
CA ASP B 503 -8.72 -81.90 -19.13
C ASP B 503 -7.80 -81.70 -17.93
N GLY B 504 -8.20 -82.25 -16.77
CA GLY B 504 -7.38 -82.21 -15.59
C GLY B 504 -7.38 -80.90 -14.84
N ALA B 505 -8.00 -79.86 -15.37
CA ALA B 505 -8.04 -78.59 -14.67
C ALA B 505 -8.88 -78.68 -13.42
N GLU B 506 -8.47 -77.97 -12.37
CA GLU B 506 -9.22 -77.90 -11.14
C GLU B 506 -9.87 -76.55 -10.92
N VAL B 507 -9.33 -75.49 -11.51
CA VAL B 507 -9.95 -74.19 -11.56
C VAL B 507 -10.09 -73.79 -13.02
N VAL B 508 -11.25 -73.26 -13.38
CA VAL B 508 -11.47 -72.67 -14.68
C VAL B 508 -11.77 -71.18 -14.48
N TYR B 509 -10.97 -70.33 -15.10
CA TYR B 509 -11.25 -68.90 -15.12
C TYR B 509 -12.06 -68.60 -16.38
N ASN B 510 -13.36 -68.39 -16.22
CA ASN B 510 -14.26 -68.17 -17.35
C ASN B 510 -14.35 -66.66 -17.60
N LEU B 511 -13.64 -66.19 -18.62
CA LEU B 511 -13.67 -64.77 -18.98
C LEU B 511 -14.67 -64.57 -20.12
N GLY B 512 -15.95 -64.55 -19.74
CA GLY B 512 -17.00 -64.17 -20.64
C GLY B 512 -17.46 -65.22 -21.63
N ALA B 513 -17.24 -66.50 -21.35
CA ALA B 513 -17.67 -67.57 -22.24
C ALA B 513 -19.01 -68.10 -21.76
N ASP B 514 -20.08 -67.75 -22.48
CA ASP B 514 -21.44 -68.05 -22.05
C ASP B 514 -22.18 -68.96 -23.01
N GLU B 515 -21.53 -69.46 -24.06
CA GLU B 515 -22.19 -70.30 -25.04
C GLU B 515 -21.84 -71.77 -24.88
N VAL B 516 -20.93 -72.10 -23.99
CA VAL B 516 -20.54 -73.49 -23.71
C VAL B 516 -20.60 -73.70 -22.20
N ASP B 517 -21.09 -74.87 -21.81
CA ASP B 517 -21.16 -75.22 -20.40
C ASP B 517 -19.82 -75.78 -19.93
N ILE B 518 -19.40 -75.37 -18.74
CA ILE B 518 -18.32 -76.03 -18.02
C ILE B 518 -18.94 -77.05 -17.11
N ASP B 519 -18.67 -78.33 -17.38
CA ASP B 519 -19.29 -79.40 -16.63
C ASP B 519 -18.87 -79.34 -15.16
N GLN B 520 -19.75 -79.84 -14.30
CA GLN B 520 -19.50 -79.82 -12.87
C GLN B 520 -18.15 -80.45 -12.57
N GLY B 521 -17.60 -80.11 -11.40
CA GLY B 521 -16.21 -80.40 -11.11
C GLY B 521 -15.43 -79.16 -10.74
N PRO B 522 -14.57 -78.70 -11.65
CA PRO B 522 -13.62 -77.63 -11.31
C PRO B 522 -14.29 -76.44 -10.63
N PHE B 523 -13.44 -75.64 -9.98
CA PHE B 523 -13.84 -74.38 -9.37
C PHE B 523 -13.87 -73.32 -10.46
N VAL B 524 -15.02 -72.68 -10.65
CA VAL B 524 -15.22 -71.76 -11.78
C VAL B 524 -15.33 -70.34 -11.25
N ILE B 525 -14.45 -69.47 -11.75
CA ILE B 525 -14.53 -68.03 -11.54
C ILE B 525 -14.99 -67.41 -12.84
N TYR B 526 -16.13 -66.71 -12.80
CA TYR B 526 -16.69 -66.07 -13.98
C TYR B 526 -16.44 -64.58 -13.90
N GLN B 527 -15.85 -64.03 -14.95
CA GLN B 527 -15.74 -62.59 -15.15
C GLN B 527 -16.63 -62.20 -16.32
N GLY B 528 -17.56 -61.28 -16.08
CA GLY B 528 -18.47 -60.90 -17.13
C GLY B 528 -19.35 -59.75 -16.71
N SER B 529 -20.24 -59.35 -17.61
CA SER B 529 -21.08 -58.19 -17.39
C SER B 529 -22.55 -58.54 -17.20
N HIS B 530 -23.00 -59.66 -17.73
CA HIS B 530 -24.39 -60.06 -17.66
C HIS B 530 -24.51 -61.45 -17.05
N GLY B 531 -25.60 -61.66 -16.32
CA GLY B 531 -25.86 -62.94 -15.71
C GLY B 531 -26.54 -63.90 -16.67
N ASP B 532 -25.83 -64.96 -17.02
CA ASP B 532 -26.30 -65.93 -18.00
C ASP B 532 -25.73 -67.29 -17.61
N ARG B 533 -25.65 -68.20 -18.59
CA ARG B 533 -25.03 -69.50 -18.37
C ARG B 533 -23.74 -69.40 -17.56
N GLY B 534 -22.86 -68.47 -17.91
CA GLY B 534 -21.56 -68.43 -17.27
C GLY B 534 -21.65 -68.14 -15.79
N ALA B 535 -22.48 -67.17 -15.41
CA ALA B 535 -22.60 -66.80 -14.00
C ALA B 535 -23.33 -67.86 -13.20
N HIS B 536 -24.32 -68.53 -13.80
CA HIS B 536 -25.08 -69.55 -13.09
C HIS B 536 -24.18 -70.69 -12.63
N ARG B 537 -23.12 -70.98 -13.36
CA ARG B 537 -22.20 -72.05 -13.03
C ARG B 537 -21.10 -71.63 -12.06
N ALA B 538 -20.84 -70.33 -11.93
CA ALA B 538 -19.66 -69.84 -11.26
C ALA B 538 -19.73 -70.06 -9.75
N ASP B 539 -18.55 -70.22 -9.16
CA ASP B 539 -18.39 -70.20 -7.72
C ASP B 539 -17.92 -68.86 -7.20
N ILE B 540 -17.32 -68.03 -8.07
CA ILE B 540 -17.00 -66.65 -7.78
C ILE B 540 -17.34 -65.84 -9.01
N ILE B 541 -18.00 -64.70 -8.82
CA ILE B 541 -18.36 -63.81 -9.93
C ILE B 541 -17.64 -62.49 -9.70
N LEU B 542 -16.85 -62.08 -10.69
CA LEU B 542 -16.20 -60.78 -10.66
C LEU B 542 -16.82 -59.92 -11.76
N PRO B 543 -17.60 -58.90 -11.42
CA PRO B 543 -18.37 -58.19 -12.46
C PRO B 543 -17.47 -57.28 -13.30
N GLY B 544 -17.57 -57.43 -14.63
CA GLY B 544 -16.81 -56.63 -15.56
C GLY B 544 -17.70 -55.70 -16.37
N ALA B 545 -17.05 -54.87 -17.18
CA ALA B 545 -17.74 -53.91 -18.01
C ALA B 545 -18.15 -54.54 -19.35
N CYS B 546 -19.25 -54.05 -19.91
CA CYS B 546 -19.67 -54.46 -21.24
C CYS B 546 -18.94 -53.62 -22.29
N TYR B 547 -19.23 -53.87 -23.57
CA TYR B 547 -18.41 -53.31 -24.63
C TYR B 547 -18.59 -51.79 -24.78
N THR B 548 -19.70 -51.24 -24.31
CA THR B 548 -19.88 -49.79 -24.35
C THR B 548 -19.30 -49.09 -23.13
N GLU B 549 -18.83 -49.84 -22.14
CA GLU B 549 -18.41 -49.27 -20.86
C GLU B 549 -16.91 -49.26 -20.68
N GLU B 550 -16.14 -49.55 -21.72
CA GLU B 550 -14.70 -49.52 -21.62
C GLU B 550 -14.11 -49.42 -23.01
N SER B 551 -12.86 -48.99 -23.07
CA SER B 551 -12.11 -49.04 -24.31
C SER B 551 -11.60 -50.45 -24.53
N GLY B 552 -11.63 -50.88 -25.79
CA GLY B 552 -11.23 -52.23 -26.11
C GLY B 552 -10.78 -52.33 -27.55
N LEU B 553 -9.92 -53.29 -27.82
CA LEU B 553 -9.42 -53.56 -29.15
C LEU B 553 -10.08 -54.82 -29.66
N PHE B 554 -10.77 -54.71 -30.79
CA PHE B 554 -11.43 -55.85 -31.41
C PHE B 554 -10.95 -55.97 -32.85
N VAL B 555 -10.53 -57.16 -33.23
CA VAL B 555 -10.11 -57.45 -34.59
C VAL B 555 -11.27 -58.12 -35.30
N ASN B 556 -11.71 -57.52 -36.40
CA ASN B 556 -12.92 -57.98 -37.06
C ASN B 556 -12.61 -59.19 -37.95
N THR B 557 -13.62 -59.64 -38.69
CA THR B 557 -13.49 -60.90 -39.41
C THR B 557 -12.43 -60.84 -40.51
N GLU B 558 -12.17 -59.67 -41.07
CA GLU B 558 -11.13 -59.52 -42.08
C GLU B 558 -9.77 -59.22 -41.49
N GLY B 559 -9.61 -59.29 -40.17
CA GLY B 559 -8.34 -59.06 -39.52
C GLY B 559 -8.00 -57.61 -39.24
N ARG B 560 -8.96 -56.70 -39.37
CA ARG B 560 -8.71 -55.28 -39.13
C ARG B 560 -8.81 -54.98 -37.64
N PRO B 561 -7.78 -54.44 -37.00
CA PRO B 561 -7.92 -54.02 -35.60
C PRO B 561 -8.68 -52.72 -35.50
N GLN B 562 -9.63 -52.66 -34.57
CA GLN B 562 -10.47 -51.49 -34.40
C GLN B 562 -10.65 -51.18 -32.92
N LEU B 563 -10.74 -49.90 -32.60
CA LEU B 563 -10.85 -49.46 -31.21
C LEU B 563 -12.29 -49.12 -30.87
N ALA B 564 -12.85 -49.84 -29.91
CA ALA B 564 -14.09 -49.42 -29.28
C ALA B 564 -13.78 -48.37 -28.22
N MET B 565 -14.63 -47.37 -28.11
CA MET B 565 -14.45 -46.27 -27.17
C MET B 565 -15.46 -46.36 -26.06
N ARG B 566 -15.07 -45.94 -24.87
CA ARG B 566 -15.99 -45.90 -23.74
C ARG B 566 -17.05 -44.82 -23.99
N ALA B 567 -18.31 -45.20 -23.83
CA ALA B 567 -19.44 -44.30 -23.95
C ALA B 567 -20.07 -43.97 -22.61
N ASN B 568 -20.18 -44.95 -21.71
CA ASN B 568 -20.66 -44.76 -20.37
C ASN B 568 -19.86 -45.69 -19.45
N PHE B 569 -20.33 -45.85 -18.22
CA PHE B 569 -19.60 -46.57 -17.19
C PHE B 569 -20.42 -47.75 -16.67
N ALA B 570 -19.74 -48.77 -16.20
CA ALA B 570 -20.39 -49.98 -15.75
C ALA B 570 -21.24 -49.70 -14.52
N PRO B 571 -22.36 -50.39 -14.35
CA PRO B 571 -23.23 -50.13 -13.20
C PRO B 571 -22.65 -50.70 -11.91
N GLY B 572 -22.99 -50.03 -10.81
CA GLY B 572 -22.57 -50.52 -9.51
C GLY B 572 -21.07 -50.62 -9.40
N GLU B 573 -20.60 -51.80 -8.99
CA GLU B 573 -19.19 -52.05 -8.74
C GLU B 573 -18.49 -52.72 -9.92
N GLY B 574 -19.08 -52.69 -11.10
CA GLY B 574 -18.42 -53.27 -12.26
C GLY B 574 -17.11 -52.55 -12.55
N LYS B 575 -16.13 -53.31 -13.01
CA LYS B 575 -14.80 -52.78 -13.28
C LYS B 575 -14.38 -53.15 -14.69
N GLU B 576 -13.44 -52.36 -15.23
CA GLU B 576 -12.86 -52.67 -16.52
C GLU B 576 -12.18 -54.03 -16.47
N ASN B 577 -12.29 -54.79 -17.56
CA ASN B 577 -11.89 -56.19 -17.53
C ASN B 577 -10.39 -56.34 -17.31
N TRP B 578 -9.57 -55.50 -17.95
CA TRP B 578 -8.14 -55.56 -17.72
C TRP B 578 -7.80 -55.24 -16.27
N ALA B 579 -8.55 -54.32 -15.65
CA ALA B 579 -8.28 -53.95 -14.27
C ALA B 579 -8.48 -55.12 -13.32
N ILE B 580 -9.55 -55.90 -13.53
CA ILE B 580 -9.83 -57.02 -12.64
C ILE B 580 -8.67 -58.02 -12.67
N LEU B 581 -8.18 -58.34 -13.87
CA LEU B 581 -7.07 -59.27 -13.97
C LEU B 581 -5.80 -58.70 -13.36
N ARG B 582 -5.56 -57.40 -13.52
CA ARG B 582 -4.42 -56.78 -12.87
C ARG B 582 -4.53 -56.88 -11.36
N ALA B 583 -5.72 -56.61 -10.82
CA ALA B 583 -5.92 -56.69 -9.38
C ALA B 583 -5.75 -58.12 -8.87
N LEU B 584 -6.26 -59.10 -9.62
CA LEU B 584 -6.12 -60.48 -9.21
C LEU B 584 -4.66 -60.92 -9.21
N SER B 585 -3.89 -60.45 -10.20
CA SER B 585 -2.48 -60.84 -10.28
C SER B 585 -1.74 -60.47 -9.00
N ALA B 586 -2.05 -59.31 -8.43
CA ALA B 586 -1.39 -58.91 -7.18
C ALA B 586 -1.71 -59.89 -6.05
N GLU B 587 -2.96 -60.32 -5.94
CA GLU B 587 -3.32 -61.26 -4.89
C GLU B 587 -2.72 -62.63 -5.11
N LEU B 588 -2.31 -62.95 -6.34
CA LEU B 588 -1.68 -64.21 -6.67
C LEU B 588 -0.16 -64.14 -6.61
N GLY B 589 0.39 -63.00 -6.21
CA GLY B 589 1.83 -62.85 -6.18
C GLY B 589 2.47 -62.92 -7.55
N ALA B 590 1.76 -62.46 -8.58
CA ALA B 590 2.26 -62.48 -9.95
C ALA B 590 1.90 -61.17 -10.64
N THR B 591 2.19 -60.06 -9.98
CA THR B 591 1.75 -58.75 -10.44
C THR B 591 2.17 -58.52 -11.89
N GLN B 592 1.22 -58.06 -12.70
CA GLN B 592 1.48 -57.83 -14.11
C GLN B 592 2.32 -56.57 -14.30
N PRO B 593 3.14 -56.52 -15.36
CA PRO B 593 4.02 -55.38 -15.61
C PRO B 593 3.32 -54.17 -16.22
N TRP B 594 2.18 -53.78 -15.65
CA TRP B 594 1.51 -52.57 -16.10
C TRP B 594 0.52 -52.15 -15.02
N ASP B 595 0.34 -50.84 -14.89
CA ASP B 595 -0.60 -50.27 -13.94
C ASP B 595 -1.78 -49.59 -14.61
N SER B 596 -1.77 -49.45 -15.94
CA SER B 596 -2.82 -48.76 -16.66
C SER B 596 -3.08 -49.47 -17.97
N LEU B 597 -4.24 -49.17 -18.57
CA LEU B 597 -4.56 -49.75 -19.86
C LEU B 597 -3.52 -49.37 -20.91
N ALA B 598 -3.01 -48.13 -20.84
CA ALA B 598 -1.98 -47.72 -21.79
C ALA B 598 -0.72 -48.55 -21.63
N GLY B 599 -0.36 -48.86 -20.39
CA GLY B 599 0.79 -49.74 -20.16
C GLY B 599 0.55 -51.14 -20.69
N LEU B 600 -0.67 -51.65 -20.53
CA LEU B 600 -1.00 -52.95 -21.09
C LEU B 600 -0.92 -52.94 -22.61
N ARG B 601 -1.35 -51.84 -23.23
CA ARG B 601 -1.33 -51.76 -24.69
C ARG B 601 0.08 -51.65 -25.24
N ARG B 602 1.01 -51.07 -24.48
CA ARG B 602 2.40 -51.03 -24.92
C ARG B 602 2.98 -52.43 -25.00
N LYS B 603 2.70 -53.28 -24.00
CA LYS B 603 3.20 -54.64 -24.04
C LYS B 603 2.51 -55.45 -25.12
N LEU B 604 1.24 -55.15 -25.39
CA LEU B 604 0.49 -55.91 -26.39
C LEU B 604 1.02 -55.67 -27.79
N VAL B 605 1.28 -54.41 -28.15
CA VAL B 605 1.80 -54.14 -29.49
C VAL B 605 3.26 -54.50 -29.60
N GLU B 606 3.92 -54.84 -28.49
CA GLU B 606 5.26 -55.40 -28.58
C GLU B 606 5.21 -56.87 -29.00
N ALA B 607 4.23 -57.61 -28.48
CA ALA B 607 4.05 -59.00 -28.89
C ALA B 607 3.44 -59.11 -30.28
N VAL B 608 2.42 -58.29 -30.56
CA VAL B 608 1.69 -58.35 -31.82
C VAL B 608 1.76 -56.97 -32.46
N PRO B 609 2.79 -56.67 -33.25
CA PRO B 609 2.96 -55.30 -33.75
C PRO B 609 1.81 -54.79 -34.61
N HIS B 610 1.13 -55.64 -35.38
CA HIS B 610 0.09 -55.13 -36.27
C HIS B 610 -1.15 -54.68 -35.51
N LEU B 611 -1.27 -55.02 -34.23
CA LEU B 611 -2.34 -54.45 -33.42
C LEU B 611 -2.13 -52.97 -33.13
N ALA B 612 -0.94 -52.44 -33.41
CA ALA B 612 -0.72 -51.01 -33.26
C ALA B 612 -1.23 -50.21 -34.45
N GLN B 613 -1.54 -50.87 -35.56
CA GLN B 613 -2.02 -50.19 -36.77
C GLN B 613 -3.54 -50.31 -36.79
N ILE B 614 -4.20 -49.32 -36.23
CA ILE B 614 -5.65 -49.33 -36.12
C ILE B 614 -6.27 -49.02 -37.46
N ASP B 615 -7.34 -49.75 -37.79
CA ASP B 615 -8.11 -49.56 -39.02
C ASP B 615 -7.32 -49.90 -40.27
N GLN B 616 -6.35 -50.79 -40.19
CA GLN B 616 -5.61 -51.26 -41.35
C GLN B 616 -5.69 -52.78 -41.41
N VAL B 617 -5.91 -53.31 -42.60
CA VAL B 617 -6.02 -54.75 -42.80
C VAL B 617 -4.62 -55.28 -43.09
N PRO B 618 -4.03 -56.09 -42.21
CA PRO B 618 -2.70 -56.64 -42.51
C PRO B 618 -2.75 -57.64 -43.64
N GLN B 619 -1.66 -57.71 -44.38
CA GLN B 619 -1.50 -58.71 -45.44
C GLN B 619 -0.96 -59.98 -44.82
N ASN B 620 -1.67 -61.07 -45.01
CA ASN B 620 -1.30 -62.36 -44.43
C ASN B 620 -0.57 -63.19 -45.47
N GLU B 621 0.52 -63.82 -45.06
CA GLU B 621 1.27 -64.70 -45.95
C GLU B 621 0.49 -65.96 -46.21
N TRP B 622 0.32 -66.31 -47.48
CA TRP B 622 -0.40 -67.52 -47.86
C TRP B 622 0.35 -68.75 -47.36
N GLN B 623 -0.26 -69.50 -46.44
CA GLN B 623 0.32 -70.71 -45.88
C GLN B 623 -0.73 -71.81 -45.90
N PRO B 624 -0.94 -72.47 -47.03
CA PRO B 624 -2.04 -73.42 -47.14
C PRO B 624 -1.87 -74.60 -46.20
N LEU B 625 -3.00 -75.16 -45.75
CA LEU B 625 -2.97 -76.34 -44.91
C LEU B 625 -2.79 -77.59 -45.77
N GLY B 626 -2.32 -78.66 -45.14
CA GLY B 626 -1.88 -79.83 -45.87
C GLY B 626 -2.72 -81.08 -45.73
N ARG B 627 -3.34 -81.29 -44.57
CA ARG B 627 -4.12 -82.49 -44.31
C ARG B 627 -5.50 -82.33 -44.90
N PHE B 628 -5.91 -83.31 -45.71
CA PHE B 628 -7.11 -83.20 -46.53
C PHE B 628 -8.18 -84.24 -46.22
N ASP B 629 -8.05 -85.00 -45.13
CA ASP B 629 -9.01 -86.06 -44.83
C ASP B 629 -10.31 -85.46 -44.33
N LEU B 630 -11.37 -85.55 -45.13
CA LEU B 630 -12.66 -84.99 -44.80
C LEU B 630 -13.57 -86.01 -44.12
N GLY B 631 -14.66 -85.51 -43.54
CA GLY B 631 -15.69 -86.34 -42.98
C GLY B 631 -16.83 -86.58 -43.96
N GLN B 632 -17.89 -87.19 -43.45
CA GLN B 632 -19.03 -87.55 -44.28
C GLN B 632 -20.29 -86.73 -44.00
N ALA B 633 -20.39 -86.10 -42.84
CA ALA B 633 -21.63 -85.47 -42.43
C ALA B 633 -21.94 -84.24 -43.28
N SER B 634 -23.20 -83.83 -43.23
CA SER B 634 -23.62 -82.59 -43.87
C SER B 634 -23.22 -81.40 -43.01
N PHE B 635 -23.11 -80.25 -43.65
CA PHE B 635 -22.71 -79.03 -42.98
C PHE B 635 -23.84 -78.49 -42.12
N ARG B 636 -23.50 -77.99 -40.94
CA ARG B 636 -24.44 -77.32 -40.05
C ARG B 636 -24.05 -75.85 -39.93
N TYR B 637 -25.03 -74.97 -39.93
CA TYR B 637 -24.76 -73.56 -39.80
C TYR B 637 -24.49 -73.19 -38.35
N ALA B 638 -23.58 -72.24 -38.15
CA ALA B 638 -23.11 -71.93 -36.80
C ALA B 638 -24.24 -71.41 -35.92
N ILE B 639 -25.08 -70.52 -36.45
CA ILE B 639 -26.03 -69.76 -35.65
C ILE B 639 -27.41 -70.36 -35.83
N ARG B 640 -28.08 -70.64 -34.71
CA ARG B 640 -29.41 -71.22 -34.71
C ARG B 640 -30.50 -70.16 -34.61
N ASP B 641 -30.38 -69.25 -33.63
CA ASP B 641 -31.30 -68.13 -33.50
C ASP B 641 -30.49 -66.85 -33.63
N PHE B 642 -30.81 -66.05 -34.64
CA PHE B 642 -30.01 -64.86 -34.94
C PHE B 642 -30.03 -63.86 -33.79
N TYR B 643 -31.17 -63.73 -33.12
CA TYR B 643 -31.36 -62.65 -32.17
C TYR B 643 -30.89 -62.97 -30.76
N LEU B 644 -30.46 -64.19 -30.48
CA LEU B 644 -30.16 -64.63 -29.12
C LEU B 644 -28.78 -65.26 -29.05
N THR B 645 -27.78 -64.60 -29.64
CA THR B 645 -26.47 -65.20 -29.81
C THR B 645 -25.49 -64.94 -28.67
N ASN B 646 -25.76 -63.94 -27.83
CA ASN B 646 -24.85 -63.59 -26.75
C ASN B 646 -25.65 -63.08 -25.56
N PRO B 647 -25.04 -63.06 -24.37
CA PRO B 647 -25.81 -62.71 -23.16
C PRO B 647 -26.43 -61.32 -23.18
N ILE B 648 -25.80 -60.35 -23.84
CA ILE B 648 -26.41 -59.03 -23.94
C ILE B 648 -27.68 -59.09 -24.78
N ALA B 649 -27.64 -59.86 -25.87
CA ALA B 649 -28.84 -60.03 -26.69
C ALA B 649 -29.90 -60.83 -25.94
N ARG B 650 -29.49 -61.82 -25.15
CA ARG B 650 -30.46 -62.61 -24.40
C ARG B 650 -31.01 -61.88 -23.19
N SER B 651 -30.44 -60.76 -22.80
CA SER B 651 -31.02 -59.90 -21.77
C SER B 651 -31.93 -58.83 -22.36
N SER B 652 -32.09 -58.80 -23.67
CA SER B 652 -32.88 -57.77 -24.33
C SER B 652 -34.32 -58.25 -24.50
N PRO B 653 -35.31 -57.61 -23.87
CA PRO B 653 -36.69 -58.03 -24.13
C PRO B 653 -37.07 -57.91 -25.59
N LEU B 654 -36.51 -56.93 -26.29
CA LEU B 654 -36.83 -56.73 -27.70
C LEU B 654 -36.32 -57.88 -28.56
N MET B 655 -35.10 -58.36 -28.30
CA MET B 655 -34.58 -59.48 -29.08
C MET B 655 -35.41 -60.74 -28.86
N GLY B 656 -35.91 -60.94 -27.64
CA GLY B 656 -36.82 -62.04 -27.40
C GLY B 656 -38.07 -61.95 -28.25
N GLU B 657 -38.63 -60.73 -28.37
CA GLU B 657 -39.80 -60.56 -29.20
C GLU B 657 -39.49 -60.83 -30.66
N LEU B 658 -38.37 -60.31 -31.15
CA LEU B 658 -37.98 -60.55 -32.53
C LEU B 658 -37.77 -62.04 -32.78
N SER B 659 -37.14 -62.73 -31.84
CA SER B 659 -36.95 -64.17 -31.98
C SER B 659 -38.28 -64.91 -31.96
N ALA B 660 -39.19 -64.51 -31.08
CA ALA B 660 -40.51 -65.13 -31.03
C ALA B 660 -41.28 -64.90 -32.33
N MET B 661 -41.22 -63.69 -32.86
CA MET B 661 -41.91 -63.40 -34.11
C MET B 661 -41.38 -64.25 -35.25
N ALA B 662 -40.06 -64.41 -35.32
CA ALA B 662 -39.47 -65.20 -36.39
C ALA B 662 -39.94 -66.64 -36.33
N ALA B 663 -40.00 -67.22 -35.13
CA ALA B 663 -40.51 -68.58 -34.99
C ALA B 663 -41.97 -68.67 -35.38
N ALA B 664 -42.77 -67.66 -35.04
CA ALA B 664 -44.19 -67.67 -35.40
C ALA B 664 -44.38 -67.56 -36.91
N ARG B 665 -43.45 -66.91 -37.61
CA ARG B 665 -43.52 -66.88 -39.07
C ARG B 665 -43.16 -68.24 -39.66
N LYS B 666 -42.05 -68.83 -39.21
CA LYS B 666 -41.59 -70.11 -39.73
C LYS B 666 -42.59 -71.22 -39.49
N ALA B 667 -43.50 -71.05 -38.54
CA ALA B 667 -44.47 -72.08 -38.21
C ALA B 667 -45.86 -71.66 -38.67
N THR C 2 13.86 1.13 -15.35
CA THR C 2 12.53 0.96 -14.78
C THR C 2 12.54 1.38 -13.32
N ASP C 3 11.44 1.99 -12.87
CA ASP C 3 11.30 2.36 -11.46
C ASP C 3 10.75 1.15 -10.72
N PHE C 4 11.65 0.25 -10.36
CA PHE C 4 11.26 -0.93 -9.61
C PHE C 4 10.84 -0.62 -8.20
N ALA C 5 11.26 0.52 -7.65
CA ALA C 5 10.85 0.89 -6.31
C ALA C 5 9.35 1.16 -6.25
N GLN C 6 8.82 1.90 -7.23
CA GLN C 6 7.38 2.13 -7.26
C GLN C 6 6.61 0.82 -7.44
N ARG C 7 7.10 -0.06 -8.32
CA ARG C 7 6.44 -1.35 -8.50
C ARG C 7 6.49 -2.17 -7.22
N ARG C 8 7.62 -2.13 -6.51
CA ARG C 8 7.72 -2.86 -5.25
C ARG C 8 6.73 -2.33 -4.22
N THR C 9 6.65 -0.99 -4.08
CA THR C 9 5.71 -0.42 -3.14
C THR C 9 4.28 -0.75 -3.51
N MET C 10 3.96 -0.69 -4.81
CA MET C 10 2.62 -1.05 -5.24
C MET C 10 2.32 -2.51 -4.97
N MET C 11 3.29 -3.39 -5.16
CA MET C 11 3.06 -4.80 -4.89
C MET C 11 2.70 -5.02 -3.43
N VAL C 12 3.43 -4.38 -2.52
CA VAL C 12 3.13 -4.55 -1.09
C VAL C 12 1.78 -3.94 -0.75
N ASP C 13 1.49 -2.75 -1.27
CA ASP C 13 0.24 -2.07 -0.94
C ASP C 13 -0.97 -2.87 -1.39
N THR C 14 -0.94 -3.41 -2.61
CA THR C 14 -2.14 -3.95 -3.23
C THR C 14 -2.18 -5.48 -3.26
N GLN C 15 -1.06 -6.17 -3.07
CA GLN C 15 -1.04 -7.62 -3.09
C GLN C 15 -0.70 -8.26 -1.76
N VAL C 16 -0.10 -7.53 -0.83
CA VAL C 16 0.31 -8.08 0.45
C VAL C 16 -0.56 -7.53 1.59
N ARG C 17 -0.61 -6.21 1.73
CA ARG C 17 -1.37 -5.63 2.84
C ARG C 17 -2.82 -6.09 2.86
N PRO C 18 -3.58 -6.03 1.77
CA PRO C 18 -4.99 -6.37 1.84
C PRO C 18 -5.28 -7.86 2.02
N ASN C 19 -4.25 -8.70 1.99
CA ASN C 19 -4.42 -10.14 2.07
C ASN C 19 -4.09 -10.67 3.45
N GLU C 20 -4.48 -9.92 4.48
CA GLU C 20 -4.35 -10.35 5.87
C GLU C 20 -2.90 -10.59 6.26
N VAL C 21 -2.00 -9.78 5.71
CA VAL C 21 -0.61 -9.76 6.13
C VAL C 21 -0.45 -8.52 7.00
N THR C 22 -0.37 -8.73 8.31
CA THR C 22 -0.27 -7.63 9.25
C THR C 22 1.11 -7.48 9.87
N SER C 23 1.89 -8.56 9.90
CA SER C 23 3.22 -8.51 10.48
C SER C 23 4.04 -7.44 9.78
N TYR C 24 4.40 -6.40 10.52
CA TYR C 24 5.13 -5.29 9.95
C TYR C 24 6.55 -5.69 9.60
N PRO C 25 7.20 -6.59 10.34
CA PRO C 25 8.49 -7.10 9.87
C PRO C 25 8.42 -7.71 8.48
N VAL C 26 7.34 -8.42 8.16
CA VAL C 26 7.19 -8.97 6.82
C VAL C 26 6.95 -7.86 5.81
N ILE C 27 6.12 -6.88 6.16
CA ILE C 27 5.85 -5.78 5.24
C ILE C 27 7.10 -4.95 5.02
N GLU C 28 7.88 -4.71 6.07
CA GLU C 28 9.13 -3.99 5.92
C GLU C 28 10.09 -4.76 5.02
N ALA C 29 10.20 -6.07 5.21
CA ALA C 29 11.11 -6.86 4.40
C ALA C 29 10.71 -6.87 2.94
N MET C 30 9.41 -7.05 2.65
CA MET C 30 8.99 -7.10 1.26
C MET C 30 9.08 -5.74 0.59
N LEU C 31 9.05 -4.66 1.36
CA LEU C 31 9.21 -3.34 0.78
C LEU C 31 10.65 -3.03 0.41
N ASN C 32 11.60 -3.86 0.82
CA ASN C 32 13.01 -3.55 0.68
C ASN C 32 13.80 -4.53 -0.18
N VAL C 33 13.41 -5.79 -0.23
CA VAL C 33 14.17 -6.79 -0.99
C VAL C 33 13.78 -6.67 -2.46
N PRO C 34 14.73 -6.38 -3.36
CA PRO C 34 14.35 -6.20 -4.78
C PRO C 34 13.99 -7.50 -5.45
N ARG C 35 12.72 -7.66 -5.83
CA ARG C 35 12.27 -8.91 -6.42
C ARG C 35 12.92 -9.14 -7.79
N GLU C 36 13.15 -8.08 -8.56
CA GLU C 36 13.70 -8.25 -9.90
C GLU C 36 15.14 -8.74 -9.87
N GLN C 37 15.88 -8.45 -8.80
CA GLN C 37 17.23 -8.96 -8.67
C GLN C 37 17.26 -10.46 -8.42
N PHE C 38 16.12 -11.08 -8.11
CA PHE C 38 16.06 -12.50 -7.77
C PHE C 38 15.22 -13.29 -8.76
N VAL C 39 15.13 -12.82 -10.00
CA VAL C 39 14.46 -13.56 -11.05
C VAL C 39 15.43 -13.70 -12.22
N PRO C 40 15.21 -14.68 -13.09
CA PRO C 40 16.03 -14.76 -14.30
C PRO C 40 15.99 -13.44 -15.05
N GLU C 41 17.05 -13.16 -15.79
CA GLU C 41 17.14 -11.88 -16.47
C GLU C 41 15.95 -11.66 -17.41
N SER C 42 15.46 -12.74 -18.03
CA SER C 42 14.37 -12.60 -19.00
C SER C 42 13.05 -12.25 -18.33
N ARG C 43 12.92 -12.45 -17.02
CA ARG C 43 11.70 -12.16 -16.29
C ARG C 43 11.77 -10.85 -15.52
N ARG C 44 12.80 -10.03 -15.77
CA ARG C 44 13.05 -8.88 -14.91
C ARG C 44 11.91 -7.87 -14.97
N ASP C 45 11.35 -7.62 -16.15
CA ASP C 45 10.31 -6.63 -16.26
C ASP C 45 8.97 -7.08 -15.68
N VAL C 46 8.76 -8.38 -15.49
CA VAL C 46 7.55 -8.89 -14.90
C VAL C 46 7.79 -9.39 -13.47
N ALA C 47 8.81 -8.85 -12.81
CA ALA C 47 9.18 -9.36 -11.49
C ALA C 47 8.10 -9.09 -10.45
N TYR C 48 7.28 -8.07 -10.65
CA TYR C 48 6.28 -7.64 -9.67
C TYR C 48 4.86 -7.92 -10.11
N VAL C 49 4.64 -8.95 -10.91
CA VAL C 49 3.31 -9.34 -11.34
C VAL C 49 2.72 -10.29 -10.31
N GLY C 50 1.41 -10.19 -10.12
CA GLY C 50 0.73 -11.04 -9.17
C GLY C 50 0.52 -12.45 -9.66
N ASN C 51 1.62 -13.16 -9.93
CA ASN C 51 1.56 -14.54 -10.38
C ASN C 51 2.87 -15.22 -10.03
N ASN C 52 2.86 -16.55 -10.09
CA ASN C 52 4.09 -17.31 -9.94
C ASN C 52 5.00 -17.05 -11.14
N ILE C 53 6.27 -16.80 -10.86
CA ILE C 53 7.27 -16.67 -11.91
C ILE C 53 7.92 -18.03 -12.11
N ASP C 54 8.07 -18.46 -13.36
CA ASP C 54 8.74 -19.72 -13.65
C ASP C 54 10.25 -19.50 -13.59
N LEU C 55 10.93 -20.31 -12.78
CA LEU C 55 12.38 -20.26 -12.65
C LEU C 55 13.05 -21.33 -13.49
N ALA C 56 12.64 -22.57 -13.32
CA ALA C 56 13.11 -23.70 -14.11
C ALA C 56 11.92 -24.63 -14.32
N PRO C 57 12.00 -25.58 -15.24
CA PRO C 57 10.90 -26.54 -15.40
C PRO C 57 10.42 -27.08 -14.06
N GLY C 58 9.14 -26.86 -13.76
CA GLY C 58 8.56 -27.35 -12.53
C GLY C 58 8.87 -26.56 -11.28
N ARG C 59 9.53 -25.40 -11.42
CA ARG C 59 9.92 -24.59 -10.28
C ARG C 59 9.52 -23.14 -10.53
N VAL C 60 9.03 -22.48 -9.49
CA VAL C 60 8.52 -21.12 -9.61
C VAL C 60 9.03 -20.27 -8.45
N LEU C 61 9.02 -18.96 -8.67
CA LEU C 61 9.05 -18.00 -7.58
C LEU C 61 7.60 -17.66 -7.24
N LEU C 62 7.20 -17.99 -6.01
CA LEU C 62 5.80 -17.90 -5.64
C LEU C 62 5.29 -16.48 -5.78
N GLU C 63 3.98 -16.37 -5.98
CA GLU C 63 3.29 -15.10 -6.12
C GLU C 63 3.43 -14.28 -4.83
N PRO C 64 3.47 -12.96 -4.93
CA PRO C 64 3.65 -12.15 -3.71
C PRO C 64 2.61 -12.39 -2.64
N ARG C 65 1.35 -12.64 -3.01
CA ARG C 65 0.34 -12.92 -1.98
C ARG C 65 0.67 -14.22 -1.25
N THR C 66 1.09 -15.25 -1.98
CA THR C 66 1.36 -16.53 -1.32
C THR C 66 2.52 -16.40 -0.36
N LEU C 67 3.61 -15.74 -0.77
CA LEU C 67 4.77 -15.62 0.09
C LEU C 67 4.50 -14.70 1.28
N GLY C 68 3.82 -13.58 1.03
CA GLY C 68 3.50 -12.69 2.12
C GLY C 68 2.69 -13.37 3.20
N LYS C 69 1.64 -14.09 2.81
CA LYS C 69 0.82 -14.79 3.78
C LYS C 69 1.58 -15.96 4.40
N MET C 70 2.43 -16.62 3.61
CA MET C 70 3.20 -17.75 4.13
C MET C 70 4.14 -17.30 5.25
N MET C 71 4.82 -16.17 5.05
CA MET C 71 5.74 -15.67 6.06
C MET C 71 5.01 -15.08 7.24
N ASP C 72 3.85 -14.46 7.01
CA ASP C 72 3.10 -13.84 8.09
C ASP C 72 2.63 -14.86 9.11
N ILE C 73 2.31 -16.08 8.67
CA ILE C 73 1.81 -17.08 9.60
C ILE C 73 2.91 -17.91 10.24
N LEU C 74 4.10 -17.97 9.64
CA LEU C 74 5.23 -18.58 10.32
C LEU C 74 5.62 -17.81 11.56
N ASN C 75 5.39 -16.50 11.57
CA ASN C 75 5.62 -15.66 12.74
C ASN C 75 7.06 -15.78 13.23
N LEU C 76 7.97 -15.35 12.37
CA LEU C 76 9.40 -15.52 12.62
C LEU C 76 9.90 -14.53 13.67
N GLN C 77 10.84 -14.99 14.48
CA GLN C 77 11.42 -14.19 15.56
C GLN C 77 12.87 -13.86 15.25
N ASN C 78 13.37 -12.83 15.94
CA ASN C 78 14.75 -12.38 15.74
C ASN C 78 15.77 -13.45 16.07
N GLY C 79 15.39 -14.46 16.85
CA GLY C 79 16.34 -15.50 17.25
C GLY C 79 16.14 -16.81 16.52
N ASP C 80 15.41 -16.80 15.41
CA ASP C 80 14.99 -18.02 14.74
C ASP C 80 16.02 -18.44 13.70
N LEU C 81 16.16 -19.76 13.56
CA LEU C 81 16.93 -20.37 12.49
C LEU C 81 15.94 -21.05 11.56
N VAL C 82 15.95 -20.67 10.28
CA VAL C 82 14.91 -21.02 9.33
C VAL C 82 15.50 -21.85 8.20
N LEU C 83 14.79 -22.90 7.82
CA LEU C 83 15.14 -23.71 6.66
C LEU C 83 14.19 -23.34 5.51
N ASP C 84 14.77 -22.86 4.42
CA ASP C 84 14.00 -22.47 3.23
C ASP C 84 14.28 -23.50 2.14
N VAL C 85 13.34 -24.43 1.95
CA VAL C 85 13.50 -25.53 1.01
C VAL C 85 13.11 -25.06 -0.39
N GLY C 86 14.01 -25.21 -1.34
CA GLY C 86 13.77 -24.77 -2.70
C GLY C 86 13.83 -23.26 -2.84
N CYS C 87 15.00 -22.68 -2.57
CA CYS C 87 15.11 -21.22 -2.51
C CYS C 87 15.11 -20.58 -3.89
N GLY C 88 15.25 -21.36 -4.95
CA GLY C 88 15.33 -20.78 -6.28
C GLY C 88 16.52 -19.86 -6.38
N TYR C 89 16.28 -18.62 -6.79
CA TYR C 89 17.34 -17.61 -6.86
C TYR C 89 17.56 -16.91 -5.53
N GLY C 90 16.78 -17.24 -4.51
CA GLY C 90 17.00 -16.73 -3.18
C GLY C 90 16.17 -15.55 -2.73
N TYR C 91 15.11 -15.20 -3.48
CA TYR C 91 14.28 -14.06 -3.06
C TYR C 91 13.69 -14.31 -1.68
N SER C 92 13.08 -15.47 -1.48
CA SER C 92 12.42 -15.76 -0.21
C SER C 92 13.43 -15.77 0.93
N ALA C 93 14.62 -16.34 0.70
CA ALA C 93 15.63 -16.36 1.75
C ALA C 93 16.05 -14.95 2.12
N ALA C 94 16.19 -14.06 1.14
CA ALA C 94 16.56 -12.69 1.43
C ALA C 94 15.50 -11.99 2.28
N VAL C 95 14.22 -12.24 1.99
CA VAL C 95 13.16 -11.63 2.77
C VAL C 95 13.18 -12.16 4.20
N MET C 96 13.28 -13.48 4.36
CA MET C 96 13.29 -14.05 5.69
C MET C 96 14.56 -13.67 6.45
N ALA C 97 15.66 -13.44 5.74
CA ALA C 97 16.91 -13.06 6.40
C ALA C 97 16.78 -11.74 7.12
N ARG C 98 15.87 -10.87 6.69
CA ARG C 98 15.66 -9.59 7.33
C ARG C 98 14.85 -9.70 8.61
N ILE C 99 14.32 -10.88 8.92
CA ILE C 99 13.51 -11.08 10.11
C ILE C 99 14.16 -12.09 11.04
N ALA C 100 14.53 -13.25 10.53
CA ALA C 100 15.09 -14.32 11.35
C ALA C 100 16.57 -14.10 11.58
N GLU C 101 17.12 -14.85 12.54
CA GLU C 101 18.54 -14.76 12.83
C GLU C 101 19.39 -15.23 11.66
N ALA C 102 19.08 -16.41 11.13
CA ALA C 102 19.85 -16.95 10.00
C ALA C 102 18.94 -17.86 9.20
N VAL C 103 19.28 -18.05 7.93
CA VAL C 103 18.52 -18.87 7.01
C VAL C 103 19.45 -19.87 6.35
N VAL C 104 19.04 -21.13 6.32
CA VAL C 104 19.71 -22.16 5.53
C VAL C 104 18.84 -22.42 4.31
N ALA C 105 19.31 -21.97 3.15
CA ALA C 105 18.56 -22.10 1.91
C ALA C 105 19.03 -23.33 1.15
N VAL C 106 18.13 -24.29 0.94
CA VAL C 106 18.44 -25.53 0.26
C VAL C 106 17.92 -25.43 -1.18
N GLU C 107 18.80 -25.63 -2.15
CA GLU C 107 18.42 -25.68 -3.55
C GLU C 107 19.01 -26.92 -4.20
N GLU C 108 18.27 -27.48 -5.17
CA GLU C 108 18.65 -28.74 -5.79
C GLU C 108 19.26 -28.58 -7.17
N ASP C 109 19.07 -27.43 -7.82
CA ASP C 109 19.66 -27.18 -9.12
C ASP C 109 20.94 -26.39 -8.94
N ALA C 110 22.07 -27.00 -9.30
CA ALA C 110 23.36 -26.33 -9.15
C ALA C 110 23.38 -25.00 -9.88
N ALA C 111 22.64 -24.88 -10.98
CA ALA C 111 22.58 -23.60 -11.69
C ALA C 111 21.93 -22.53 -10.82
N MET C 112 20.81 -22.87 -10.18
CA MET C 112 20.13 -21.89 -9.35
C MET C 112 20.85 -21.68 -8.02
N ALA C 113 21.46 -22.74 -7.47
CA ALA C 113 22.19 -22.60 -6.22
C ALA C 113 23.37 -21.65 -6.38
N ALA C 114 24.07 -21.74 -7.52
CA ALA C 114 25.18 -20.83 -7.75
C ALA C 114 24.70 -19.42 -7.99
N GLU C 115 23.58 -19.25 -8.69
CA GLU C 115 23.04 -17.91 -8.92
C GLU C 115 22.52 -17.32 -7.61
N ALA C 116 21.94 -18.15 -6.75
CA ALA C 116 21.47 -17.65 -5.46
C ALA C 116 22.62 -17.07 -4.65
N GLU C 117 23.76 -17.78 -4.62
CA GLU C 117 24.91 -17.25 -3.89
C GLU C 117 25.37 -15.92 -4.45
N GLY C 118 25.47 -15.82 -5.78
CA GLY C 118 25.92 -14.56 -6.37
C GLY C 118 24.96 -13.42 -6.10
N ARG C 119 23.66 -13.68 -6.25
CA ARG C 119 22.68 -12.61 -6.06
C ARG C 119 22.50 -12.27 -4.58
N LEU C 120 22.57 -13.28 -3.70
CA LEU C 120 22.48 -12.98 -2.27
C LEU C 120 23.65 -12.13 -1.81
N ALA C 121 24.85 -12.41 -2.31
CA ALA C 121 26.01 -11.60 -1.96
C ALA C 121 25.89 -10.20 -2.52
N ALA C 122 25.43 -10.05 -3.75
CA ALA C 122 25.32 -8.74 -4.37
C ALA C 122 24.35 -7.83 -3.63
N GLN C 123 23.41 -8.39 -2.88
CA GLN C 123 22.51 -7.62 -2.03
C GLN C 123 23.02 -7.52 -0.60
N ASP C 124 24.24 -7.97 -0.33
CA ASP C 124 24.84 -7.87 1.00
C ASP C 124 24.02 -8.61 2.05
N VAL C 125 23.58 -9.82 1.70
CA VAL C 125 22.86 -10.68 2.62
C VAL C 125 23.85 -11.71 3.14
N PHE C 126 24.10 -11.69 4.45
CA PHE C 126 25.18 -12.47 5.03
C PHE C 126 24.70 -13.54 6.01
N ASN C 127 23.45 -13.49 6.47
CA ASN C 127 22.91 -14.54 7.33
C ASN C 127 22.13 -15.57 6.53
N VAL C 128 22.49 -15.79 5.28
CA VAL C 128 21.90 -16.81 4.43
C VAL C 128 23.00 -17.68 3.89
N ALA C 129 22.94 -18.97 4.18
CA ALA C 129 23.85 -19.97 3.62
C ALA C 129 23.07 -20.81 2.62
N VAL C 130 23.58 -20.88 1.39
CA VAL C 130 22.95 -21.70 0.35
C VAL C 130 23.62 -23.07 0.36
N VAL C 131 22.84 -24.11 0.58
CA VAL C 131 23.32 -25.48 0.65
C VAL C 131 22.72 -26.25 -0.50
N GLN C 132 23.56 -26.91 -1.28
CA GLN C 132 23.14 -27.57 -2.51
C GLN C 132 22.88 -29.04 -2.25
N GLY C 133 21.71 -29.51 -2.66
CA GLY C 133 21.34 -30.90 -2.45
C GLY C 133 19.87 -31.10 -2.75
N ALA C 134 19.41 -32.33 -2.52
CA ALA C 134 18.03 -32.68 -2.83
C ALA C 134 17.08 -31.98 -1.86
N LEU C 135 15.98 -31.45 -2.42
CA LEU C 135 15.04 -30.69 -1.60
C LEU C 135 14.41 -31.55 -0.52
N ALA C 136 14.01 -32.78 -0.86
CA ALA C 136 13.32 -33.61 0.11
C ALA C 136 14.19 -34.01 1.29
N GLU C 137 15.51 -33.83 1.20
CA GLU C 137 16.40 -34.15 2.30
C GLU C 137 16.54 -33.03 3.30
N GLY C 138 16.30 -31.79 2.88
CA GLY C 138 16.59 -30.65 3.73
C GLY C 138 18.09 -30.48 3.92
N CYS C 139 18.46 -29.94 5.07
CA CYS C 139 19.86 -29.82 5.48
C CYS C 139 19.96 -30.28 6.93
N PRO C 140 20.09 -31.59 7.17
CA PRO C 140 20.10 -32.07 8.55
C PRO C 140 21.39 -31.75 9.30
N GLY C 141 22.41 -31.24 8.62
CA GLY C 141 23.65 -30.90 9.29
C GLY C 141 23.47 -29.77 10.30
N GLN C 142 22.66 -28.77 9.95
CA GLN C 142 22.44 -27.60 10.79
C GLN C 142 21.12 -27.67 11.56
N ALA C 143 20.47 -28.82 11.59
CA ALA C 143 19.23 -28.97 12.33
C ALA C 143 19.51 -28.96 13.83
N PRO C 144 18.50 -28.70 14.66
CA PRO C 144 17.09 -28.41 14.34
C PRO C 144 16.83 -26.97 13.95
N TYR C 145 15.74 -26.73 13.23
CA TYR C 145 15.34 -25.41 12.80
C TYR C 145 14.06 -24.99 13.52
N ASP C 146 13.93 -23.69 13.77
CA ASP C 146 12.71 -23.18 14.38
C ASP C 146 11.55 -23.15 13.39
N ALA C 147 11.84 -22.90 12.12
CA ALA C 147 10.81 -22.80 11.11
C ALA C 147 11.32 -23.41 9.81
N ILE C 148 10.41 -24.05 9.08
CA ILE C 148 10.71 -24.58 7.74
C ILE C 148 9.69 -24.00 6.78
N LEU C 149 10.18 -23.43 5.68
CA LEU C 149 9.35 -22.95 4.59
C LEU C 149 9.67 -23.76 3.35
N ILE C 150 8.64 -24.40 2.79
CA ILE C 150 8.76 -25.12 1.53
C ILE C 150 8.14 -24.26 0.44
N GLU C 151 8.95 -23.92 -0.58
CA GLU C 151 8.59 -22.93 -1.58
C GLU C 151 7.98 -23.54 -2.83
N GLY C 152 7.25 -24.64 -2.69
CA GLY C 152 6.58 -25.22 -3.84
C GLY C 152 5.61 -26.27 -3.37
N ALA C 153 4.69 -26.61 -4.25
CA ALA C 153 3.62 -27.53 -3.87
C ALA C 153 4.20 -28.89 -3.52
N VAL C 154 3.59 -29.52 -2.53
CA VAL C 154 3.95 -30.87 -2.11
C VAL C 154 2.68 -31.70 -2.07
N GLU C 155 2.85 -33.01 -2.14
CA GLU C 155 1.77 -33.95 -1.82
C GLU C 155 1.95 -34.58 -0.46
N GLN C 156 3.19 -34.76 -0.03
CA GLN C 156 3.53 -35.21 1.30
C GLN C 156 4.85 -34.62 1.68
N VAL C 157 5.03 -34.30 2.95
CA VAL C 157 6.28 -33.79 3.50
C VAL C 157 7.00 -34.97 4.16
N PRO C 158 8.17 -35.38 3.67
CA PRO C 158 8.81 -36.58 4.23
C PRO C 158 9.16 -36.40 5.70
N GLU C 159 9.12 -37.52 6.43
CA GLU C 159 9.46 -37.48 7.85
C GLU C 159 10.89 -36.98 8.06
N ALA C 160 11.82 -37.36 7.19
CA ALA C 160 13.19 -36.88 7.32
C ALA C 160 13.23 -35.36 7.35
N LEU C 161 12.35 -34.71 6.58
CA LEU C 161 12.35 -33.25 6.55
C LEU C 161 11.74 -32.66 7.80
N THR C 162 10.66 -33.25 8.30
CA THR C 162 10.02 -32.71 9.51
C THR C 162 10.75 -33.11 10.79
N GLU C 163 11.71 -34.03 10.73
CA GLU C 163 12.51 -34.32 11.92
C GLU C 163 13.52 -33.22 12.20
N GLN C 164 13.97 -32.53 11.17
CA GLN C 164 14.85 -31.39 11.35
C GLN C 164 14.14 -30.21 11.96
N LEU C 165 12.90 -30.36 12.41
CA LEU C 165 12.17 -29.27 13.03
C LEU C 165 12.27 -29.38 14.55
N ARG C 166 12.61 -28.27 15.18
CA ARG C 166 12.63 -28.20 16.63
C ARG C 166 11.24 -28.46 17.21
N GLU C 167 11.22 -29.01 18.41
CA GLU C 167 9.98 -29.08 19.16
C GLU C 167 9.43 -27.67 19.31
N GLY C 168 8.14 -27.50 19.03
CA GLY C 168 7.57 -26.17 18.97
C GLY C 168 7.90 -25.42 17.70
N GLY C 169 8.58 -26.05 16.75
CA GLY C 169 8.86 -25.41 15.49
C GLY C 169 7.65 -25.40 14.57
N ARG C 170 7.69 -24.51 13.59
CA ARG C 170 6.60 -24.32 12.65
C ARG C 170 7.06 -24.70 11.25
N ILE C 171 6.21 -25.40 10.51
CA ILE C 171 6.48 -25.71 9.11
C ILE C 171 5.27 -25.29 8.30
N VAL C 172 5.50 -24.60 7.20
CA VAL C 172 4.43 -24.15 6.30
C VAL C 172 4.70 -24.74 4.92
N ALA C 173 3.72 -25.46 4.39
CA ALA C 173 3.85 -26.08 3.09
C ALA C 173 2.54 -25.92 2.31
N LEU C 174 2.67 -25.81 1.00
CA LEU C 174 1.54 -25.78 0.08
C LEU C 174 1.25 -27.20 -0.37
N PHE C 175 0.06 -27.71 -0.04
CA PHE C 175 -0.33 -29.05 -0.44
C PHE C 175 -1.18 -29.00 -1.69
N ARG C 176 -0.97 -29.95 -2.59
CA ARG C 176 -1.71 -30.03 -3.84
C ARG C 176 -2.58 -31.28 -3.85
N GLU C 177 -3.88 -31.10 -4.09
CA GLU C 177 -4.83 -32.19 -4.25
C GLU C 177 -5.55 -31.95 -5.57
N GLY C 178 -4.97 -32.43 -6.66
CA GLY C 178 -5.52 -32.15 -7.97
C GLY C 178 -5.42 -30.68 -8.34
N ASN C 179 -6.56 -30.06 -8.61
CA ASN C 179 -6.60 -28.65 -8.95
C ASN C 179 -6.68 -27.74 -7.73
N LEU C 180 -6.66 -28.31 -6.54
CA LEU C 180 -6.82 -27.57 -5.30
C LEU C 180 -5.48 -27.47 -4.58
N GLY C 181 -5.13 -26.27 -4.14
CA GLY C 181 -3.94 -26.08 -3.36
C GLY C 181 -4.25 -25.50 -1.99
N ILE C 182 -3.79 -26.16 -0.93
CA ILE C 182 -4.03 -25.72 0.44
C ILE C 182 -2.68 -25.44 1.09
N VAL C 183 -2.48 -24.22 1.55
CA VAL C 183 -1.35 -23.93 2.42
C VAL C 183 -1.72 -24.32 3.84
N ARG C 184 -0.91 -25.16 4.46
CA ARG C 184 -1.14 -25.62 5.81
C ARG C 184 0.02 -25.18 6.69
N LEU C 185 -0.28 -24.94 7.97
CA LEU C 185 0.70 -24.60 8.97
C LEU C 185 0.79 -25.74 9.96
N GLY C 186 2.00 -26.24 10.18
CA GLY C 186 2.23 -27.37 11.07
C GLY C 186 2.93 -26.91 12.34
N HIS C 187 2.63 -27.59 13.44
CA HIS C 187 3.29 -27.36 14.71
C HIS C 187 3.79 -28.70 15.24
N LYS C 188 5.06 -28.75 15.60
CA LYS C 188 5.64 -29.96 16.18
C LYS C 188 5.25 -30.02 17.66
N LEU C 189 4.47 -31.01 18.03
CA LEU C 189 4.09 -31.25 19.41
C LEU C 189 4.33 -32.71 19.74
N ASP C 190 4.97 -32.98 20.88
CA ASP C 190 5.25 -34.34 21.31
C ASP C 190 5.86 -35.18 20.19
N GLY C 191 6.63 -34.53 19.31
CA GLY C 191 7.29 -35.21 18.22
C GLY C 191 6.48 -35.33 16.94
N ARG C 192 5.17 -35.07 16.99
CA ARG C 192 4.31 -35.16 15.83
C ARG C 192 4.02 -33.77 15.31
N VAL C 193 4.08 -33.60 13.99
CA VAL C 193 3.68 -32.36 13.36
C VAL C 193 2.18 -32.44 13.07
N ASN C 194 1.42 -31.52 13.64
CA ASN C 194 -0.02 -31.45 13.45
C ASN C 194 -0.33 -30.31 12.50
N TRP C 195 -0.98 -30.62 11.39
CA TRP C 195 -1.22 -29.67 10.31
C TRP C 195 -2.60 -29.04 10.46
N ARG C 196 -2.71 -27.77 10.08
CA ARG C 196 -3.98 -27.07 10.07
C ARG C 196 -4.09 -26.21 8.82
N PHE C 197 -5.33 -26.01 8.37
CA PHE C 197 -5.60 -25.16 7.22
C PHE C 197 -5.19 -23.72 7.50
N ALA C 198 -4.52 -23.11 6.53
CA ALA C 198 -4.15 -21.70 6.60
C ALA C 198 -4.84 -20.87 5.54
N PHE C 199 -4.70 -21.22 4.26
CA PHE C 199 -5.36 -20.51 3.19
C PHE C 199 -5.14 -21.28 1.89
N ASN C 200 -5.81 -20.85 0.84
CA ASN C 200 -5.80 -21.54 -0.44
C ASN C 200 -4.91 -20.81 -1.42
N ALA C 201 -3.99 -21.54 -2.05
CA ALA C 201 -3.10 -21.01 -3.07
C ALA C 201 -2.57 -22.18 -3.87
N VAL C 202 -2.04 -21.90 -5.05
CA VAL C 202 -1.64 -22.94 -5.99
C VAL C 202 -0.21 -22.70 -6.44
N ALA C 203 0.51 -23.80 -6.68
CA ALA C 203 1.84 -23.76 -7.28
C ALA C 203 2.13 -25.13 -7.86
N PRO C 204 3.06 -25.23 -8.80
CA PRO C 204 3.43 -26.55 -9.33
C PRO C 204 4.13 -27.41 -8.30
N LEU C 205 4.04 -28.72 -8.50
CA LEU C 205 4.58 -29.68 -7.54
C LEU C 205 6.10 -29.69 -7.59
N LEU C 206 6.73 -29.68 -6.42
CA LEU C 206 8.18 -29.78 -6.35
C LEU C 206 8.62 -31.19 -6.72
N PRO C 207 9.81 -31.35 -7.30
CA PRO C 207 10.31 -32.70 -7.58
C PRO C 207 10.81 -33.36 -6.31
N GLY C 208 10.30 -34.57 -6.06
CA GLY C 208 10.66 -35.32 -4.87
C GLY C 208 9.63 -35.30 -3.76
N PHE C 209 8.54 -34.54 -3.90
CA PHE C 209 7.50 -34.47 -2.90
C PHE C 209 6.20 -35.12 -3.33
N ALA C 210 6.18 -35.81 -4.47
CA ALA C 210 5.00 -36.52 -4.91
C ALA C 210 4.70 -37.69 -3.97
N ARG C 211 3.47 -38.18 -4.05
CA ARG C 211 3.03 -39.29 -3.23
C ARG C 211 3.07 -40.59 -4.02
N PRO C 212 3.13 -41.74 -3.32
CA PRO C 212 3.17 -43.04 -4.01
C PRO C 212 1.79 -43.42 -4.53
N ARG C 213 1.66 -43.45 -5.85
CA ARG C 213 0.37 -43.69 -6.49
C ARG C 213 0.53 -44.81 -7.51
N GLY C 214 -0.11 -45.95 -7.24
CA GLY C 214 -0.04 -47.08 -8.11
C GLY C 214 -1.41 -47.56 -8.54
N PHE C 215 -1.52 -48.84 -8.90
CA PHE C 215 -2.79 -49.36 -9.39
C PHE C 215 -3.80 -49.45 -8.26
N VAL C 216 -5.01 -48.96 -8.52
CA VAL C 216 -6.13 -49.11 -7.61
C VAL C 216 -7.30 -49.66 -8.42
N LEU C 217 -7.87 -50.77 -7.97
CA LEU C 217 -9.05 -51.34 -8.62
C LEU C 217 -10.23 -50.40 -8.46
N PHE D 5 -25.02 39.67 -4.16
CA PHE D 5 -25.63 40.35 -3.04
C PHE D 5 -27.04 39.81 -2.76
N ALA D 6 -27.88 39.72 -3.79
CA ALA D 6 -29.21 39.17 -3.58
C ALA D 6 -29.13 37.75 -3.06
N ARG D 7 -28.19 36.96 -3.60
CA ARG D 7 -27.98 35.60 -3.12
C ARG D 7 -27.38 35.60 -1.71
N ALA D 8 -26.51 36.56 -1.40
CA ALA D 8 -25.94 36.65 -0.06
C ALA D 8 -27.01 37.04 0.95
N THR D 9 -27.92 37.93 0.57
CA THR D 9 -28.99 38.34 1.48
C THR D 9 -29.93 37.18 1.79
N LYS D 10 -30.31 36.40 0.78
CA LYS D 10 -31.23 35.30 1.00
C LYS D 10 -30.61 34.22 1.88
N TYR D 11 -29.31 34.02 1.79
CA TYR D 11 -28.67 33.03 2.64
C TYR D 11 -28.60 33.52 4.09
N PHE D 12 -28.49 34.83 4.30
CA PHE D 12 -28.46 35.34 5.67
C PHE D 12 -29.80 35.16 6.35
N LEU D 13 -30.89 35.31 5.61
CA LEU D 13 -32.23 35.10 6.13
C LEU D 13 -32.69 33.66 6.04
N MET D 14 -31.78 32.74 5.70
CA MET D 14 -32.06 31.31 5.76
C MET D 14 -33.19 30.92 4.82
N TRP D 15 -33.24 31.58 3.67
CA TRP D 15 -34.35 31.37 2.75
C TRP D 15 -34.34 29.95 2.18
N ASP D 16 -33.16 29.41 1.89
CA ASP D 16 -33.09 28.06 1.35
C ASP D 16 -33.63 27.04 2.36
N PHE D 17 -33.37 27.27 3.66
CA PHE D 17 -33.91 26.37 4.67
C PHE D 17 -35.41 26.58 4.85
N ILE D 18 -35.87 27.83 4.76
CA ILE D 18 -37.30 28.09 4.89
C ILE D 18 -38.07 27.45 3.75
N LYS D 19 -37.56 27.56 2.52
CA LYS D 19 -38.22 26.93 1.39
C LYS D 19 -38.30 25.42 1.59
N GLY D 20 -37.22 24.81 2.06
CA GLY D 20 -37.26 23.38 2.33
C GLY D 20 -38.30 23.02 3.38
N PHE D 21 -38.36 23.80 4.46
CA PHE D 21 -39.34 23.53 5.50
C PHE D 21 -40.75 23.63 4.94
N GLY D 22 -41.02 24.65 4.13
CA GLY D 22 -42.34 24.77 3.53
C GLY D 22 -42.66 23.63 2.60
N LEU D 23 -41.70 23.22 1.77
CA LEU D 23 -41.91 22.07 0.91
C LEU D 23 -42.13 20.81 1.73
N GLY D 24 -41.36 20.63 2.80
CA GLY D 24 -41.55 19.48 3.66
C GLY D 24 -42.94 19.44 4.26
N MET D 25 -43.47 20.60 4.65
CA MET D 25 -44.79 20.64 5.26
C MET D 25 -45.88 20.39 4.23
N ARG D 26 -45.66 20.78 2.97
CA ARG D 26 -46.62 20.47 1.93
C ARG D 26 -46.71 18.96 1.71
N TYR D 27 -45.57 18.28 1.72
CA TYR D 27 -45.58 16.82 1.66
C TYR D 27 -46.14 16.22 2.94
N PHE D 28 -45.88 16.88 4.07
CA PHE D 28 -46.33 16.36 5.36
C PHE D 28 -47.83 16.11 5.38
N VAL D 29 -48.62 17.04 4.83
CA VAL D 29 -50.07 16.97 4.93
C VAL D 29 -50.70 16.36 3.68
N SER D 30 -49.90 15.79 2.80
CA SER D 30 -50.42 15.24 1.54
C SER D 30 -50.72 13.76 1.67
N PRO D 31 -51.57 13.22 0.80
CA PRO D 31 -51.89 11.79 0.87
C PRO D 31 -50.66 10.91 0.68
N LYS D 32 -50.65 9.77 1.37
CA LYS D 32 -49.56 8.82 1.27
C LYS D 32 -49.91 7.72 0.29
N PRO D 33 -49.04 7.38 -0.66
CA PRO D 33 -49.35 6.27 -1.59
C PRO D 33 -49.12 4.89 -1.01
N THR D 34 -48.79 4.77 0.27
CA THR D 34 -48.38 3.50 0.83
C THR D 34 -49.51 2.47 0.77
N LEU D 35 -49.19 1.26 0.32
CA LEU D 35 -50.12 0.15 0.33
C LEU D 35 -50.18 -0.45 1.72
N ASN D 36 -51.38 -0.85 2.13
CA ASN D 36 -51.58 -1.46 3.45
C ASN D 36 -51.46 -2.99 3.36
N TYR D 37 -50.30 -3.44 2.90
CA TYR D 37 -50.04 -4.85 2.81
C TYR D 37 -50.14 -5.50 4.18
N PRO D 38 -50.67 -6.72 4.30
CA PRO D 38 -51.17 -7.64 3.26
C PRO D 38 -52.63 -7.44 2.88
N HIS D 39 -53.29 -6.42 3.40
CA HIS D 39 -54.68 -6.16 3.04
C HIS D 39 -54.80 -5.58 1.64
N GLU D 40 -53.87 -4.72 1.27
CA GLU D 40 -53.87 -4.03 0.00
C GLU D 40 -52.64 -4.44 -0.78
N LYS D 41 -52.80 -4.61 -2.09
CA LYS D 41 -51.77 -5.23 -2.92
C LYS D 41 -51.37 -4.29 -4.05
N GLY D 42 -50.20 -4.54 -4.62
CA GLY D 42 -49.76 -3.84 -5.80
C GLY D 42 -50.46 -4.36 -7.03
N PRO D 43 -50.43 -3.59 -8.12
CA PRO D 43 -51.12 -4.03 -9.34
C PRO D 43 -50.29 -5.02 -10.14
N LEU D 44 -50.97 -6.03 -10.68
CA LEU D 44 -50.35 -7.04 -11.54
C LEU D 44 -51.05 -7.02 -12.89
N SER D 45 -50.27 -6.93 -13.95
CA SER D 45 -50.81 -7.04 -15.29
C SER D 45 -50.99 -8.50 -15.67
N PRO D 46 -51.79 -8.78 -16.70
CA PRO D 46 -51.95 -10.17 -17.16
C PRO D 46 -50.65 -10.82 -17.58
N ARG D 47 -49.66 -10.05 -18.00
CA ARG D 47 -48.38 -10.58 -18.45
C ARG D 47 -47.46 -10.98 -17.31
N PHE D 48 -47.83 -10.71 -16.06
CA PHE D 48 -46.89 -10.87 -14.97
C PHE D 48 -46.33 -12.29 -14.90
N ARG D 49 -45.02 -12.39 -14.74
CA ARG D 49 -44.33 -13.66 -14.71
C ARG D 49 -44.14 -14.05 -13.24
N GLY D 50 -44.98 -14.97 -12.76
CA GLY D 50 -44.88 -15.45 -11.40
C GLY D 50 -44.55 -16.92 -11.33
N GLU D 51 -45.16 -17.62 -10.38
CA GLU D 51 -44.87 -19.03 -10.17
C GLU D 51 -45.29 -19.87 -11.36
N HIS D 52 -44.49 -20.89 -11.66
CA HIS D 52 -44.77 -21.78 -12.78
C HIS D 52 -45.92 -22.72 -12.48
N ALA D 53 -46.61 -23.14 -13.53
CA ALA D 53 -47.67 -24.13 -13.41
C ALA D 53 -47.76 -24.92 -14.71
N LEU D 54 -48.19 -26.18 -14.61
CA LEU D 54 -48.47 -27.02 -15.75
C LEU D 54 -49.98 -27.13 -15.92
N ARG D 55 -50.48 -26.85 -17.12
CA ARG D 55 -51.90 -26.74 -17.38
C ARG D 55 -52.47 -28.02 -17.99
N ARG D 56 -53.80 -28.11 -17.95
CA ARG D 56 -54.56 -29.19 -18.57
C ARG D 56 -55.48 -28.60 -19.64
N TYR D 57 -55.93 -29.46 -20.54
CA TYR D 57 -56.94 -29.06 -21.51
C TYR D 57 -58.30 -28.98 -20.83
N PRO D 58 -59.27 -28.31 -21.45
CA PRO D 58 -60.63 -28.32 -20.91
C PRO D 58 -61.19 -29.73 -20.72
N ASN D 59 -60.71 -30.70 -21.49
CA ASN D 59 -61.15 -32.08 -21.32
C ASN D 59 -60.43 -32.81 -20.20
N GLY D 60 -59.53 -32.14 -19.48
CA GLY D 60 -58.89 -32.70 -18.32
C GLY D 60 -57.57 -33.40 -18.58
N GLU D 61 -57.20 -33.57 -19.84
CA GLU D 61 -55.92 -34.16 -20.20
C GLU D 61 -54.80 -33.14 -20.05
N GLU D 62 -53.61 -33.63 -19.71
CA GLU D 62 -52.43 -32.78 -19.68
C GLU D 62 -52.17 -32.17 -21.03
N ARG D 63 -51.72 -30.92 -21.04
CA ARG D 63 -51.34 -30.27 -22.29
C ARG D 63 -49.94 -30.66 -22.72
N CYS D 64 -49.04 -30.92 -21.77
CA CYS D 64 -47.65 -31.19 -22.13
C CYS D 64 -47.53 -32.52 -22.87
N ILE D 65 -46.76 -32.50 -23.96
CA ILE D 65 -46.55 -33.68 -24.79
C ILE D 65 -45.07 -33.97 -24.90
N ALA D 66 -44.28 -33.44 -23.97
CA ALA D 66 -42.87 -33.80 -23.84
C ALA D 66 -42.06 -33.45 -25.09
N CYS D 67 -42.42 -32.34 -25.72
CA CYS D 67 -41.66 -31.89 -26.88
C CYS D 67 -40.26 -31.41 -26.49
N LYS D 68 -40.10 -30.91 -25.26
CA LYS D 68 -38.84 -30.44 -24.70
C LYS D 68 -38.36 -29.14 -25.30
N LEU D 69 -39.25 -28.32 -25.87
CA LEU D 69 -38.82 -27.02 -26.35
C LEU D 69 -38.51 -26.08 -25.18
N CYS D 70 -39.27 -26.18 -24.09
CA CYS D 70 -39.00 -25.36 -22.92
C CYS D 70 -37.65 -25.72 -22.30
N GLU D 71 -37.34 -27.01 -22.23
CA GLU D 71 -36.06 -27.44 -21.69
C GLU D 71 -34.91 -26.97 -22.57
N ALA D 72 -35.14 -26.88 -23.88
CA ALA D 72 -34.07 -26.46 -24.80
C ALA D 72 -33.84 -24.96 -24.75
N VAL D 73 -34.90 -24.16 -24.58
CA VAL D 73 -34.73 -22.72 -24.63
C VAL D 73 -34.27 -22.15 -23.30
N CYS D 74 -34.58 -22.82 -22.20
CA CYS D 74 -34.33 -22.30 -20.85
C CYS D 74 -32.92 -21.75 -20.73
N PRO D 75 -32.76 -20.44 -20.57
CA PRO D 75 -31.40 -19.88 -20.42
C PRO D 75 -30.67 -20.38 -19.20
N ALA D 76 -31.38 -20.76 -18.15
CA ALA D 76 -30.78 -21.15 -16.89
C ALA D 76 -30.67 -22.66 -16.73
N GLN D 77 -31.11 -23.44 -17.71
CA GLN D 77 -31.16 -24.90 -17.61
C GLN D 77 -31.89 -25.33 -16.35
N ALA D 78 -33.00 -24.68 -16.07
CA ALA D 78 -33.78 -24.97 -14.87
C ALA D 78 -34.76 -26.12 -15.05
N ILE D 79 -34.99 -26.58 -16.28
CA ILE D 79 -35.99 -27.61 -16.57
C ILE D 79 -35.29 -28.92 -16.89
N THR D 80 -35.82 -30.01 -16.33
CA THR D 80 -35.35 -31.37 -16.63
C THR D 80 -36.56 -32.24 -16.93
N ILE D 81 -36.52 -32.93 -18.07
CA ILE D 81 -37.66 -33.70 -18.57
C ILE D 81 -37.21 -35.10 -18.96
N ASP D 82 -38.00 -36.10 -18.57
CA ASP D 82 -37.90 -37.44 -19.11
C ASP D 82 -39.29 -37.89 -19.56
N ALA D 83 -39.35 -38.55 -20.71
CA ALA D 83 -40.62 -38.97 -21.30
C ALA D 83 -40.54 -40.40 -21.81
N GLU D 84 -41.68 -41.07 -21.83
CA GLU D 84 -41.86 -42.36 -22.45
C GLU D 84 -43.23 -42.39 -23.09
N PRO D 85 -43.51 -43.38 -23.94
CA PRO D 85 -44.89 -43.62 -24.35
C PRO D 85 -45.70 -44.10 -23.16
N ARG D 86 -46.83 -43.44 -22.91
CA ARG D 86 -47.70 -43.84 -21.82
C ARG D 86 -48.32 -45.20 -22.12
N GLU D 87 -49.05 -45.73 -21.15
CA GLU D 87 -49.64 -47.06 -21.34
C GLU D 87 -50.58 -47.08 -22.53
N ASP D 88 -51.27 -45.97 -22.80
CA ASP D 88 -52.15 -45.89 -23.96
C ASP D 88 -51.42 -45.44 -25.21
N GLY D 89 -50.10 -45.32 -25.16
CA GLY D 89 -49.31 -44.89 -26.30
C GLY D 89 -49.15 -43.40 -26.44
N SER D 90 -49.62 -42.62 -25.49
CA SER D 90 -49.57 -41.17 -25.59
C SER D 90 -48.17 -40.66 -25.26
N ARG D 91 -47.80 -39.55 -25.90
CA ARG D 91 -46.49 -38.94 -25.69
C ARG D 91 -46.57 -38.03 -24.48
N ARG D 92 -46.06 -38.50 -23.34
CA ARG D 92 -46.19 -37.77 -22.08
C ARG D 92 -44.91 -37.89 -21.29
N THR D 93 -44.69 -36.91 -20.42
CA THR D 93 -43.53 -36.91 -19.55
C THR D 93 -43.72 -37.86 -18.38
N THR D 94 -42.59 -38.39 -17.89
CA THR D 94 -42.58 -39.08 -16.61
C THR D 94 -41.87 -38.28 -15.53
N ARG D 95 -40.97 -37.38 -15.92
CA ARG D 95 -40.37 -36.42 -15.02
C ARG D 95 -40.50 -35.05 -15.67
N TYR D 96 -40.93 -34.07 -14.88
CA TYR D 96 -40.89 -32.67 -15.31
C TYR D 96 -40.52 -31.82 -14.09
N ASP D 97 -39.23 -31.50 -13.98
CA ASP D 97 -38.71 -30.75 -12.84
C ASP D 97 -38.38 -29.34 -13.27
N ILE D 98 -38.68 -28.37 -12.42
CA ILE D 98 -38.15 -27.01 -12.53
C ILE D 98 -37.40 -26.71 -11.25
N ASP D 99 -36.11 -26.42 -11.38
CA ASP D 99 -35.32 -25.93 -10.26
C ASP D 99 -35.59 -24.44 -10.12
N MET D 100 -36.44 -24.08 -9.16
CA MET D 100 -36.83 -22.69 -8.98
C MET D 100 -35.72 -21.83 -8.42
N THR D 101 -34.62 -22.42 -7.96
CA THR D 101 -33.46 -21.64 -7.55
C THR D 101 -32.47 -21.42 -8.69
N LYS D 102 -32.68 -22.07 -9.83
CA LYS D 102 -31.94 -21.78 -11.04
C LYS D 102 -32.70 -20.85 -11.97
N CYS D 103 -34.03 -20.90 -11.91
CA CYS D 103 -34.87 -20.17 -12.84
C CYS D 103 -34.68 -18.67 -12.71
N ILE D 104 -34.67 -17.98 -13.85
CA ILE D 104 -34.58 -16.53 -13.88
C ILE D 104 -35.91 -15.88 -14.18
N TYR D 105 -37.00 -16.65 -14.24
CA TYR D 105 -38.35 -16.11 -14.38
C TYR D 105 -38.48 -15.24 -15.63
N CYS D 106 -37.82 -15.69 -16.69
CA CYS D 106 -37.78 -14.95 -17.94
C CYS D 106 -39.00 -15.18 -18.82
N GLY D 107 -39.73 -16.28 -18.63
CA GLY D 107 -40.89 -16.57 -19.43
C GLY D 107 -40.60 -17.13 -20.80
N PHE D 108 -39.35 -17.48 -21.10
CA PHE D 108 -39.05 -18.07 -22.40
C PHE D 108 -39.73 -19.41 -22.58
N CYS D 109 -39.87 -20.18 -21.50
CA CYS D 109 -40.48 -21.50 -21.62
C CYS D 109 -41.92 -21.41 -22.08
N GLN D 110 -42.69 -20.47 -21.54
CA GLN D 110 -44.07 -20.33 -21.97
C GLN D 110 -44.18 -19.77 -23.38
N GLU D 111 -43.18 -18.99 -23.81
CA GLU D 111 -43.14 -18.58 -25.21
C GLU D 111 -42.83 -19.76 -26.13
N ALA D 112 -41.95 -20.66 -25.69
CA ALA D 112 -41.55 -21.77 -26.54
C ALA D 112 -42.59 -22.87 -26.59
N CYS D 113 -43.38 -23.03 -25.54
CA CYS D 113 -44.35 -24.12 -25.48
C CYS D 113 -45.35 -23.98 -26.62
N PRO D 114 -45.54 -25.00 -27.46
CA PRO D 114 -46.50 -24.88 -28.56
C PRO D 114 -47.94 -25.18 -28.16
N VAL D 115 -48.21 -25.58 -26.92
CA VAL D 115 -49.54 -26.01 -26.53
C VAL D 115 -49.98 -25.32 -25.24
N ASP D 116 -49.26 -24.30 -24.83
CA ASP D 116 -49.59 -23.56 -23.60
C ASP D 116 -49.64 -24.49 -22.38
N ALA D 117 -48.68 -25.41 -22.29
CA ALA D 117 -48.67 -26.34 -21.17
C ALA D 117 -47.99 -25.73 -19.95
N ILE D 118 -46.83 -25.13 -20.13
CA ILE D 118 -46.10 -24.48 -19.05
C ILE D 118 -46.35 -22.99 -19.14
N VAL D 119 -46.73 -22.38 -18.03
CA VAL D 119 -46.98 -20.95 -17.97
C VAL D 119 -46.38 -20.43 -16.68
N GLU D 120 -46.10 -19.13 -16.64
CA GLU D 120 -45.80 -18.44 -15.41
C GLU D 120 -47.08 -17.78 -14.94
N GLY D 121 -47.52 -18.13 -13.74
CA GLY D 121 -48.80 -17.72 -13.24
C GLY D 121 -48.76 -16.40 -12.49
N PRO D 122 -49.89 -16.03 -11.91
CA PRO D 122 -49.96 -14.75 -11.19
C PRO D 122 -49.44 -14.81 -9.77
N ASN D 123 -49.19 -15.99 -9.23
CA ASN D 123 -48.79 -16.11 -7.84
C ASN D 123 -47.34 -15.73 -7.64
N PHE D 124 -47.07 -14.94 -6.61
CA PHE D 124 -45.71 -14.59 -6.24
C PHE D 124 -45.42 -14.73 -4.75
N GLU D 125 -46.35 -15.21 -3.96
CA GLU D 125 -46.17 -15.31 -2.52
C GLU D 125 -46.08 -16.79 -2.16
N TYR D 126 -44.90 -17.37 -2.37
CA TYR D 126 -44.67 -18.78 -2.08
C TYR D 126 -43.26 -18.97 -1.52
N ALA D 127 -42.78 -17.99 -0.75
CA ALA D 127 -41.52 -18.14 -0.05
C ALA D 127 -41.55 -19.35 0.86
N THR D 128 -40.43 -20.08 0.91
CA THR D 128 -40.35 -21.34 1.65
C THR D 128 -39.35 -21.23 2.77
N GLU D 129 -39.46 -22.15 3.72
CA GLU D 129 -38.53 -22.23 4.84
C GLU D 129 -37.35 -23.15 4.58
N THR D 130 -37.42 -24.01 3.56
CA THR D 130 -36.31 -24.88 3.19
C THR D 130 -36.10 -24.81 1.69
N ARG D 131 -34.84 -24.97 1.29
CA ARG D 131 -34.49 -24.79 -0.11
C ARG D 131 -35.12 -25.84 -1.01
N GLU D 132 -35.20 -27.09 -0.54
CA GLU D 132 -35.70 -28.16 -1.37
C GLU D 132 -37.18 -28.03 -1.68
N GLU D 133 -37.91 -27.18 -0.95
CA GLU D 133 -39.29 -26.92 -1.32
C GLU D 133 -39.40 -26.15 -2.62
N LEU D 134 -38.29 -25.64 -3.14
CA LEU D 134 -38.26 -24.94 -4.41
C LEU D 134 -37.78 -25.81 -5.57
N PHE D 135 -37.57 -27.11 -5.34
CA PHE D 135 -37.35 -28.06 -6.43
C PHE D 135 -38.70 -28.62 -6.82
N TYR D 136 -39.34 -28.01 -7.81
CA TYR D 136 -40.69 -28.38 -8.20
C TYR D 136 -40.67 -29.61 -9.11
N ASP D 137 -41.44 -30.63 -8.75
CA ASP D 137 -41.59 -31.80 -9.60
C ASP D 137 -42.89 -31.68 -10.39
N LYS D 138 -43.17 -32.69 -11.20
CA LYS D 138 -44.30 -32.60 -12.11
C LYS D 138 -45.62 -32.46 -11.38
N GLN D 139 -45.82 -33.22 -10.31
CA GLN D 139 -47.10 -33.16 -9.60
C GLN D 139 -47.29 -31.82 -8.92
N LYS D 140 -46.24 -31.24 -8.36
CA LYS D 140 -46.34 -29.90 -7.79
C LYS D 140 -46.75 -28.89 -8.84
N LEU D 141 -46.14 -28.95 -10.02
CA LEU D 141 -46.47 -28.00 -11.08
C LEU D 141 -47.88 -28.21 -11.59
N LEU D 142 -48.32 -29.46 -11.69
CA LEU D 142 -49.69 -29.73 -12.11
C LEU D 142 -50.69 -29.28 -11.07
N ALA D 143 -50.36 -29.46 -9.79
CA ALA D 143 -51.24 -28.99 -8.72
C ALA D 143 -51.38 -27.47 -8.77
N ASN D 144 -50.30 -26.76 -9.07
CA ASN D 144 -50.40 -25.31 -9.25
C ASN D 144 -51.35 -24.98 -10.38
N GLY D 145 -51.27 -25.72 -11.48
CA GLY D 145 -52.15 -25.46 -12.61
C GLY D 145 -53.60 -25.74 -12.31
N GLU D 146 -53.87 -26.77 -11.50
CA GLU D 146 -55.26 -27.09 -11.17
C GLU D 146 -55.85 -26.08 -10.20
N ARG D 147 -55.02 -25.45 -9.37
CA ARG D 147 -55.53 -24.46 -8.43
C ARG D 147 -55.62 -23.07 -9.04
N TRP D 148 -54.72 -22.73 -9.96
CA TRP D 148 -54.66 -21.40 -10.53
C TRP D 148 -55.22 -21.32 -11.94
N GLU D 149 -55.88 -22.37 -12.42
CA GLU D 149 -56.29 -22.41 -13.83
C GLU D 149 -57.23 -21.26 -14.17
N ALA D 150 -58.19 -20.97 -13.30
CA ALA D 150 -59.21 -19.98 -13.65
C ALA D 150 -58.60 -18.61 -13.89
N GLU D 151 -57.64 -18.21 -13.06
CA GLU D 151 -56.98 -16.94 -13.26
C GLU D 151 -56.00 -17.01 -14.43
N ILE D 152 -55.30 -18.13 -14.58
CA ILE D 152 -54.36 -18.26 -15.70
C ILE D 152 -55.11 -18.20 -17.02
N ALA D 153 -56.23 -18.91 -17.13
CA ALA D 153 -56.99 -18.91 -18.38
C ALA D 153 -57.45 -17.52 -18.74
N ARG D 154 -57.94 -16.76 -17.76
CA ARG D 154 -58.40 -15.40 -18.03
C ARG D 154 -57.25 -14.52 -18.49
N ASN D 155 -56.07 -14.67 -17.88
CA ASN D 155 -54.92 -13.88 -18.30
C ASN D 155 -54.49 -14.22 -19.72
N LEU D 156 -54.55 -15.50 -20.09
CA LEU D 156 -54.22 -15.87 -21.46
C LEU D 156 -55.17 -15.21 -22.45
N GLN D 157 -56.46 -15.16 -22.13
CA GLN D 157 -57.41 -14.49 -23.00
C GLN D 157 -57.09 -13.00 -23.12
N LEU D 158 -56.72 -12.36 -22.01
CA LEU D 158 -56.47 -10.93 -22.05
C LEU D 158 -55.25 -10.59 -22.89
N ASP D 159 -54.22 -11.42 -22.88
CA ASP D 159 -53.00 -11.13 -23.62
C ASP D 159 -52.93 -11.83 -24.97
N ALA D 160 -53.93 -12.64 -25.31
CA ALA D 160 -53.89 -13.34 -26.60
C ALA D 160 -53.74 -12.40 -27.79
N PRO D 161 -54.39 -11.23 -27.84
CA PRO D 161 -54.21 -10.35 -29.01
C PRO D 161 -52.79 -9.85 -29.21
N TYR D 162 -51.93 -9.95 -28.20
CA TYR D 162 -50.55 -9.49 -28.29
C TYR D 162 -49.55 -10.63 -28.38
N ARG D 163 -50.00 -11.86 -28.55
CA ARG D 163 -49.09 -13.01 -28.57
C ARG D 163 -49.18 -13.78 -29.88
N MET E 1 -59.37 -40.58 -54.05
CA MET E 1 -59.95 -41.81 -53.44
C MET E 1 -58.86 -42.82 -53.14
N LEU E 2 -58.84 -43.34 -51.91
CA LEU E 2 -57.90 -44.38 -51.56
C LEU E 2 -58.22 -45.65 -52.34
N ARG E 3 -57.19 -46.27 -52.89
CA ARG E 3 -57.34 -47.51 -53.65
C ARG E 3 -56.97 -48.66 -52.73
N ARG E 4 -57.98 -49.32 -52.19
CA ARG E 4 -57.78 -50.43 -51.28
C ARG E 4 -58.63 -51.60 -51.73
N LEU E 5 -58.18 -52.80 -51.37
CA LEU E 5 -58.96 -53.99 -51.64
C LEU E 5 -60.15 -54.05 -50.69
N SER E 6 -61.22 -54.69 -51.16
CA SER E 6 -62.40 -54.82 -50.32
C SER E 6 -62.07 -55.64 -49.07
N PRO E 7 -62.65 -55.31 -47.92
CA PRO E 7 -62.36 -56.12 -46.72
C PRO E 7 -62.92 -57.54 -46.79
N ILE E 8 -64.03 -57.76 -47.48
CA ILE E 8 -64.59 -59.10 -47.65
C ILE E 8 -64.01 -59.70 -48.92
N GLN E 9 -63.31 -60.82 -48.79
CA GLN E 9 -62.60 -61.39 -49.91
C GLN E 9 -62.98 -62.86 -50.10
N PRO E 10 -63.13 -63.30 -51.35
CA PRO E 10 -63.33 -64.74 -51.58
C PRO E 10 -62.13 -65.54 -51.10
N ASP E 11 -62.36 -66.81 -50.80
CA ASP E 11 -61.30 -67.64 -50.24
C ASP E 11 -60.24 -67.97 -51.26
N SER E 12 -60.63 -68.16 -52.52
CA SER E 12 -59.67 -68.56 -53.54
C SER E 12 -60.10 -68.02 -54.89
N PHE E 13 -59.16 -68.07 -55.84
CA PHE E 13 -59.44 -67.77 -57.23
C PHE E 13 -58.77 -68.82 -58.09
N GLU E 14 -59.37 -69.10 -59.24
CA GLU E 14 -58.78 -70.00 -60.21
C GLU E 14 -59.32 -69.63 -61.59
N PHE E 15 -58.42 -69.51 -62.55
CA PHE E 15 -58.85 -69.33 -63.93
C PHE E 15 -59.58 -70.58 -64.41
N THR E 16 -60.63 -70.37 -65.21
CA THR E 16 -61.23 -71.50 -65.89
C THR E 16 -60.20 -72.07 -66.85
N PRO E 17 -60.32 -73.35 -67.20
CA PRO E 17 -59.30 -73.96 -68.07
C PRO E 17 -59.08 -73.20 -69.36
N ALA E 18 -60.14 -72.66 -69.96
CA ALA E 18 -59.98 -71.92 -71.21
C ALA E 18 -59.36 -70.55 -70.97
N ASN E 19 -59.62 -69.96 -69.80
CA ASN E 19 -58.99 -68.68 -69.49
C ASN E 19 -57.53 -68.87 -69.09
N LEU E 20 -57.21 -69.96 -68.40
CA LEU E 20 -55.81 -70.27 -68.13
C LEU E 20 -55.05 -70.52 -69.42
N GLU E 21 -55.68 -71.20 -70.37
CA GLU E 21 -55.07 -71.38 -71.69
C GLU E 21 -54.86 -70.05 -72.38
N TRP E 22 -55.87 -69.17 -72.33
CA TRP E 22 -55.75 -67.86 -72.95
C TRP E 22 -54.64 -67.06 -72.31
N ALA E 23 -54.53 -67.10 -70.98
CA ALA E 23 -53.51 -66.34 -70.28
C ALA E 23 -52.12 -66.79 -70.70
N ARG E 24 -51.90 -68.10 -70.82
CA ARG E 24 -50.58 -68.59 -71.21
C ARG E 24 -50.22 -68.12 -72.61
N ALA E 25 -51.21 -68.01 -73.50
CA ALA E 25 -50.93 -67.49 -74.83
C ALA E 25 -50.48 -66.03 -74.79
N GLN E 26 -51.07 -65.24 -73.89
CA GLN E 26 -50.68 -63.84 -73.77
C GLN E 26 -49.22 -63.71 -73.38
N MET E 27 -48.71 -64.63 -72.57
CA MET E 27 -47.33 -64.54 -72.13
C MET E 27 -46.35 -64.75 -73.28
N THR E 28 -46.79 -65.33 -74.39
CA THR E 28 -45.91 -65.59 -75.51
C THR E 28 -45.70 -64.38 -76.41
N LYS E 29 -46.38 -63.27 -76.17
CA LYS E 29 -46.18 -62.07 -76.96
C LYS E 29 -44.94 -61.29 -76.58
N TYR E 30 -44.30 -61.63 -75.47
CA TYR E 30 -43.20 -60.83 -74.96
C TYR E 30 -41.94 -61.67 -74.83
N PRO E 31 -40.76 -61.04 -74.90
CA PRO E 31 -39.52 -61.79 -74.89
C PRO E 31 -39.37 -62.65 -73.65
N GLU E 32 -38.43 -63.59 -73.73
CA GLU E 32 -38.17 -64.49 -72.62
C GLU E 32 -37.82 -63.71 -71.36
N GLY E 33 -38.45 -64.10 -70.25
CA GLY E 33 -38.22 -63.45 -68.98
C GLY E 33 -39.00 -62.17 -68.80
N ARG E 34 -39.77 -61.74 -69.80
CA ARG E 34 -40.57 -60.52 -69.72
C ARG E 34 -42.05 -60.83 -69.61
N GLN E 35 -42.40 -62.02 -69.12
CA GLN E 35 -43.81 -62.40 -69.04
C GLN E 35 -44.59 -61.55 -68.06
N GLN E 36 -43.91 -60.83 -67.18
CA GLN E 36 -44.59 -59.90 -66.30
C GLN E 36 -45.32 -58.81 -67.07
N SER E 37 -44.95 -58.60 -68.34
CA SER E 37 -45.64 -57.64 -69.18
C SER E 37 -47.11 -57.94 -69.33
N ALA E 38 -47.52 -59.20 -69.21
CA ALA E 38 -48.90 -59.59 -69.39
C ALA E 38 -49.75 -59.37 -68.15
N ILE E 39 -49.26 -58.65 -67.14
CA ILE E 39 -49.98 -58.54 -65.88
C ILE E 39 -51.32 -57.84 -66.08
N ILE E 40 -51.33 -56.73 -66.81
CA ILE E 40 -52.56 -55.98 -66.97
C ILE E 40 -53.59 -56.80 -67.75
N PRO E 41 -53.27 -57.33 -68.94
CA PRO E 41 -54.26 -58.16 -69.63
C PRO E 41 -54.72 -59.37 -68.84
N VAL E 42 -53.81 -60.02 -68.13
CA VAL E 42 -54.18 -61.20 -67.35
C VAL E 42 -55.03 -60.80 -66.14
N LEU E 43 -54.69 -59.69 -65.49
CA LEU E 43 -55.53 -59.20 -64.40
C LEU E 43 -56.89 -58.78 -64.92
N TRP E 44 -56.94 -58.18 -66.10
CA TRP E 44 -58.22 -57.81 -66.69
C TRP E 44 -59.09 -59.03 -66.91
N ARG E 45 -58.52 -60.11 -67.44
CA ARG E 45 -59.31 -61.30 -67.66
C ARG E 45 -59.83 -61.87 -66.35
N ALA E 46 -59.04 -61.80 -65.28
CA ALA E 46 -59.54 -62.25 -63.99
C ALA E 46 -60.76 -61.46 -63.55
N GLN E 47 -60.74 -60.14 -63.77
CA GLN E 47 -61.91 -59.33 -63.43
C GLN E 47 -63.08 -59.65 -64.34
N GLU E 48 -62.82 -59.85 -65.64
CA GLU E 48 -63.89 -60.19 -66.56
C GLU E 48 -64.56 -61.50 -66.16
N GLN E 49 -63.77 -62.48 -65.74
CA GLN E 49 -64.33 -63.76 -65.34
C GLN E 49 -65.22 -63.62 -64.12
N GLU E 50 -64.79 -62.85 -63.13
CA GLU E 50 -65.48 -62.78 -61.84
C GLU E 50 -66.32 -61.53 -61.65
N GLY E 51 -66.09 -60.49 -62.44
CA GLY E 51 -66.81 -59.25 -62.30
C GLY E 51 -66.12 -58.19 -61.46
N TRP E 52 -65.16 -58.60 -60.63
CA TRP E 52 -64.34 -57.66 -59.90
C TRP E 52 -63.02 -58.34 -59.57
N LEU E 53 -62.03 -57.55 -59.19
CA LEU E 53 -60.68 -58.05 -58.97
C LEU E 53 -60.48 -58.28 -57.47
N SER E 54 -60.34 -59.54 -57.08
CA SER E 54 -60.19 -59.92 -55.70
C SER E 54 -58.72 -60.17 -55.36
N ARG E 55 -58.43 -60.21 -54.06
CA ARG E 55 -57.07 -60.46 -53.62
C ARG E 55 -56.54 -61.81 -54.09
N PRO E 56 -57.27 -62.92 -53.93
CA PRO E 56 -56.74 -64.20 -54.45
C PRO E 56 -56.48 -64.16 -55.94
N ALA E 57 -57.27 -63.40 -56.71
CA ALA E 57 -56.99 -63.24 -58.12
C ALA E 57 -55.66 -62.53 -58.35
N ILE E 58 -55.41 -61.45 -57.59
CA ILE E 58 -54.17 -60.70 -57.76
C ILE E 58 -52.98 -61.56 -57.39
N GLU E 59 -53.08 -62.32 -56.29
CA GLU E 59 -51.99 -63.22 -55.91
C GLU E 59 -51.87 -64.38 -56.87
N TYR E 60 -52.99 -64.88 -57.39
CA TYR E 60 -52.93 -65.96 -58.37
C TYR E 60 -52.23 -65.50 -59.64
N CYS E 61 -52.54 -64.30 -60.11
CA CYS E 61 -51.96 -63.80 -61.34
C CYS E 61 -50.50 -63.40 -61.14
N ALA E 62 -50.14 -62.98 -59.92
CA ALA E 62 -48.74 -62.71 -59.63
C ALA E 62 -47.93 -63.99 -59.66
N ASP E 63 -48.46 -65.08 -59.10
CA ASP E 63 -47.76 -66.36 -59.14
C ASP E 63 -47.61 -66.85 -60.57
N LEU E 64 -48.65 -66.66 -61.39
CA LEU E 64 -48.60 -67.11 -62.77
C LEU E 64 -47.47 -66.43 -63.53
N LEU E 65 -47.25 -65.14 -63.28
CA LEU E 65 -46.24 -64.37 -63.98
C LEU E 65 -44.94 -64.22 -63.20
N GLY E 66 -44.87 -64.81 -62.01
CA GLY E 66 -43.66 -64.73 -61.21
C GLY E 66 -43.35 -63.34 -60.68
N MET E 67 -44.38 -62.55 -60.34
CA MET E 67 -44.17 -61.24 -59.76
C MET E 67 -44.38 -61.28 -58.25
N PRO E 68 -43.72 -60.41 -57.50
CA PRO E 68 -44.08 -60.26 -56.09
C PRO E 68 -45.50 -59.76 -55.93
N TYR E 69 -46.14 -60.14 -54.83
CA TYR E 69 -47.52 -59.74 -54.60
C TYR E 69 -47.66 -58.23 -54.53
N ILE E 70 -46.71 -57.55 -53.88
CA ILE E 70 -46.79 -56.09 -53.77
C ILE E 70 -46.69 -55.46 -55.16
N ARG E 71 -45.86 -56.03 -56.03
CA ARG E 71 -45.76 -55.50 -57.38
C ARG E 71 -47.07 -55.65 -58.14
N ALA E 72 -47.75 -56.78 -57.98
CA ALA E 72 -49.04 -56.97 -58.63
C ALA E 72 -50.12 -56.10 -57.98
N LEU E 73 -50.04 -55.90 -56.66
CA LEU E 73 -51.02 -55.03 -56.01
C LEU E 73 -50.88 -53.59 -56.48
N GLU E 74 -49.65 -53.15 -56.75
CA GLU E 74 -49.44 -51.81 -57.27
C GLU E 74 -50.15 -51.61 -58.60
N VAL E 75 -50.08 -52.60 -59.48
CA VAL E 75 -50.78 -52.51 -60.76
C VAL E 75 -52.28 -52.43 -60.54
N ALA E 76 -52.82 -53.26 -59.64
CA ALA E 76 -54.26 -53.29 -59.46
C ALA E 76 -54.80 -51.96 -58.94
N THR E 77 -54.05 -51.29 -58.08
CA THR E 77 -54.51 -50.04 -57.49
C THR E 77 -54.18 -48.82 -58.33
N PHE E 78 -53.14 -48.89 -59.16
CA PHE E 78 -52.77 -47.74 -59.98
C PHE E 78 -53.75 -47.55 -61.13
N TYR E 79 -54.24 -48.64 -61.71
CA TYR E 79 -55.09 -48.59 -62.90
C TYR E 79 -56.54 -48.68 -62.47
N PHE E 80 -57.30 -47.63 -62.76
CA PHE E 80 -58.61 -47.43 -62.14
C PHE E 80 -59.72 -48.21 -62.84
N MET E 81 -59.42 -48.91 -63.93
CA MET E 81 -60.43 -49.78 -64.52
C MET E 81 -60.61 -51.05 -63.73
N PHE E 82 -59.67 -51.38 -62.85
CA PHE E 82 -59.84 -52.56 -62.00
C PHE E 82 -60.79 -52.23 -60.86
N GLN E 83 -61.78 -53.09 -60.66
CA GLN E 83 -62.75 -52.92 -59.58
C GLN E 83 -62.28 -53.76 -58.41
N LEU E 84 -61.86 -53.10 -57.35
CA LEU E 84 -61.30 -53.76 -56.19
C LEU E 84 -62.36 -54.20 -55.19
N GLN E 85 -63.62 -53.95 -55.48
CA GLN E 85 -64.76 -54.41 -54.70
C GLN E 85 -65.88 -54.79 -55.65
N PRO E 86 -66.84 -55.58 -55.20
CA PRO E 86 -67.95 -55.97 -56.09
C PRO E 86 -68.70 -54.77 -56.63
N VAL E 87 -69.08 -54.87 -57.90
CA VAL E 87 -69.93 -53.88 -58.56
C VAL E 87 -71.27 -54.54 -58.83
N GLY E 88 -72.20 -53.79 -59.42
CA GLY E 88 -73.50 -54.34 -59.73
C GLY E 88 -73.42 -55.67 -60.46
N SER E 89 -74.18 -56.66 -59.99
CA SER E 89 -74.09 -57.99 -60.58
C SER E 89 -74.49 -57.97 -62.06
N VAL E 90 -75.51 -57.20 -62.41
CA VAL E 90 -75.95 -57.14 -63.80
C VAL E 90 -75.08 -56.20 -64.61
N ALA E 91 -75.06 -54.92 -64.24
CA ALA E 91 -74.31 -53.94 -65.00
C ALA E 91 -73.78 -52.85 -64.09
N HIS E 92 -72.68 -52.23 -64.51
CA HIS E 92 -72.05 -51.12 -63.81
C HIS E 92 -71.97 -49.96 -64.79
N ILE E 93 -72.64 -48.87 -64.49
CA ILE E 93 -72.76 -47.74 -65.40
C ILE E 93 -71.63 -46.76 -65.13
N GLN E 94 -70.81 -46.51 -66.14
CA GLN E 94 -69.72 -45.55 -66.04
C GLN E 94 -70.06 -44.35 -66.91
N ILE E 95 -70.28 -43.20 -66.28
CA ILE E 95 -70.72 -41.99 -66.97
C ILE E 95 -69.54 -41.03 -67.04
N CYS E 96 -69.24 -40.53 -68.23
CA CYS E 96 -68.17 -39.56 -68.38
C CYS E 96 -68.56 -38.25 -67.73
N GLY E 97 -67.63 -37.66 -66.98
CA GLY E 97 -67.88 -36.41 -66.31
C GLY E 97 -66.99 -35.27 -66.75
N THR E 98 -66.08 -35.52 -67.69
CA THR E 98 -65.11 -34.52 -68.08
C THR E 98 -65.80 -33.39 -68.85
N THR E 99 -65.01 -32.40 -69.26
CA THR E 99 -65.57 -31.10 -69.65
C THR E 99 -66.57 -31.21 -70.79
N THR E 100 -66.18 -31.85 -71.90
CA THR E 100 -67.07 -31.86 -73.06
C THR E 100 -68.39 -32.53 -72.73
N CYS E 101 -68.35 -33.66 -72.03
CA CYS E 101 -69.59 -34.28 -71.59
C CYS E 101 -70.27 -33.47 -70.50
N MET E 102 -69.49 -32.71 -69.72
CA MET E 102 -70.09 -31.89 -68.68
C MET E 102 -70.90 -30.74 -69.28
N ILE E 103 -70.38 -30.09 -70.31
CA ILE E 103 -71.09 -28.99 -70.93
C ILE E 103 -72.15 -29.46 -71.92
N CYS E 104 -72.32 -30.77 -72.08
CA CYS E 104 -73.38 -31.33 -72.90
C CYS E 104 -74.42 -32.06 -72.06
N GLY E 105 -74.35 -31.96 -70.75
CA GLY E 105 -75.36 -32.50 -69.87
C GLY E 105 -74.98 -33.75 -69.10
N ALA E 106 -73.70 -34.00 -68.86
CA ALA E 106 -73.31 -35.19 -68.11
C ALA E 106 -73.84 -35.14 -66.69
N GLU E 107 -73.85 -33.96 -66.07
CA GLU E 107 -74.32 -33.86 -64.69
C GLU E 107 -75.78 -34.23 -64.55
N ASP E 108 -76.60 -33.90 -65.55
CA ASP E 108 -77.99 -34.33 -65.51
C ASP E 108 -78.12 -35.84 -65.63
N LEU E 109 -77.21 -36.48 -66.36
CA LEU E 109 -77.20 -37.94 -66.40
C LEU E 109 -76.85 -38.53 -65.04
N ILE E 110 -75.88 -37.93 -64.34
CA ILE E 110 -75.52 -38.43 -63.01
C ILE E 110 -76.71 -38.32 -62.07
N ARG E 111 -77.52 -37.29 -62.24
CA ARG E 111 -78.74 -37.16 -61.45
C ARG E 111 -79.68 -38.33 -61.69
N VAL E 112 -79.79 -38.79 -62.93
CA VAL E 112 -80.61 -39.96 -63.23
C VAL E 112 -80.09 -41.19 -62.50
N CYS E 113 -78.76 -41.36 -62.48
CA CYS E 113 -78.18 -42.52 -61.83
C CYS E 113 -78.49 -42.55 -60.34
N LYS E 114 -78.41 -41.40 -59.68
CA LYS E 114 -78.67 -41.34 -58.26
C LYS E 114 -80.13 -41.67 -57.94
N GLU E 115 -81.04 -41.35 -58.86
CA GLU E 115 -82.45 -41.60 -58.62
C GLU E 115 -82.79 -43.07 -58.81
N LYS E 116 -82.15 -43.73 -59.77
CA LYS E 116 -82.53 -45.08 -60.16
C LYS E 116 -81.61 -46.16 -59.61
N ILE E 117 -80.31 -45.90 -59.48
CA ILE E 117 -79.38 -46.95 -59.08
C ILE E 117 -79.03 -46.81 -57.62
N ALA E 118 -78.39 -45.71 -57.24
CA ALA E 118 -77.96 -45.57 -55.85
C ALA E 118 -77.55 -44.13 -55.53
N PRO E 119 -77.77 -43.67 -54.31
CA PRO E 119 -77.43 -42.28 -53.99
C PRO E 119 -75.96 -41.94 -54.21
N GLU E 120 -75.05 -42.90 -54.03
CA GLU E 120 -73.65 -42.63 -54.16
C GLU E 120 -73.00 -43.59 -55.15
N PRO E 121 -71.92 -43.18 -55.81
CA PRO E 121 -71.23 -44.08 -56.74
C PRO E 121 -70.53 -45.21 -56.00
N HIS E 122 -70.27 -46.29 -56.76
CA HIS E 122 -69.67 -47.52 -56.26
C HIS E 122 -70.56 -48.25 -55.27
N ALA E 123 -71.75 -47.73 -55.00
CA ALA E 123 -72.68 -48.33 -54.06
C ALA E 123 -73.67 -49.20 -54.83
N LEU E 124 -73.87 -50.42 -54.36
CA LEU E 124 -74.80 -51.33 -55.00
C LEU E 124 -76.23 -50.87 -54.77
N SER E 125 -77.08 -51.10 -55.76
CA SER E 125 -78.51 -50.87 -55.58
C SER E 125 -79.07 -51.88 -54.58
N ALA E 126 -80.28 -51.58 -54.07
CA ALA E 126 -80.87 -52.45 -53.07
C ALA E 126 -80.94 -53.89 -53.55
N ASP E 127 -81.21 -54.09 -54.84
CA ASP E 127 -81.17 -55.44 -55.39
C ASP E 127 -79.77 -56.02 -55.29
N GLY E 128 -78.75 -55.18 -55.42
CA GLY E 128 -77.40 -55.63 -55.62
C GLY E 128 -77.02 -55.86 -57.06
N ARG E 129 -77.78 -55.28 -58.01
CA ARG E 129 -77.62 -55.58 -59.42
C ARG E 129 -77.05 -54.44 -60.25
N PHE E 130 -77.11 -53.20 -59.76
CA PHE E 130 -76.64 -52.05 -60.52
C PHE E 130 -75.77 -51.15 -59.65
N SER E 131 -74.76 -50.57 -60.27
CA SER E 131 -73.93 -49.56 -59.63
C SER E 131 -73.48 -48.59 -60.71
N TRP E 132 -73.02 -47.42 -60.28
CA TRP E 132 -72.56 -46.40 -61.20
C TRP E 132 -71.34 -45.70 -60.61
N GLU E 133 -70.57 -45.07 -61.48
CA GLU E 133 -69.51 -44.17 -61.07
C GLU E 133 -69.31 -43.14 -62.16
N GLU E 134 -68.71 -42.02 -61.78
CA GLU E 134 -68.31 -41.01 -62.74
C GLU E 134 -66.86 -41.24 -63.13
N VAL E 135 -66.58 -41.15 -64.43
CA VAL E 135 -65.26 -41.44 -64.97
C VAL E 135 -64.81 -40.25 -65.82
N GLU E 136 -63.53 -40.24 -66.14
CA GLU E 136 -62.98 -39.20 -67.00
C GLU E 136 -63.23 -39.56 -68.46
N CYS E 137 -62.79 -38.68 -69.35
CA CYS E 137 -63.08 -38.80 -70.77
C CYS E 137 -62.85 -40.22 -71.26
N LEU E 138 -63.85 -40.74 -71.99
CA LEU E 138 -63.78 -42.06 -72.58
C LEU E 138 -63.41 -42.01 -74.05
N GLY E 139 -62.99 -40.85 -74.55
CA GLY E 139 -62.59 -40.72 -75.93
C GLY E 139 -63.71 -40.85 -76.92
N ALA E 140 -64.90 -40.36 -76.59
CA ALA E 140 -66.04 -40.32 -77.49
C ALA E 140 -66.70 -38.95 -77.38
N CYS E 141 -65.89 -37.89 -77.40
CA CYS E 141 -66.38 -36.58 -77.03
C CYS E 141 -67.27 -35.96 -78.10
N THR E 142 -67.07 -36.32 -79.37
CA THR E 142 -68.01 -35.89 -80.41
C THR E 142 -69.38 -36.52 -80.22
N ASN E 143 -69.49 -37.58 -79.41
CA ASN E 143 -70.77 -38.21 -79.11
C ASN E 143 -71.22 -37.89 -77.69
N ALA E 144 -70.73 -36.80 -77.11
CA ALA E 144 -71.11 -36.44 -75.76
C ALA E 144 -72.59 -36.07 -75.69
N PRO E 145 -73.24 -36.30 -74.55
CA PRO E 145 -72.76 -36.97 -73.34
C PRO E 145 -72.87 -38.46 -73.52
N MET E 146 -72.00 -39.27 -72.92
CA MET E 146 -71.97 -40.69 -73.18
C MET E 146 -71.62 -41.43 -71.91
N ALA E 147 -71.88 -42.73 -71.92
CA ALA E 147 -71.58 -43.60 -70.80
C ALA E 147 -71.10 -44.94 -71.33
N GLN E 148 -70.42 -45.68 -70.47
CA GLN E 148 -69.96 -47.03 -70.77
C GLN E 148 -70.67 -47.99 -69.84
N ILE E 149 -71.27 -49.03 -70.41
CA ILE E 149 -71.90 -50.10 -69.64
C ILE E 149 -71.35 -51.41 -70.18
N GLY E 150 -70.70 -52.19 -69.32
CA GLY E 150 -70.08 -53.41 -69.80
C GLY E 150 -68.92 -53.09 -70.71
N LYS E 151 -68.89 -53.74 -71.87
CA LYS E 151 -67.84 -53.50 -72.85
C LYS E 151 -68.14 -52.32 -73.77
N ASP E 152 -69.35 -51.79 -73.74
CA ASP E 152 -69.87 -50.99 -74.84
C ASP E 152 -70.12 -49.54 -74.43
N PHE E 153 -69.91 -48.64 -75.38
CA PHE E 153 -70.25 -47.24 -75.23
C PHE E 153 -71.69 -47.01 -75.64
N TYR E 154 -72.45 -46.34 -74.78
CA TYR E 154 -73.78 -45.83 -75.11
C TYR E 154 -73.63 -44.32 -75.24
N GLU E 155 -73.90 -43.81 -76.42
CA GLU E 155 -73.44 -42.49 -76.80
C GLU E 155 -74.61 -41.57 -77.13
N ASP E 156 -74.35 -40.27 -77.07
CA ASP E 156 -75.34 -39.25 -77.42
C ASP E 156 -76.58 -39.39 -76.55
N LEU E 157 -76.37 -39.38 -75.24
CA LEU E 157 -77.42 -39.73 -74.28
C LEU E 157 -78.23 -38.51 -73.88
N THR E 158 -79.34 -38.79 -73.20
CA THR E 158 -80.17 -37.78 -72.56
C THR E 158 -80.77 -38.42 -71.32
N VAL E 159 -81.27 -37.59 -70.40
CA VAL E 159 -81.84 -38.13 -69.17
C VAL E 159 -82.97 -39.10 -69.50
N GLU E 160 -83.78 -38.76 -70.50
CA GLU E 160 -84.88 -39.64 -70.88
C GLU E 160 -84.36 -40.93 -71.48
N LYS E 161 -83.38 -40.84 -72.39
CA LYS E 161 -82.86 -42.03 -73.03
C LYS E 161 -82.04 -42.88 -72.06
N LEU E 162 -81.24 -42.25 -71.20
CA LEU E 162 -80.49 -43.02 -70.22
C LEU E 162 -81.42 -43.73 -69.25
N ALA E 163 -82.47 -43.05 -68.79
CA ALA E 163 -83.43 -43.69 -67.90
C ALA E 163 -84.05 -44.91 -68.56
N ALA E 164 -84.43 -44.78 -69.83
CA ALA E 164 -85.01 -45.91 -70.55
C ALA E 164 -84.01 -47.04 -70.69
N LEU E 165 -82.74 -46.72 -70.97
CA LEU E 165 -81.72 -47.76 -71.10
C LEU E 165 -81.57 -48.54 -69.81
N ILE E 166 -81.53 -47.84 -68.67
CA ILE E 166 -81.40 -48.53 -67.39
C ILE E 166 -82.61 -49.43 -67.14
N ASP E 167 -83.78 -49.04 -67.64
CA ASP E 167 -84.96 -49.88 -67.47
C ASP E 167 -84.85 -51.17 -68.27
N ARG E 168 -84.26 -51.10 -69.47
CA ARG E 168 -84.09 -52.30 -70.26
C ARG E 168 -83.08 -53.25 -69.62
N PHE E 169 -82.00 -52.71 -69.07
CA PHE E 169 -81.05 -53.55 -68.34
C PHE E 169 -81.72 -54.18 -67.14
N ALA E 170 -82.58 -53.43 -66.44
CA ALA E 170 -83.25 -53.97 -65.27
C ALA E 170 -84.20 -55.10 -65.62
N ALA E 171 -84.67 -55.16 -66.87
CA ALA E 171 -85.59 -56.20 -67.31
C ALA E 171 -84.87 -57.39 -67.94
N GLY E 172 -83.54 -57.38 -67.95
CA GLY E 172 -82.79 -58.49 -68.51
C GLY E 172 -82.41 -58.37 -69.97
N GLU E 173 -82.56 -57.18 -70.56
CA GLU E 173 -82.22 -56.95 -71.96
C GLU E 173 -80.88 -56.24 -72.07
N VAL E 174 -80.30 -56.28 -73.27
CA VAL E 174 -79.06 -55.57 -73.56
C VAL E 174 -79.32 -54.60 -74.71
N PRO E 175 -79.69 -53.36 -74.45
CA PRO E 175 -80.01 -52.43 -75.54
C PRO E 175 -78.84 -52.24 -76.49
N VAL E 176 -79.17 -51.85 -77.71
CA VAL E 176 -78.13 -51.72 -78.74
C VAL E 176 -77.18 -50.59 -78.36
N PRO E 177 -75.87 -50.81 -78.34
CA PRO E 177 -74.94 -49.71 -78.02
C PRO E 177 -74.79 -48.73 -79.16
N GLY E 178 -73.81 -47.84 -79.05
CA GLY E 178 -73.52 -46.89 -80.08
C GLY E 178 -74.35 -45.63 -79.94
N PRO E 179 -74.25 -44.74 -80.92
CA PRO E 179 -75.06 -43.53 -80.88
C PRO E 179 -76.54 -43.84 -80.71
N GLN E 180 -77.18 -43.15 -79.78
CA GLN E 180 -78.60 -43.32 -79.53
C GLN E 180 -79.43 -42.24 -80.21
N ASN E 181 -78.79 -41.34 -80.96
CA ASN E 181 -79.49 -40.31 -81.71
C ASN E 181 -79.52 -40.61 -83.20
N GLY E 182 -79.22 -41.85 -83.61
CA GLY E 182 -79.30 -42.23 -84.99
C GLY E 182 -78.03 -42.06 -85.79
N ARG E 183 -76.98 -41.47 -85.22
CA ARG E 183 -75.73 -41.30 -85.93
C ARG E 183 -75.09 -42.66 -86.21
N PHE E 184 -74.18 -42.68 -87.19
CA PHE E 184 -73.53 -43.94 -87.52
C PHE E 184 -72.35 -44.22 -86.58
N SER E 185 -71.25 -43.47 -86.71
CA SER E 185 -70.17 -43.56 -85.72
C SER E 185 -69.77 -42.20 -85.17
N ALA E 186 -69.16 -41.34 -85.99
CA ALA E 186 -68.67 -40.05 -85.51
C ALA E 186 -68.85 -38.95 -86.54
N GLU E 187 -69.48 -39.22 -87.67
CA GLU E 187 -69.74 -38.19 -88.66
C GLU E 187 -70.79 -37.22 -88.13
N ALA E 188 -70.93 -36.10 -88.83
CA ALA E 188 -71.90 -35.09 -88.42
C ALA E 188 -73.31 -35.66 -88.41
N LEU E 189 -74.11 -35.24 -87.45
CA LEU E 189 -75.51 -35.60 -87.42
C LEU E 189 -76.19 -35.12 -88.69
N GLY E 190 -77.01 -35.99 -89.28
CA GLY E 190 -77.65 -35.68 -90.55
C GLY E 190 -76.79 -35.93 -91.76
N GLY E 191 -75.93 -36.96 -91.72
CA GLY E 191 -75.18 -37.38 -92.87
C GLY E 191 -73.74 -36.91 -92.83
N PRO E 192 -72.81 -37.75 -93.30
CA PRO E 192 -71.40 -37.34 -93.32
C PRO E 192 -71.18 -36.08 -94.14
N THR E 193 -70.30 -35.22 -93.64
CA THR E 193 -69.82 -34.07 -94.39
C THR E 193 -68.59 -34.42 -95.21
N ALA E 194 -68.12 -35.65 -95.12
CA ALA E 194 -66.97 -36.14 -95.88
C ALA E 194 -67.14 -37.63 -96.07
N LEU E 195 -66.53 -38.17 -97.12
CA LEU E 195 -66.61 -39.59 -97.42
C LEU E 195 -68.07 -40.05 -97.45
N ALA E 196 -68.93 -39.22 -98.02
CA ALA E 196 -70.37 -39.47 -97.94
C ALA E 196 -70.80 -40.65 -98.82
N ASP E 197 -70.04 -40.95 -99.88
CA ASP E 197 -70.47 -41.97 -100.83
C ASP E 197 -70.51 -43.37 -100.21
N LEU E 198 -69.68 -43.61 -99.18
CA LEU E 198 -69.54 -44.96 -98.63
C LEU E 198 -70.78 -45.43 -97.90
N LYS E 199 -71.74 -44.56 -97.62
CA LYS E 199 -72.90 -44.94 -96.81
C LYS E 199 -73.60 -46.15 -97.40
N GLY E 200 -74.02 -47.06 -96.51
CA GLY E 200 -74.71 -48.27 -96.90
C GLY E 200 -73.83 -49.51 -96.92
N GLY E 201 -72.51 -49.34 -96.98
CA GLY E 201 -71.64 -50.50 -97.06
C GLY E 201 -71.75 -51.41 -95.85
N GLU E 202 -71.98 -50.83 -94.68
CA GLU E 202 -72.09 -51.58 -93.44
C GLU E 202 -73.31 -51.08 -92.66
N ALA E 203 -74.02 -52.02 -92.05
CA ALA E 203 -75.22 -51.65 -91.29
C ALA E 203 -74.86 -50.82 -90.06
N HIS E 204 -73.90 -51.29 -89.27
CA HIS E 204 -73.46 -50.58 -88.07
C HIS E 204 -71.96 -50.37 -88.11
N ASN E 205 -71.50 -49.46 -87.25
CA ASN E 205 -70.07 -49.24 -87.11
C ASN E 205 -69.43 -50.43 -86.41
N ALA E 206 -68.10 -50.43 -86.36
CA ALA E 206 -67.37 -51.61 -85.91
C ALA E 206 -67.72 -51.98 -84.48
N SER E 207 -67.88 -50.98 -83.60
CA SER E 207 -68.17 -51.28 -82.21
C SER E 207 -69.54 -51.94 -82.07
N VAL E 208 -70.57 -51.32 -82.66
CA VAL E 208 -71.92 -51.85 -82.53
C VAL E 208 -72.03 -53.21 -83.21
N ALA E 209 -71.44 -53.35 -84.39
CA ALA E 209 -71.59 -54.59 -85.14
C ALA E 209 -71.06 -55.78 -84.37
N ARG E 210 -69.91 -55.62 -83.69
CA ARG E 210 -69.37 -56.70 -82.90
C ARG E 210 -70.23 -56.98 -81.67
N ALA E 211 -70.73 -55.93 -81.03
CA ALA E 211 -71.55 -56.14 -79.84
C ALA E 211 -72.79 -56.95 -80.18
N LEU E 212 -73.44 -56.63 -81.29
CA LEU E 212 -74.63 -57.38 -81.68
C LEU E 212 -74.30 -58.83 -82.00
N ARG E 213 -73.18 -59.07 -82.67
CA ARG E 213 -72.84 -60.43 -83.08
C ARG E 213 -72.60 -61.33 -81.88
N LEU E 214 -71.88 -60.84 -80.87
CA LEU E 214 -71.37 -61.68 -79.79
C LEU E 214 -72.23 -61.65 -78.53
N GLY E 215 -72.93 -60.55 -78.27
CA GLY E 215 -73.79 -60.51 -77.10
C GLY E 215 -73.07 -60.79 -75.80
N ASP E 216 -71.86 -60.24 -75.65
CA ASP E 216 -71.09 -60.38 -74.42
C ASP E 216 -70.87 -59.02 -73.76
N SER E 217 -71.84 -58.11 -73.92
CA SER E 217 -71.67 -56.76 -73.40
C SER E 217 -71.46 -56.77 -71.89
N ILE E 218 -72.26 -57.56 -71.17
CA ILE E 218 -72.23 -57.59 -69.72
C ILE E 218 -72.08 -59.02 -69.23
N LYS E 219 -71.43 -59.86 -70.03
CA LYS E 219 -71.34 -61.28 -69.77
C LYS E 219 -70.01 -61.62 -69.11
N ARG E 220 -70.06 -62.47 -68.08
CA ARG E 220 -68.85 -62.95 -67.44
C ARG E 220 -68.07 -63.84 -68.41
N ILE E 221 -66.89 -63.41 -68.80
CA ILE E 221 -66.10 -64.10 -69.81
C ILE E 221 -65.50 -65.36 -69.18
N ASP E 222 -65.86 -66.52 -69.70
CA ASP E 222 -65.31 -67.78 -69.23
C ASP E 222 -64.23 -68.34 -70.15
N GLY E 223 -63.94 -67.67 -71.28
CA GLY E 223 -62.84 -68.03 -72.12
C GLY E 223 -63.15 -68.98 -73.25
N THR E 224 -64.39 -69.43 -73.38
CA THR E 224 -64.80 -70.32 -74.46
C THR E 224 -65.63 -69.59 -75.52
N GLU E 225 -65.56 -68.25 -75.53
CA GLU E 225 -66.35 -67.44 -76.44
C GLU E 225 -65.61 -67.04 -77.70
N VAL E 226 -64.30 -66.88 -77.62
CA VAL E 226 -63.49 -66.47 -78.75
C VAL E 226 -62.35 -67.46 -78.90
N PRO E 227 -62.10 -68.02 -80.08
CA PRO E 227 -61.01 -68.98 -80.22
C PRO E 227 -59.67 -68.36 -79.84
N ILE E 228 -58.79 -69.18 -79.28
CA ILE E 228 -57.49 -68.73 -78.79
C ILE E 228 -56.46 -68.97 -79.88
N THR E 229 -55.92 -67.89 -80.45
CA THR E 229 -55.01 -67.96 -81.59
C THR E 229 -53.74 -67.19 -81.30
N THR E 230 -52.61 -67.72 -81.77
CA THR E 230 -51.30 -67.11 -81.56
C THR E 230 -50.52 -67.12 -82.88
N PRO E 231 -50.95 -66.32 -83.86
CA PRO E 231 -50.27 -66.34 -85.16
C PRO E 231 -48.82 -65.90 -85.12
N TRP E 232 -48.39 -65.21 -84.07
CA TRP E 232 -47.02 -64.72 -84.01
C TRP E 232 -46.00 -65.82 -83.76
N LEU E 233 -46.43 -66.96 -83.21
CA LEU E 233 -45.48 -68.04 -82.91
C LEU E 233 -44.93 -68.68 -84.17
N ALA E 234 -45.59 -68.50 -85.32
CA ALA E 234 -45.06 -69.00 -86.57
C ALA E 234 -43.92 -68.16 -87.12
N THR E 235 -43.86 -66.87 -86.76
CA THR E 235 -42.89 -65.97 -87.39
C THR E 235 -41.45 -66.42 -87.21
N GLN E 236 -41.15 -67.20 -86.18
CA GLN E 236 -39.78 -67.63 -85.93
C GLN E 236 -39.48 -68.92 -86.67
N MET F 1 -10.55 52.29 39.49
CA MET F 1 -9.73 53.18 38.63
C MET F 1 -10.21 54.63 38.69
N THR F 2 -9.35 55.50 39.20
CA THR F 2 -9.55 56.94 39.11
C THR F 2 -8.69 57.49 37.99
N SER F 3 -8.84 58.79 37.71
CA SER F 3 -7.96 59.42 36.74
C SER F 3 -6.54 59.52 37.26
N LEU F 4 -6.36 59.48 38.58
CA LEU F 4 -5.02 59.45 39.15
C LEU F 4 -4.40 58.05 39.02
N ASP F 5 -5.22 57.01 39.15
CA ASP F 5 -4.73 55.66 38.88
C ASP F 5 -4.27 55.53 37.44
N PHE F 6 -5.07 56.05 36.51
CA PHE F 6 -4.73 55.90 35.09
C PHE F 6 -3.45 56.66 34.75
N SER F 7 -3.27 57.84 35.33
CA SER F 7 -2.05 58.59 35.07
C SER F 7 -0.82 57.83 35.54
N THR F 8 -0.93 57.15 36.68
CA THR F 8 0.21 56.44 37.24
C THR F 8 0.70 55.34 36.31
N ILE F 9 -0.20 54.61 35.68
CA ILE F 9 0.16 53.48 34.83
C ILE F 9 0.24 53.89 33.37
N LEU F 10 0.31 55.18 33.08
CA LEU F 10 0.28 55.61 31.68
C LEU F 10 1.40 55.03 30.84
N PRO F 11 2.66 54.95 31.31
CA PRO F 11 3.69 54.32 30.48
C PRO F 11 3.35 52.89 30.10
N GLU F 12 2.72 52.15 31.00
CA GLU F 12 2.33 50.78 30.69
C GLU F 12 1.20 50.73 29.67
N VAL F 13 0.25 51.64 29.77
CA VAL F 13 -0.84 51.70 28.80
C VAL F 13 -0.28 52.05 27.42
N VAL F 14 0.71 52.94 27.37
CA VAL F 14 1.30 53.32 26.10
C VAL F 14 1.99 52.13 25.46
N LEU F 15 2.73 51.35 26.25
CA LEU F 15 3.37 50.16 25.70
C LEU F 15 2.33 49.14 25.27
N ALA F 16 1.31 48.91 26.10
CA ALA F 16 0.27 47.95 25.74
C ALA F 16 -0.48 48.40 24.50
N GLY F 17 -0.82 49.68 24.41
CA GLY F 17 -1.47 50.17 23.22
C GLY F 17 -0.63 49.96 21.97
N TYR F 18 0.67 50.21 22.07
CA TYR F 18 1.54 50.01 20.91
C TYR F 18 1.54 48.55 20.48
N ALA F 19 1.61 47.63 21.43
CA ALA F 19 1.66 46.22 21.08
C ALA F 19 0.41 45.79 20.33
N LEU F 20 -0.77 46.24 20.79
CA LEU F 20 -2.00 45.89 20.11
C LEU F 20 -2.04 46.50 18.71
N ALA F 21 -1.74 47.80 18.60
CA ALA F 21 -1.77 48.46 17.30
C ALA F 21 -0.75 47.84 16.35
N ALA F 22 0.45 47.52 16.86
CA ALA F 22 1.45 46.89 16.01
C ALA F 22 0.98 45.54 15.50
N LEU F 23 0.26 44.79 16.33
CA LEU F 23 -0.25 43.50 15.89
C LEU F 23 -1.19 43.65 14.71
N MET F 24 -2.10 44.62 14.77
CA MET F 24 -3.04 44.82 13.68
C MET F 24 -2.34 45.37 12.44
N ALA F 25 -1.39 46.29 12.63
CA ALA F 25 -0.67 46.82 11.49
C ALA F 25 0.10 45.72 10.77
N GLY F 26 0.76 44.85 11.52
CA GLY F 26 1.49 43.77 10.89
C GLY F 26 0.57 42.78 10.21
N ALA F 27 -0.58 42.50 10.80
CA ALA F 27 -1.49 41.52 10.23
C ALA F 27 -2.11 42.02 8.93
N TYR F 28 -2.47 43.30 8.88
CA TYR F 28 -3.28 43.81 7.78
C TYR F 28 -2.50 44.56 6.72
N LEU F 29 -1.23 44.91 6.96
CA LEU F 29 -0.49 45.75 6.03
C LEU F 29 0.85 45.12 5.68
N GLY F 30 0.88 43.82 5.40
CA GLY F 30 2.07 43.20 4.86
C GLY F 30 2.65 42.02 5.60
N LYS F 31 2.28 41.81 6.85
CA LYS F 31 2.79 40.69 7.66
C LYS F 31 4.31 40.80 7.72
N ASP F 32 5.06 39.85 7.19
CA ASP F 32 6.51 39.87 7.35
C ASP F 32 7.19 40.96 6.52
N ARG F 33 6.49 41.55 5.55
CA ARG F 33 7.05 42.69 4.86
C ARG F 33 7.20 43.90 5.77
N LEU F 34 6.47 43.94 6.88
CA LEU F 34 6.64 44.96 7.90
C LEU F 34 7.53 44.53 9.05
N ALA F 35 8.09 43.34 9.02
CA ALA F 35 8.81 42.83 10.19
C ALA F 35 9.94 43.76 10.58
N ARG F 36 10.73 44.20 9.59
CA ARG F 36 11.84 45.10 9.88
C ARG F 36 11.34 46.44 10.42
N THR F 37 10.26 46.97 9.85
CA THR F 37 9.73 48.24 10.31
C THR F 37 9.18 48.14 11.72
N LEU F 38 8.51 47.03 12.04
CA LEU F 38 7.96 46.87 13.38
C LEU F 38 9.05 46.74 14.43
N LEU F 39 10.17 46.08 14.08
CA LEU F 39 11.26 45.96 15.03
C LEU F 39 11.79 47.33 15.43
N TRP F 40 11.97 48.22 14.46
CA TRP F 40 12.57 49.51 14.75
C TRP F 40 11.58 50.48 15.38
N VAL F 41 10.29 50.32 15.12
CA VAL F 41 9.30 51.11 15.84
C VAL F 41 9.20 50.64 17.29
N THR F 42 9.38 49.34 17.51
CA THR F 42 9.40 48.82 18.87
C THR F 42 10.59 49.38 19.65
N VAL F 43 11.75 49.48 19.00
CA VAL F 43 12.92 50.07 19.65
C VAL F 43 12.63 51.51 20.06
N ALA F 44 12.03 52.29 19.15
CA ALA F 44 11.64 53.64 19.51
C ALA F 44 10.62 53.65 20.63
N ALA F 45 9.66 52.72 20.60
CA ALA F 45 8.64 52.68 21.64
C ALA F 45 9.25 52.37 23.00
N PHE F 46 10.19 51.42 23.06
CA PHE F 46 10.85 51.14 24.33
C PHE F 46 11.57 52.38 24.85
N LEU F 47 12.24 53.11 23.97
CA LEU F 47 12.95 54.31 24.40
C LEU F 47 11.98 55.42 24.79
N VAL F 48 10.87 55.55 24.06
CA VAL F 48 9.87 56.55 24.41
C VAL F 48 9.26 56.25 25.78
N VAL F 49 8.91 54.99 26.03
CA VAL F 49 8.33 54.63 27.32
C VAL F 49 9.34 54.83 28.44
N ALA F 50 10.61 54.52 28.18
CA ALA F 50 11.63 54.75 29.19
C ALA F 50 11.78 56.23 29.49
N ALA F 51 11.66 57.09 28.48
CA ALA F 51 11.68 58.52 28.71
C ALA F 51 10.51 58.96 29.58
N MET F 52 9.32 58.42 29.31
CA MET F 52 8.17 58.74 30.15
C MET F 52 8.41 58.31 31.58
N VAL F 53 9.00 57.12 31.76
CA VAL F 53 9.24 56.60 33.10
C VAL F 53 10.32 57.40 33.81
N GLY F 54 11.40 57.72 33.11
CA GLY F 54 12.59 58.21 33.77
C GLY F 54 12.81 59.70 33.76
N LEU F 55 12.10 60.43 32.91
CA LEU F 55 12.32 61.87 32.74
C LEU F 55 11.14 62.65 33.26
N GLY F 56 11.36 63.95 33.44
CA GLY F 56 10.36 64.81 34.03
C GLY F 56 10.37 64.73 35.55
N ASN F 57 9.30 65.24 36.14
CA ASN F 57 9.13 65.23 37.59
C ASN F 57 8.24 64.06 37.97
N HIS F 58 8.66 63.32 38.99
CA HIS F 58 7.91 62.17 39.47
C HIS F 58 7.75 62.29 40.97
N VAL F 59 6.55 62.00 41.45
CA VAL F 59 6.26 61.91 42.89
C VAL F 59 5.80 60.49 43.17
N ASP F 60 6.49 59.83 44.10
CA ASP F 60 6.17 58.44 44.43
C ASP F 60 4.72 58.32 44.88
N GLY F 61 4.13 57.17 44.59
CA GLY F 61 2.76 56.91 44.97
C GLY F 61 2.37 55.48 44.70
N ALA F 62 1.07 55.22 44.80
CA ALA F 62 0.49 53.92 44.52
C ALA F 62 -0.82 54.10 43.78
N ALA F 63 -1.22 53.08 43.04
CA ALA F 63 -2.45 53.11 42.28
C ALA F 63 -3.19 51.78 42.46
N PHE F 64 -4.50 51.83 42.26
CA PHE F 64 -5.36 50.65 42.28
C PHE F 64 -5.33 49.94 43.64
N HIS F 65 -5.65 50.69 44.69
CA HIS F 65 -5.67 50.14 46.05
C HIS F 65 -4.34 49.51 46.43
N GLY F 66 -3.25 50.16 46.03
CA GLY F 66 -1.92 49.72 46.38
C GLY F 66 -1.39 48.56 45.58
N MET F 67 -2.15 48.07 44.59
CA MET F 67 -1.68 46.93 43.82
C MET F 67 -0.54 47.31 42.90
N PHE F 68 -0.46 48.57 42.49
CA PHE F 68 0.59 49.08 41.62
C PHE F 68 1.33 50.19 42.34
N ILE F 69 2.65 50.03 42.48
CA ILE F 69 3.49 50.98 43.20
C ILE F 69 4.37 51.71 42.20
N ASP F 70 4.29 53.04 42.21
CA ASP F 70 5.10 53.88 41.34
C ASP F 70 6.07 54.65 42.23
N ASP F 71 7.23 54.07 42.50
CA ASP F 71 8.24 54.69 43.35
C ASP F 71 9.58 54.72 42.61
N GLY F 72 10.55 55.36 43.24
CA GLY F 72 11.85 55.51 42.60
C GLY F 72 12.50 54.17 42.29
N PHE F 73 12.29 53.18 43.15
CA PHE F 73 12.86 51.85 42.90
C PHE F 73 12.31 51.26 41.62
N SER F 74 10.99 51.28 41.46
CA SER F 74 10.37 50.69 40.27
C SER F 74 10.76 51.46 39.02
N ARG F 75 10.96 52.77 39.14
CA ARG F 75 11.35 53.57 38.00
C ARG F 75 12.79 53.29 37.58
N PHE F 76 13.68 53.06 38.55
CA PHE F 76 15.04 52.67 38.19
C PHE F 76 15.04 51.36 37.42
N ALA F 77 14.31 50.36 37.93
CA ALA F 77 14.31 49.04 37.31
C ALA F 77 13.68 49.07 35.92
N LYS F 78 12.57 49.79 35.77
CA LYS F 78 11.90 49.84 34.47
C LYS F 78 12.81 50.43 33.40
N VAL F 79 13.52 51.50 33.74
CA VAL F 79 14.37 52.16 32.75
C VAL F 79 15.45 51.21 32.25
N VAL F 80 16.12 50.52 33.17
CA VAL F 80 17.17 49.59 32.76
C VAL F 80 16.59 48.48 31.90
N THR F 81 15.43 47.95 32.30
CA THR F 81 14.80 46.88 31.54
C THR F 81 14.47 47.33 30.12
N LEU F 82 13.84 48.51 30.01
CA LEU F 82 13.41 48.98 28.70
C LEU F 82 14.60 49.30 27.81
N VAL F 83 15.63 49.95 28.37
CA VAL F 83 16.80 50.29 27.56
C VAL F 83 17.57 49.04 27.16
N ALA F 84 17.69 48.08 28.09
CA ALA F 84 18.34 46.82 27.74
C ALA F 84 17.55 46.06 26.70
N ALA F 85 16.22 46.07 26.79
CA ALA F 85 15.40 45.42 25.77
C ALA F 85 15.55 46.12 24.43
N ALA F 86 15.57 47.45 24.44
CA ALA F 86 15.78 48.19 23.20
C ALA F 86 17.14 47.87 22.59
N GLY F 87 18.17 47.75 23.42
CA GLY F 87 19.49 47.44 22.91
C GLY F 87 19.56 46.07 22.26
N VAL F 88 18.95 45.07 22.89
CA VAL F 88 19.00 43.72 22.34
C VAL F 88 18.30 43.67 20.99
N LEU F 89 17.13 44.31 20.88
CA LEU F 89 16.42 44.29 19.61
C LEU F 89 17.21 45.01 18.52
N ALA F 90 17.77 46.18 18.84
CA ALA F 90 18.46 46.95 17.83
C ALA F 90 19.68 46.21 17.30
N MET F 91 20.46 45.61 18.19
CA MET F 91 21.69 44.95 17.77
C MET F 91 21.43 43.64 17.05
N SER F 92 20.25 43.05 17.26
CA SER F 92 19.93 41.76 16.63
C SER F 92 19.19 41.91 15.31
N ALA F 93 18.80 43.12 14.92
CA ALA F 93 17.93 43.29 13.76
C ALA F 93 18.54 42.70 12.50
N ASP F 94 19.79 43.05 12.20
CA ASP F 94 20.43 42.55 10.99
C ASP F 94 20.59 41.04 11.05
N TYR F 95 21.00 40.51 12.20
CA TYR F 95 21.24 39.07 12.32
C TYR F 95 19.98 38.28 12.01
N MET F 96 18.85 38.68 12.59
CA MET F 96 17.61 37.93 12.40
C MET F 96 17.14 37.97 10.96
N GLN F 97 17.31 39.10 10.29
CA GLN F 97 16.92 39.18 8.88
C GLN F 97 17.77 38.25 8.02
N ARG F 98 19.09 38.27 8.22
CA ARG F 98 19.95 37.38 7.43
C ARG F 98 19.60 35.92 7.66
N ARG F 99 19.21 35.56 8.88
CA ARG F 99 18.90 34.19 9.22
C ARG F 99 17.45 33.82 8.95
N ASN F 100 16.69 34.71 8.33
CA ASN F 100 15.27 34.47 8.05
C ASN F 100 14.54 34.06 9.33
N MET F 101 14.66 34.90 10.35
CA MET F 101 14.03 34.67 11.63
C MET F 101 13.13 35.79 12.07
N LEU F 102 13.05 36.88 11.31
CA LEU F 102 12.33 38.07 11.74
C LEU F 102 10.87 37.96 11.30
N ARG F 103 10.04 37.40 12.17
CA ARG F 103 8.60 37.49 12.02
C ARG F 103 8.14 38.83 12.55
N PHE F 104 7.04 39.35 11.99
CA PHE F 104 6.53 40.61 12.48
C PHE F 104 5.96 40.50 13.89
N GLU F 105 5.77 39.28 14.39
CA GLU F 105 5.27 39.10 15.75
C GLU F 105 6.38 39.05 16.80
N PHE F 106 7.63 38.82 16.39
CA PHE F 106 8.71 38.76 17.37
C PHE F 106 8.87 40.07 18.12
N PRO F 107 8.92 41.24 17.49
CA PRO F 107 8.96 42.48 18.26
C PRO F 107 7.79 42.63 19.21
N ILE F 108 6.60 42.18 18.80
CA ILE F 108 5.41 42.34 19.62
C ILE F 108 5.47 41.43 20.84
N ILE F 109 5.92 40.19 20.66
CA ILE F 109 6.04 39.28 21.80
C ILE F 109 7.04 39.82 22.80
N VAL F 110 8.15 40.36 22.33
CA VAL F 110 9.13 40.95 23.24
C VAL F 110 8.51 42.13 23.97
N ALA F 111 7.72 42.94 23.28
CA ALA F 111 7.09 44.10 23.91
C ALA F 111 6.14 43.68 25.02
N LEU F 112 5.37 42.62 24.81
CA LEU F 112 4.46 42.15 25.84
C LEU F 112 5.22 41.52 27.00
N ALA F 113 6.37 40.90 26.73
CA ALA F 113 7.21 40.41 27.82
C ALA F 113 7.72 41.57 28.66
N VAL F 114 8.18 42.63 28.02
CA VAL F 114 8.65 43.81 28.74
C VAL F 114 7.51 44.45 29.52
N LEU F 115 6.31 44.45 28.95
CA LEU F 115 5.15 44.94 29.68
C LEU F 115 4.95 44.15 30.97
N GLY F 116 5.09 42.82 30.90
CA GLY F 116 5.00 42.03 32.10
C GLY F 116 6.08 42.38 33.11
N MET F 117 7.30 42.63 32.64
CA MET F 117 8.37 43.01 33.54
C MET F 117 8.06 44.32 34.25
N MET F 118 7.43 45.26 33.54
CA MET F 118 7.12 46.56 34.15
C MET F 118 6.13 46.42 35.29
N PHE F 119 5.19 45.47 35.18
CA PHE F 119 4.27 45.23 36.28
C PHE F 119 4.92 44.45 37.41
N MET F 120 5.93 43.64 37.09
CA MET F 120 6.65 42.91 38.13
C MET F 120 7.30 43.86 39.12
N VAL F 121 8.11 44.81 38.62
CA VAL F 121 8.93 45.62 39.51
C VAL F 121 8.09 46.64 40.27
N SER F 122 6.86 46.90 39.82
CA SER F 122 5.98 47.83 40.50
C SER F 122 4.88 47.12 41.29
N ALA F 123 5.03 45.83 41.54
CA ALA F 123 4.01 45.06 42.24
C ALA F 123 3.88 45.52 43.68
N GLY F 124 2.64 45.69 44.14
CA GLY F 124 2.37 45.97 45.53
C GLY F 124 1.37 44.97 46.09
N ASP F 125 1.18 43.88 45.37
CA ASP F 125 0.17 42.89 45.71
C ASP F 125 0.63 41.55 45.13
N LEU F 126 0.20 40.46 45.77
CA LEU F 126 0.60 39.14 45.29
C LEU F 126 0.04 38.86 43.90
N LEU F 127 -1.18 39.31 43.63
CA LEU F 127 -1.78 39.07 42.32
C LEU F 127 -1.06 39.87 41.23
N THR F 128 -0.67 41.12 41.53
CA THR F 128 0.09 41.89 40.55
C THR F 128 1.43 41.25 40.27
N LEU F 129 2.08 40.72 41.31
CA LEU F 129 3.32 40.00 41.12
C LEU F 129 3.13 38.80 40.20
N TYR F 130 2.05 38.04 40.41
CA TYR F 130 1.83 36.85 39.62
C TYR F 130 1.50 37.19 38.17
N MET F 131 0.56 38.10 37.95
CA MET F 131 0.13 38.39 36.59
C MET F 131 1.26 39.00 35.78
N GLY F 132 2.06 39.88 36.40
CA GLY F 132 3.22 40.42 35.70
C GLY F 132 4.25 39.34 35.39
N LEU F 133 4.52 38.47 36.36
CA LEU F 133 5.47 37.40 36.13
C LEU F 133 5.02 36.46 35.04
N GLU F 134 3.72 36.12 35.01
CA GLU F 134 3.23 35.14 34.06
C GLU F 134 3.15 35.70 32.65
N LEU F 135 2.81 36.99 32.52
CA LEU F 135 2.84 37.60 31.20
C LEU F 135 4.25 37.58 30.63
N GLN F 136 5.26 37.82 31.46
CA GLN F 136 6.63 37.73 31.00
C GLN F 136 7.01 36.29 30.69
N SER F 137 6.72 35.36 31.60
CA SER F 137 7.16 33.98 31.43
C SER F 137 6.59 33.36 30.16
N LEU F 138 5.29 33.57 29.91
CA LEU F 138 4.67 32.98 28.74
C LEU F 138 5.29 33.51 27.46
N ALA F 139 5.59 34.81 27.42
CA ALA F 139 6.26 35.36 26.25
C ALA F 139 7.68 34.82 26.10
N LEU F 140 8.34 34.50 27.20
CA LEU F 140 9.71 33.98 27.11
C LEU F 140 9.73 32.56 26.58
N TYR F 141 8.76 31.73 26.98
CA TYR F 141 8.69 30.38 26.43
C TYR F 141 8.55 30.41 24.92
N VAL F 142 7.73 31.32 24.41
CA VAL F 142 7.45 31.35 22.97
C VAL F 142 8.72 31.66 22.19
N VAL F 143 9.43 32.72 22.56
CA VAL F 143 10.61 33.11 21.81
C VAL F 143 11.74 32.12 21.99
N ALA F 144 11.75 31.35 23.07
CA ALA F 144 12.76 30.32 23.22
C ALA F 144 12.62 29.26 22.14
N ALA F 145 11.39 29.00 21.70
CA ALA F 145 11.10 27.90 20.79
C ALA F 145 10.77 28.36 19.37
N MET F 146 11.09 29.61 19.01
CA MET F 146 10.58 30.18 17.78
C MET F 146 11.38 29.81 16.54
N ARG F 147 12.48 29.06 16.65
CA ARG F 147 13.14 28.51 15.48
C ARG F 147 12.53 27.15 15.20
N ARG F 148 11.54 27.13 14.30
CA ARG F 148 10.72 25.93 14.14
C ARG F 148 11.49 24.75 13.58
N ASP F 149 12.47 24.99 12.72
CA ASP F 149 13.23 23.90 12.12
C ASP F 149 14.36 23.39 13.02
N SER F 150 14.57 24.01 14.18
CA SER F 150 15.64 23.62 15.08
C SER F 150 15.08 22.75 16.20
N VAL F 151 15.55 21.51 16.29
CA VAL F 151 15.14 20.67 17.40
C VAL F 151 15.66 21.24 18.71
N ARG F 152 16.74 22.00 18.67
CA ARG F 152 17.30 22.58 19.90
C ARG F 152 16.44 23.74 20.41
N SER F 153 15.84 24.52 19.50
CA SER F 153 14.88 25.53 19.95
C SER F 153 13.67 24.88 20.59
N SER F 154 13.16 23.79 19.99
CA SER F 154 12.00 23.12 20.56
C SER F 154 12.30 22.59 21.95
N GLU F 155 13.48 21.99 22.12
CA GLU F 155 13.85 21.46 23.42
C GLU F 155 14.11 22.58 24.44
N ALA F 156 14.68 23.71 24.00
CA ALA F 156 14.87 24.84 24.91
C ALA F 156 13.54 25.35 25.42
N GLY F 157 12.55 25.50 24.54
CA GLY F 157 11.23 25.92 24.98
C GLY F 157 10.59 24.90 25.89
N LEU F 158 10.72 23.62 25.56
CA LEU F 158 10.13 22.57 26.37
C LEU F 158 10.73 22.54 27.78
N LYS F 159 12.05 22.58 27.89
CA LYS F 159 12.66 22.58 29.21
C LYS F 159 12.29 23.84 29.98
N TYR F 160 12.34 24.99 29.32
CA TYR F 160 11.99 26.24 29.99
C TYR F 160 10.54 26.24 30.43
N PHE F 161 9.62 25.78 29.57
CA PHE F 161 8.21 25.78 29.91
C PHE F 161 7.93 24.88 31.11
N VAL F 162 8.43 23.64 31.08
CA VAL F 162 8.11 22.68 32.13
C VAL F 162 8.69 23.15 33.45
N LEU F 163 9.94 23.58 33.46
CA LEU F 163 10.58 24.01 34.71
C LEU F 163 10.08 25.38 35.13
N GLY F 164 9.81 26.27 34.18
CA GLY F 164 9.20 27.54 34.54
C GLY F 164 7.83 27.36 35.16
N SER F 165 7.03 26.45 34.60
CA SER F 165 5.72 26.17 35.16
C SER F 165 5.82 25.58 36.56
N LEU F 166 6.81 24.72 36.79
CA LEU F 166 7.03 24.16 38.12
C LEU F 166 7.39 25.26 39.12
N SER F 167 8.29 26.17 38.73
CA SER F 167 8.63 27.26 39.64
C SER F 167 7.44 28.18 39.89
N SER F 168 6.64 28.43 38.87
CA SER F 168 5.44 29.24 39.05
C SER F 168 4.46 28.59 40.00
N GLY F 169 4.32 27.26 39.92
CA GLY F 169 3.45 26.57 40.85
C GLY F 169 3.92 26.68 42.28
N LEU F 170 5.23 26.55 42.50
CA LEU F 170 5.78 26.73 43.83
C LEU F 170 5.56 28.16 44.32
N LEU F 171 5.74 29.15 43.43
CA LEU F 171 5.49 30.53 43.79
C LEU F 171 4.03 30.74 44.19
N LEU F 172 3.10 30.14 43.45
CA LEU F 172 1.69 30.29 43.77
C LEU F 172 1.33 29.60 45.07
N TYR F 173 1.93 28.44 45.35
CA TYR F 173 1.63 27.73 46.58
C TYR F 173 2.07 28.53 47.80
N GLY F 174 3.25 29.15 47.72
CA GLY F 174 3.67 30.03 48.80
C GLY F 174 2.82 31.28 48.88
N ALA F 175 2.43 31.84 47.74
CA ALA F 175 1.56 33.00 47.76
C ALA F 175 0.21 32.67 48.37
N SER F 176 -0.27 31.45 48.20
CA SER F 176 -1.54 31.06 48.82
C SER F 176 -1.39 30.92 50.34
N LEU F 177 -0.25 30.42 50.81
CA LEU F 177 -0.03 30.34 52.25
C LEU F 177 0.06 31.73 52.88
N VAL F 178 0.76 32.64 52.20
CA VAL F 178 0.90 34.00 52.72
C VAL F 178 -0.46 34.68 52.81
N TYR F 179 -1.30 34.48 51.80
CA TYR F 179 -2.63 35.08 51.83
C TYR F 179 -3.48 34.50 52.95
N GLY F 180 -3.40 33.19 53.16
CA GLY F 180 -4.18 32.58 54.23
C GLY F 180 -3.77 33.07 55.59
N PHE F 181 -2.48 33.33 55.80
CA PHE F 181 -2.02 33.82 57.09
C PHE F 181 -2.43 35.28 57.30
N ALA F 182 -2.18 36.13 56.31
CA ALA F 182 -2.39 37.56 56.46
C ALA F 182 -3.82 37.99 56.18
N GLY F 183 -4.58 37.22 55.41
CA GLY F 183 -5.92 37.59 55.06
C GLY F 183 -6.03 38.58 53.92
N THR F 184 -4.93 38.91 53.27
CA THR F 184 -4.92 39.87 52.19
C THR F 184 -3.78 39.55 51.25
N THR F 185 -3.89 40.05 50.02
CA THR F 185 -2.81 39.95 49.05
C THR F 185 -1.94 41.20 48.99
N GLY F 186 -2.43 42.32 49.49
CA GLY F 186 -1.65 43.54 49.44
C GLY F 186 -0.44 43.46 50.35
N PHE F 187 0.69 43.99 49.87
CA PHE F 187 1.93 43.90 50.63
C PHE F 187 1.90 44.75 51.88
N GLU F 188 1.25 45.91 51.84
CA GLU F 188 1.17 46.75 53.04
C GLU F 188 0.44 46.03 54.16
N GLY F 189 -0.61 45.29 53.82
CA GLY F 189 -1.25 44.44 54.81
C GLY F 189 -0.38 43.27 55.22
N ILE F 190 0.31 42.65 54.26
CA ILE F 190 1.10 41.46 54.57
C ILE F 190 2.25 41.81 55.51
N ILE F 191 2.96 42.91 55.22
CA ILE F 191 4.15 43.23 56.00
C ILE F 191 3.78 43.49 57.47
N SER F 192 2.61 44.08 57.70
CA SER F 192 2.22 44.40 59.06
C SER F 192 1.93 43.16 59.89
N THR F 193 1.59 42.04 59.25
CA THR F 193 1.23 40.83 59.98
C THR F 193 2.42 39.89 60.16
N ILE F 194 3.40 39.93 59.27
CA ILE F 194 4.55 39.03 59.32
C ILE F 194 5.61 39.72 60.17
N GLU F 195 5.72 39.31 61.43
CA GLU F 195 6.63 39.94 62.37
C GLU F 195 7.18 38.89 63.31
N ALA F 196 8.07 39.32 64.21
CA ALA F 196 8.94 38.39 64.92
C ALA F 196 8.15 37.37 65.75
N GLY F 197 7.13 37.83 66.47
CA GLY F 197 6.45 36.97 67.41
C GLY F 197 5.34 36.10 66.85
N HIS F 198 5.09 36.13 65.54
CA HIS F 198 3.94 35.47 64.96
C HIS F 198 4.28 34.60 63.75
N LEU F 199 5.54 34.18 63.62
CA LEU F 199 5.95 33.43 62.43
C LEU F 199 5.71 31.94 62.68
N SER F 200 4.53 31.46 62.31
CA SER F 200 4.29 30.04 62.33
C SER F 200 5.09 29.35 61.23
N LEU F 201 5.23 28.04 61.35
CA LEU F 201 5.85 27.28 60.27
C LEU F 201 5.12 27.51 58.97
N GLY F 202 3.80 27.70 59.02
CA GLY F 202 3.04 27.90 57.79
C GLY F 202 3.49 29.11 57.01
N VAL F 203 3.61 30.26 57.69
CA VAL F 203 3.97 31.48 56.98
C VAL F 203 5.44 31.44 56.57
N LEU F 204 6.29 30.80 57.37
CA LEU F 204 7.67 30.64 56.96
C LEU F 204 7.80 29.71 55.77
N PHE F 205 6.93 28.70 55.69
CA PHE F 205 6.87 27.87 54.50
C PHE F 205 6.46 28.69 53.29
N GLY F 206 5.52 29.60 53.46
CA GLY F 206 5.11 30.44 52.35
C GLY F 206 6.25 31.27 51.80
N LEU F 207 7.04 31.87 52.70
CA LEU F 207 8.19 32.66 52.24
C LEU F 207 9.17 31.81 51.45
N VAL F 208 9.45 30.60 51.92
CA VAL F 208 10.40 29.74 51.22
C VAL F 208 9.87 29.40 49.82
N PHE F 209 8.59 29.06 49.72
CA PHE F 209 8.02 28.72 48.43
C PHE F 209 8.08 29.91 47.47
N MET F 210 7.70 31.10 47.93
CA MET F 210 7.79 32.27 47.07
C MET F 210 9.23 32.57 46.68
N LEU F 211 10.17 32.47 47.64
CA LEU F 211 11.55 32.76 47.32
C LEU F 211 12.10 31.79 46.30
N VAL F 212 11.84 30.50 46.49
CA VAL F 212 12.35 29.51 45.55
C VAL F 212 11.75 29.71 44.17
N GLY F 213 10.45 29.99 44.12
CA GLY F 213 9.81 30.25 42.83
C GLY F 213 10.47 31.40 42.09
N LEU F 214 10.78 32.48 42.80
CA LEU F 214 11.42 33.62 42.17
C LEU F 214 12.89 33.35 41.87
N SER F 215 13.59 32.67 42.78
CA SER F 215 15.01 32.41 42.57
C SER F 215 15.26 31.56 41.34
N PHE F 216 14.24 30.85 40.84
CA PHE F 216 14.36 30.18 39.55
C PHE F 216 14.60 31.19 38.43
N LYS F 217 13.92 32.33 38.48
CA LYS F 217 13.98 33.30 37.40
C LYS F 217 15.33 34.01 37.31
N VAL F 218 16.09 34.04 38.40
CA VAL F 218 17.46 34.56 38.37
C VAL F 218 18.48 33.44 38.30
N SER F 219 18.06 32.22 38.03
CA SER F 219 18.97 31.09 37.84
C SER F 219 19.84 30.86 39.08
N ALA F 220 19.24 30.99 40.25
CA ALA F 220 19.94 30.68 41.48
C ALA F 220 20.02 29.17 41.67
N VAL F 221 21.18 28.68 42.09
CA VAL F 221 21.40 27.26 42.30
C VAL F 221 20.63 26.84 43.56
N PRO F 222 19.98 25.67 43.59
CA PRO F 222 19.88 24.63 42.56
C PRO F 222 18.64 24.76 41.67
N PHE F 223 18.18 25.97 41.41
CA PHE F 223 17.05 26.23 40.53
C PHE F 223 17.53 26.87 39.24
N HIS F 224 18.65 26.35 38.74
CA HIS F 224 19.41 26.94 37.66
C HIS F 224 19.53 26.06 36.44
N MET F 225 19.29 24.75 36.56
CA MET F 225 19.71 23.81 35.53
C MET F 225 19.03 24.07 34.19
N TRP F 226 17.94 24.83 34.18
CA TRP F 226 17.33 25.22 32.92
C TRP F 226 18.24 26.13 32.11
N THR F 227 19.04 26.95 32.77
CA THR F 227 19.70 28.06 32.09
C THR F 227 20.68 27.61 31.01
N PRO F 228 21.60 26.67 31.27
CA PRO F 228 22.57 26.31 30.23
C PRO F 228 21.92 25.72 28.99
N ASP F 229 20.92 24.84 29.17
CA ASP F 229 20.25 24.25 28.03
C ASP F 229 19.41 25.28 27.28
N VAL F 230 18.68 26.12 28.00
CA VAL F 230 17.86 27.12 27.33
C VAL F 230 18.72 28.16 26.63
N TYR F 231 19.83 28.56 27.25
CA TYR F 231 20.73 29.51 26.60
C TYR F 231 21.31 28.93 25.31
N GLU F 232 21.68 27.66 25.34
CA GLU F 232 22.26 27.02 24.16
C GLU F 232 21.21 26.83 23.07
N GLY F 233 20.03 26.33 23.43
CA GLY F 233 19.07 25.92 22.43
C GLY F 233 18.40 27.08 21.72
N SER F 234 18.10 28.15 22.43
CA SER F 234 17.31 29.22 21.87
C SER F 234 18.12 30.03 20.86
N PRO F 235 17.44 30.78 19.99
CA PRO F 235 18.17 31.64 19.05
C PRO F 235 19.04 32.64 19.80
N THR F 236 20.24 32.87 19.28
CA THR F 236 21.18 33.74 19.97
C THR F 236 20.60 35.10 20.30
N PRO F 237 19.82 35.76 19.42
CA PRO F 237 19.13 36.98 19.85
C PRO F 237 18.23 36.76 21.05
N VAL F 238 17.56 35.60 21.12
CA VAL F 238 16.68 35.32 22.26
C VAL F 238 17.50 35.00 23.50
N THR F 239 18.64 34.32 23.33
CA THR F 239 19.53 34.11 24.46
C THR F 239 20.06 35.43 25.02
N ALA F 240 20.44 36.36 24.14
CA ALA F 240 20.90 37.66 24.60
C ALA F 240 19.81 38.37 25.38
N PHE F 241 18.56 38.23 24.95
CA PHE F 241 17.45 38.83 25.68
C PHE F 241 17.30 38.19 27.05
N PHE F 242 17.29 36.86 27.11
CA PHE F 242 17.14 36.19 28.40
C PHE F 242 18.21 36.65 29.38
N ALA F 243 19.40 36.92 28.89
CA ALA F 243 20.53 37.21 29.75
C ALA F 243 20.50 38.61 30.36
N THR F 244 19.73 39.54 29.79
CA THR F 244 19.80 40.93 30.21
C THR F 244 18.52 41.44 30.86
N ALA F 245 17.40 41.42 30.17
CA ALA F 245 16.23 42.16 30.64
C ALA F 245 15.44 41.36 31.67
N PRO F 246 15.09 40.10 31.40
CA PRO F 246 14.37 39.33 32.43
C PRO F 246 15.13 39.21 33.73
N LYS F 247 16.45 39.03 33.69
CA LYS F 247 17.23 38.91 34.92
C LYS F 247 17.17 40.19 35.74
N VAL F 248 17.22 41.34 35.08
CA VAL F 248 17.11 42.60 35.81
C VAL F 248 15.74 42.72 36.45
N ALA F 249 14.68 42.44 35.69
CA ALA F 249 13.33 42.52 36.24
C ALA F 249 13.14 41.51 37.37
N ALA F 250 13.64 40.28 37.19
CA ALA F 250 13.46 39.26 38.21
C ALA F 250 14.25 39.59 39.48
N MET F 251 15.45 40.13 39.34
CA MET F 251 16.23 40.52 40.51
C MET F 251 15.54 41.65 41.27
N ALA F 252 15.00 42.63 40.56
CA ALA F 252 14.30 43.73 41.23
C ALA F 252 13.03 43.23 41.91
N LEU F 253 12.34 42.28 41.28
CA LEU F 253 11.13 41.72 41.89
C LEU F 253 11.45 41.05 43.22
N ILE F 254 12.54 40.27 43.28
CA ILE F 254 12.90 39.62 44.54
C ILE F 254 13.13 40.67 45.62
N ALA F 255 13.83 41.75 45.28
CA ALA F 255 14.06 42.82 46.25
C ALA F 255 12.74 43.46 46.67
N ARG F 256 11.84 43.67 45.72
CA ARG F 256 10.52 44.21 46.05
C ARG F 256 9.78 43.30 47.02
N LEU F 257 9.80 41.98 46.76
CA LEU F 257 9.03 41.08 47.60
C LEU F 257 9.58 41.01 49.01
N VAL F 258 10.91 40.92 49.16
CA VAL F 258 11.45 40.64 50.49
C VAL F 258 11.45 41.88 51.36
N PHE F 259 11.39 43.06 50.77
CA PHE F 259 11.35 44.29 51.55
C PHE F 259 9.96 44.85 51.74
N ASP F 260 9.07 44.71 50.76
CA ASP F 260 7.74 45.29 50.88
C ASP F 260 6.72 44.32 51.46
N ALA F 261 6.98 43.02 51.45
CA ALA F 261 6.14 42.04 52.11
C ALA F 261 6.81 41.38 53.30
N PHE F 262 8.10 41.08 53.22
CA PHE F 262 8.82 40.39 54.28
C PHE F 262 9.90 41.28 54.90
N GLY F 263 9.66 42.58 54.92
CA GLY F 263 10.67 43.51 55.39
C GLY F 263 10.86 43.55 56.89
N HIS F 264 9.96 42.95 57.66
CA HIS F 264 10.11 42.87 59.11
C HIS F 264 10.67 41.54 59.57
N VAL F 265 11.04 40.65 58.65
CA VAL F 265 11.65 39.38 59.00
C VAL F 265 12.94 39.20 58.21
N ILE F 266 13.65 40.30 57.96
CA ILE F 266 14.89 40.27 57.19
C ILE F 266 15.79 39.14 57.66
N GLY F 267 15.90 38.94 58.97
CA GLY F 267 16.78 37.92 59.48
C GLY F 267 16.46 36.53 58.95
N ASP F 268 15.17 36.27 58.72
CA ASP F 268 14.76 34.95 58.25
C ASP F 268 15.12 34.74 56.78
N TRP F 269 14.86 35.72 55.93
CA TRP F 269 15.11 35.50 54.51
C TRP F 269 16.53 35.86 54.09
N SER F 270 17.24 36.66 54.89
CA SER F 270 18.61 37.00 54.51
C SER F 270 19.50 35.75 54.48
N GLN F 271 19.30 34.84 55.43
CA GLN F 271 20.10 33.62 55.45
C GLN F 271 19.83 32.76 54.22
N ILE F 272 18.56 32.65 53.81
CA ILE F 272 18.23 31.85 52.63
C ILE F 272 18.85 32.48 51.39
N VAL F 273 18.76 33.79 51.25
CA VAL F 273 19.33 34.45 50.08
C VAL F 273 20.84 34.26 50.05
N ALA F 274 21.49 34.34 51.21
CA ALA F 274 22.93 34.14 51.27
C ALA F 274 23.30 32.74 50.82
N ALA F 275 22.55 31.72 51.25
CA ALA F 275 22.85 30.36 50.85
C ALA F 275 22.67 30.17 49.35
N LEU F 276 21.64 30.78 48.77
CA LEU F 276 21.49 30.75 47.32
C LEU F 276 22.65 31.44 46.63
N ALA F 277 23.07 32.59 47.15
CA ALA F 277 24.16 33.33 46.53
C ALA F 277 25.45 32.52 46.55
N VAL F 278 25.73 31.84 47.66
CA VAL F 278 26.95 31.05 47.76
C VAL F 278 26.94 29.93 46.73
N MET F 279 25.87 29.14 46.70
CA MET F 279 25.82 28.02 45.78
C MET F 279 25.90 28.49 44.33
N SER F 280 25.26 29.62 44.01
CA SER F 280 25.28 30.11 42.64
C SER F 280 26.67 30.59 42.23
N MET F 281 27.39 31.26 43.14
CA MET F 281 28.70 31.79 42.80
C MET F 281 29.70 30.67 42.52
N PHE F 282 29.69 29.62 43.34
CA PHE F 282 30.68 28.56 43.18
C PHE F 282 30.33 27.62 42.02
N LEU F 283 29.06 27.26 41.87
CA LEU F 283 28.69 26.39 40.77
C LEU F 283 28.87 27.09 39.43
N GLY F 284 28.42 28.34 39.33
CA GLY F 284 28.62 29.07 38.09
C GLY F 284 30.09 29.16 37.71
N SER F 285 30.95 29.42 38.70
CA SER F 285 32.38 29.53 38.43
C SER F 285 32.98 28.17 38.08
N ILE F 286 32.65 27.13 38.85
CA ILE F 286 33.27 25.83 38.64
C ILE F 286 32.75 25.19 37.34
N ALA F 287 31.43 25.25 37.12
CA ALA F 287 30.86 24.63 35.93
C ALA F 287 31.25 25.37 34.66
N GLY F 288 31.54 26.66 34.75
CA GLY F 288 31.95 27.40 33.57
C GLY F 288 33.26 26.93 32.99
N ILE F 289 34.12 26.32 33.81
CA ILE F 289 35.41 25.86 33.34
C ILE F 289 35.27 24.74 32.31
N GLY F 290 34.18 23.98 32.38
CA GLY F 290 33.97 22.85 31.51
C GLY F 290 33.19 23.13 30.24
N GLN F 291 33.03 24.39 29.86
CA GLN F 291 32.22 24.75 28.70
C GLN F 291 33.11 25.01 27.49
N THR F 292 32.70 24.46 26.34
CA THR F 292 33.32 24.77 25.07
C THR F 292 32.41 25.55 24.13
N ASN F 293 31.12 25.65 24.45
CA ASN F 293 30.16 26.45 23.69
C ASN F 293 30.04 27.80 24.37
N ILE F 294 30.21 28.87 23.60
CA ILE F 294 30.25 30.20 24.20
C ILE F 294 28.88 30.57 24.77
N LYS F 295 27.80 30.19 24.09
CA LYS F 295 26.47 30.48 24.63
C LYS F 295 26.24 29.76 25.95
N ARG F 296 26.69 28.51 26.04
CA ARG F 296 26.52 27.76 27.29
C ARG F 296 27.45 28.27 28.38
N LEU F 297 28.62 28.81 28.01
CA LEU F 297 29.49 29.46 28.98
C LEU F 297 28.82 30.69 29.58
N MET F 298 28.10 31.46 28.76
CA MET F 298 27.46 32.67 29.27
C MET F 298 26.35 32.35 30.27
N ALA F 299 25.73 31.18 30.15
CA ALA F 299 24.72 30.79 31.14
C ALA F 299 25.35 30.64 32.52
N TYR F 300 26.48 29.94 32.60
CA TYR F 300 27.16 29.79 33.87
C TYR F 300 27.74 31.11 34.35
N SER F 301 28.24 31.93 33.42
CA SER F 301 28.58 33.30 33.75
C SER F 301 27.38 34.03 34.34
N SER F 302 26.21 33.85 33.75
CA SER F 302 25.01 34.50 34.25
C SER F 302 24.66 33.99 35.65
N ILE F 303 24.79 32.69 35.89
CA ILE F 303 24.44 32.14 37.19
C ILE F 303 25.37 32.68 38.27
N ALA F 304 26.68 32.72 37.98
CA ALA F 304 27.64 33.20 38.95
C ALA F 304 27.42 34.68 39.26
N HIS F 305 27.10 35.47 38.25
CA HIS F 305 26.90 36.89 38.45
C HIS F 305 25.64 37.18 39.24
N MET F 306 24.60 36.36 39.07
CA MET F 306 23.41 36.53 39.89
C MET F 306 23.68 36.15 41.33
N GLY F 307 24.60 35.22 41.56
CA GLY F 307 25.03 34.93 42.92
C GLY F 307 25.66 36.14 43.59
N PHE F 308 26.51 36.86 42.86
CA PHE F 308 27.10 38.09 43.41
C PHE F 308 26.05 39.14 43.66
N ALA F 309 25.09 39.29 42.74
CA ALA F 309 24.03 40.28 42.95
C ALA F 309 23.21 39.93 44.18
N LEU F 310 22.98 38.65 44.41
CA LEU F 310 22.25 38.21 45.61
C LEU F 310 23.03 38.49 46.88
N VAL F 311 24.35 38.60 46.80
CA VAL F 311 25.13 38.98 47.99
C VAL F 311 24.70 40.34 48.47
N GLY F 312 24.49 41.29 47.55
CA GLY F 312 24.02 42.60 47.94
C GLY F 312 22.66 42.55 48.59
N LEU F 313 21.76 41.72 48.07
CA LEU F 313 20.43 41.61 48.65
C LEU F 313 20.46 40.87 49.97
N ALA F 314 21.34 39.88 50.11
CA ALA F 314 21.46 39.17 51.37
C ALA F 314 21.85 40.11 52.51
N ALA F 315 22.49 41.23 52.18
CA ALA F 315 22.83 42.23 53.19
C ALA F 315 21.58 42.72 53.91
N GLY F 316 20.47 42.85 53.20
CA GLY F 316 19.23 43.31 53.80
C GLY F 316 19.28 44.76 54.25
N THR F 317 19.88 45.63 53.45
CA THR F 317 20.04 47.03 53.81
C THR F 317 19.76 47.89 52.59
N ALA F 318 19.62 49.19 52.83
CA ALA F 318 19.48 50.12 51.71
C ALA F 318 20.73 50.13 50.84
N ILE F 319 21.91 50.06 51.46
CA ILE F 319 23.15 50.03 50.68
C ILE F 319 23.23 48.74 49.88
N GLY F 320 22.82 47.61 50.46
CA GLY F 320 22.81 46.37 49.73
C GLY F 320 21.91 46.42 48.50
N VAL F 321 20.74 47.04 48.64
CA VAL F 321 19.85 47.18 47.50
C VAL F 321 20.41 48.16 46.48
N GLN F 322 20.99 49.26 46.95
CA GLN F 322 21.60 50.22 46.03
C GLN F 322 22.66 49.55 45.18
N ASN F 323 23.52 48.75 45.81
CA ASN F 323 24.61 48.13 45.09
C ASN F 323 24.16 46.94 44.25
N MET F 324 23.10 46.24 44.67
CA MET F 324 22.49 45.23 43.82
C MET F 324 21.94 45.87 42.55
N LEU F 325 21.33 47.04 42.67
CA LEU F 325 20.80 47.73 41.49
C LEU F 325 21.92 48.12 40.53
N LEU F 326 22.99 48.71 41.06
CA LEU F 326 24.13 49.06 40.20
C LEU F 326 24.74 47.83 39.58
N TYR F 327 24.85 46.74 40.35
CA TYR F 327 25.41 45.51 39.80
C TYR F 327 24.58 45.03 38.61
N MET F 328 23.27 45.01 38.74
CA MET F 328 22.42 44.55 37.64
C MET F 328 22.53 45.48 36.44
N THR F 329 22.66 46.78 36.68
CA THR F 329 22.84 47.72 35.58
C THR F 329 24.13 47.43 34.82
N ILE F 330 25.23 47.26 35.53
CA ILE F 330 26.51 47.00 34.88
C ILE F 330 26.51 45.62 34.23
N TYR F 331 25.87 44.64 34.87
CA TYR F 331 25.80 43.31 34.30
C TYR F 331 25.05 43.32 32.98
N ALA F 332 23.96 44.08 32.89
CA ALA F 332 23.20 44.16 31.65
C ALA F 332 24.03 44.80 30.53
N VAL F 333 24.79 45.83 30.86
CA VAL F 333 25.66 46.46 29.85
C VAL F 333 26.69 45.47 29.36
N MET F 334 27.31 44.72 30.26
CA MET F 334 28.34 43.78 29.86
C MET F 334 27.79 42.70 28.95
N ASN F 335 26.60 42.19 29.27
CA ASN F 335 26.01 41.13 28.46
C ASN F 335 25.58 41.64 27.09
N ILE F 336 25.12 42.88 27.00
CA ILE F 336 24.82 43.46 25.69
C ILE F 336 26.07 43.50 24.84
N GLY F 337 27.20 43.90 25.44
CA GLY F 337 28.45 43.93 24.69
C GLY F 337 28.89 42.55 24.25
N THR F 338 28.86 41.60 25.18
CA THR F 338 29.33 40.26 24.86
C THR F 338 28.47 39.60 23.79
N PHE F 339 27.15 39.65 23.96
CA PHE F 339 26.28 38.99 23.00
C PHE F 339 26.25 39.71 21.66
N ALA F 340 26.65 40.98 21.61
CA ALA F 340 26.87 41.61 20.32
C ALA F 340 28.00 40.91 19.58
N PHE F 341 29.07 40.56 20.28
CA PHE F 341 30.17 39.84 19.65
C PHE F 341 29.79 38.41 19.30
N ILE F 342 29.10 37.72 20.20
CA ILE F 342 28.74 36.33 19.95
C ILE F 342 27.88 36.22 18.70
N LEU F 343 26.94 37.14 18.53
CA LEU F 343 26.10 37.14 17.33
C LEU F 343 26.92 37.25 16.05
N SER F 344 28.04 37.97 16.09
CA SER F 344 28.85 38.20 14.91
C SER F 344 29.70 37.01 14.50
N MET F 345 29.95 36.07 15.41
CA MET F 345 30.84 34.97 15.13
C MET F 345 30.29 34.10 14.02
N GLU F 346 31.14 33.73 13.07
CA GLU F 346 30.69 32.92 11.95
C GLU F 346 31.89 32.37 11.19
N ARG F 347 31.71 31.18 10.62
CA ARG F 347 32.70 30.55 9.75
C ARG F 347 31.99 30.12 8.48
N ASP F 348 32.49 30.55 7.34
CA ASP F 348 31.90 30.24 6.03
C ASP F 348 30.47 30.72 5.93
N GLY F 349 30.12 31.81 6.60
CA GLY F 349 28.81 32.41 6.47
C GLY F 349 27.75 31.83 7.38
N VAL F 350 28.07 30.79 8.14
CA VAL F 350 27.13 30.21 9.10
C VAL F 350 27.58 30.61 10.51
N PRO F 351 26.67 30.87 11.44
CA PRO F 351 27.10 31.19 12.81
C PRO F 351 27.86 30.05 13.45
N VAL F 352 28.79 30.42 14.32
CA VAL F 352 29.63 29.47 15.06
C VAL F 352 29.63 29.88 16.52
N THR F 353 29.67 28.90 17.42
CA THR F 353 29.57 29.16 18.85
C THR F 353 30.66 28.53 19.71
N ASP F 354 31.57 27.75 19.15
CA ASP F 354 32.57 27.09 19.97
C ASP F 354 33.74 28.00 20.28
N LEU F 355 34.29 27.85 21.49
CA LEU F 355 35.35 28.72 21.96
C LEU F 355 36.62 28.61 21.12
N ALA F 356 36.91 27.42 20.59
CA ALA F 356 38.12 27.23 19.81
C ALA F 356 38.13 28.12 18.56
N ALA F 357 36.97 28.61 18.13
CA ALA F 357 36.92 29.49 16.98
C ALA F 357 37.56 30.85 17.24
N LEU F 358 37.76 31.21 18.51
CA LEU F 358 38.35 32.49 18.85
C LEU F 358 39.87 32.49 18.77
N ASN F 359 40.49 31.36 18.51
CA ASN F 359 41.95 31.28 18.57
C ASN F 359 42.58 32.27 17.61
N ARG F 360 43.43 33.15 18.14
CA ARG F 360 44.17 34.13 17.36
C ARG F 360 43.26 35.12 16.66
N PHE F 361 42.06 35.36 17.21
CA PHE F 361 41.18 36.36 16.64
C PHE F 361 41.76 37.76 16.78
N ALA F 362 42.59 38.00 17.78
CA ALA F 362 43.15 39.34 17.98
C ALA F 362 44.02 39.75 16.81
N TRP F 363 44.55 38.79 16.06
CA TRP F 363 45.36 39.07 14.89
C TRP F 363 44.54 39.04 13.61
N THR F 364 43.24 38.82 13.73
CA THR F 364 42.29 38.98 12.63
C THR F 364 41.61 40.35 12.65
N ASP F 365 41.06 40.75 13.79
CA ASP F 365 40.40 42.03 13.95
C ASP F 365 40.84 42.67 15.27
N PRO F 366 41.88 43.50 15.24
CA PRO F 366 42.40 44.04 16.51
C PRO F 366 41.40 44.78 17.36
N VAL F 367 40.54 45.62 16.79
CA VAL F 367 39.69 46.46 17.61
C VAL F 367 38.61 45.63 18.29
N LYS F 368 38.05 44.65 17.58
CA LYS F 368 37.01 43.82 18.18
C LYS F 368 37.56 42.96 19.30
N ALA F 369 38.75 42.41 19.12
CA ALA F 369 39.36 41.62 20.19
C ALA F 369 39.66 42.50 21.41
N LEU F 370 40.12 43.72 21.18
CA LEU F 370 40.40 44.62 22.29
C LEU F 370 39.12 44.92 23.07
N ALA F 371 38.01 45.13 22.36
CA ALA F 371 36.73 45.29 23.03
C ALA F 371 36.36 44.03 23.81
N MET F 372 36.56 42.86 23.20
CA MET F 372 36.23 41.61 23.88
C MET F 372 37.12 41.41 25.10
N LEU F 373 38.38 41.83 25.01
CA LEU F 373 39.28 41.74 26.16
C LEU F 373 38.77 42.56 27.33
N VAL F 374 38.32 43.79 27.07
CA VAL F 374 37.83 44.63 28.15
C VAL F 374 36.58 44.03 28.78
N LEU F 375 35.73 43.39 27.96
CA LEU F 375 34.52 42.79 28.49
C LEU F 375 34.83 41.56 29.33
N MET F 376 35.79 40.74 28.89
CA MET F 376 36.12 39.54 29.68
C MET F 376 36.73 39.90 31.01
N PHE F 377 37.59 40.92 31.06
CA PHE F 377 38.13 41.34 32.34
C PHE F 377 37.08 42.05 33.18
N SER F 378 36.12 42.71 32.53
CA SER F 378 35.00 43.30 33.25
C SER F 378 34.11 42.22 33.86
N LEU F 379 33.83 41.15 33.11
CA LEU F 379 33.05 40.06 33.68
C LEU F 379 33.82 39.34 34.78
N ALA F 380 35.13 39.23 34.64
CA ALA F 380 35.93 38.61 35.69
C ALA F 380 36.02 39.49 36.94
N GLY F 381 35.67 40.76 36.84
CA GLY F 381 35.69 41.64 37.99
C GLY F 381 37.04 42.21 38.31
N VAL F 382 37.90 42.38 37.32
CA VAL F 382 39.29 42.81 37.53
C VAL F 382 39.35 44.33 37.33
N PRO F 383 40.04 45.06 38.22
CA PRO F 383 40.22 46.49 37.97
C PRO F 383 41.01 46.69 36.70
N PRO F 384 40.87 47.86 36.05
CA PRO F 384 40.11 49.04 36.44
C PRO F 384 38.68 49.05 35.91
N THR F 385 38.22 47.91 35.41
CA THR F 385 36.94 47.86 34.72
C THR F 385 35.78 48.20 35.65
N LEU F 386 34.71 48.71 35.05
CA LEU F 386 33.48 48.96 35.78
C LEU F 386 32.90 47.67 36.35
N GLY F 387 33.26 46.51 35.79
CA GLY F 387 32.82 45.26 36.38
C GLY F 387 33.41 45.01 37.75
N PHE F 388 34.63 45.48 37.98
CA PHE F 388 35.23 45.38 39.31
C PHE F 388 34.44 46.20 40.32
N PHE F 389 34.06 47.42 39.95
CA PHE F 389 33.35 48.29 40.87
C PHE F 389 31.96 47.77 41.18
N ALA F 390 31.37 46.99 40.27
CA ALA F 390 30.11 46.32 40.60
C ALA F 390 30.32 45.33 41.74
N LYS F 391 31.35 44.48 41.63
CA LYS F 391 31.64 43.53 42.71
C LYS F 391 32.00 44.25 43.99
N PHE F 392 32.76 45.35 43.88
CA PHE F 392 33.16 46.10 45.06
C PHE F 392 31.94 46.58 45.83
N GLY F 393 30.90 47.01 45.13
CA GLY F 393 29.72 47.54 45.80
C GLY F 393 28.98 46.49 46.60
N VAL F 394 28.76 45.32 46.02
CA VAL F 394 28.03 44.28 46.74
C VAL F 394 28.88 43.74 47.89
N LEU F 395 30.18 43.61 47.68
CA LEU F 395 31.06 43.19 48.77
C LEU F 395 31.06 44.22 49.89
N THR F 396 31.00 45.50 49.54
CA THR F 396 30.88 46.55 50.54
C THR F 396 29.61 46.38 51.36
N ALA F 397 28.49 46.10 50.71
CA ALA F 397 27.23 45.90 51.43
C ALA F 397 27.32 44.70 52.36
N ALA F 398 27.92 43.60 51.89
CA ALA F 398 28.02 42.41 52.72
C ALA F 398 28.83 42.67 53.98
N VAL F 399 30.03 43.22 53.84
CA VAL F 399 30.86 43.51 55.01
C VAL F 399 30.15 44.48 55.93
N ASP F 400 29.49 45.48 55.35
CA ASP F 400 28.77 46.47 56.16
C ASP F 400 27.70 45.84 57.03
N ALA F 401 27.21 44.65 56.66
CA ALA F 401 26.14 43.99 57.37
C ALA F 401 26.62 42.89 58.29
N GLY F 402 27.93 42.80 58.52
CA GLY F 402 28.47 41.74 59.33
C GLY F 402 28.49 40.39 58.65
N MET F 403 28.57 40.38 57.32
CA MET F 403 28.63 39.14 56.55
C MET F 403 29.93 39.06 55.77
N GLY F 404 31.05 39.32 56.43
CA GLY F 404 32.34 39.17 55.80
C GLY F 404 32.63 37.76 55.34
N TRP F 405 32.09 36.76 56.02
CA TRP F 405 32.24 35.39 55.57
C TRP F 405 31.67 35.21 54.16
N LEU F 406 30.57 35.90 53.87
CA LEU F 406 30.00 35.85 52.53
C LEU F 406 30.90 36.58 51.53
N ALA F 407 31.46 37.72 51.94
CA ALA F 407 32.37 38.44 51.05
C ALA F 407 33.62 37.62 50.76
N VAL F 408 34.16 36.93 51.77
CA VAL F 408 35.35 36.10 51.55
C VAL F 408 35.04 34.99 50.56
N LEU F 409 33.91 34.31 50.74
CA LEU F 409 33.52 33.28 49.79
C LEU F 409 33.28 33.86 48.41
N GLY F 410 32.69 35.06 48.35
CA GLY F 410 32.43 35.67 47.06
C GLY F 410 33.70 35.92 46.26
N VAL F 411 34.74 36.45 46.90
CA VAL F 411 35.96 36.75 46.18
C VAL F 411 36.71 35.47 45.80
N ILE F 412 36.61 34.43 46.62
CA ILE F 412 37.28 33.18 46.27
C ILE F 412 36.66 32.58 45.02
N ALA F 413 35.33 32.55 44.94
CA ALA F 413 34.67 32.04 43.73
C ALA F 413 35.02 32.89 42.53
N SER F 414 35.23 34.20 42.73
CA SER F 414 35.64 35.07 41.64
C SER F 414 36.96 34.61 41.03
N VAL F 415 37.88 34.10 41.86
CA VAL F 415 39.16 33.66 41.34
C VAL F 415 38.99 32.44 40.44
N ILE F 416 38.16 31.49 40.85
CA ILE F 416 37.90 30.33 40.02
C ILE F 416 37.23 30.74 38.72
N GLY F 417 36.24 31.62 38.81
CA GLY F 417 35.57 32.09 37.61
C GLY F 417 36.49 32.85 36.68
N ALA F 418 37.47 33.57 37.23
CA ALA F 418 38.36 34.35 36.40
C ALA F 418 39.12 33.48 35.40
N PHE F 419 39.25 32.17 35.69
CA PHE F 419 40.00 31.31 34.79
C PHE F 419 39.37 31.24 33.41
N TYR F 420 38.05 31.00 33.34
CA TYR F 420 37.46 30.80 32.02
C TYR F 420 37.24 32.08 31.26
N TYR F 421 37.24 33.24 31.93
CA TYR F 421 37.32 34.50 31.19
C TYR F 421 38.74 34.72 30.68
N LEU F 422 39.74 34.43 31.51
CA LEU F 422 41.13 34.54 31.07
C LEU F 422 41.40 33.63 29.88
N ARG F 423 40.77 32.45 29.86
CA ARG F 423 41.03 31.52 28.78
C ARG F 423 40.55 32.08 27.45
N ILE F 424 39.44 32.80 27.43
CA ILE F 424 38.99 33.44 26.21
C ILE F 424 40.02 34.46 25.73
N VAL F 425 40.56 35.24 26.66
CA VAL F 425 41.62 36.19 26.31
C VAL F 425 42.84 35.43 25.78
N TYR F 426 43.20 34.33 26.44
CA TYR F 426 44.28 33.48 25.96
C TYR F 426 44.05 33.01 24.53
N TYR F 427 42.84 32.52 24.23
CA TYR F 427 42.57 32.07 22.87
C TYR F 427 42.75 33.19 21.86
N MET F 428 42.14 34.34 22.12
CA MET F 428 42.16 35.42 21.13
C MET F 428 43.59 35.91 20.87
N TYR F 429 44.42 36.03 21.89
CA TYR F 429 45.68 36.75 21.75
C TYR F 429 46.88 35.84 21.57
N PHE F 430 46.96 34.70 22.25
CA PHE F 430 48.06 33.78 22.04
C PHE F 430 47.57 32.34 22.03
N GLY F 431 46.47 32.10 21.32
CA GLY F 431 45.88 30.78 21.21
C GLY F 431 46.54 29.93 20.15
N GLY F 432 45.93 28.78 19.89
CA GLY F 432 46.45 27.81 18.95
C GLY F 432 46.04 28.10 17.52
N GLU F 433 46.30 27.12 16.66
CA GLU F 433 46.14 27.32 15.23
C GLU F 433 44.70 27.71 14.88
N SER F 434 44.56 28.74 14.07
CA SER F 434 43.27 29.37 13.83
C SER F 434 42.46 28.65 12.77
N GLU F 435 41.16 28.53 13.03
CA GLU F 435 40.17 28.20 12.01
C GLU F 435 39.38 29.47 11.73
N GLY F 436 39.16 29.76 10.46
CA GLY F 436 38.86 31.12 10.03
C GLY F 436 37.50 31.66 10.44
N MET F 437 37.32 31.93 11.73
CA MET F 437 36.14 32.65 12.18
C MET F 437 36.25 34.11 11.80
N THR F 438 35.17 34.66 11.26
CA THR F 438 35.08 36.08 10.97
C THR F 438 33.94 36.67 11.78
N SER F 439 34.04 37.97 12.07
CA SER F 439 33.02 38.70 12.81
C SER F 439 32.28 39.61 11.83
N ARG F 440 31.03 39.27 11.53
CA ARG F 440 30.19 40.07 10.65
C ARG F 440 29.32 40.98 11.50
N MET F 441 29.55 42.28 11.41
CA MET F 441 28.85 43.26 12.21
C MET F 441 28.44 44.44 11.34
N GLY F 442 27.16 44.80 11.41
CA GLY F 442 26.72 46.05 10.86
C GLY F 442 27.02 47.19 11.80
N ALA F 443 26.57 48.39 11.42
CA ALA F 443 26.86 49.57 12.23
C ALA F 443 26.24 49.47 13.62
N VAL F 444 24.98 49.05 13.70
CA VAL F 444 24.30 49.01 14.99
C VAL F 444 24.91 47.94 15.89
N GLN F 445 25.12 46.74 15.34
CA GLN F 445 25.73 45.68 16.12
C GLN F 445 27.15 46.06 16.55
N TYR F 446 27.87 46.74 15.67
CA TYR F 446 29.22 47.19 15.99
C TYR F 446 29.22 48.13 17.18
N LEU F 447 28.26 49.06 17.23
CA LEU F 447 28.19 49.97 18.37
C LEU F 447 27.69 49.26 19.62
N ALA F 448 26.95 48.17 19.47
CA ALA F 448 26.54 47.38 20.62
C ALA F 448 27.72 46.67 21.28
N LEU F 449 28.85 46.54 20.58
CA LEU F 449 30.06 46.00 21.17
C LEU F 449 30.96 47.11 21.72
N MET F 450 31.18 48.16 20.94
CA MET F 450 32.17 49.17 21.32
C MET F 450 31.68 50.01 22.49
N VAL F 451 30.43 50.48 22.43
CA VAL F 451 29.93 51.38 23.47
C VAL F 451 29.90 50.70 24.83
N PRO F 452 29.34 49.50 24.98
CA PRO F 452 29.48 48.82 26.28
C PRO F 452 30.93 48.59 26.68
N ALA F 453 31.82 48.30 25.73
CA ALA F 453 33.22 48.12 26.06
C ALA F 453 33.84 49.43 26.53
N LEU F 454 33.53 50.54 25.87
CA LEU F 454 34.02 51.82 26.33
C LEU F 454 33.45 52.16 27.71
N ALA F 455 32.19 51.83 27.94
CA ALA F 455 31.57 52.13 29.23
C ALA F 455 32.30 51.45 30.38
N MET F 456 32.91 50.27 30.14
CA MET F 456 33.61 49.58 31.20
C MET F 456 34.82 50.37 31.69
N LEU F 457 35.41 51.19 30.83
CA LEU F 457 36.54 52.03 31.23
C LEU F 457 36.10 53.45 31.58
N VAL F 458 35.28 54.08 30.73
CA VAL F 458 34.80 55.41 31.04
C VAL F 458 34.04 55.39 32.36
N GLY F 459 33.27 54.33 32.60
CA GLY F 459 32.56 54.22 33.86
C GLY F 459 33.48 54.19 35.05
N ALA F 460 34.72 53.76 34.85
CA ALA F 460 35.69 53.77 35.95
C ALA F 460 36.04 55.20 36.34
N ILE F 461 35.96 56.15 35.41
CA ILE F 461 36.22 57.55 35.75
C ILE F 461 34.99 58.18 36.37
N SER F 462 33.84 58.09 35.70
CA SER F 462 32.60 58.66 36.21
C SER F 462 31.44 57.75 35.86
N MET F 463 30.58 57.49 36.84
CA MET F 463 29.35 56.76 36.62
C MET F 463 28.21 57.67 36.17
N PHE F 464 28.45 58.98 36.07
CA PHE F 464 27.49 59.92 35.52
C PHE F 464 26.19 59.92 36.32
N GLY F 465 26.30 59.81 37.63
CA GLY F 465 25.17 59.91 38.52
C GLY F 465 24.36 58.65 38.68
N VAL F 466 24.72 57.57 37.97
CA VAL F 466 23.93 56.34 38.06
C VAL F 466 24.05 55.73 39.44
N ASP F 467 25.25 55.78 40.05
CA ASP F 467 25.41 55.29 41.40
C ASP F 467 24.58 56.10 42.38
N SER F 468 24.51 57.42 42.18
CA SER F 468 23.68 58.25 43.04
C SER F 468 22.20 58.00 42.78
N ALA F 469 21.83 57.74 41.53
CA ALA F 469 20.44 57.42 41.23
C ALA F 469 20.02 56.10 41.86
N ALA F 470 20.92 55.12 41.88
CA ALA F 470 20.60 53.85 42.49
C ALA F 470 20.40 53.98 43.99
N GLY F 471 21.15 54.87 44.63
CA GLY F 471 20.99 55.08 46.06
C GLY F 471 19.63 55.67 46.41
N ARG F 472 19.19 56.66 45.64
CA ARG F 472 17.86 57.23 45.86
C ARG F 472 16.79 56.17 45.61
N ALA F 473 16.94 55.38 44.55
CA ALA F 473 15.96 54.34 44.26
C ALA F 473 15.89 53.31 45.39
N ALA F 474 17.04 52.89 45.91
CA ALA F 474 17.05 51.91 46.98
C ALA F 474 16.37 52.45 48.23
N GLU F 475 16.49 53.75 48.49
CA GLU F 475 15.89 54.31 49.68
C GLU F 475 14.37 54.23 49.65
N THR F 476 13.76 54.49 48.50
CA THR F 476 12.30 54.42 48.41
C THR F 476 11.78 53.03 48.73
N LEU F 477 12.51 51.99 48.36
CA LEU F 477 12.08 50.63 48.67
C LEU F 477 12.34 50.30 50.14
N VAL F 478 13.59 50.38 50.58
CA VAL F 478 13.93 49.93 51.93
C VAL F 478 13.33 50.84 52.98
N GLY F 479 13.30 52.15 52.72
CA GLY F 479 12.72 53.09 53.65
C GLY F 479 13.77 53.73 54.54
N MET G 1 -49.00 12.26 59.53
CA MET G 1 -47.85 12.20 58.59
C MET G 1 -46.91 13.39 58.79
N ALA G 2 -47.43 14.45 59.41
CA ALA G 2 -46.59 15.62 59.68
C ALA G 2 -45.35 15.22 60.47
N GLU G 3 -45.52 14.35 61.47
CA GLU G 3 -44.38 13.90 62.25
C GLU G 3 -43.36 13.17 61.38
N PHE G 4 -43.77 12.72 60.19
CA PHE G 4 -42.87 12.00 59.29
C PHE G 4 -42.17 12.91 58.30
N TRP G 5 -42.92 13.71 57.54
CA TRP G 5 -42.33 14.44 56.43
C TRP G 5 -41.31 15.49 56.87
N ALA G 6 -41.26 15.82 58.15
CA ALA G 6 -40.28 16.77 58.65
C ALA G 6 -38.95 16.11 59.04
N SER G 7 -38.89 14.79 59.08
CA SER G 7 -37.72 14.08 59.55
C SER G 7 -36.68 13.95 58.45
N PRO G 8 -35.49 13.48 58.79
CA PRO G 8 -34.54 13.12 57.72
C PRO G 8 -35.11 12.13 56.72
N TYR G 9 -35.86 11.14 57.19
CA TYR G 9 -36.43 10.15 56.28
C TYR G 9 -37.45 10.78 55.35
N GLY G 10 -38.42 11.50 55.90
CA GLY G 10 -39.39 12.17 55.05
C GLY G 10 -38.74 13.15 54.11
N PHE G 11 -37.59 13.69 54.51
CA PHE G 11 -36.80 14.52 53.61
C PHE G 11 -36.08 13.68 52.57
N ALA G 12 -35.59 12.50 52.98
CA ALA G 12 -34.89 11.62 52.04
C ALA G 12 -35.86 11.02 51.02
N LEU G 13 -37.05 10.63 51.48
CA LEU G 13 -38.04 10.12 50.54
C LEU G 13 -38.52 11.19 49.58
N SER G 14 -38.62 12.43 50.04
CA SER G 14 -39.09 13.49 49.16
C SER G 14 -38.16 13.67 47.96
N MET G 15 -36.85 13.62 48.19
CA MET G 15 -35.90 13.72 47.09
C MET G 15 -36.02 12.53 46.15
N LEU G 16 -36.12 11.32 46.68
CA LEU G 16 -36.23 10.15 45.83
C LEU G 16 -37.49 10.20 44.98
N LEU G 17 -38.62 10.60 45.58
CA LEU G 17 -39.85 10.73 44.82
C LEU G 17 -39.74 11.82 43.76
N GLN G 18 -39.11 12.94 44.10
CA GLN G 18 -38.86 13.97 43.11
C GLN G 18 -37.97 13.45 41.99
N GLY G 19 -36.96 12.64 42.35
CA GLY G 19 -36.11 12.06 41.33
C GLY G 19 -36.84 11.10 40.42
N LEU G 20 -37.76 10.31 40.99
CA LEU G 20 -38.55 9.40 40.16
C LEU G 20 -39.49 10.16 39.24
N ALA G 21 -40.00 11.31 39.68
CA ALA G 21 -40.85 12.12 38.81
C ALA G 21 -40.08 12.59 37.58
N VAL G 22 -38.83 12.99 37.75
CA VAL G 22 -38.04 13.45 36.61
C VAL G 22 -37.74 12.27 35.69
N ILE G 23 -37.31 11.14 36.24
CA ILE G 23 -37.01 9.97 35.42
C ILE G 23 -38.27 9.49 34.72
N ALA G 24 -39.41 9.51 35.41
CA ALA G 24 -40.66 9.09 34.78
C ALA G 24 -41.01 10.00 33.60
N PHE G 25 -40.89 11.30 33.78
CA PHE G 25 -41.19 12.23 32.69
C PHE G 25 -40.22 12.06 31.54
N VAL G 26 -38.93 12.01 31.82
CA VAL G 26 -37.93 11.99 30.76
C VAL G 26 -37.97 10.65 30.03
N MET G 27 -38.07 9.55 30.78
CA MET G 27 -38.08 8.24 30.14
C MET G 27 -39.44 7.97 29.49
N GLY G 28 -40.53 8.41 30.11
CA GLY G 28 -41.83 8.29 29.49
C GLY G 28 -41.93 9.08 28.20
N SER G 29 -41.41 10.30 28.19
CA SER G 29 -41.39 11.08 26.97
C SER G 29 -40.55 10.41 25.89
N LEU G 30 -39.54 9.64 26.31
CA LEU G 30 -38.67 8.95 25.38
C LEU G 30 -39.43 7.94 24.54
N ILE G 31 -40.49 7.35 25.09
CA ILE G 31 -41.32 6.44 24.33
C ILE G 31 -41.94 7.16 23.13
N PHE G 32 -42.44 8.37 23.36
CA PHE G 32 -43.13 9.12 22.33
C PHE G 32 -42.20 9.96 21.47
N MET G 33 -40.99 10.25 21.94
CA MET G 33 -40.05 11.01 21.14
C MET G 33 -39.52 10.17 19.98
N VAL G 34 -39.09 8.94 20.26
CA VAL G 34 -38.58 8.09 19.19
C VAL G 34 -39.69 7.77 18.21
N TYR G 35 -40.89 7.52 18.70
CA TYR G 35 -42.02 7.32 17.82
C TYR G 35 -42.31 8.57 17.01
N GLY G 36 -42.41 9.72 17.67
CA GLY G 36 -42.75 10.94 16.97
C GLY G 36 -41.69 11.36 15.97
N ASP G 37 -40.42 11.15 16.31
CA ASP G 37 -39.35 11.45 15.38
C ASP G 37 -39.52 10.67 14.08
N ARG G 38 -39.79 9.38 14.18
CA ARG G 38 -39.91 8.54 13.00
C ARG G 38 -41.17 8.85 12.21
N LYS G 39 -42.27 9.18 12.91
CA LYS G 39 -43.50 9.50 12.22
C LYS G 39 -43.38 10.79 11.40
N ILE G 40 -42.60 11.75 11.90
CA ILE G 40 -42.44 13.01 11.19
C ILE G 40 -41.62 12.85 9.92
N TRP G 41 -40.53 12.09 9.97
CA TRP G 41 -39.77 11.84 8.75
C TRP G 41 -40.63 11.14 7.73
N ALA G 42 -41.38 10.14 8.17
CA ALA G 42 -42.23 9.37 7.26
C ALA G 42 -43.27 10.24 6.59
N ALA G 43 -43.90 11.13 7.35
CA ALA G 43 -44.93 11.99 6.78
C ALA G 43 -44.34 12.89 5.69
N VAL G 44 -43.16 13.46 5.94
CA VAL G 44 -42.50 14.25 4.92
C VAL G 44 -42.06 13.38 3.74
N GLN G 45 -41.90 12.08 3.95
CA GLN G 45 -41.40 11.16 2.94
C GLN G 45 -42.50 10.36 2.25
N MET G 46 -43.74 10.88 2.25
CA MET G 46 -44.88 10.27 1.57
C MET G 46 -45.10 8.83 2.01
N ARG G 47 -44.90 8.54 3.29
CA ARG G 47 -45.11 7.20 3.78
C ARG G 47 -45.69 7.28 5.18
N ARG G 48 -45.86 6.12 5.81
CA ARG G 48 -46.57 6.05 7.08
C ARG G 48 -45.63 6.14 8.26
N GLY G 49 -44.53 5.38 8.23
CA GLY G 49 -43.74 5.17 9.42
C GLY G 49 -44.41 4.13 10.29
N PRO G 50 -43.79 3.79 11.43
CA PRO G 50 -44.34 2.72 12.26
C PRO G 50 -45.83 2.82 12.50
N ASN G 51 -46.60 1.85 12.00
CA ASN G 51 -48.04 1.90 12.21
C ASN G 51 -48.69 0.55 12.48
N VAL G 52 -47.94 -0.52 12.81
CA VAL G 52 -48.54 -1.83 12.99
C VAL G 52 -48.32 -2.35 14.42
N VAL G 53 -47.24 -1.94 15.06
CA VAL G 53 -46.91 -2.44 16.40
C VAL G 53 -47.67 -1.63 17.43
N GLY G 54 -48.83 -2.14 17.84
CA GLY G 54 -49.76 -1.36 18.62
C GLY G 54 -50.59 -0.49 17.71
N PRO G 55 -51.63 0.15 18.23
CA PRO G 55 -52.47 1.02 17.39
C PRO G 55 -51.68 2.19 16.84
N TRP G 56 -51.68 2.31 15.51
CA TRP G 56 -50.91 3.32 14.82
C TRP G 56 -49.43 3.27 15.19
N GLY G 57 -48.94 2.07 15.52
CA GLY G 57 -47.54 1.89 15.83
C GLY G 57 -47.11 2.44 17.17
N LEU G 58 -48.04 2.75 18.06
CA LEU G 58 -47.68 3.48 19.27
C LEU G 58 -46.90 2.65 20.28
N LEU G 59 -46.82 1.34 20.13
CA LEU G 59 -46.02 0.50 21.00
C LEU G 59 -44.66 0.15 20.40
N GLN G 60 -44.27 0.82 19.32
CA GLN G 60 -43.05 0.47 18.60
C GLN G 60 -41.83 0.61 19.50
N THR G 61 -41.76 1.68 20.29
CA THR G 61 -40.57 1.90 21.11
C THR G 61 -40.44 0.86 22.21
N PHE G 62 -41.56 0.35 22.72
CA PHE G 62 -41.49 -0.76 23.67
C PHE G 62 -40.90 -2.00 23.02
N ALA G 63 -41.32 -2.30 21.79
CA ALA G 63 -40.77 -3.43 21.07
C ALA G 63 -39.27 -3.26 20.85
N ASP G 64 -38.85 -2.07 20.40
CA ASP G 64 -37.43 -1.82 20.18
C ASP G 64 -36.65 -1.98 21.47
N ALA G 65 -37.13 -1.39 22.56
CA ALA G 65 -36.41 -1.45 23.82
C ALA G 65 -36.26 -2.89 24.29
N LEU G 66 -37.37 -3.65 24.30
CA LEU G 66 -37.31 -5.05 24.72
C LEU G 66 -36.38 -5.87 23.85
N LYS G 67 -36.38 -5.63 22.54
CA LYS G 67 -35.52 -6.39 21.65
C LYS G 67 -34.06 -6.29 22.07
N TYR G 68 -33.63 -5.09 22.48
CA TYR G 68 -32.24 -4.91 22.90
C TYR G 68 -31.95 -5.57 24.24
N ILE G 69 -32.94 -5.66 25.13
CA ILE G 69 -32.69 -6.28 26.43
C ILE G 69 -32.41 -7.77 26.27
N VAL G 70 -32.98 -8.42 25.26
CA VAL G 70 -32.74 -9.83 25.01
C VAL G 70 -31.78 -10.05 23.84
N LYS G 71 -31.04 -9.03 23.45
CA LYS G 71 -30.00 -9.15 22.44
C LYS G 71 -28.64 -9.34 23.12
N GLU G 72 -27.81 -10.18 22.52
CA GLU G 72 -26.50 -10.48 23.07
C GLU G 72 -25.61 -9.24 23.11
N ILE G 73 -24.85 -9.09 24.19
CA ILE G 73 -23.79 -8.08 24.27
C ILE G 73 -22.52 -8.67 23.68
N VAL G 74 -22.03 -8.09 22.61
CA VAL G 74 -20.76 -8.48 22.00
C VAL G 74 -19.71 -7.48 22.44
N ILE G 75 -18.62 -8.00 23.02
CA ILE G 75 -17.51 -7.19 23.49
C ILE G 75 -16.34 -7.39 22.52
N PRO G 76 -15.89 -6.36 21.82
CA PRO G 76 -14.76 -6.55 20.90
C PRO G 76 -13.53 -7.06 21.62
N ALA G 77 -12.80 -7.95 20.96
CA ALA G 77 -11.62 -8.56 21.56
C ALA G 77 -10.57 -7.51 21.91
N GLY G 78 -10.35 -6.55 21.03
CA GLY G 78 -9.34 -5.54 21.23
C GLY G 78 -9.78 -4.28 21.93
N ALA G 79 -11.00 -4.24 22.47
CA ALA G 79 -11.52 -3.05 23.09
C ALA G 79 -10.98 -2.87 24.50
N ASP G 80 -10.83 -1.61 24.89
CA ASP G 80 -10.54 -1.26 26.28
C ASP G 80 -11.83 -1.44 27.07
N LYS G 81 -11.89 -2.50 27.88
CA LYS G 81 -13.18 -3.01 28.32
C LYS G 81 -13.86 -2.10 29.33
N PHE G 82 -13.09 -1.51 30.26
CA PHE G 82 -13.72 -0.58 31.20
C PHE G 82 -14.21 0.68 30.50
N VAL G 83 -13.35 1.30 29.70
CA VAL G 83 -13.77 2.51 28.99
C VAL G 83 -14.85 2.19 27.98
N TYR G 84 -14.90 0.95 27.47
CA TYR G 84 -15.95 0.57 26.54
C TYR G 84 -17.32 0.62 27.18
N PHE G 85 -17.43 0.19 28.43
CA PHE G 85 -18.72 0.22 29.12
C PHE G 85 -18.97 1.54 29.84
N LEU G 86 -17.92 2.32 30.12
CA LEU G 86 -18.11 3.62 30.73
C LEU G 86 -18.72 4.61 29.74
N ALA G 87 -18.36 4.49 28.45
CA ALA G 87 -18.83 5.46 27.47
C ALA G 87 -20.35 5.48 27.34
N PRO G 88 -21.04 4.36 27.09
CA PRO G 88 -22.51 4.42 27.06
C PRO G 88 -23.13 4.88 28.37
N PHE G 89 -22.53 4.49 29.49
CA PHE G 89 -23.06 4.86 30.80
C PHE G 89 -23.04 6.37 30.97
N LEU G 90 -21.91 7.02 30.64
CA LEU G 90 -21.84 8.47 30.74
C LEU G 90 -22.82 9.13 29.79
N SER G 91 -22.96 8.60 28.58
CA SER G 91 -23.80 9.24 27.58
C SER G 91 -25.24 9.33 28.08
N MET G 92 -25.79 8.24 28.59
CA MET G 92 -27.17 8.26 29.10
C MET G 92 -27.25 8.96 30.44
N MET G 93 -26.33 8.65 31.36
CA MET G 93 -26.44 9.17 32.71
C MET G 93 -26.39 10.69 32.73
N LEU G 94 -25.42 11.28 32.03
CA LEU G 94 -25.22 12.72 32.13
C LEU G 94 -26.33 13.51 31.44
N ALA G 95 -26.87 12.99 30.35
CA ALA G 95 -27.99 13.68 29.72
C ALA G 95 -29.19 13.74 30.64
N LEU G 96 -29.54 12.60 31.26
CA LEU G 96 -30.60 12.58 32.24
C LEU G 96 -30.27 13.46 33.42
N PHE G 97 -29.01 13.43 33.87
CA PHE G 97 -28.59 14.16 35.05
C PHE G 97 -28.80 15.66 34.89
N ALA G 98 -28.69 16.18 33.66
CA ALA G 98 -28.83 17.61 33.45
C ALA G 98 -30.23 18.11 33.78
N PHE G 99 -31.23 17.22 33.77
CA PHE G 99 -32.61 17.61 34.03
C PHE G 99 -32.87 17.91 35.50
N VAL G 100 -31.90 17.69 36.38
CA VAL G 100 -32.10 17.93 37.80
C VAL G 100 -32.31 19.41 38.09
N VAL G 101 -31.83 20.29 37.21
CA VAL G 101 -31.98 21.73 37.41
C VAL G 101 -33.02 22.35 36.50
N ILE G 102 -33.67 21.56 35.65
CA ILE G 102 -34.68 22.08 34.73
C ILE G 102 -35.97 22.34 35.49
N PRO G 103 -36.48 23.57 35.52
CA PRO G 103 -37.82 23.80 36.10
C PRO G 103 -38.91 23.64 35.06
N PHE G 104 -40.03 23.05 35.49
CA PHE G 104 -41.17 22.85 34.62
C PHE G 104 -42.37 23.70 35.00
N ASP G 105 -42.38 24.28 36.18
CA ASP G 105 -43.48 25.10 36.65
C ASP G 105 -42.94 25.90 37.82
N GLU G 106 -43.78 26.76 38.38
CA GLU G 106 -43.38 27.55 39.53
C GLU G 106 -43.16 26.60 40.71
N GLY G 107 -41.89 26.42 41.10
CA GLY G 107 -41.54 25.53 42.16
C GLY G 107 -41.37 24.07 41.77
N TRP G 108 -41.50 23.75 40.48
CA TRP G 108 -41.35 22.36 40.02
C TRP G 108 -39.93 22.16 39.49
N VAL G 109 -38.98 22.22 40.42
CA VAL G 109 -37.58 22.00 40.07
C VAL G 109 -36.93 21.24 41.22
N MET G 110 -36.14 20.24 40.86
CA MET G 110 -35.49 19.43 41.88
C MET G 110 -34.36 20.19 42.58
N ALA G 111 -33.58 20.98 41.84
CA ALA G 111 -32.46 21.74 42.39
C ALA G 111 -32.52 23.15 41.86
N ASN G 112 -32.82 24.11 42.73
CA ASN G 112 -32.93 25.52 42.36
C ASN G 112 -31.65 26.24 42.74
N ILE G 113 -30.65 26.10 41.88
CA ILE G 113 -29.30 26.62 42.17
C ILE G 113 -29.10 27.92 41.42
N ASN G 114 -28.17 28.73 41.91
CA ASN G 114 -27.95 30.06 41.36
C ASN G 114 -27.20 30.03 40.04
N VAL G 115 -26.50 28.94 39.74
CA VAL G 115 -25.63 28.87 38.57
C VAL G 115 -26.18 27.83 37.61
N GLY G 116 -27.50 27.75 37.51
CA GLY G 116 -28.12 26.69 36.74
C GLY G 116 -27.65 26.65 35.30
N ILE G 117 -27.44 27.82 34.69
CA ILE G 117 -26.96 27.86 33.31
C ILE G 117 -25.60 27.18 33.20
N LEU G 118 -24.67 27.53 34.08
CA LEU G 118 -23.35 26.94 34.00
C LEU G 118 -23.38 25.44 34.27
N PHE G 119 -24.24 25.00 35.20
CA PHE G 119 -24.32 23.58 35.47
C PHE G 119 -24.79 22.82 34.24
N ILE G 120 -25.78 23.36 33.52
CA ILE G 120 -26.21 22.75 32.26
C ILE G 120 -25.03 22.61 31.33
N PHE G 121 -24.24 23.68 31.17
CA PHE G 121 -23.09 23.64 30.29
C PHE G 121 -22.09 22.59 30.74
N ALA G 122 -21.84 22.51 32.04
CA ALA G 122 -20.89 21.53 32.55
C ALA G 122 -21.34 20.10 32.24
N ALA G 123 -22.61 19.80 32.48
CA ALA G 123 -23.09 18.43 32.34
C ALA G 123 -23.22 18.03 30.87
N SER G 124 -23.72 18.92 30.02
CA SER G 124 -23.89 18.57 28.61
C SER G 124 -22.53 18.37 27.93
N SER G 125 -21.56 19.22 28.25
CA SER G 125 -20.25 19.09 27.61
C SER G 125 -19.54 17.82 28.07
N LEU G 126 -19.69 17.46 29.34
CA LEU G 126 -19.10 16.22 29.82
C LEU G 126 -19.75 15.00 29.17
N GLU G 127 -21.00 15.14 28.73
CA GLU G 127 -21.68 14.06 28.04
C GLU G 127 -20.98 13.68 26.74
N VAL G 128 -20.32 14.65 26.09
CA VAL G 128 -19.62 14.37 24.84
C VAL G 128 -18.54 13.33 25.04
N TYR G 129 -18.03 13.19 26.28
CA TYR G 129 -16.98 12.21 26.52
C TYR G 129 -17.46 10.80 26.23
N GLY G 130 -18.76 10.54 26.35
CA GLY G 130 -19.27 9.23 26.00
C GLY G 130 -19.02 8.89 24.54
N VAL G 131 -19.22 9.87 23.66
CA VAL G 131 -18.96 9.66 22.24
C VAL G 131 -17.47 9.55 21.97
N ILE G 132 -16.67 10.44 22.56
CA ILE G 132 -15.24 10.43 22.32
C ILE G 132 -14.62 9.15 22.88
N MET G 133 -15.02 8.77 24.09
CA MET G 133 -14.46 7.58 24.71
C MET G 133 -15.06 6.31 24.12
N GLY G 134 -16.33 6.35 23.73
CA GLY G 134 -16.93 5.19 23.10
C GLY G 134 -16.25 4.84 21.78
N GLY G 135 -16.00 5.85 20.95
CA GLY G 135 -15.31 5.59 19.70
C GLY G 135 -13.91 5.08 19.89
N TRP G 136 -13.15 5.73 20.77
CA TRP G 136 -11.75 5.35 20.95
C TRP G 136 -11.64 3.97 21.61
N ALA G 137 -12.50 3.67 22.58
CA ALA G 137 -12.35 2.44 23.34
C ALA G 137 -12.69 1.20 22.51
N SER G 138 -13.49 1.36 21.46
CA SER G 138 -13.81 0.21 20.61
C SER G 138 -12.58 -0.36 19.95
N ASN G 139 -11.59 0.49 19.65
CA ASN G 139 -10.33 0.05 19.05
C ASN G 139 -10.54 -0.51 17.64
N SER G 140 -11.37 0.18 16.86
CA SER G 140 -11.50 -0.07 15.44
C SER G 140 -11.58 1.26 14.71
N LYS G 141 -11.31 1.23 13.41
CA LYS G 141 -10.97 2.45 12.70
C LYS G 141 -12.17 3.38 12.54
N TYR G 142 -13.33 2.84 12.19
CA TYR G 142 -14.49 3.70 12.02
C TYR G 142 -14.90 4.36 13.33
N PRO G 143 -15.02 3.66 14.45
CA PRO G 143 -15.26 4.35 15.73
C PRO G 143 -14.14 5.30 16.09
N PHE G 144 -12.90 4.97 15.73
CA PHE G 144 -11.79 5.87 16.02
C PHE G 144 -11.90 7.18 15.26
N LEU G 145 -12.27 7.12 13.98
CA LEU G 145 -12.46 8.34 13.21
C LEU G 145 -13.58 9.19 13.78
N ALA G 146 -14.67 8.54 14.19
CA ALA G 146 -15.79 9.27 14.78
C ALA G 146 -15.39 9.93 16.09
N SER G 147 -14.52 9.28 16.86
CA SER G 147 -14.06 9.85 18.12
C SER G 147 -13.38 11.19 17.90
N LEU G 148 -12.53 11.30 16.87
CA LEU G 148 -11.90 12.57 16.57
C LEU G 148 -12.92 13.60 16.07
N ARG G 149 -13.90 13.16 15.28
CA ARG G 149 -14.93 14.08 14.83
C ARG G 149 -15.74 14.62 16.00
N SER G 150 -15.95 13.79 17.02
CA SER G 150 -16.68 14.25 18.19
C SER G 150 -15.93 15.37 18.91
N ALA G 151 -14.61 15.20 19.05
CA ALA G 151 -13.81 16.28 19.62
C ALA G 151 -13.88 17.54 18.75
N ALA G 152 -13.83 17.36 17.43
CA ALA G 152 -13.99 18.50 16.53
C ALA G 152 -15.34 19.17 16.70
N GLN G 153 -16.40 18.36 16.86
CA GLN G 153 -17.73 18.92 17.04
C GLN G 153 -17.81 19.78 18.29
N MET G 154 -17.23 19.32 19.39
CA MET G 154 -17.24 20.09 20.63
C MET G 154 -16.54 21.43 20.43
N ILE G 155 -15.38 21.42 19.77
CA ILE G 155 -14.65 22.66 19.51
C ILE G 155 -15.46 23.59 18.63
N SER G 156 -16.38 23.06 17.83
CA SER G 156 -17.09 23.88 16.86
C SER G 156 -18.26 24.63 17.48
N TYR G 157 -19.09 23.95 18.29
CA TYR G 157 -20.30 24.59 18.78
C TYR G 157 -20.16 25.20 20.16
N GLU G 158 -19.13 24.83 20.92
CA GLU G 158 -18.97 25.36 22.27
C GLU G 158 -18.26 26.70 22.32
N VAL G 159 -17.43 27.01 21.33
CA VAL G 159 -16.66 28.25 21.38
C VAL G 159 -17.58 29.46 21.45
N SER G 160 -18.78 29.38 20.87
CA SER G 160 -19.72 30.49 20.89
C SER G 160 -20.97 30.19 21.69
N LEU G 161 -21.10 29.01 22.27
CA LEU G 161 -22.33 28.66 22.99
C LEU G 161 -22.54 29.55 24.20
N GLY G 162 -21.47 29.82 24.96
CA GLY G 162 -21.59 30.74 26.08
C GLY G 162 -22.02 32.12 25.64
N LEU G 163 -21.38 32.66 24.61
CA LEU G 163 -21.71 34.00 24.14
C LEU G 163 -23.16 34.10 23.68
N ILE G 164 -23.70 33.02 23.12
CA ILE G 164 -25.05 33.07 22.55
C ILE G 164 -26.08 33.40 23.62
N ILE G 165 -25.85 32.94 24.85
CA ILE G 165 -26.84 33.13 25.92
C ILE G 165 -26.42 34.21 26.90
N ILE G 166 -25.23 34.79 26.75
CA ILE G 166 -24.83 35.85 27.66
C ILE G 166 -25.82 37.00 27.62
N GLY G 167 -26.38 37.26 26.44
CA GLY G 167 -27.37 38.32 26.32
C GLY G 167 -28.56 38.10 27.24
N ILE G 168 -29.03 36.86 27.34
CA ILE G 168 -30.19 36.57 28.18
C ILE G 168 -29.85 36.77 29.65
N ILE G 169 -28.63 36.45 30.05
CA ILE G 169 -28.20 36.71 31.42
C ILE G 169 -28.13 38.21 31.67
N ILE G 170 -27.62 38.98 30.71
CA ILE G 170 -27.57 40.43 30.87
C ILE G 170 -28.96 40.99 31.09
N SER G 171 -29.92 40.58 30.27
CA SER G 171 -31.28 41.08 30.40
C SER G 171 -31.91 40.62 31.71
N THR G 172 -31.61 39.41 32.15
CA THR G 172 -32.24 38.87 33.35
C THR G 172 -31.53 39.32 34.62
N GLY G 173 -30.21 39.38 34.60
CA GLY G 173 -29.45 39.60 35.81
C GLY G 173 -29.32 38.37 36.68
N SER G 174 -29.31 37.18 36.10
CA SER G 174 -29.26 35.95 36.88
C SER G 174 -28.92 34.80 35.94
N MET G 175 -28.32 33.76 36.53
CA MET G 175 -28.17 32.47 35.85
C MET G 175 -29.16 31.44 36.35
N ASN G 176 -30.01 31.80 37.29
CA ASN G 176 -31.03 30.88 37.79
C ASN G 176 -32.09 30.68 36.71
N LEU G 177 -32.36 29.41 36.38
CA LEU G 177 -33.25 29.13 35.27
C LEU G 177 -34.67 29.61 35.55
N THR G 178 -35.12 29.50 36.79
CA THR G 178 -36.44 30.00 37.14
C THR G 178 -36.50 31.51 37.01
N ALA G 179 -35.41 32.20 37.39
CA ALA G 179 -35.37 33.65 37.27
C ALA G 179 -35.49 34.08 35.81
N ILE G 180 -34.87 33.36 34.90
CA ILE G 180 -34.95 33.68 33.48
C ILE G 180 -36.40 33.63 33.00
N VAL G 181 -37.16 32.64 33.47
CA VAL G 181 -38.56 32.55 33.09
C VAL G 181 -39.35 33.72 33.68
N GLU G 182 -39.14 34.02 34.96
CA GLU G 182 -39.88 35.12 35.58
C GLU G 182 -39.57 36.46 34.91
N ALA G 183 -38.39 36.60 34.34
CA ALA G 183 -38.04 37.82 33.64
C ALA G 183 -38.84 37.98 32.36
N GLN G 184 -39.45 36.92 31.86
CA GLN G 184 -40.24 36.97 30.64
C GLN G 184 -41.73 37.10 30.92
N ARG G 185 -42.12 37.32 32.17
CA ARG G 185 -43.51 37.54 32.52
C ARG G 185 -43.90 38.99 32.30
N GLY G 186 -45.09 39.19 31.75
CA GLY G 186 -45.58 40.53 31.52
C GLY G 186 -47.04 40.53 31.14
N ASP G 187 -47.50 41.69 30.66
CA ASP G 187 -48.90 41.90 30.33
C ASP G 187 -49.22 41.62 28.86
N TYR G 188 -48.26 41.17 28.08
CA TYR G 188 -48.45 40.97 26.65
C TYR G 188 -48.10 39.55 26.23
N GLY G 189 -48.47 38.57 27.05
CA GLY G 189 -48.30 37.17 26.70
C GLY G 189 -46.94 36.84 26.11
N LEU G 190 -46.93 36.37 24.86
CA LEU G 190 -45.70 35.93 24.24
C LEU G 190 -44.81 37.08 23.79
N LEU G 191 -45.31 38.30 23.76
CA LEU G 191 -44.48 39.44 23.39
C LEU G 191 -43.50 39.83 24.48
N ASN G 192 -43.62 39.27 25.68
CA ASN G 192 -42.67 39.50 26.75
C ASN G 192 -41.56 38.46 26.79
N TRP G 193 -41.64 37.44 25.96
CA TRP G 193 -40.63 36.39 25.96
C TRP G 193 -39.37 36.87 25.25
N TYR G 194 -38.26 36.25 25.58
CA TYR G 194 -36.95 36.71 25.12
C TYR G 194 -36.70 36.43 23.64
N TRP G 195 -37.51 35.61 22.98
CA TRP G 195 -37.31 35.38 21.56
C TRP G 195 -37.32 36.69 20.78
N LEU G 196 -38.07 37.67 21.26
CA LEU G 196 -38.20 38.93 20.53
C LEU G 196 -36.97 39.81 20.69
N PRO G 197 -36.61 40.24 21.91
CA PRO G 197 -35.40 41.06 22.05
C PRO G 197 -34.12 40.36 21.62
N HIS G 198 -34.08 39.03 21.67
CA HIS G 198 -32.89 38.29 21.28
C HIS G 198 -33.18 37.37 20.10
N LEU G 199 -33.90 37.88 19.10
CA LEU G 199 -34.25 37.06 17.94
C LEU G 199 -33.05 36.43 17.28
N PRO G 200 -31.94 37.12 17.04
CA PRO G 200 -30.79 36.45 16.41
C PRO G 200 -30.26 35.27 17.20
N MET G 201 -30.27 35.34 18.52
CA MET G 201 -29.70 34.26 19.32
C MET G 201 -30.61 33.04 19.38
N VAL G 202 -31.90 33.20 19.09
CA VAL G 202 -32.76 32.03 18.98
C VAL G 202 -32.30 31.16 17.82
N VAL G 203 -31.99 31.78 16.68
CA VAL G 203 -31.49 31.02 15.54
C VAL G 203 -30.15 30.39 15.89
N LEU G 204 -29.26 31.16 16.51
CA LEU G 204 -27.92 30.65 16.80
C LEU G 204 -27.96 29.56 17.86
N PHE G 205 -28.85 29.69 18.85
CA PHE G 205 -28.98 28.64 19.85
C PHE G 205 -29.56 27.37 19.24
N PHE G 206 -30.60 27.49 18.42
CA PHE G 206 -31.21 26.32 17.83
C PHE G 206 -30.20 25.56 16.98
N VAL G 207 -29.44 26.27 16.14
CA VAL G 207 -28.42 25.63 15.31
C VAL G 207 -27.36 24.99 16.19
N SER G 208 -26.88 25.72 17.21
CA SER G 208 -25.89 25.15 18.12
C SER G 208 -26.44 23.91 18.82
N ALA G 209 -27.73 23.92 19.16
CA ALA G 209 -28.34 22.76 19.79
C ALA G 209 -28.31 21.54 18.88
N LEU G 210 -28.56 21.73 17.59
CA LEU G 210 -28.47 20.62 16.65
C LEU G 210 -27.07 20.01 16.64
N ALA G 211 -26.04 20.86 16.62
CA ALA G 211 -24.67 20.35 16.63
C ALA G 211 -24.34 19.68 17.96
N GLU G 212 -24.80 20.26 19.08
CA GLU G 212 -24.52 19.64 20.36
C GLU G 212 -25.16 18.27 20.49
N CYS G 213 -26.27 18.04 19.79
CA CYS G 213 -26.99 16.78 19.88
C CYS G 213 -26.61 15.80 18.76
N ASN G 214 -25.59 16.12 17.96
CA ASN G 214 -25.16 15.25 16.86
C ASN G 214 -26.31 14.97 15.91
N ARG G 215 -27.16 15.98 15.70
CA ARG G 215 -28.32 15.83 14.85
C ARG G 215 -28.07 16.48 13.49
N PRO G 216 -28.70 16.00 12.43
CA PRO G 216 -28.56 16.63 11.13
C PRO G 216 -28.88 18.11 11.20
N PRO G 217 -28.16 18.96 10.46
CA PRO G 217 -27.12 18.67 9.47
C PRO G 217 -25.75 18.39 10.06
N PHE G 218 -25.67 18.11 11.36
CA PHE G 218 -24.41 17.90 12.05
C PHE G 218 -24.31 16.50 12.64
N ASP G 219 -24.90 15.51 11.99
CA ASP G 219 -24.79 14.13 12.44
C ASP G 219 -23.50 13.54 11.87
N LEU G 220 -22.39 13.98 12.44
CA LEU G 220 -21.07 13.70 11.91
C LEU G 220 -20.35 12.57 12.62
N VAL G 221 -20.72 12.29 13.87
CA VAL G 221 -20.10 11.19 14.61
C VAL G 221 -20.75 9.85 14.29
N GLU G 222 -21.87 9.84 13.56
CA GLU G 222 -22.42 8.62 13.02
C GLU G 222 -22.29 8.56 11.50
N ALA G 223 -22.85 9.54 10.78
CA ALA G 223 -22.54 9.76 9.38
C ALA G 223 -22.51 8.44 8.59
N GLU G 224 -23.67 7.78 8.46
CA GLU G 224 -23.68 6.42 7.93
C GLU G 224 -22.94 6.32 6.60
N SER G 225 -23.17 7.28 5.70
CA SER G 225 -22.60 7.16 4.37
C SER G 225 -21.08 7.26 4.36
N GLU G 226 -20.47 7.78 5.41
CA GLU G 226 -19.02 7.91 5.49
C GLU G 226 -18.43 6.95 6.51
N LEU G 227 -18.88 7.03 7.75
CA LEU G 227 -18.56 6.07 8.77
C LEU G 227 -19.80 5.20 8.95
N VAL G 228 -19.60 3.89 9.04
CA VAL G 228 -20.71 2.95 8.98
C VAL G 228 -21.75 3.33 10.03
N ALA G 229 -21.37 3.26 11.29
CA ALA G 229 -22.19 3.79 12.38
C ALA G 229 -21.39 4.72 13.28
N GLY G 230 -20.19 5.10 12.85
CA GLY G 230 -19.39 6.02 13.63
C GLY G 230 -18.98 5.41 14.96
N PHE G 231 -19.18 6.17 16.03
CA PHE G 231 -18.70 5.74 17.34
C PHE G 231 -19.48 4.54 17.88
N MET G 232 -20.61 4.20 17.28
CA MET G 232 -21.44 3.10 17.74
C MET G 232 -21.27 1.83 16.93
N THR G 233 -20.35 1.81 15.96
CA THR G 233 -20.24 0.65 15.08
C THR G 233 -20.05 -0.65 15.85
N GLU G 234 -19.32 -0.62 16.96
CA GLU G 234 -18.98 -1.83 17.69
C GLU G 234 -19.87 -2.06 18.91
N TYR G 235 -20.99 -1.39 19.02
CA TYR G 235 -21.87 -1.52 20.18
C TYR G 235 -23.17 -2.23 19.80
N SER G 236 -23.66 -3.05 20.71
CA SER G 236 -24.86 -3.84 20.50
C SER G 236 -25.72 -3.83 21.76
N SER G 237 -26.95 -4.31 21.60
CA SER G 237 -27.92 -4.49 22.67
C SER G 237 -28.01 -3.26 23.58
N THR G 238 -28.11 -3.46 24.89
CA THR G 238 -28.39 -2.33 25.78
C THR G 238 -27.29 -1.28 25.80
N PRO G 239 -26.00 -1.60 25.75
CA PRO G 239 -25.01 -0.52 25.63
C PRO G 239 -25.28 0.39 24.44
N TYR G 240 -25.71 -0.18 23.31
CA TYR G 240 -26.11 0.64 22.18
C TYR G 240 -27.39 1.41 22.48
N LEU G 241 -28.34 0.76 23.17
CA LEU G 241 -29.58 1.44 23.52
C LEU G 241 -29.30 2.67 24.37
N LEU G 242 -28.32 2.60 25.27
CA LEU G 242 -28.00 3.75 26.12
C LEU G 242 -27.50 4.93 25.30
N PHE G 243 -26.73 4.69 24.24
CA PHE G 243 -26.28 5.79 23.39
C PHE G 243 -27.46 6.47 22.70
N MET G 244 -28.40 5.68 22.19
CA MET G 244 -29.59 6.26 21.57
C MET G 244 -30.47 6.96 22.60
N ALA G 245 -30.63 6.37 23.78
CA ALA G 245 -31.38 7.04 24.83
C ALA G 245 -30.74 8.38 25.17
N GLY G 246 -29.42 8.40 25.32
CA GLY G 246 -28.74 9.64 25.63
C GLY G 246 -28.89 10.68 24.53
N GLU G 247 -28.89 10.25 23.27
CA GLU G 247 -29.06 11.18 22.18
C GLU G 247 -30.42 11.87 22.25
N TYR G 248 -31.47 11.12 22.57
CA TYR G 248 -32.79 11.71 22.63
C TYR G 248 -32.99 12.51 23.91
N ILE G 249 -32.40 12.08 25.01
CA ILE G 249 -32.51 12.84 26.25
C ILE G 249 -31.78 14.18 26.11
N ALA G 250 -30.61 14.18 25.48
CA ALA G 250 -29.91 15.42 25.22
C ALA G 250 -30.71 16.34 24.31
N MET G 251 -31.37 15.76 23.31
CA MET G 251 -32.24 16.52 22.44
C MET G 251 -33.41 17.12 23.23
N TYR G 252 -33.97 16.34 24.14
CA TYR G 252 -35.08 16.81 24.97
C TYR G 252 -34.63 17.93 25.89
N LEU G 253 -33.39 17.89 26.36
CA LEU G 253 -32.88 18.96 27.20
C LEU G 253 -32.76 20.26 26.42
N MET G 254 -32.28 20.19 25.18
CA MET G 254 -32.22 21.39 24.34
C MET G 254 -33.61 21.93 24.05
N CYS G 255 -34.60 21.06 23.92
CA CYS G 255 -35.98 21.52 23.76
C CYS G 255 -36.44 22.27 25.01
N ALA G 256 -36.06 21.77 26.19
CA ALA G 256 -36.38 22.49 27.42
C ALA G 256 -35.69 23.84 27.47
N LEU G 257 -34.39 23.88 27.14
CA LEU G 257 -33.66 25.13 27.22
C LEU G 257 -34.19 26.16 26.23
N LEU G 258 -34.43 25.76 24.98
CA LEU G 258 -35.03 26.66 24.02
C LEU G 258 -36.30 27.28 24.56
N SER G 259 -37.16 26.47 25.18
CA SER G 259 -38.43 26.99 25.67
C SER G 259 -38.24 27.84 26.92
N LEU G 260 -37.29 27.48 27.79
CA LEU G 260 -37.07 28.27 29.00
C LEU G 260 -36.43 29.61 28.67
N LEU G 261 -35.38 29.60 27.85
CA LEU G 261 -34.58 30.80 27.65
C LEU G 261 -35.29 31.81 26.75
N PHE G 262 -36.08 31.34 25.79
CA PHE G 262 -36.61 32.22 24.75
C PHE G 262 -38.12 32.27 24.65
N PHE G 263 -38.84 31.31 25.24
CA PHE G 263 -40.29 31.28 25.09
C PHE G 263 -40.99 31.12 26.44
N GLY G 264 -40.43 31.72 27.48
CA GLY G 264 -41.15 31.90 28.72
C GLY G 264 -41.48 30.63 29.49
N GLY G 265 -40.83 29.52 29.20
CA GLY G 265 -41.02 28.31 29.97
C GLY G 265 -42.47 27.88 30.10
N TRP G 266 -43.02 28.02 31.30
CA TRP G 266 -44.39 27.61 31.60
C TRP G 266 -45.39 28.74 31.51
N LEU G 267 -44.98 29.91 31.04
CA LEU G 267 -45.89 31.04 30.93
C LEU G 267 -46.83 30.87 29.75
N SER G 268 -48.02 31.42 29.88
CA SER G 268 -49.04 31.31 28.85
C SER G 268 -48.78 32.29 27.71
N PRO G 269 -48.87 31.84 26.46
CA PRO G 269 -48.75 32.80 25.35
C PRO G 269 -49.85 33.83 25.32
N VAL G 270 -51.01 33.54 25.91
CA VAL G 270 -52.12 34.49 25.93
C VAL G 270 -52.49 34.78 27.37
N PRO G 271 -52.86 36.02 27.71
CA PRO G 271 -53.14 36.34 29.12
C PRO G 271 -54.29 35.56 29.73
N PHE G 272 -55.29 35.15 28.95
CA PHE G 272 -56.50 34.63 29.56
C PHE G 272 -56.45 33.14 29.86
N ILE G 273 -55.40 32.43 29.44
CA ILE G 273 -55.19 31.04 29.82
C ILE G 273 -54.12 30.99 30.89
N ALA G 274 -54.27 30.08 31.84
CA ALA G 274 -53.41 30.02 33.01
C ALA G 274 -52.02 29.48 32.65
N ASP G 275 -51.04 29.89 33.43
CA ASP G 275 -49.69 29.36 33.32
C ASP G 275 -49.59 28.02 34.05
N GLY G 276 -48.76 27.14 33.52
CA GLY G 276 -48.57 25.85 34.17
C GLY G 276 -47.63 24.99 33.36
N TRP G 277 -47.39 23.80 33.88
CA TRP G 277 -46.47 22.87 33.24
C TRP G 277 -46.93 22.45 31.85
N TRP G 278 -48.20 22.65 31.53
CA TRP G 278 -48.69 22.27 30.21
C TRP G 278 -48.05 23.13 29.12
N TRP G 279 -47.85 24.42 29.40
CA TRP G 279 -47.20 25.28 28.41
C TRP G 279 -45.75 24.90 28.19
N MET G 280 -45.06 24.50 29.26
CA MET G 280 -43.68 24.04 29.13
C MET G 280 -43.60 22.82 28.23
N VAL G 281 -44.50 21.86 28.42
CA VAL G 281 -44.46 20.63 27.64
C VAL G 281 -44.85 20.89 26.19
N ILE G 282 -45.82 21.77 25.97
CA ILE G 282 -46.22 22.10 24.59
C ILE G 282 -45.05 22.73 23.84
N LYS G 283 -44.36 23.67 24.47
CA LYS G 283 -43.23 24.31 23.82
C LYS G 283 -42.09 23.32 23.59
N MET G 284 -41.85 22.44 24.56
CA MET G 284 -40.80 21.44 24.40
C MET G 284 -41.05 20.56 23.20
N TRP G 285 -42.31 20.16 22.98
CA TRP G 285 -42.63 19.27 21.87
C TRP G 285 -42.73 20.01 20.55
N PHE G 286 -43.02 21.30 20.55
CA PHE G 286 -42.89 22.06 19.31
C PHE G 286 -41.44 22.08 18.84
N TRP G 287 -40.51 22.30 19.77
CA TRP G 287 -39.11 22.35 19.38
C TRP G 287 -38.58 20.98 19.01
N PHE G 288 -39.10 19.92 19.63
CA PHE G 288 -38.77 18.59 19.16
C PHE G 288 -39.27 18.36 17.75
N TYR G 289 -40.47 18.86 17.45
CA TYR G 289 -40.99 18.77 16.09
C TYR G 289 -40.08 19.50 15.10
N MET G 290 -39.50 20.62 15.51
CA MET G 290 -38.53 21.30 14.68
C MET G 290 -37.27 20.47 14.49
N PHE G 291 -36.82 19.79 15.54
CA PHE G 291 -35.69 18.88 15.41
C PHE G 291 -35.99 17.80 14.37
N ALA G 292 -37.19 17.24 14.41
CA ALA G 292 -37.53 16.16 13.50
C ALA G 292 -37.66 16.66 12.07
N MET G 293 -38.25 17.84 11.89
CA MET G 293 -38.42 18.36 10.53
C MET G 293 -37.08 18.65 9.89
N VAL G 294 -36.12 19.15 10.66
CA VAL G 294 -34.81 19.46 10.11
C VAL G 294 -34.14 18.19 9.60
N LYS G 295 -34.22 17.11 10.39
CA LYS G 295 -33.64 15.85 9.95
C LYS G 295 -34.22 15.41 8.61
N ALA G 296 -35.45 15.81 8.31
CA ALA G 296 -36.12 15.33 7.12
C ALA G 296 -35.80 16.15 5.88
N ILE G 297 -35.16 17.32 6.00
CA ILE G 297 -35.06 18.24 4.88
C ILE G 297 -33.64 18.71 4.60
N VAL G 298 -32.67 18.44 5.46
CA VAL G 298 -31.32 18.98 5.23
C VAL G 298 -30.34 17.86 4.90
N PRO G 299 -29.31 18.13 4.10
CA PRO G 299 -28.18 17.20 3.98
C PRO G 299 -27.15 17.41 5.09
N ARG G 300 -25.98 16.79 4.96
CA ARG G 300 -24.95 16.78 6.00
C ARG G 300 -23.77 17.66 5.63
N TYR G 301 -23.28 18.43 6.60
CA TYR G 301 -22.05 19.18 6.42
C TYR G 301 -20.83 18.27 6.49
N ARG G 302 -19.73 18.72 5.89
CA ARG G 302 -18.43 18.22 6.27
C ARG G 302 -18.02 18.84 7.61
N TYR G 303 -17.31 18.07 8.42
CA TYR G 303 -17.05 18.54 9.78
C TYR G 303 -16.06 19.69 9.82
N ASP G 304 -15.29 19.92 8.76
CA ASP G 304 -14.51 21.14 8.68
C ASP G 304 -15.40 22.33 8.36
N GLN G 305 -16.50 22.11 7.65
CA GLN G 305 -17.44 23.18 7.37
C GLN G 305 -18.26 23.55 8.60
N LEU G 306 -18.52 22.59 9.49
CA LEU G 306 -19.14 22.92 10.76
C LEU G 306 -18.23 23.83 11.58
N MET G 307 -16.94 23.55 11.57
CA MET G 307 -16.01 24.39 12.32
C MET G 307 -15.95 25.79 11.74
N ARG G 308 -16.10 25.94 10.42
CA ARG G 308 -16.17 27.27 9.85
C ARG G 308 -17.36 28.05 10.40
N ILE G 309 -18.51 27.40 10.53
CA ILE G 309 -19.70 28.08 11.03
C ILE G 309 -19.49 28.56 12.45
N GLY G 310 -18.94 27.70 13.30
CA GLY G 310 -18.78 28.06 14.71
C GLY G 310 -17.84 29.23 14.92
N TRP G 311 -16.73 29.26 14.20
CA TRP G 311 -15.68 30.22 14.48
C TRP G 311 -15.74 31.46 13.61
N LYS G 312 -16.19 31.35 12.38
CA LYS G 312 -16.20 32.49 11.46
C LYS G 312 -17.58 33.08 11.26
N VAL G 313 -18.63 32.47 11.81
CA VAL G 313 -19.97 33.00 11.67
C VAL G 313 -20.57 33.21 13.06
N PHE G 314 -20.70 32.14 13.82
CA PHE G 314 -21.39 32.22 15.10
C PHE G 314 -20.57 33.01 16.11
N LEU G 315 -19.26 32.77 16.16
CA LEU G 315 -18.43 33.46 17.14
C LEU G 315 -18.42 34.96 16.94
N PRO G 316 -18.15 35.49 15.74
CA PRO G 316 -18.25 36.94 15.57
C PRO G 316 -19.67 37.49 15.76
N LEU G 317 -20.70 36.75 15.36
CA LEU G 317 -22.06 37.26 15.51
C LEU G 317 -22.47 37.31 16.98
N SER G 318 -22.24 36.21 17.71
CA SER G 318 -22.61 36.17 19.13
C SER G 318 -21.82 37.21 19.92
N LEU G 319 -20.53 37.35 19.62
CA LEU G 319 -19.73 38.36 20.29
C LEU G 319 -20.26 39.76 20.00
N GLY G 320 -20.59 40.04 18.75
CA GLY G 320 -21.15 41.33 18.41
C GLY G 320 -22.48 41.58 19.10
N TRP G 321 -23.31 40.54 19.20
CA TRP G 321 -24.60 40.68 19.86
C TRP G 321 -24.43 41.02 21.34
N VAL G 322 -23.50 40.36 22.02
CA VAL G 322 -23.29 40.62 23.44
C VAL G 322 -22.95 42.08 23.67
N VAL G 323 -22.06 42.62 22.84
CA VAL G 323 -21.69 44.03 22.96
C VAL G 323 -22.90 44.92 22.67
N LEU G 324 -23.66 44.60 21.63
CA LEU G 324 -24.84 45.39 21.30
C LEU G 324 -25.86 45.36 22.43
N VAL G 325 -26.13 44.16 22.97
CA VAL G 325 -27.11 44.04 24.04
C VAL G 325 -26.66 44.79 25.27
N ALA G 326 -25.35 44.74 25.57
CA ALA G 326 -24.85 45.45 26.74
C ALA G 326 -25.09 46.95 26.61
N ILE G 327 -24.87 47.52 25.43
CA ILE G 327 -25.13 48.94 25.24
C ILE G 327 -26.61 49.24 25.36
N LEU G 328 -27.45 48.42 24.73
CA LEU G 328 -28.89 48.66 24.80
C LEU G 328 -29.41 48.50 26.22
N ALA G 329 -28.89 47.53 26.96
CA ALA G 329 -29.33 47.33 28.34
C ALA G 329 -28.78 48.41 29.25
N ARG G 330 -27.51 48.79 29.05
CA ARG G 330 -26.89 49.80 29.90
C ARG G 330 -27.63 51.12 29.81
N TYR G 331 -28.08 51.50 28.61
CA TYR G 331 -28.73 52.77 28.40
C TYR G 331 -30.24 52.66 28.34
N GLU G 332 -30.80 51.49 28.64
CA GLU G 332 -32.25 51.29 28.71
C GLU G 332 -32.94 51.81 27.46
N ILE G 333 -32.40 51.43 26.33
CA ILE G 333 -32.98 51.80 25.03
C ILE G 333 -34.34 51.13 24.89
N LEU G 334 -35.30 51.87 24.37
CA LEU G 334 -36.69 51.41 24.30
C LEU G 334 -37.25 51.08 25.68
N GLY G 335 -36.87 51.86 26.68
CA GLY G 335 -37.45 51.70 28.00
C GLY G 335 -37.19 50.35 28.64
N GLY G 336 -35.96 49.87 28.59
CA GLY G 336 -35.66 48.59 29.20
C GLY G 336 -36.25 47.39 28.50
N PHE G 337 -36.42 47.46 27.17
CA PHE G 337 -36.82 46.27 26.44
C PHE G 337 -35.77 45.17 26.56
N TRP G 338 -34.50 45.54 26.69
CA TRP G 338 -33.43 44.58 26.92
C TRP G 338 -32.97 44.53 28.36
N ALA G 339 -33.48 45.40 29.22
CA ALA G 339 -33.08 45.46 30.62
C ALA G 339 -34.27 45.03 31.48
N ARG G 340 -34.39 43.73 31.71
CA ARG G 340 -35.50 43.18 32.48
C ARG G 340 -35.19 43.04 33.95
N PHE G 341 -34.01 43.46 34.39
CA PHE G 341 -33.63 43.34 35.79
C PHE G 341 -34.20 44.49 36.59
N ALA G 342 -34.33 44.28 37.89
CA ALA G 342 -34.94 45.25 38.79
C ALA G 342 -33.89 46.09 39.51
N MET H 1 -59.72 -26.16 -98.84
CA MET H 1 -60.61 -27.34 -98.69
C MET H 1 -59.89 -28.63 -99.05
N LEU H 2 -60.44 -29.73 -98.57
CA LEU H 2 -59.93 -31.06 -98.86
C LEU H 2 -61.06 -31.86 -99.48
N ASN H 3 -60.73 -32.68 -100.47
CA ASN H 3 -61.70 -33.51 -101.16
C ASN H 3 -61.34 -34.99 -101.01
N ASP H 4 -62.33 -35.84 -101.25
CA ASP H 4 -62.19 -37.26 -100.94
C ASP H 4 -60.93 -37.85 -101.55
N GLN H 5 -60.54 -37.39 -102.74
CA GLN H 5 -59.35 -37.93 -103.37
C GLN H 5 -58.11 -37.69 -102.53
N ASP H 6 -58.09 -36.62 -101.74
CA ASP H 6 -56.94 -36.26 -100.93
C ASP H 6 -57.06 -36.69 -99.47
N ARG H 7 -58.17 -37.31 -99.09
CA ARG H 7 -58.35 -37.75 -97.71
C ARG H 7 -57.65 -39.09 -97.51
N ILE H 8 -56.69 -39.13 -96.58
CA ILE H 8 -55.92 -40.35 -96.36
C ILE H 8 -56.79 -41.43 -95.75
N PHE H 9 -57.51 -41.10 -94.68
CA PHE H 9 -58.39 -42.05 -94.02
C PHE H 9 -59.71 -42.03 -94.76
N THR H 10 -59.87 -42.95 -95.71
CA THR H 10 -60.99 -42.96 -96.64
C THR H 10 -62.17 -43.77 -96.15
N ASN H 11 -62.05 -44.42 -94.99
CA ASN H 11 -63.16 -45.13 -94.36
C ASN H 11 -63.23 -44.77 -92.89
N LEU H 12 -62.98 -43.49 -92.58
CA LEU H 12 -62.87 -43.06 -91.19
C LEU H 12 -64.14 -43.34 -90.39
N TYR H 13 -65.30 -43.28 -91.04
CA TYR H 13 -66.56 -43.52 -90.36
C TYR H 13 -66.97 -44.98 -90.35
N GLY H 14 -66.23 -45.84 -91.04
CA GLY H 14 -66.57 -47.25 -91.08
C GLY H 14 -67.78 -47.58 -91.90
N MET H 15 -68.22 -46.67 -92.76
CA MET H 15 -69.42 -46.90 -93.56
C MET H 15 -69.16 -47.87 -94.69
N GLY H 16 -67.98 -47.79 -95.31
CA GLY H 16 -67.62 -48.69 -96.38
C GLY H 16 -67.25 -50.06 -95.85
N ASP H 17 -66.95 -50.96 -96.80
CA ASP H 17 -66.56 -52.32 -96.44
C ASP H 17 -65.31 -52.31 -95.59
N ARG H 18 -65.37 -53.01 -94.46
CA ARG H 18 -64.29 -53.00 -93.47
C ARG H 18 -63.40 -54.24 -93.56
N SER H 19 -63.73 -55.19 -94.42
CA SER H 19 -62.89 -56.39 -94.55
C SER H 19 -61.54 -56.02 -95.17
N LEU H 20 -60.58 -56.94 -95.05
CA LEU H 20 -59.27 -56.72 -95.66
C LEU H 20 -59.41 -56.48 -97.16
N ALA H 21 -60.30 -57.22 -97.81
CA ALA H 21 -60.51 -57.03 -99.24
C ALA H 21 -61.00 -55.60 -99.51
N GLY H 22 -61.96 -55.13 -98.72
CA GLY H 22 -62.44 -53.77 -98.90
C GLY H 22 -61.35 -52.74 -98.70
N ALA H 23 -60.43 -53.00 -97.77
CA ALA H 23 -59.30 -52.10 -97.59
C ALA H 23 -58.40 -52.09 -98.82
N LYS H 24 -58.12 -53.26 -99.38
CA LYS H 24 -57.30 -53.33 -100.58
C LYS H 24 -57.96 -52.60 -101.74
N LYS H 25 -59.29 -52.68 -101.85
CA LYS H 25 -59.99 -51.88 -102.84
C LYS H 25 -59.64 -50.41 -102.70
N ARG H 26 -59.50 -49.93 -101.47
CA ARG H 26 -59.19 -48.54 -101.20
C ARG H 26 -57.69 -48.25 -101.25
N GLY H 27 -56.90 -49.14 -101.85
CA GLY H 27 -55.50 -48.86 -102.12
C GLY H 27 -54.53 -49.23 -101.02
N HIS H 28 -55.01 -49.75 -99.90
CA HIS H 28 -54.12 -50.13 -98.81
C HIS H 28 -53.44 -51.46 -99.10
N TRP H 29 -52.27 -51.64 -98.48
CA TRP H 29 -51.44 -52.82 -98.73
C TRP H 29 -51.12 -52.95 -100.22
N ASP H 30 -50.84 -51.82 -100.86
CA ASP H 30 -50.59 -51.77 -102.30
C ASP H 30 -49.11 -51.53 -102.54
N GLY H 31 -48.40 -52.55 -102.98
CA GLY H 31 -46.98 -52.43 -103.21
C GLY H 31 -46.17 -52.15 -101.96
N THR H 32 -46.52 -52.79 -100.85
CA THR H 32 -45.75 -52.60 -99.62
C THR H 32 -44.33 -53.10 -99.79
N ALA H 33 -44.16 -54.23 -100.49
CA ALA H 33 -42.83 -54.75 -100.73
C ALA H 33 -41.95 -53.73 -101.45
N ALA H 34 -42.50 -53.08 -102.47
CA ALA H 34 -41.70 -52.13 -103.24
C ALA H 34 -41.18 -51.00 -102.35
N ILE H 35 -42.03 -50.46 -101.48
CA ILE H 35 -41.60 -49.38 -100.60
C ILE H 35 -40.45 -49.84 -99.73
N ILE H 36 -40.58 -51.03 -99.14
CA ILE H 36 -39.57 -51.51 -98.20
C ILE H 36 -38.25 -51.76 -98.92
N GLN H 37 -38.30 -52.22 -100.17
CA GLN H 37 -37.07 -52.47 -100.91
C GLN H 37 -36.35 -51.18 -101.29
N ARG H 38 -36.97 -50.02 -101.07
CA ARG H 38 -36.26 -48.76 -101.28
C ARG H 38 -35.20 -48.54 -100.21
N GLY H 39 -35.31 -49.23 -99.08
CA GLY H 39 -34.28 -49.19 -98.06
C GLY H 39 -34.66 -48.27 -96.91
N ARG H 40 -33.87 -48.39 -95.84
CA ARG H 40 -34.15 -47.60 -94.64
C ARG H 40 -33.89 -46.12 -94.87
N ASP H 41 -32.75 -45.78 -95.49
CA ASP H 41 -32.38 -44.39 -95.64
C ASP H 41 -33.38 -43.63 -96.50
N LYS H 42 -33.80 -44.23 -97.62
CA LYS H 42 -34.74 -43.55 -98.50
C LYS H 42 -36.07 -43.30 -97.83
N ILE H 43 -36.54 -44.26 -97.03
CA ILE H 43 -37.80 -44.07 -96.33
C ILE H 43 -37.68 -42.96 -95.31
N ILE H 44 -36.63 -42.99 -94.48
CA ILE H 44 -36.43 -41.93 -93.51
C ILE H 44 -36.27 -40.59 -94.22
N ASP H 45 -35.46 -40.55 -95.27
CA ASP H 45 -35.25 -39.30 -96.00
C ASP H 45 -36.55 -38.78 -96.59
N GLU H 46 -37.46 -39.69 -96.95
CA GLU H 46 -38.74 -39.25 -97.48
C GLU H 46 -39.66 -38.74 -96.38
N MET H 47 -39.63 -39.40 -95.22
CA MET H 47 -40.43 -38.93 -94.09
C MET H 47 -39.95 -37.55 -93.63
N LYS H 48 -38.64 -37.32 -93.70
CA LYS H 48 -38.12 -36.00 -93.37
C LYS H 48 -38.63 -34.95 -94.34
N ALA H 49 -38.65 -35.27 -95.64
CA ALA H 49 -39.06 -34.30 -96.64
C ALA H 49 -40.55 -34.05 -96.61
N SER H 50 -41.34 -35.05 -96.24
CA SER H 50 -42.79 -34.89 -96.20
C SER H 50 -43.22 -33.83 -95.20
N GLY H 51 -42.36 -33.52 -94.23
CA GLY H 51 -42.68 -32.52 -93.23
C GLY H 51 -43.63 -32.97 -92.16
N LEU H 52 -43.83 -34.28 -92.01
CA LEU H 52 -44.72 -34.79 -90.98
C LEU H 52 -44.21 -34.42 -89.60
N ARG H 53 -45.14 -34.13 -88.69
CA ARG H 53 -44.82 -33.80 -87.31
C ARG H 53 -45.70 -34.62 -86.39
N GLY H 54 -45.11 -35.09 -85.29
CA GLY H 54 -45.83 -35.93 -84.35
C GLY H 54 -47.25 -35.47 -84.10
N ARG H 55 -48.20 -36.38 -84.30
CA ARG H 55 -49.61 -36.10 -84.08
C ARG H 55 -50.07 -36.46 -82.69
N GLY H 56 -49.14 -36.80 -81.80
CA GLY H 56 -49.46 -37.18 -80.45
C GLY H 56 -49.70 -36.03 -79.50
N GLY H 57 -49.30 -34.81 -79.87
CA GLY H 57 -49.54 -33.67 -79.01
C GLY H 57 -48.42 -32.66 -79.00
N ALA H 58 -47.19 -33.09 -79.30
CA ALA H 58 -46.03 -32.21 -79.24
C ALA H 58 -45.52 -31.77 -80.61
N GLY H 59 -45.88 -32.47 -81.67
CA GLY H 59 -45.53 -32.03 -83.01
C GLY H 59 -44.04 -32.06 -83.31
N PHE H 60 -43.36 -33.10 -82.88
CA PHE H 60 -41.94 -33.16 -83.23
C PHE H 60 -41.75 -33.80 -84.61
N PRO H 61 -40.83 -33.29 -85.44
CA PRO H 61 -40.64 -33.88 -86.77
C PRO H 61 -40.43 -35.38 -86.73
N THR H 62 -41.29 -36.12 -87.43
CA THR H 62 -41.31 -37.57 -87.30
C THR H 62 -40.06 -38.21 -87.90
N GLY H 63 -39.71 -37.83 -89.12
CA GLY H 63 -38.53 -38.41 -89.75
C GLY H 63 -37.28 -38.21 -88.93
N MET H 64 -37.14 -37.04 -88.32
CA MET H 64 -36.00 -36.80 -87.43
C MET H 64 -36.00 -37.78 -86.27
N LYS H 65 -37.16 -38.03 -85.69
CA LYS H 65 -37.24 -39.00 -84.59
C LYS H 65 -36.81 -40.38 -85.05
N TRP H 66 -37.22 -40.78 -86.26
CA TRP H 66 -36.84 -42.09 -86.78
C TRP H 66 -35.34 -42.19 -87.00
N SER H 67 -34.67 -41.07 -87.23
CA SER H 67 -33.24 -41.08 -87.51
C SER H 67 -32.39 -41.14 -86.25
N PHE H 68 -33.00 -41.07 -85.08
CA PHE H 68 -32.27 -41.29 -83.84
C PHE H 68 -32.02 -42.76 -83.56
N MET H 69 -32.73 -43.66 -84.24
CA MET H 69 -32.60 -45.09 -83.97
C MET H 69 -31.30 -45.64 -84.55
N PRO H 70 -30.66 -46.57 -83.84
CA PRO H 70 -29.37 -47.08 -84.32
C PRO H 70 -29.51 -47.81 -85.66
N LYS H 71 -28.48 -47.69 -86.49
CA LYS H 71 -28.49 -48.32 -87.80
C LYS H 71 -28.08 -49.78 -87.73
N GLU H 72 -27.18 -50.14 -86.83
CA GLU H 72 -26.75 -51.51 -86.61
C GLU H 72 -27.23 -52.00 -85.25
N SER H 73 -27.56 -53.29 -85.19
CA SER H 73 -27.90 -53.92 -83.92
C SER H 73 -26.65 -54.25 -83.14
N ASP H 74 -26.63 -53.83 -81.88
CA ASP H 74 -25.51 -54.09 -80.98
C ASP H 74 -25.82 -55.26 -80.04
N GLY H 75 -26.71 -56.16 -80.45
CA GLY H 75 -27.18 -57.24 -79.62
C GLY H 75 -28.57 -57.04 -79.06
N ARG H 76 -28.99 -55.80 -78.86
CA ARG H 76 -30.33 -55.52 -78.34
C ARG H 76 -31.30 -55.31 -79.50
N PRO H 77 -32.47 -55.96 -79.49
CA PRO H 77 -33.44 -55.70 -80.55
C PRO H 77 -33.99 -54.28 -80.46
N SER H 78 -34.49 -53.81 -81.59
CA SER H 78 -35.17 -52.52 -81.66
C SER H 78 -36.67 -52.73 -81.62
N TYR H 79 -37.39 -51.73 -81.15
CA TYR H 79 -38.84 -51.80 -81.01
C TYR H 79 -39.47 -50.52 -81.50
N LEU H 80 -40.66 -50.66 -82.06
CA LEU H 80 -41.56 -49.55 -82.31
C LEU H 80 -42.78 -49.76 -81.44
N VAL H 81 -43.14 -48.75 -80.66
CA VAL H 81 -44.35 -48.78 -79.84
C VAL H 81 -45.29 -47.72 -80.39
N ILE H 82 -46.49 -48.14 -80.75
CA ILE H 82 -47.49 -47.25 -81.30
C ILE H 82 -48.42 -46.83 -80.18
N ASN H 83 -48.56 -45.52 -79.98
CA ASN H 83 -49.28 -44.96 -78.86
C ASN H 83 -50.75 -44.82 -79.23
N ALA H 84 -51.59 -45.68 -78.67
CA ALA H 84 -53.02 -45.64 -78.85
C ALA H 84 -53.75 -45.36 -77.55
N ASP H 85 -53.08 -44.70 -76.60
CA ASP H 85 -53.71 -44.43 -75.31
C ASP H 85 -54.88 -43.47 -75.45
N GLU H 86 -54.68 -42.35 -76.14
CA GLU H 86 -55.74 -41.39 -76.48
C GLU H 86 -56.70 -41.17 -75.32
N SER H 87 -56.16 -40.67 -74.21
CA SER H 87 -56.97 -40.33 -73.04
C SER H 87 -57.05 -38.83 -72.81
N GLU H 88 -56.51 -38.03 -73.72
CA GLU H 88 -56.66 -36.59 -73.62
C GLU H 88 -58.15 -36.24 -73.66
N PRO H 89 -58.64 -35.40 -72.76
CA PRO H 89 -60.10 -35.26 -72.59
C PRO H 89 -60.90 -34.90 -73.83
N ALA H 90 -60.39 -34.15 -74.79
CA ALA H 90 -61.19 -33.83 -75.96
C ALA H 90 -60.87 -34.70 -77.17
N THR H 91 -59.89 -35.59 -77.05
CA THR H 91 -59.32 -36.27 -78.20
C THR H 91 -60.03 -37.59 -78.46
N CYS H 92 -60.57 -37.74 -79.67
CA CYS H 92 -61.21 -38.98 -80.07
C CYS H 92 -60.89 -39.35 -81.51
N LYS H 93 -59.93 -38.68 -82.14
CA LYS H 93 -59.58 -38.99 -83.52
C LYS H 93 -59.04 -40.41 -83.66
N ASP H 94 -58.15 -40.83 -82.75
CA ASP H 94 -57.50 -42.12 -82.89
C ASP H 94 -58.46 -43.28 -82.77
N ARG H 95 -59.59 -43.10 -82.07
CA ARG H 95 -60.56 -44.18 -81.94
C ARG H 95 -61.05 -44.64 -83.30
N GLU H 96 -61.27 -43.70 -84.22
CA GLU H 96 -61.80 -44.06 -85.53
C GLU H 96 -60.78 -44.84 -86.35
N ILE H 97 -59.52 -44.45 -86.30
CA ILE H 97 -58.50 -45.14 -87.09
C ILE H 97 -58.43 -46.60 -86.69
N MET H 98 -58.50 -46.90 -85.39
CA MET H 98 -58.23 -48.25 -84.93
C MET H 98 -59.37 -49.20 -85.26
N ARG H 99 -60.62 -48.71 -85.23
CA ARG H 99 -61.76 -49.60 -85.41
C ARG H 99 -62.32 -49.57 -86.83
N HIS H 100 -62.10 -48.50 -87.58
CA HIS H 100 -62.68 -48.38 -88.92
C HIS H 100 -61.67 -48.40 -90.04
N ASP H 101 -60.47 -47.89 -89.82
CA ASP H 101 -59.47 -47.91 -90.88
C ASP H 101 -58.19 -48.51 -90.33
N PRO H 102 -58.26 -49.67 -89.67
CA PRO H 102 -57.06 -50.23 -89.04
C PRO H 102 -55.94 -50.55 -90.00
N HIS H 103 -56.25 -50.96 -91.23
CA HIS H 103 -55.21 -51.39 -92.15
C HIS H 103 -54.27 -50.25 -92.53
N THR H 104 -54.71 -49.01 -92.38
CA THR H 104 -53.78 -47.88 -92.52
C THR H 104 -52.75 -47.89 -91.40
N LEU H 105 -53.18 -48.23 -90.18
CA LEU H 105 -52.26 -48.31 -89.05
C LEU H 105 -51.35 -49.51 -89.14
N ILE H 106 -51.87 -50.65 -89.61
CA ILE H 106 -51.08 -51.87 -89.60
C ILE H 106 -49.95 -51.78 -90.63
N GLU H 107 -50.26 -51.31 -91.83
CA GLU H 107 -49.22 -51.19 -92.86
C GLU H 107 -48.18 -50.16 -92.46
N GLY H 108 -48.61 -49.02 -91.93
CA GLY H 108 -47.67 -48.02 -91.46
C GLY H 108 -46.76 -48.56 -90.39
N ALA H 109 -47.31 -49.43 -89.52
CA ALA H 109 -46.48 -50.07 -88.51
C ALA H 109 -45.38 -50.90 -89.14
N LEU H 110 -45.70 -51.66 -90.18
CA LEU H 110 -44.69 -52.50 -90.82
C LEU H 110 -43.61 -51.65 -91.47
N ILE H 111 -44.01 -50.65 -92.25
CA ILE H 111 -43.02 -49.82 -92.93
C ILE H 111 -42.19 -49.05 -91.93
N ALA H 112 -42.84 -48.41 -90.96
CA ALA H 112 -42.10 -47.65 -89.95
C ALA H 112 -41.18 -48.57 -89.17
N SER H 113 -41.64 -49.76 -88.82
CA SER H 113 -40.81 -50.70 -88.07
C SER H 113 -39.59 -51.10 -88.88
N PHE H 114 -39.77 -51.39 -90.17
CA PHE H 114 -38.61 -51.73 -91.00
C PHE H 114 -37.65 -50.56 -91.07
N ALA H 115 -38.16 -49.35 -91.18
CA ALA H 115 -37.29 -48.18 -91.32
C ALA H 115 -36.39 -47.99 -90.10
N MET H 116 -36.84 -48.41 -88.93
CA MET H 116 -36.03 -48.37 -87.73
C MET H 116 -35.29 -49.67 -87.46
N GLY H 117 -35.42 -50.65 -88.33
CA GLY H 117 -34.85 -51.96 -88.08
C GLY H 117 -35.46 -52.68 -86.92
N ALA H 118 -36.77 -52.60 -86.76
CA ALA H 118 -37.48 -53.27 -85.67
C ALA H 118 -38.24 -54.46 -86.22
N HIS H 119 -38.06 -55.63 -85.60
CA HIS H 119 -38.78 -56.83 -85.97
C HIS H 119 -40.10 -57.00 -85.23
N ALA H 120 -40.33 -56.23 -84.18
CA ALA H 120 -41.56 -56.33 -83.40
C ALA H 120 -42.08 -54.93 -83.11
N ALA H 121 -43.39 -54.79 -83.17
CA ALA H 121 -44.06 -53.55 -82.79
C ALA H 121 -45.15 -53.88 -81.79
N TYR H 122 -45.33 -52.99 -80.81
CA TYR H 122 -46.36 -53.13 -79.81
C TYR H 122 -47.28 -51.93 -79.88
N ILE H 123 -48.58 -52.18 -79.95
CA ILE H 123 -49.59 -51.14 -79.90
C ILE H 123 -50.17 -51.11 -78.49
N TYR H 124 -50.06 -49.97 -77.84
CA TYR H 124 -50.63 -49.78 -76.51
C TYR H 124 -51.93 -49.01 -76.64
N ILE H 125 -53.06 -49.70 -76.46
CA ILE H 125 -54.38 -49.11 -76.59
C ILE H 125 -55.02 -48.99 -75.21
N ARG H 126 -55.77 -47.92 -74.99
CA ARG H 126 -56.39 -47.73 -73.70
C ARG H 126 -57.42 -48.83 -73.44
N GLY H 127 -57.54 -49.20 -72.16
CA GLY H 127 -58.36 -50.35 -71.80
C GLY H 127 -59.85 -50.11 -71.98
N GLU H 128 -60.27 -48.85 -72.03
CA GLU H 128 -61.69 -48.56 -72.23
C GLU H 128 -62.13 -48.84 -73.66
N PHE H 129 -61.22 -48.78 -74.62
CA PHE H 129 -61.53 -49.07 -76.02
C PHE H 129 -61.54 -50.57 -76.24
N ILE H 130 -62.55 -51.22 -75.63
CA ILE H 130 -62.61 -52.67 -75.66
C ILE H 130 -62.96 -53.16 -77.06
N ARG H 131 -63.96 -52.55 -77.70
CA ARG H 131 -64.36 -53.00 -79.04
C ARG H 131 -63.38 -52.54 -80.11
N GLU H 132 -62.75 -51.39 -79.93
CA GLU H 132 -61.71 -50.98 -80.87
C GLU H 132 -60.56 -51.98 -80.85
N ARG H 133 -60.19 -52.46 -79.67
CA ARG H 133 -59.13 -53.45 -79.58
C ARG H 133 -59.54 -54.78 -80.19
N GLU H 134 -60.79 -55.19 -79.96
CA GLU H 134 -61.29 -56.41 -80.60
C GLU H 134 -61.31 -56.28 -82.11
N ALA H 135 -61.72 -55.12 -82.62
CA ALA H 135 -61.76 -54.89 -84.06
C ALA H 135 -60.34 -54.81 -84.63
N LEU H 136 -59.45 -54.09 -83.95
CA LEU H 136 -58.08 -53.98 -84.43
C LEU H 136 -57.36 -55.32 -84.35
N GLN H 137 -57.65 -56.13 -83.34
CA GLN H 137 -57.05 -57.46 -83.26
C GLN H 137 -57.54 -58.35 -84.40
N ALA H 138 -58.81 -58.21 -84.78
CA ALA H 138 -59.34 -58.99 -85.89
C ALA H 138 -58.63 -58.63 -87.19
N ALA H 139 -58.37 -57.35 -87.41
CA ALA H 139 -57.63 -56.94 -88.60
C ALA H 139 -56.21 -57.48 -88.58
N ILE H 140 -55.57 -57.48 -87.41
CA ILE H 140 -54.20 -58.00 -87.33
C ILE H 140 -54.18 -59.48 -87.67
N ASP H 141 -55.22 -60.20 -87.27
CA ASP H 141 -55.30 -61.62 -87.59
C ASP H 141 -55.56 -61.84 -89.08
N GLU H 142 -56.35 -60.97 -89.70
CA GLU H 142 -56.52 -61.06 -91.15
C GLU H 142 -55.18 -60.86 -91.86
N CYS H 143 -54.38 -59.90 -91.40
CA CYS H 143 -53.11 -59.62 -92.04
C CYS H 143 -52.12 -60.77 -91.84
N TYR H 144 -52.16 -61.41 -90.66
CA TYR H 144 -51.31 -62.57 -90.45
C TYR H 144 -51.68 -63.70 -91.40
N ASP H 145 -52.97 -63.92 -91.62
CA ASP H 145 -53.40 -64.97 -92.54
C ASP H 145 -52.99 -64.67 -93.97
N ALA H 146 -53.14 -63.42 -94.41
CA ALA H 146 -52.78 -63.04 -95.77
C ALA H 146 -51.28 -63.03 -96.00
N GLY H 147 -50.47 -63.20 -94.96
CA GLY H 147 -49.05 -63.06 -95.09
C GLY H 147 -48.56 -61.62 -95.05
N LEU H 148 -49.45 -60.67 -94.78
CA LEU H 148 -49.03 -59.28 -94.67
C LEU H 148 -48.23 -59.04 -93.40
N LEU H 149 -48.37 -59.91 -92.40
CA LEU H 149 -47.56 -59.87 -91.20
C LEU H 149 -46.98 -61.25 -90.94
N GLY H 150 -45.72 -61.29 -90.52
CA GLY H 150 -45.11 -62.55 -90.14
C GLY H 150 -43.73 -62.79 -90.73
N ARG H 151 -43.51 -64.01 -91.20
CA ARG H 151 -42.15 -64.44 -91.54
C ARG H 151 -41.53 -63.53 -92.59
N ASN H 152 -42.22 -63.35 -93.71
CA ASN H 152 -41.74 -62.52 -94.82
C ASN H 152 -42.85 -61.53 -95.08
N ALA H 153 -42.87 -60.46 -94.29
CA ALA H 153 -44.06 -59.61 -94.16
C ALA H 153 -44.34 -58.92 -95.48
N ALA H 154 -45.48 -59.24 -96.08
CA ALA H 154 -45.93 -58.65 -97.33
C ALA H 154 -44.97 -58.94 -98.49
N GLY H 155 -44.21 -60.02 -98.40
CA GLY H 155 -43.23 -60.33 -99.42
C GLY H 155 -42.02 -59.43 -99.41
N SER H 156 -41.87 -58.59 -98.38
CA SER H 156 -40.80 -57.61 -98.35
C SER H 156 -39.46 -58.20 -97.96
N GLY H 157 -39.43 -59.41 -97.41
CA GLY H 157 -38.21 -59.97 -96.87
C GLY H 157 -37.86 -59.46 -95.49
N TRP H 158 -38.86 -59.06 -94.70
CA TRP H 158 -38.64 -58.55 -93.35
C TRP H 158 -39.56 -59.29 -92.40
N ASP H 159 -38.99 -59.88 -91.35
CA ASP H 159 -39.76 -60.59 -90.35
C ASP H 159 -40.34 -59.58 -89.37
N PHE H 160 -41.67 -59.42 -89.38
CA PHE H 160 -42.32 -58.42 -88.56
C PHE H 160 -43.48 -59.04 -87.79
N ASP H 161 -43.52 -58.78 -86.49
CA ASP H 161 -44.61 -59.18 -85.62
C ASP H 161 -45.26 -57.95 -85.03
N LEU H 162 -46.60 -57.92 -85.03
CA LEU H 162 -47.37 -56.82 -84.48
C LEU H 162 -48.22 -57.36 -83.35
N TYR H 163 -48.03 -56.83 -82.15
CA TYR H 163 -48.78 -57.24 -80.97
C TYR H 163 -49.66 -56.10 -80.50
N LEU H 164 -50.78 -56.48 -79.87
CA LEU H 164 -51.73 -55.53 -79.33
C LEU H 164 -51.74 -55.68 -77.82
N HIS H 165 -51.46 -54.58 -77.12
CA HIS H 165 -51.40 -54.54 -75.66
C HIS H 165 -52.32 -53.43 -75.20
N HIS H 166 -53.09 -53.67 -74.14
CA HIS H 166 -54.04 -52.68 -73.68
C HIS H 166 -53.75 -52.29 -72.23
N GLY H 167 -54.10 -51.04 -71.90
CA GLY H 167 -53.97 -50.53 -70.56
C GLY H 167 -55.20 -50.80 -69.73
N ALA H 168 -55.26 -50.13 -68.58
CA ALA H 168 -56.38 -50.31 -67.65
C ALA H 168 -56.76 -49.00 -67.01
N GLY H 169 -56.77 -47.91 -67.77
CA GLY H 169 -57.34 -46.68 -67.25
C GLY H 169 -56.40 -45.72 -66.57
N ALA H 170 -55.36 -45.27 -67.27
CA ALA H 170 -54.49 -44.22 -66.76
C ALA H 170 -54.12 -43.28 -67.90
N TYR H 171 -54.47 -42.01 -67.76
CA TYR H 171 -54.13 -41.03 -68.80
C TYR H 171 -52.63 -40.79 -68.86
N ILE H 172 -51.93 -40.95 -67.74
CA ILE H 172 -50.48 -40.76 -67.75
C ILE H 172 -49.79 -41.83 -68.56
N CYS H 173 -50.44 -42.97 -68.81
CA CYS H 173 -49.81 -44.01 -69.60
C CYS H 173 -49.65 -43.65 -71.07
N GLY H 174 -50.25 -42.53 -71.51
CA GLY H 174 -49.97 -42.03 -72.84
C GLY H 174 -48.67 -41.27 -72.96
N GLU H 175 -48.11 -40.82 -71.84
CA GLU H 175 -46.79 -40.23 -71.86
C GLU H 175 -45.77 -41.30 -72.27
N GLU H 176 -44.83 -40.91 -73.13
CA GLU H 176 -44.07 -41.92 -73.86
C GLU H 176 -43.27 -42.83 -72.93
N THR H 177 -42.60 -42.28 -71.92
CA THR H 177 -41.82 -43.13 -71.02
C THR H 177 -42.72 -43.87 -70.04
N ALA H 178 -43.83 -43.27 -69.63
CA ALA H 178 -44.77 -44.00 -68.79
C ALA H 178 -45.39 -45.17 -69.53
N LEU H 179 -45.57 -45.03 -70.84
CA LEU H 179 -46.10 -46.13 -71.64
C LEU H 179 -45.18 -47.34 -71.58
N LEU H 180 -43.88 -47.13 -71.73
CA LEU H 180 -42.94 -48.24 -71.70
C LEU H 180 -42.95 -48.94 -70.36
N GLU H 181 -43.05 -48.16 -69.27
CA GLU H 181 -43.18 -48.75 -67.94
C GLU H 181 -44.43 -49.60 -67.83
N SER H 182 -45.55 -49.09 -68.34
CA SER H 182 -46.79 -49.85 -68.29
C SER H 182 -46.69 -51.11 -69.15
N LEU H 183 -46.07 -51.00 -70.32
CA LEU H 183 -45.89 -52.16 -71.20
C LEU H 183 -45.01 -53.23 -70.58
N GLU H 184 -44.08 -52.85 -69.70
CA GLU H 184 -43.22 -53.82 -69.03
C GLU H 184 -43.88 -54.51 -67.85
N GLY H 185 -45.13 -54.17 -67.54
CA GLY H 185 -45.82 -54.80 -66.43
C GLY H 185 -45.71 -54.04 -65.13
N LYS H 186 -45.43 -52.75 -65.18
CA LYS H 186 -45.29 -51.91 -64.01
C LYS H 186 -46.39 -50.87 -64.00
N LYS H 187 -46.52 -50.17 -62.89
CA LYS H 187 -47.40 -49.01 -62.88
C LYS H 187 -46.75 -47.89 -63.68
N GLY H 188 -47.55 -47.19 -64.47
CA GLY H 188 -47.05 -46.30 -65.49
C GLY H 188 -46.58 -44.95 -64.97
N MET H 189 -45.43 -44.94 -64.36
CA MET H 189 -44.79 -43.70 -63.92
C MET H 189 -43.77 -43.26 -64.96
N PRO H 190 -43.75 -42.01 -65.38
CA PRO H 190 -42.74 -41.58 -66.36
C PRO H 190 -41.32 -41.73 -65.84
N ARG H 191 -40.39 -41.91 -66.77
CA ARG H 191 -38.97 -41.83 -66.50
C ARG H 191 -38.47 -40.44 -66.86
N MET H 192 -37.42 -40.01 -66.15
CA MET H 192 -36.70 -38.83 -66.59
C MET H 192 -35.87 -39.14 -67.82
N LYS H 193 -35.51 -38.10 -68.56
CA LYS H 193 -34.66 -38.24 -69.72
C LYS H 193 -33.44 -37.35 -69.57
N PRO H 194 -32.22 -37.87 -69.77
CA PRO H 194 -31.84 -39.22 -70.22
C PRO H 194 -32.08 -40.31 -69.18
N PRO H 195 -32.10 -41.58 -69.60
CA PRO H 195 -31.85 -42.07 -70.96
C PRO H 195 -32.98 -41.71 -71.92
N PHE H 196 -32.68 -41.56 -73.19
CA PHE H 196 -33.75 -41.33 -74.14
C PHE H 196 -34.21 -42.65 -74.75
N PRO H 197 -35.48 -42.78 -75.12
CA PRO H 197 -35.97 -44.08 -75.61
C PRO H 197 -35.17 -44.65 -76.76
N ALA H 198 -34.66 -43.82 -77.66
CA ALA H 198 -33.84 -44.31 -78.75
C ALA H 198 -32.59 -45.00 -78.23
N GLY H 199 -32.17 -44.66 -77.01
CA GLY H 199 -31.03 -45.30 -76.40
C GLY H 199 -31.41 -46.49 -75.53
N ALA H 200 -32.36 -46.28 -74.62
CA ALA H 200 -32.84 -47.33 -73.74
C ALA H 200 -34.32 -47.13 -73.49
N GLY H 201 -35.15 -47.95 -74.12
CA GLY H 201 -36.59 -47.82 -74.00
C GLY H 201 -37.23 -49.06 -73.42
N LEU H 202 -38.05 -49.75 -74.22
CA LEU H 202 -38.65 -50.99 -73.80
C LEU H 202 -37.59 -52.04 -73.49
N TYR H 203 -37.63 -52.57 -72.27
CA TYR H 203 -36.69 -53.59 -71.83
C TYR H 203 -35.25 -53.10 -71.89
N GLY H 204 -35.07 -51.79 -71.82
CA GLY H 204 -33.75 -51.21 -71.95
C GLY H 204 -33.12 -51.41 -73.31
N CYS H 205 -33.93 -51.44 -74.35
CA CYS H 205 -33.50 -51.57 -75.73
C CYS H 205 -33.99 -50.37 -76.51
N PRO H 206 -33.34 -50.02 -77.62
CA PRO H 206 -33.75 -48.83 -78.37
C PRO H 206 -35.19 -48.93 -78.86
N THR H 207 -35.95 -47.87 -78.62
CA THR H 207 -37.37 -47.85 -78.92
C THR H 207 -37.75 -46.49 -79.50
N THR H 208 -38.76 -46.51 -80.37
CA THR H 208 -39.41 -45.29 -80.83
C THR H 208 -40.89 -45.40 -80.50
N VAL H 209 -41.45 -44.32 -79.96
CA VAL H 209 -42.86 -44.23 -79.65
C VAL H 209 -43.49 -43.21 -80.60
N ASN H 210 -44.51 -43.63 -81.33
CA ASN H 210 -45.24 -42.74 -82.22
C ASN H 210 -46.73 -42.89 -82.01
N ASN H 211 -47.44 -41.79 -82.22
CA ASN H 211 -48.90 -41.77 -82.13
C ASN H 211 -49.52 -42.58 -83.26
N VAL H 212 -50.74 -43.06 -83.01
CA VAL H 212 -51.45 -43.86 -84.01
C VAL H 212 -51.55 -43.10 -85.33
N GLU H 213 -51.96 -41.84 -85.28
CA GLU H 213 -52.15 -41.08 -86.51
C GLU H 213 -50.83 -40.79 -87.21
N SER H 214 -49.74 -40.67 -86.45
CA SER H 214 -48.44 -40.46 -87.06
C SER H 214 -48.05 -41.65 -87.93
N ILE H 215 -48.34 -42.86 -87.46
CA ILE H 215 -47.94 -44.07 -88.18
C ILE H 215 -48.92 -44.37 -89.31
N ALA H 216 -50.22 -44.24 -89.06
CA ALA H 216 -51.21 -44.62 -90.06
C ALA H 216 -51.07 -43.78 -91.32
N VAL H 217 -50.47 -42.60 -91.20
CA VAL H 217 -50.31 -41.71 -92.36
C VAL H 217 -49.09 -42.11 -93.18
N VAL H 218 -48.20 -42.93 -92.64
CA VAL H 218 -46.91 -43.20 -93.31
C VAL H 218 -47.10 -43.82 -94.68
N PRO H 219 -47.85 -44.92 -94.85
CA PRO H 219 -47.86 -45.57 -96.17
C PRO H 219 -48.37 -44.69 -97.29
N THR H 220 -49.34 -43.81 -97.00
CA THR H 220 -49.88 -42.95 -98.05
C THR H 220 -48.88 -41.89 -98.45
N ILE H 221 -48.09 -41.37 -97.50
CA ILE H 221 -47.06 -40.40 -97.85
C ILE H 221 -46.02 -41.03 -98.76
N LEU H 222 -45.63 -42.27 -98.47
CA LEU H 222 -44.62 -42.95 -99.29
C LEU H 222 -45.18 -43.35 -100.64
N ARG H 223 -46.46 -43.72 -100.69
CA ARG H 223 -47.06 -44.11 -101.97
C ARG H 223 -47.38 -42.88 -102.81
N ARG H 224 -48.16 -41.96 -102.27
CA ARG H 224 -48.51 -40.76 -103.02
C ARG H 224 -47.30 -39.84 -103.19
N GLY H 225 -46.57 -39.59 -102.11
CA GLY H 225 -45.33 -38.83 -102.20
C GLY H 225 -45.18 -37.74 -101.17
N ALA H 226 -43.94 -37.46 -100.78
CA ALA H 226 -43.69 -36.45 -99.75
C ALA H 226 -44.14 -35.07 -100.21
N GLU H 227 -43.93 -34.75 -101.49
CA GLU H 227 -44.31 -33.44 -102.00
C GLU H 227 -45.82 -33.24 -101.93
N TRP H 228 -46.59 -34.28 -102.22
CA TRP H 228 -48.04 -34.18 -102.10
C TRP H 228 -48.46 -33.86 -100.68
N PHE H 229 -47.90 -34.55 -99.70
CA PHE H 229 -48.24 -34.28 -98.31
C PHE H 229 -47.88 -32.86 -97.92
N ALA H 230 -46.68 -32.41 -98.28
CA ALA H 230 -46.25 -31.06 -97.94
C ALA H 230 -46.99 -29.98 -98.73
N SER H 231 -47.77 -30.37 -99.75
CA SER H 231 -48.55 -29.39 -100.49
C SER H 231 -49.61 -28.74 -99.60
N PHE H 232 -50.28 -29.54 -98.77
CA PHE H 232 -51.28 -29.01 -97.87
C PHE H 232 -50.64 -28.30 -96.68
N GLY H 233 -51.34 -27.32 -96.15
CA GLY H 233 -50.88 -26.59 -94.99
C GLY H 233 -49.86 -25.53 -95.33
N ARG H 234 -49.57 -24.69 -94.35
CA ARG H 234 -48.58 -23.65 -94.49
C ARG H 234 -47.17 -24.25 -94.36
N PRO H 235 -46.14 -23.52 -94.79
CA PRO H 235 -44.78 -24.02 -94.60
C PRO H 235 -44.51 -24.33 -93.14
N ASN H 236 -43.85 -25.46 -92.90
CA ASN H 236 -43.54 -25.97 -91.56
C ASN H 236 -44.78 -26.45 -90.82
N ASN H 237 -45.92 -26.54 -91.49
CA ASN H 237 -47.16 -27.04 -90.91
C ASN H 237 -47.81 -28.01 -91.87
N ALA H 238 -47.01 -28.89 -92.46
CA ALA H 238 -47.44 -29.65 -93.62
C ALA H 238 -48.49 -30.68 -93.26
N GLY H 239 -49.28 -31.07 -94.26
CA GLY H 239 -50.03 -32.31 -94.23
C GLY H 239 -51.51 -32.08 -94.00
N VAL H 240 -52.21 -33.22 -94.01
CA VAL H 240 -53.63 -33.28 -93.67
C VAL H 240 -53.73 -33.77 -92.23
N LYS H 241 -54.81 -33.38 -91.56
CA LYS H 241 -54.93 -33.63 -90.14
C LYS H 241 -56.36 -34.03 -89.80
N LEU H 242 -56.51 -35.04 -88.95
CA LEU H 242 -57.81 -35.39 -88.42
C LEU H 242 -58.17 -34.41 -87.31
N PHE H 243 -59.33 -33.78 -87.43
CA PHE H 243 -59.79 -32.78 -86.49
C PHE H 243 -60.98 -33.30 -85.70
N GLY H 244 -61.07 -32.89 -84.44
CA GLY H 244 -62.22 -33.20 -83.63
C GLY H 244 -62.98 -31.95 -83.28
N LEU H 245 -64.25 -31.91 -83.65
CA LEU H 245 -65.13 -30.80 -83.32
C LEU H 245 -66.10 -31.28 -82.26
N THR H 246 -65.95 -30.73 -81.04
CA THR H 246 -66.74 -31.18 -79.92
C THR H 246 -67.31 -29.96 -79.20
N GLY H 247 -68.29 -30.21 -78.36
CA GLY H 247 -68.87 -29.14 -77.57
C GLY H 247 -70.09 -28.53 -78.23
N HIS H 248 -70.20 -27.20 -78.15
CA HIS H 248 -71.44 -26.51 -78.53
C HIS H 248 -71.34 -26.04 -79.98
N VAL H 249 -71.25 -27.02 -80.86
CA VAL H 249 -71.44 -26.83 -82.29
C VAL H 249 -72.69 -27.59 -82.67
N ASN H 250 -73.23 -27.27 -83.84
CA ASN H 250 -74.48 -27.90 -84.26
C ASN H 250 -74.30 -29.39 -84.52
N THR H 251 -73.22 -29.78 -85.19
CA THR H 251 -72.97 -31.17 -85.56
C THR H 251 -71.55 -31.58 -85.18
N PRO H 252 -71.32 -31.92 -83.90
CA PRO H 252 -69.99 -32.40 -83.51
C PRO H 252 -69.61 -33.67 -84.26
N CYS H 253 -68.34 -33.77 -84.62
CA CYS H 253 -67.89 -34.85 -85.49
C CYS H 253 -66.36 -34.87 -85.51
N VAL H 254 -65.82 -35.95 -86.06
CA VAL H 254 -64.41 -36.08 -86.39
C VAL H 254 -64.31 -36.02 -87.91
N VAL H 255 -63.38 -35.21 -88.42
CA VAL H 255 -63.26 -35.00 -89.85
C VAL H 255 -61.79 -34.77 -90.19
N GLU H 256 -61.40 -35.18 -91.40
CA GLU H 256 -60.06 -35.00 -91.93
C GLU H 256 -60.04 -33.76 -92.81
N GLU H 257 -59.06 -32.89 -92.57
CA GLU H 257 -58.94 -31.64 -93.31
C GLU H 257 -57.47 -31.29 -93.45
N ALA H 258 -57.20 -30.29 -94.26
CA ALA H 258 -55.84 -29.81 -94.43
C ALA H 258 -55.40 -29.03 -93.20
N MET H 259 -54.10 -29.03 -92.96
CA MET H 259 -53.56 -28.20 -91.89
C MET H 259 -53.70 -26.73 -92.25
N SER H 260 -53.68 -25.88 -91.24
CA SER H 260 -53.74 -24.44 -91.39
C SER H 260 -55.07 -23.96 -91.98
N ILE H 261 -56.12 -24.75 -91.82
CA ILE H 261 -57.45 -24.26 -92.17
C ILE H 261 -57.88 -23.22 -91.14
N PRO H 262 -58.55 -22.14 -91.53
CA PRO H 262 -59.08 -21.22 -90.52
C PRO H 262 -60.05 -21.93 -89.59
N MET H 263 -60.05 -21.51 -88.33
CA MET H 263 -60.92 -22.16 -87.35
C MET H 263 -62.39 -22.00 -87.73
N ARG H 264 -62.77 -20.81 -88.19
CA ARG H 264 -64.16 -20.58 -88.55
C ARG H 264 -64.59 -21.49 -89.69
N GLU H 265 -63.77 -21.60 -90.74
CA GLU H 265 -64.15 -22.44 -91.87
C GLU H 265 -64.31 -23.88 -91.44
N LEU H 266 -63.42 -24.37 -90.58
CA LEU H 266 -63.57 -25.72 -90.06
C LEU H 266 -64.90 -25.87 -89.33
N ILE H 267 -65.21 -24.95 -88.44
CA ILE H 267 -66.42 -25.06 -87.64
C ILE H 267 -67.66 -24.98 -88.54
N GLU H 268 -67.73 -23.95 -89.40
CA GLU H 268 -68.93 -23.75 -90.21
C GLU H 268 -69.10 -24.85 -91.24
N LYS H 269 -68.02 -25.26 -91.90
CA LYS H 269 -68.13 -26.28 -92.93
C LYS H 269 -68.59 -27.62 -92.34
N HIS H 270 -67.90 -28.10 -91.32
CA HIS H 270 -68.12 -29.45 -90.82
C HIS H 270 -68.83 -29.53 -89.49
N GLY H 271 -68.71 -28.51 -88.64
CA GLY H 271 -69.40 -28.47 -87.38
C GLY H 271 -70.81 -27.95 -87.46
N GLY H 272 -71.23 -27.41 -88.60
CA GLY H 272 -72.54 -26.80 -88.69
C GLY H 272 -72.63 -25.44 -88.06
N GLY H 273 -71.50 -24.84 -87.69
CA GLY H 273 -71.50 -23.56 -87.00
C GLY H 273 -71.72 -23.71 -85.51
N ILE H 274 -71.62 -22.58 -84.82
CA ILE H 274 -71.84 -22.54 -83.38
C ILE H 274 -73.31 -22.74 -83.08
N ARG H 275 -73.61 -23.32 -81.92
CA ARG H 275 -74.99 -23.34 -81.45
C ARG H 275 -75.47 -21.92 -81.23
N GLY H 276 -76.49 -21.52 -81.96
CA GLY H 276 -77.04 -20.18 -81.84
C GLY H 276 -76.31 -19.13 -82.64
N GLY H 277 -75.50 -19.51 -83.61
CA GLY H 277 -74.81 -18.57 -84.45
C GLY H 277 -73.44 -18.21 -83.95
N TRP H 278 -72.61 -17.72 -84.87
CA TRP H 278 -71.22 -17.42 -84.55
C TRP H 278 -71.11 -16.45 -83.38
N LYS H 279 -72.06 -15.53 -83.26
CA LYS H 279 -72.00 -14.54 -82.19
C LYS H 279 -72.27 -15.14 -80.82
N ASN H 280 -72.75 -16.38 -80.77
CA ASN H 280 -72.93 -17.09 -79.51
C ASN H 280 -71.65 -17.75 -79.01
N LEU H 281 -70.57 -17.68 -79.77
CA LEU H 281 -69.32 -18.32 -79.36
C LEU H 281 -68.72 -17.55 -78.20
N LYS H 282 -68.36 -18.28 -77.13
CA LYS H 282 -67.74 -17.69 -75.96
C LYS H 282 -66.26 -18.01 -75.87
N ALA H 283 -65.89 -19.28 -75.94
CA ALA H 283 -64.51 -19.70 -75.78
C ALA H 283 -64.30 -21.01 -76.53
N VAL H 284 -63.05 -21.29 -76.88
CA VAL H 284 -62.66 -22.54 -77.51
C VAL H 284 -61.38 -23.03 -76.87
N ILE H 285 -61.37 -24.31 -76.49
CA ILE H 285 -60.14 -25.01 -76.14
C ILE H 285 -59.66 -25.72 -77.40
N PRO H 286 -58.61 -25.25 -78.07
CA PRO H 286 -58.38 -25.65 -79.45
C PRO H 286 -57.80 -27.04 -79.69
N GLY H 287 -57.02 -27.57 -78.76
CA GLY H 287 -56.31 -28.80 -79.04
C GLY H 287 -56.30 -29.84 -77.94
N GLY H 288 -57.36 -29.91 -77.16
CA GLY H 288 -57.44 -30.82 -76.04
C GLY H 288 -57.30 -30.08 -74.72
N ALA H 289 -57.56 -30.83 -73.64
CA ALA H 289 -57.63 -30.22 -72.32
C ALA H 289 -56.38 -29.41 -71.98
N SER H 290 -55.22 -29.87 -72.41
CA SER H 290 -53.97 -29.23 -72.01
C SER H 290 -53.64 -28.00 -72.85
N CYS H 291 -54.61 -27.41 -73.56
CA CYS H 291 -54.34 -26.25 -74.39
C CYS H 291 -55.00 -25.01 -73.81
N PRO H 292 -54.30 -23.89 -73.66
CA PRO H 292 -54.93 -22.71 -73.08
C PRO H 292 -56.15 -22.26 -73.87
N VAL H 293 -57.18 -21.85 -73.14
CA VAL H 293 -58.45 -21.49 -73.75
C VAL H 293 -58.31 -20.21 -74.57
N LEU H 294 -59.11 -20.10 -75.62
CA LEU H 294 -59.13 -18.94 -76.49
C LEU H 294 -60.48 -18.22 -76.35
N THR H 295 -60.44 -16.89 -76.38
CA THR H 295 -61.67 -16.12 -76.32
C THR H 295 -62.40 -16.18 -77.65
N ALA H 296 -63.62 -15.64 -77.66
CA ALA H 296 -64.38 -15.58 -78.90
C ALA H 296 -63.68 -14.72 -79.95
N GLU H 297 -63.04 -13.64 -79.53
CA GLU H 297 -62.44 -12.72 -80.50
C GLU H 297 -61.13 -13.28 -81.06
N GLN H 298 -60.37 -14.02 -80.24
CA GLN H 298 -59.12 -14.60 -80.73
C GLN H 298 -59.38 -15.66 -81.79
N CYS H 299 -60.53 -16.33 -81.72
CA CYS H 299 -60.88 -17.36 -82.68
C CYS H 299 -61.26 -16.81 -84.04
N GLU H 300 -61.40 -15.49 -84.16
CA GLU H 300 -61.89 -14.90 -85.41
C GLU H 300 -60.99 -15.25 -86.58
N ASN H 301 -59.68 -15.05 -86.41
CA ASN H 301 -58.71 -15.29 -87.48
C ASN H 301 -57.75 -16.42 -87.16
N ALA H 302 -58.09 -17.25 -86.18
CA ALA H 302 -57.20 -18.33 -85.76
C ALA H 302 -57.00 -19.31 -86.91
N ILE H 303 -55.74 -19.66 -87.16
CA ILE H 303 -55.39 -20.65 -88.17
C ILE H 303 -55.03 -21.94 -87.46
N MET H 304 -55.70 -23.04 -87.83
CA MET H 304 -55.53 -24.30 -87.13
C MET H 304 -54.25 -24.98 -87.60
N ASP H 305 -53.15 -24.64 -86.94
CA ASP H 305 -51.87 -25.32 -87.17
C ASP H 305 -50.94 -24.97 -86.02
N TYR H 306 -49.73 -25.54 -86.05
CA TYR H 306 -48.80 -25.39 -84.94
C TYR H 306 -48.45 -23.93 -84.71
N ASP H 307 -48.19 -23.19 -85.78
CA ASP H 307 -47.79 -21.80 -85.63
C ASP H 307 -48.97 -20.91 -85.29
N GLY H 308 -50.15 -21.20 -85.83
CA GLY H 308 -51.31 -20.37 -85.56
C GLY H 308 -51.70 -20.40 -84.09
N MET H 309 -51.74 -21.58 -83.49
CA MET H 309 -52.11 -21.68 -82.08
C MET H 309 -51.02 -21.15 -81.18
N ARG H 310 -49.75 -21.34 -81.55
CA ARG H 310 -48.67 -20.76 -80.75
C ARG H 310 -48.74 -19.25 -80.79
N GLU H 311 -49.06 -18.67 -81.94
CA GLU H 311 -49.15 -17.22 -82.06
C GLU H 311 -50.18 -16.64 -81.11
N LEU H 312 -51.29 -17.35 -80.91
CA LEU H 312 -52.34 -16.94 -79.98
C LEU H 312 -52.03 -17.32 -78.54
N ARG H 313 -50.77 -17.65 -78.24
CA ARG H 313 -50.37 -18.05 -76.89
C ARG H 313 -51.12 -19.29 -76.42
N SER H 314 -51.46 -20.17 -77.36
CA SER H 314 -52.08 -21.45 -77.03
C SER H 314 -51.26 -22.56 -77.67
N SER H 315 -51.82 -23.77 -77.75
CA SER H 315 -51.12 -24.90 -78.33
C SER H 315 -52.04 -25.63 -79.31
N PHE H 316 -51.45 -26.16 -80.37
CA PHE H 316 -52.22 -26.93 -81.34
C PHE H 316 -52.68 -28.26 -80.75
N GLY H 317 -51.82 -28.89 -79.95
CA GLY H 317 -52.23 -30.09 -79.25
C GLY H 317 -52.61 -31.20 -80.20
N THR H 318 -53.74 -31.84 -79.92
CA THR H 318 -54.24 -32.93 -80.75
C THR H 318 -55.17 -32.47 -81.84
N ALA H 319 -55.56 -31.19 -81.86
CA ALA H 319 -56.45 -30.62 -82.86
C ALA H 319 -57.90 -31.04 -82.68
N CYS H 320 -58.28 -31.44 -81.47
CA CYS H 320 -59.67 -31.71 -81.13
C CYS H 320 -60.14 -30.63 -80.17
N MET H 321 -61.20 -29.93 -80.53
CA MET H 321 -61.59 -28.71 -79.84
C MET H 321 -62.76 -28.93 -78.91
N ILE H 322 -62.87 -28.06 -77.91
CA ILE H 322 -64.05 -27.92 -77.08
C ILE H 322 -64.62 -26.54 -77.37
N VAL H 323 -65.80 -26.50 -77.96
CA VAL H 323 -66.45 -25.24 -78.33
C VAL H 323 -67.50 -24.94 -77.28
N MET H 324 -67.39 -23.77 -76.66
CA MET H 324 -68.29 -23.37 -75.58
C MET H 324 -69.02 -22.10 -76.01
N ASP H 325 -70.35 -22.11 -75.87
CA ASP H 325 -71.15 -20.96 -76.25
C ASP H 325 -71.38 -20.05 -75.04
N GLN H 326 -72.23 -19.05 -75.21
CA GLN H 326 -72.39 -18.02 -74.17
C GLN H 326 -73.16 -18.52 -72.95
N SER H 327 -73.75 -19.71 -73.00
CA SER H 327 -74.43 -20.27 -71.84
C SER H 327 -73.51 -21.09 -70.95
N THR H 328 -72.22 -21.19 -71.28
CA THR H 328 -71.32 -22.06 -70.55
C THR H 328 -70.57 -21.30 -69.46
N ASP H 329 -70.49 -21.91 -68.29
CA ASP H 329 -69.63 -21.43 -67.22
C ASP H 329 -68.20 -21.84 -67.53
N VAL H 330 -67.39 -20.89 -68.02
CA VAL H 330 -66.03 -21.22 -68.44
C VAL H 330 -65.16 -21.54 -67.23
N VAL H 331 -65.34 -20.81 -66.12
CA VAL H 331 -64.55 -21.12 -64.93
C VAL H 331 -64.83 -22.54 -64.47
N LYS H 332 -66.09 -22.97 -64.60
CA LYS H 332 -66.43 -24.35 -64.27
C LYS H 332 -65.84 -25.32 -65.28
N ALA H 333 -65.72 -24.91 -66.55
CA ALA H 333 -65.15 -25.80 -67.55
C ALA H 333 -63.67 -26.06 -67.28
N ILE H 334 -62.90 -25.00 -67.05
CA ILE H 334 -61.49 -25.17 -66.73
C ILE H 334 -61.33 -25.86 -65.38
N TRP H 335 -62.22 -25.60 -64.44
CA TRP H 335 -62.12 -26.28 -63.14
C TRP H 335 -62.23 -27.78 -63.31
N ARG H 336 -63.15 -28.25 -64.16
CA ARG H 336 -63.32 -29.68 -64.34
C ARG H 336 -62.08 -30.31 -64.98
N LEU H 337 -61.32 -29.52 -65.74
CA LEU H 337 -60.04 -30.02 -66.24
C LEU H 337 -59.02 -30.13 -65.11
N SER H 338 -59.00 -29.15 -64.21
CA SER H 338 -58.12 -29.25 -63.04
C SER H 338 -58.45 -30.48 -62.22
N LYS H 339 -59.74 -30.79 -62.09
CA LYS H 339 -60.15 -32.02 -61.44
C LYS H 339 -59.66 -33.24 -62.21
N PHE H 340 -59.66 -33.16 -63.54
CA PHE H 340 -59.15 -34.27 -64.34
C PHE H 340 -57.66 -34.48 -64.10
N PHE H 341 -56.87 -33.41 -64.16
CA PHE H 341 -55.42 -33.56 -64.00
C PHE H 341 -55.06 -34.01 -62.59
N LYS H 342 -55.79 -33.54 -61.58
CA LYS H 342 -55.59 -34.04 -60.23
C LYS H 342 -55.86 -35.53 -60.17
N HIS H 343 -56.91 -35.98 -60.87
CA HIS H 343 -57.28 -37.39 -60.91
C HIS H 343 -56.26 -38.24 -61.66
N GLU H 344 -55.45 -37.64 -62.52
CA GLU H 344 -54.59 -38.41 -63.41
C GLU H 344 -53.12 -38.38 -63.05
N SER H 345 -52.68 -37.41 -62.24
CA SER H 345 -51.26 -37.35 -61.90
C SER H 345 -50.82 -38.67 -61.31
N CYS H 346 -49.66 -39.17 -61.75
CA CYS H 346 -49.19 -40.46 -61.28
C CYS H 346 -48.76 -40.41 -59.82
N GLY H 347 -48.54 -39.21 -59.28
CA GLY H 347 -48.13 -39.05 -57.91
C GLY H 347 -46.66 -39.26 -57.65
N GLN H 348 -45.86 -39.46 -58.69
CA GLN H 348 -44.43 -39.71 -58.49
C GLN H 348 -43.73 -38.52 -57.88
N CYS H 349 -43.88 -37.34 -58.48
CA CYS H 349 -43.01 -36.21 -58.15
C CYS H 349 -43.80 -35.07 -57.51
N THR H 350 -43.09 -34.32 -56.65
CA THR H 350 -43.77 -33.45 -55.69
C THR H 350 -44.61 -32.36 -56.32
N PRO H 351 -44.11 -31.57 -57.26
CA PRO H 351 -44.89 -30.41 -57.71
C PRO H 351 -46.22 -30.78 -58.32
N CYS H 352 -46.36 -31.97 -58.88
CA CYS H 352 -47.62 -32.40 -59.48
C CYS H 352 -48.46 -33.23 -58.53
N ARG H 353 -47.83 -34.08 -57.72
CA ARG H 353 -48.59 -34.84 -56.73
C ARG H 353 -49.31 -33.92 -55.76
N GLU H 354 -48.64 -32.85 -55.32
CA GLU H 354 -49.23 -31.89 -54.41
C GLU H 354 -49.81 -30.69 -55.12
N GLY H 355 -49.19 -30.24 -56.21
CA GLY H 355 -49.64 -29.03 -56.87
C GLY H 355 -50.99 -29.16 -57.54
N THR H 356 -51.26 -30.30 -58.20
CA THR H 356 -52.51 -30.43 -58.94
C THR H 356 -53.70 -30.36 -58.00
N GLY H 357 -53.62 -31.01 -56.84
CA GLY H 357 -54.71 -30.92 -55.88
C GLY H 357 -54.92 -29.50 -55.38
N TRP H 358 -53.83 -28.80 -55.09
CA TRP H 358 -53.96 -27.42 -54.65
C TRP H 358 -54.60 -26.54 -55.71
N MET H 359 -54.15 -26.69 -56.96
CA MET H 359 -54.73 -25.90 -58.04
C MET H 359 -56.21 -26.22 -58.23
N MET H 360 -56.57 -27.50 -58.15
CA MET H 360 -57.97 -27.88 -58.28
C MET H 360 -58.83 -27.24 -57.20
N ARG H 361 -58.35 -27.23 -55.96
CA ARG H 361 -59.18 -26.74 -54.86
C ARG H 361 -59.31 -25.23 -54.85
N VAL H 362 -58.30 -24.52 -55.35
CA VAL H 362 -58.45 -23.07 -55.52
C VAL H 362 -59.42 -22.78 -56.67
N MET H 363 -59.32 -23.54 -57.76
CA MET H 363 -60.24 -23.34 -58.87
C MET H 363 -61.67 -23.58 -58.44
N GLU H 364 -61.91 -24.58 -57.59
CA GLU H 364 -63.27 -24.85 -57.15
C GLU H 364 -63.85 -23.66 -56.40
N ARG H 365 -63.06 -23.03 -55.54
CA ARG H 365 -63.55 -21.85 -54.83
C ARG H 365 -63.74 -20.67 -55.76
N LEU H 366 -62.97 -20.58 -56.83
CA LEU H 366 -63.15 -19.50 -57.80
C LEU H 366 -64.43 -19.68 -58.59
N VAL H 367 -64.82 -20.93 -58.85
CA VAL H 367 -66.08 -21.18 -59.54
C VAL H 367 -67.24 -20.62 -58.73
N ARG H 368 -67.22 -20.85 -57.42
CA ARG H 368 -68.25 -20.34 -56.53
C ARG H 368 -68.06 -18.87 -56.16
N GLY H 369 -66.93 -18.28 -56.50
CA GLY H 369 -66.64 -16.93 -56.06
C GLY H 369 -66.23 -16.81 -54.62
N ASP H 370 -65.94 -17.92 -53.95
CA ASP H 370 -65.60 -17.93 -52.52
C ASP H 370 -64.09 -17.75 -52.36
N ALA H 371 -63.61 -16.57 -52.73
CA ALA H 371 -62.19 -16.30 -52.72
C ALA H 371 -61.97 -14.80 -52.64
N GLU H 372 -60.73 -14.44 -52.32
CA GLU H 372 -60.26 -13.08 -52.44
C GLU H 372 -59.70 -12.86 -53.84
N VAL H 373 -59.70 -11.61 -54.29
CA VAL H 373 -59.16 -11.32 -55.62
C VAL H 373 -57.66 -11.52 -55.67
N GLU H 374 -56.97 -11.44 -54.53
CA GLU H 374 -55.53 -11.67 -54.51
C GLU H 374 -55.19 -13.14 -54.74
N GLU H 375 -56.15 -14.04 -54.60
CA GLU H 375 -55.88 -15.44 -54.81
C GLU H 375 -55.79 -15.79 -56.29
N ILE H 376 -56.22 -14.91 -57.18
CA ILE H 376 -56.05 -15.14 -58.61
C ILE H 376 -54.58 -15.04 -58.99
N ASP H 377 -53.89 -14.00 -58.52
CA ASP H 377 -52.46 -13.90 -58.76
C ASP H 377 -51.70 -14.98 -58.00
N MET H 378 -52.15 -15.32 -56.80
CA MET H 378 -51.55 -16.43 -56.07
C MET H 378 -51.67 -17.73 -56.87
N LEU H 379 -52.84 -17.99 -57.45
CA LEU H 379 -53.02 -19.20 -58.23
C LEU H 379 -52.10 -19.21 -59.44
N PHE H 380 -52.00 -18.08 -60.14
CA PHE H 380 -51.09 -18.02 -61.28
C PHE H 380 -49.67 -18.33 -60.86
N ASP H 381 -49.26 -17.82 -59.69
CA ASP H 381 -47.92 -18.12 -59.19
C ASP H 381 -47.74 -19.60 -58.91
N VAL H 382 -48.77 -20.25 -58.39
CA VAL H 382 -48.66 -21.67 -58.07
C VAL H 382 -48.48 -22.48 -59.35
N THR H 383 -49.20 -22.12 -60.41
CA THR H 383 -49.04 -22.84 -61.67
C THR H 383 -47.62 -22.73 -62.20
N LYS H 384 -47.00 -21.56 -62.03
CA LYS H 384 -45.62 -21.40 -62.47
C LYS H 384 -44.66 -22.25 -61.66
N GLN H 385 -45.01 -22.57 -60.41
CA GLN H 385 -44.17 -23.41 -59.59
C GLN H 385 -44.23 -24.87 -60.03
N VAL H 386 -45.33 -25.27 -60.67
CA VAL H 386 -45.44 -26.63 -61.18
C VAL H 386 -44.78 -26.72 -62.55
N GLU H 387 -45.08 -25.77 -63.42
CA GLU H 387 -44.62 -25.84 -64.80
C GLU H 387 -43.10 -25.81 -64.86
N GLY H 388 -42.53 -26.77 -65.57
CA GLY H 388 -41.09 -26.83 -65.75
C GLY H 388 -40.32 -27.48 -64.63
N HIS H 389 -40.96 -27.86 -63.53
CA HIS H 389 -40.28 -28.38 -62.36
C HIS H 389 -40.59 -29.85 -62.10
N THR H 390 -41.31 -30.50 -63.00
CA THR H 390 -41.76 -31.87 -62.79
C THR H 390 -40.98 -32.84 -63.67
N ILE H 391 -41.19 -34.13 -63.44
CA ILE H 391 -40.53 -35.15 -64.24
C ILE H 391 -41.07 -35.14 -65.66
N CYS H 392 -42.39 -35.14 -65.81
CA CYS H 392 -43.02 -35.29 -67.11
C CYS H 392 -43.92 -34.09 -67.38
N ALA H 393 -44.42 -34.01 -68.61
CA ALA H 393 -45.14 -32.83 -69.07
C ALA H 393 -46.58 -32.77 -68.58
N LEU H 394 -47.08 -33.80 -67.89
CA LEU H 394 -48.39 -33.67 -67.26
C LEU H 394 -48.40 -32.52 -66.28
N GLY H 395 -47.29 -32.30 -65.56
CA GLY H 395 -47.20 -31.15 -64.70
C GLY H 395 -47.42 -29.85 -65.45
N ASP H 396 -46.76 -29.71 -66.60
CA ASP H 396 -47.00 -28.54 -67.44
C ASP H 396 -48.44 -28.52 -67.94
N ALA H 397 -48.96 -29.67 -68.39
CA ALA H 397 -50.30 -29.71 -68.96
C ALA H 397 -51.36 -29.31 -67.94
N ALA H 398 -51.08 -29.48 -66.64
CA ALA H 398 -52.04 -29.12 -65.62
C ALA H 398 -52.02 -27.63 -65.33
N ALA H 399 -50.93 -26.96 -65.68
CA ALA H 399 -50.78 -25.54 -65.37
C ALA H 399 -51.31 -24.66 -66.50
N TRP H 400 -51.12 -25.08 -67.74
CA TRP H 400 -51.50 -24.24 -68.89
C TRP H 400 -52.98 -23.92 -68.93
N PRO H 401 -53.90 -24.87 -68.71
CA PRO H 401 -55.32 -24.52 -68.75
C PRO H 401 -55.70 -23.42 -67.79
N ILE H 402 -55.15 -23.44 -66.57
CA ILE H 402 -55.44 -22.40 -65.59
C ILE H 402 -54.80 -21.08 -66.00
N GLN H 403 -53.58 -21.14 -66.54
CA GLN H 403 -52.93 -19.92 -66.99
C GLN H 403 -53.69 -19.27 -68.13
N GLY H 404 -54.24 -20.09 -69.03
CA GLY H 404 -55.04 -19.54 -70.12
C GLY H 404 -56.31 -18.87 -69.64
N LEU H 405 -56.96 -19.46 -68.63
CA LEU H 405 -58.16 -18.85 -68.07
C LEU H 405 -57.86 -17.49 -67.46
N ILE H 406 -56.80 -17.41 -66.65
CA ILE H 406 -56.47 -16.16 -65.99
C ILE H 406 -56.09 -15.10 -67.02
N ARG H 407 -55.41 -15.51 -68.08
CA ARG H 407 -54.97 -14.54 -69.08
C ARG H 407 -56.13 -14.02 -69.92
N ASN H 408 -57.20 -14.82 -70.09
CA ASN H 408 -58.25 -14.49 -71.03
C ASN H 408 -59.61 -14.20 -70.40
N PHE H 409 -59.87 -14.68 -69.20
CA PHE H 409 -61.19 -14.54 -68.59
C PHE H 409 -61.07 -14.07 -67.16
N ARG H 410 -60.07 -13.25 -66.88
CA ARG H 410 -59.87 -12.78 -65.51
C ARG H 410 -61.08 -12.01 -65.01
N GLU H 411 -61.63 -11.12 -65.84
CA GLU H 411 -62.78 -10.33 -65.42
C GLU H 411 -63.94 -11.21 -65.02
N GLU H 412 -64.13 -12.36 -65.68
CA GLU H 412 -65.20 -13.26 -65.28
C GLU H 412 -64.95 -13.86 -63.91
N ILE H 413 -63.69 -14.09 -63.56
CA ILE H 413 -63.39 -14.58 -62.22
C ILE H 413 -63.64 -13.50 -61.18
N GLU H 414 -63.27 -12.25 -61.50
CA GLU H 414 -63.44 -11.17 -60.54
C GLU H 414 -64.90 -10.80 -60.37
N ASP H 415 -65.74 -11.09 -61.37
CA ASP H 415 -67.16 -10.83 -61.23
C ASP H 415 -67.81 -11.80 -60.26
N ARG H 416 -67.39 -13.07 -60.28
CA ARG H 416 -67.97 -14.04 -59.36
C ARG H 416 -67.67 -13.65 -57.91
N ILE H 417 -66.46 -13.16 -57.66
CA ILE H 417 -66.10 -12.74 -56.31
C ILE H 417 -66.96 -11.56 -55.89
N LYS H 418 -67.13 -10.58 -56.77
CA LYS H 418 -68.01 -9.45 -56.47
C LYS H 418 -69.46 -9.90 -56.37
N ALA H 419 -69.89 -10.78 -57.26
CA ALA H 419 -71.27 -11.24 -57.24
C ALA H 419 -71.64 -11.88 -55.91
N LYS H 420 -70.74 -12.71 -55.37
CA LYS H 420 -71.02 -13.38 -54.10
C LYS H 420 -70.89 -12.42 -52.93
N ARG H 421 -69.80 -11.67 -52.87
CA ARG H 421 -69.54 -10.76 -51.76
C ARG H 421 -70.45 -9.54 -51.88
N GLY I 3 1.38 14.43 -8.57
CA GLY I 3 0.35 13.42 -8.53
C GLY I 3 0.63 12.36 -7.48
N ASP I 4 1.32 12.74 -6.42
CA ASP I 4 1.55 11.87 -5.28
C ASP I 4 1.72 12.77 -4.06
N ILE I 5 0.79 12.67 -3.12
CA ILE I 5 0.73 13.56 -1.99
C ILE I 5 0.99 12.82 -0.68
N ARG I 6 1.49 11.59 -0.75
CA ARG I 6 1.68 10.81 0.47
C ARG I 6 2.68 11.47 1.41
N LYS I 7 3.77 12.01 0.87
CA LYS I 7 4.68 12.85 1.66
C LYS I 7 4.10 14.25 1.71
N ASN I 8 3.59 14.66 2.87
CA ASN I 8 2.91 15.93 2.99
C ASN I 8 3.83 17.09 2.59
N SER I 9 3.26 18.04 1.86
CA SER I 9 3.95 19.26 1.46
C SER I 9 3.25 20.46 2.10
N TYR I 10 4.00 21.24 2.86
CA TYR I 10 3.45 22.35 3.62
C TYR I 10 3.90 23.67 3.03
N ASP I 11 3.06 24.69 3.20
CA ASP I 11 3.34 26.01 2.66
C ASP I 11 4.53 26.68 3.34
N ASP I 12 4.95 26.22 4.50
CA ASP I 12 6.13 26.72 5.17
C ASP I 12 7.37 25.88 4.90
N GLY I 13 7.26 24.86 4.03
CA GLY I 13 8.41 24.08 3.63
C GLY I 13 8.92 23.11 4.65
N SER I 14 8.23 22.97 5.79
CA SER I 14 8.72 22.13 6.87
C SER I 14 8.68 20.66 6.48
N MET I 15 9.66 19.90 6.97
CA MET I 15 9.73 18.46 6.77
C MET I 15 9.81 17.80 8.13
N ASP I 16 8.81 17.00 8.47
CA ASP I 16 8.78 16.37 9.78
C ASP I 16 9.76 15.20 9.83
N ALA I 17 10.23 14.92 11.05
CA ALA I 17 11.16 13.81 11.23
C ALA I 17 10.52 12.48 10.82
N LEU I 18 9.25 12.28 11.17
CA LEU I 18 8.58 11.03 10.81
C LEU I 18 8.39 10.91 9.30
N THR I 19 8.07 12.02 8.62
CA THR I 19 7.95 11.97 7.17
C THR I 19 9.24 11.50 6.52
N GLY I 20 10.38 11.72 7.18
CA GLY I 20 11.63 11.25 6.63
C GLY I 20 11.70 9.73 6.59
N GLU I 21 11.22 9.07 7.64
CA GLU I 21 11.21 7.62 7.66
C GLU I 21 10.34 7.06 6.55
N GLN I 22 10.67 5.84 6.12
CA GLN I 22 9.87 5.16 5.13
C GLN I 22 8.52 4.77 5.72
N SER I 23 7.47 4.92 4.91
CA SER I 23 6.08 4.76 5.37
C SER I 23 5.76 3.28 5.46
N ILE I 24 5.84 2.72 6.66
CA ILE I 24 5.51 1.32 6.87
C ILE I 24 4.18 1.16 7.61
N ARG I 25 3.80 2.10 8.47
CA ARG I 25 2.62 1.97 9.32
C ARG I 25 1.65 3.06 8.91
N ASN I 26 0.84 2.78 7.89
CA ASN I 26 -0.08 3.74 7.31
C ASN I 26 -1.49 3.45 7.78
N PHE I 27 -2.34 4.47 7.73
CA PHE I 27 -3.75 4.36 8.09
C PHE I 27 -4.52 3.84 6.89
N ASN I 28 -4.68 2.52 6.82
CA ASN I 28 -5.39 1.87 5.74
C ASN I 28 -6.72 1.37 6.28
N ILE I 29 -7.79 1.58 5.51
CA ILE I 29 -9.13 1.22 5.94
C ILE I 29 -9.88 0.61 4.77
N ASN I 30 -10.62 -0.46 5.04
CA ASN I 30 -11.51 -1.07 4.05
C ASN I 30 -12.78 -0.24 3.96
N PHE I 31 -12.98 0.43 2.83
CA PHE I 31 -14.20 1.18 2.58
C PHE I 31 -15.09 0.30 1.70
N GLY I 32 -16.00 -0.43 2.35
CA GLY I 32 -16.76 -1.46 1.70
C GLY I 32 -16.07 -2.81 1.81
N PRO I 33 -16.71 -3.88 1.33
CA PRO I 33 -17.97 -3.97 0.59
C PRO I 33 -19.23 -3.70 1.41
N GLN I 34 -19.30 -4.10 2.67
CA GLN I 34 -20.49 -3.88 3.49
C GLN I 34 -20.39 -2.49 4.09
N HIS I 35 -20.87 -1.50 3.34
CA HIS I 35 -20.74 -0.10 3.68
C HIS I 35 -21.85 0.62 2.91
N PRO I 36 -22.63 1.49 3.57
CA PRO I 36 -23.79 2.07 2.88
C PRO I 36 -23.45 2.82 1.61
N ALA I 37 -22.26 3.40 1.52
CA ALA I 37 -21.85 4.14 0.33
C ALA I 37 -21.11 3.29 -0.69
N ALA I 38 -20.86 2.01 -0.42
CA ALA I 38 -20.03 1.18 -1.27
C ALA I 38 -20.81 0.32 -2.25
N HIS I 39 -22.14 0.44 -2.30
CA HIS I 39 -22.97 -0.33 -3.22
C HIS I 39 -22.84 -1.83 -2.99
N GLY I 40 -22.46 -2.24 -1.78
CA GLY I 40 -22.46 -3.63 -1.41
C GLY I 40 -21.25 -4.44 -1.83
N VAL I 41 -20.64 -4.13 -2.98
CA VAL I 41 -19.61 -5.01 -3.53
C VAL I 41 -18.34 -4.26 -3.91
N LEU I 42 -18.16 -3.06 -3.42
CA LEU I 42 -16.93 -2.31 -3.62
C LEU I 42 -16.06 -2.44 -2.38
N ARG I 43 -14.89 -3.04 -2.53
CA ARG I 43 -13.86 -2.97 -1.49
C ARG I 43 -12.83 -1.96 -1.96
N MET I 44 -12.96 -0.73 -1.49
CA MET I 44 -11.98 0.30 -1.75
C MET I 44 -11.08 0.45 -0.53
N VAL I 45 -9.79 0.20 -0.71
CA VAL I 45 -8.82 0.39 0.35
C VAL I 45 -8.34 1.83 0.29
N LEU I 46 -8.57 2.57 1.37
CA LEU I 46 -8.21 3.98 1.44
C LEU I 46 -7.04 4.16 2.39
N GLU I 47 -6.06 4.95 1.96
CA GLU I 47 -4.98 5.41 2.82
C GLU I 47 -5.30 6.85 3.21
N LEU I 48 -5.48 7.09 4.51
CA LEU I 48 -5.90 8.38 5.02
C LEU I 48 -4.79 9.04 5.82
N ASP I 49 -4.73 10.36 5.73
CA ASP I 49 -3.79 11.17 6.51
C ASP I 49 -4.59 12.32 7.10
N GLY I 50 -4.99 12.18 8.35
CA GLY I 50 -5.89 13.15 8.94
C GLY I 50 -7.20 13.27 8.20
N GLU I 51 -7.72 12.16 7.68
CA GLU I 51 -8.92 12.04 6.87
C GLU I 51 -8.74 12.60 5.46
N ILE I 52 -7.54 13.03 5.08
CA ILE I 52 -7.27 13.32 3.68
C ILE I 52 -7.00 12.01 2.95
N VAL I 53 -7.66 11.81 1.82
CA VAL I 53 -7.45 10.61 1.03
C VAL I 53 -6.16 10.79 0.22
N GLU I 54 -5.16 9.96 0.54
CA GLU I 54 -3.89 10.00 -0.18
C GLU I 54 -3.74 8.87 -1.18
N ARG I 55 -4.48 7.78 -1.01
CA ARG I 55 -4.47 6.67 -1.94
C ARG I 55 -5.82 5.98 -1.89
N ALA I 56 -6.38 5.66 -3.06
CA ALA I 56 -7.61 4.89 -3.15
C ALA I 56 -7.35 3.71 -4.08
N ASP I 57 -7.64 2.51 -3.60
CA ASP I 57 -7.29 1.27 -4.30
C ASP I 57 -8.54 0.42 -4.41
N PRO I 58 -9.38 0.64 -5.42
CA PRO I 58 -10.61 -0.14 -5.55
C PRO I 58 -10.31 -1.61 -5.85
N HIS I 59 -10.85 -2.49 -5.03
CA HIS I 59 -10.83 -3.92 -5.31
C HIS I 59 -12.23 -4.30 -5.80
N ILE I 60 -12.29 -4.75 -7.05
CA ILE I 60 -13.55 -5.10 -7.68
C ILE I 60 -13.53 -6.59 -7.95
N GLY I 61 -14.54 -7.09 -8.62
CA GLY I 61 -14.69 -8.51 -8.85
C GLY I 61 -15.50 -9.22 -7.80
N LEU I 62 -15.91 -8.53 -6.74
CA LEU I 62 -16.79 -9.13 -5.75
C LEU I 62 -18.17 -9.40 -6.31
N LEU I 63 -18.49 -8.89 -7.50
CA LEU I 63 -19.67 -9.32 -8.23
C LEU I 63 -19.33 -9.85 -9.62
N HIS I 64 -18.10 -10.29 -9.85
CA HIS I 64 -17.77 -10.92 -11.12
C HIS I 64 -18.38 -12.32 -11.16
N 2MR I 65 -19.20 -12.57 -12.16
CA 2MR I 65 -19.95 -13.80 -12.22
CB 2MR I 65 -21.45 -13.54 -12.15
CG 2MR I 65 -21.76 -13.03 -10.76
CD 2MR I 65 -23.07 -12.27 -10.70
NE 2MR I 65 -23.18 -11.22 -11.67
CZ 2MR I 65 -24.34 -10.39 -11.83
NH1 2MR I 65 -25.43 -10.51 -11.09
CQ1 2MR I 65 -26.61 -9.75 -11.18
NH2 2MR I 65 -24.30 -9.39 -12.85
CQ2 2MR I 65 -23.17 -9.20 -13.71
C 2MR I 65 -19.67 -14.63 -13.45
O 2MR I 65 -20.25 -15.67 -13.71
N GLY I 66 -18.70 -14.16 -14.23
CA GLY I 66 -18.30 -14.88 -15.43
C GLY I 66 -19.34 -14.86 -16.51
N THR I 67 -20.02 -13.72 -16.67
CA THR I 67 -21.06 -13.60 -17.68
C THR I 67 -20.52 -13.85 -19.07
N GLU I 68 -19.33 -13.33 -19.37
CA GLU I 68 -18.79 -13.45 -20.72
C GLU I 68 -18.37 -14.88 -21.03
N LYS I 69 -17.99 -15.66 -20.02
CA LYS I 69 -17.75 -17.09 -20.22
C LYS I 69 -19.05 -17.84 -20.39
N LEU I 70 -20.05 -17.54 -19.56
CA LEU I 70 -21.33 -18.22 -19.65
C LEU I 70 -22.02 -17.95 -20.98
N MET I 71 -21.73 -16.81 -21.60
CA MET I 71 -22.40 -16.47 -22.84
C MET I 71 -21.92 -17.32 -24.01
N GLU I 72 -20.72 -17.90 -23.91
CA GLU I 72 -20.14 -18.64 -25.02
C GLU I 72 -20.78 -20.00 -25.23
N SER I 73 -21.52 -20.51 -24.25
CA SER I 73 -22.19 -21.80 -24.38
C SER I 73 -23.69 -21.66 -24.54
N ARG I 74 -24.19 -20.49 -24.89
CA ARG I 74 -25.61 -20.25 -25.08
C ARG I 74 -25.86 -19.64 -26.44
N THR I 75 -27.07 -19.83 -26.94
CA THR I 75 -27.45 -19.19 -28.20
C THR I 75 -27.63 -17.69 -28.01
N TYR I 76 -27.81 -17.00 -29.11
CA TYR I 76 -27.96 -15.55 -29.05
C TYR I 76 -29.22 -15.15 -28.29
N LEU I 77 -30.30 -15.89 -28.44
CA LEU I 77 -31.52 -15.58 -27.71
C LEU I 77 -31.38 -15.91 -26.22
N GLN I 78 -30.72 -17.02 -25.92
CA GLN I 78 -30.49 -17.40 -24.52
C GLN I 78 -29.59 -16.41 -23.79
N ASN I 79 -28.81 -15.62 -24.52
CA ASN I 79 -27.90 -14.66 -23.93
C ASN I 79 -28.54 -13.32 -23.69
N LEU I 80 -29.70 -13.05 -24.27
CA LEU I 80 -30.33 -11.75 -24.10
C LEU I 80 -30.61 -11.40 -22.63
N PRO I 81 -31.12 -12.29 -21.79
CA PRO I 81 -31.32 -11.93 -20.38
C PRO I 81 -30.04 -11.59 -19.62
N TYR I 82 -28.88 -12.06 -20.08
CA TYR I 82 -27.64 -11.69 -19.40
C TYR I 82 -27.40 -10.18 -19.48
N LEU I 83 -27.83 -9.56 -20.57
CA LEU I 83 -27.66 -8.12 -20.70
C LEU I 83 -28.47 -7.36 -19.66
N ASP I 84 -29.66 -7.85 -19.33
CA ASP I 84 -30.50 -7.19 -18.32
C ASP I 84 -29.74 -6.99 -17.02
N ARG I 85 -28.85 -7.92 -16.69
CA ARG I 85 -28.28 -8.01 -15.36
C ARG I 85 -26.88 -7.42 -15.26
N LEU I 86 -26.52 -6.52 -16.18
CA LEU I 86 -25.25 -5.81 -16.07
C LEU I 86 -25.40 -4.45 -15.41
N ASP I 87 -26.02 -3.50 -16.10
CA ASP I 87 -26.42 -2.23 -15.47
C ASP I 87 -27.91 -2.38 -15.17
N TYR I 88 -28.17 -3.12 -14.13
CA TYR I 88 -29.50 -3.64 -13.87
C TYR I 88 -30.47 -2.58 -13.38
N VAL I 89 -30.01 -1.36 -13.13
CA VAL I 89 -30.95 -0.29 -12.80
C VAL I 89 -31.83 0.04 -14.00
N ALA I 90 -31.28 -0.05 -15.21
CA ALA I 90 -32.02 0.23 -16.45
C ALA I 90 -31.76 -0.91 -17.43
N PRO I 91 -32.49 -2.02 -17.29
CA PRO I 91 -32.09 -3.23 -18.04
C PRO I 91 -32.32 -3.17 -19.54
N MET I 92 -33.44 -2.61 -20.02
CA MET I 92 -33.69 -2.62 -21.46
C MET I 92 -32.65 -1.81 -22.23
N ASN I 93 -32.04 -0.81 -21.62
CA ASN I 93 -31.00 -0.05 -22.32
C ASN I 93 -29.80 -0.93 -22.66
N GLN I 94 -29.48 -1.88 -21.78
CA GLN I 94 -28.37 -2.79 -22.06
C GLN I 94 -28.76 -3.85 -23.07
N GLU I 95 -30.01 -4.33 -23.04
CA GLU I 95 -30.49 -5.23 -24.08
C GLU I 95 -30.30 -4.63 -25.46
N HIS I 96 -30.41 -3.31 -25.58
CA HIS I 96 -30.42 -2.65 -26.87
C HIS I 96 -29.10 -2.86 -27.61
N ALA I 97 -27.98 -2.80 -26.91
CA ALA I 97 -26.69 -3.00 -27.56
C ALA I 97 -26.56 -4.40 -28.14
N TRP I 98 -27.04 -5.41 -27.41
CA TRP I 98 -27.00 -6.78 -27.91
C TRP I 98 -27.83 -6.93 -29.17
N CYS I 99 -29.03 -6.37 -29.16
CA CYS I 99 -29.90 -6.45 -30.33
C CYS I 99 -29.29 -5.72 -31.52
N LEU I 100 -28.74 -4.53 -31.28
CA LEU I 100 -28.16 -3.76 -32.38
C LEU I 100 -27.00 -4.49 -33.03
N ALA I 101 -26.15 -5.14 -32.21
CA ALA I 101 -25.01 -5.86 -32.76
C ALA I 101 -25.45 -7.04 -33.61
N ILE I 102 -26.43 -7.80 -33.15
CA ILE I 102 -26.94 -8.92 -33.92
C ILE I 102 -27.61 -8.42 -35.19
N GLU I 103 -28.41 -7.36 -35.07
CA GLU I 103 -29.09 -6.83 -36.25
C GLU I 103 -28.10 -6.32 -37.29
N ARG I 104 -27.00 -5.72 -36.87
CA ARG I 104 -26.00 -5.27 -37.83
C ARG I 104 -25.33 -6.43 -38.54
N LEU I 105 -24.95 -7.47 -37.80
CA LEU I 105 -24.26 -8.60 -38.41
C LEU I 105 -25.17 -9.37 -39.35
N THR I 106 -26.44 -9.53 -38.98
CA THR I 106 -27.41 -10.21 -39.82
C THR I 106 -28.02 -9.29 -40.87
N GLY I 107 -27.76 -7.99 -40.81
CA GLY I 107 -28.34 -7.09 -41.78
C GLY I 107 -29.85 -7.06 -41.74
N THR I 108 -30.41 -6.94 -40.55
CA THR I 108 -31.86 -6.99 -40.34
C THR I 108 -32.39 -5.60 -40.05
N VAL I 109 -33.58 -5.32 -40.59
CA VAL I 109 -34.27 -4.05 -40.37
C VAL I 109 -35.48 -4.33 -39.48
N ILE I 110 -35.60 -3.58 -38.39
CA ILE I 110 -36.67 -3.83 -37.43
C ILE I 110 -37.87 -2.96 -37.81
N PRO I 111 -39.09 -3.35 -37.44
CA PRO I 111 -40.27 -2.56 -37.82
C PRO I 111 -40.28 -1.20 -37.15
N ARG I 112 -41.05 -0.30 -37.75
CA ARG I 112 -41.13 1.08 -37.28
C ARG I 112 -41.65 1.16 -35.85
N ARG I 113 -42.73 0.42 -35.55
CA ARG I 113 -43.29 0.47 -34.21
C ARG I 113 -42.30 -0.01 -33.17
N ALA I 114 -41.57 -1.09 -33.48
CA ALA I 114 -40.55 -1.57 -32.55
C ALA I 114 -39.50 -0.50 -32.30
N SER I 115 -39.13 0.24 -33.34
CA SER I 115 -38.14 1.30 -33.16
C SER I 115 -38.67 2.39 -32.23
N LEU I 116 -39.93 2.78 -32.37
CA LEU I 116 -40.49 3.79 -31.49
C LEU I 116 -40.57 3.30 -30.05
N ILE I 117 -40.96 2.04 -29.86
CA ILE I 117 -41.05 1.48 -28.52
C ILE I 117 -39.68 1.45 -27.87
N ARG I 118 -38.65 1.12 -28.64
CA ARG I 118 -37.30 1.07 -28.08
C ARG I 118 -36.86 2.44 -27.58
N VAL I 119 -37.15 3.49 -28.33
CA VAL I 119 -36.86 4.85 -27.87
C VAL I 119 -37.68 5.16 -26.62
N LEU I 120 -38.95 4.79 -26.62
CA LEU I 120 -39.80 5.09 -25.49
C LEU I 120 -39.24 4.48 -24.21
N TYR I 121 -38.96 3.17 -24.23
CA TYR I 121 -38.52 2.50 -23.02
C TYR I 121 -37.04 2.71 -22.73
N SER I 122 -36.27 3.18 -23.70
CA SER I 122 -34.90 3.56 -23.40
C SER I 122 -34.87 4.83 -22.56
N GLU I 123 -35.75 5.78 -22.85
CA GLU I 123 -35.83 7.01 -22.07
C GLU I 123 -36.47 6.79 -20.72
N ILE I 124 -37.40 5.84 -20.61
CA ILE I 124 -37.87 5.42 -19.29
C ILE I 124 -36.70 4.91 -18.47
N GLY I 125 -35.83 4.11 -19.09
CA GLY I 125 -34.66 3.62 -18.38
C GLY I 125 -33.72 4.73 -17.96
N ARG I 126 -33.56 5.75 -18.80
CA ARG I 126 -32.71 6.87 -18.43
C ARG I 126 -33.25 7.58 -17.20
N ILE I 127 -34.56 7.77 -17.12
CA ILE I 127 -35.15 8.36 -15.92
C ILE I 127 -35.04 7.41 -14.75
N LEU I 128 -35.27 6.11 -14.98
CA LEU I 128 -35.11 5.14 -13.90
C LEU I 128 -33.71 5.23 -13.32
N ASN I 129 -32.70 5.38 -14.17
CA ASN I 129 -31.33 5.46 -13.69
C ASN I 129 -31.04 6.79 -13.03
N HIS I 130 -31.45 7.90 -13.65
CA HIS I 130 -31.11 9.21 -13.11
C HIS I 130 -31.85 9.49 -11.81
N LEU I 131 -33.07 8.98 -11.66
CA LEU I 131 -33.74 9.07 -10.38
C LEU I 131 -32.95 8.34 -9.31
N MET I 132 -32.48 7.13 -9.60
CA MET I 132 -31.66 6.41 -8.64
C MET I 132 -30.35 7.12 -8.40
N GLY I 133 -29.68 7.58 -9.45
CA GLY I 133 -28.37 8.19 -9.29
C GLY I 133 -28.43 9.49 -8.50
N VAL I 134 -29.37 10.37 -8.85
CA VAL I 134 -29.42 11.69 -8.23
C VAL I 134 -29.87 11.58 -6.77
N THR I 135 -30.90 10.79 -6.49
CA THR I 135 -31.47 10.81 -5.15
C THR I 135 -30.67 9.95 -4.17
N THR I 136 -30.05 8.86 -4.62
CA THR I 136 -29.13 8.15 -3.74
C THR I 136 -27.80 8.89 -3.62
N GLY I 137 -27.43 9.68 -4.63
CA GLY I 137 -26.32 10.59 -4.47
C GLY I 137 -26.58 11.63 -3.40
N ALA I 138 -27.81 12.13 -3.34
CA ALA I 138 -28.19 13.03 -2.26
C ALA I 138 -28.11 12.32 -0.92
N MET I 139 -28.53 11.06 -0.85
CA MET I 139 -28.43 10.30 0.39
C MET I 139 -26.97 10.10 0.80
N ASP I 140 -26.06 10.08 -0.18
CA ASP I 140 -24.64 9.93 0.13
C ASP I 140 -24.07 11.16 0.83
N VAL I 141 -24.65 12.34 0.60
CA VAL I 141 -24.24 13.55 1.30
C VAL I 141 -25.22 13.89 2.43
N GLY I 142 -26.05 12.93 2.86
CA GLY I 142 -26.80 13.05 4.08
C GLY I 142 -28.26 13.44 3.95
N ALA I 143 -28.76 13.66 2.74
CA ALA I 143 -30.16 14.02 2.55
C ALA I 143 -31.00 12.75 2.55
N LEU I 144 -31.82 12.57 3.59
CA LEU I 144 -32.60 11.35 3.75
C LEU I 144 -33.81 11.30 2.84
N THR I 145 -34.45 12.43 2.59
CA THR I 145 -35.75 12.48 1.95
C THR I 145 -35.73 12.29 0.42
N PRO I 146 -34.76 12.83 -0.30
CA PRO I 146 -34.82 12.79 -1.77
C PRO I 146 -35.01 11.38 -2.32
N PRO I 147 -34.31 10.37 -1.79
CA PRO I 147 -34.53 9.02 -2.32
C PRO I 147 -35.97 8.54 -2.17
N LEU I 148 -36.65 8.90 -1.09
CA LEU I 148 -38.02 8.46 -0.91
C LEU I 148 -38.93 9.05 -1.98
N TRP I 149 -38.79 10.34 -2.25
CA TRP I 149 -39.59 10.95 -3.32
C TRP I 149 -39.24 10.35 -4.67
N GLY I 150 -37.95 10.19 -4.94
CA GLY I 150 -37.54 9.72 -6.25
C GLY I 150 -37.95 8.29 -6.53
N PHE I 151 -37.86 7.43 -5.52
CA PHE I 151 -38.15 6.02 -5.71
C PHE I 151 -39.64 5.73 -5.78
N GLU I 152 -40.50 6.65 -5.34
CA GLU I 152 -41.91 6.53 -5.65
C GLU I 152 -42.15 6.70 -7.14
N ALA I 153 -41.47 7.66 -7.77
CA ALA I 153 -41.57 7.81 -9.21
C ALA I 153 -40.94 6.62 -9.93
N ARG I 154 -39.87 6.07 -9.38
CA ARG I 154 -39.31 4.85 -9.96
C ARG I 154 -40.31 3.70 -9.89
N GLU I 155 -41.02 3.58 -8.77
CA GLU I 155 -42.03 2.54 -8.63
C GLU I 155 -43.05 2.60 -9.77
N GLU I 156 -43.49 3.80 -10.12
CA GLU I 156 -44.46 3.94 -11.21
C GLU I 156 -43.86 3.50 -12.54
N LEU I 157 -42.60 3.85 -12.79
CA LEU I 157 -41.96 3.44 -14.03
C LEU I 157 -41.71 1.95 -14.09
N MET I 158 -41.45 1.32 -12.94
CA MET I 158 -41.29 -0.13 -12.94
C MET I 158 -42.60 -0.84 -13.23
N ILE I 159 -43.72 -0.21 -12.91
CA ILE I 159 -45.02 -0.75 -13.28
C ILE I 159 -45.22 -0.65 -14.79
N PHE I 160 -44.74 0.43 -15.42
CA PHE I 160 -44.78 0.49 -16.88
C PHE I 160 -43.92 -0.61 -17.50
N TYR I 161 -42.77 -0.92 -16.89
CA TYR I 161 -42.00 -2.10 -17.30
C TYR I 161 -42.85 -3.36 -17.25
N GLU I 162 -43.49 -3.62 -16.11
CA GLU I 162 -44.21 -4.86 -15.93
C GLU I 162 -45.38 -4.98 -16.90
N ARG I 163 -46.05 -3.87 -17.20
CA ARG I 163 -47.20 -3.94 -18.09
C ARG I 163 -46.79 -4.17 -19.54
N ALA I 164 -45.53 -3.92 -19.87
CA ALA I 164 -45.05 -4.19 -21.22
C ALA I 164 -44.57 -5.63 -21.37
N CYS I 165 -43.95 -6.19 -20.35
CA CYS I 165 -43.29 -7.49 -20.47
C CYS I 165 -43.59 -8.48 -19.37
N GLY I 166 -44.21 -8.06 -18.26
CA GLY I 166 -44.49 -8.95 -17.17
C GLY I 166 -43.42 -9.02 -16.11
N ALA I 167 -42.39 -8.17 -16.19
CA ALA I 167 -41.35 -8.12 -15.18
C ALA I 167 -41.08 -6.66 -14.83
N ARG I 168 -40.90 -6.39 -13.54
CA ARG I 168 -40.65 -5.03 -13.09
C ARG I 168 -39.23 -4.58 -13.41
N LEU I 169 -38.26 -5.49 -13.37
CA LEU I 169 -36.87 -5.12 -13.61
C LEU I 169 -36.28 -5.80 -14.84
N HIS I 170 -36.21 -7.12 -14.89
CA HIS I 170 -35.44 -7.81 -15.91
C HIS I 170 -36.40 -8.20 -17.04
N ALA I 171 -36.59 -7.26 -17.95
CA ALA I 171 -37.69 -7.35 -18.90
C ALA I 171 -37.46 -8.47 -19.91
N ALA I 172 -36.25 -8.55 -20.47
CA ALA I 172 -36.00 -9.42 -21.62
C ALA I 172 -36.97 -9.09 -22.75
N TYR I 173 -37.19 -7.79 -22.95
CA TYR I 173 -38.25 -7.28 -23.80
C TYR I 173 -37.77 -6.89 -25.18
N PHE I 174 -36.63 -6.20 -25.28
CA PHE I 174 -36.02 -5.95 -26.58
C PHE I 174 -35.49 -7.27 -27.11
N ARG I 175 -35.78 -7.56 -28.38
CA ARG I 175 -35.36 -8.81 -28.98
C ARG I 175 -34.62 -8.53 -30.27
N PRO I 176 -33.71 -9.40 -30.67
CA PRO I 176 -33.15 -9.25 -32.02
C PRO I 176 -34.26 -9.27 -33.05
N GLY I 177 -34.50 -8.14 -33.70
CA GLY I 177 -35.62 -8.00 -34.61
C GLY I 177 -36.76 -7.14 -34.13
N GLY I 178 -36.63 -6.49 -32.97
CA GLY I 178 -37.66 -5.57 -32.51
C GLY I 178 -37.92 -5.65 -31.02
N VAL I 179 -39.19 -5.74 -30.65
CA VAL I 179 -39.59 -5.93 -29.26
C VAL I 179 -40.58 -7.08 -29.21
N HIS I 180 -40.61 -7.77 -28.08
CA HIS I 180 -41.33 -9.04 -28.01
C HIS I 180 -42.83 -8.84 -28.28
N GLN I 181 -43.43 -7.83 -27.65
CA GLN I 181 -44.88 -7.66 -27.68
C GLN I 181 -45.22 -6.19 -27.88
N ASP I 182 -46.43 -5.94 -28.34
CA ASP I 182 -46.91 -4.59 -28.50
C ASP I 182 -47.50 -4.06 -27.20
N LEU I 183 -47.52 -2.76 -27.06
CA LEU I 183 -48.00 -2.13 -25.84
C LEU I 183 -49.52 -2.01 -25.86
N PRO I 184 -50.21 -2.32 -24.77
CA PRO I 184 -51.65 -2.06 -24.71
C PRO I 184 -51.95 -0.58 -24.85
N PRO I 185 -53.05 -0.22 -25.49
CA PRO I 185 -53.39 1.21 -25.62
C PRO I 185 -53.55 1.93 -24.29
N ASP I 186 -54.11 1.28 -23.27
CA ASP I 186 -54.26 1.95 -21.98
C ASP I 186 -52.91 2.21 -21.32
N LEU I 187 -51.89 1.43 -21.66
CA LEU I 187 -50.56 1.71 -21.13
C LEU I 187 -50.01 3.01 -21.70
N LEU I 188 -50.25 3.28 -22.98
CA LEU I 188 -49.82 4.54 -23.56
C LEU I 188 -50.53 5.73 -22.93
N ASP I 189 -51.80 5.57 -22.56
CA ASP I 189 -52.51 6.62 -21.86
C ASP I 189 -51.87 6.89 -20.50
N ASP I 190 -51.46 5.85 -19.79
CA ASP I 190 -50.90 6.02 -18.46
C ASP I 190 -49.50 6.61 -18.51
N ILE I 191 -48.72 6.27 -19.52
CA ILE I 191 -47.41 6.88 -19.67
C ILE I 191 -47.54 8.36 -19.94
N GLU I 192 -48.51 8.73 -20.78
CA GLU I 192 -48.76 10.14 -21.04
C GLU I 192 -49.20 10.87 -19.77
N GLU I 193 -50.04 10.22 -18.96
CA GLU I 193 -50.49 10.85 -17.73
C GLU I 193 -49.33 11.02 -16.74
N TRP I 194 -48.44 10.03 -16.66
CA TRP I 194 -47.28 10.14 -15.77
C TRP I 194 -46.36 11.26 -16.22
N CYS I 195 -46.17 11.41 -17.53
CA CYS I 195 -45.28 12.44 -18.04
C CYS I 195 -45.76 13.84 -17.67
N GLU I 196 -47.07 14.04 -17.53
CA GLU I 196 -47.58 15.36 -17.18
C GLU I 196 -47.27 15.71 -15.73
N ARG I 197 -47.19 14.71 -14.85
CA ARG I 197 -46.88 14.96 -13.45
C ARG I 197 -45.38 15.06 -13.20
N PHE I 198 -44.57 14.33 -13.96
CA PHE I 198 -43.17 14.14 -13.56
C PHE I 198 -42.41 15.44 -13.36
N PRO I 199 -42.56 16.47 -14.20
CA PRO I 199 -41.79 17.70 -13.96
C PRO I 199 -42.03 18.30 -12.59
N LYS I 200 -43.19 18.06 -11.98
CA LYS I 200 -43.45 18.58 -10.65
C LYS I 200 -42.51 17.95 -9.61
N LEU I 201 -42.27 16.64 -9.71
CA LEU I 201 -41.31 16.01 -8.82
C LEU I 201 -39.91 16.57 -9.05
N VAL I 202 -39.55 16.83 -10.30
CA VAL I 202 -38.23 17.39 -10.58
C VAL I 202 -38.08 18.77 -9.96
N ASP I 203 -39.15 19.58 -10.01
CA ASP I 203 -39.11 20.86 -9.32
C ASP I 203 -38.96 20.68 -7.82
N ASP I 204 -39.70 19.74 -7.24
CA ASP I 204 -39.63 19.53 -5.79
C ASP I 204 -38.23 19.09 -5.36
N LEU I 205 -37.62 18.18 -6.12
CA LEU I 205 -36.25 17.81 -5.81
C LEU I 205 -35.31 18.97 -6.01
N ASP I 206 -35.56 19.78 -7.03
CA ASP I 206 -34.74 20.96 -7.27
C ASP I 206 -34.92 21.98 -6.14
N THR I 207 -36.15 22.17 -5.67
CA THR I 207 -36.38 23.10 -4.56
C THR I 207 -35.68 22.64 -3.29
N LEU I 208 -35.65 21.33 -3.05
CA LEU I 208 -35.05 20.82 -1.83
C LEU I 208 -33.52 20.90 -1.88
N LEU I 209 -32.92 20.71 -3.05
CA LEU I 209 -31.49 20.47 -3.16
C LEU I 209 -30.72 21.57 -3.86
N THR I 210 -31.19 22.04 -5.02
CA THR I 210 -30.32 22.76 -5.95
C THR I 210 -29.68 23.99 -5.29
N GLU I 211 -30.47 24.80 -4.59
CA GLU I 211 -29.95 26.01 -3.98
C GLU I 211 -29.75 25.88 -2.47
N ASN I 212 -29.81 24.66 -1.94
CA ASN I 212 -29.45 24.45 -0.55
C ASN I 212 -27.96 24.69 -0.38
N ARG I 213 -27.60 25.51 0.61
CA ARG I 213 -26.20 25.83 0.83
C ARG I 213 -25.39 24.61 1.25
N ILE I 214 -25.99 23.69 2.02
CA ILE I 214 -25.27 22.49 2.41
C ILE I 214 -25.00 21.63 1.20
N PHE I 215 -25.99 21.46 0.34
CA PHE I 215 -25.81 20.67 -0.87
C PHE I 215 -24.71 21.26 -1.74
N LYS I 216 -24.69 22.58 -1.91
CA LYS I 216 -23.65 23.22 -2.70
C LYS I 216 -22.27 23.00 -2.09
N GLN I 217 -22.16 23.10 -0.77
CA GLN I 217 -20.87 22.91 -0.12
C GLN I 217 -20.41 21.47 -0.12
N ARG I 218 -21.29 20.52 -0.45
CA ARG I 218 -20.88 19.14 -0.59
C ARG I 218 -20.57 18.75 -2.02
N LEU I 219 -20.94 19.56 -3.01
CA LEU I 219 -20.72 19.18 -4.40
C LEU I 219 -19.93 20.19 -5.22
N VAL I 220 -20.10 21.49 -4.97
CA VAL I 220 -19.44 22.48 -5.80
C VAL I 220 -17.93 22.40 -5.61
N ASP I 221 -17.20 22.37 -6.72
CA ASP I 221 -15.75 22.27 -6.75
C ASP I 221 -15.24 20.95 -6.19
N ILE I 222 -16.06 19.92 -6.22
CA ILE I 222 -15.66 18.58 -5.82
C ILE I 222 -15.59 17.73 -7.08
N GLY I 223 -14.52 16.96 -7.21
CA GLY I 223 -14.36 16.07 -8.35
C GLY I 223 -14.31 16.79 -9.68
N ILE I 224 -13.47 17.83 -9.78
CA ILE I 224 -13.39 18.62 -11.00
C ILE I 224 -12.71 17.81 -12.10
N VAL I 225 -13.35 17.78 -13.26
CA VAL I 225 -12.84 17.05 -14.42
C VAL I 225 -12.66 18.05 -15.56
N THR I 226 -11.46 18.11 -16.11
CA THR I 226 -11.19 18.90 -17.29
C THR I 226 -11.28 18.03 -18.53
N GLU I 227 -11.34 18.69 -19.69
CA GLU I 227 -11.39 17.95 -20.94
C GLU I 227 -10.21 16.99 -21.06
N ALA I 228 -9.02 17.41 -20.64
CA ALA I 228 -7.87 16.53 -20.71
C ALA I 228 -8.02 15.33 -19.79
N ASP I 229 -8.58 15.51 -18.60
CA ASP I 229 -8.83 14.38 -17.72
C ASP I 229 -9.81 13.40 -18.35
N ALA I 230 -10.86 13.92 -19.00
CA ALA I 230 -11.84 13.04 -19.63
C ALA I 230 -11.17 12.10 -20.63
N LEU I 231 -10.20 12.61 -21.39
CA LEU I 231 -9.51 11.79 -22.39
C LEU I 231 -8.51 10.83 -21.78
N ASP I 232 -8.03 11.08 -20.56
CA ASP I 232 -7.14 10.12 -19.91
C ASP I 232 -7.86 8.83 -19.57
N TRP I 233 -9.10 8.93 -19.12
CA TRP I 233 -9.76 7.83 -18.43
C TRP I 233 -10.96 7.28 -19.18
N GLY I 234 -11.08 7.54 -20.47
CA GLY I 234 -12.18 6.99 -21.24
C GLY I 234 -13.55 7.42 -20.77
N TYR I 235 -13.71 8.70 -20.41
CA TYR I 235 -14.99 9.17 -19.91
C TYR I 235 -16.00 9.26 -21.04
N THR I 236 -17.25 8.96 -20.70
CA THR I 236 -18.36 9.05 -21.63
C THR I 236 -19.59 9.51 -20.87
N GLY I 237 -20.62 9.92 -21.59
CA GLY I 237 -21.86 10.28 -20.95
C GLY I 237 -21.76 11.58 -20.18
N VAL I 238 -22.45 11.65 -19.04
CA VAL I 238 -22.44 12.86 -18.24
C VAL I 238 -21.04 13.16 -17.73
N MET I 239 -20.17 12.17 -17.66
CA MET I 239 -18.82 12.39 -17.20
C MET I 239 -18.04 13.33 -18.13
N VAL I 240 -18.38 13.37 -19.42
CA VAL I 240 -17.78 14.34 -20.31
C VAL I 240 -18.68 15.57 -20.49
N ARG I 241 -20.00 15.38 -20.49
CA ARG I 241 -20.90 16.51 -20.69
C ARG I 241 -20.83 17.50 -19.52
N GLY I 242 -20.61 17.02 -18.31
CA GLY I 242 -20.46 17.91 -17.18
C GLY I 242 -19.29 18.85 -17.31
N SER I 243 -18.30 18.50 -18.12
CA SER I 243 -17.15 19.36 -18.38
C SER I 243 -17.35 20.25 -19.59
N GLY I 244 -18.50 20.20 -20.25
CA GLY I 244 -18.80 21.10 -21.33
C GLY I 244 -18.64 20.54 -22.73
N LEU I 245 -18.42 19.24 -22.87
CA LEU I 245 -18.31 18.60 -24.18
C LEU I 245 -19.68 18.07 -24.57
N ALA I 246 -20.29 18.70 -25.59
CA ALA I 246 -21.64 18.36 -26.00
C ALA I 246 -21.64 17.08 -26.86
N TRP I 247 -21.21 16.00 -26.23
CA TRP I 247 -21.12 14.69 -26.86
C TRP I 247 -22.24 13.81 -26.32
N ASP I 248 -23.10 13.32 -27.21
CA ASP I 248 -24.16 12.40 -26.88
C ASP I 248 -24.37 11.48 -28.06
N LEU I 249 -24.23 10.18 -27.85
CA LEU I 249 -24.25 9.25 -28.97
C LEU I 249 -25.56 9.29 -29.74
N ARG I 250 -26.67 9.69 -29.10
CA ARG I 250 -27.93 9.77 -29.81
C ARG I 250 -27.90 10.82 -30.90
N ARG I 251 -27.01 11.80 -30.79
CA ARG I 251 -26.83 12.82 -31.80
C ARG I 251 -25.58 12.61 -32.64
N SER I 252 -24.44 12.34 -32.00
CA SER I 252 -23.19 12.23 -32.75
C SER I 252 -23.20 11.00 -33.66
N GLN I 253 -23.74 9.88 -33.18
CA GLN I 253 -23.76 8.63 -33.93
C GLN I 253 -25.16 8.04 -33.83
N PRO I 254 -26.14 8.67 -34.48
CA PRO I 254 -27.54 8.35 -34.21
C PRO I 254 -27.88 6.89 -34.49
N TYR I 255 -28.75 6.34 -33.65
CA TYR I 255 -29.29 5.01 -33.82
C TYR I 255 -30.79 5.07 -33.59
N GLU I 256 -31.49 4.01 -33.97
CA GLU I 256 -32.95 3.92 -33.90
C GLU I 256 -33.53 5.11 -34.67
N CYS I 257 -34.47 5.86 -34.10
CA CYS I 257 -35.11 6.98 -34.78
C CYS I 257 -34.94 8.28 -34.00
N TYR I 258 -33.81 8.44 -33.30
CA TYR I 258 -33.60 9.62 -32.49
C TYR I 258 -33.50 10.89 -33.32
N ASP I 259 -33.19 10.80 -34.61
CA ASP I 259 -33.04 12.01 -35.42
C ASP I 259 -34.30 12.85 -35.39
N GLU I 260 -35.46 12.21 -35.43
CA GLU I 260 -36.73 12.91 -35.57
C GLU I 260 -37.32 13.36 -34.25
N PHE I 261 -36.65 13.13 -33.13
CA PHE I 261 -37.08 13.62 -31.84
C PHE I 261 -36.42 14.94 -31.52
N ASP I 262 -37.11 15.76 -30.74
CA ASP I 262 -36.60 17.05 -30.31
C ASP I 262 -36.14 16.95 -28.86
N PHE I 263 -34.85 17.10 -28.63
CA PHE I 263 -34.32 17.19 -27.28
C PHE I 263 -32.98 17.88 -27.36
N GLN I 264 -32.54 18.40 -26.23
CA GLN I 264 -31.29 19.13 -26.13
C GLN I 264 -30.33 18.40 -25.20
N ILE I 265 -29.05 18.74 -25.31
CA ILE I 265 -28.00 18.10 -24.54
C ILE I 265 -27.56 19.07 -23.45
N PRO I 266 -27.83 18.80 -22.18
CA PRO I 266 -27.28 19.66 -21.13
C PRO I 266 -25.78 19.43 -20.94
N VAL I 267 -25.06 20.53 -20.76
CA VAL I 267 -23.63 20.49 -20.49
C VAL I 267 -23.33 21.39 -19.31
N GLY I 268 -22.23 21.09 -18.61
CA GLY I 268 -21.76 21.89 -17.51
C GLY I 268 -20.57 22.74 -17.92
N ARG I 269 -20.27 23.73 -17.09
CA ARG I 269 -19.17 24.65 -17.34
C ARG I 269 -17.98 24.44 -16.42
N ASN I 270 -18.18 23.85 -15.25
CA ASN I 270 -17.10 23.67 -14.28
C ASN I 270 -16.67 22.23 -14.12
N GLY I 271 -17.45 21.27 -14.61
CA GLY I 271 -17.04 19.88 -14.58
C GLY I 271 -16.84 19.29 -13.20
N ASP I 272 -17.67 19.68 -12.24
CA ASP I 272 -17.59 19.17 -10.88
C ASP I 272 -18.86 18.40 -10.54
N CYS I 273 -18.92 17.91 -9.31
CA CYS I 273 -20.07 17.10 -8.90
C CYS I 273 -21.37 17.88 -9.01
N TYR I 274 -21.32 19.19 -8.76
CA TYR I 274 -22.53 20.01 -8.87
C TYR I 274 -22.99 20.11 -10.32
N ASP I 275 -22.06 20.28 -11.25
CA ASP I 275 -22.44 20.34 -12.66
C ASP I 275 -23.07 19.04 -13.14
N ARG I 276 -22.47 17.91 -12.76
CA ARG I 276 -23.00 16.63 -13.19
C ARG I 276 -24.35 16.33 -12.55
N TYR I 277 -24.60 16.85 -11.36
CA TYR I 277 -25.93 16.73 -10.77
C TYR I 277 -26.95 17.54 -11.56
N LEU I 278 -26.60 18.76 -11.95
CA LEU I 278 -27.50 19.59 -12.75
C LEU I 278 -27.74 18.97 -14.12
N CYS I 279 -26.70 18.40 -14.72
CA CYS I 279 -26.84 17.76 -16.02
C CYS I 279 -27.83 16.61 -15.94
N ARG I 280 -27.73 15.78 -14.88
CA ARG I 280 -28.63 14.64 -14.75
C ARG I 280 -30.06 15.09 -14.51
N MET I 281 -30.26 16.13 -13.71
CA MET I 281 -31.61 16.67 -13.52
C MET I 281 -32.18 17.16 -14.84
N ALA I 282 -31.38 17.87 -15.62
CA ALA I 282 -31.84 18.37 -16.91
C ALA I 282 -32.13 17.21 -17.88
N GLU I 283 -31.27 16.19 -17.88
CA GLU I 283 -31.52 15.05 -18.76
C GLU I 283 -32.83 14.37 -18.42
N MET I 284 -33.20 14.33 -17.15
CA MET I 284 -34.47 13.73 -16.78
C MET I 284 -35.63 14.49 -17.39
N ARG I 285 -35.54 15.82 -17.44
CA ARG I 285 -36.58 16.61 -18.11
C ARG I 285 -36.61 16.33 -19.61
N GLU I 286 -35.44 16.21 -20.24
CA GLU I 286 -35.41 15.93 -21.67
C GLU I 286 -35.97 14.56 -21.99
N SER I 287 -35.65 13.56 -21.17
CA SER I 287 -36.17 12.22 -21.41
C SER I 287 -37.69 12.20 -21.31
N CYS I 288 -38.25 12.92 -20.34
CA CYS I 288 -39.71 13.01 -20.22
C CYS I 288 -40.32 13.58 -21.49
N LYS I 289 -39.69 14.59 -22.09
CA LYS I 289 -40.19 15.14 -23.35
C LYS I 289 -40.13 14.12 -24.48
N ILE I 290 -39.04 13.34 -24.55
CA ILE I 290 -38.94 12.31 -25.57
C ILE I 290 -40.04 11.27 -25.38
N MET I 291 -40.27 10.86 -24.13
CA MET I 291 -41.35 9.91 -23.87
C MET I 291 -42.68 10.43 -24.38
N GLN I 292 -42.92 11.73 -24.23
CA GLN I 292 -44.16 12.31 -24.70
C GLN I 292 -44.25 12.27 -26.22
N GLN I 293 -43.16 12.60 -26.91
CA GLN I 293 -43.17 12.54 -28.37
C GLN I 293 -43.35 11.11 -28.87
N ALA I 294 -42.69 10.15 -28.22
CA ALA I 294 -42.77 8.77 -28.68
C ALA I 294 -44.18 8.23 -28.55
N VAL I 295 -44.87 8.53 -27.44
CA VAL I 295 -46.24 8.07 -27.28
C VAL I 295 -47.13 8.68 -28.35
N GLN I 296 -46.91 9.95 -28.70
CA GLN I 296 -47.70 10.56 -29.76
C GLN I 296 -47.42 9.90 -31.10
N LYS I 297 -46.16 9.61 -31.40
CA LYS I 297 -45.84 8.94 -32.67
C LYS I 297 -46.43 7.55 -32.72
N LEU I 298 -46.43 6.83 -31.60
CA LEU I 298 -46.96 5.48 -31.58
C LEU I 298 -48.47 5.48 -31.85
N ARG I 299 -49.18 6.43 -31.26
CA ARG I 299 -50.62 6.55 -31.54
C ARG I 299 -50.89 6.91 -32.99
N ALA I 300 -50.07 7.81 -33.56
CA ALA I 300 -50.23 8.21 -34.94
C ALA I 300 -49.76 7.16 -35.93
N GLU I 301 -49.07 6.12 -35.47
CA GLU I 301 -48.57 5.09 -36.37
C GLU I 301 -49.72 4.22 -36.89
N PRO I 302 -49.58 3.63 -38.06
CA PRO I 302 -50.50 2.56 -38.46
C PRO I 302 -50.13 1.26 -37.77
N ALA I 303 -51.13 0.41 -37.57
CA ALA I 303 -50.89 -0.88 -36.94
C ALA I 303 -49.85 -1.67 -37.74
N GLY I 304 -48.89 -2.24 -37.02
CA GLY I 304 -47.85 -3.04 -37.65
C GLY I 304 -47.28 -4.01 -36.65
N ASP I 305 -46.37 -4.84 -37.12
CA ASP I 305 -45.73 -5.82 -36.27
C ASP I 305 -44.65 -5.17 -35.43
N VAL I 306 -44.24 -5.88 -34.37
CA VAL I 306 -43.17 -5.43 -33.50
C VAL I 306 -41.90 -6.24 -33.68
N LEU I 307 -41.93 -7.34 -34.42
CA LEU I 307 -40.77 -8.17 -34.68
C LEU I 307 -40.60 -8.32 -36.18
N ALA I 308 -39.36 -8.56 -36.59
CA ALA I 308 -39.06 -8.70 -38.01
C ALA I 308 -39.52 -10.04 -38.58
N ARG I 309 -39.76 -11.04 -37.73
CA ARG I 309 -40.26 -12.35 -38.16
C ARG I 309 -39.22 -12.93 -39.12
N GLY I 310 -39.61 -13.38 -40.30
CA GLY I 310 -38.63 -13.90 -41.25
C GLY I 310 -37.83 -15.04 -40.66
N LYS I 311 -36.52 -15.00 -40.89
CA LYS I 311 -35.62 -16.03 -40.40
C LYS I 311 -34.97 -15.68 -39.07
N LEU I 312 -35.33 -14.55 -38.48
CA LEU I 312 -34.69 -14.08 -37.26
C LEU I 312 -35.54 -14.27 -36.02
N THR I 313 -36.85 -14.06 -36.10
CA THR I 313 -37.67 -14.14 -34.90
C THR I 313 -38.77 -15.17 -35.09
N PRO I 314 -39.27 -15.75 -34.00
CA PRO I 314 -40.36 -16.70 -34.11
C PRO I 314 -41.62 -16.03 -34.64
N PRO I 315 -42.54 -16.80 -35.21
CA PRO I 315 -43.80 -16.22 -35.68
C PRO I 315 -44.73 -15.92 -34.51
N ARG I 316 -45.90 -15.40 -34.84
CA ARG I 316 -46.93 -15.23 -33.84
C ARG I 316 -47.54 -16.58 -33.48
N ARG I 317 -48.09 -16.66 -32.27
CA ARG I 317 -48.57 -17.94 -31.76
C ARG I 317 -49.73 -18.47 -32.58
N ALA I 318 -50.62 -17.60 -33.05
CA ALA I 318 -51.74 -18.05 -33.85
C ALA I 318 -51.26 -18.67 -35.16
N GLU I 319 -50.29 -18.05 -35.82
CA GLU I 319 -49.72 -18.62 -37.02
C GLU I 319 -48.99 -19.93 -36.72
N MET I 320 -48.29 -19.98 -35.59
CA MET I 320 -47.56 -21.18 -35.23
C MET I 320 -48.46 -22.39 -35.12
N LYS I 321 -49.71 -22.19 -34.69
CA LYS I 321 -50.65 -23.28 -34.49
C LYS I 321 -51.48 -23.59 -35.72
N ARG I 322 -51.24 -22.90 -36.84
CA ARG I 322 -52.04 -23.09 -38.04
C ARG I 322 -51.22 -23.48 -39.27
N ASP I 323 -50.07 -22.85 -39.48
CA ASP I 323 -49.32 -22.99 -40.73
C ASP I 323 -48.05 -23.78 -40.49
N MET I 324 -47.75 -24.69 -41.42
CA MET I 324 -46.61 -25.59 -41.25
C MET I 324 -45.29 -24.83 -41.21
N GLU I 325 -45.13 -23.84 -42.08
CA GLU I 325 -43.89 -23.06 -42.08
C GLU I 325 -43.69 -22.36 -40.73
N SER I 326 -44.77 -21.79 -40.18
CA SER I 326 -44.64 -21.09 -38.91
C SER I 326 -44.26 -22.03 -37.79
N LEU I 327 -44.84 -23.22 -37.75
CA LEU I 327 -44.50 -24.17 -36.71
C LEU I 327 -43.03 -24.58 -36.79
N ILE I 328 -42.51 -24.79 -38.00
CA ILE I 328 -41.10 -25.12 -38.15
C ILE I 328 -40.23 -23.97 -37.65
N HIS I 329 -40.56 -22.75 -38.07
CA HIS I 329 -39.75 -21.60 -37.67
C HIS I 329 -39.81 -21.38 -36.17
N HIS I 330 -40.96 -21.66 -35.56
CA HIS I 330 -41.06 -21.59 -34.10
C HIS I 330 -40.18 -22.66 -33.45
N PHE I 331 -40.29 -23.90 -33.93
CA PHE I 331 -39.50 -24.98 -33.36
C PHE I 331 -38.01 -24.69 -33.48
N LYS I 332 -37.55 -24.29 -34.66
CA LYS I 332 -36.12 -24.14 -34.89
C LYS I 332 -35.57 -22.91 -34.17
N LEU I 333 -36.30 -21.80 -34.21
CA LEU I 333 -35.77 -20.57 -33.64
C LEU I 333 -35.79 -20.56 -32.12
N TYR I 334 -36.58 -21.41 -31.49
CA TYR I 334 -36.55 -21.53 -30.04
C TYR I 334 -35.61 -22.61 -29.54
N THR I 335 -35.02 -23.42 -30.42
CA THR I 335 -34.04 -24.41 -30.02
C THR I 335 -32.65 -24.07 -30.56
N GLU I 336 -32.50 -24.00 -31.87
CA GLU I 336 -31.21 -23.66 -32.46
C GLU I 336 -31.00 -22.16 -32.49
N GLY I 337 -32.02 -21.41 -32.89
CA GLY I 337 -31.89 -19.99 -33.08
C GLY I 337 -31.27 -19.67 -34.42
N PHE I 338 -31.29 -18.38 -34.73
CA PHE I 338 -30.71 -17.91 -35.97
C PHE I 338 -29.20 -18.07 -35.95
N LYS I 339 -28.62 -18.22 -37.13
CA LYS I 339 -27.17 -18.16 -37.28
C LYS I 339 -26.78 -16.72 -37.57
N VAL I 340 -25.66 -16.29 -37.03
CA VAL I 340 -25.14 -14.95 -37.24
C VAL I 340 -23.90 -15.06 -38.12
N PRO I 341 -23.85 -14.38 -39.27
CA PRO I 341 -22.70 -14.53 -40.16
C PRO I 341 -21.39 -14.13 -39.48
N ALA I 342 -20.31 -14.79 -39.91
CA ALA I 342 -19.00 -14.52 -39.35
C ALA I 342 -18.64 -13.06 -39.50
N GLY I 343 -18.04 -12.50 -38.47
CA GLY I 343 -17.71 -11.09 -38.45
C GLY I 343 -17.59 -10.61 -37.02
N GLU I 344 -17.16 -9.36 -36.89
CA GLU I 344 -17.01 -8.74 -35.59
C GLU I 344 -17.52 -7.32 -35.67
N VAL I 345 -18.33 -6.93 -34.71
CA VAL I 345 -18.87 -5.57 -34.65
C VAL I 345 -18.76 -5.07 -33.23
N TYR I 346 -18.73 -3.76 -33.09
CA TYR I 346 -18.87 -3.07 -31.81
C TYR I 346 -20.07 -2.16 -31.94
N ALA I 347 -21.14 -2.46 -31.20
CA ALA I 347 -22.35 -1.67 -31.22
C ALA I 347 -22.50 -0.98 -29.88
N ALA I 348 -22.64 0.35 -29.91
CA ALA I 348 -22.67 1.16 -28.71
C ALA I 348 -23.97 1.95 -28.66
N VAL I 349 -24.47 2.18 -27.45
CA VAL I 349 -25.61 3.04 -27.21
C VAL I 349 -25.23 4.05 -26.14
N GLU I 350 -25.98 5.15 -26.10
CA GLU I 350 -25.90 6.09 -24.98
C GLU I 350 -26.75 5.53 -23.85
N ALA I 351 -26.15 4.64 -23.07
CA ALA I 351 -26.82 4.12 -21.90
C ALA I 351 -26.90 5.20 -20.82
N PRO I 352 -27.79 5.03 -19.85
CA PRO I 352 -27.94 6.09 -18.84
C PRO I 352 -26.67 6.41 -18.09
N LYS I 353 -25.75 5.46 -17.95
CA LYS I 353 -24.50 5.68 -17.24
C LYS I 353 -23.33 6.02 -18.16
N GLY I 354 -23.55 6.13 -19.46
CA GLY I 354 -22.51 6.45 -20.40
C GLY I 354 -22.58 5.51 -21.59
N GLU I 355 -21.51 5.45 -22.36
CA GLU I 355 -21.49 4.59 -23.53
C GLU I 355 -21.38 3.14 -23.10
N PHE I 356 -22.41 2.35 -23.39
CA PHE I 356 -22.37 0.91 -23.22
C PHE I 356 -22.28 0.26 -24.58
N GLY I 357 -21.39 -0.73 -24.71
CA GLY I 357 -21.17 -1.36 -25.98
C GLY I 357 -20.99 -2.86 -25.84
N VAL I 358 -21.26 -3.54 -26.94
CA VAL I 358 -21.02 -4.98 -27.05
C VAL I 358 -20.06 -5.19 -28.21
N TYR I 359 -18.96 -5.86 -27.94
CA TYR I 359 -18.05 -6.31 -28.98
C TYR I 359 -18.34 -7.79 -29.22
N LEU I 360 -18.99 -8.07 -30.33
CA LEU I 360 -19.49 -9.40 -30.64
C LEU I 360 -18.67 -10.01 -31.78
N VAL I 361 -18.07 -11.15 -31.52
CA VAL I 361 -17.39 -11.94 -32.54
C VAL I 361 -18.28 -13.13 -32.86
N ALA I 362 -18.88 -13.10 -34.03
CA ALA I 362 -19.65 -14.22 -34.54
C ALA I 362 -18.79 -15.05 -35.49
N ASP I 363 -19.13 -16.33 -35.63
CA ASP I 363 -18.38 -17.24 -36.47
C ASP I 363 -19.28 -18.06 -37.39
N GLY I 364 -20.49 -17.58 -37.65
CA GLY I 364 -21.40 -18.25 -38.53
C GLY I 364 -22.33 -19.25 -37.88
N THR I 365 -22.14 -19.57 -36.60
CA THR I 365 -22.97 -20.54 -35.90
C THR I 365 -24.08 -19.82 -35.13
N ASN I 366 -24.78 -20.57 -34.30
CA ASN I 366 -25.88 -20.06 -33.50
C ASN I 366 -25.45 -19.52 -32.15
N LYS I 367 -24.16 -19.51 -31.83
CA LYS I 367 -23.68 -19.03 -30.56
C LYS I 367 -22.54 -18.03 -30.78
N PRO I 368 -22.42 -17.02 -29.93
CA PRO I 368 -21.29 -16.09 -30.04
C PRO I 368 -19.96 -16.78 -29.77
N TRP I 369 -18.95 -16.43 -30.57
CA TRP I 369 -17.60 -16.89 -30.31
C TRP I 369 -16.99 -16.15 -29.14
N ARG I 370 -17.16 -14.83 -29.11
CA ARG I 370 -16.70 -13.97 -28.05
C ARG I 370 -17.71 -12.84 -27.90
N ALA I 371 -18.02 -12.48 -26.66
CA ALA I 371 -18.92 -11.39 -26.36
C ALA I 371 -18.27 -10.55 -25.27
N LYS I 372 -17.68 -9.42 -25.65
CA LYS I 372 -17.06 -8.51 -24.72
C LYS I 372 -18.02 -7.37 -24.45
N LEU I 373 -18.27 -7.10 -23.17
CA LEU I 373 -19.23 -6.11 -22.74
C LEU I 373 -18.45 -4.91 -22.21
N ARG I 374 -18.66 -3.74 -22.81
CA ARG I 374 -17.94 -2.53 -22.43
C ARG I 374 -18.86 -1.70 -21.52
N ALA I 375 -18.55 -1.71 -20.24
CA ALA I 375 -19.32 -0.98 -19.24
C ALA I 375 -18.74 0.41 -19.03
N PRO I 376 -19.54 1.47 -19.11
CA PRO I 376 -19.00 2.81 -18.80
C PRO I 376 -18.47 2.92 -17.39
N GLY I 377 -19.07 2.21 -16.42
CA GLY I 377 -18.63 2.33 -15.05
C GLY I 377 -17.27 1.74 -14.80
N PHE I 378 -16.85 0.78 -15.62
CA PHE I 378 -15.50 0.22 -15.48
C PHE I 378 -14.45 1.30 -15.67
N ALA I 379 -14.62 2.15 -16.68
CA ALA I 379 -13.67 3.21 -16.94
C ALA I 379 -13.80 4.34 -15.92
N HIS I 380 -15.03 4.63 -15.49
CA HIS I 380 -15.25 5.71 -14.53
C HIS I 380 -14.69 5.35 -13.16
N LEU I 381 -14.94 4.13 -12.69
CA LEU I 381 -14.44 3.74 -11.38
C LEU I 381 -12.91 3.70 -11.34
N GLN I 382 -12.28 3.33 -12.45
CA GLN I 382 -10.83 3.26 -12.48
C GLN I 382 -10.18 4.59 -12.15
N SER I 383 -10.87 5.69 -12.38
CA SER I 383 -10.32 7.03 -12.17
C SER I 383 -10.55 7.57 -10.77
N ILE I 384 -11.10 6.76 -9.86
CA ILE I 384 -11.45 7.28 -8.54
C ILE I 384 -10.18 7.64 -7.75
N ASP I 385 -9.11 6.88 -7.96
CA ASP I 385 -7.85 7.22 -7.28
C ASP I 385 -7.37 8.60 -7.67
N TRP I 386 -7.35 8.91 -8.97
CA TRP I 386 -6.97 10.23 -9.40
C TRP I 386 -7.98 11.28 -8.92
N MET I 387 -9.27 10.95 -9.02
CA MET I 387 -10.30 11.93 -8.67
C MET I 387 -10.32 12.22 -7.18
N SER I 388 -10.14 11.19 -6.34
CA SER I 388 -10.29 11.37 -4.90
C SER I 388 -9.02 11.86 -4.22
N ARG I 389 -7.89 11.85 -4.91
CA ARG I 389 -6.63 12.24 -4.27
C ARG I 389 -6.69 13.71 -3.88
N GLY I 390 -6.40 13.98 -2.60
CA GLY I 390 -6.40 15.32 -2.08
C GLY I 390 -7.67 15.72 -1.37
N HIS I 391 -8.77 15.01 -1.61
CA HIS I 391 -10.03 15.33 -0.95
C HIS I 391 -10.09 14.68 0.43
N MET I 392 -11.12 15.02 1.18
CA MET I 392 -11.33 14.44 2.50
C MET I 392 -12.20 13.21 2.39
N LEU I 393 -12.19 12.41 3.45
CA LEU I 393 -12.95 11.17 3.46
C LEU I 393 -14.45 11.43 3.27
N ALA I 394 -14.96 12.55 3.76
CA ALA I 394 -16.37 12.84 3.61
C ALA I 394 -16.75 13.05 2.14
N ASP I 395 -15.80 13.47 1.31
CA ASP I 395 -16.07 13.67 -0.10
C ASP I 395 -16.12 12.37 -0.88
N VAL I 396 -15.59 11.28 -0.32
CA VAL I 396 -15.54 10.02 -1.07
C VAL I 396 -16.93 9.55 -1.48
N PRO I 397 -17.92 9.46 -0.59
CA PRO I 397 -19.25 9.02 -1.04
C PRO I 397 -19.84 9.90 -2.12
N ALA I 398 -19.59 11.22 -2.08
CA ALA I 398 -20.06 12.08 -3.16
C ALA I 398 -19.38 11.75 -4.47
N ILE I 399 -18.08 11.44 -4.44
CA ILE I 399 -17.38 11.10 -5.67
C ILE I 399 -17.84 9.75 -6.21
N ILE I 400 -18.12 8.79 -5.33
CA ILE I 400 -18.67 7.52 -5.81
C ILE I 400 -20.02 7.75 -6.48
N ALA I 401 -20.83 8.64 -5.91
CA ALA I 401 -22.13 8.94 -6.49
C ALA I 401 -21.99 9.59 -7.87
N THR I 402 -21.09 10.57 -7.99
CA THR I 402 -21.02 11.35 -9.21
C THR I 402 -20.56 10.50 -10.39
N LEU I 403 -19.82 9.42 -10.14
CA LEU I 403 -19.36 8.55 -11.21
C LEU I 403 -20.44 7.59 -11.69
N ASP I 404 -21.52 7.40 -10.93
CA ASP I 404 -22.67 6.59 -11.34
C ASP I 404 -22.25 5.13 -11.63
N ILE I 405 -21.90 4.43 -10.56
CA ILE I 405 -21.37 3.08 -10.64
C ILE I 405 -22.45 2.08 -10.25
N VAL I 406 -22.65 1.07 -11.08
CA VAL I 406 -23.36 -0.16 -10.73
C VAL I 406 -22.43 -1.30 -11.06
N PHE I 407 -22.24 -2.22 -10.12
CA PHE I 407 -21.20 -3.21 -10.23
C PHE I 407 -21.61 -4.45 -11.00
N GLY I 408 -22.87 -4.58 -11.37
CA GLY I 408 -23.25 -5.63 -12.29
C GLY I 408 -22.54 -5.49 -13.62
N GLU I 409 -22.26 -4.25 -14.02
CA GLU I 409 -21.58 -3.99 -15.27
C GLU I 409 -20.09 -3.76 -15.08
N VAL I 410 -19.66 -3.29 -13.91
CA VAL I 410 -18.22 -3.16 -13.67
C VAL I 410 -17.56 -4.53 -13.65
N ASP I 411 -18.18 -5.49 -12.97
CA ASP I 411 -17.61 -6.82 -12.81
C ASP I 411 -18.03 -7.79 -13.89
N ARG I 412 -19.28 -7.72 -14.34
CA ARG I 412 -19.79 -8.66 -15.32
C ARG I 412 -19.53 -10.11 -14.91
N MET J 1 -59.54 -11.72 26.54
CA MET J 1 -58.26 -11.26 25.95
C MET J 1 -58.45 -10.92 24.48
N SER J 2 -59.70 -10.88 24.03
CA SER J 2 -59.96 -10.59 22.62
C SER J 2 -59.50 -9.19 22.26
N PHE J 3 -59.85 -8.20 23.09
CA PHE J 3 -59.48 -6.83 22.77
C PHE J 3 -57.96 -6.66 22.76
N LEU J 4 -57.28 -7.27 23.74
CA LEU J 4 -55.83 -7.14 23.78
C LEU J 4 -55.19 -7.68 22.50
N LEU J 5 -55.66 -8.83 22.03
CA LEU J 5 -55.15 -9.36 20.77
C LEU J 5 -55.22 -8.31 19.67
N ARG J 6 -56.31 -7.55 19.64
CA ARG J 6 -56.46 -6.51 18.64
C ARG J 6 -55.54 -5.34 18.92
N PHE J 7 -55.28 -5.06 20.20
CA PHE J 7 -54.48 -3.90 20.57
C PHE J 7 -52.99 -4.14 20.35
N LEU J 8 -52.52 -5.36 20.58
CA LEU J 8 -51.09 -5.63 20.66
C LEU J 8 -50.52 -6.34 19.44
N THR J 9 -51.34 -7.00 18.64
CA THR J 9 -50.86 -7.81 17.53
C THR J 9 -51.28 -7.18 16.20
N TRP J 10 -50.54 -7.54 15.15
CA TRP J 10 -50.80 -7.04 13.80
C TRP J 10 -51.03 -8.17 12.81
N TRP J 11 -51.04 -9.42 13.25
CA TRP J 11 -51.17 -10.57 12.37
C TRP J 11 -52.51 -11.30 12.56
N ASN J 12 -53.47 -10.68 13.23
CA ASN J 12 -54.77 -11.29 13.51
C ASN J 12 -55.85 -10.43 12.85
N SER J 13 -56.07 -10.70 11.57
CA SER J 13 -57.21 -10.20 10.79
C SER J 13 -57.18 -8.72 10.47
N GLN J 14 -56.35 -7.94 11.16
CA GLN J 14 -56.24 -6.49 10.98
C GLN J 14 -55.77 -5.81 12.25
N THR J 15 -55.01 -4.74 12.12
CA THR J 15 -54.70 -3.88 13.25
C THR J 15 -55.89 -3.00 13.57
N LEU J 16 -55.81 -2.33 14.71
CA LEU J 16 -56.90 -1.44 15.10
C LEU J 16 -57.02 -0.26 14.17
N ASN J 17 -55.89 0.25 13.65
CA ASN J 17 -55.98 1.39 12.74
C ASN J 17 -56.43 0.97 11.35
N THR J 18 -56.19 -0.27 10.94
CA THR J 18 -56.78 -0.74 9.69
C THR J 18 -58.30 -0.82 9.81
N GLN J 19 -58.80 -1.28 10.95
CA GLN J 19 -60.24 -1.36 11.15
C GLN J 19 -60.88 0.02 11.11
N VAL J 20 -60.29 1.00 11.79
CA VAL J 20 -60.84 2.35 11.77
C VAL J 20 -60.87 2.89 10.33
N TRP J 21 -59.77 2.69 9.61
CA TRP J 21 -59.70 3.15 8.22
C TRP J 21 -60.77 2.50 7.36
N THR J 22 -60.99 1.20 7.53
CA THR J 22 -62.02 0.50 6.76
C THR J 22 -63.41 1.05 7.08
N LYS J 23 -63.69 1.28 8.36
CA LYS J 23 -64.98 1.83 8.74
C LYS J 23 -65.18 3.22 8.14
N LEU J 24 -64.14 4.04 8.14
CA LEU J 24 -64.26 5.41 7.63
C LEU J 24 -64.42 5.43 6.11
N TYR J 25 -63.63 4.63 5.39
CA TYR J 25 -63.59 4.72 3.94
C TYR J 25 -63.97 3.44 3.21
N GLY J 26 -64.17 2.34 3.92
CA GLY J 26 -64.43 1.07 3.28
C GLY J 26 -65.84 0.94 2.75
N GLU J 27 -65.95 0.29 1.60
CA GLU J 27 -67.24 -0.07 1.00
C GLU J 27 -67.17 -1.55 0.66
N LYS J 28 -68.03 -2.34 1.29
CA LYS J 28 -67.96 -3.78 1.13
C LYS J 28 -68.22 -4.18 -0.32
N VAL J 29 -67.41 -5.09 -0.83
CA VAL J 29 -67.56 -5.58 -2.20
C VAL J 29 -68.05 -7.02 -2.25
N GLY J 30 -67.77 -7.82 -1.23
CA GLY J 30 -68.16 -9.21 -1.26
C GLY J 30 -67.37 -9.99 -0.24
N GLU J 31 -67.60 -11.29 -0.25
CA GLU J 31 -66.96 -12.22 0.67
C GLU J 31 -66.52 -13.45 -0.10
N ASP J 32 -65.49 -14.10 0.41
CA ASP J 32 -65.06 -15.39 -0.11
C ASP J 32 -65.47 -16.48 0.87
N ASP J 33 -65.25 -17.73 0.47
CA ASP J 33 -65.76 -18.85 1.25
C ASP J 33 -65.01 -19.04 2.56
N GLN J 34 -63.84 -18.44 2.74
CA GLN J 34 -63.15 -18.47 4.02
C GLN J 34 -63.67 -17.42 4.99
N GLY J 35 -64.52 -16.50 4.54
CA GLY J 35 -64.96 -15.42 5.39
C GLY J 35 -64.12 -14.17 5.32
N ASN J 36 -63.18 -14.09 4.38
CA ASN J 36 -62.45 -12.85 4.13
C ASN J 36 -63.37 -11.87 3.44
N VAL J 37 -63.36 -10.63 3.88
CA VAL J 37 -64.25 -9.59 3.38
C VAL J 37 -63.45 -8.60 2.56
N TYR J 38 -63.97 -8.25 1.40
CA TYR J 38 -63.29 -7.37 0.46
C TYR J 38 -63.96 -6.02 0.43
N TYR J 39 -63.15 -4.97 0.34
CA TYR J 39 -63.61 -3.59 0.39
C TYR J 39 -62.98 -2.80 -0.74
N GLN J 40 -63.56 -1.64 -1.02
CA GLN J 40 -62.98 -0.75 -2.01
C GLN J 40 -63.27 0.70 -1.63
N SER J 41 -62.45 1.60 -2.13
CA SER J 41 -62.67 3.03 -2.02
C SER J 41 -62.53 3.62 -3.42
N GLY J 42 -63.26 4.70 -3.68
CA GLY J 42 -63.24 5.31 -4.99
C GLY J 42 -63.73 4.40 -6.09
N GLY J 43 -64.68 3.52 -5.80
CA GLY J 43 -65.21 2.63 -6.80
C GLY J 43 -64.19 1.67 -7.37
N GLY J 44 -63.25 1.21 -6.55
CA GLY J 44 -62.25 0.27 -7.00
C GLY J 44 -60.89 0.85 -7.30
N LYS J 45 -60.68 2.14 -7.02
CA LYS J 45 -59.33 2.69 -7.10
C LYS J 45 -58.42 2.02 -6.09
N ARG J 46 -58.90 1.83 -4.87
CA ARG J 46 -58.20 1.08 -3.84
C ARG J 46 -59.05 -0.11 -3.43
N ARG J 47 -58.39 -1.25 -3.22
CA ARG J 47 -59.07 -2.50 -2.93
C ARG J 47 -58.29 -3.23 -1.85
N TRP J 48 -59.00 -3.73 -0.84
CA TRP J 48 -58.32 -4.44 0.23
C TRP J 48 -59.24 -5.50 0.81
N VAL J 49 -58.65 -6.39 1.58
CA VAL J 49 -59.33 -7.54 2.15
C VAL J 49 -59.08 -7.55 3.65
N ILE J 50 -60.11 -7.88 4.41
CA ILE J 50 -60.00 -8.08 5.85
C ILE J 50 -60.03 -9.57 6.11
N TYR J 51 -58.96 -10.10 6.69
CA TYR J 51 -58.82 -11.53 6.84
C TYR J 51 -59.65 -12.03 8.01
N ASN J 52 -60.25 -13.20 7.84
CA ASN J 52 -60.92 -13.93 8.92
C ASN J 52 -59.89 -14.87 9.51
N GLY J 53 -59.23 -14.44 10.59
CA GLY J 53 -58.15 -15.20 11.16
C GLY J 53 -56.80 -14.61 10.82
N GLU J 54 -55.76 -15.44 10.79
CA GLU J 54 -54.41 -14.94 10.54
C GLU J 54 -54.36 -14.20 9.21
N SER J 55 -53.74 -13.02 9.23
CA SER J 55 -53.54 -12.21 8.03
C SER J 55 -52.37 -12.78 7.27
N GLU J 56 -52.67 -13.73 6.38
CA GLU J 56 -51.66 -14.38 5.55
C GLU J 56 -52.05 -14.14 4.09
N ALA J 57 -51.19 -13.42 3.37
CA ALA J 57 -51.53 -12.99 2.02
C ALA J 57 -51.77 -14.16 1.08
N SER J 58 -51.21 -15.33 1.35
CA SER J 58 -51.41 -16.47 0.48
C SER J 58 -52.77 -17.13 0.69
N ARG J 59 -53.62 -16.60 1.57
CA ARG J 59 -54.96 -17.12 1.74
C ARG J 59 -55.94 -16.61 0.70
N ILE J 60 -55.56 -15.61 -0.10
CA ILE J 60 -56.48 -15.09 -1.11
C ILE J 60 -56.54 -16.06 -2.28
N SER J 61 -57.74 -16.52 -2.59
CA SER J 61 -57.93 -17.54 -3.61
C SER J 61 -57.84 -16.93 -5.00
N PRO J 62 -57.62 -17.77 -6.02
CA PRO J 62 -57.62 -17.26 -7.40
C PRO J 62 -58.94 -16.63 -7.80
N GLU J 63 -60.02 -16.92 -7.09
CA GLU J 63 -61.30 -16.30 -7.39
C GLU J 63 -61.22 -14.78 -7.23
N TRP J 64 -60.53 -14.31 -6.20
CA TRP J 64 -60.41 -12.89 -5.89
C TRP J 64 -59.04 -12.31 -6.20
N HIS J 65 -58.05 -13.16 -6.48
CA HIS J 65 -56.69 -12.68 -6.65
C HIS J 65 -56.59 -11.63 -7.77
N GLY J 66 -57.24 -11.88 -8.90
CA GLY J 66 -57.15 -10.96 -10.01
C GLY J 66 -57.73 -9.59 -9.69
N TRP J 67 -58.88 -9.57 -9.01
CA TRP J 67 -59.49 -8.29 -8.63
C TRP J 67 -58.64 -7.57 -7.60
N LEU J 68 -58.16 -8.29 -6.59
CA LEU J 68 -57.39 -7.64 -5.52
C LEU J 68 -56.10 -7.05 -6.04
N HIS J 69 -55.52 -7.62 -7.09
CA HIS J 69 -54.30 -7.11 -7.69
C HIS J 69 -54.55 -6.26 -8.91
N HIS J 70 -55.78 -5.79 -9.10
CA HIS J 70 -56.16 -4.86 -10.15
C HIS J 70 -56.00 -5.42 -11.55
N THR J 71 -55.76 -6.73 -11.69
CA THR J 71 -55.68 -7.32 -13.02
C THR J 71 -57.01 -7.21 -13.75
N TYR J 72 -58.11 -7.45 -13.05
CA TYR J 72 -59.45 -7.39 -13.62
C TYR J 72 -60.21 -6.24 -12.99
N LYS J 73 -61.06 -5.60 -13.80
CA LYS J 73 -61.83 -4.47 -13.29
C LYS J 73 -62.92 -4.91 -12.32
N GLU J 74 -63.62 -6.00 -12.65
CA GLU J 74 -64.85 -6.25 -11.93
C GLU J 74 -64.68 -7.36 -10.91
N PRO J 75 -65.34 -7.26 -9.75
CA PRO J 75 -65.16 -8.28 -8.73
C PRO J 75 -65.79 -9.59 -9.14
N PRO J 76 -65.37 -10.71 -8.55
CA PRO J 76 -66.00 -12.00 -8.88
C PRO J 76 -67.46 -12.06 -8.50
N THR J 77 -67.95 -11.18 -7.64
CA THR J 77 -69.39 -11.12 -7.38
C THR J 77 -70.15 -10.76 -8.64
N ALA J 78 -69.66 -9.78 -9.40
CA ALA J 78 -70.31 -9.32 -10.60
C ALA J 78 -69.92 -10.11 -11.84
N ALA J 79 -68.64 -10.50 -11.93
CA ALA J 79 -68.11 -11.23 -13.07
C ALA J 79 -67.37 -12.47 -12.55
N PRO J 80 -68.09 -13.53 -12.21
CA PRO J 80 -67.43 -14.73 -11.69
C PRO J 80 -66.55 -15.40 -12.73
N LEU J 81 -65.48 -16.03 -12.24
CA LEU J 81 -64.54 -16.74 -13.09
C LEU J 81 -65.07 -18.12 -13.46
N ALA J 82 -64.87 -18.49 -14.72
CA ALA J 82 -65.25 -19.81 -15.18
C ALA J 82 -64.28 -20.85 -14.65
N HIS J 83 -64.81 -21.96 -14.13
CA HIS J 83 -64.01 -23.01 -13.53
C HIS J 83 -64.28 -24.33 -14.23
N LYS J 84 -63.21 -25.07 -14.51
CA LYS J 84 -63.30 -26.40 -15.09
C LYS J 84 -63.54 -27.44 -14.00
N PRO J 85 -64.21 -28.55 -14.34
CA PRO J 85 -64.55 -29.54 -13.30
C PRO J 85 -63.34 -30.25 -12.71
N TRP J 86 -62.18 -30.20 -13.34
CA TRP J 86 -60.98 -30.85 -12.83
C TRP J 86 -60.11 -29.93 -11.98
N GLU J 87 -60.56 -28.70 -11.72
CA GLU J 87 -59.81 -27.79 -10.89
C GLU J 87 -59.88 -28.20 -9.42
N LYS J 88 -58.92 -27.71 -8.64
CA LYS J 88 -58.79 -28.08 -7.25
C LYS J 88 -58.86 -26.84 -6.36
N PRO J 89 -59.37 -26.99 -5.14
CA PRO J 89 -59.52 -25.82 -4.26
C PRO J 89 -58.18 -25.20 -3.87
N HIS J 90 -58.24 -23.89 -3.63
CA HIS J 90 -57.04 -23.12 -3.30
C HIS J 90 -56.45 -23.54 -1.97
N GLU J 91 -55.13 -23.50 -1.88
CA GLU J 91 -54.39 -23.74 -0.65
C GLU J 91 -53.45 -22.59 -0.38
N PRO J 92 -53.33 -22.14 0.87
CA PRO J 92 -52.31 -21.14 1.19
C PRO J 92 -50.92 -21.74 1.15
N ASN J 93 -49.94 -20.90 1.46
CA ASN J 93 -48.58 -21.39 1.59
C ASN J 93 -48.48 -22.31 2.80
N LEU J 94 -47.96 -23.52 2.57
CA LEU J 94 -47.89 -24.55 3.61
C LEU J 94 -46.48 -24.80 4.10
N THR J 95 -45.57 -23.83 3.91
CA THR J 95 -44.16 -24.11 4.01
C THR J 95 -43.73 -24.54 5.41
N GLY J 96 -44.28 -23.91 6.45
CA GLY J 96 -43.81 -24.22 7.79
C GLY J 96 -44.54 -25.37 8.44
N SER J 97 -45.37 -26.09 7.68
CA SER J 97 -46.24 -27.12 8.21
C SER J 97 -45.81 -28.50 7.71
N SER J 98 -46.58 -29.51 8.09
CA SER J 98 -46.33 -30.87 7.62
C SER J 98 -46.90 -31.12 6.24
N GLY J 99 -47.77 -30.26 5.73
CA GLY J 99 -48.30 -30.38 4.39
C GLY J 99 -47.45 -29.74 3.32
N ALA J 100 -46.28 -29.23 3.67
CA ALA J 100 -45.43 -28.59 2.69
C ALA J 100 -45.00 -29.60 1.63
N TYR J 101 -44.90 -29.13 0.39
CA TYR J 101 -44.38 -29.97 -0.67
C TYR J 101 -42.91 -30.27 -0.41
N HIS J 102 -42.52 -31.50 -0.70
CA HIS J 102 -41.13 -31.90 -0.64
C HIS J 102 -40.84 -32.83 -1.81
N PRO J 103 -39.64 -32.80 -2.36
CA PRO J 103 -39.30 -33.74 -3.43
C PRO J 103 -39.41 -35.17 -2.96
N ALA J 104 -39.66 -36.08 -3.92
CA ALA J 104 -39.91 -37.47 -3.60
C ALA J 104 -38.76 -38.12 -2.85
N GLY J 105 -37.53 -37.69 -3.13
CA GLY J 105 -36.34 -38.20 -2.47
C GLY J 105 -35.96 -37.49 -1.20
N SER J 106 -36.82 -36.58 -0.71
CA SER J 106 -36.50 -35.78 0.47
C SER J 106 -36.44 -36.65 1.71
N LEU J 107 -35.55 -36.29 2.63
CA LEU J 107 -35.47 -36.98 3.92
C LEU J 107 -36.65 -36.62 4.82
N TYR J 108 -37.39 -35.56 4.50
CA TYR J 108 -38.63 -35.30 5.21
C TYR J 108 -39.68 -36.36 4.93
N ARG J 109 -39.62 -36.99 3.76
CA ARG J 109 -40.72 -37.85 3.31
C ARG J 109 -40.88 -39.07 4.19
N ALA J 110 -39.81 -39.56 4.80
CA ALA J 110 -39.76 -40.72 5.66
C ALA J 110 -39.90 -42.02 4.86
N GLN J 111 -40.24 -41.95 3.59
CA GLN J 111 -40.10 -43.07 2.64
C GLN J 111 -39.53 -42.50 1.35
N PRO J 112 -38.30 -42.00 1.38
CA PRO J 112 -37.73 -41.41 0.16
C PRO J 112 -37.70 -42.43 -0.97
N VAL J 113 -38.06 -41.98 -2.16
CA VAL J 113 -38.13 -42.89 -3.30
C VAL J 113 -36.72 -43.29 -3.70
N GLU J 114 -36.47 -44.59 -3.73
CA GLU J 114 -35.18 -45.13 -4.15
C GLU J 114 -35.08 -45.06 -5.67
N ARG J 115 -33.92 -44.67 -6.17
CA ARG J 115 -33.71 -44.43 -7.58
C ARG J 115 -32.69 -45.40 -8.13
N ARG J 116 -32.91 -45.86 -9.36
CA ARG J 116 -31.92 -46.64 -10.10
C ARG J 116 -32.27 -46.57 -11.58
N ASP J 117 -31.28 -46.89 -12.41
CA ASP J 117 -31.48 -46.86 -13.86
C ASP J 117 -31.03 -48.14 -14.54
N TYR J 118 -30.74 -49.20 -13.79
CA TYR J 118 -30.47 -50.51 -14.35
C TYR J 118 -31.06 -51.58 -13.45
N ASP J 119 -31.39 -52.73 -14.05
CA ASP J 119 -31.85 -53.89 -13.32
C ASP J 119 -30.68 -54.82 -13.07
N ALA J 120 -30.50 -55.23 -11.82
CA ALA J 120 -29.39 -56.09 -11.46
C ALA J 120 -29.80 -57.55 -11.56
N TRP J 121 -28.86 -58.38 -12.00
CA TRP J 121 -29.08 -59.81 -12.03
C TRP J 121 -29.19 -60.34 -10.59
N GLN J 122 -30.10 -61.27 -10.39
CA GLN J 122 -30.30 -61.88 -9.08
C GLN J 122 -29.87 -63.34 -9.12
N PRO J 123 -28.95 -63.78 -8.27
CA PRO J 123 -28.56 -65.19 -8.29
C PRO J 123 -29.73 -66.09 -7.94
N GLU J 124 -29.75 -67.27 -8.56
CA GLU J 124 -30.80 -68.24 -8.30
C GLU J 124 -30.61 -68.90 -6.94
N FME K 1 -24.78 24.71 55.78
CN FME K 1 -23.41 24.60 55.86
O1 FME K 1 -22.86 23.67 56.49
CA FME K 1 -25.48 25.74 55.07
CB FME K 1 -24.65 26.37 53.92
CG FME K 1 -25.44 27.23 52.97
SD FME K 1 -26.35 28.42 53.92
CE FME K 1 -26.54 29.71 52.75
C FME K 1 -26.78 25.19 54.50
O FME K 1 -26.87 24.08 53.99
N GLU K 2 -27.84 26.00 54.59
CA GLU K 2 -29.15 25.58 54.12
C GLU K 2 -29.17 25.49 52.60
N TYR K 3 -28.59 26.48 51.93
CA TYR K 3 -28.56 26.47 50.48
C TYR K 3 -27.93 25.18 49.94
N LEU K 4 -26.86 24.71 50.59
CA LEU K 4 -26.26 23.45 50.20
C LEU K 4 -27.25 22.30 50.34
N LEU K 5 -27.94 22.25 51.48
CA LEU K 5 -28.81 21.12 51.77
C LEU K 5 -30.04 21.13 50.86
N GLN K 6 -30.67 22.30 50.69
CA GLN K 6 -31.92 22.35 49.95
C GLN K 6 -31.69 22.18 48.45
N GLU K 7 -30.61 22.74 47.92
CA GLU K 7 -30.43 22.81 46.48
C GLU K 7 -29.37 21.88 45.92
N TYR K 8 -28.29 21.63 46.64
CA TYR K 8 -27.20 20.83 46.08
C TYR K 8 -27.25 19.37 46.48
N LEU K 9 -27.78 19.04 47.65
CA LEU K 9 -27.94 17.63 47.97
C LEU K 9 -28.84 16.90 46.98
N PRO K 10 -29.95 17.48 46.50
CA PRO K 10 -30.71 16.81 45.43
C PRO K 10 -29.89 16.50 44.18
N ILE K 11 -28.94 17.37 43.83
CA ILE K 11 -28.09 17.08 42.68
C ILE K 11 -27.27 15.83 42.95
N LEU K 12 -26.70 15.71 44.14
CA LEU K 12 -25.93 14.53 44.48
C LEU K 12 -26.80 13.28 44.53
N VAL K 13 -28.02 13.41 45.05
CA VAL K 13 -28.92 12.27 45.10
C VAL K 13 -29.31 11.83 43.70
N PHE K 14 -29.65 12.79 42.84
CA PHE K 14 -30.07 12.44 41.48
C PHE K 14 -28.91 11.90 40.65
N LEU K 15 -27.68 12.34 40.94
CA LEU K 15 -26.52 11.78 40.26
C LEU K 15 -26.43 10.28 40.52
N GLY K 16 -26.68 9.85 41.76
CA GLY K 16 -26.72 8.43 42.04
C GLY K 16 -27.90 7.74 41.39
N MET K 17 -29.06 8.40 41.36
CA MET K 17 -30.26 7.79 40.79
C MET K 17 -30.12 7.59 39.29
N ALA K 18 -29.68 8.62 38.57
CA ALA K 18 -29.47 8.48 37.14
C ALA K 18 -28.40 7.46 36.83
N SER K 19 -27.39 7.33 37.69
CA SER K 19 -26.37 6.32 37.50
C SER K 19 -26.93 4.93 37.72
N ALA K 20 -27.78 4.76 38.73
CA ALA K 20 -28.40 3.46 38.97
C ALA K 20 -29.25 3.04 37.79
N LEU K 21 -30.02 3.97 37.22
CA LEU K 21 -30.88 3.63 36.11
C LEU K 21 -30.07 3.18 34.89
N ALA K 22 -28.97 3.89 34.60
CA ALA K 22 -28.14 3.52 33.45
C ALA K 22 -27.49 2.17 33.66
N ILE K 23 -27.03 1.89 34.89
CA ILE K 23 -26.34 0.65 35.16
C ILE K 23 -27.30 -0.53 35.07
N VAL K 24 -28.50 -0.38 35.59
CA VAL K 24 -29.47 -1.46 35.55
C VAL K 24 -29.81 -1.83 34.11
N LEU K 25 -29.86 -0.83 33.22
CA LEU K 25 -30.18 -1.12 31.82
C LEU K 25 -29.08 -1.94 31.17
N ILE K 26 -27.81 -1.66 31.47
CA ILE K 26 -26.73 -2.48 30.94
C ILE K 26 -26.80 -3.89 31.51
N LEU K 27 -27.04 -4.01 32.81
CA LEU K 27 -27.05 -5.34 33.42
C LEU K 27 -28.25 -6.15 32.98
N ALA K 28 -29.29 -5.52 32.45
CA ALA K 28 -30.47 -6.27 32.02
C ALA K 28 -30.12 -7.27 30.93
N ALA K 29 -29.44 -6.82 29.88
CA ALA K 29 -29.02 -7.74 28.84
C ALA K 29 -27.89 -8.66 29.30
N ALA K 30 -27.03 -8.17 30.19
CA ALA K 30 -25.93 -9.00 30.67
C ALA K 30 -26.45 -10.22 31.42
N VAL K 31 -27.64 -10.11 32.02
CA VAL K 31 -28.19 -11.20 32.80
C VAL K 31 -29.16 -12.04 31.98
N ILE K 32 -29.87 -11.42 31.04
CA ILE K 32 -30.95 -12.11 30.33
C ILE K 32 -30.48 -12.65 28.99
N ALA K 33 -29.82 -11.81 28.19
CA ALA K 33 -29.48 -12.21 26.83
C ALA K 33 -28.48 -13.36 26.84
N VAL K 34 -28.55 -14.18 25.78
CA VAL K 34 -27.62 -15.28 25.62
C VAL K 34 -26.26 -14.76 25.23
N ARG K 35 -25.22 -15.30 25.86
CA ARG K 35 -23.83 -14.92 25.57
C ARG K 35 -23.16 -16.11 24.89
N ASN K 36 -22.63 -15.88 23.69
CA ASN K 36 -22.06 -16.94 22.87
C ASN K 36 -20.93 -16.35 22.02
N PRO K 37 -19.86 -15.88 22.65
CA PRO K 37 -18.78 -15.26 21.89
C PRO K 37 -17.88 -16.28 21.22
N ASP K 38 -17.38 -15.89 20.06
CA ASP K 38 -16.41 -16.71 19.32
C ASP K 38 -15.44 -15.75 18.62
N PRO K 39 -14.27 -16.25 18.22
CA PRO K 39 -13.23 -15.33 17.73
C PRO K 39 -13.67 -14.47 16.57
N GLU K 40 -14.49 -14.99 15.66
CA GLU K 40 -14.92 -14.18 14.52
C GLU K 40 -15.89 -13.10 14.96
N LYS K 41 -16.78 -13.43 15.89
CA LYS K 41 -17.77 -12.46 16.35
C LYS K 41 -17.11 -11.26 17.00
N VAL K 42 -16.11 -11.49 17.85
CA VAL K 42 -15.52 -10.41 18.62
C VAL K 42 -14.36 -9.73 17.91
N SER K 43 -14.09 -10.08 16.66
CA SER K 43 -13.05 -9.40 15.90
C SER K 43 -13.55 -8.02 15.46
N ALA K 44 -12.60 -7.18 15.04
CA ALA K 44 -12.91 -5.80 14.72
C ALA K 44 -13.64 -5.70 13.39
N TYR K 45 -14.58 -4.76 13.32
CA TYR K 45 -15.38 -4.58 12.12
C TYR K 45 -14.66 -3.64 11.15
N GLU K 46 -14.48 -4.10 9.91
CA GLU K 46 -14.06 -3.22 8.82
C GLU K 46 -14.77 -3.62 7.53
N CYS K 47 -16.08 -3.80 7.60
CA CYS K 47 -16.93 -3.97 6.42
C CYS K 47 -16.76 -5.32 5.74
N GLY K 48 -16.43 -6.36 6.50
CA GLY K 48 -16.41 -7.71 5.99
C GLY K 48 -15.03 -8.28 5.76
N PHE K 49 -14.01 -7.45 5.61
CA PHE K 49 -12.64 -7.91 5.49
C PHE K 49 -11.88 -7.56 6.75
N ASN K 50 -10.85 -8.35 7.05
CA ASN K 50 -10.09 -8.12 8.27
C ASN K 50 -9.46 -6.74 8.24
N ALA K 51 -9.38 -6.12 9.41
CA ALA K 51 -8.74 -4.82 9.53
C ALA K 51 -7.26 -4.93 9.21
N PHE K 52 -6.72 -3.87 8.59
CA PHE K 52 -5.28 -3.82 8.37
C PHE K 52 -4.53 -3.74 9.70
N ASP K 53 -5.07 -2.98 10.65
CA ASP K 53 -4.44 -2.76 11.93
C ASP K 53 -5.53 -2.32 12.91
N ASP K 54 -5.17 -2.20 14.17
CA ASP K 54 -6.10 -1.66 15.15
C ASP K 54 -6.09 -0.13 15.07
N ALA K 55 -6.80 0.51 15.99
CA ALA K 55 -6.91 1.97 16.01
C ALA K 55 -6.00 2.59 17.06
N ARG K 56 -4.77 2.10 17.18
CA ARG K 56 -3.82 2.64 18.15
C ARG K 56 -2.57 3.13 17.45
N MET K 57 -2.76 3.83 16.34
CA MET K 57 -1.69 4.44 15.57
C MET K 57 -1.80 5.95 15.67
N LYS K 58 -0.68 6.64 15.45
CA LYS K 58 -0.73 8.09 15.35
C LYS K 58 -1.67 8.49 14.23
N PHE K 59 -2.35 9.61 14.41
CA PHE K 59 -3.23 10.15 13.39
C PHE K 59 -3.14 11.66 13.41
N ASP K 60 -2.82 12.25 12.26
CA ASP K 60 -2.73 13.70 12.17
C ASP K 60 -4.09 14.32 12.40
N VAL K 61 -4.14 15.31 13.29
CA VAL K 61 -5.34 16.06 13.59
C VAL K 61 -5.19 17.41 12.92
N ARG K 62 -5.90 17.61 11.81
CA ARG K 62 -5.73 18.82 11.02
C ARG K 62 -6.34 20.05 11.67
N PHE K 63 -7.13 19.88 12.73
CA PHE K 63 -7.70 21.00 13.47
C PHE K 63 -7.03 21.18 14.82
N TYR K 64 -5.76 20.76 14.93
CA TYR K 64 -5.06 20.85 16.21
C TYR K 64 -4.93 22.29 16.67
N LEU K 65 -4.61 23.21 15.75
CA LEU K 65 -4.40 24.60 16.15
C LEU K 65 -5.70 25.25 16.64
N VAL K 66 -6.81 24.96 15.96
CA VAL K 66 -8.08 25.50 16.41
C VAL K 66 -8.43 24.98 17.79
N SER K 67 -8.03 23.76 18.11
CA SER K 67 -8.31 23.22 19.43
C SER K 67 -7.50 23.91 20.51
N ILE K 68 -6.26 24.32 20.19
CA ILE K 68 -5.48 25.11 21.13
C ILE K 68 -6.15 26.46 21.36
N LEU K 69 -6.60 27.11 20.28
CA LEU K 69 -7.31 28.37 20.44
C LEU K 69 -8.65 28.20 21.13
N PHE K 70 -9.23 26.99 21.09
CA PHE K 70 -10.47 26.74 21.81
C PHE K 70 -10.24 26.89 23.31
N ILE K 71 -9.10 26.41 23.80
CA ILE K 71 -8.79 26.54 25.22
C ILE K 71 -8.74 28.00 25.63
N ILE K 72 -8.08 28.83 24.82
CA ILE K 72 -7.93 30.24 25.16
C ILE K 72 -9.29 30.94 25.16
N PHE K 73 -10.08 30.74 24.10
CA PHE K 73 -11.37 31.40 24.01
C PHE K 73 -12.31 30.97 25.13
N ASP K 74 -12.14 29.74 25.63
CA ASP K 74 -12.98 29.29 26.74
C ASP K 74 -12.80 30.17 27.96
N LEU K 75 -11.56 30.56 28.27
CA LEU K 75 -11.33 31.40 29.43
C LEU K 75 -11.81 32.83 29.21
N GLU K 76 -11.74 33.33 27.98
CA GLU K 76 -12.20 34.69 27.73
C GLU K 76 -13.67 34.83 28.05
N VAL K 77 -14.50 33.91 27.55
CA VAL K 77 -15.93 33.97 27.79
C VAL K 77 -16.25 33.78 29.26
N ALA K 78 -15.39 33.09 30.01
CA ALA K 78 -15.68 32.84 31.41
C ALA K 78 -15.77 34.14 32.20
N PHE K 79 -14.95 35.13 31.87
CA PHE K 79 -14.97 36.40 32.56
C PHE K 79 -16.25 37.18 32.34
N LEU K 80 -17.08 36.78 31.37
CA LEU K 80 -18.30 37.51 31.10
C LEU K 80 -19.45 37.09 32.00
N PHE K 81 -19.41 35.87 32.53
CA PHE K 81 -20.56 35.39 33.31
C PHE K 81 -20.76 36.19 34.59
N PRO K 82 -19.75 36.42 35.43
CA PRO K 82 -19.96 37.30 36.60
C PRO K 82 -20.31 38.72 36.21
N TRP K 83 -19.79 39.21 35.09
CA TRP K 83 -20.12 40.54 34.62
C TRP K 83 -21.59 40.63 34.22
N ALA K 84 -22.09 39.62 33.49
CA ALA K 84 -23.48 39.65 33.06
C ALA K 84 -24.43 39.53 34.25
N VAL K 85 -24.08 38.70 35.23
CA VAL K 85 -24.93 38.55 36.41
C VAL K 85 -24.98 39.85 37.20
N SER K 86 -23.87 40.59 37.23
CA SER K 86 -23.76 41.81 38.01
C SER K 86 -24.12 43.05 37.20
N PHE K 87 -24.72 42.88 36.04
CA PHE K 87 -24.83 43.99 35.10
C PHE K 87 -25.54 45.18 35.70
N ALA K 88 -26.54 44.95 36.55
CA ALA K 88 -27.31 46.06 37.10
C ALA K 88 -26.46 46.95 37.99
N SER K 89 -25.47 46.39 38.67
CA SER K 89 -24.68 47.11 39.67
C SER K 89 -23.37 47.64 39.13
N LEU K 90 -23.07 47.43 37.85
CA LEU K 90 -21.75 47.77 37.33
C LEU K 90 -21.51 49.27 37.39
N SER K 91 -20.30 49.64 37.78
CA SER K 91 -19.86 51.03 37.70
C SER K 91 -19.44 51.35 36.27
N ASP K 92 -19.10 52.62 36.05
CA ASP K 92 -18.65 53.02 34.72
C ASP K 92 -17.34 52.34 34.34
N VAL K 93 -16.41 52.24 35.28
CA VAL K 93 -15.17 51.51 35.03
C VAL K 93 -15.47 50.04 34.76
N ALA K 94 -16.34 49.43 35.59
CA ALA K 94 -16.64 48.02 35.44
C ALA K 94 -17.27 47.73 34.09
N PHE K 95 -18.08 48.67 33.57
CA PHE K 95 -18.71 48.46 32.28
C PHE K 95 -17.71 48.60 31.14
N TRP K 96 -17.02 49.73 31.09
CA TRP K 96 -16.11 49.99 29.99
C TRP K 96 -14.84 49.18 30.09
N GLY K 97 -14.46 48.73 31.28
CA GLY K 97 -13.35 47.82 31.40
C GLY K 97 -13.59 46.54 30.62
N MET K 98 -14.81 46.01 30.69
CA MET K 98 -15.15 44.84 29.90
C MET K 98 -15.08 45.15 28.41
N MET K 99 -15.54 46.33 28.00
CA MET K 99 -15.45 46.70 26.59
C MET K 99 -14.01 46.72 26.11
N VAL K 100 -13.11 47.24 26.92
CA VAL K 100 -11.68 47.17 26.60
C VAL K 100 -11.23 45.72 26.56
N PHE K 101 -11.67 44.92 27.53
CA PHE K 101 -11.30 43.51 27.55
C PHE K 101 -11.77 42.80 26.29
N LEU K 102 -13.00 43.07 25.87
CA LEU K 102 -13.52 42.45 24.66
C LEU K 102 -12.86 43.00 23.40
N ALA K 103 -12.41 44.25 23.44
CA ALA K 103 -11.68 44.81 22.29
C ALA K 103 -10.33 44.12 22.12
N VAL K 104 -9.65 43.83 23.22
CA VAL K 104 -8.38 43.09 23.14
C VAL K 104 -8.64 41.68 22.63
N LEU K 105 -9.75 41.08 23.03
CA LEU K 105 -10.13 39.78 22.49
C LEU K 105 -10.30 39.84 20.98
N THR K 106 -10.98 40.88 20.49
CA THR K 106 -11.26 40.99 19.06
C THR K 106 -9.99 41.22 18.25
N VAL K 107 -9.00 41.90 18.82
CA VAL K 107 -7.71 42.04 18.14
C VAL K 107 -7.06 40.68 17.99
N GLY K 108 -7.10 39.87 19.05
CA GLY K 108 -6.57 38.51 18.93
C GLY K 108 -7.34 37.69 17.92
N PHE K 109 -8.67 37.81 17.92
CA PHE K 109 -9.48 37.07 16.98
C PHE K 109 -9.21 37.53 15.55
N ALA K 110 -9.04 38.83 15.34
CA ALA K 110 -8.74 39.32 14.01
C ALA K 110 -7.35 38.87 13.55
N TYR K 111 -6.43 38.69 14.51
CA TYR K 111 -5.10 38.20 14.17
C TYR K 111 -5.16 36.74 13.74
N GLU K 112 -5.87 35.90 14.51
CA GLU K 112 -6.05 34.51 14.11
C GLU K 112 -6.63 34.42 12.71
N TRP K 113 -7.75 35.10 12.49
CA TRP K 113 -8.43 35.04 11.21
C TRP K 113 -7.53 35.47 10.06
N LYS K 114 -6.88 36.62 10.20
CA LYS K 114 -6.03 37.12 9.13
C LYS K 114 -4.82 36.22 8.90
N LYS K 115 -4.26 35.66 9.97
CA LYS K 115 -3.10 34.77 9.82
C LYS K 115 -3.46 33.54 9.00
N GLY K 116 -4.70 33.08 9.10
CA GLY K 116 -5.10 31.81 8.54
C GLY K 116 -5.13 30.67 9.53
N ALA K 117 -5.10 30.96 10.83
CA ALA K 117 -5.06 29.90 11.83
C ALA K 117 -6.37 29.14 11.92
N LEU K 118 -7.46 29.69 11.39
CA LEU K 118 -8.75 29.03 11.41
C LEU K 118 -8.97 28.10 10.22
N GLU K 119 -8.02 28.02 9.30
CA GLU K 119 -8.09 27.06 8.21
C GLU K 119 -7.27 25.83 8.58
N TRP K 120 -7.79 24.65 8.26
CA TRP K 120 -7.19 23.42 8.72
C TRP K 120 -5.85 23.17 8.05
N ALA K 121 -4.91 22.64 8.82
CA ALA K 121 -3.56 22.38 8.34
C ALA K 121 -3.56 21.46 7.12
N MET L 1 -24.82 14.39 54.77
CA MET L 1 -23.83 14.89 55.77
C MET L 1 -22.65 15.54 55.06
N MET L 2 -22.07 16.54 55.74
CA MET L 2 -20.90 17.19 55.20
C MET L 2 -19.66 16.30 55.26
N THR L 3 -19.53 15.53 56.35
CA THR L 3 -18.37 14.63 56.45
C THR L 3 -18.35 13.63 55.31
N PHE L 4 -19.48 13.01 54.99
CA PHE L 4 -19.51 12.05 53.90
C PHE L 4 -19.23 12.73 52.56
N ALA L 5 -19.78 13.92 52.35
CA ALA L 5 -19.56 14.62 51.09
C ALA L 5 -18.10 15.00 50.92
N PHE L 6 -17.46 15.45 52.00
CA PHE L 6 -16.05 15.82 51.88
C PHE L 6 -15.20 14.64 51.46
N TYR L 7 -15.33 13.53 52.17
CA TYR L 7 -14.43 12.40 51.94
C TYR L 7 -14.71 11.74 50.60
N LEU L 8 -15.96 11.77 50.13
CA LEU L 8 -16.25 11.28 48.79
C LEU L 8 -15.47 12.08 47.75
N PHE L 9 -15.53 13.41 47.84
CA PHE L 9 -14.81 14.24 46.88
C PHE L 9 -13.31 14.24 47.16
N ALA L 10 -12.92 14.24 48.43
CA ALA L 10 -11.51 14.30 48.78
C ALA L 10 -10.78 13.04 48.35
N ILE L 11 -11.33 11.87 48.66
CA ILE L 11 -10.68 10.62 48.27
C ILE L 11 -10.70 10.47 46.76
N SER L 12 -11.80 10.88 46.11
CA SER L 12 -11.87 10.76 44.66
C SER L 12 -10.81 11.61 43.98
N ALA L 13 -10.59 12.84 44.46
CA ALA L 13 -9.61 13.72 43.82
C ALA L 13 -8.19 13.22 44.05
N CYS L 14 -7.86 12.89 45.29
CA CYS L 14 -6.49 12.48 45.61
C CYS L 14 -6.14 11.16 44.92
N VAL L 15 -7.07 10.20 44.91
CA VAL L 15 -6.81 8.95 44.21
C VAL L 15 -6.72 9.20 42.70
N ALA L 16 -7.63 10.00 42.17
CA ALA L 16 -7.59 10.30 40.74
C ALA L 16 -6.29 10.99 40.36
N GLY L 17 -5.84 11.95 41.17
CA GLY L 17 -4.60 12.62 40.87
C GLY L 17 -3.41 11.69 40.86
N PHE L 18 -3.37 10.76 41.81
CA PHE L 18 -2.30 9.77 41.81
C PHE L 18 -2.34 8.93 40.54
N MET L 19 -3.53 8.49 40.13
CA MET L 19 -3.64 7.63 38.95
C MET L 19 -3.22 8.36 37.69
N VAL L 20 -3.37 9.68 37.65
CA VAL L 20 -2.94 10.45 36.49
C VAL L 20 -1.44 10.28 36.27
N VAL L 21 -0.65 10.32 37.35
CA VAL L 21 0.79 10.42 37.18
C VAL L 21 1.49 9.06 37.16
N ILE L 22 0.92 8.03 37.78
CA ILE L 22 1.59 6.73 37.81
C ILE L 22 1.08 5.74 36.76
N GLY L 23 -0.12 5.93 36.23
CA GLY L 23 -0.63 5.03 35.22
C GLY L 23 0.18 5.09 33.94
N ARG L 24 0.25 3.96 33.24
CA ARG L 24 1.04 3.86 32.02
C ARG L 24 0.25 4.22 30.77
N ASN L 25 -1.07 4.25 30.84
CA ASN L 25 -1.89 4.49 29.66
C ASN L 25 -2.25 5.98 29.58
N PRO L 26 -1.76 6.72 28.57
CA PRO L 26 -2.05 8.16 28.54
C PRO L 26 -3.52 8.50 28.41
N VAL L 27 -4.31 7.67 27.73
CA VAL L 27 -5.74 7.96 27.63
C VAL L 27 -6.43 7.72 28.96
N HIS L 28 -5.97 6.73 29.73
CA HIS L 28 -6.51 6.55 31.06
C HIS L 28 -6.13 7.71 31.96
N SER L 29 -4.94 8.27 31.77
CA SER L 29 -4.55 9.46 32.52
C SER L 29 -5.51 10.61 32.23
N VAL L 30 -5.95 10.74 30.98
CA VAL L 30 -6.87 11.80 30.62
C VAL L 30 -8.18 11.68 31.39
N LEU L 31 -8.69 10.46 31.52
CA LEU L 31 -9.96 10.23 32.20
C LEU L 31 -9.83 10.35 33.71
N TRP L 32 -8.68 9.97 34.27
CA TRP L 32 -8.44 10.23 35.68
C TRP L 32 -8.36 11.73 35.96
N LEU L 33 -7.77 12.49 35.04
CA LEU L 33 -7.62 13.92 35.24
C LEU L 33 -8.97 14.62 35.33
N ILE L 34 -9.91 14.25 34.48
CA ILE L 34 -11.22 14.91 34.52
C ILE L 34 -11.96 14.52 35.79
N LEU L 35 -11.72 13.32 36.30
CA LEU L 35 -12.34 12.94 37.57
C LEU L 35 -11.77 13.76 38.71
N ALA L 36 -10.48 14.09 38.65
CA ALA L 36 -9.89 14.91 39.70
C ALA L 36 -10.49 16.32 39.70
N PHE L 37 -10.71 16.88 38.51
CA PHE L 37 -11.29 18.22 38.43
C PHE L 37 -12.74 18.22 38.87
N LEU L 38 -13.50 17.17 38.53
CA LEU L 38 -14.88 17.08 39.00
C LEU L 38 -14.94 16.93 40.51
N SER L 39 -14.03 16.13 41.07
CA SER L 39 -14.00 15.96 42.53
C SER L 39 -13.63 17.25 43.23
N ALA L 40 -12.70 18.02 42.67
CA ALA L 40 -12.33 19.29 43.26
C ALA L 40 -13.47 20.29 43.16
N ALA L 41 -14.25 20.23 42.07
CA ALA L 41 -15.44 21.06 41.96
C ALA L 41 -16.45 20.72 43.05
N GLY L 42 -16.58 19.45 43.39
CA GLY L 42 -17.44 19.07 44.50
C GLY L 42 -16.99 19.69 45.81
N LEU L 43 -15.69 19.71 46.06
CA LEU L 43 -15.18 20.35 47.27
C LEU L 43 -15.45 21.84 47.27
N PHE L 44 -15.33 22.49 46.11
CA PHE L 44 -15.57 23.92 46.03
C PHE L 44 -17.02 24.26 46.37
N VAL L 45 -17.96 23.42 45.91
CA VAL L 45 -19.37 23.66 46.23
C VAL L 45 -19.59 23.57 47.73
N LEU L 46 -19.00 22.56 48.38
CA LEU L 46 -19.17 22.39 49.81
C LEU L 46 -18.77 23.65 50.58
N GLN L 47 -17.79 24.38 50.07
CA GLN L 47 -17.32 25.59 50.72
C GLN L 47 -18.09 26.83 50.29
N GLY L 48 -19.05 26.71 49.40
CA GLY L 48 -19.82 27.85 48.95
C GLY L 48 -19.20 28.66 47.83
N ALA L 49 -18.16 28.14 47.18
CA ALA L 49 -17.58 28.78 46.01
C ALA L 49 -18.14 28.13 44.75
N GLU L 50 -19.44 28.33 44.53
CA GLU L 50 -20.13 27.57 43.50
C GLU L 50 -19.76 28.04 42.10
N PHE L 51 -19.51 29.34 41.92
CA PHE L 51 -19.18 29.81 40.57
C PHE L 51 -17.87 29.22 40.08
N VAL L 52 -16.82 29.26 40.92
CA VAL L 52 -15.55 28.68 40.50
C VAL L 52 -15.64 27.16 40.46
N ALA L 53 -16.57 26.56 41.20
CA ALA L 53 -16.81 25.14 41.05
C ALA L 53 -17.34 24.82 39.66
N MET L 54 -18.33 25.59 39.21
CA MET L 54 -18.92 25.33 37.90
C MET L 54 -18.01 25.80 36.78
N LEU L 55 -17.34 26.93 36.97
CA LEU L 55 -16.40 27.40 35.97
C LEU L 55 -15.27 26.40 35.77
N LEU L 56 -14.79 25.80 36.85
CA LEU L 56 -13.71 24.83 36.73
C LEU L 56 -14.10 23.64 35.87
N VAL L 57 -15.31 23.12 36.06
CA VAL L 57 -15.77 21.99 35.25
C VAL L 57 -15.90 22.41 33.80
N VAL L 58 -16.53 23.57 33.55
CA VAL L 58 -16.75 24.00 32.18
C VAL L 58 -15.43 24.13 31.44
N VAL L 59 -14.44 24.76 32.09
CA VAL L 59 -13.17 25.01 31.44
C VAL L 59 -12.43 23.70 31.17
N TYR L 60 -12.33 22.84 32.17
CA TYR L 60 -11.46 21.68 32.03
C TYR L 60 -12.10 20.51 31.33
N VAL L 61 -13.42 20.51 31.17
CA VAL L 61 -14.03 19.52 30.30
C VAL L 61 -13.55 19.70 28.87
N GLY L 62 -13.58 20.94 28.38
CA GLY L 62 -13.05 21.22 27.06
C GLY L 62 -11.54 21.03 26.99
N ALA L 63 -10.82 21.53 27.99
CA ALA L 63 -9.36 21.48 27.93
C ALA L 63 -8.85 20.05 27.98
N VAL L 64 -9.46 19.20 28.81
CA VAL L 64 -9.02 17.81 28.89
C VAL L 64 -9.32 17.08 27.60
N ALA L 65 -10.42 17.40 26.92
CA ALA L 65 -10.70 16.80 25.63
C ALA L 65 -9.63 17.17 24.61
N VAL L 66 -9.16 18.41 24.64
CA VAL L 66 -8.08 18.81 23.74
C VAL L 66 -6.83 18.00 24.03
N LEU L 67 -6.56 17.74 25.32
CA LEU L 67 -5.42 16.90 25.67
C LEU L 67 -5.55 15.51 25.08
N PHE L 68 -6.77 14.97 25.04
CA PHE L 68 -6.98 13.68 24.41
C PHE L 68 -6.62 13.72 22.93
N LEU L 69 -6.93 14.84 22.26
CA LEU L 69 -6.61 14.97 20.85
C LEU L 69 -5.11 14.89 20.60
N PHE L 70 -4.32 15.51 21.47
CA PHE L 70 -2.88 15.49 21.30
C PHE L 70 -2.29 14.14 21.69
N VAL L 71 -2.93 13.43 22.62
CA VAL L 71 -2.46 12.10 22.97
C VAL L 71 -2.58 11.17 21.77
N VAL L 72 -3.70 11.23 21.07
CA VAL L 72 -3.88 10.35 19.91
C VAL L 72 -3.14 10.88 18.70
N MET L 73 -2.91 12.19 18.61
CA MET L 73 -2.13 12.72 17.50
C MET L 73 -0.67 12.26 17.60
N MET L 74 -0.13 12.24 18.81
CA MET L 74 1.27 11.86 19.05
C MET L 74 1.37 10.51 19.75
N LEU L 75 0.41 9.63 19.54
CA LEU L 75 0.40 8.36 20.24
C LEU L 75 1.67 7.59 19.95
N ASP L 76 2.28 7.06 21.00
CA ASP L 76 3.51 6.30 20.83
C ASP L 76 3.20 5.02 20.05
N VAL L 77 4.25 4.49 19.41
CA VAL L 77 4.13 3.27 18.61
C VAL L 77 4.19 2.00 19.45
N ASP L 78 4.30 2.11 20.76
CA ASP L 78 4.39 0.95 21.65
C ASP L 78 3.22 0.92 22.62
N PHE L 79 2.01 1.18 22.13
CA PHE L 79 0.85 1.24 23.00
C PHE L 79 0.59 -0.10 23.68
N ALA L 80 0.91 -1.21 23.01
CA ALA L 80 0.63 -2.53 23.56
C ALA L 80 1.44 -2.79 24.83
N GLU L 81 2.69 -2.36 24.86
CA GLU L 81 3.56 -2.59 26.02
C GLU L 81 3.82 -1.31 26.81
N LEU L 82 2.94 -0.33 26.72
CA LEU L 82 3.11 0.90 27.49
C LEU L 82 2.94 0.62 28.97
N ARG L 88 13.74 3.82 36.14
CA ARG L 88 13.45 5.03 36.90
C ARG L 88 14.12 4.93 38.27
N TYR L 89 13.99 5.99 39.06
CA TYR L 89 14.40 6.00 40.46
C TYR L 89 13.17 6.20 41.33
N LEU L 90 12.11 5.47 41.00
CA LEU L 90 10.85 5.58 41.72
C LEU L 90 11.01 5.44 43.23
N PRO L 91 11.81 4.49 43.76
CA PRO L 91 11.93 4.40 45.22
C PRO L 91 12.42 5.68 45.86
N LEU L 92 13.50 6.27 45.35
CA LEU L 92 14.01 7.50 45.94
C LEU L 92 13.00 8.64 45.75
N ALA L 93 12.35 8.70 44.59
CA ALA L 93 11.36 9.75 44.36
C ALA L 93 10.21 9.67 45.35
N LEU L 94 9.72 8.46 45.63
CA LEU L 94 8.65 8.34 46.62
C LEU L 94 9.10 8.78 47.99
N VAL L 95 10.39 8.66 48.30
CA VAL L 95 10.89 9.08 49.60
C VAL L 95 10.90 10.60 49.71
N ILE L 96 11.32 11.30 48.65
CA ILE L 96 11.31 12.76 48.69
C ILE L 96 9.89 13.28 48.70
N GLY L 97 8.99 12.63 47.97
CA GLY L 97 7.60 13.03 48.01
C GLY L 97 6.98 12.87 49.39
N VAL L 98 7.27 11.76 50.06
CA VAL L 98 6.76 11.54 51.41
C VAL L 98 7.33 12.57 52.37
N VAL L 99 8.62 12.88 52.24
CA VAL L 99 9.24 13.87 53.12
C VAL L 99 8.57 15.23 52.91
N LEU L 100 8.37 15.63 51.66
CA LEU L 100 7.72 16.90 51.39
C LEU L 100 6.30 16.93 51.91
N LEU L 101 5.57 15.83 51.73
CA LEU L 101 4.20 15.78 52.23
C LEU L 101 4.16 15.85 53.74
N ALA L 102 5.10 15.16 54.41
CA ALA L 102 5.15 15.21 55.87
C ALA L 102 5.45 16.61 56.37
N GLN L 103 6.38 17.30 55.72
CA GLN L 103 6.69 18.67 56.15
C GLN L 103 5.48 19.57 56.03
N LEU L 104 4.72 19.44 54.94
CA LEU L 104 3.52 20.24 54.77
C LEU L 104 2.49 19.90 55.83
N GLY L 105 2.33 18.61 56.15
CA GLY L 105 1.39 18.22 57.18
C GLY L 105 1.74 18.78 58.54
N ILE L 106 3.04 18.82 58.86
CA ILE L 106 3.47 19.40 60.13
C ILE L 106 3.18 20.89 60.17
N ALA L 107 3.42 21.58 59.05
CA ALA L 107 3.14 23.02 58.99
C ALA L 107 1.64 23.30 59.12
N PHE L 108 0.80 22.45 58.52
CA PHE L 108 -0.64 22.65 58.61
C PHE L 108 -1.21 22.20 59.95
N SER L 109 -0.47 21.40 60.72
CA SER L 109 -0.95 21.02 62.04
C SER L 109 -1.16 22.25 62.92
N GLY L 110 -0.22 23.18 62.89
CA GLY L 110 -0.29 24.35 63.72
C GLY L 110 -0.86 25.58 63.03
N TRP L 111 -1.60 25.38 61.94
CA TRP L 111 -2.10 26.53 61.18
C TRP L 111 -3.02 27.37 62.04
N THR L 112 -2.79 28.69 61.98
CA THR L 112 -3.64 29.68 62.61
C THR L 112 -3.40 30.95 61.79
N PRO L 113 -4.43 31.63 61.32
CA PRO L 113 -4.21 32.90 60.63
C PRO L 113 -3.75 33.98 61.59
N SER L 114 -3.21 35.05 61.01
CA SER L 114 -2.84 36.20 61.81
C SER L 114 -4.08 36.77 62.51
N ASP L 115 -3.89 37.28 63.73
CA ASP L 115 -4.99 37.90 64.44
C ASP L 115 -5.49 39.17 63.75
N GLN L 116 -4.76 39.71 62.79
CA GLN L 116 -5.21 40.84 62.01
C GLN L 116 -5.90 40.43 60.72
N ALA L 117 -5.97 39.14 60.43
CA ALA L 117 -6.45 38.69 59.13
C ALA L 117 -7.88 39.14 58.87
N GLU L 118 -8.72 39.16 59.89
CA GLU L 118 -10.12 39.57 59.70
C GLU L 118 -10.21 41.03 59.27
N SER L 119 -9.44 41.91 59.90
CA SER L 119 -9.56 43.33 59.62
C SER L 119 -8.95 43.72 58.28
N LEU L 120 -8.14 42.84 57.69
CA LEU L 120 -7.41 43.16 56.46
C LEU L 120 -8.10 42.65 55.21
N ARG L 121 -9.27 42.04 55.32
CA ARG L 121 -9.92 41.46 54.16
C ARG L 121 -10.31 42.54 53.18
N ALA L 122 -9.88 42.38 51.93
CA ALA L 122 -10.19 43.36 50.89
C ALA L 122 -11.62 43.23 50.41
N ALA L 123 -12.13 42.00 50.34
CA ALA L 123 -13.46 41.71 49.82
C ALA L 123 -14.19 40.78 50.79
N PRO L 124 -14.65 41.31 51.91
CA PRO L 124 -15.39 40.46 52.86
C PRO L 124 -16.66 39.89 52.23
N VAL L 125 -16.96 38.65 52.56
CA VAL L 125 -18.09 37.95 51.97
C VAL L 125 -19.36 38.37 52.70
N ASP L 126 -20.46 38.49 51.96
CA ASP L 126 -21.75 38.85 52.51
C ASP L 126 -22.70 37.67 52.40
N ALA L 127 -23.30 37.28 53.52
CA ALA L 127 -24.16 36.11 53.53
C ALA L 127 -25.36 36.28 52.61
N ALA L 128 -25.89 37.51 52.51
CA ALA L 128 -27.12 37.74 51.75
C ALA L 128 -26.89 37.88 50.25
N VAL L 129 -25.64 37.95 49.80
CA VAL L 129 -25.32 38.12 48.40
C VAL L 129 -24.88 36.79 47.83
N GLU L 130 -25.43 36.41 46.67
CA GLU L 130 -25.04 35.15 46.06
C GLU L 130 -23.61 35.22 45.54
N ASN L 131 -22.95 34.07 45.55
CA ASN L 131 -21.51 34.02 45.29
C ASN L 131 -21.16 34.69 43.96
N THR L 132 -21.88 34.38 42.89
CA THR L 132 -21.55 34.95 41.59
C THR L 132 -21.69 36.47 41.58
N LEU L 133 -22.73 36.99 42.22
CA LEU L 133 -22.88 38.44 42.29
C LEU L 133 -21.77 39.07 43.11
N GLY L 134 -21.36 38.41 44.19
CA GLY L 134 -20.28 38.96 45.00
C GLY L 134 -18.98 39.08 44.23
N LEU L 135 -18.63 38.03 43.48
CA LEU L 135 -17.42 38.09 42.67
C LEU L 135 -17.51 39.19 41.62
N GLY L 136 -18.67 39.33 40.98
CA GLY L 136 -18.82 40.32 39.93
C GLY L 136 -18.71 41.74 40.45
N LEU L 137 -19.02 41.96 41.74
CA LEU L 137 -18.91 43.29 42.30
C LEU L 137 -17.47 43.72 42.53
N VAL L 138 -16.53 42.78 42.66
CA VAL L 138 -15.14 43.12 42.91
C VAL L 138 -14.24 42.81 41.73
N LEU L 139 -14.60 41.85 40.89
CA LEU L 139 -13.70 41.39 39.84
C LEU L 139 -13.37 42.49 38.84
N TYR L 140 -14.35 43.32 38.49
CA TYR L 140 -14.21 44.26 37.40
C TYR L 140 -13.97 45.69 37.85
N ASP L 141 -14.03 45.97 39.14
CA ASP L 141 -13.78 47.30 39.65
C ASP L 141 -12.53 47.35 40.52
N ARG L 142 -12.48 46.57 41.59
CA ARG L 142 -11.29 46.59 42.44
C ARG L 142 -10.12 45.93 41.75
N TYR L 143 -10.37 44.86 41.01
CA TYR L 143 -9.33 44.09 40.35
C TYR L 143 -9.27 44.36 38.86
N VAL L 144 -9.67 45.57 38.46
CA VAL L 144 -9.76 45.88 37.04
C VAL L 144 -8.41 45.82 36.36
N LEU L 145 -7.35 46.19 37.09
CA LEU L 145 -6.01 46.11 36.50
C LEU L 145 -5.61 44.67 36.21
N MET L 146 -5.89 43.75 37.13
CA MET L 146 -5.60 42.34 36.86
C MET L 146 -6.49 41.80 35.76
N PHE L 147 -7.76 42.21 35.74
CA PHE L 147 -8.67 41.79 34.70
C PHE L 147 -8.10 42.11 33.32
N GLN L 148 -7.57 43.32 33.14
CA GLN L 148 -7.01 43.71 31.85
C GLN L 148 -5.73 42.95 31.54
N LEU L 149 -4.89 42.69 32.56
CA LEU L 149 -3.68 41.93 32.31
C LEU L 149 -3.98 40.50 31.91
N ALA L 150 -5.08 39.93 32.43
CA ALA L 150 -5.46 38.58 32.04
C ALA L 150 -5.78 38.52 30.55
N GLY L 151 -6.42 39.56 30.03
CA GLY L 151 -6.69 39.60 28.61
C GLY L 151 -5.42 39.58 27.77
N LEU L 152 -4.38 40.28 28.24
CA LEU L 152 -3.12 40.26 27.51
C LEU L 152 -2.40 38.93 27.66
N VAL L 153 -2.51 38.30 28.83
CA VAL L 153 -1.95 36.97 29.00
C VAL L 153 -2.57 36.01 28.00
N LEU L 154 -3.88 36.12 27.78
CA LEU L 154 -4.55 35.25 26.82
C LEU L 154 -4.16 35.62 25.40
N LEU L 155 -3.94 36.90 25.11
CA LEU L 155 -3.49 37.31 23.79
C LEU L 155 -2.13 36.74 23.48
N VAL L 156 -1.21 36.75 24.45
CA VAL L 156 0.12 36.20 24.22
C VAL L 156 0.03 34.73 23.85
N ALA L 157 -0.88 33.99 24.48
CA ALA L 157 -1.08 32.59 24.13
C ALA L 157 -1.60 32.44 22.71
N MET L 158 -2.51 33.32 22.29
CA MET L 158 -3.01 33.28 20.91
C MET L 158 -1.87 33.51 19.93
N ILE L 159 -1.08 34.57 20.14
CA ILE L 159 0.01 34.87 19.22
C ILE L 159 1.03 33.75 19.22
N GLY L 160 1.41 33.27 20.40
CA GLY L 160 2.45 32.26 20.47
C GLY L 160 2.07 30.98 19.76
N ALA L 161 0.86 30.49 20.00
CA ALA L 161 0.44 29.24 19.38
C ALA L 161 0.46 29.34 17.86
N ILE L 162 -0.04 30.44 17.33
CA ILE L 162 -0.03 30.62 15.88
C ILE L 162 1.39 30.80 15.36
N VAL L 163 2.19 31.59 16.05
CA VAL L 163 3.57 31.82 15.61
C VAL L 163 4.33 30.50 15.58
N LEU L 164 4.14 29.66 16.59
CA LEU L 164 4.97 28.48 16.73
C LEU L 164 4.59 27.38 15.74
N THR L 165 3.30 27.17 15.51
CA THR L 165 2.84 25.94 14.89
C THR L 165 2.15 26.09 13.55
N MET L 166 1.60 27.25 13.21
CA MET L 166 0.72 27.34 12.05
C MET L 166 1.44 26.92 10.78
N ARG L 167 0.79 26.03 10.02
CA ARG L 167 1.22 25.63 8.70
C ARG L 167 0.03 24.99 8.02
N HIS L 168 0.02 25.03 6.69
CA HIS L 168 -1.06 24.45 5.91
C HIS L 168 -0.48 23.59 4.81
N ARG L 169 -1.07 22.41 4.63
CA ARG L 169 -0.73 21.59 3.47
C ARG L 169 -1.07 22.36 2.21
N LYS L 170 -0.15 22.36 1.26
CA LYS L 170 -0.37 23.03 -0.02
C LYS L 170 -0.67 22.05 -1.14
N ASP L 171 -0.84 20.76 -0.81
CA ASP L 171 -1.02 19.71 -1.80
C ASP L 171 -2.39 19.05 -1.76
N VAL L 172 -3.34 19.63 -1.01
CA VAL L 172 -4.67 19.05 -0.89
C VAL L 172 -5.67 19.99 -1.56
N LYS L 173 -6.83 19.45 -1.87
CA LYS L 173 -7.87 20.19 -2.57
C LYS L 173 -8.71 20.99 -1.57
N ARG L 174 -8.86 22.28 -1.84
CA ARG L 174 -9.59 23.18 -0.95
C ARG L 174 -10.67 23.89 -1.72
N GLN L 175 -11.76 24.20 -1.02
CA GLN L 175 -12.88 24.94 -1.60
C GLN L 175 -13.14 26.19 -0.79
N ASN L 176 -13.47 27.27 -1.49
CA ASN L 176 -13.91 28.50 -0.83
C ASN L 176 -15.42 28.41 -0.64
N VAL L 177 -15.87 28.37 0.60
CA VAL L 177 -17.27 28.07 0.88
C VAL L 177 -18.18 29.13 0.27
N LEU L 178 -17.78 30.39 0.34
CA LEU L 178 -18.61 31.45 -0.23
C LEU L 178 -18.71 31.32 -1.74
N GLU L 179 -17.62 30.87 -2.38
CA GLU L 179 -17.68 30.65 -3.82
C GLU L 179 -18.52 29.43 -4.16
N GLN L 180 -18.53 28.44 -3.28
CA GLN L 180 -19.44 27.30 -3.46
C GLN L 180 -20.89 27.75 -3.40
N MET L 181 -21.20 28.65 -2.48
CA MET L 181 -22.57 29.12 -2.31
C MET L 181 -22.98 30.11 -3.38
N TRP L 182 -22.03 30.75 -4.06
CA TRP L 182 -22.36 31.68 -5.12
C TRP L 182 -22.60 31.00 -6.46
N ARG L 183 -22.26 29.72 -6.61
CA ARG L 183 -22.38 29.06 -7.90
C ARG L 183 -23.84 29.12 -8.36
N ASP L 184 -24.05 29.76 -9.51
CA ASP L 184 -25.39 29.93 -10.06
C ASP L 184 -25.72 28.75 -10.96
N PRO L 185 -26.75 27.96 -10.68
CA PRO L 185 -27.08 26.86 -11.59
C PRO L 185 -27.41 27.33 -13.00
N ALA L 186 -28.02 28.50 -13.15
CA ALA L 186 -28.34 28.99 -14.48
C ALA L 186 -27.09 29.21 -15.32
N LYS L 187 -26.01 29.66 -14.68
CA LYS L 187 -24.79 29.93 -15.42
C LYS L 187 -23.92 28.69 -15.62
N THR L 188 -24.01 27.71 -14.73
CA THR L 188 -23.05 26.61 -14.77
C THR L 188 -23.53 25.46 -15.64
N MET L 189 -24.81 25.40 -15.97
CA MET L 189 -25.37 24.37 -16.83
C MET L 189 -26.20 25.03 -17.92
N GLU L 190 -26.08 24.54 -19.15
CA GLU L 190 -26.86 25.06 -20.25
C GLU L 190 -27.17 23.95 -21.24
N LEU L 191 -28.30 24.11 -21.93
CA LEU L 191 -28.77 23.14 -22.91
C LEU L 191 -28.23 23.47 -24.29
N LYS L 192 -27.85 22.44 -25.02
CA LYS L 192 -27.24 22.58 -26.34
C LYS L 192 -28.10 21.92 -27.39
N ASP L 193 -28.26 22.58 -28.53
CA ASP L 193 -28.95 22.01 -29.68
C ASP L 193 -27.90 21.37 -30.57
N VAL L 194 -27.66 20.08 -30.36
CA VAL L 194 -26.68 19.32 -31.13
C VAL L 194 -27.40 18.70 -32.32
N LYS L 195 -26.96 19.03 -33.52
CA LYS L 195 -27.57 18.49 -34.72
C LYS L 195 -27.15 17.04 -34.92
N PRO L 196 -27.98 16.23 -35.58
CA PRO L 196 -27.61 14.82 -35.80
C PRO L 196 -26.32 14.69 -36.61
N GLY L 197 -25.49 13.74 -36.19
CA GLY L 197 -24.21 13.50 -36.81
C GLY L 197 -23.09 14.38 -36.34
N GLN L 198 -23.35 15.32 -35.43
CA GLN L 198 -22.37 16.32 -35.03
C GLN L 198 -21.62 15.86 -33.79
N GLY L 199 -20.30 15.86 -33.86
CA GLY L 199 -19.45 15.61 -32.72
C GLY L 199 -18.89 16.89 -32.15
N LEU L 200 -17.86 16.75 -31.33
CA LEU L 200 -17.23 17.91 -30.71
C LEU L 200 -16.57 18.78 -31.77
N ILE M 3 -56.30 -46.76 -20.08
CA ILE M 3 -56.71 -45.40 -19.80
C ILE M 3 -57.90 -45.05 -20.70
N PRO M 4 -58.99 -44.57 -20.12
CA PRO M 4 -60.12 -44.12 -20.95
C PRO M 4 -59.85 -42.76 -21.56
N ALA M 5 -60.46 -42.54 -22.71
CA ALA M 5 -60.26 -41.27 -23.41
C ALA M 5 -60.81 -40.13 -22.57
N PRO M 6 -60.21 -38.94 -22.62
CA PRO M 6 -60.78 -37.80 -21.91
C PRO M 6 -62.01 -37.23 -22.55
N GLU M 7 -62.27 -37.57 -23.81
CA GLU M 7 -63.34 -36.96 -24.58
C GLU M 7 -63.58 -37.80 -25.82
N ILE M 8 -64.84 -38.08 -26.12
CA ILE M 8 -65.23 -38.81 -27.32
C ILE M 8 -66.17 -37.93 -28.13
N GLN M 9 -65.93 -37.86 -29.42
CA GLN M 9 -66.86 -37.23 -30.35
C GLN M 9 -67.21 -38.23 -31.44
N THR M 10 -68.49 -38.28 -31.78
CA THR M 10 -68.96 -39.12 -32.87
C THR M 10 -69.11 -38.27 -34.12
N VAL M 11 -68.52 -38.75 -35.22
CA VAL M 11 -68.45 -37.98 -36.45
C VAL M 11 -68.99 -38.82 -37.60
N THR M 12 -69.42 -38.14 -38.65
CA THR M 12 -69.92 -38.80 -39.86
C THR M 12 -68.95 -38.63 -41.03
N SER M 13 -67.71 -38.25 -40.75
CA SER M 13 -66.68 -38.12 -41.77
C SER M 13 -65.47 -38.94 -41.35
N TRP M 14 -64.73 -39.42 -42.33
CA TRP M 14 -63.55 -40.23 -42.08
C TRP M 14 -62.29 -39.39 -41.87
N LYS M 15 -62.38 -38.07 -42.02
CA LYS M 15 -61.27 -37.17 -41.73
C LYS M 15 -61.77 -36.06 -40.82
N VAL M 16 -61.07 -35.85 -39.70
CA VAL M 16 -61.45 -34.85 -38.72
C VAL M 16 -60.24 -33.97 -38.42
N ALA M 17 -60.53 -32.76 -37.95
CA ALA M 17 -59.51 -31.82 -37.49
C ALA M 17 -59.70 -31.56 -36.00
N CYS M 18 -58.59 -31.53 -35.28
CA CYS M 18 -58.59 -31.23 -33.86
C CYS M 18 -57.61 -30.12 -33.57
N ASP M 19 -58.00 -29.18 -32.72
CA ASP M 19 -57.08 -28.16 -32.25
C ASP M 19 -57.25 -27.87 -30.77
N GLY M 20 -57.87 -28.76 -30.00
CA GLY M 20 -58.11 -28.51 -28.60
C GLY M 20 -59.35 -27.70 -28.31
N ASP M 21 -60.11 -27.32 -29.34
CA ASP M 21 -61.42 -26.67 -29.18
C ASP M 21 -61.33 -25.33 -28.46
N GLU M 22 -60.22 -24.61 -28.63
CA GLU M 22 -60.00 -23.39 -27.86
C GLU M 22 -59.90 -22.19 -28.80
N ALA M 23 -60.47 -21.08 -28.36
CA ALA M 23 -60.64 -19.92 -29.23
C ALA M 23 -59.32 -19.25 -29.56
N ARG M 24 -59.14 -18.91 -30.83
CA ARG M 24 -58.10 -17.98 -31.30
C ARG M 24 -56.75 -18.27 -30.67
N GLY M 25 -56.18 -19.43 -30.99
CA GLY M 25 -54.80 -19.71 -30.64
C GLY M 25 -54.58 -20.14 -29.21
N LEU M 26 -55.57 -20.70 -28.55
CA LEU M 26 -55.43 -21.18 -27.18
C LEU M 26 -55.43 -22.68 -27.05
N GLY M 27 -55.43 -23.42 -28.16
CA GLY M 27 -55.41 -24.86 -28.13
C GLY M 27 -54.04 -25.42 -28.46
N HIS M 28 -54.02 -26.41 -29.32
CA HIS M 28 -52.80 -26.99 -29.86
C HIS M 28 -52.76 -26.83 -31.37
N PRO M 29 -51.60 -27.06 -31.99
CA PRO M 29 -51.53 -26.94 -33.45
C PRO M 29 -52.58 -27.80 -34.13
N ARG M 30 -53.20 -27.24 -35.14
CA ARG M 30 -54.34 -27.89 -35.78
C ARG M 30 -53.88 -29.02 -36.69
N VAL M 31 -54.41 -30.21 -36.46
CA VAL M 31 -54.01 -31.40 -37.19
C VAL M 31 -55.24 -32.12 -37.73
N TRP M 32 -55.05 -32.82 -38.84
CA TRP M 32 -56.09 -33.61 -39.47
C TRP M 32 -55.81 -35.08 -39.23
N LEU M 33 -56.83 -35.82 -38.82
CA LEU M 33 -56.68 -37.22 -38.45
C LEU M 33 -57.58 -38.09 -39.31
N ALA M 34 -57.09 -39.28 -39.63
CA ALA M 34 -57.80 -40.24 -40.46
C ALA M 34 -58.34 -41.35 -39.59
N ILE M 35 -59.63 -41.60 -39.70
CA ILE M 35 -60.27 -42.71 -38.99
C ILE M 35 -60.13 -43.95 -39.86
N PRO M 36 -59.48 -45.01 -39.40
CA PRO M 36 -59.43 -46.24 -40.18
C PRO M 36 -60.82 -46.85 -40.36
N ARG M 37 -61.06 -47.42 -41.54
CA ARG M 37 -62.33 -48.09 -41.77
C ARG M 37 -62.42 -49.39 -40.99
N ASP M 38 -61.29 -49.91 -40.54
CA ASP M 38 -61.29 -51.16 -39.79
C ASP M 38 -61.77 -50.96 -38.37
N THR M 39 -61.16 -50.04 -37.63
CA THR M 39 -61.49 -49.82 -36.23
C THR M 39 -62.51 -48.72 -36.01
N GLY M 40 -62.59 -47.75 -36.91
CA GLY M 40 -63.62 -46.74 -36.80
C GLY M 40 -63.37 -45.65 -35.78
N TRP M 41 -62.14 -45.47 -35.32
CA TRP M 41 -61.81 -44.39 -34.40
C TRP M 41 -60.35 -44.00 -34.55
N VAL M 42 -60.06 -42.75 -34.18
CA VAL M 42 -58.71 -42.21 -34.16
C VAL M 42 -58.59 -41.31 -32.94
N GLU M 43 -57.36 -41.09 -32.50
CA GLU M 43 -57.10 -40.28 -31.32
C GLU M 43 -56.12 -39.16 -31.64
N CYS M 44 -56.40 -37.97 -31.13
CA CYS M 44 -55.52 -36.84 -31.32
C CYS M 44 -54.21 -37.06 -30.56
N GLY M 45 -53.09 -36.80 -31.23
CA GLY M 45 -51.80 -36.94 -30.60
C GLY M 45 -51.46 -35.82 -29.63
N TYR M 46 -52.22 -34.73 -29.65
CA TYR M 46 -51.97 -33.62 -28.75
C TYR M 46 -52.83 -33.71 -27.49
N CYS M 47 -54.15 -33.82 -27.66
CA CYS M 47 -55.09 -33.72 -26.55
C CYS M 47 -55.75 -35.04 -26.18
N ASP M 48 -55.49 -36.12 -26.92
CA ASP M 48 -56.01 -37.46 -26.67
C ASP M 48 -57.50 -37.58 -26.91
N LYS M 49 -58.15 -36.57 -27.48
CA LYS M 49 -59.56 -36.69 -27.84
C LYS M 49 -59.75 -37.82 -28.85
N ARG M 50 -60.79 -38.62 -28.63
CA ARG M 50 -61.09 -39.73 -29.52
C ARG M 50 -62.26 -39.39 -30.41
N PHE M 51 -62.07 -39.59 -31.71
CA PHE M 51 -63.12 -39.42 -32.71
C PHE M 51 -63.57 -40.80 -33.16
N VAL M 52 -64.87 -41.04 -33.12
CA VAL M 52 -65.46 -42.33 -33.44
C VAL M 52 -66.43 -42.16 -34.60
N ILE M 53 -66.33 -43.04 -35.60
CA ILE M 53 -67.16 -42.91 -36.77
C ILE M 53 -68.57 -43.44 -36.49
N ASP M 54 -69.56 -42.72 -37.02
CA ASP M 54 -70.95 -43.17 -37.03
C ASP M 54 -71.18 -43.88 -38.37
N ARG M 55 -70.99 -45.20 -38.36
CA ARG M 55 -70.88 -45.94 -39.62
C ARG M 55 -72.12 -45.81 -40.48
N GLU M 56 -73.30 -45.94 -39.87
CA GLU M 56 -74.52 -45.94 -40.67
C GLU M 56 -74.72 -44.62 -41.41
N HIS M 57 -74.33 -43.51 -40.78
CA HIS M 57 -74.47 -42.20 -41.40
C HIS M 57 -73.15 -41.68 -41.97
N ALA M 58 -72.07 -42.45 -41.84
CA ALA M 58 -70.78 -41.99 -42.33
C ALA M 58 -70.86 -41.71 -43.82
N HIS M 59 -70.57 -40.47 -44.20
CA HIS M 59 -70.67 -40.02 -45.58
C HIS M 59 -69.28 -39.96 -46.17
N ASP M 60 -69.06 -40.73 -47.23
CA ASP M 60 -67.82 -40.63 -47.98
C ASP M 60 -67.80 -39.34 -48.77
N ASP M 61 -66.63 -38.71 -48.84
CA ASP M 61 -66.49 -37.44 -49.51
C ASP M 61 -66.04 -37.63 -50.96
N MET N 1 -4.58 -35.54 -18.97
CA MET N 1 -5.37 -36.78 -19.16
C MET N 1 -5.32 -37.19 -20.63
N ARG N 2 -6.21 -38.12 -21.01
CA ARG N 2 -6.29 -38.56 -22.39
C ARG N 2 -7.42 -37.82 -23.11
N VAL N 3 -7.10 -37.27 -24.28
CA VAL N 3 -8.07 -36.53 -25.07
C VAL N 3 -8.28 -37.27 -26.39
N ARG N 4 -9.44 -37.08 -26.98
CA ARG N 4 -9.78 -37.67 -28.27
C ARG N 4 -9.71 -36.59 -29.33
N ILE N 5 -8.96 -36.86 -30.40
CA ILE N 5 -8.92 -36.01 -31.58
C ILE N 5 -9.56 -36.80 -32.71
N TYR N 6 -10.66 -36.29 -33.23
CA TYR N 6 -11.38 -37.02 -34.27
C TYR N 6 -12.22 -36.05 -35.07
N LYS N 7 -12.64 -36.48 -36.24
CA LYS N 7 -13.53 -35.73 -37.09
C LYS N 7 -14.94 -36.27 -36.91
N PRO N 8 -15.87 -35.53 -36.31
CA PRO N 8 -17.20 -36.09 -36.06
C PRO N 8 -17.86 -36.57 -37.34
N ALA N 9 -18.52 -37.73 -37.24
CA ALA N 9 -19.14 -38.34 -38.40
C ALA N 9 -20.51 -37.72 -38.65
N ARG N 10 -20.98 -37.87 -39.89
CA ARG N 10 -22.32 -37.43 -40.24
C ARG N 10 -23.34 -38.11 -39.35
N ASN N 11 -24.32 -37.34 -38.90
CA ASN N 11 -25.49 -37.91 -38.23
C ASN N 11 -26.28 -38.73 -39.24
N ALA N 12 -26.49 -40.02 -38.93
CA ALA N 12 -27.16 -40.89 -39.87
C ALA N 12 -28.59 -40.45 -40.14
N MET N 13 -29.22 -39.76 -39.18
CA MET N 13 -30.60 -39.36 -39.32
C MET N 13 -30.79 -38.25 -40.36
N GLN N 14 -29.70 -37.63 -40.83
CA GLN N 14 -29.79 -36.50 -41.74
C GLN N 14 -28.77 -36.65 -42.86
N SER N 15 -29.04 -35.99 -43.99
CA SER N 15 -28.17 -36.06 -45.15
C SER N 15 -27.23 -34.87 -45.28
N GLY N 16 -27.40 -33.82 -44.47
CA GLY N 16 -26.49 -32.69 -44.55
C GLY N 16 -25.10 -33.07 -44.11
N THR N 17 -24.11 -32.35 -44.64
CA THR N 17 -22.71 -32.63 -44.34
C THR N 17 -21.98 -31.44 -43.73
N ALA N 18 -22.69 -30.44 -43.21
CA ALA N 18 -22.03 -29.24 -42.72
C ALA N 18 -21.35 -29.46 -41.37
N ARG N 19 -21.82 -30.39 -40.55
CA ARG N 19 -21.20 -30.69 -39.27
C ARG N 19 -20.10 -31.76 -39.39
N THR N 20 -19.55 -31.97 -40.58
CA THR N 20 -18.51 -32.96 -40.80
C THR N 20 -17.21 -32.34 -41.32
N ARG N 21 -17.05 -31.03 -41.22
CA ARG N 21 -15.86 -30.38 -41.76
C ARG N 21 -14.75 -30.17 -40.73
N ASN N 22 -15.08 -30.13 -39.45
CA ASN N 22 -14.16 -29.69 -38.42
C ASN N 22 -13.61 -30.87 -37.62
N TRP N 23 -12.41 -30.69 -37.12
CA TRP N 23 -11.82 -31.59 -36.13
C TRP N 23 -12.13 -31.07 -34.75
N VAL N 24 -12.24 -31.97 -33.78
CA VAL N 24 -12.52 -31.57 -32.40
C VAL N 24 -11.55 -32.29 -31.48
N LEU N 25 -11.08 -31.58 -30.47
CA LEU N 25 -10.36 -32.17 -29.36
C LEU N 25 -11.31 -32.24 -28.17
N ASP N 26 -11.52 -33.43 -27.66
CA ASP N 26 -12.53 -33.68 -26.65
C ASP N 26 -11.88 -34.26 -25.40
N PHE N 27 -12.43 -33.94 -24.24
CA PHE N 27 -12.02 -34.53 -22.97
C PHE N 27 -13.11 -35.50 -22.54
N PRO N 28 -13.01 -36.79 -22.84
CA PRO N 28 -14.11 -37.71 -22.58
C PRO N 28 -14.37 -37.84 -21.09
N PRO N 29 -15.58 -38.20 -20.70
CA PRO N 29 -15.90 -38.30 -19.26
C PRO N 29 -14.91 -39.21 -18.55
N ALA N 30 -14.44 -38.74 -17.39
CA ALA N 30 -13.34 -39.39 -16.70
C ALA N 30 -13.77 -40.38 -15.63
N ASP N 31 -14.90 -40.15 -14.98
CA ASP N 31 -15.39 -41.01 -13.91
C ASP N 31 -16.89 -41.16 -14.05
N PRO N 32 -17.47 -42.18 -13.42
CA PRO N 32 -18.92 -42.40 -13.55
C PRO N 32 -19.73 -41.22 -13.03
N ARG N 33 -20.85 -40.98 -13.69
CA ARG N 33 -21.85 -40.05 -13.17
C ARG N 33 -22.74 -40.76 -12.15
N ALA N 34 -23.37 -39.97 -11.29
CA ALA N 34 -24.20 -40.52 -10.22
C ALA N 34 -25.61 -39.95 -10.33
N ILE N 35 -26.54 -40.60 -9.63
CA ILE N 35 -27.92 -40.17 -9.57
C ILE N 35 -28.13 -39.40 -8.27
N ASP N 36 -28.54 -38.16 -8.39
CA ASP N 36 -28.88 -37.35 -7.23
C ASP N 36 -30.08 -37.96 -6.51
N PRO N 37 -29.98 -38.29 -5.23
CA PRO N 37 -31.12 -38.91 -4.54
C PRO N 37 -32.35 -38.02 -4.46
N LEU N 38 -32.15 -36.71 -4.32
CA LEU N 38 -33.28 -35.82 -4.04
C LEU N 38 -34.23 -35.70 -5.23
N MET N 39 -33.69 -35.44 -6.42
CA MET N 39 -34.50 -35.21 -7.60
C MET N 39 -34.22 -36.18 -8.73
N GLY N 40 -33.18 -37.00 -8.63
CA GLY N 40 -32.85 -37.91 -9.69
C GLY N 40 -32.03 -37.32 -10.81
N TRP N 41 -31.44 -36.15 -10.59
CA TRP N 41 -30.61 -35.54 -11.61
C TRP N 41 -29.28 -36.27 -11.73
N THR N 42 -28.62 -36.05 -12.86
CA THR N 42 -27.31 -36.66 -13.12
C THR N 42 -26.22 -35.80 -12.52
N SER N 43 -25.54 -36.32 -11.51
CA SER N 43 -24.51 -35.59 -10.78
C SER N 43 -23.14 -35.91 -11.38
N SER N 44 -22.20 -34.97 -11.24
CA SER N 44 -20.87 -35.17 -11.76
C SER N 44 -19.88 -34.28 -11.03
N ASP N 45 -18.67 -34.79 -10.83
CA ASP N 45 -17.54 -34.02 -10.34
C ASP N 45 -16.50 -33.78 -11.42
N ASP N 46 -16.86 -33.99 -12.69
CA ASP N 46 -15.90 -33.94 -13.78
C ASP N 46 -16.24 -32.75 -14.66
N THR N 47 -15.71 -31.58 -14.30
CA THR N 47 -15.92 -30.38 -15.10
C THR N 47 -15.02 -30.32 -16.32
N GLN N 48 -13.91 -31.07 -16.32
CA GLN N 48 -13.02 -31.06 -17.48
C GLN N 48 -13.75 -31.52 -18.74
N SER N 49 -14.75 -32.38 -18.60
CA SER N 49 -15.53 -32.85 -19.74
C SER N 49 -16.38 -31.73 -20.35
N GLN N 50 -16.46 -30.57 -19.73
CA GLN N 50 -17.16 -29.45 -20.35
C GLN N 50 -16.42 -28.88 -21.54
N VAL N 51 -15.14 -29.20 -21.68
CA VAL N 51 -14.29 -28.56 -22.68
C VAL N 51 -14.32 -29.35 -23.97
N ARG N 52 -14.57 -28.66 -25.07
CA ARG N 52 -14.61 -29.23 -26.40
C ARG N 52 -14.01 -28.19 -27.34
N LEU N 53 -12.83 -28.48 -27.89
CA LEU N 53 -12.14 -27.55 -28.76
C LEU N 53 -12.38 -27.91 -30.22
N ARG N 54 -12.29 -26.92 -31.09
CA ARG N 54 -12.63 -27.08 -32.49
C ARG N 54 -11.48 -26.60 -33.36
N PHE N 55 -11.12 -27.38 -34.36
CA PHE N 55 -9.99 -27.10 -35.23
C PHE N 55 -10.39 -27.33 -36.67
N GLU N 56 -9.59 -26.80 -37.59
CA GLU N 56 -9.86 -26.97 -39.01
C GLU N 56 -9.12 -28.16 -39.59
N THR N 57 -7.97 -28.53 -39.03
CA THR N 57 -7.15 -29.60 -39.56
C THR N 57 -6.71 -30.49 -38.41
N ARG N 58 -6.39 -31.73 -38.75
CA ARG N 58 -5.87 -32.64 -37.75
C ARG N 58 -4.57 -32.12 -37.15
N LYS N 59 -3.72 -31.51 -37.99
CA LYS N 59 -2.44 -31.00 -37.51
C LYS N 59 -2.63 -29.98 -36.41
N GLN N 60 -3.60 -29.07 -36.59
CA GLN N 60 -3.84 -28.05 -35.56
C GLN N 60 -4.24 -28.69 -34.24
N ALA N 61 -5.11 -29.70 -34.28
CA ALA N 61 -5.50 -30.38 -33.04
C ALA N 61 -4.31 -31.10 -32.43
N GLU N 62 -3.55 -31.82 -33.24
CA GLU N 62 -2.39 -32.56 -32.72
C GLU N 62 -1.34 -31.61 -32.16
N ASP N 63 -1.14 -30.46 -32.81
CA ASP N 63 -0.20 -29.47 -32.28
C ASP N 63 -0.64 -28.97 -30.92
N TYR N 64 -1.90 -28.54 -30.80
CA TYR N 64 -2.38 -28.01 -29.53
C TYR N 64 -2.19 -29.02 -28.41
N ALA N 65 -2.51 -30.29 -28.67
CA ALA N 65 -2.34 -31.29 -27.63
C ALA N 65 -0.88 -31.46 -27.25
N ARG N 66 0.03 -31.29 -28.22
CA ARG N 66 1.44 -31.41 -27.92
C ARG N 66 1.95 -30.21 -27.12
N GLU N 67 1.60 -28.99 -27.53
CA GLU N 67 2.09 -27.82 -26.81
C GLU N 67 1.58 -27.78 -25.39
N HIS N 68 0.52 -28.53 -25.09
CA HIS N 68 -0.12 -28.48 -23.78
C HIS N 68 0.05 -29.79 -23.01
N GLY N 69 0.94 -30.66 -23.48
CA GLY N 69 1.27 -31.87 -22.77
C GLY N 69 0.08 -32.76 -22.51
N LEU N 70 -0.76 -32.97 -23.51
CA LEU N 70 -1.93 -33.83 -23.40
C LEU N 70 -1.68 -35.13 -24.15
N ASP N 71 -1.89 -36.24 -23.48
CA ASP N 71 -1.89 -37.52 -24.16
C ASP N 71 -3.16 -37.64 -25.00
N TYR N 72 -3.01 -37.98 -26.27
CA TYR N 72 -4.13 -37.94 -27.19
C TYR N 72 -4.14 -39.19 -28.07
N GLU N 73 -5.33 -39.53 -28.52
CA GLU N 73 -5.53 -40.52 -29.57
C GLU N 73 -6.21 -39.83 -30.75
N VAL N 74 -5.67 -40.04 -31.94
CA VAL N 74 -6.26 -39.52 -33.17
C VAL N 74 -7.02 -40.66 -33.81
N ILE N 75 -8.33 -40.52 -33.88
CA ILE N 75 -9.18 -41.46 -34.62
C ILE N 75 -9.34 -40.93 -36.04
N GLU N 76 -8.93 -41.73 -37.01
CA GLU N 76 -9.00 -41.32 -38.40
C GLU N 76 -10.43 -41.38 -38.91
N PRO N 77 -10.85 -40.45 -39.77
CA PRO N 77 -12.23 -40.49 -40.27
C PRO N 77 -12.40 -41.47 -41.41
N HIS N 78 -13.66 -41.83 -41.65
CA HIS N 78 -14.04 -42.74 -42.73
C HIS N 78 -14.90 -41.94 -43.70
N THR N 79 -14.25 -41.26 -44.64
CA THR N 79 -14.97 -40.53 -45.66
C THR N 79 -15.77 -41.50 -46.52
N ARG N 80 -16.94 -41.06 -46.96
CA ARG N 80 -17.76 -41.86 -47.88
C ARG N 80 -17.36 -41.52 -49.31
N ALA N 81 -16.79 -42.49 -50.01
CA ALA N 81 -16.41 -42.28 -51.39
C ALA N 81 -17.64 -42.19 -52.27
N ALA N 82 -17.55 -41.37 -53.31
CA ALA N 82 -18.66 -41.23 -54.23
C ALA N 82 -18.99 -42.55 -54.88
N ASN N 83 -20.28 -42.88 -54.90
CA ASN N 83 -20.77 -44.09 -55.57
C ASN N 83 -21.06 -43.71 -57.02
N ILE N 84 -20.02 -43.73 -57.84
CA ILE N 84 -20.18 -43.31 -59.22
C ILE N 84 -20.87 -44.41 -60.00
N ARG N 85 -22.04 -44.09 -60.54
CA ARG N 85 -22.83 -45.02 -61.32
C ARG N 85 -22.45 -44.86 -62.78
N PRO N 86 -21.86 -45.86 -63.43
CA PRO N 86 -21.44 -45.65 -64.82
C PRO N 86 -22.57 -45.22 -65.75
N ARG N 87 -23.76 -45.81 -65.61
CA ARG N 87 -24.90 -45.45 -66.42
C ARG N 87 -25.84 -44.48 -65.72
N GLY N 88 -25.53 -44.09 -64.49
CA GLY N 88 -26.32 -43.06 -63.82
C GLY N 88 -27.75 -43.51 -63.61
N TYR N 89 -28.67 -42.58 -63.87
CA TYR N 89 -30.10 -42.88 -63.72
C TYR N 89 -30.53 -43.99 -64.67
N GLY N 90 -29.85 -44.13 -65.80
CA GLY N 90 -30.24 -45.12 -66.79
C GLY N 90 -30.08 -46.56 -66.37
N GLU N 91 -29.28 -46.82 -65.32
CA GLU N 91 -29.15 -48.19 -64.85
C GLU N 91 -30.46 -48.72 -64.28
N ASN N 92 -31.38 -47.84 -63.92
CA ASN N 92 -32.69 -48.29 -63.45
C ASN N 92 -33.42 -49.06 -64.53
N PHE N 93 -33.09 -48.85 -65.79
CA PHE N 93 -33.79 -49.45 -66.91
C PHE N 93 -32.86 -50.28 -67.79
N ALA N 94 -31.77 -50.76 -67.20
CA ALA N 94 -30.83 -51.59 -67.95
C ALA N 94 -31.49 -52.90 -68.38
N SER N 95 -31.14 -53.38 -69.56
CA SER N 95 -31.74 -54.60 -70.07
C SER N 95 -31.31 -55.82 -69.26
N ASP N 96 -30.17 -55.74 -68.57
CA ASP N 96 -29.65 -56.87 -67.80
C ASP N 96 -29.96 -56.77 -66.31
N ARG N 97 -30.82 -55.84 -65.90
CA ARG N 97 -31.18 -55.74 -64.50
C ARG N 97 -31.81 -57.03 -64.00
N ARG N 98 -31.50 -57.41 -62.76
CA ARG N 98 -32.07 -58.63 -62.20
C ARG N 98 -33.58 -58.54 -62.09
N ALA N 99 -34.10 -57.41 -61.63
CA ALA N 99 -35.53 -57.22 -61.44
C ALA N 99 -35.90 -55.80 -61.84
N PRO N 100 -37.18 -55.56 -62.13
CA PRO N 100 -37.60 -54.20 -62.49
C PRO N 100 -37.37 -53.22 -61.34
N TRP N 101 -37.01 -52.01 -61.72
CA TRP N 101 -36.85 -50.93 -60.75
C TRP N 101 -38.22 -50.55 -60.18
N THR N 102 -38.26 -50.22 -58.89
CA THR N 102 -39.53 -49.94 -58.23
C THR N 102 -39.94 -48.48 -58.26
N HIS N 103 -39.09 -47.59 -58.79
CA HIS N 103 -39.30 -46.14 -58.68
C HIS N 103 -39.21 -45.66 -57.24
N SER O 6 -19.77 7.13 -45.10
CA SER O 6 -18.82 6.75 -44.07
C SER O 6 -17.98 5.56 -44.53
N ASP O 7 -18.46 4.83 -45.54
CA ASP O 7 -17.68 3.73 -46.07
C ASP O 7 -16.49 4.24 -46.87
N GLU O 8 -16.72 5.21 -47.75
CA GLU O 8 -15.63 5.83 -48.47
C GLU O 8 -14.71 6.57 -47.50
N ALA O 9 -15.28 7.21 -46.48
CA ALA O 9 -14.47 7.90 -45.50
C ALA O 9 -13.55 6.94 -44.74
N LEU O 10 -14.08 5.78 -44.36
CA LEU O 10 -13.26 4.84 -43.60
C LEU O 10 -12.18 4.20 -44.46
N LEU O 11 -12.48 3.96 -45.74
CA LEU O 11 -11.45 3.46 -46.65
C LEU O 11 -10.36 4.51 -46.89
N GLU O 12 -10.75 5.77 -47.03
CA GLU O 12 -9.77 6.83 -47.18
C GLU O 12 -8.90 6.95 -45.94
N LEU O 13 -9.52 6.88 -44.77
CA LEU O 13 -8.76 6.97 -43.52
C LEU O 13 -7.80 5.79 -43.38
N ALA O 14 -8.21 4.61 -43.83
CA ALA O 14 -7.34 3.43 -43.73
C ALA O 14 -6.11 3.57 -44.61
N GLU O 15 -6.26 4.18 -45.79
CA GLU O 15 -5.10 4.42 -46.64
C GLU O 15 -4.15 5.41 -45.98
N HIS O 16 -4.69 6.45 -45.36
CA HIS O 16 -3.85 7.42 -44.67
C HIS O 16 -3.02 6.74 -43.58
N ILE O 17 -3.63 5.84 -42.81
CA ILE O 17 -2.89 5.14 -41.76
C ILE O 17 -1.88 4.17 -42.38
N ALA O 18 -2.29 3.40 -43.39
CA ALA O 18 -1.38 2.45 -44.01
C ALA O 18 -0.18 3.17 -44.62
N LEU O 19 -0.39 4.37 -45.14
CA LEU O 19 0.70 5.12 -45.77
C LEU O 19 1.66 5.68 -44.73
N ARG O 20 1.12 6.30 -43.67
CA ARG O 20 1.97 6.97 -42.69
C ARG O 20 2.66 6.00 -41.74
N ARG O 21 2.10 4.80 -41.56
CA ARG O 21 2.62 3.81 -40.63
C ARG O 21 2.79 2.48 -41.33
N GLU O 22 3.46 2.50 -42.49
CA GLU O 22 3.57 1.31 -43.32
C GLU O 22 4.04 0.10 -42.54
N ASN O 23 5.07 0.27 -41.71
CA ASN O 23 5.66 -0.87 -41.04
C ASN O 23 4.82 -1.35 -39.87
N ASP O 24 4.03 -0.47 -39.26
CA ASP O 24 3.13 -0.90 -38.19
C ASP O 24 1.98 -1.74 -38.75
N VAL O 25 1.43 -1.34 -39.88
CA VAL O 25 0.16 -1.87 -40.37
C VAL O 25 0.43 -3.12 -41.20
N ILE O 26 -0.25 -4.22 -40.85
CA ILE O 26 -0.20 -5.41 -41.69
C ILE O 26 -1.28 -5.35 -42.77
N SER O 27 -2.51 -5.03 -42.39
CA SER O 27 -3.58 -4.83 -43.35
C SER O 27 -4.70 -4.04 -42.70
N THR O 28 -5.66 -3.61 -43.51
CA THR O 28 -6.86 -2.94 -43.04
C THR O 28 -8.08 -3.59 -43.69
N GLN O 29 -9.21 -3.47 -43.02
CA GLN O 29 -10.47 -3.99 -43.52
C GLN O 29 -11.59 -3.06 -43.09
N VAL O 30 -12.59 -2.91 -43.94
CA VAL O 30 -13.81 -2.20 -43.63
C VAL O 30 -14.96 -3.16 -43.84
N ALA O 31 -15.55 -3.63 -42.75
CA ALA O 31 -16.66 -4.57 -42.80
C ALA O 31 -17.71 -4.16 -41.79
N PHE O 32 -18.97 -4.19 -42.21
CA PHE O 32 -20.09 -3.79 -41.37
C PHE O 32 -19.91 -2.36 -40.88
N GLY O 33 -19.37 -1.50 -41.74
CA GLY O 33 -19.23 -0.10 -41.44
C GLY O 33 -18.18 0.22 -40.40
N GLU O 34 -17.26 -0.68 -40.12
CA GLU O 34 -16.23 -0.47 -39.11
C GLU O 34 -14.86 -0.75 -39.71
N LEU O 35 -13.90 0.10 -39.38
CA LEU O 35 -12.54 -0.03 -39.86
C LEU O 35 -11.70 -0.78 -38.83
N THR O 36 -11.09 -1.89 -39.27
CA THR O 36 -10.19 -2.68 -38.45
C THR O 36 -8.79 -2.62 -39.04
N VAL O 37 -7.81 -2.41 -38.18
CA VAL O 37 -6.41 -2.35 -38.58
C VAL O 37 -5.67 -3.49 -37.89
N ASN O 38 -5.06 -4.36 -38.66
CA ASN O 38 -4.21 -5.41 -38.13
C ASN O 38 -2.78 -4.89 -38.08
N ALA O 39 -2.18 -4.95 -36.89
CA ALA O 39 -0.88 -4.34 -36.66
C ALA O 39 0.07 -5.39 -36.09
N THR O 40 1.36 -5.12 -36.26
CA THR O 40 2.39 -5.94 -35.66
C THR O 40 2.47 -5.65 -34.16
N LEU O 41 2.88 -6.68 -33.41
CA LEU O 41 3.02 -6.51 -31.97
C LEU O 41 4.08 -5.46 -31.63
N SER O 42 5.17 -5.42 -32.38
CA SER O 42 6.27 -4.53 -32.07
C SER O 42 5.94 -3.07 -32.36
N GLY O 43 4.96 -2.81 -33.22
CA GLY O 43 4.60 -1.46 -33.58
C GLY O 43 3.25 -0.97 -33.08
N VAL O 44 2.58 -1.72 -32.22
CA VAL O 44 1.21 -1.37 -31.84
C VAL O 44 1.20 -0.09 -31.01
N ILE O 45 2.14 0.07 -30.09
CA ILE O 45 2.16 1.27 -29.26
C ILE O 45 2.45 2.50 -30.11
N GLY O 46 3.42 2.40 -31.01
CA GLY O 46 3.70 3.52 -31.89
C GLY O 46 2.50 3.89 -32.74
N LEU O 47 1.79 2.89 -33.25
CA LEU O 47 0.63 3.16 -34.10
C LEU O 47 -0.50 3.79 -33.31
N ILE O 48 -0.82 3.24 -32.14
CA ILE O 48 -1.91 3.82 -31.34
C ILE O 48 -1.57 5.23 -30.93
N GLU O 49 -0.29 5.51 -30.67
CA GLU O 49 0.14 6.86 -30.39
C GLU O 49 -0.10 7.78 -31.59
N PHE O 50 0.21 7.29 -32.79
CA PHE O 50 -0.05 8.08 -33.99
C PHE O 50 -1.55 8.32 -34.17
N LEU O 51 -2.37 7.30 -33.95
CA LEU O 51 -3.81 7.47 -34.09
C LEU O 51 -4.35 8.47 -33.08
N ARG O 52 -3.79 8.49 -31.87
CA ARG O 52 -4.26 9.43 -30.87
C ARG O 52 -3.97 10.86 -31.27
N ASN O 53 -2.80 11.11 -31.84
CA ASN O 53 -2.30 12.47 -32.00
C ASN O 53 -2.42 13.02 -33.41
N ASP O 54 -2.65 12.18 -34.41
CA ASP O 54 -2.61 12.65 -35.78
C ASP O 54 -3.82 13.52 -36.10
N PRO O 55 -3.65 14.63 -36.82
CA PRO O 55 -4.79 15.53 -37.07
C PRO O 55 -5.98 14.87 -37.75
N ASN O 56 -5.74 14.10 -38.82
CA ASN O 56 -6.84 13.50 -39.57
C ASN O 56 -7.56 12.46 -38.72
N CYS O 57 -6.82 11.68 -37.95
CA CYS O 57 -7.37 10.66 -37.08
C CYS O 57 -7.00 11.01 -35.65
N ARG O 58 -7.96 11.54 -34.89
CA ARG O 58 -7.72 12.06 -33.55
C ARG O 58 -8.45 11.15 -32.57
N PHE O 59 -7.84 10.02 -32.26
CA PHE O 59 -8.49 8.97 -31.48
C PHE O 59 -8.01 9.09 -30.04
N SER O 60 -8.55 10.09 -29.35
CA SER O 60 -8.11 10.44 -28.01
C SER O 60 -8.93 9.78 -26.90
N THR O 61 -9.91 8.96 -27.25
CA THR O 61 -10.65 8.17 -26.26
C THR O 61 -10.37 6.69 -26.49
N LEU O 62 -9.82 6.03 -25.47
CA LEU O 62 -9.65 4.59 -25.49
C LEU O 62 -10.94 3.95 -24.98
N ILE O 63 -11.67 3.31 -25.87
CA ILE O 63 -12.95 2.73 -25.47
C ILE O 63 -12.74 1.48 -24.63
N ASP O 64 -11.88 0.58 -25.07
CA ASP O 64 -11.50 -0.56 -24.23
C ASP O 64 -10.44 -1.39 -24.94
N ILE O 65 -9.86 -2.31 -24.17
CA ILE O 65 -8.93 -3.32 -24.66
C ILE O 65 -9.46 -4.67 -24.21
N THR O 66 -9.50 -5.64 -25.12
CA THR O 66 -9.89 -6.99 -24.77
C THR O 66 -9.06 -7.97 -25.57
N ALA O 67 -9.30 -9.25 -25.34
CA ALA O 67 -8.61 -10.32 -26.05
C ALA O 67 -9.62 -11.32 -26.57
N VAL O 68 -9.21 -12.07 -27.58
CA VAL O 68 -10.00 -13.16 -28.14
C VAL O 68 -9.10 -14.37 -28.24
N ASP O 69 -9.60 -15.53 -27.85
CA ASP O 69 -8.86 -16.78 -27.86
C ASP O 69 -9.19 -17.56 -29.13
N ASN O 70 -8.15 -18.02 -29.83
CA ASN O 70 -8.29 -18.81 -31.04
C ASN O 70 -7.34 -20.01 -30.96
N PRO O 71 -7.72 -21.06 -30.25
CA PRO O 71 -6.77 -22.17 -30.03
C PRO O 71 -6.30 -22.87 -31.29
N ALA O 72 -7.01 -22.73 -32.40
CA ALA O 72 -6.61 -23.41 -33.63
C ALA O 72 -5.51 -22.68 -34.37
N ARG O 73 -5.05 -21.55 -33.87
CA ARG O 73 -4.14 -20.68 -34.59
C ARG O 73 -2.76 -20.70 -33.94
N PRO O 74 -1.68 -20.55 -34.72
CA PRO O 74 -0.33 -20.56 -34.10
C PRO O 74 -0.15 -19.49 -33.06
N ALA O 75 -0.66 -18.28 -33.30
CA ALA O 75 -0.72 -17.22 -32.28
C ALA O 75 -2.16 -17.20 -31.79
N ARG O 76 -2.40 -17.82 -30.63
CA ARG O 76 -3.78 -18.15 -30.28
C ARG O 76 -4.58 -16.92 -29.89
N PHE O 77 -3.95 -15.88 -29.36
CA PHE O 77 -4.67 -14.74 -28.84
C PHE O 77 -4.69 -13.59 -29.84
N ASP O 78 -5.80 -12.87 -29.87
CA ASP O 78 -5.88 -11.55 -30.46
C ASP O 78 -6.12 -10.55 -29.34
N VAL O 79 -5.38 -9.46 -29.36
CA VAL O 79 -5.61 -8.33 -28.45
C VAL O 79 -6.19 -7.21 -29.29
N VAL O 80 -7.32 -6.66 -28.86
CA VAL O 80 -8.14 -5.77 -29.66
C VAL O 80 -8.28 -4.44 -28.94
N TYR O 81 -7.92 -3.36 -29.63
CA TYR O 81 -8.01 -2.02 -29.10
C TYR O 81 -9.14 -1.27 -29.79
N HIS O 82 -10.07 -0.74 -29.01
CA HIS O 82 -11.18 0.04 -29.54
C HIS O 82 -10.96 1.50 -29.16
N LEU O 83 -10.93 2.37 -30.16
CA LEU O 83 -10.65 3.78 -29.96
C LEU O 83 -11.74 4.61 -30.59
N LEU O 84 -12.07 5.72 -29.95
CA LEU O 84 -13.09 6.64 -30.42
C LEU O 84 -12.49 8.03 -30.53
N SER O 85 -12.92 8.77 -31.55
CA SER O 85 -12.58 10.18 -31.71
C SER O 85 -13.86 10.99 -31.62
N MET O 86 -14.00 11.77 -30.56
CA MET O 86 -15.16 12.65 -30.44
C MET O 86 -15.04 13.87 -31.32
N TYR O 87 -13.81 14.27 -31.67
CA TYR O 87 -13.62 15.47 -32.48
C TYR O 87 -13.81 15.17 -33.95
N GLN O 88 -13.28 14.06 -34.44
CA GLN O 88 -13.52 13.65 -35.81
C GLN O 88 -14.81 12.86 -35.96
N ASN O 89 -15.37 12.35 -34.85
CA ASN O 89 -16.60 11.58 -34.87
C ASN O 89 -16.43 10.30 -35.69
N GLN O 90 -15.48 9.47 -35.26
CA GLN O 90 -15.18 8.23 -35.94
C GLN O 90 -14.64 7.22 -34.94
N ARG O 91 -14.64 5.95 -35.33
CA ARG O 91 -14.14 4.86 -34.51
C ARG O 91 -13.15 4.03 -35.30
N ILE O 92 -12.32 3.28 -34.59
CA ILE O 92 -11.36 2.39 -35.21
C ILE O 92 -11.08 1.24 -34.26
N ARG O 93 -10.77 0.08 -34.84
CA ARG O 93 -10.37 -1.10 -34.09
C ARG O 93 -8.98 -1.51 -34.53
N VAL O 94 -8.11 -1.81 -33.58
CA VAL O 94 -6.76 -2.27 -33.85
C VAL O 94 -6.60 -3.67 -33.27
N LYS O 95 -6.10 -4.59 -34.07
CA LYS O 95 -5.93 -5.98 -33.67
C LYS O 95 -4.48 -6.39 -33.83
N VAL O 96 -3.95 -7.08 -32.83
CA VAL O 96 -2.61 -7.64 -32.87
C VAL O 96 -2.70 -9.10 -32.46
N GLN O 97 -1.93 -9.95 -33.14
CA GLN O 97 -1.88 -11.37 -32.85
C GLN O 97 -0.76 -11.64 -31.86
N VAL O 98 -1.07 -12.37 -30.80
CA VAL O 98 -0.14 -12.62 -29.71
C VAL O 98 -0.05 -14.12 -29.46
N ARG O 99 1.17 -14.61 -29.34
CA ARG O 99 1.39 -16.00 -28.97
C ARG O 99 1.29 -16.18 -27.47
N GLU O 100 0.98 -17.40 -27.07
CA GLU O 100 0.97 -17.73 -25.65
C GLU O 100 2.35 -17.56 -25.06
N ASP O 101 2.44 -16.89 -23.91
CA ASP O 101 3.65 -16.55 -23.18
C ASP O 101 4.40 -15.37 -23.80
N GLU O 102 3.99 -14.87 -24.95
CA GLU O 102 4.55 -13.63 -25.49
C GLU O 102 4.08 -12.45 -24.64
N LEU O 103 4.96 -11.47 -24.48
CA LEU O 103 4.62 -10.25 -23.75
C LEU O 103 4.09 -9.19 -24.70
N VAL O 104 3.09 -8.46 -24.24
CA VAL O 104 2.47 -7.36 -24.98
C VAL O 104 2.90 -6.06 -24.34
N PRO O 105 3.42 -5.09 -25.09
CA PRO O 105 3.76 -3.81 -24.47
C PRO O 105 2.52 -3.10 -23.92
N SER O 106 2.69 -2.45 -22.79
CA SER O 106 1.57 -1.80 -22.12
C SER O 106 1.27 -0.45 -22.76
N LEU O 107 -0.02 -0.09 -22.75
CA LEU O 107 -0.50 1.15 -23.31
C LEU O 107 -0.69 2.24 -22.26
N ILE O 108 -0.33 1.99 -21.00
CA ILE O 108 -0.60 2.94 -19.94
C ILE O 108 0.17 4.24 -20.13
N GLY O 109 1.27 4.21 -20.87
CA GLY O 109 1.98 5.45 -21.15
C GLY O 109 1.16 6.41 -21.99
N VAL O 110 0.32 5.86 -22.87
CA VAL O 110 -0.54 6.66 -23.73
C VAL O 110 -1.88 6.95 -23.07
N PHE O 111 -2.53 5.91 -22.57
CA PHE O 111 -3.84 6.04 -21.93
C PHE O 111 -3.73 5.54 -20.50
N PRO O 112 -3.79 6.42 -19.49
CA PRO O 112 -3.78 5.91 -18.11
C PRO O 112 -4.89 4.93 -17.82
N GLY O 113 -6.04 5.06 -18.52
CA GLY O 113 -7.16 4.17 -18.33
C GLY O 113 -6.99 2.80 -18.95
N ALA O 114 -5.92 2.57 -19.70
CA ALA O 114 -5.63 1.23 -20.18
C ALA O 114 -5.23 0.29 -19.05
N ASN O 115 -4.95 0.83 -17.86
CA ASN O 115 -4.37 0.02 -16.79
C ASN O 115 -5.30 -1.12 -16.38
N TRP O 116 -6.59 -0.84 -16.17
CA TRP O 116 -7.49 -1.87 -15.71
C TRP O 116 -7.83 -2.87 -16.81
N TYR O 117 -7.92 -2.40 -18.06
CA TYR O 117 -8.24 -3.31 -19.15
C TYR O 117 -7.14 -4.35 -19.33
N GLU O 118 -5.88 -3.95 -19.16
CA GLU O 118 -4.79 -4.90 -19.29
C GLU O 118 -4.75 -5.86 -18.13
N ARG O 119 -5.13 -5.40 -16.94
CA ARG O 119 -5.29 -6.33 -15.82
C ARG O 119 -6.37 -7.35 -16.12
N GLU O 120 -7.47 -6.93 -16.72
CA GLU O 120 -8.54 -7.87 -17.06
C GLU O 120 -8.08 -8.87 -18.10
N VAL O 121 -7.35 -8.43 -19.12
CA VAL O 121 -6.82 -9.37 -20.10
C VAL O 121 -5.87 -10.34 -19.43
N PHE O 122 -4.98 -9.84 -18.58
CA PHE O 122 -4.07 -10.70 -17.86
C PHE O 122 -4.82 -11.69 -16.98
N ASP O 123 -5.86 -11.23 -16.30
CA ASP O 123 -6.62 -12.12 -15.41
C ASP O 123 -7.35 -13.20 -16.20
N LEU O 124 -8.10 -12.80 -17.23
CA LEU O 124 -9.00 -13.73 -17.90
C LEU O 124 -8.36 -14.50 -19.04
N PHE O 125 -7.22 -14.05 -19.55
CA PHE O 125 -6.55 -14.76 -20.63
C PHE O 125 -5.13 -15.19 -20.30
N GLY O 126 -4.51 -14.61 -19.28
CA GLY O 126 -3.17 -15.00 -18.92
C GLY O 126 -2.08 -14.34 -19.73
N ILE O 127 -2.41 -13.27 -20.45
CA ILE O 127 -1.44 -12.53 -21.24
C ILE O 127 -0.78 -11.49 -20.34
N LEU O 128 0.54 -11.51 -20.29
CA LEU O 128 1.29 -10.54 -19.51
C LEU O 128 1.59 -9.31 -20.35
N PHE O 129 1.58 -8.15 -19.70
CA PHE O 129 1.94 -6.90 -20.33
C PHE O 129 3.23 -6.39 -19.71
N SER O 130 4.15 -5.96 -20.57
CA SER O 130 5.39 -5.36 -20.11
C SER O 130 5.20 -3.86 -19.96
N GLY O 131 5.86 -3.28 -18.97
CA GLY O 131 5.70 -1.87 -18.69
C GLY O 131 4.47 -1.52 -17.90
N HIS O 132 3.87 -2.47 -17.21
CA HIS O 132 2.66 -2.24 -16.42
C HIS O 132 3.05 -2.03 -14.97
N SER O 133 2.55 -0.94 -14.38
CA SER O 133 2.95 -0.60 -13.02
C SER O 133 2.32 -1.53 -11.99
N ASP O 134 1.06 -1.93 -12.20
CA ASP O 134 0.31 -2.71 -11.22
C ASP O 134 -0.39 -3.86 -11.94
N LEU O 135 0.32 -4.94 -12.21
CA LEU O 135 -0.23 -6.06 -12.98
C LEU O 135 -0.59 -7.19 -12.03
N ARG O 136 -1.87 -7.29 -11.69
CA ARG O 136 -2.38 -8.32 -10.82
C ARG O 136 -3.81 -8.64 -11.24
N ARG O 137 -4.31 -9.77 -10.78
CA ARG O 137 -5.68 -10.15 -11.09
C ARG O 137 -6.65 -9.10 -10.57
N ILE O 138 -7.71 -8.87 -11.33
CA ILE O 138 -8.64 -7.80 -11.02
C ILE O 138 -10.08 -8.30 -10.83
N LEU O 139 -10.46 -9.42 -11.45
CA LEU O 139 -11.83 -9.89 -11.39
C LEU O 139 -12.02 -11.23 -10.70
N THR O 140 -11.02 -12.10 -10.69
CA THR O 140 -11.16 -13.40 -10.06
C THR O 140 -10.74 -13.33 -8.60
N ASP O 141 -11.04 -14.40 -7.87
CA ASP O 141 -10.74 -14.47 -6.45
C ASP O 141 -9.23 -14.48 -6.22
N TYR O 142 -8.82 -14.12 -5.01
CA TYR O 142 -7.42 -14.06 -4.67
C TYR O 142 -6.78 -15.45 -4.75
N GLY O 143 -5.68 -15.56 -5.47
CA GLY O 143 -5.02 -16.83 -5.67
C GLY O 143 -5.72 -17.77 -6.63
N PHE O 144 -6.56 -17.25 -7.51
CA PHE O 144 -7.26 -18.08 -8.49
C PHE O 144 -6.26 -18.78 -9.42
N ARG O 145 -6.54 -20.04 -9.71
CA ARG O 145 -5.71 -20.81 -10.63
C ARG O 145 -6.40 -20.86 -12.00
N GLY O 146 -5.69 -20.39 -13.02
CA GLY O 146 -6.16 -20.49 -14.38
C GLY O 146 -6.68 -19.17 -14.93
N HIS O 147 -7.10 -19.23 -16.18
CA HIS O 147 -7.55 -18.05 -16.91
C HIS O 147 -8.87 -18.40 -17.58
N PRO O 148 -9.99 -18.00 -16.98
CA PRO O 148 -11.28 -18.60 -17.37
C PRO O 148 -11.73 -18.34 -18.79
N LEU O 149 -11.33 -17.25 -19.44
CA LEU O 149 -11.84 -16.98 -20.78
C LEU O 149 -11.06 -17.68 -21.87
N ARG O 150 -10.04 -18.47 -21.53
CA ARG O 150 -9.46 -19.37 -22.52
C ARG O 150 -10.45 -20.47 -22.87
N LYS O 151 -10.49 -20.86 -24.14
CA LYS O 151 -11.48 -21.82 -24.58
C LYS O 151 -11.31 -23.18 -23.92
N ASP O 152 -10.14 -23.48 -23.36
CA ASP O 152 -9.88 -24.76 -22.75
C ASP O 152 -10.04 -24.74 -21.23
N PHE O 153 -10.53 -23.67 -20.67
CA PHE O 153 -10.90 -23.62 -19.26
C PHE O 153 -12.39 -23.96 -19.12
N PRO O 154 -12.77 -24.87 -18.22
CA PRO O 154 -14.19 -25.21 -18.10
C PRO O 154 -15.03 -24.04 -17.62
N THR O 155 -16.30 -24.04 -18.02
CA THR O 155 -17.23 -22.99 -17.60
C THR O 155 -17.34 -22.94 -16.08
N THR O 156 -17.47 -24.10 -15.44
CA THR O 156 -17.63 -24.17 -14.00
C THR O 156 -16.31 -24.18 -13.26
N GLY O 157 -15.18 -24.15 -13.97
CA GLY O 157 -13.90 -24.15 -13.30
C GLY O 157 -13.61 -25.48 -12.66
N TYR O 158 -12.75 -25.44 -11.64
CA TYR O 158 -12.29 -26.65 -10.97
C TYR O 158 -12.60 -26.68 -9.49
N VAL O 159 -12.73 -25.54 -8.83
CA VAL O 159 -12.88 -25.50 -7.38
C VAL O 159 -14.08 -24.64 -7.04
N GLU O 160 -14.64 -24.89 -5.86
CA GLU O 160 -15.77 -24.15 -5.32
C GLU O 160 -15.54 -23.94 -3.83
N VAL O 161 -16.20 -22.95 -3.27
CA VAL O 161 -16.01 -22.58 -1.87
C VAL O 161 -17.16 -23.12 -1.05
N ARG O 162 -16.88 -23.33 0.23
CA ARG O 162 -17.86 -23.72 1.22
C ARG O 162 -17.37 -23.25 2.58
N TRP O 163 -18.29 -22.91 3.46
CA TRP O 163 -17.93 -22.61 4.83
C TRP O 163 -17.76 -23.92 5.59
N SER O 164 -16.60 -24.09 6.20
CA SER O 164 -16.27 -25.28 6.97
C SER O 164 -16.44 -24.97 8.45
N ASP O 165 -17.28 -25.76 9.12
CA ASP O 165 -17.43 -25.59 10.56
C ASP O 165 -16.18 -26.03 11.31
N ILE O 166 -15.40 -26.94 10.73
CA ILE O 166 -14.18 -27.40 11.39
C ILE O 166 -13.12 -26.30 11.38
N GLU O 167 -12.84 -25.72 10.23
CA GLU O 167 -11.84 -24.67 10.13
C GLU O 167 -12.39 -23.31 10.51
N LYS O 168 -13.70 -23.17 10.61
CA LYS O 168 -14.34 -21.88 10.83
C LYS O 168 -13.90 -20.89 9.76
N ARG O 169 -13.77 -21.36 8.53
CA ARG O 169 -13.34 -20.56 7.41
C ARG O 169 -14.14 -20.97 6.18
N VAL O 170 -14.14 -20.08 5.19
CA VAL O 170 -14.63 -20.41 3.86
C VAL O 170 -13.46 -21.02 3.10
N VAL O 171 -13.56 -22.31 2.77
CA VAL O 171 -12.46 -23.04 2.18
C VAL O 171 -12.83 -23.47 0.77
N TYR O 172 -11.82 -23.75 -0.03
CA TYR O 172 -12.05 -24.28 -1.36
C TYR O 172 -12.11 -25.80 -1.32
N GLU O 173 -12.91 -26.36 -2.23
CA GLU O 173 -13.05 -27.80 -2.40
C GLU O 173 -13.20 -28.07 -3.88
N PRO O 174 -12.93 -29.29 -4.32
CA PRO O 174 -13.16 -29.63 -5.73
C PRO O 174 -14.63 -29.53 -6.08
N VAL O 175 -14.91 -29.16 -7.33
CA VAL O 175 -16.27 -28.92 -7.76
C VAL O 175 -17.04 -30.23 -7.78
N ASN O 176 -18.25 -30.22 -7.21
CA ASN O 176 -19.18 -31.32 -7.30
C ASN O 176 -20.55 -30.75 -7.65
N LEU O 177 -21.07 -31.09 -8.81
CA LEU O 177 -22.33 -30.56 -9.30
C LEU O 177 -23.43 -31.58 -9.07
N VAL O 178 -24.51 -31.15 -8.40
CA VAL O 178 -25.65 -32.02 -8.21
C VAL O 178 -26.28 -32.36 -9.56
N GLN O 179 -26.35 -31.40 -10.46
CA GLN O 179 -26.75 -31.63 -11.84
C GLN O 179 -25.64 -31.15 -12.75
N GLU O 180 -25.11 -32.05 -13.56
CA GLU O 180 -23.99 -31.67 -14.42
C GLU O 180 -24.45 -30.71 -15.51
N TYR O 181 -23.55 -29.82 -15.89
CA TYR O 181 -23.82 -28.86 -16.95
C TYR O 181 -24.23 -29.59 -18.22
N ARG O 182 -25.32 -29.15 -18.83
CA ARG O 182 -25.81 -29.71 -20.07
C ARG O 182 -25.47 -28.74 -21.18
N GLN O 183 -24.84 -29.24 -22.24
CA GLN O 183 -24.43 -28.42 -23.38
C GLN O 183 -25.10 -28.98 -24.62
N PHE O 184 -26.29 -28.49 -24.90
CA PHE O 184 -27.04 -28.94 -26.06
C PHE O 184 -26.34 -28.53 -27.36
N ASP O 185 -26.41 -29.40 -28.36
CA ASP O 185 -25.86 -29.13 -29.68
C ASP O 185 -27.02 -29.08 -30.66
N PHE O 186 -27.44 -27.87 -31.02
CA PHE O 186 -28.57 -27.66 -31.91
C PHE O 186 -28.17 -27.50 -33.36
N LEU O 187 -26.89 -27.27 -33.64
CA LEU O 187 -26.50 -26.75 -34.94
C LEU O 187 -26.87 -27.72 -36.06
N SER O 188 -27.50 -27.19 -37.09
CA SER O 188 -28.01 -27.95 -38.20
C SER O 188 -26.89 -28.33 -39.17
N PRO O 189 -26.98 -29.49 -39.81
CA PRO O 189 -26.00 -29.86 -40.85
C PRO O 189 -26.24 -29.21 -42.21
N TRP O 190 -27.11 -28.22 -42.31
CA TRP O 190 -27.37 -27.52 -43.57
C TRP O 190 -26.97 -26.06 -43.42
N GLU O 191 -26.05 -25.61 -44.28
CA GLU O 191 -25.59 -24.23 -44.22
C GLU O 191 -26.59 -23.27 -44.84
N GLY O 192 -27.28 -23.69 -45.87
CA GLY O 192 -28.09 -22.79 -46.69
C GLY O 192 -27.27 -22.25 -47.85
N ALA O 193 -27.97 -21.51 -48.70
CA ALA O 193 -27.38 -20.99 -49.93
C ALA O 193 -27.05 -19.51 -49.78
N LYS O 194 -26.08 -19.07 -50.57
CA LYS O 194 -25.74 -17.66 -50.72
C LYS O 194 -26.17 -17.25 -52.12
N TYR O 195 -27.39 -16.73 -52.23
CA TYR O 195 -27.93 -16.39 -53.53
C TYR O 195 -27.31 -15.11 -54.07
N VAL O 196 -27.10 -15.08 -55.38
CA VAL O 196 -26.42 -13.99 -56.05
C VAL O 196 -27.41 -12.91 -56.44
N PHE P 28 -49.93 -19.31 31.90
CA PHE P 28 -48.60 -19.88 32.00
C PHE P 28 -47.57 -18.73 31.94
N LEU P 29 -46.33 -19.02 32.33
CA LEU P 29 -45.30 -17.99 32.41
C LEU P 29 -44.28 -18.06 31.28
N LEU P 30 -43.73 -19.24 31.01
CA LEU P 30 -42.62 -19.32 30.06
C LEU P 30 -43.08 -19.16 28.62
N THR P 31 -44.17 -19.81 28.22
CA THR P 31 -44.67 -19.64 26.86
C THR P 31 -45.11 -18.21 26.61
N THR P 32 -45.81 -17.61 27.57
CA THR P 32 -46.19 -16.21 27.42
C THR P 32 -44.97 -15.30 27.47
N THR P 33 -43.91 -15.72 28.18
CA THR P 33 -42.67 -14.96 28.13
C THR P 33 -42.06 -15.03 26.74
N GLU P 34 -42.01 -16.21 26.14
CA GLU P 34 -41.51 -16.34 24.78
C GLU P 34 -42.39 -15.56 23.81
N ASP P 35 -43.70 -15.56 24.02
CA ASP P 35 -44.57 -14.79 23.14
C ASP P 35 -44.21 -13.31 23.18
N ILE P 36 -43.93 -12.78 24.37
CA ILE P 36 -43.52 -11.38 24.47
C ILE P 36 -42.17 -11.18 23.78
N ILE P 37 -41.23 -12.09 23.98
CA ILE P 37 -39.95 -11.98 23.32
C ILE P 37 -40.12 -12.05 21.81
N ASN P 38 -40.92 -13.00 21.33
CA ASN P 38 -41.16 -13.09 19.90
C ASN P 38 -41.90 -11.87 19.37
N TRP P 39 -42.78 -11.29 20.19
CA TRP P 39 -43.48 -10.08 19.77
C TRP P 39 -42.51 -8.92 19.62
N ALA P 40 -41.60 -8.74 20.60
CA ALA P 40 -40.63 -7.66 20.50
C ALA P 40 -39.66 -7.87 19.35
N ARG P 41 -39.23 -9.12 19.14
CA ARG P 41 -38.26 -9.38 18.09
C ARG P 41 -38.87 -9.25 16.71
N ASN P 42 -40.14 -9.63 16.55
CA ASN P 42 -40.80 -9.46 15.27
C ASN P 42 -41.09 -7.99 14.99
N GLY P 43 -41.45 -7.22 16.01
CA GLY P 43 -41.83 -5.83 15.82
C GLY P 43 -40.66 -4.88 15.69
N SER P 44 -39.45 -5.35 15.95
CA SER P 44 -38.25 -4.53 15.91
C SER P 44 -37.14 -5.25 15.17
N LEU P 45 -37.45 -5.73 13.97
CA LEU P 45 -36.53 -6.56 13.19
C LEU P 45 -35.66 -5.66 12.33
N HIS P 46 -34.43 -5.41 12.77
CA HIS P 46 -33.54 -4.49 12.08
C HIS P 46 -32.62 -5.27 11.16
N TRP P 47 -32.49 -4.82 9.91
CA TRP P 47 -31.74 -5.54 8.90
C TRP P 47 -30.50 -4.76 8.50
N MET P 48 -29.42 -5.50 8.28
CA MET P 48 -28.15 -4.91 7.88
C MET P 48 -28.26 -4.31 6.48
N THR P 49 -27.68 -3.12 6.30
CA THR P 49 -27.61 -2.47 5.00
C THR P 49 -26.63 -3.25 4.14
N PHE P 50 -27.14 -4.17 3.33
CA PHE P 50 -26.28 -5.15 2.65
C PHE P 50 -27.02 -5.63 1.41
N GLY P 51 -26.62 -5.10 0.25
CA GLY P 51 -27.21 -5.50 -1.00
C GLY P 51 -26.14 -5.82 -2.02
N LEU P 52 -26.23 -6.96 -2.68
CA LEU P 52 -25.13 -7.39 -3.53
C LEU P 52 -25.34 -7.02 -5.00
N ALA P 53 -26.55 -7.16 -5.51
CA ALA P 53 -26.80 -7.01 -6.95
C ALA P 53 -28.22 -6.50 -7.17
N CYS P 54 -28.74 -6.72 -8.37
CA CYS P 54 -30.10 -6.36 -8.74
C CYS P 54 -31.21 -6.87 -7.83
N CYS P 55 -30.98 -7.82 -6.93
CA CYS P 55 -32.01 -8.06 -5.93
C CYS P 55 -32.07 -6.91 -4.93
N ALA P 56 -30.99 -6.13 -4.81
CA ALA P 56 -30.99 -5.01 -3.88
C ALA P 56 -31.87 -3.88 -4.36
N VAL P 57 -32.09 -3.76 -5.67
CA VAL P 57 -32.96 -2.72 -6.19
C VAL P 57 -34.39 -2.94 -5.70
N GLU P 58 -34.88 -4.18 -5.78
CA GLU P 58 -36.23 -4.45 -5.31
C GLU P 58 -36.30 -4.40 -3.79
N MET P 59 -35.25 -4.81 -3.10
CA MET P 59 -35.22 -4.66 -1.65
C MET P 59 -35.34 -3.19 -1.28
N MET P 60 -34.69 -2.32 -2.03
CA MET P 60 -34.81 -0.89 -1.76
C MET P 60 -36.23 -0.40 -1.98
N GLN P 61 -36.87 -0.84 -3.06
CA GLN P 61 -38.26 -0.44 -3.31
C GLN P 61 -39.17 -0.88 -2.17
N THR P 62 -38.82 -1.97 -1.47
CA THR P 62 -39.64 -2.44 -0.36
C THR P 62 -39.65 -1.42 0.78
N SER P 63 -38.59 -0.64 0.93
CA SER P 63 -38.53 0.38 1.96
C SER P 63 -39.03 1.74 1.48
N MET P 64 -39.38 1.87 0.20
CA MET P 64 -39.79 3.14 -0.36
C MET P 64 -41.29 3.33 -0.15
N PRO P 65 -41.83 4.52 -0.45
CA PRO P 65 -43.18 4.86 0.01
C PRO P 65 -44.27 3.87 -0.36
N ARG P 66 -44.21 3.25 -1.54
CA ARG P 66 -45.29 2.36 -1.95
C ARG P 66 -45.49 1.23 -0.94
N TYR P 67 -44.43 0.77 -0.32
CA TYR P 67 -44.51 -0.37 0.59
C TYR P 67 -44.10 -0.04 2.00
N ASP P 68 -43.11 0.82 2.18
CA ASP P 68 -42.77 1.35 3.50
C ASP P 68 -42.52 0.22 4.50
N LEU P 69 -41.48 -0.57 4.22
CA LEU P 69 -41.12 -1.66 5.11
C LEU P 69 -40.94 -1.19 6.54
N GLU P 70 -40.42 0.03 6.72
CA GLU P 70 -40.15 0.52 8.06
C GLU P 70 -41.40 0.68 8.90
N ARG P 71 -42.58 0.79 8.29
CA ARG P 71 -43.80 0.88 9.08
C ARG P 71 -44.09 -0.38 9.87
N PHE P 72 -43.44 -1.49 9.53
CA PHE P 72 -43.53 -2.72 10.31
C PHE P 72 -42.54 -2.76 11.47
N GLY P 73 -41.75 -1.70 11.65
CA GLY P 73 -40.65 -1.73 12.58
C GLY P 73 -39.39 -2.34 12.03
N THR P 74 -39.38 -2.71 10.76
CA THR P 74 -38.25 -3.37 10.12
C THR P 74 -37.38 -2.30 9.47
N ALA P 75 -36.39 -1.82 10.21
CA ALA P 75 -35.59 -0.67 9.80
C ALA P 75 -34.16 -1.08 9.46
N PRO P 76 -33.51 -0.38 8.54
CA PRO P 76 -32.13 -0.72 8.20
C PRO P 76 -31.15 -0.26 9.27
N ARG P 77 -30.06 -1.02 9.42
CA ARG P 77 -28.97 -0.66 10.31
C ARG P 77 -27.66 -0.87 9.57
N ALA P 78 -26.79 0.13 9.62
CA ALA P 78 -25.56 0.07 8.85
C ALA P 78 -24.59 -0.97 9.41
N SER P 79 -24.59 -1.17 10.72
CA SER P 79 -23.58 -2.00 11.37
C SER P 79 -24.13 -3.37 11.73
N PRO P 80 -23.40 -4.46 11.50
CA PRO P 80 -23.90 -5.77 11.94
C PRO P 80 -24.12 -5.88 13.44
N ARG P 81 -23.38 -5.12 14.24
CA ARG P 81 -23.57 -5.16 15.68
C ARG P 81 -24.97 -4.73 16.10
N GLN P 82 -25.69 -4.01 15.23
CA GLN P 82 -27.06 -3.58 15.51
C GLN P 82 -28.08 -4.25 14.62
N SER P 83 -27.72 -5.34 13.95
CA SER P 83 -28.60 -5.99 12.99
C SER P 83 -29.07 -7.33 13.55
N ASP P 84 -30.35 -7.62 13.36
CA ASP P 84 -30.92 -8.92 13.68
C ASP P 84 -31.15 -9.77 12.45
N LEU P 85 -31.25 -9.15 11.28
CA LEU P 85 -31.64 -9.83 10.05
C LEU P 85 -30.67 -9.48 8.95
N MET P 86 -30.19 -10.50 8.24
CA MET P 86 -29.40 -10.31 7.04
C MET P 86 -30.24 -10.78 5.86
N ILE P 87 -30.42 -9.90 4.87
CA ILE P 87 -31.08 -10.27 3.63
C ILE P 87 -29.99 -10.39 2.57
N VAL P 88 -29.70 -11.61 2.15
CA VAL P 88 -28.72 -11.86 1.10
C VAL P 88 -29.42 -11.57 -0.22
N ALA P 89 -29.26 -10.35 -0.73
CA ALA P 89 -30.00 -9.87 -1.88
C ALA P 89 -29.02 -9.72 -3.03
N GLY P 90 -28.76 -10.81 -3.72
CA GLY P 90 -27.92 -10.77 -4.89
C GLY P 90 -26.97 -11.93 -5.00
N THR P 91 -26.22 -11.97 -6.09
CA THR P 91 -25.30 -13.07 -6.33
C THR P 91 -24.17 -13.04 -5.33
N LEU P 92 -23.84 -14.19 -4.77
CA LEU P 92 -22.69 -14.35 -3.89
C LEU P 92 -21.58 -15.02 -4.69
N THR P 93 -20.52 -14.27 -4.95
CA THR P 93 -19.36 -14.81 -5.64
C THR P 93 -18.39 -15.44 -4.63
N ASN P 94 -17.47 -16.24 -5.15
CA ASN P 94 -16.46 -16.85 -4.29
C ASN P 94 -15.61 -15.80 -3.61
N LYS P 95 -15.26 -14.74 -4.33
CA LYS P 95 -14.45 -13.68 -3.75
C LYS P 95 -15.18 -12.96 -2.62
N MET P 96 -16.51 -12.87 -2.72
CA MET P 96 -17.30 -12.18 -1.71
C MET P 96 -17.67 -13.06 -0.53
N ALA P 97 -17.67 -14.38 -0.70
CA ALA P 97 -18.19 -15.26 0.33
C ALA P 97 -17.54 -15.05 1.70
N PRO P 98 -16.21 -14.89 1.83
CA PRO P 98 -15.65 -14.63 3.16
C PRO P 98 -16.15 -13.35 3.80
N ALA P 99 -16.39 -12.31 3.02
CA ALA P 99 -16.86 -11.05 3.58
C ALA P 99 -18.29 -11.17 4.09
N LEU P 100 -19.16 -11.87 3.37
CA LEU P 100 -20.51 -12.11 3.86
C LEU P 100 -20.49 -12.93 5.14
N ARG P 101 -19.65 -13.96 5.20
CA ARG P 101 -19.57 -14.77 6.41
C ARG P 101 -19.09 -13.94 7.59
N LYS P 102 -18.12 -13.07 7.36
CA LYS P 102 -17.56 -12.26 8.44
C LYS P 102 -18.62 -11.36 9.07
N VAL P 103 -19.37 -10.62 8.25
CA VAL P 103 -20.35 -9.70 8.81
C VAL P 103 -21.51 -10.45 9.44
N TYR P 104 -21.84 -11.62 8.92
CA TYR P 104 -22.80 -12.48 9.60
C TYR P 104 -22.27 -12.93 10.96
N ASP P 105 -20.99 -13.29 11.01
CA ASP P 105 -20.39 -13.72 12.28
C ASP P 105 -20.39 -12.58 13.29
N GLN P 106 -20.39 -11.35 12.82
CA GLN P 106 -20.37 -10.19 13.71
C GLN P 106 -21.76 -9.68 14.05
N MET P 107 -22.80 -10.36 13.62
CA MET P 107 -24.15 -10.09 14.09
C MET P 107 -24.32 -10.70 15.48
N PRO P 108 -24.78 -9.96 16.48
CA PRO P 108 -25.09 -10.58 17.76
C PRO P 108 -26.33 -11.45 17.66
N GLU P 109 -26.43 -12.34 18.51
CA GLU P 109 -27.54 -13.26 18.43
C GLU P 109 -28.74 -12.75 19.22
N PRO P 110 -29.96 -13.08 18.79
CA PRO P 110 -30.33 -13.90 17.63
C PRO P 110 -30.06 -13.22 16.31
N ARG P 111 -29.75 -14.00 15.28
CA ARG P 111 -29.59 -13.47 13.94
C ARG P 111 -30.34 -14.37 12.96
N TYR P 112 -31.03 -13.73 12.02
CA TYR P 112 -31.83 -14.45 11.03
C TYR P 112 -31.31 -14.09 9.65
N VAL P 113 -31.50 -15.00 8.71
CA VAL P 113 -31.04 -14.81 7.34
C VAL P 113 -32.19 -15.10 6.39
N ILE P 114 -32.45 -14.19 5.46
CA ILE P 114 -33.36 -14.41 4.36
C ILE P 114 -32.54 -14.49 3.08
N SER P 115 -32.75 -15.55 2.31
CA SER P 115 -32.16 -15.69 1.00
C SER P 115 -33.15 -15.14 -0.03
N MET P 116 -32.76 -14.09 -0.74
CA MET P 116 -33.64 -13.40 -1.66
C MET P 116 -33.14 -13.59 -3.09
N GLY P 117 -33.94 -14.27 -3.91
CA GLY P 117 -33.69 -14.34 -5.33
C GLY P 117 -32.92 -15.58 -5.74
N SER P 118 -32.94 -15.84 -7.05
CA SER P 118 -32.39 -17.09 -7.55
C SER P 118 -30.90 -17.21 -7.25
N CYS P 119 -30.12 -16.16 -7.45
CA CYS P 119 -28.68 -16.28 -7.24
C CYS P 119 -28.38 -16.72 -5.82
N ALA P 120 -28.97 -16.04 -4.84
CA ALA P 120 -28.72 -16.39 -3.45
C ALA P 120 -29.35 -17.72 -3.08
N ASN P 121 -30.51 -18.02 -3.66
CA ASN P 121 -31.21 -19.26 -3.35
C ASN P 121 -30.41 -20.48 -3.82
N GLY P 122 -29.97 -20.47 -5.07
CA GLY P 122 -29.27 -21.63 -5.61
C GLY P 122 -28.21 -21.36 -6.66
N GLY P 123 -27.86 -20.10 -6.89
CA GLY P 123 -26.94 -19.75 -7.94
C GLY P 123 -27.59 -19.14 -9.17
N GLY P 124 -28.86 -19.45 -9.42
CA GLY P 124 -29.61 -18.77 -10.46
C GLY P 124 -29.00 -18.91 -11.84
N TYR P 125 -28.98 -17.79 -12.56
CA TYR P 125 -28.48 -17.69 -13.92
C TYR P 125 -26.99 -17.96 -14.03
N TYR P 126 -26.27 -17.89 -12.92
CA TYR P 126 -24.83 -18.08 -12.87
C TYR P 126 -24.47 -19.35 -12.11
N HIS P 127 -25.40 -20.30 -12.05
CA HIS P 127 -25.20 -21.50 -11.27
C HIS P 127 -23.98 -22.28 -11.74
N TYR P 128 -23.73 -22.30 -13.04
CA TYR P 128 -22.64 -23.11 -13.59
C TYR P 128 -21.38 -22.31 -13.81
N SER P 129 -21.24 -21.16 -13.16
CA SER P 129 -20.06 -20.32 -13.30
C SER P 129 -18.93 -20.79 -12.39
N TYR P 130 -17.71 -20.38 -12.76
CA TYR P 130 -16.52 -20.73 -11.99
C TYR P 130 -16.32 -19.84 -10.77
N SER P 131 -17.04 -18.72 -10.68
CA SER P 131 -16.75 -17.71 -9.67
C SER P 131 -17.93 -17.43 -8.75
N VAL P 132 -18.94 -18.29 -8.74
CA VAL P 132 -20.19 -18.02 -8.04
C VAL P 132 -20.45 -19.12 -7.03
N VAL P 133 -20.92 -18.74 -5.84
CA VAL P 133 -21.39 -19.70 -4.86
C VAL P 133 -22.78 -20.17 -5.27
N ARG P 134 -22.96 -21.49 -5.37
CA ARG P 134 -24.22 -22.05 -5.81
C ARG P 134 -25.18 -22.15 -4.62
N GLY P 135 -25.61 -20.98 -4.16
CA GLY P 135 -26.53 -20.88 -3.04
C GLY P 135 -25.85 -20.37 -1.78
N CYS P 136 -26.40 -19.32 -1.19
CA CYS P 136 -25.80 -18.71 -0.01
C CYS P 136 -25.90 -19.59 1.22
N ASP P 137 -26.71 -20.66 1.18
CA ASP P 137 -26.75 -21.57 2.31
C ASP P 137 -25.50 -22.45 2.40
N ARG P 138 -24.59 -22.35 1.43
CA ARG P 138 -23.28 -22.96 1.60
C ARG P 138 -22.37 -22.15 2.51
N ILE P 139 -22.74 -20.91 2.82
CA ILE P 139 -21.93 -20.02 3.64
C ILE P 139 -22.59 -19.77 4.99
N VAL P 140 -23.87 -19.41 5.00
CA VAL P 140 -24.58 -19.07 6.23
C VAL P 140 -25.89 -19.85 6.30
N PRO P 141 -26.40 -20.17 7.49
CA PRO P 141 -27.71 -20.80 7.58
C PRO P 141 -28.82 -19.84 7.16
N VAL P 142 -29.85 -20.38 6.53
CA VAL P 142 -30.92 -19.56 5.97
C VAL P 142 -32.24 -19.93 6.63
N ASP P 143 -33.04 -18.90 6.92
CA ASP P 143 -34.36 -19.08 7.52
C ASP P 143 -35.48 -19.10 6.49
N ILE P 144 -35.43 -18.20 5.51
CA ILE P 144 -36.48 -18.09 4.48
C ILE P 144 -35.80 -17.95 3.13
N TYR P 145 -36.38 -18.59 2.12
CA TYR P 145 -35.99 -18.40 0.73
C TYR P 145 -37.11 -17.69 0.00
N VAL P 146 -36.79 -16.59 -0.65
CA VAL P 146 -37.75 -15.83 -1.44
C VAL P 146 -37.46 -16.09 -2.92
N PRO P 147 -38.37 -16.68 -3.66
CA PRO P 147 -38.12 -16.95 -5.08
C PRO P 147 -38.40 -15.76 -5.97
N GLY P 148 -37.72 -15.75 -7.11
CA GLY P 148 -37.87 -14.70 -8.10
C GLY P 148 -36.50 -14.24 -8.56
N CYS P 149 -36.49 -13.51 -9.66
CA CYS P 149 -35.25 -13.00 -10.25
C CYS P 149 -35.52 -11.66 -10.92
N PRO P 150 -35.69 -10.60 -10.13
CA PRO P 150 -35.77 -10.54 -8.67
C PRO P 150 -37.16 -10.87 -8.17
N PRO P 151 -37.33 -11.23 -6.92
CA PRO P 151 -38.66 -11.17 -6.31
C PRO P 151 -39.16 -9.74 -6.36
N THR P 152 -40.45 -9.56 -6.56
CA THR P 152 -40.97 -8.21 -6.51
C THR P 152 -40.86 -7.67 -5.09
N ALA P 153 -40.91 -6.34 -4.98
CA ALA P 153 -40.85 -5.72 -3.65
C ALA P 153 -41.91 -6.33 -2.74
N GLU P 154 -43.07 -6.65 -3.28
CA GLU P 154 -44.13 -7.27 -2.49
C GLU P 154 -43.79 -8.71 -2.12
N ALA P 155 -43.14 -9.44 -3.02
CA ALA P 155 -42.74 -10.81 -2.71
C ALA P 155 -41.76 -10.84 -1.56
N LEU P 156 -40.80 -9.90 -1.54
CA LEU P 156 -39.88 -9.83 -0.42
C LEU P 156 -40.61 -9.50 0.88
N LEU P 157 -41.55 -8.56 0.82
CA LEU P 157 -42.34 -8.21 2.00
C LEU P 157 -43.10 -9.43 2.51
N TYR P 158 -43.62 -10.25 1.61
CA TYR P 158 -44.25 -11.50 2.03
C TYR P 158 -43.25 -12.41 2.72
N GLY P 159 -42.04 -12.51 2.16
CA GLY P 159 -41.03 -13.37 2.76
C GLY P 159 -40.64 -12.93 4.15
N ILE P 160 -40.56 -11.63 4.38
CA ILE P 160 -40.22 -11.11 5.70
C ILE P 160 -41.33 -11.46 6.70
N LEU P 161 -42.58 -11.42 6.27
CA LEU P 161 -43.68 -11.79 7.16
C LEU P 161 -43.73 -13.29 7.40
N GLN P 162 -43.23 -14.09 6.46
CA GLN P 162 -43.13 -15.53 6.72
C GLN P 162 -42.05 -15.83 7.75
N LEU P 163 -40.97 -15.05 7.74
CA LEU P 163 -39.99 -15.17 8.81
C LEU P 163 -40.61 -14.85 10.15
N GLN P 164 -41.47 -13.83 10.21
CA GLN P 164 -42.14 -13.51 11.47
C GLN P 164 -43.04 -14.64 11.93
N ARG P 165 -43.74 -15.31 11.01
CA ARG P 165 -44.51 -16.49 11.40
C ARG P 165 -43.63 -17.58 11.95
N ARG P 166 -42.47 -17.78 11.32
CA ARG P 166 -41.53 -18.81 11.78
C ARG P 166 -41.04 -18.51 13.19
N ILE P 167 -40.70 -17.25 13.47
CA ILE P 167 -40.25 -16.88 14.81
C ILE P 167 -41.38 -17.07 15.82
N ARG P 168 -42.58 -16.62 15.49
CA ARG P 168 -43.71 -16.85 16.39
C ARG P 168 -43.92 -18.33 16.63
N ARG P 169 -43.77 -19.15 15.60
CA ARG P 169 -44.00 -20.58 15.75
C ARG P 169 -42.93 -21.24 16.60
N THR P 170 -41.67 -20.83 16.44
CA THR P 170 -40.55 -21.55 17.03
C THR P 170 -39.61 -20.67 17.84
N GLY P 171 -39.91 -19.40 18.02
CA GLY P 171 -38.97 -18.51 18.68
C GLY P 171 -38.84 -18.80 20.16
N THR P 172 -37.61 -18.75 20.65
CA THR P 172 -37.33 -18.85 22.07
C THR P 172 -36.34 -17.75 22.44
N LEU P 173 -35.90 -17.75 23.69
CA LEU P 173 -34.92 -16.76 24.11
C LEU P 173 -33.62 -16.90 23.35
N VAL P 174 -33.24 -18.13 23.00
CA VAL P 174 -32.03 -18.33 22.20
C VAL P 174 -32.19 -17.70 20.82
N ARG P 175 -33.30 -17.98 20.15
CA ARG P 175 -33.64 -17.31 18.91
C ARG P 175 -35.10 -17.59 18.55
N MET Q 1 98.20 64.72 50.85
CA MET Q 1 99.44 63.92 50.66
C MET Q 1 99.16 62.45 50.91
N GLU Q 2 98.39 62.16 51.95
CA GLU Q 2 97.97 60.79 52.20
C GLU Q 2 96.94 60.36 51.17
N LYS Q 3 96.06 61.29 50.77
CA LYS Q 3 95.03 60.95 49.80
C LYS Q 3 95.62 60.53 48.47
N PHE Q 4 96.70 61.20 48.05
CA PHE Q 4 97.35 60.81 46.80
C PHE Q 4 97.82 59.37 46.88
N VAL Q 5 98.42 58.98 48.01
CA VAL Q 5 98.88 57.61 48.16
C VAL Q 5 97.70 56.64 48.05
N LEU Q 6 96.58 56.98 48.69
CA LEU Q 6 95.43 56.08 48.69
C LEU Q 6 94.76 56.01 47.32
N PHE Q 7 94.52 57.16 46.70
CA PHE Q 7 93.63 57.23 45.55
C PHE Q 7 94.36 57.23 44.21
N ALA Q 8 95.65 57.54 44.19
CA ALA Q 8 96.40 57.52 42.94
C ALA Q 8 96.42 56.13 42.32
N PRO Q 9 96.67 55.07 43.10
CA PRO Q 9 96.65 53.73 42.49
C PRO Q 9 95.32 53.36 41.86
N LEU Q 10 94.21 53.79 42.47
CA LEU Q 10 92.89 53.52 41.89
C LEU Q 10 92.73 54.24 40.57
N ILE Q 11 93.11 55.52 40.52
CA ILE Q 11 92.95 56.29 39.29
C ILE Q 11 93.83 55.72 38.20
N ALA Q 12 95.07 55.34 38.54
CA ALA Q 12 95.93 54.72 37.54
C ALA Q 12 95.32 53.43 37.01
N SER Q 13 94.77 52.60 37.90
CA SER Q 13 94.19 51.33 37.47
C SER Q 13 92.98 51.56 36.57
N LEU Q 14 92.14 52.54 36.90
CA LEU Q 14 91.00 52.84 36.05
C LEU Q 14 91.46 53.30 34.67
N ILE Q 15 92.49 54.14 34.61
CA ILE Q 15 92.98 54.64 33.32
C ILE Q 15 93.62 53.50 32.54
N ALA Q 16 94.45 52.70 33.21
CA ALA Q 16 95.11 51.60 32.51
C ALA Q 16 94.14 50.48 32.21
N GLY Q 17 93.27 50.15 33.15
CA GLY Q 17 92.37 49.02 32.97
C GLY Q 17 91.36 49.24 31.87
N LEU Q 18 90.76 50.44 31.83
CA LEU Q 18 89.71 50.72 30.86
C LEU Q 18 90.19 51.45 29.62
N GLY Q 19 91.25 52.24 29.72
CA GLY Q 19 91.63 53.12 28.63
C GLY Q 19 93.01 52.88 28.05
N TRP Q 20 93.56 51.67 28.25
CA TRP Q 20 94.87 51.37 27.68
C TRP Q 20 94.83 51.40 26.16
N ARG Q 21 93.67 51.14 25.55
CA ARG Q 21 93.58 51.20 24.09
C ARG Q 21 93.86 52.60 23.59
N ALA Q 22 93.32 53.61 24.26
CA ALA Q 22 93.58 54.99 23.86
C ALA Q 22 95.06 55.32 23.97
N ILE Q 23 95.72 54.87 25.04
CA ILE Q 23 97.07 55.29 25.36
C ILE Q 23 98.10 54.18 25.19
N GLY Q 24 97.70 53.01 24.72
CA GLY Q 24 98.64 51.95 24.45
C GLY Q 24 99.01 51.16 25.69
N GLU Q 25 99.44 49.91 25.50
CA GLU Q 25 99.78 49.08 26.65
C GLU Q 25 100.97 49.64 27.40
N LYS Q 26 101.98 50.13 26.69
CA LYS Q 26 103.21 50.54 27.37
C LYS Q 26 102.97 51.73 28.28
N ALA Q 27 102.21 52.72 27.82
CA ALA Q 27 101.91 53.86 28.68
C ALA Q 27 101.11 53.41 29.90
N ALA Q 28 100.21 52.45 29.72
CA ALA Q 28 99.44 51.94 30.85
C ALA Q 28 100.33 51.28 31.89
N GLN Q 29 101.26 50.43 31.44
CA GLN Q 29 102.13 49.76 32.40
C GLN Q 29 102.98 50.75 33.17
N TYR Q 30 103.56 51.73 32.48
CA TYR Q 30 104.39 52.72 33.16
C TYR Q 30 103.57 53.61 34.07
N LEU Q 31 102.35 53.94 33.66
CA LEU Q 31 101.49 54.77 34.52
C LEU Q 31 101.29 54.11 35.87
N THR Q 32 100.87 52.84 35.86
CA THR Q 32 100.64 52.13 37.11
C THR Q 32 101.94 51.94 37.87
N THR Q 33 102.98 51.46 37.18
CA THR Q 33 104.27 51.25 37.84
C THR Q 33 104.83 52.56 38.38
N GLY Q 34 104.80 53.61 37.58
CA GLY Q 34 105.34 54.88 38.02
C GLY Q 34 104.57 55.48 39.18
N VAL Q 35 103.24 55.43 39.11
CA VAL Q 35 102.42 56.01 40.18
C VAL Q 35 102.61 55.24 41.48
N LEU Q 36 102.82 53.92 41.40
CA LEU Q 36 103.10 53.16 42.62
C LEU Q 36 104.39 53.62 43.26
N PHE Q 37 105.44 53.84 42.46
CA PHE Q 37 106.72 54.25 43.03
C PHE Q 37 106.61 55.60 43.74
N LEU Q 38 105.88 56.54 43.14
CA LEU Q 38 105.71 57.83 43.79
C LEU Q 38 104.99 57.70 45.11
N SER Q 39 103.95 56.85 45.18
CA SER Q 39 103.26 56.64 46.44
C SER Q 39 104.17 55.92 47.45
N CYS Q 40 105.03 55.03 46.96
CA CYS Q 40 105.97 54.36 47.85
C CYS Q 40 106.92 55.37 48.49
N LEU Q 41 107.41 56.35 47.72
CA LEU Q 41 108.23 57.40 48.29
C LEU Q 41 107.44 58.23 49.30
N ILE Q 42 106.19 58.57 48.97
CA ILE Q 42 105.37 59.33 49.90
C ILE Q 42 105.07 58.51 51.14
N SER Q 43 104.91 57.20 50.98
CA SER Q 43 104.71 56.34 52.15
C SER Q 43 105.94 56.32 53.04
N TRP Q 44 107.13 56.23 52.45
CA TRP Q 44 108.34 56.23 53.27
C TRP Q 44 108.50 57.55 53.99
N TYR Q 45 108.22 58.67 53.32
CA TYR Q 45 108.29 59.96 53.98
C TYR Q 45 107.28 60.04 55.13
N LEU Q 46 106.07 59.56 54.89
CA LEU Q 46 105.08 59.54 55.97
C LEU Q 46 105.55 58.67 57.12
N PHE Q 47 106.23 57.57 56.81
CA PHE Q 47 106.66 56.63 57.84
C PHE Q 47 107.85 57.15 58.65
N LEU Q 48 108.83 57.76 57.98
CA LEU Q 48 110.04 58.22 58.65
C LEU Q 48 109.91 59.61 59.25
N SER Q 49 108.81 60.32 58.97
CA SER Q 49 108.60 61.64 59.52
C SER Q 49 107.45 61.67 60.52
N PHE Q 50 106.88 60.51 60.86
CA PHE Q 50 105.77 60.47 61.80
C PHE Q 50 106.24 60.89 63.18
N ASP Q 51 105.59 61.89 63.75
CA ASP Q 51 105.97 62.40 65.06
C ASP Q 51 105.31 61.67 66.20
N GLY Q 52 104.34 60.79 65.93
CA GLY Q 52 103.63 60.11 66.98
C GLY Q 52 102.29 60.71 67.34
N VAL Q 53 101.74 61.58 66.51
CA VAL Q 53 100.42 62.16 66.75
C VAL Q 53 99.48 61.67 65.66
N PRO Q 54 98.64 60.67 65.92
CA PRO Q 54 97.78 60.13 64.85
C PRO Q 54 96.93 61.21 64.22
N ARG Q 55 96.86 61.18 62.89
CA ARG Q 55 96.10 62.14 62.11
C ARG Q 55 94.84 61.48 61.57
N HIS Q 56 93.79 62.29 61.39
CA HIS Q 56 92.51 61.83 60.86
C HIS Q 56 92.15 62.72 59.69
N ILE Q 57 92.25 62.18 58.48
CA ILE Q 57 91.96 62.91 57.25
C ILE Q 57 90.62 62.40 56.71
N PRO Q 58 89.54 63.19 56.79
CA PRO Q 58 88.27 62.73 56.25
C PRO Q 58 88.20 62.89 54.74
N VAL Q 59 87.40 62.03 54.12
CA VAL Q 59 87.19 62.08 52.68
C VAL Q 59 85.73 62.30 52.38
N LEU Q 60 84.88 61.36 52.81
CA LEU Q 60 83.47 61.40 52.45
C LEU Q 60 82.70 60.58 53.47
N ASP Q 61 81.40 60.84 53.55
CA ASP Q 61 80.51 60.01 54.35
C ASP Q 61 80.11 58.79 53.53
N TRP Q 62 80.19 57.62 54.14
CA TRP Q 62 79.80 56.42 53.42
C TRP Q 62 78.36 56.03 53.73
N VAL Q 63 78.08 55.63 54.96
CA VAL Q 63 76.77 55.10 55.34
C VAL Q 63 76.28 55.87 56.54
N VAL Q 64 75.17 56.58 56.39
CA VAL Q 64 74.56 57.34 57.47
C VAL Q 64 73.11 56.90 57.56
N THR Q 65 72.70 56.47 58.74
CA THR Q 65 71.33 56.01 58.97
C THR Q 65 71.06 56.10 60.46
N GLY Q 66 70.26 57.08 60.86
CA GLY Q 66 69.99 57.26 62.28
C GLY Q 66 71.28 57.50 63.03
N ASP Q 67 71.54 56.68 64.05
CA ASP Q 67 72.75 56.81 64.84
C ASP Q 67 73.95 56.08 64.24
N PHE Q 68 73.76 55.33 63.16
CA PHE Q 68 74.87 54.63 62.53
C PHE Q 68 75.50 55.55 61.49
N HIS Q 69 76.80 55.77 61.60
CA HIS Q 69 77.55 56.53 60.61
C HIS Q 69 78.92 55.91 60.44
N ALA Q 70 79.27 55.58 59.21
CA ALA Q 70 80.62 55.17 58.85
C ALA Q 70 81.05 56.03 57.69
N GLU Q 71 82.34 56.35 57.62
CA GLU Q 71 82.84 57.31 56.67
C GLU Q 71 84.04 56.76 55.92
N TRP Q 72 84.18 57.20 54.68
CA TRP Q 72 85.45 57.07 53.97
C TRP Q 72 86.43 58.04 54.62
N ALA Q 73 87.40 57.50 55.35
CA ALA Q 73 88.32 58.35 56.09
C ALA Q 73 89.67 57.65 56.19
N ILE Q 74 90.71 58.46 56.39
CA ILE Q 74 92.08 57.96 56.49
C ILE Q 74 92.59 58.26 57.89
N ARG Q 75 92.97 57.22 58.60
CA ARG Q 75 93.65 57.34 59.89
C ARG Q 75 95.13 57.03 59.68
N LEU Q 76 96.00 57.87 60.23
CA LEU Q 76 97.44 57.67 60.12
C LEU Q 76 98.05 57.61 61.51
N ASP Q 77 98.33 56.39 61.97
CA ASP Q 77 99.06 56.17 63.21
C ASP Q 77 100.24 55.27 62.88
N ARG Q 78 100.92 54.76 63.90
CA ARG Q 78 102.10 53.95 63.66
C ARG Q 78 101.75 52.71 62.85
N LEU Q 79 100.66 52.03 63.19
CA LEU Q 79 100.27 50.84 62.47
C LEU Q 79 100.02 51.15 60.99
N THR Q 80 99.30 52.24 60.72
CA THR Q 80 99.04 52.61 59.33
C THR Q 80 100.33 52.92 58.60
N ALA Q 81 101.23 53.67 59.24
CA ALA Q 81 102.48 54.03 58.59
C ALA Q 81 103.32 52.79 58.29
N ILE Q 82 103.32 51.82 59.19
CA ILE Q 82 104.07 50.58 58.96
C ILE Q 82 103.49 49.85 57.75
N MET Q 83 102.17 49.66 57.73
CA MET Q 83 101.57 48.91 56.63
C MET Q 83 101.73 49.65 55.31
N LEU Q 84 101.82 50.98 55.35
CA LEU Q 84 102.00 51.73 54.11
C LEU Q 84 103.29 51.35 53.42
N ILE Q 85 104.41 51.39 54.13
CA ILE Q 85 105.69 51.09 53.48
C ILE Q 85 105.72 49.63 53.05
N VAL Q 86 105.06 48.74 53.80
CA VAL Q 86 105.05 47.33 53.41
C VAL Q 86 104.25 47.14 52.14
N VAL Q 87 103.06 47.75 52.07
CA VAL Q 87 102.20 47.55 50.91
C VAL Q 87 102.80 48.22 49.67
N THR Q 88 103.17 49.49 49.78
CA THR Q 88 103.62 50.23 48.61
C THR Q 88 104.98 49.73 48.12
N THR Q 89 105.90 49.46 49.05
CA THR Q 89 107.23 48.99 48.65
C THR Q 89 107.14 47.70 47.85
N VAL Q 90 106.45 46.70 48.39
CA VAL Q 90 106.35 45.42 47.69
C VAL Q 90 105.53 45.58 46.42
N SER Q 91 104.43 46.33 46.48
CA SER Q 91 103.64 46.55 45.28
C SER Q 91 104.45 47.28 44.21
N ALA Q 92 105.21 48.30 44.60
CA ALA Q 92 106.04 49.00 43.64
C ALA Q 92 107.05 48.06 43.01
N LEU Q 93 107.71 47.23 43.81
CA LEU Q 93 108.66 46.27 43.26
C LEU Q 93 107.96 45.26 42.37
N VAL Q 94 106.80 44.75 42.79
CA VAL Q 94 106.11 43.74 42.00
C VAL Q 94 105.69 44.31 40.64
N HIS Q 95 105.37 45.60 40.59
CA HIS Q 95 105.11 46.24 39.32
C HIS Q 95 106.36 46.26 38.44
N MET Q 96 107.51 46.61 39.01
CA MET Q 96 108.74 46.60 38.23
C MET Q 96 109.09 45.18 37.79
N TYR Q 97 109.04 44.24 38.72
CA TYR Q 97 109.31 42.85 38.38
C TYR Q 97 108.38 42.35 37.28
N SER Q 98 107.13 42.83 37.28
CA SER Q 98 106.17 42.36 36.29
C SER Q 98 106.48 42.90 34.89
N LEU Q 99 107.14 44.05 34.80
CA LEU Q 99 107.47 44.60 33.49
C LEU Q 99 108.30 43.64 32.65
N GLY Q 100 109.03 42.73 33.28
CA GLY Q 100 109.80 41.75 32.55
C GLY Q 100 109.22 40.36 32.61
N TYR Q 101 108.66 39.99 33.77
CA TYR Q 101 108.12 38.64 33.92
C TYR Q 101 106.95 38.40 32.98
N MET Q 102 106.14 39.42 32.73
CA MET Q 102 105.01 39.34 31.82
C MET Q 102 105.30 39.95 30.46
N ALA Q 103 106.58 40.15 30.12
CA ALA Q 103 106.92 40.81 28.86
C ALA Q 103 106.42 40.01 27.66
N HIS Q 104 106.54 38.70 27.70
CA HIS Q 104 106.04 37.84 26.64
C HIS Q 104 105.54 36.56 27.29
N ASP Q 105 104.23 36.38 27.32
CA ASP Q 105 103.59 35.31 28.07
C ASP Q 105 103.16 34.19 27.14
N ASP Q 106 103.41 32.94 27.57
CA ASP Q 106 103.04 31.79 26.77
C ASP Q 106 101.59 31.36 27.01
N ASN Q 107 100.93 31.88 28.04
CA ASN Q 107 99.55 31.49 28.31
C ASN Q 107 98.58 32.10 27.30
N TRP Q 108 98.96 33.23 26.70
CA TRP Q 108 98.09 33.96 25.78
C TRP Q 108 98.63 33.85 24.36
N THR Q 109 97.73 33.77 23.39
CA THR Q 109 98.14 33.89 22.01
C THR Q 109 98.31 35.37 21.64
N HIS Q 110 99.03 35.61 20.56
CA HIS Q 110 99.47 36.97 20.26
C HIS Q 110 98.30 37.90 19.97
N ASP Q 111 97.15 37.37 19.54
CA ASP Q 111 95.98 38.21 19.37
C ASP Q 111 95.55 38.81 20.70
N GLU Q 112 95.58 38.02 21.77
CA GLU Q 112 95.05 38.45 23.06
C GLU Q 112 95.95 39.49 23.71
N HIS Q 113 95.33 40.44 24.41
CA HIS Q 113 96.02 41.50 25.11
C HIS Q 113 95.82 41.28 26.60
N TYR Q 114 96.91 41.27 27.35
CA TYR Q 114 96.86 41.01 28.79
C TYR Q 114 97.69 41.97 29.62
N LYS Q 115 98.69 42.64 29.04
CA LYS Q 115 99.63 43.39 29.86
C LYS Q 115 98.96 44.56 30.56
N ALA Q 116 98.13 45.32 29.85
CA ALA Q 116 97.47 46.45 30.48
C ALA Q 116 96.50 45.99 31.56
N ARG Q 117 95.74 44.92 31.30
CA ARG Q 117 94.81 44.42 32.29
C ARG Q 117 95.53 43.98 33.56
N PHE Q 118 96.65 43.28 33.40
CA PHE Q 118 97.38 42.77 34.56
C PHE Q 118 97.83 43.90 35.46
N PHE Q 119 98.40 44.96 34.90
CA PHE Q 119 98.89 46.05 35.72
C PHE Q 119 97.75 46.84 36.36
N ALA Q 120 96.59 46.89 35.71
CA ALA Q 120 95.43 47.50 36.33
C ALA Q 120 94.99 46.71 37.56
N TYR Q 121 95.05 45.38 37.48
CA TYR Q 121 94.65 44.56 38.61
C TYR Q 121 95.60 44.76 39.79
N LEU Q 122 96.90 44.88 39.53
CA LEU Q 122 97.85 45.10 40.61
C LEU Q 122 97.62 46.45 41.26
N SER Q 123 97.35 47.49 40.47
CA SER Q 123 97.11 48.80 41.03
C SER Q 123 95.85 48.82 41.89
N PHE Q 124 94.78 48.19 41.40
CA PHE Q 124 93.55 48.12 42.18
C PHE Q 124 93.75 47.27 43.43
N PHE Q 125 94.43 46.13 43.30
CA PHE Q 125 94.77 45.33 44.47
C PHE Q 125 95.49 46.18 45.51
N THR Q 126 96.44 47.00 45.08
CA THR Q 126 97.11 47.91 45.99
C THR Q 126 96.11 48.88 46.62
N PHE Q 127 95.17 49.38 45.82
CA PHE Q 127 94.20 50.34 46.35
C PHE Q 127 93.36 49.72 47.44
N ALA Q 128 92.91 48.48 47.25
CA ALA Q 128 92.06 47.83 48.24
C ALA Q 128 92.80 47.65 49.57
N MET Q 129 94.03 47.14 49.52
CA MET Q 129 94.79 46.96 50.74
C MET Q 129 95.07 48.28 51.41
N LEU Q 130 95.40 49.32 50.64
CA LEU Q 130 95.59 50.64 51.22
C LEU Q 130 94.33 51.13 51.90
N MET Q 131 93.17 50.91 51.27
CA MET Q 131 91.92 51.28 51.91
C MET Q 131 91.71 50.52 53.20
N LEU Q 132 92.14 49.25 53.24
CA LEU Q 132 91.99 48.44 54.44
C LEU Q 132 92.82 49.00 55.60
N VAL Q 133 94.09 49.30 55.35
CA VAL Q 133 95.00 49.66 56.44
C VAL Q 133 94.83 51.09 56.91
N THR Q 134 94.24 51.97 56.10
CA THR Q 134 94.00 53.34 56.51
C THR Q 134 92.61 53.54 57.11
N ALA Q 135 91.89 52.45 57.37
CA ALA Q 135 90.52 52.56 57.84
C ALA Q 135 90.46 53.21 59.22
N ASP Q 136 89.53 54.15 59.37
CA ASP Q 136 89.22 54.74 60.66
C ASP Q 136 88.04 54.07 61.36
N ASN Q 137 87.29 53.25 60.65
CA ASN Q 137 86.12 52.58 61.20
C ASN Q 137 86.11 51.14 60.71
N LEU Q 138 85.35 50.31 61.43
CA LEU Q 138 85.27 48.89 61.09
C LEU Q 138 84.63 48.65 59.73
N LEU Q 139 83.76 49.55 59.27
CA LEU Q 139 83.08 49.32 58.00
C LEU Q 139 84.05 49.52 56.83
N GLN Q 140 84.83 50.60 56.83
CA GLN Q 140 85.81 50.79 55.78
C GLN Q 140 86.85 49.69 55.79
N MET Q 141 87.19 49.17 56.98
CA MET Q 141 88.05 48.01 57.04
C MET Q 141 87.43 46.85 56.30
N PHE Q 142 86.11 46.74 56.34
CA PHE Q 142 85.43 45.67 55.63
C PHE Q 142 85.50 45.88 54.12
N PHE Q 143 85.33 47.12 53.66
CA PHE Q 143 85.41 47.36 52.23
C PHE Q 143 86.73 46.89 51.66
N GLY Q 144 87.84 47.33 52.27
CA GLY Q 144 89.14 46.84 51.84
C GLY Q 144 89.28 45.35 52.03
N TRP Q 145 88.72 44.83 53.13
CA TRP Q 145 88.72 43.39 53.35
C TRP Q 145 88.11 42.64 52.18
N GLU Q 146 86.90 43.03 51.78
CA GLU Q 146 86.27 42.42 50.61
C GLU Q 146 86.93 42.89 49.31
N GLY Q 147 87.55 44.06 49.33
CA GLY Q 147 88.22 44.53 48.13
C GLY Q 147 89.38 43.65 47.72
N VAL Q 148 90.23 43.26 48.68
CA VAL Q 148 91.33 42.35 48.36
C VAL Q 148 90.79 41.00 47.94
N GLY Q 149 89.60 40.64 48.42
CA GLY Q 149 89.00 39.38 48.00
C GLY Q 149 88.68 39.35 46.52
N VAL Q 150 88.14 40.46 46.01
CA VAL Q 150 87.78 40.51 44.59
C VAL Q 150 89.00 40.75 43.72
N ALA Q 151 89.94 41.58 44.18
CA ALA Q 151 91.18 41.76 43.43
C ALA Q 151 91.98 40.47 43.36
N SER Q 152 92.04 39.72 44.46
CA SER Q 152 92.72 38.43 44.43
C SER Q 152 92.01 37.47 43.49
N TYR Q 153 90.68 37.44 43.53
CA TYR Q 153 89.94 36.54 42.64
C TYR Q 153 90.19 36.90 41.18
N LEU Q 154 90.32 38.20 40.88
CA LEU Q 154 90.68 38.62 39.54
C LEU Q 154 92.06 38.14 39.15
N LEU Q 155 93.02 38.19 40.08
CA LEU Q 155 94.40 37.86 39.75
C LEU Q 155 94.71 36.38 39.89
N ILE Q 156 94.13 35.70 40.88
CA ILE Q 156 94.33 34.26 40.98
C ILE Q 156 93.75 33.55 39.77
N GLY Q 157 92.72 34.12 39.16
CA GLY Q 157 92.11 33.57 37.97
C GLY Q 157 92.46 34.39 36.75
N PHE Q 158 93.66 34.97 36.73
CA PHE Q 158 94.07 35.77 35.58
C PHE Q 158 94.05 34.96 34.30
N TYR Q 159 94.54 33.72 34.35
CA TYR Q 159 94.50 32.82 33.20
C TYR Q 159 93.12 32.18 33.15
N TYR Q 160 92.16 32.93 32.62
CA TYR Q 160 90.78 32.45 32.63
C TYR Q 160 90.56 31.27 31.71
N LYS Q 161 91.51 30.94 30.85
CA LYS Q 161 91.40 29.77 29.99
C LYS Q 161 91.89 28.50 30.68
N LYS Q 162 92.38 28.60 31.91
CA LYS Q 162 92.87 27.46 32.67
C LYS Q 162 91.85 27.11 33.75
N ALA Q 163 91.16 25.98 33.55
CA ALA Q 163 90.13 25.57 34.51
C ALA Q 163 90.67 25.47 35.92
N SER Q 164 91.95 25.13 36.07
CA SER Q 164 92.54 25.08 37.40
C SER Q 164 92.59 26.46 38.04
N ALA Q 165 92.87 27.49 37.23
CA ALA Q 165 92.89 28.85 37.77
C ALA Q 165 91.49 29.33 38.12
N ASN Q 166 90.51 29.03 37.28
CA ASN Q 166 89.14 29.47 37.54
C ASN Q 166 88.59 28.82 38.80
N ALA Q 167 88.89 27.55 39.02
CA ALA Q 167 88.46 26.89 40.25
C ALA Q 167 89.19 27.48 41.46
N ALA Q 168 90.49 27.73 41.32
CA ALA Q 168 91.26 28.24 42.45
C ALA Q 168 90.77 29.62 42.87
N ALA Q 169 90.53 30.52 41.91
CA ALA Q 169 90.06 31.86 42.25
C ALA Q 169 88.69 31.80 42.90
N MET Q 170 87.82 30.94 42.40
CA MET Q 170 86.50 30.76 42.99
C MET Q 170 86.61 30.27 44.43
N LYS Q 171 87.51 29.32 44.68
CA LYS Q 171 87.71 28.79 46.02
C LYS Q 171 88.15 29.89 46.98
N ALA Q 172 89.07 30.75 46.54
CA ALA Q 172 89.57 31.80 47.41
C ALA Q 172 88.45 32.73 47.82
N PHE Q 173 87.59 33.12 46.88
CA PHE Q 173 86.50 34.01 47.20
C PHE Q 173 85.54 33.38 48.20
N ILE Q 174 85.18 32.12 47.99
CA ILE Q 174 84.19 31.47 48.86
C ILE Q 174 84.74 31.28 50.26
N VAL Q 175 85.96 30.73 50.36
CA VAL Q 175 86.53 30.46 51.68
C VAL Q 175 86.69 31.75 52.46
N ASN Q 176 87.13 32.81 51.79
CA ASN Q 176 87.26 34.10 52.47
C ASN Q 176 85.89 34.68 52.82
N ARG Q 177 84.85 34.28 52.08
CA ARG Q 177 83.51 34.69 52.48
C ARG Q 177 83.08 34.00 53.76
N VAL Q 178 83.50 32.76 53.97
CA VAL Q 178 83.22 32.08 55.24
C VAL Q 178 83.88 32.83 56.39
N GLY Q 179 85.07 33.38 56.16
CA GLY Q 179 85.69 34.22 57.16
C GLY Q 179 84.96 35.53 57.37
N ASP Q 180 84.50 36.15 56.28
CA ASP Q 180 83.75 37.41 56.39
C ASP Q 180 82.40 37.23 57.07
N PHE Q 181 81.89 36.01 57.13
CA PHE Q 181 80.66 35.76 57.85
C PHE Q 181 80.83 36.06 59.33
N GLY Q 182 81.94 35.59 59.92
CA GLY Q 182 82.22 35.92 61.31
C GLY Q 182 82.58 37.38 61.51
N PHE Q 183 83.38 37.94 60.60
CA PHE Q 183 83.69 39.36 60.65
C PHE Q 183 82.41 40.18 60.74
N LEU Q 184 81.45 39.90 59.86
CA LEU Q 184 80.23 40.70 59.85
C LEU Q 184 79.48 40.58 61.18
N LEU Q 185 79.40 39.37 61.74
CA LEU Q 185 78.71 39.19 63.00
C LEU Q 185 79.41 39.93 64.13
N GLY Q 186 80.73 40.10 64.04
CA GLY Q 186 81.43 40.92 65.01
C GLY Q 186 81.10 42.39 64.87
N ILE Q 187 80.99 42.88 63.63
CA ILE Q 187 80.64 44.27 63.41
C ILE Q 187 79.25 44.56 63.95
N PHE Q 188 78.29 43.67 63.70
CA PHE Q 188 76.95 43.88 64.24
C PHE Q 188 76.97 43.92 65.76
N GLY Q 189 77.70 42.99 66.38
CA GLY Q 189 77.77 42.98 67.83
C GLY Q 189 78.41 44.24 68.39
N ILE Q 190 79.48 44.70 67.77
CA ILE Q 190 80.18 45.87 68.28
C ILE Q 190 79.29 47.11 68.20
N TYR Q 191 78.57 47.29 67.09
CA TYR Q 191 77.76 48.50 66.96
C TYR Q 191 76.67 48.55 68.02
N TRP Q 192 76.03 47.43 68.32
CA TRP Q 192 74.92 47.46 69.25
C TRP Q 192 75.39 47.54 70.69
N LEU Q 193 76.59 47.06 70.99
CA LEU Q 193 77.14 47.21 72.34
C LEU Q 193 77.73 48.59 72.59
N THR Q 194 78.29 49.22 71.56
CA THR Q 194 78.99 50.49 71.73
C THR Q 194 78.37 51.64 70.95
N GLY Q 195 77.39 51.38 70.09
CA GLY Q 195 76.77 52.43 69.32
C GLY Q 195 77.68 53.10 68.32
N SER Q 196 78.78 52.47 67.95
CA SER Q 196 79.70 53.05 66.99
C SER Q 196 80.53 51.94 66.35
N VAL Q 197 81.05 52.24 65.16
CA VAL Q 197 82.00 51.37 64.47
C VAL Q 197 83.35 52.06 64.29
N GLN Q 198 83.54 53.24 64.88
CA GLN Q 198 84.80 53.95 64.80
C GLN Q 198 85.76 53.40 65.86
N PHE Q 199 87.02 53.21 65.45
CA PHE Q 199 87.98 52.52 66.32
C PHE Q 199 88.12 53.22 67.66
N ASP Q 200 88.33 54.53 67.66
CA ASP Q 200 88.57 55.24 68.91
C ASP Q 200 87.38 55.11 69.86
N GLU Q 201 86.18 55.35 69.35
CA GLU Q 201 84.99 55.24 70.18
C GLU Q 201 84.79 53.83 70.69
N ILE Q 202 85.16 52.82 69.90
CA ILE Q 202 85.09 51.45 70.38
C ILE Q 202 86.08 51.25 71.52
N PHE Q 203 87.32 51.71 71.33
CA PHE Q 203 88.35 51.48 72.33
C PHE Q 203 88.01 52.18 73.64
N ARG Q 204 87.42 53.37 73.57
CA ARG Q 204 87.04 54.07 74.79
C ARG Q 204 86.10 53.24 75.65
N GLN Q 205 85.23 52.46 75.03
CA GLN Q 205 84.22 51.70 75.74
C GLN Q 205 84.64 50.27 76.04
N VAL Q 206 85.85 49.86 75.65
CA VAL Q 206 86.24 48.47 75.82
C VAL Q 206 86.19 48.04 77.27
N PRO Q 207 86.67 48.82 78.25
CA PRO Q 207 86.62 48.35 79.63
C PRO Q 207 85.22 47.93 80.09
N GLN Q 208 84.18 48.66 79.70
CA GLN Q 208 82.83 48.21 80.00
C GLN Q 208 82.47 46.97 79.20
N LEU Q 209 82.97 46.85 77.98
CA LEU Q 209 82.69 45.67 77.17
C LEU Q 209 83.20 44.41 77.86
N ALA Q 210 84.30 44.50 78.61
CA ALA Q 210 84.85 43.35 79.30
C ALA Q 210 83.98 42.89 80.45
N GLN Q 211 83.20 43.78 81.05
CA GLN Q 211 82.29 43.43 82.14
C GLN Q 211 80.87 43.18 81.65
N THR Q 212 80.66 43.15 80.35
CA THR Q 212 79.33 43.06 79.76
C THR Q 212 79.01 41.61 79.38
N GLU Q 213 77.75 41.24 79.58
CA GLU Q 213 77.22 39.98 79.08
C GLU Q 213 76.31 40.26 77.89
N MET Q 214 76.57 39.57 76.79
CA MET Q 214 75.84 39.74 75.55
C MET Q 214 75.15 38.43 75.19
N HIS Q 215 73.87 38.50 74.84
CA HIS Q 215 73.17 37.32 74.38
C HIS Q 215 73.49 37.08 72.91
N PHE Q 216 73.80 35.83 72.58
CA PHE Q 216 74.13 35.46 71.21
C PHE Q 216 73.84 33.99 71.04
N LEU Q 217 72.81 33.68 70.25
CA LEU Q 217 72.35 32.32 70.00
C LEU Q 217 71.78 31.76 71.31
N TRP Q 218 72.33 30.68 71.87
CA TRP Q 218 71.65 29.91 72.90
C TRP Q 218 72.04 30.33 74.32
N ARG Q 219 72.89 31.32 74.50
CA ARG Q 219 73.35 31.66 75.84
C ARG Q 219 73.90 33.08 75.84
N ASP Q 220 74.27 33.53 77.04
CA ASP Q 220 74.96 34.81 77.20
C ASP Q 220 76.45 34.57 77.19
N TRP Q 221 77.20 35.56 76.72
CA TRP Q 221 78.65 35.46 76.61
C TRP Q 221 79.27 36.74 77.14
N ASN Q 222 80.51 36.63 77.62
CA ASN Q 222 81.29 37.83 77.85
C ASN Q 222 81.47 38.54 76.51
N ALA Q 223 81.09 39.82 76.47
CA ALA Q 223 81.07 40.53 75.19
C ALA Q 223 82.45 40.54 74.55
N ALA Q 224 83.48 40.95 75.29
CA ALA Q 224 84.79 41.09 74.69
C ALA Q 224 85.28 39.78 74.10
N ASN Q 225 85.14 38.69 74.85
CA ASN Q 225 85.61 37.40 74.35
C ASN Q 225 84.86 37.00 73.10
N LEU Q 226 83.53 37.15 73.09
CA LEU Q 226 82.75 36.80 71.91
C LEU Q 226 83.14 37.66 70.72
N LEU Q 227 83.21 38.98 70.91
CA LEU Q 227 83.51 39.86 69.79
C LEU Q 227 84.93 39.61 69.28
N GLY Q 228 85.88 39.43 70.18
CA GLY Q 228 87.23 39.11 69.75
C GLY Q 228 87.28 37.81 68.96
N PHE Q 229 86.51 36.81 69.38
CA PHE Q 229 86.45 35.57 68.63
C PHE Q 229 85.84 35.79 67.25
N LEU Q 230 84.74 36.54 67.18
CA LEU Q 230 84.05 36.71 65.91
C LEU Q 230 84.89 37.49 64.91
N LEU Q 231 85.57 38.54 65.36
CA LEU Q 231 86.45 39.26 64.45
C LEU Q 231 87.66 38.42 64.07
N PHE Q 232 88.07 37.47 64.93
CA PHE Q 232 89.21 36.64 64.60
C PHE Q 232 88.86 35.62 63.52
N VAL Q 233 87.60 35.19 63.45
CA VAL Q 233 87.20 34.27 62.38
C VAL Q 233 87.45 34.91 61.03
N GLY Q 234 87.23 36.23 60.92
CA GLY Q 234 87.59 36.92 59.70
C GLY Q 234 89.09 36.87 59.44
N ALA Q 235 89.88 37.10 60.48
CA ALA Q 235 91.33 37.08 60.33
C ALA Q 235 91.85 35.71 59.95
N MET Q 236 91.21 34.64 60.43
CA MET Q 236 91.63 33.30 60.08
C MET Q 236 91.51 33.07 58.58
N GLY Q 237 90.39 33.48 57.99
CA GLY Q 237 90.21 33.28 56.55
C GLY Q 237 91.19 34.10 55.72
N LYS Q 238 91.38 35.36 56.09
CA LYS Q 238 92.21 36.23 55.28
C LYS Q 238 93.68 35.86 55.40
N SER Q 239 94.09 35.29 56.53
CA SER Q 239 95.46 34.87 56.74
C SER Q 239 95.66 33.38 56.54
N ALA Q 240 94.68 32.69 55.98
CA ALA Q 240 94.82 31.27 55.65
C ALA Q 240 95.24 30.45 56.86
N GLN Q 241 94.68 30.80 58.02
CA GLN Q 241 94.95 30.04 59.22
C GLN Q 241 94.25 28.68 59.14
N LEU Q 242 94.51 27.85 60.15
CA LEU Q 242 94.04 26.47 60.10
C LEU Q 242 92.53 26.40 59.94
N LEU Q 243 92.09 25.41 59.16
CA LEU Q 243 90.69 25.14 58.86
C LEU Q 243 90.08 26.13 57.87
N LEU Q 244 90.83 27.16 57.51
CA LEU Q 244 90.43 28.10 56.47
C LEU Q 244 91.61 28.40 55.56
N HIS Q 245 92.46 27.39 55.39
CA HIS Q 245 93.76 27.56 54.76
C HIS Q 245 93.81 27.06 53.32
N THR Q 246 92.88 26.19 52.92
CA THR Q 246 93.04 25.46 51.68
C THR Q 246 93.07 26.35 50.45
N TRP Q 247 92.64 27.61 50.59
CA TRP Q 247 92.61 28.50 49.44
C TRP Q 247 94.01 29.02 49.09
N LEU Q 248 94.86 29.22 50.10
CA LEU Q 248 96.18 29.78 49.83
C LEU Q 248 97.04 28.87 48.97
N PRO Q 249 97.16 27.57 49.24
CA PRO Q 249 98.00 26.73 48.37
C PRO Q 249 97.61 26.79 46.91
N ASP Q 250 96.31 26.87 46.62
CA ASP Q 250 95.82 26.86 45.25
C ASP Q 250 95.93 28.21 44.57
N ALA Q 251 96.20 29.28 45.31
CA ALA Q 251 96.42 30.58 44.70
C ALA Q 251 97.66 30.61 43.81
N MET Q 252 98.43 29.52 43.77
CA MET Q 252 99.57 29.43 42.87
C MET Q 252 99.16 29.42 41.41
N GLU Q 253 97.89 29.13 41.12
CA GLU Q 253 97.43 29.10 39.75
C GLU Q 253 97.59 30.45 39.06
N GLY Q 254 97.70 31.54 39.82
CA GLY Q 254 97.94 32.84 39.24
C GLY Q 254 99.39 33.01 38.87
N PRO Q 255 99.69 34.14 38.24
CA PRO Q 255 101.08 34.43 37.89
C PRO Q 255 101.95 34.54 39.13
N THR Q 256 103.23 34.20 38.97
CA THR Q 256 104.14 34.29 40.11
C THR Q 256 104.16 35.65 40.77
N PRO Q 257 104.17 36.77 40.04
CA PRO Q 257 104.16 38.07 40.73
C PRO Q 257 102.96 38.25 41.64
N VAL Q 258 101.82 37.66 41.30
CA VAL Q 258 100.65 37.76 42.17
C VAL Q 258 100.89 37.03 43.49
N SER Q 259 101.50 35.85 43.43
CA SER Q 259 101.75 35.08 44.65
C SER Q 259 102.57 35.90 45.65
N ALA Q 260 103.58 36.64 45.15
CA ALA Q 260 104.38 37.44 46.06
C ALA Q 260 103.56 38.52 46.74
N LEU Q 261 102.70 39.20 45.97
CA LEU Q 261 101.89 40.27 46.55
C LEU Q 261 100.87 39.72 47.54
N ILE Q 262 100.23 38.60 47.21
CA ILE Q 262 99.26 38.01 48.13
C ILE Q 262 99.95 37.53 49.40
N HIS Q 263 101.10 36.87 49.25
CA HIS Q 263 101.70 36.15 50.37
C HIS Q 263 102.59 37.00 51.24
N ALA Q 264 102.86 38.24 50.86
CA ALA Q 264 103.78 39.08 51.62
C ALA Q 264 103.26 40.47 51.92
N ALA Q 265 102.36 41.03 51.11
CA ALA Q 265 101.98 42.41 51.29
C ALA Q 265 100.51 42.61 51.60
N THR Q 266 99.60 42.09 50.78
CA THR Q 266 98.21 42.53 50.79
C THR Q 266 97.31 41.57 51.55
N MET Q 267 97.16 40.32 51.11
CA MET Q 267 96.04 39.53 51.58
C MET Q 267 96.32 38.94 52.96
N VAL Q 268 97.38 38.14 53.06
CA VAL Q 268 97.59 37.36 54.27
C VAL Q 268 97.90 38.26 55.47
N THR Q 269 98.56 39.39 55.25
CA THR Q 269 98.90 40.27 56.35
C THR Q 269 97.69 40.97 56.96
N ALA Q 270 96.55 40.95 56.28
CA ALA Q 270 95.38 41.65 56.79
C ALA Q 270 94.92 41.06 58.11
N GLY Q 271 94.90 39.73 58.21
CA GLY Q 271 94.42 39.11 59.44
C GLY Q 271 95.22 39.51 60.66
N VAL Q 272 96.55 39.43 60.56
CA VAL Q 272 97.39 39.82 61.69
C VAL Q 272 97.22 41.30 61.98
N PHE Q 273 97.16 42.13 60.94
CA PHE Q 273 97.02 43.56 61.14
C PHE Q 273 95.73 43.88 61.88
N LEU Q 274 94.63 43.20 61.55
CA LEU Q 274 93.39 43.42 62.27
C LEU Q 274 93.55 43.07 63.74
N VAL Q 275 94.21 41.96 64.04
CA VAL Q 275 94.45 41.58 65.43
C VAL Q 275 95.26 42.67 66.13
N CYS Q 276 96.25 43.25 65.44
CA CYS Q 276 97.07 44.28 66.05
C CYS Q 276 96.36 45.62 66.10
N ARG Q 277 95.55 45.93 65.09
CA ARG Q 277 94.78 47.17 65.12
C ARG Q 277 93.70 47.11 66.20
N MET Q 278 93.14 45.94 66.45
CA MET Q 278 92.09 45.77 67.42
C MET Q 278 92.60 45.31 68.78
N SER Q 279 93.91 45.43 69.02
CA SER Q 279 94.46 44.98 70.29
C SER Q 279 93.79 45.62 71.51
N PRO Q 280 93.42 46.89 71.51
CA PRO Q 280 92.71 47.43 72.67
C PRO Q 280 91.51 46.59 73.11
N LEU Q 281 91.00 45.72 72.25
CA LEU Q 281 89.92 44.81 72.61
C LEU Q 281 90.41 43.43 73.02
N TYR Q 282 91.43 42.90 72.35
CA TYR Q 282 91.93 41.59 72.69
C TYR Q 282 92.69 41.59 74.01
N GLU Q 283 93.16 42.76 74.46
CA GLU Q 283 93.82 42.84 75.75
C GLU Q 283 92.82 42.61 76.89
N PHE Q 284 91.57 43.00 76.67
CA PHE Q 284 90.51 42.80 77.64
C PHE Q 284 89.69 41.55 77.37
N ALA Q 285 90.18 40.66 76.52
CA ALA Q 285 89.49 39.41 76.17
C ALA Q 285 90.46 38.27 76.43
N PRO Q 286 90.63 37.85 77.68
CA PRO Q 286 91.61 36.78 77.95
C PRO Q 286 91.35 35.50 77.17
N ASP Q 287 90.08 35.12 77.00
CA ASP Q 287 89.78 33.84 76.35
C ASP Q 287 89.93 33.93 74.84
N ALA Q 288 89.69 35.10 74.24
CA ALA Q 288 89.89 35.21 72.80
C ALA Q 288 91.34 34.99 72.44
N LYS Q 289 92.26 35.56 73.22
CA LYS Q 289 93.69 35.39 72.94
C LYS Q 289 94.09 33.92 73.05
N ASN Q 290 93.57 33.22 74.05
CA ASN Q 290 93.85 31.80 74.18
C ASN Q 290 93.58 31.07 72.88
N PHE Q 291 92.41 31.30 72.28
CA PHE Q 291 92.06 30.65 71.03
C PHE Q 291 92.99 31.08 69.90
N ILE Q 292 93.42 32.35 69.90
CA ILE Q 292 94.32 32.81 68.86
C ILE Q 292 95.62 32.03 68.88
N VAL Q 293 96.16 31.78 70.08
CA VAL Q 293 97.43 31.06 70.20
C VAL Q 293 97.27 29.63 69.68
N ILE Q 294 96.22 28.95 70.10
CA ILE Q 294 96.06 27.54 69.73
C ILE Q 294 95.95 27.41 68.22
N ILE Q 295 95.17 28.29 67.60
CA ILE Q 295 95.11 28.33 66.14
C ILE Q 295 96.46 28.72 65.57
N GLY Q 296 97.07 29.78 66.12
CA GLY Q 296 98.32 30.26 65.59
C GLY Q 296 99.43 29.23 65.68
N ALA Q 297 99.51 28.55 66.82
CA ALA Q 297 100.59 27.57 67.01
C ALA Q 297 100.33 26.30 66.22
N THR Q 298 99.08 25.84 66.19
CA THR Q 298 98.76 24.63 65.42
C THR Q 298 98.96 24.86 63.93
N THR Q 299 98.64 26.06 63.44
CA THR Q 299 98.87 26.37 62.03
C THR Q 299 100.34 26.36 61.69
N ALA Q 300 101.18 26.91 62.57
CA ALA Q 300 102.62 26.90 62.31
C ALA Q 300 103.14 25.47 62.22
N PHE Q 301 102.69 24.60 63.11
CA PHE Q 301 103.07 23.19 63.03
C PHE Q 301 102.45 22.53 61.81
N PHE Q 302 101.14 22.71 61.60
CA PHE Q 302 100.49 22.06 60.47
C PHE Q 302 101.16 22.41 59.16
N ALA Q 303 101.37 23.71 58.92
CA ALA Q 303 101.89 24.15 57.64
C ALA Q 303 103.37 23.85 57.48
N ALA Q 304 104.08 23.59 58.58
CA ALA Q 304 105.48 23.20 58.47
C ALA Q 304 105.62 21.76 57.98
N THR Q 305 104.80 20.85 58.51
CA THR Q 305 104.91 19.45 58.10
C THR Q 305 104.57 19.28 56.64
N VAL Q 306 103.52 19.95 56.16
CA VAL Q 306 103.08 19.76 54.79
C VAL Q 306 104.13 20.26 53.81
N GLY Q 307 104.81 21.36 54.15
CA GLY Q 307 105.87 21.84 53.30
C GLY Q 307 107.01 20.87 53.12
N LEU Q 308 107.13 19.89 54.02
CA LEU Q 308 108.28 18.97 53.97
C LEU Q 308 108.27 18.14 52.69
N VAL Q 309 107.10 17.76 52.19
CA VAL Q 309 107.00 16.76 51.14
C VAL Q 309 106.45 17.32 49.83
N GLN Q 310 106.08 18.60 49.77
CA GLN Q 310 105.58 19.15 48.53
C GLN Q 310 106.72 19.27 47.51
N ASN Q 311 106.39 19.03 46.24
CA ASN Q 311 107.36 19.02 45.16
C ASN Q 311 107.28 20.23 44.25
N ASP Q 312 106.22 21.02 44.33
CA ASP Q 312 106.08 22.23 43.54
C ASP Q 312 106.75 23.37 44.30
N ILE Q 313 107.58 24.14 43.59
CA ILE Q 313 108.37 25.16 44.26
C ILE Q 313 107.46 26.18 44.95
N LYS Q 314 106.45 26.67 44.24
CA LYS Q 314 105.60 27.71 44.82
C LYS Q 314 104.76 27.17 45.96
N ARG Q 315 104.33 25.91 45.88
CA ARG Q 315 103.49 25.36 46.95
C ARG Q 315 104.29 25.15 48.23
N VAL Q 316 105.61 24.93 48.12
CA VAL Q 316 106.45 24.91 49.31
C VAL Q 316 106.49 26.29 49.95
N ILE Q 317 106.74 27.31 49.13
CA ILE Q 317 106.72 28.68 49.64
C ILE Q 317 105.30 29.08 50.05
N ALA Q 318 104.28 28.47 49.44
CA ALA Q 318 102.92 28.77 49.83
C ALA Q 318 102.65 28.37 51.27
N TYR Q 319 103.09 27.17 51.66
CA TYR Q 319 102.86 26.72 53.03
C TYR Q 319 103.77 27.42 54.01
N SER Q 320 104.94 27.85 53.56
CA SER Q 320 105.82 28.62 54.43
C SER Q 320 105.11 29.89 54.91
N THR Q 321 104.39 30.55 54.00
CA THR Q 321 103.63 31.74 54.39
C THR Q 321 102.60 31.42 55.46
N CYS Q 322 101.86 30.32 55.30
CA CYS Q 322 100.88 29.95 56.31
C CYS Q 322 101.55 29.69 57.64
N SER Q 323 102.64 28.92 57.63
CA SER Q 323 103.36 28.64 58.87
C SER Q 323 103.91 29.91 59.48
N GLN Q 324 104.47 30.80 58.66
CA GLN Q 324 105.02 32.04 59.18
C GLN Q 324 103.94 32.89 59.83
N LEU Q 325 102.76 32.95 59.21
CA LEU Q 325 101.67 33.71 59.79
C LEU Q 325 101.17 33.06 61.07
N GLY Q 326 101.38 31.76 61.22
CA GLY Q 326 101.14 31.12 62.51
C GLY Q 326 101.93 31.80 63.60
N TYR Q 327 103.21 32.09 63.34
CA TYR Q 327 104.06 32.70 64.36
C TYR Q 327 103.49 34.04 64.80
N MET Q 328 103.13 34.90 63.85
CA MET Q 328 102.66 36.24 64.20
C MET Q 328 101.36 36.19 65.00
N PHE Q 329 100.54 35.15 64.82
CA PHE Q 329 99.32 35.05 65.62
C PHE Q 329 99.63 34.58 67.04
N VAL Q 330 100.64 33.74 67.22
CA VAL Q 330 101.05 33.38 68.58
C VAL Q 330 101.51 34.62 69.33
N ALA Q 331 102.31 35.47 68.69
CA ALA Q 331 102.84 36.64 69.37
C ALA Q 331 101.72 37.58 69.81
N ALA Q 332 100.73 37.80 68.95
CA ALA Q 332 99.60 38.64 69.33
C ALA Q 332 98.79 38.00 70.45
N GLY Q 333 98.60 36.68 70.37
CA GLY Q 333 97.85 35.99 71.41
C GLY Q 333 98.49 36.09 72.77
N VAL Q 334 99.82 35.93 72.84
CA VAL Q 334 100.51 36.10 74.11
C VAL Q 334 100.52 37.55 74.56
N GLY Q 335 100.11 38.47 73.72
CA GLY Q 335 99.98 39.86 74.10
C GLY Q 335 101.09 40.78 73.66
N VAL Q 336 101.89 40.38 72.68
CA VAL Q 336 103.01 41.20 72.19
C VAL Q 336 102.71 41.51 70.73
N TYR Q 337 102.05 42.65 70.50
CA TYR Q 337 101.62 42.97 69.15
C TYR Q 337 102.72 43.64 68.35
N SER Q 338 103.66 44.31 69.00
CA SER Q 338 104.80 44.87 68.29
C SER Q 338 105.62 43.76 67.64
N ALA Q 339 105.86 42.67 68.38
CA ALA Q 339 106.60 41.56 67.79
C ALA Q 339 105.83 40.93 66.64
N ALA Q 340 104.50 40.84 66.76
CA ALA Q 340 103.70 40.36 65.64
C ALA Q 340 103.86 41.26 64.44
N MET Q 341 103.79 42.58 64.64
CA MET Q 341 104.03 43.50 63.53
C MET Q 341 105.47 43.45 63.08
N PHE Q 342 106.41 43.27 64.01
CA PHE Q 342 107.82 43.20 63.65
C PHE Q 342 108.08 42.05 62.68
N HIS Q 343 107.59 40.86 63.01
CA HIS Q 343 107.73 39.74 62.09
C HIS Q 343 106.95 39.96 60.81
N LEU Q 344 105.80 40.61 60.90
CA LEU Q 344 105.05 40.94 59.69
C LEU Q 344 105.87 41.83 58.78
N LEU Q 345 106.52 42.86 59.33
CA LEU Q 345 107.32 43.77 58.54
C LEU Q 345 108.52 43.06 57.91
N THR Q 346 109.27 42.31 58.73
CA THR Q 346 110.41 41.59 58.20
C THR Q 346 109.98 40.49 57.23
N HIS Q 347 108.87 39.81 57.55
CA HIS Q 347 108.38 38.77 56.66
C HIS Q 347 108.08 39.31 55.27
N ALA Q 348 107.51 40.51 55.19
CA ALA Q 348 107.20 41.09 53.89
C ALA Q 348 108.43 41.09 52.99
N PHE Q 349 109.60 41.39 53.56
CA PHE Q 349 110.79 41.55 52.74
C PHE Q 349 111.30 40.22 52.20
N PHE Q 350 111.65 39.30 53.09
CA PHE Q 350 112.28 38.08 52.61
C PHE Q 350 111.28 37.12 51.95
N LYS Q 351 110.00 37.20 52.30
CA LYS Q 351 109.02 36.37 51.62
C LYS Q 351 108.79 36.84 50.19
N ALA Q 352 108.65 38.14 49.99
CA ALA Q 352 108.56 38.65 48.63
C ALA Q 352 109.76 38.21 47.81
N MET Q 353 110.96 38.31 48.37
CA MET Q 353 112.16 37.92 47.64
C MET Q 353 112.13 36.45 47.28
N LEU Q 354 111.72 35.60 48.22
CA LEU Q 354 111.67 34.17 47.93
C LEU Q 354 110.74 33.87 46.78
N PHE Q 355 109.59 34.55 46.73
CA PHE Q 355 108.66 34.33 45.62
C PHE Q 355 109.16 34.96 44.34
N LEU Q 356 109.64 36.19 44.40
CA LEU Q 356 110.23 36.79 43.21
C LEU Q 356 111.47 36.01 42.78
N GLY Q 357 112.18 35.39 43.72
CA GLY Q 357 113.28 34.53 43.34
C GLY Q 357 112.80 33.29 42.62
N ALA Q 358 111.75 32.64 43.15
CA ALA Q 358 111.23 31.43 42.53
C ALA Q 358 110.60 31.72 41.17
N GLY Q 359 110.09 32.93 40.98
CA GLY Q 359 109.62 33.31 39.65
C GLY Q 359 110.76 33.32 38.64
N SER Q 360 111.92 33.83 39.04
CA SER Q 360 113.07 33.83 38.14
C SER Q 360 113.44 32.41 37.73
N VAL Q 361 113.47 31.48 38.69
CA VAL Q 361 113.79 30.09 38.37
C VAL Q 361 112.78 29.54 37.37
N ILE Q 362 111.50 29.70 37.67
CA ILE Q 362 110.47 29.24 36.74
C ILE Q 362 110.60 29.94 35.40
N HIS Q 363 110.86 31.25 35.43
CA HIS Q 363 111.05 32.01 34.20
C HIS Q 363 112.25 31.51 33.41
N ALA Q 364 113.35 31.23 34.11
CA ALA Q 364 114.55 30.76 33.43
C ALA Q 364 114.40 29.32 32.95
N MET Q 365 113.73 28.48 33.73
CA MET Q 365 113.63 27.05 33.45
C MET Q 365 112.49 26.71 32.49
N HIS Q 366 112.11 27.65 31.63
CA HIS Q 366 111.05 27.42 30.65
C HIS Q 366 109.76 27.03 31.36
N HIS Q 367 109.51 27.66 32.50
CA HIS Q 367 108.25 27.57 33.21
C HIS Q 367 107.91 26.13 33.59
N GLU Q 368 108.84 25.52 34.30
CA GLU Q 368 108.63 24.24 34.98
C GLU Q 368 108.64 24.50 36.47
N GLN Q 369 107.71 23.89 37.19
CA GLN Q 369 107.48 24.20 38.60
C GLN Q 369 107.71 23.01 39.53
N ASP Q 370 108.03 21.84 38.98
CA ASP Q 370 108.27 20.65 39.77
C ASP Q 370 109.74 20.59 40.14
N MET Q 371 110.02 20.65 41.43
CA MET Q 371 111.40 20.65 41.92
C MET Q 371 112.13 19.37 41.58
N ARG Q 372 111.42 18.29 41.22
CA ARG Q 372 112.08 17.05 40.84
C ARG Q 372 112.92 17.20 39.58
N ASN Q 373 112.75 18.29 38.83
CA ASN Q 373 113.43 18.53 37.57
C ASN Q 373 114.19 19.84 37.60
N TYR Q 374 114.95 20.08 38.69
CA TYR Q 374 115.57 21.37 38.93
C TYR Q 374 117.04 21.26 39.34
N GLY Q 375 117.72 20.19 38.97
CA GLY Q 375 119.09 20.00 39.44
C GLY Q 375 120.03 21.08 38.94
N GLY Q 376 121.13 21.26 39.68
CA GLY Q 376 122.17 22.18 39.26
C GLY Q 376 121.73 23.62 39.45
N LEU Q 377 121.75 24.39 38.37
CA LEU Q 377 121.21 25.73 38.23
C LEU Q 377 122.00 26.79 38.98
N ARG Q 378 122.94 26.41 39.84
CA ARG Q 378 123.66 27.42 40.61
C ARG Q 378 124.52 28.29 39.72
N LYS Q 379 125.29 27.67 38.82
CA LYS Q 379 126.15 28.44 37.93
C LYS Q 379 125.36 29.11 36.82
N LYS Q 380 124.20 28.55 36.44
CA LYS Q 380 123.44 29.10 35.35
C LYS Q 380 122.68 30.35 35.76
N ILE Q 381 122.34 30.47 37.03
CA ILE Q 381 121.54 31.61 37.51
C ILE Q 381 122.22 32.20 38.73
N PRO Q 382 123.32 32.93 38.57
CA PRO Q 382 124.08 33.38 39.76
C PRO Q 382 123.27 34.22 40.73
N LEU Q 383 122.66 35.31 40.26
CA LEU Q 383 122.02 36.26 41.18
C LEU Q 383 120.78 35.68 41.84
N THR Q 384 119.95 34.95 41.09
CA THR Q 384 118.78 34.34 41.71
C THR Q 384 119.19 33.32 42.76
N PHE Q 385 120.35 32.69 42.60
CA PHE Q 385 120.80 31.74 43.61
C PHE Q 385 121.10 32.44 44.93
N TRP Q 386 121.77 33.59 44.89
CA TRP Q 386 122.12 34.27 46.12
C TRP Q 386 120.92 34.93 46.76
N ALA Q 387 120.03 35.52 45.95
CA ALA Q 387 118.82 36.12 46.51
C ALA Q 387 117.97 35.08 47.21
N MET Q 388 117.82 33.91 46.60
CA MET Q 388 117.11 32.82 47.26
C MET Q 388 117.85 32.39 48.52
N MET Q 389 119.18 32.33 48.46
CA MET Q 389 119.96 31.98 49.64
C MET Q 389 119.75 32.97 50.77
N ILE Q 390 119.73 34.27 50.44
CA ILE Q 390 119.44 35.29 51.45
C ILE Q 390 118.05 35.08 52.01
N GLY Q 391 117.07 34.81 51.14
CA GLY Q 391 115.74 34.52 51.61
C GLY Q 391 115.73 33.34 52.57
N THR Q 392 116.46 32.29 52.24
CA THR Q 392 116.57 31.15 53.14
C THR Q 392 117.24 31.55 54.45
N PHE Q 393 118.28 32.38 54.37
CA PHE Q 393 118.95 32.83 55.59
C PHE Q 393 117.96 33.57 56.50
N ALA Q 394 117.16 34.46 55.93
CA ALA Q 394 116.26 35.27 56.74
C ALA Q 394 115.16 34.41 57.37
N ILE Q 395 114.53 33.54 56.58
CA ILE Q 395 113.42 32.76 57.09
C ILE Q 395 113.89 31.72 58.08
N THR Q 396 115.04 31.09 57.81
CA THR Q 396 115.60 30.17 58.79
C THR Q 396 116.08 30.92 60.04
N GLY Q 397 116.60 32.13 59.87
CA GLY Q 397 117.08 32.89 61.00
C GLY Q 397 118.55 32.65 61.30
N VAL Q 398 119.40 32.83 60.28
CA VAL Q 398 120.83 32.60 60.40
C VAL Q 398 121.45 33.83 61.05
N GLY Q 399 121.94 33.68 62.28
CA GLY Q 399 122.57 34.78 62.98
C GLY Q 399 123.64 34.31 63.96
N ILE Q 400 124.04 35.18 64.88
CA ILE Q 400 124.94 34.81 65.97
C ILE Q 400 124.07 34.45 67.17
N PRO Q 401 124.22 33.26 67.74
CA PRO Q 401 123.14 32.72 68.61
C PRO Q 401 122.69 33.64 69.73
N LEU Q 402 123.60 34.03 70.62
CA LEU Q 402 123.24 34.76 71.83
C LEU Q 402 123.38 36.27 71.69
N THR Q 403 123.70 36.77 70.50
CA THR Q 403 123.82 38.20 70.28
C THR Q 403 122.51 38.72 69.67
N HIS Q 404 122.54 39.98 69.21
CA HIS Q 404 121.42 40.62 68.55
C HIS Q 404 121.82 41.02 67.14
N LEU Q 405 122.46 40.11 66.41
CA LEU Q 405 123.04 40.41 65.10
C LEU Q 405 122.76 39.27 64.15
N GLY Q 406 121.98 39.54 63.11
CA GLY Q 406 121.70 38.52 62.13
C GLY Q 406 120.66 39.00 61.12
N PHE Q 407 120.21 38.07 60.29
CA PHE Q 407 119.27 38.40 59.23
C PHE Q 407 117.93 38.78 59.83
N ALA Q 408 116.99 39.16 58.95
CA ALA Q 408 115.75 39.77 59.40
C ALA Q 408 114.93 38.82 60.26
N GLY Q 409 114.67 37.62 59.76
CA GLY Q 409 113.82 36.70 60.49
C GLY Q 409 114.49 36.05 61.69
N PHE Q 410 115.80 36.21 61.83
CA PHE Q 410 116.48 35.73 63.04
C PHE Q 410 115.99 36.50 64.26
N LEU Q 411 115.96 37.83 64.16
CA LEU Q 411 115.58 38.64 65.31
C LEU Q 411 114.08 38.54 65.60
N SER Q 412 113.25 38.69 64.55
CA SER Q 412 111.82 38.73 64.77
C SER Q 412 111.29 37.38 65.26
N LYS Q 413 111.78 36.28 64.70
CA LYS Q 413 111.34 34.96 65.17
C LYS Q 413 111.77 34.72 66.60
N ASP Q 414 112.99 35.11 66.96
CA ASP Q 414 113.44 34.92 68.34
C ASP Q 414 112.54 35.70 69.31
N ALA Q 415 112.09 36.88 68.92
CA ALA Q 415 111.18 37.63 69.77
C ALA Q 415 109.90 36.86 70.00
N ILE Q 416 109.36 36.24 68.96
CA ILE Q 416 108.13 35.47 69.11
C ILE Q 416 108.37 34.21 69.94
N ILE Q 417 109.46 33.51 69.66
CA ILE Q 417 109.74 32.29 70.42
C ILE Q 417 110.04 32.60 71.87
N GLU Q 418 110.68 33.74 72.15
CA GLU Q 418 110.87 34.14 73.53
C GLU Q 418 109.54 34.49 74.19
N SER Q 419 108.67 35.20 73.48
CA SER Q 419 107.36 35.53 74.02
C SER Q 419 106.49 34.29 74.18
N ALA Q 420 106.62 33.32 73.27
CA ALA Q 420 105.82 32.10 73.39
C ALA Q 420 106.15 31.37 74.68
N TYR Q 421 107.43 31.26 75.01
CA TYR Q 421 107.81 30.59 76.26
C TYR Q 421 107.19 31.27 77.47
N ALA Q 422 107.25 32.61 77.51
CA ALA Q 422 106.67 33.33 78.62
C ALA Q 422 105.15 33.22 78.66
N GLY Q 423 104.53 32.93 77.52
CA GLY Q 423 103.09 33.03 77.41
C GLY Q 423 102.34 31.73 77.33
N SER Q 424 102.94 30.71 76.73
CA SER Q 424 102.26 29.43 76.56
C SER Q 424 103.30 28.34 76.31
N GLY Q 425 103.28 27.31 77.15
CA GLY Q 425 104.11 26.15 76.90
C GLY Q 425 103.69 25.40 75.64
N TYR Q 426 102.39 25.35 75.39
CA TYR Q 426 101.92 24.77 74.14
C TYR Q 426 102.50 25.52 72.94
N ALA Q 427 102.50 26.84 73.00
CA ALA Q 427 102.98 27.64 71.87
C ALA Q 427 104.48 27.48 71.67
N PHE Q 428 105.26 27.57 72.75
CA PHE Q 428 106.72 27.62 72.58
C PHE Q 428 107.24 26.33 71.96
N TRP Q 429 106.70 25.18 72.34
CA TRP Q 429 107.27 23.92 71.88
C TRP Q 429 106.90 23.64 70.43
N LEU Q 430 105.67 23.96 70.02
CA LEU Q 430 105.28 23.75 68.64
C LEU Q 430 106.09 24.65 67.70
N LEU Q 431 106.38 25.87 68.13
CA LEU Q 431 107.10 26.79 67.27
C LEU Q 431 108.52 26.31 66.97
N VAL Q 432 109.24 25.87 68.00
CA VAL Q 432 110.60 25.39 67.76
C VAL Q 432 110.58 24.14 66.90
N ILE Q 433 109.62 23.24 67.15
CA ILE Q 433 109.50 22.06 66.30
C ILE Q 433 109.22 22.48 64.87
N ALA Q 434 108.30 23.43 64.69
CA ALA Q 434 108.07 23.99 63.37
C ALA Q 434 109.32 24.69 62.86
N ALA Q 435 110.02 25.41 63.73
CA ALA Q 435 111.27 26.04 63.32
C ALA Q 435 112.29 25.01 62.85
N CYS Q 436 112.21 23.78 63.38
CA CYS Q 436 113.07 22.71 62.89
C CYS Q 436 112.61 22.24 61.52
N PHE Q 437 111.30 22.12 61.33
CA PHE Q 437 110.77 21.71 60.04
C PHE Q 437 110.94 22.82 59.01
N THR Q 438 110.90 24.08 59.44
CA THR Q 438 111.12 25.18 58.52
C THR Q 438 112.49 25.07 57.86
N SER Q 439 113.52 24.74 58.63
CA SER Q 439 114.86 24.69 58.08
C SER Q 439 115.00 23.56 57.08
N PHE Q 440 114.36 22.42 57.33
CA PHE Q 440 114.46 21.32 56.38
C PHE Q 440 113.87 21.69 55.03
N TYR Q 441 112.62 22.17 55.00
CA TYR Q 441 112.00 22.41 53.69
C TYR Q 441 112.59 23.64 53.01
N SER Q 442 113.08 24.61 53.78
CA SER Q 442 113.74 25.76 53.17
C SER Q 442 115.03 25.33 52.48
N TRP Q 443 115.89 24.60 53.19
CA TRP Q 443 117.14 24.14 52.60
C TRP Q 443 116.91 23.02 51.60
N ARG Q 444 115.90 22.18 51.85
CA ARG Q 444 115.51 21.21 50.82
C ARG Q 444 115.20 21.90 49.51
N LEU Q 445 114.59 23.09 49.59
CA LEU Q 445 114.31 23.85 48.37
C LEU Q 445 115.60 24.28 47.69
N ILE Q 446 116.60 24.71 48.47
CA ILE Q 446 117.85 25.16 47.86
C ILE Q 446 118.59 23.98 47.23
N PHE Q 447 118.74 22.89 47.96
CA PHE Q 447 119.56 21.79 47.46
C PHE Q 447 118.93 21.15 46.23
N LEU Q 448 117.61 21.04 46.21
CA LEU Q 448 116.96 20.43 45.05
C LEU Q 448 117.12 21.26 43.80
N THR Q 449 117.08 22.59 43.93
CA THR Q 449 117.12 23.45 42.76
C THR Q 449 118.52 23.94 42.44
N PHE Q 450 119.27 24.39 43.44
CA PHE Q 450 120.55 25.03 43.20
C PHE Q 450 121.75 24.11 43.44
N TYR Q 451 121.53 22.81 43.61
CA TYR Q 451 122.63 21.88 43.79
C TYR Q 451 122.27 20.52 43.20
N GLY Q 452 123.25 19.63 43.21
CA GLY Q 452 123.06 18.29 42.68
C GLY Q 452 123.30 18.22 41.18
N LYS Q 453 123.08 17.03 40.66
CA LYS Q 453 123.25 16.82 39.23
C LYS Q 453 122.10 17.47 38.46
N PRO Q 454 122.39 18.21 37.39
CA PRO Q 454 121.30 18.76 36.57
C PRO Q 454 120.31 17.67 36.21
N ARG Q 455 119.11 17.80 36.76
CA ARG Q 455 118.15 16.69 36.86
C ARG Q 455 116.87 17.09 36.14
N GLY Q 456 116.44 16.24 35.21
CA GLY Q 456 115.33 16.57 34.35
C GLY Q 456 115.79 16.96 32.96
N ASP Q 457 114.82 17.23 32.09
CA ASP Q 457 115.08 17.52 30.68
C ASP Q 457 116.23 18.50 30.50
N HIS Q 458 117.23 18.12 29.71
CA HIS Q 458 118.43 18.95 29.55
C HIS Q 458 118.15 20.20 28.74
N HIS Q 459 117.13 20.17 27.88
CA HIS Q 459 116.88 21.30 26.98
C HIS Q 459 116.80 22.61 27.77
N ALA Q 460 115.82 22.71 28.66
CA ALA Q 460 115.69 23.91 29.48
C ALA Q 460 116.93 24.12 30.35
N HIS Q 461 117.45 23.04 30.93
CA HIS Q 461 118.61 23.16 31.79
C HIS Q 461 119.77 23.81 31.05
N ASP Q 462 120.04 23.36 29.83
CA ASP Q 462 121.13 23.96 29.05
C ASP Q 462 120.80 25.39 28.67
N HIS Q 463 119.55 25.65 28.25
CA HIS Q 463 119.11 26.98 27.86
C HIS Q 463 118.89 27.91 29.05
N ALA Q 464 118.98 27.40 30.27
CA ALA Q 464 118.76 28.24 31.45
C ALA Q 464 119.70 29.43 31.45
N HIS Q 465 119.14 30.60 31.77
CA HIS Q 465 119.90 31.85 31.77
C HIS Q 465 119.28 32.79 32.78
N GLU Q 466 120.08 33.75 33.26
CA GLU Q 466 119.60 34.70 34.25
C GLU Q 466 118.63 35.69 33.60
N SER Q 467 117.58 36.04 34.35
CA SER Q 467 116.53 36.91 33.86
C SER Q 467 117.01 38.36 33.80
N PRO Q 468 116.32 39.21 33.03
CA PRO Q 468 116.85 40.56 32.77
C PRO Q 468 116.92 41.38 34.04
N PRO Q 469 117.55 42.56 33.98
CA PRO Q 469 117.73 43.35 35.20
C PRO Q 469 116.43 43.76 35.87
N VAL Q 470 115.36 44.00 35.10
CA VAL Q 470 114.11 44.43 35.70
C VAL Q 470 113.61 43.42 36.71
N MET Q 471 113.85 42.13 36.47
CA MET Q 471 113.44 41.11 37.42
C MET Q 471 114.43 40.90 38.55
N THR Q 472 115.65 41.42 38.43
CA THR Q 472 116.68 41.21 39.44
C THR Q 472 116.90 42.43 40.34
N ILE Q 473 116.69 43.63 39.83
CA ILE Q 473 116.80 44.82 40.68
C ILE Q 473 115.78 44.78 41.81
N PRO Q 474 114.51 44.47 41.58
CA PRO Q 474 113.58 44.32 42.71
C PRO Q 474 114.02 43.28 43.72
N LEU Q 475 114.59 42.17 43.24
CA LEU Q 475 115.14 41.19 44.16
C LEU Q 475 116.26 41.81 45.00
N GLY Q 476 117.12 42.59 44.37
CA GLY Q 476 118.22 43.20 45.11
C GLY Q 476 117.73 44.15 46.18
N VAL Q 477 116.78 45.02 45.84
CA VAL Q 477 116.27 45.96 46.83
C VAL Q 477 115.66 45.21 48.00
N LEU Q 478 114.97 44.10 47.72
CA LEU Q 478 114.41 43.30 48.80
C LEU Q 478 115.52 42.77 49.71
N ALA Q 479 116.61 42.28 49.12
CA ALA Q 479 117.71 41.76 49.91
C ALA Q 479 118.24 42.80 50.89
N ILE Q 480 118.14 44.08 50.54
CA ILE Q 480 118.56 45.13 51.47
C ILE Q 480 117.62 45.22 52.65
N GLY Q 481 116.50 44.50 52.61
CA GLY Q 481 115.59 44.42 53.73
C GLY Q 481 115.69 43.11 54.48
N ALA Q 482 115.95 42.02 53.77
CA ALA Q 482 116.08 40.72 54.39
C ALA Q 482 117.42 40.51 55.06
N VAL Q 483 118.23 41.56 55.24
CA VAL Q 483 119.48 41.45 55.97
C VAL Q 483 119.49 42.48 57.07
N PHE Q 484 119.22 43.73 56.73
CA PHE Q 484 119.34 44.83 57.69
C PHE Q 484 118.04 45.19 58.39
N ALA Q 485 116.88 44.82 57.84
CA ALA Q 485 115.62 45.30 58.39
C ALA Q 485 115.46 44.87 59.85
N GLY Q 486 115.77 43.61 60.15
CA GLY Q 486 115.65 43.16 61.52
C GLY Q 486 116.51 43.96 62.48
N MET Q 487 117.79 44.16 62.13
CA MET Q 487 118.68 44.93 62.99
C MET Q 487 118.22 46.38 63.08
N VAL Q 488 117.71 46.92 61.98
CA VAL Q 488 117.35 48.34 61.95
C VAL Q 488 116.20 48.64 62.90
N TRP Q 489 115.17 47.81 62.92
CA TRP Q 489 113.94 48.11 63.65
C TRP Q 489 113.76 47.24 64.89
N TYR Q 490 114.79 46.53 65.33
CA TYR Q 490 114.61 45.66 66.49
C TYR Q 490 114.23 46.45 67.73
N GLY Q 491 114.99 47.51 68.05
CA GLY Q 491 114.74 48.28 69.24
C GLY Q 491 113.37 48.91 69.28
N PRO Q 492 113.01 49.65 68.24
CA PRO Q 492 111.71 50.32 68.24
C PRO Q 492 110.53 49.37 68.33
N PHE Q 493 110.69 48.12 67.90
CA PHE Q 493 109.60 47.15 67.89
C PHE Q 493 109.61 46.23 69.10
N PHE Q 494 110.79 45.77 69.53
CA PHE Q 494 110.89 44.77 70.58
C PHE Q 494 111.95 45.05 71.63
N GLY Q 495 112.96 45.86 71.32
CA GLY Q 495 114.11 45.97 72.20
C GLY Q 495 113.82 46.39 73.62
N ASP Q 496 113.40 47.63 73.82
CA ASP Q 496 113.24 48.19 75.15
C ASP Q 496 111.83 48.70 75.34
N HIS Q 497 111.27 48.45 76.53
CA HIS Q 497 109.86 48.77 76.77
C HIS Q 497 109.58 50.25 76.56
N HIS Q 498 110.47 51.12 77.03
CA HIS Q 498 110.30 52.55 76.74
C HIS Q 498 110.42 52.83 75.25
N LYS Q 499 111.39 52.20 74.59
CA LYS Q 499 111.56 52.41 73.16
C LYS Q 499 110.31 52.00 72.40
N VAL Q 500 109.72 50.86 72.77
CA VAL Q 500 108.52 50.39 72.10
C VAL Q 500 107.36 51.33 72.37
N THR Q 501 107.26 51.88 73.58
CA THR Q 501 106.13 52.73 73.93
C THR Q 501 106.10 53.99 73.06
N GLU Q 502 107.24 54.69 72.95
CA GLU Q 502 107.26 55.92 72.17
C GLU Q 502 107.02 55.65 70.68
N TYR Q 503 107.60 54.58 70.15
CA TYR Q 503 107.39 54.27 68.74
C TYR Q 503 105.91 54.09 68.44
N PHE Q 504 105.21 53.33 69.25
CA PHE Q 504 103.78 53.10 69.08
C PHE Q 504 102.93 54.10 69.84
N HIS Q 505 103.55 55.12 70.45
CA HIS Q 505 102.87 56.16 71.22
C HIS Q 505 101.71 55.58 72.03
N ILE Q 506 102.00 54.50 72.75
CA ILE Q 506 101.00 53.83 73.56
C ILE Q 506 100.72 54.63 74.82
N ILE Q 551 92.25 50.95 85.43
CA ILE Q 551 92.98 50.95 84.17
C ILE Q 551 92.48 52.06 83.27
N ALA Q 552 93.41 52.73 82.58
CA ALA Q 552 93.05 53.78 81.65
C ALA Q 552 92.47 53.20 80.37
N ALA Q 553 91.54 53.94 79.76
CA ALA Q 553 90.91 53.49 78.53
C ALA Q 553 91.96 53.32 77.44
N PRO Q 554 91.99 52.18 76.75
CA PRO Q 554 93.10 51.88 75.83
C PRO Q 554 93.01 52.63 74.52
N VAL Q 555 93.10 53.95 74.59
CA VAL Q 555 92.89 54.81 73.43
C VAL Q 555 94.06 55.77 73.28
N GLY Q 556 94.30 56.17 72.04
CA GLY Q 556 95.36 57.08 71.68
C GLY Q 556 96.59 56.42 71.10
N GLY Q 557 96.75 55.12 71.29
CA GLY Q 557 97.93 54.42 70.82
C GLY Q 557 97.69 53.56 69.60
N ALA Q 558 98.73 53.34 68.81
CA ALA Q 558 98.61 52.43 67.67
C ALA Q 558 98.29 51.02 68.12
N ILE Q 559 98.94 50.57 69.20
CA ILE Q 559 98.61 49.31 69.85
C ILE Q 559 98.41 49.58 71.33
N TYR Q 560 97.91 48.58 72.03
CA TYR Q 560 97.71 48.65 73.46
C TYR Q 560 98.18 47.37 74.09
N MET Q 561 98.74 47.48 75.29
CA MET Q 561 99.11 46.33 76.10
C MET Q 561 98.61 46.58 77.52
N HIS Q 562 97.79 45.66 78.02
CA HIS Q 562 97.21 45.83 79.34
C HIS Q 562 98.32 45.86 80.39
N PRO Q 563 98.17 46.65 81.45
CA PRO Q 563 99.23 46.69 82.47
C PRO Q 563 99.55 45.34 83.07
N ASP Q 564 98.53 44.51 83.32
CA ASP Q 564 98.76 43.19 83.88
C ASP Q 564 99.54 42.28 82.96
N ASN Q 565 99.68 42.66 81.69
CA ASN Q 565 100.49 41.91 80.74
C ASN Q 565 101.96 42.30 80.90
N HIS Q 566 102.83 41.30 81.09
CA HIS Q 566 104.26 41.53 81.15
C HIS Q 566 105.02 40.50 80.32
N ILE Q 567 104.36 39.84 79.38
CA ILE Q 567 105.00 38.77 78.61
C ILE Q 567 106.21 39.30 77.86
N MET Q 568 106.15 40.54 77.39
CA MET Q 568 107.29 41.12 76.70
C MET Q 568 108.50 41.19 77.63
N ASP Q 569 108.29 41.58 78.88
CA ASP Q 569 109.39 41.61 79.85
C ASP Q 569 109.88 40.20 80.13
N GLU Q 570 108.97 39.29 80.46
CA GLU Q 570 109.37 37.93 80.80
C GLU Q 570 110.11 37.28 79.65
N ALA Q 571 109.86 37.74 78.42
CA ALA Q 571 110.61 37.25 77.27
C ALA Q 571 112.08 37.67 77.35
N HIS Q 572 112.33 38.94 77.70
CA HIS Q 572 113.71 39.39 77.85
C HIS Q 572 114.43 38.61 78.95
N HIS Q 573 113.78 38.42 80.08
CA HIS Q 573 114.38 37.74 81.21
C HIS Q 573 114.47 36.24 81.03
N ALA Q 574 113.99 35.71 79.90
CA ALA Q 574 113.96 34.27 79.71
C ALA Q 574 115.37 33.69 79.74
N PRO Q 575 115.51 32.42 80.09
CA PRO Q 575 116.85 31.83 80.22
C PRO Q 575 117.53 31.71 78.87
N ALA Q 576 118.78 31.25 78.92
CA ALA Q 576 119.59 31.14 77.72
C ALA Q 576 119.21 29.94 76.87
N TRP Q 577 118.76 28.84 77.49
CA TRP Q 577 118.33 27.69 76.70
C TRP Q 577 117.12 28.04 75.84
N VAL Q 578 116.36 29.06 76.25
CA VAL Q 578 115.30 29.57 75.39
C VAL Q 578 115.89 30.32 74.20
N LYS Q 579 116.82 31.24 74.47
CA LYS Q 579 117.32 32.16 73.45
C LYS Q 579 118.17 31.46 72.41
N VAL Q 580 118.57 30.21 72.63
CA VAL Q 580 119.41 29.50 71.67
C VAL Q 580 118.66 28.38 70.95
N SER Q 581 117.57 27.87 71.52
CA SER Q 581 116.84 26.77 70.88
C SER Q 581 116.53 27.02 69.42
N PRO Q 582 116.08 28.22 69.01
CA PRO Q 582 115.85 28.43 67.57
C PRO Q 582 117.09 28.18 66.73
N PHE Q 583 118.26 28.60 67.20
CA PHE Q 583 119.48 28.34 66.45
C PHE Q 583 119.77 26.85 66.39
N VAL Q 584 119.51 26.13 67.49
CA VAL Q 584 119.79 24.71 67.52
C VAL Q 584 118.89 23.95 66.56
N ALA Q 585 117.58 24.22 66.61
CA ALA Q 585 116.65 23.52 65.72
C ALA Q 585 116.89 23.90 64.28
N MET Q 586 117.19 25.17 64.01
CA MET Q 586 117.50 25.57 62.64
C MET Q 586 118.68 24.77 62.09
N VAL Q 587 119.77 24.73 62.86
CA VAL Q 587 120.91 23.91 62.45
C VAL Q 587 120.49 22.46 62.30
N LEU Q 588 119.69 21.96 63.25
CA LEU Q 588 119.31 20.55 63.23
C LEU Q 588 118.59 20.19 61.93
N GLY Q 589 117.63 21.03 61.52
CA GLY Q 589 116.96 20.78 60.26
C GLY Q 589 117.88 20.96 59.07
N LEU Q 590 118.83 21.89 59.16
CA LEU Q 590 119.78 22.10 58.08
C LEU Q 590 120.60 20.84 57.82
N ILE Q 591 121.12 20.23 58.89
CA ILE Q 591 121.98 19.06 58.74
C ILE Q 591 121.20 17.91 58.11
N THR Q 592 119.93 17.75 58.48
CA THR Q 592 119.11 16.72 57.86
C THR Q 592 118.93 16.98 56.37
N ALA Q 593 118.69 18.25 55.99
CA ALA Q 593 118.58 18.57 54.58
C ALA Q 593 119.88 18.29 53.85
N TRP Q 594 121.00 18.70 54.43
CA TRP Q 594 122.30 18.39 53.84
C TRP Q 594 122.50 16.88 53.75
N THR Q 595 122.14 16.17 54.83
CA THR Q 595 122.30 14.73 54.87
C THR Q 595 121.39 14.03 53.86
N PHE Q 596 120.29 14.66 53.49
CA PHE Q 596 119.27 14.00 52.68
C PHE Q 596 119.44 14.22 51.18
N TYR Q 597 120.21 15.21 50.77
CA TYR Q 597 120.29 15.56 49.36
C TYR Q 597 121.71 15.58 48.82
N ILE Q 598 122.68 16.05 49.60
CA ILE Q 598 124.07 15.97 49.14
C ILE Q 598 124.62 14.58 49.41
N ALA Q 599 124.73 14.20 50.69
CA ALA Q 599 125.21 12.86 51.03
C ALA Q 599 124.03 11.89 51.09
N ASN Q 600 124.31 10.63 50.77
CA ASN Q 600 123.30 9.58 50.75
C ASN Q 600 121.97 10.12 50.24
N PRO Q 601 121.90 10.54 48.97
CA PRO Q 601 120.65 11.13 48.45
C PRO Q 601 119.50 10.14 48.34
N SER Q 602 119.69 8.87 48.72
CA SER Q 602 118.61 7.89 48.69
C SER Q 602 117.82 7.83 50.00
N LEU Q 603 118.27 8.54 51.03
CA LEU Q 603 117.54 8.53 52.29
C LEU Q 603 116.12 9.07 52.16
N PRO Q 604 115.87 10.18 51.46
CA PRO Q 604 114.47 10.63 51.31
C PRO Q 604 113.57 9.58 50.69
N ARG Q 605 114.07 8.85 49.70
CA ARG Q 605 113.24 7.84 49.04
C ARG Q 605 112.98 6.65 49.95
N ARG Q 606 114.01 6.21 50.68
CA ARG Q 606 113.86 5.01 51.49
C ARG Q 606 112.93 5.23 52.66
N LEU Q 607 113.01 6.41 53.31
CA LEU Q 607 112.24 6.62 54.53
C LEU Q 607 110.74 6.56 54.26
N ALA Q 608 110.29 7.20 53.19
CA ALA Q 608 108.87 7.15 52.85
C ALA Q 608 108.39 5.70 52.77
N ALA Q 609 109.25 4.81 52.26
CA ALA Q 609 108.89 3.40 52.19
C ALA Q 609 108.81 2.77 53.57
N GLN Q 610 109.62 3.23 54.52
CA GLN Q 610 109.51 2.73 55.89
C GLN Q 610 108.21 3.18 56.53
N GLN Q 611 107.84 4.45 56.33
CA GLN Q 611 106.65 5.04 56.94
C GLN Q 611 105.79 5.62 55.81
N PRO Q 612 105.07 4.78 55.08
CA PRO Q 612 104.39 5.24 53.86
C PRO Q 612 103.09 5.98 54.13
N ALA Q 613 102.33 5.54 55.13
CA ALA Q 613 101.07 6.21 55.46
C ALA Q 613 101.29 7.63 55.95
N LEU Q 614 102.42 7.89 56.62
CA LEU Q 614 102.75 9.25 57.00
C LEU Q 614 103.32 10.05 55.85
N TYR Q 615 103.76 9.39 54.78
CA TYR Q 615 104.13 10.11 53.58
C TYR Q 615 102.89 10.60 52.83
N ARG Q 616 101.87 9.75 52.71
CA ARG Q 616 100.65 10.18 52.03
C ARG Q 616 99.96 11.30 52.79
N PHE Q 617 99.94 11.22 54.13
CA PHE Q 617 99.21 12.20 54.92
C PHE Q 617 99.75 13.60 54.69
N LEU Q 618 101.08 13.75 54.68
CA LEU Q 618 101.66 15.05 54.41
C LEU Q 618 101.48 15.44 52.95
N LEU Q 619 101.73 14.51 52.04
CA LEU Q 619 101.61 14.81 50.62
C LEU Q 619 100.20 15.26 50.27
N ASN Q 620 99.20 14.61 50.85
CA ASN Q 620 97.81 15.01 50.66
C ASN Q 620 97.42 16.17 51.55
N LYS Q 621 98.38 16.77 52.25
CA LYS Q 621 98.16 18.02 52.97
C LYS Q 621 97.18 17.84 54.12
N TRP Q 622 97.17 16.65 54.72
CA TRP Q 622 96.28 16.26 55.81
C TRP Q 622 94.84 16.07 55.35
N TYR Q 623 94.60 15.95 54.05
CA TYR Q 623 93.30 15.55 53.51
C TYR Q 623 92.20 16.57 53.81
N PHE Q 624 92.55 17.80 54.13
CA PHE Q 624 91.53 18.78 54.50
C PHE Q 624 90.56 19.02 53.35
N ASP Q 625 91.08 19.17 52.12
CA ASP Q 625 90.21 19.41 50.98
C ASP Q 625 89.20 18.28 50.81
N GLU Q 626 89.67 17.04 50.91
CA GLU Q 626 88.78 15.90 50.71
C GLU Q 626 87.68 15.87 51.77
N ILE Q 627 88.01 16.26 53.00
CA ILE Q 627 87.01 16.33 54.06
C ILE Q 627 85.94 17.35 53.72
N TYR Q 628 86.36 18.53 53.25
CA TYR Q 628 85.40 19.60 52.93
C TYR Q 628 84.51 19.20 51.77
N GLU Q 629 85.08 18.66 50.71
CA GLU Q 629 84.28 18.18 49.59
C GLU Q 629 83.23 17.18 50.08
N PHE Q 630 83.59 16.35 51.05
CA PHE Q 630 82.63 15.39 51.57
C PHE Q 630 81.60 16.04 52.48
N ILE Q 631 82.03 16.98 53.32
CA ILE Q 631 81.15 17.49 54.36
C ILE Q 631 80.39 18.75 53.91
N PHE Q 632 80.95 19.53 52.99
CA PHE Q 632 80.35 20.78 52.57
C PHE Q 632 79.90 20.79 51.11
N VAL Q 633 80.80 20.50 50.17
CA VAL Q 633 80.49 20.75 48.76
C VAL Q 633 79.42 19.78 48.27
N ARG Q 634 79.73 18.48 48.29
CA ARG Q 634 78.76 17.51 47.81
C ARG Q 634 77.43 17.62 48.55
N PRO Q 635 77.39 17.70 49.88
CA PRO Q 635 76.08 17.87 50.54
C PRO Q 635 75.33 19.10 50.08
N ALA Q 636 76.02 20.22 49.87
CA ALA Q 636 75.34 21.45 49.46
C ALA Q 636 74.69 21.28 48.10
N LYS Q 637 75.42 20.70 47.15
CA LYS Q 637 74.84 20.46 45.82
C LYS Q 637 73.68 19.48 45.92
N TRP Q 638 73.82 18.44 46.73
CA TRP Q 638 72.75 17.48 46.89
C TRP Q 638 71.54 18.11 47.56
N LEU Q 639 71.77 18.96 48.57
CA LEU Q 639 70.67 19.61 49.25
C LEU Q 639 69.89 20.52 48.32
N GLY Q 640 70.59 21.25 47.45
CA GLY Q 640 69.91 22.14 46.54
C GLY Q 640 69.04 21.41 45.53
N ARG Q 641 69.51 20.29 45.02
CA ARG Q 641 68.72 19.52 44.08
C ARG Q 641 67.49 18.92 44.76
N VAL Q 642 67.63 18.47 46.01
CA VAL Q 642 66.50 17.91 46.73
C VAL Q 642 65.46 18.99 47.00
N LEU Q 643 65.90 20.14 47.51
CA LEU Q 643 64.96 21.23 47.75
C LEU Q 643 64.33 21.69 46.45
N TRP Q 644 65.10 21.72 45.37
CA TRP Q 644 64.58 22.16 44.07
C TRP Q 644 63.50 21.20 43.57
N LYS Q 645 63.80 19.91 43.50
CA LYS Q 645 62.88 18.95 42.91
C LYS Q 645 61.89 18.40 43.92
N GLY Q 646 62.30 18.21 45.16
CA GLY Q 646 61.42 17.66 46.16
C GLY Q 646 60.55 18.72 46.80
N GLY Q 647 61.15 19.86 47.15
CA GLY Q 647 60.41 20.91 47.80
C GLY Q 647 59.57 21.72 46.83
N ASP Q 648 60.23 22.46 45.94
CA ASP Q 648 59.49 23.33 45.03
C ASP Q 648 58.64 22.54 44.06
N GLY Q 649 59.15 21.40 43.60
CA GLY Q 649 58.48 20.64 42.55
C GLY Q 649 57.41 19.70 43.05
N ALA Q 650 57.75 18.85 44.01
CA ALA Q 650 56.85 17.81 44.48
C ALA Q 650 55.91 18.27 45.59
N VAL Q 651 56.41 19.04 46.54
CA VAL Q 651 55.60 19.45 47.70
C VAL Q 651 54.82 20.73 47.41
N ILE Q 652 55.49 21.78 46.97
CA ILE Q 652 54.82 23.08 46.84
C ILE Q 652 54.07 23.16 45.51
N ASP Q 653 54.78 22.98 44.39
CA ASP Q 653 54.09 22.94 43.11
C ASP Q 653 53.15 21.76 43.01
N GLY Q 654 53.54 20.61 43.54
CA GLY Q 654 52.66 19.46 43.51
C GLY Q 654 51.33 19.75 44.17
N THR Q 655 51.36 20.47 45.30
CA THR Q 655 50.11 20.87 45.96
C THR Q 655 49.34 21.88 45.13
N ILE Q 656 50.00 22.95 44.69
CA ILE Q 656 49.31 24.00 43.94
C ILE Q 656 48.72 23.43 42.67
N ASN Q 657 49.53 22.71 41.89
CA ASN Q 657 49.00 22.08 40.69
C ASN Q 657 47.95 21.03 41.03
N GLY Q 658 48.15 20.28 42.10
CA GLY Q 658 47.18 19.29 42.49
C GLY Q 658 45.81 19.89 42.77
N VAL Q 659 45.78 21.07 43.36
CA VAL Q 659 44.50 21.74 43.60
C VAL Q 659 44.01 22.42 42.32
N ALA Q 660 44.84 23.26 41.73
CA ALA Q 660 44.41 24.05 40.59
C ALA Q 660 44.09 23.19 39.38
N MET Q 661 44.90 22.17 39.12
CA MET Q 661 44.76 21.36 37.93
C MET Q 661 44.26 19.95 38.20
N GLY Q 662 44.25 19.51 39.46
CA GLY Q 662 43.73 18.21 39.78
C GLY Q 662 42.34 18.24 40.37
N LEU Q 663 42.12 19.12 41.35
CA LEU Q 663 40.87 19.11 42.11
C LEU Q 663 39.78 19.89 41.38
N ILE Q 664 40.03 21.16 41.09
CA ILE Q 664 39.00 22.00 40.48
C ILE Q 664 38.52 21.40 39.18
N PRO Q 665 39.37 20.91 38.28
CA PRO Q 665 38.85 20.17 37.11
C PRO Q 665 38.02 18.95 37.49
N ARG Q 666 38.35 18.28 38.59
CA ARG Q 666 37.54 17.15 39.03
C ARG Q 666 36.15 17.60 39.47
N LEU Q 667 36.06 18.75 40.13
CA LEU Q 667 34.75 19.30 40.47
C LEU Q 667 34.03 19.78 39.22
N THR Q 668 34.77 20.29 38.24
CA THR Q 668 34.15 20.67 36.97
C THR Q 668 33.51 19.47 36.30
N ARG Q 669 34.21 18.33 36.28
CA ARG Q 669 33.65 17.14 35.64
C ARG Q 669 32.41 16.64 36.37
N ALA Q 670 32.37 16.78 37.69
CA ALA Q 670 31.15 16.43 38.42
C ALA Q 670 30.00 17.35 38.04
N ALA Q 671 30.26 18.65 37.92
CA ALA Q 671 29.22 19.59 37.54
C ALA Q 671 28.70 19.31 36.13
N VAL Q 672 29.60 18.99 35.21
CA VAL Q 672 29.18 18.65 33.86
C VAL Q 672 28.32 17.39 33.87
N ARG Q 673 28.71 16.42 34.67
CA ARG Q 673 27.96 15.16 34.74
C ARG Q 673 26.56 15.39 35.27
N VAL Q 674 26.41 16.24 36.29
CA VAL Q 674 25.11 16.46 36.90
C VAL Q 674 24.16 17.16 35.94
N GLN Q 675 24.68 18.00 35.05
CA GLN Q 675 23.87 18.60 34.01
C GLN Q 675 23.57 17.55 32.95
N SER Q 676 22.70 16.60 33.29
CA SER Q 676 22.56 15.39 32.48
C SER Q 676 21.83 15.65 31.17
N GLY Q 677 21.04 16.72 31.10
CA GLY Q 677 20.18 16.96 29.96
C GLY Q 677 18.79 16.38 30.08
N TYR Q 678 18.50 15.65 31.16
CA TYR Q 678 17.19 15.04 31.34
C TYR Q 678 16.30 15.97 32.15
N LEU Q 679 15.14 16.31 31.59
CA LEU Q 679 14.25 17.27 32.21
C LEU Q 679 13.84 16.82 33.61
N PHE Q 680 13.61 15.51 33.78
CA PHE Q 680 13.14 15.02 35.07
C PHE Q 680 14.22 15.16 36.14
N HIS Q 681 15.50 15.10 35.77
CA HIS Q 681 16.55 15.33 36.75
C HIS Q 681 16.58 16.77 37.22
N TYR Q 682 16.37 17.72 36.31
CA TYR Q 682 16.39 19.12 36.67
C TYR Q 682 15.24 19.45 37.62
N ALA Q 683 14.07 18.85 37.39
CA ALA Q 683 12.96 19.05 38.31
C ALA Q 683 13.24 18.42 39.67
N PHE Q 684 13.92 17.27 39.67
CA PHE Q 684 14.32 16.66 40.93
C PHE Q 684 15.20 17.60 41.75
N ALA Q 685 16.14 18.27 41.07
CA ALA Q 685 17.02 19.20 41.78
C ALA Q 685 16.23 20.33 42.41
N MET Q 686 15.23 20.86 41.70
CA MET Q 686 14.41 21.91 42.27
C MET Q 686 13.65 21.43 43.49
N VAL Q 687 13.15 20.19 43.45
CA VAL Q 687 12.42 19.64 44.58
C VAL Q 687 13.35 19.37 45.75
N LEU Q 688 14.58 18.93 45.49
CA LEU Q 688 15.53 18.76 46.59
C LEU Q 688 15.87 20.09 47.23
N GLY Q 689 15.97 21.16 46.44
CA GLY Q 689 16.25 22.46 47.00
C GLY Q 689 15.17 22.94 47.95
N ILE Q 690 13.90 22.81 47.54
CA ILE Q 690 12.81 23.24 48.41
C ILE Q 690 12.76 22.37 49.66
N VAL Q 691 12.94 21.06 49.51
CA VAL Q 691 12.87 20.17 50.67
C VAL Q 691 14.00 20.47 51.64
N GLY Q 692 15.20 20.72 51.13
CA GLY Q 692 16.31 21.08 52.00
C GLY Q 692 16.07 22.39 52.73
N LEU Q 693 15.58 23.39 52.02
CA LEU Q 693 15.30 24.68 52.65
C LEU Q 693 14.20 24.57 53.70
N LEU Q 694 13.19 23.74 53.45
CA LEU Q 694 12.14 23.54 54.44
C LEU Q 694 12.69 22.88 55.70
N ILE Q 695 13.60 21.91 55.54
CA ILE Q 695 14.25 21.32 56.70
C ILE Q 695 14.98 22.39 57.50
N TRP Q 696 15.66 23.30 56.80
CA TRP Q 696 16.37 24.37 57.49
C TRP Q 696 15.40 25.25 58.27
N VAL Q 697 14.28 25.60 57.67
CA VAL Q 697 13.33 26.47 58.35
C VAL Q 697 12.72 25.78 59.55
N MET Q 698 12.47 24.46 59.44
CA MET Q 698 11.86 23.74 60.54
C MET Q 698 12.77 23.69 61.76
N MET Q 699 14.07 23.48 61.55
CA MET Q 699 14.98 23.43 62.69
C MET Q 699 15.02 24.75 63.44
N ARG Q 700 15.00 25.88 62.73
CA ARG Q 700 14.91 27.15 63.42
C ARG Q 700 13.59 27.28 64.16
N GLY Q 701 12.54 26.61 63.70
CA GLY Q 701 11.27 26.63 64.39
C GLY Q 701 10.46 27.87 64.07
N ALA Q 702 9.26 27.89 64.64
CA ALA Q 702 8.29 28.94 64.35
C ALA Q 702 8.81 30.32 64.74
N HIS Q 703 9.04 30.54 66.03
CA HIS Q 703 9.58 31.80 66.53
C HIS Q 703 8.91 33.01 65.89
N MET R 1 51.85 72.08 36.34
CA MET R 1 52.83 71.62 37.36
C MET R 1 52.19 71.48 38.74
N THR R 2 50.86 71.42 38.77
CA THR R 2 50.13 71.12 39.99
C THR R 2 49.54 69.72 39.98
N ASN R 3 49.56 69.04 38.85
CA ASN R 3 49.07 67.68 38.70
C ASN R 3 50.19 66.76 38.27
N LEU R 4 51.38 66.99 38.81
CA LEU R 4 52.57 66.31 38.30
C LEU R 4 52.45 64.80 38.45
N LEU R 5 51.92 64.34 39.59
CA LEU R 5 51.80 62.90 39.79
C LEU R 5 50.77 62.28 38.86
N SER R 6 49.69 63.01 38.56
CA SER R 6 48.71 62.50 37.61
C SER R 6 49.29 62.46 36.20
N ILE R 7 50.14 63.43 35.86
CA ILE R 7 50.75 63.45 34.53
C ILE R 7 51.66 62.24 34.35
N ILE R 8 52.57 62.02 35.29
CA ILE R 8 53.51 60.93 35.13
C ILE R 8 52.80 59.58 35.21
N THR R 9 51.63 59.53 35.83
CA THR R 9 50.90 58.26 35.96
C THR R 9 50.16 57.93 34.67
N PHE R 10 49.45 58.89 34.11
CA PHE R 10 48.57 58.63 32.98
C PHE R 10 49.15 59.06 31.65
N LEU R 11 50.30 59.74 31.64
CA LEU R 11 50.93 60.05 30.37
C LEU R 11 51.30 58.81 29.59
N PRO R 12 51.96 57.80 30.17
CA PRO R 12 52.26 56.59 29.39
C PRO R 12 51.01 55.88 28.89
N ILE R 13 49.93 55.89 29.66
CA ILE R 13 48.70 55.23 29.22
C ILE R 13 48.07 56.00 28.06
N VAL R 14 48.07 57.32 28.14
CA VAL R 14 47.51 58.13 27.06
C VAL R 14 48.28 57.91 25.76
N ALA R 15 49.61 57.84 25.86
CA ALA R 15 50.42 57.62 24.67
C ALA R 15 50.07 56.29 24.01
N ALA R 16 49.81 55.26 24.82
CA ALA R 16 49.44 53.97 24.27
C ALA R 16 48.12 54.06 23.51
N ILE R 17 47.18 54.84 24.02
CA ILE R 17 45.89 54.99 23.35
C ILE R 17 46.07 55.70 22.02
N ILE R 18 46.89 56.77 22.01
CA ILE R 18 47.18 57.47 20.76
C ILE R 18 47.89 56.55 19.78
N MET R 19 48.88 55.79 20.25
CA MET R 19 49.58 54.87 19.37
C MET R 19 48.63 53.85 18.77
N ALA R 20 47.75 53.29 19.60
CA ALA R 20 46.82 52.27 19.11
C ALA R 20 45.88 52.87 18.06
N LEU R 21 45.52 54.14 18.21
CA LEU R 21 44.59 54.76 17.28
C LEU R 21 45.28 55.22 16.00
N PHE R 22 46.21 56.15 16.13
CA PHE R 22 46.68 56.93 14.98
C PHE R 22 47.96 56.39 14.38
N LEU R 23 48.38 55.18 14.74
CA LEU R 23 49.57 54.56 14.17
C LEU R 23 49.13 53.38 13.32
N ARG R 24 49.49 53.41 12.04
CA ARG R 24 49.04 52.43 11.06
C ARG R 24 50.24 51.86 10.32
N GLY R 25 50.03 50.69 9.72
CA GLY R 25 51.09 50.00 9.01
C GLY R 25 51.76 48.96 9.88
N GLN R 26 52.17 47.85 9.28
CA GLN R 26 52.83 46.76 10.01
C GLN R 26 54.25 46.53 9.51
N ASP R 27 54.70 47.30 8.54
CA ASP R 27 56.07 47.20 8.03
C ASP R 27 57.06 47.69 9.08
N GLU R 28 58.34 47.54 8.75
CA GLU R 28 59.39 47.89 9.69
C GLU R 28 59.38 49.38 10.02
N ALA R 29 59.12 50.24 9.03
CA ALA R 29 59.00 51.67 9.33
C ALA R 29 57.89 51.93 10.35
N ALA R 30 56.76 51.24 10.23
CA ALA R 30 55.70 51.40 11.22
C ALA R 30 56.16 50.92 12.59
N ALA R 31 56.84 49.78 12.66
CA ALA R 31 57.41 49.32 13.91
C ALA R 31 58.47 50.29 14.42
N ARG R 32 59.30 50.81 13.50
CA ARG R 32 60.33 51.75 13.89
C ARG R 32 59.73 53.00 14.52
N ASN R 33 58.55 53.41 14.06
CA ASN R 33 57.87 54.54 14.68
C ASN R 33 57.42 54.22 16.09
N ALA R 34 56.87 53.02 16.30
CA ALA R 34 56.38 52.63 17.62
C ALA R 34 57.49 52.63 18.65
N LYS R 35 58.66 52.07 18.28
CA LYS R 35 59.78 52.06 19.21
C LYS R 35 60.21 53.48 19.56
N TRP R 36 60.28 54.37 18.59
CA TRP R 36 60.67 55.74 18.87
C TRP R 36 59.62 56.45 19.70
N LEU R 37 58.34 56.24 19.39
CA LEU R 37 57.29 56.89 20.17
C LEU R 37 57.30 56.41 21.62
N ALA R 38 57.53 55.11 21.83
CA ALA R 38 57.64 54.61 23.20
C ALA R 38 58.86 55.19 23.90
N LEU R 39 60.00 55.24 23.21
CA LEU R 39 61.22 55.76 23.83
C LEU R 39 61.07 57.22 24.22
N LEU R 40 60.47 58.04 23.36
CA LEU R 40 60.26 59.43 23.70
C LEU R 40 59.26 59.58 24.84
N THR R 41 58.26 58.69 24.90
CA THR R 41 57.29 58.76 25.98
C THR R 41 57.91 58.37 27.31
N THR R 42 58.64 57.26 27.35
CA THR R 42 59.27 56.84 28.60
C THR R 42 60.32 57.86 29.04
N THR R 43 61.07 58.41 28.10
CA THR R 43 62.03 59.45 28.45
C THR R 43 61.34 60.69 29.00
N ALA R 44 60.20 61.06 28.41
CA ALA R 44 59.46 62.22 28.91
C ALA R 44 58.98 61.98 30.33
N THR R 45 58.47 60.79 30.61
CA THR R 45 57.95 60.50 31.94
C THR R 45 59.06 60.53 32.97
N PHE R 46 60.25 60.03 32.62
CA PHE R 46 61.39 60.09 33.53
C PHE R 46 61.80 61.52 33.82
N VAL R 47 61.83 62.36 32.79
CA VAL R 47 62.24 63.75 32.98
C VAL R 47 61.26 64.49 33.88
N ILE R 48 59.96 64.30 33.63
CA ILE R 48 58.97 64.98 34.46
C ILE R 48 59.03 64.47 35.90
N SER R 49 59.33 63.19 36.10
CA SER R 49 59.41 62.67 37.45
C SER R 49 60.67 63.14 38.16
N LEU R 50 61.64 63.70 37.42
CA LEU R 50 62.78 64.31 38.08
C LEU R 50 62.40 65.62 38.75
N PHE R 51 61.38 66.31 38.25
CA PHE R 51 60.88 67.49 38.94
C PHE R 51 60.34 67.12 40.31
N VAL R 52 59.64 65.99 40.41
CA VAL R 52 59.17 65.51 41.71
C VAL R 52 60.36 65.22 42.61
N LEU R 53 61.38 64.57 42.06
CA LEU R 53 62.52 64.14 42.87
C LEU R 53 63.25 65.33 43.48
N PHE R 54 63.41 66.41 42.72
CA PHE R 54 64.22 67.53 43.17
C PHE R 54 63.42 68.59 43.90
N ARG R 55 62.11 68.70 43.63
CA ARG R 55 61.27 69.54 44.47
C ARG R 55 60.89 68.84 45.77
N PHE R 56 61.06 67.52 45.85
CA PHE R 56 60.70 66.80 47.06
C PHE R 56 61.54 67.26 48.24
N ASP R 57 60.89 67.47 49.38
CA ASP R 57 61.56 67.93 50.58
C ASP R 57 61.65 66.79 51.59
N PRO R 58 62.81 66.18 51.79
CA PRO R 58 62.88 65.02 52.69
C PRO R 58 62.47 65.33 54.12
N ALA R 59 62.69 66.55 54.59
CA ALA R 59 62.40 66.86 56.00
C ALA R 59 60.92 66.71 56.30
N ASN R 60 60.06 67.07 55.34
CA ASN R 60 58.61 66.94 55.50
C ASN R 60 58.23 65.46 55.39
N THR R 61 57.75 64.88 56.48
CA THR R 61 57.31 63.49 56.48
C THR R 61 55.84 63.35 56.09
N GLY R 62 55.16 64.45 55.79
CA GLY R 62 53.83 64.37 55.23
C GLY R 62 53.86 64.14 53.73
N PHE R 63 52.68 63.92 53.16
CA PHE R 63 52.59 63.65 51.74
C PHE R 63 52.66 64.96 50.95
N GLN R 64 53.48 64.95 49.91
CA GLN R 64 53.73 66.12 49.09
C GLN R 64 53.19 65.90 47.69
N PHE R 65 53.06 66.99 46.94
CA PHE R 65 52.52 66.94 45.58
C PHE R 65 51.11 66.36 45.58
N VAL R 66 50.37 66.58 46.64
CA VAL R 66 49.09 65.92 46.84
C VAL R 66 48.02 66.55 45.97
N GLU R 67 47.23 65.72 45.31
CA GLU R 67 46.10 66.16 44.52
C GLU R 67 44.90 65.30 44.88
N ASP R 68 43.74 65.93 45.04
CA ASP R 68 42.54 65.26 45.51
C ASP R 68 41.34 65.71 44.68
N HIS R 69 40.60 64.76 44.14
CA HIS R 69 39.39 65.04 43.38
C HIS R 69 38.33 64.01 43.72
N ALA R 70 37.08 64.40 43.52
CA ALA R 70 35.99 63.46 43.74
C ALA R 70 36.03 62.34 42.71
N TRP R 71 35.51 61.19 43.10
CA TRP R 71 35.56 59.99 42.28
C TRP R 71 34.22 59.28 42.45
N ILE R 72 34.16 58.02 42.03
CA ILE R 72 32.92 57.29 41.94
C ILE R 72 32.65 56.54 43.24
N MET R 73 31.40 56.14 43.43
CA MET R 73 31.00 55.24 44.50
C MET R 73 31.46 55.75 45.87
N GLY R 74 31.58 57.06 46.01
CA GLY R 74 31.93 57.63 47.28
C GLY R 74 33.39 57.55 47.65
N LEU R 75 34.26 57.24 46.68
CA LEU R 75 35.70 57.21 46.89
C LEU R 75 36.31 58.50 46.37
N ARG R 76 37.59 58.69 46.69
CA ARG R 76 38.33 59.86 46.25
C ARG R 76 39.53 59.44 45.43
N TYR R 77 39.86 60.25 44.43
CA TYR R 77 41.09 60.07 43.66
C TYR R 77 42.15 60.97 44.27
N LYS R 78 43.05 60.37 45.05
CA LYS R 78 44.07 61.12 45.77
C LYS R 78 45.43 60.50 45.51
N MET R 79 46.40 61.33 45.16
CA MET R 79 47.75 60.88 44.91
C MET R 79 48.72 61.75 45.70
N GLY R 80 49.91 61.22 45.95
CA GLY R 80 50.93 61.93 46.69
C GLY R 80 52.10 61.02 46.94
N VAL R 81 53.19 61.62 47.41
CA VAL R 81 54.41 60.88 47.71
C VAL R 81 55.03 61.40 48.99
N ASP R 82 55.77 60.51 49.67
CA ASP R 82 56.55 60.88 50.83
C ASP R 82 57.93 60.23 50.69
N GLY R 83 58.73 60.30 51.75
CA GLY R 83 60.08 59.78 51.67
C GLY R 83 60.16 58.29 51.51
N ILE R 84 59.04 57.58 51.72
CA ILE R 84 59.07 56.14 51.61
C ILE R 84 58.72 55.68 50.20
N SER R 85 57.97 56.47 49.45
CA SER R 85 57.47 56.03 48.15
C SER R 85 57.98 56.85 46.98
N VAL R 86 58.65 57.98 47.21
CA VAL R 86 59.11 58.80 46.09
C VAL R 86 60.15 58.04 45.27
N LEU R 87 61.05 57.32 45.93
CA LEU R 87 62.13 56.67 45.20
C LEU R 87 61.63 55.48 44.39
N PHE R 88 60.54 54.85 44.81
CA PHE R 88 59.97 53.78 44.00
C PHE R 88 59.29 54.32 42.75
N VAL R 89 58.85 55.58 42.76
CA VAL R 89 58.37 56.20 41.53
C VAL R 89 59.52 56.41 40.57
N LEU R 90 60.63 56.98 41.06
CA LEU R 90 61.75 57.28 40.18
C LEU R 90 62.39 56.01 39.65
N LEU R 91 62.46 54.96 40.47
CA LEU R 91 62.98 53.69 39.98
C LEU R 91 62.14 53.16 38.84
N THR R 92 60.81 53.22 38.96
CA THR R 92 59.96 52.76 37.87
C THR R 92 60.22 53.56 36.61
N THR R 93 60.22 54.88 36.70
CA THR R 93 60.43 55.70 35.52
C THR R 93 61.85 55.59 34.98
N PHE R 94 62.80 55.21 35.83
CA PHE R 94 64.19 55.07 35.39
C PHE R 94 64.38 53.81 34.56
N MET R 95 63.81 52.69 34.99
CA MET R 95 63.99 51.43 34.30
C MET R 95 63.24 51.39 32.97
N MET R 96 62.14 52.14 32.86
CA MET R 96 61.30 52.00 31.66
C MET R 96 62.02 52.43 30.40
N PRO R 97 62.68 53.60 30.34
CA PRO R 97 63.43 53.92 29.12
C PRO R 97 64.50 52.90 28.78
N LEU R 98 65.21 52.38 29.78
CA LEU R 98 66.22 51.37 29.50
C LEU R 98 65.59 50.08 29.00
N THR R 99 64.45 49.71 29.57
CA THR R 99 63.77 48.49 29.13
C THR R 99 63.31 48.61 27.67
N ILE R 100 62.76 49.77 27.31
CA ILE R 100 62.35 49.98 25.91
C ILE R 100 63.56 49.86 25.00
N LEU R 101 64.66 50.50 25.37
CA LEU R 101 65.84 50.51 24.51
C LEU R 101 66.38 49.11 24.28
N SER R 102 66.18 48.20 25.23
CA SER R 102 66.68 46.84 25.08
C SER R 102 65.85 45.99 24.13
N THR R 103 64.61 46.41 23.83
CA THR R 103 63.76 45.67 22.90
C THR R 103 63.95 46.11 21.45
N TRP R 104 64.95 46.95 21.17
CA TRP R 104 65.05 47.57 19.86
C TRP R 104 65.16 46.57 18.73
N GLN R 105 65.57 45.34 19.01
CA GLN R 105 65.73 44.32 17.98
C GLN R 105 64.54 43.37 17.88
N VAL R 106 63.46 43.64 18.62
CA VAL R 106 62.28 42.78 18.52
C VAL R 106 61.52 43.14 17.24
N GLN R 107 61.17 42.11 16.46
CA GLN R 107 60.46 42.32 15.20
C GLN R 107 59.05 41.77 15.22
N ASP R 108 58.61 41.14 16.30
CA ASP R 108 57.35 40.42 16.34
C ASP R 108 56.30 41.26 17.05
N LYS R 109 55.31 41.75 16.28
CA LYS R 109 54.20 42.52 16.83
C LYS R 109 54.70 43.68 17.69
N VAL R 110 55.48 44.55 17.05
CA VAL R 110 56.19 45.59 17.80
C VAL R 110 55.21 46.60 18.38
N LYS R 111 54.26 47.08 17.57
CA LYS R 111 53.35 48.11 18.06
C LYS R 111 52.58 47.62 19.28
N GLU R 112 52.16 46.36 19.28
CA GLU R 112 51.45 45.81 20.42
C GLU R 112 52.39 45.63 21.61
N TYR R 113 53.65 45.29 21.36
CA TYR R 113 54.64 45.20 22.42
C TYR R 113 54.84 46.54 23.11
N MET R 114 54.95 47.62 22.33
CA MET R 114 55.15 48.94 22.92
C MET R 114 53.93 49.37 23.72
N ILE R 115 52.73 49.08 23.22
CA ILE R 115 51.53 49.48 23.93
C ILE R 115 51.47 48.80 25.29
N ALA R 116 51.78 47.50 25.34
CA ALA R 116 51.71 46.78 26.60
C ALA R 116 52.65 47.38 27.64
N PHE R 117 53.84 47.77 27.23
CA PHE R 117 54.79 48.34 28.18
C PHE R 117 54.39 49.74 28.60
N LEU R 118 53.87 50.54 27.67
CA LEU R 118 53.42 51.88 28.03
C LEU R 118 52.25 51.82 29.00
N VAL R 119 51.30 50.93 28.77
CA VAL R 119 50.18 50.77 29.71
C VAL R 119 50.71 50.27 31.04
N LEU R 120 51.65 49.33 31.03
CA LEU R 120 52.17 48.77 32.27
C LEU R 120 52.84 49.84 33.12
N GLU R 121 53.61 50.74 32.48
CA GLU R 121 54.31 51.77 33.24
C GLU R 121 53.34 52.64 34.02
N GLY R 122 52.31 53.15 33.34
CA GLY R 122 51.36 54.02 34.01
C GLY R 122 50.74 53.36 35.23
N LEU R 123 50.38 52.08 35.10
CA LEU R 123 49.78 51.37 36.22
C LEU R 123 50.79 51.09 37.33
N MET R 124 52.04 50.79 36.98
CA MET R 124 53.06 50.60 38.00
C MET R 124 53.30 51.90 38.78
N ILE R 125 53.33 53.04 38.09
CA ILE R 125 53.55 54.30 38.79
C ILE R 125 52.39 54.60 39.74
N GLY R 126 51.17 54.28 39.31
CA GLY R 126 50.02 54.56 40.16
C GLY R 126 50.07 53.86 41.49
N VAL R 127 50.64 52.66 41.53
CA VAL R 127 50.72 51.91 42.77
C VAL R 127 51.43 52.74 43.84
N PHE R 128 52.48 53.45 43.46
CA PHE R 128 53.31 54.16 44.43
C PHE R 128 52.81 55.56 44.74
N THR R 129 51.96 56.15 43.89
CA THR R 129 51.46 57.49 44.14
C THR R 129 50.08 57.50 44.78
N ALA R 130 49.32 56.43 44.66
CA ALA R 130 47.93 56.42 45.14
C ALA R 130 47.87 56.61 46.65
N LEU R 131 46.95 57.49 47.08
CA LEU R 131 46.68 57.71 48.50
C LEU R 131 45.21 57.44 48.82
N ASP R 132 44.55 56.62 48.01
CA ASP R 132 43.22 56.12 48.31
C ASP R 132 43.30 54.61 48.35
N LEU R 133 42.65 54.01 49.35
CA LEU R 133 42.81 52.58 49.56
C LEU R 133 42.35 51.77 48.35
N VAL R 134 41.18 52.12 47.79
CA VAL R 134 40.70 51.41 46.62
C VAL R 134 41.54 51.77 45.39
N LEU R 135 41.95 53.03 45.28
CA LEU R 135 42.80 53.42 44.16
C LEU R 135 44.10 52.63 44.15
N PHE R 136 44.67 52.39 45.33
CA PHE R 136 45.87 51.56 45.40
C PHE R 136 45.58 50.15 44.89
N TYR R 137 44.43 49.59 45.27
CA TYR R 137 44.08 48.25 44.82
C TYR R 137 43.86 48.20 43.32
N LEU R 138 43.35 49.28 42.73
CA LEU R 138 43.10 49.32 41.30
C LEU R 138 44.41 49.20 40.52
N PHE R 139 45.38 50.06 40.83
CA PHE R 139 46.67 49.98 40.16
C PHE R 139 47.40 48.70 40.50
N PHE R 140 47.25 48.23 41.73
CA PHE R 140 47.93 47.02 42.18
C PHE R 140 47.50 45.82 41.36
N GLU R 141 46.21 45.71 41.06
CA GLU R 141 45.68 44.58 40.31
C GLU R 141 45.62 44.82 38.81
N ALA R 142 45.46 46.06 38.36
CA ALA R 142 45.35 46.31 36.93
C ALA R 142 46.63 45.93 36.21
N GLY R 143 47.77 45.95 36.90
CA GLY R 143 49.03 45.62 36.28
C GLY R 143 49.12 44.18 35.83
N LEU R 144 48.26 43.32 36.36
CA LEU R 144 48.30 41.91 35.96
C LEU R 144 47.91 41.74 34.50
N ILE R 145 47.02 42.59 33.99
CA ILE R 145 46.48 42.41 32.65
C ILE R 145 47.57 42.57 31.61
N PRO R 146 48.25 43.71 31.49
CA PRO R 146 49.32 43.81 30.48
C PRO R 146 50.41 42.77 30.67
N MET R 147 50.76 42.42 31.90
CA MET R 147 51.81 41.44 32.11
C MET R 147 51.34 40.04 31.74
N PHE R 148 50.07 39.74 31.97
CA PHE R 148 49.52 38.46 31.52
C PHE R 148 49.72 38.28 30.02
N LEU R 149 49.48 39.34 29.24
CA LEU R 149 49.62 39.26 27.80
C LEU R 149 51.08 39.33 27.36
N ILE R 150 51.92 40.07 28.09
CA ILE R 150 53.33 40.14 27.74
C ILE R 150 53.96 38.76 27.83
N ILE R 151 53.64 38.01 28.88
CA ILE R 151 54.16 36.65 28.99
C ILE R 151 53.50 35.74 27.96
N GLY R 152 52.19 35.88 27.78
CA GLY R 152 51.48 34.98 26.90
C GLY R 152 51.89 35.11 25.44
N ILE R 153 52.06 36.34 24.97
CA ILE R 153 52.30 36.57 23.54
C ILE R 153 53.78 36.42 23.19
N TRP R 154 54.68 36.92 24.03
CA TRP R 154 56.11 36.96 23.71
C TRP R 154 56.96 36.03 24.56
N GLY R 155 56.35 35.17 25.37
CA GLY R 155 57.08 34.30 26.27
C GLY R 155 57.65 33.07 25.59
N GLY R 156 58.17 32.17 26.42
CA GLY R 156 58.85 30.98 25.95
C GLY R 156 57.91 29.85 25.64
N LYS R 157 58.44 28.62 25.69
CA LYS R 157 57.68 27.45 25.30
C LYS R 157 56.67 27.02 26.36
N ASP R 158 56.79 27.51 27.59
CA ASP R 158 55.86 27.19 28.65
C ASP R 158 55.05 28.41 29.09
N ARG R 159 54.89 29.37 28.18
CA ARG R 159 54.35 30.68 28.56
C ARG R 159 52.86 30.61 28.88
N ILE R 160 52.13 29.70 28.25
CA ILE R 160 50.71 29.55 28.56
C ILE R 160 50.51 29.20 30.02
N TYR R 161 51.27 28.21 30.51
CA TYR R 161 51.15 27.84 31.91
C TYR R 161 51.66 28.96 32.82
N ALA R 162 52.77 29.59 32.44
CA ALA R 162 53.37 30.61 33.29
C ALA R 162 52.45 31.82 33.43
N SER R 163 51.83 32.24 32.34
CA SER R 163 50.98 33.42 32.40
C SER R 163 49.76 33.20 33.28
N PHE R 164 49.16 32.01 33.19
CA PHE R 164 47.99 31.71 34.01
C PHE R 164 48.36 31.58 35.48
N LYS R 165 49.49 30.91 35.77
CA LYS R 165 49.93 30.82 37.16
C LYS R 165 50.25 32.19 37.71
N PHE R 166 50.91 33.02 36.92
CA PHE R 166 51.23 34.37 37.38
C PHE R 166 49.98 35.14 37.76
N PHE R 167 48.99 35.16 36.85
CA PHE R 167 47.80 35.96 37.09
C PHE R 167 46.98 35.41 38.25
N LEU R 168 46.69 34.11 38.23
CA LEU R 168 45.75 33.56 39.21
C LEU R 168 46.37 33.48 40.58
N TYR R 169 47.65 33.15 40.67
CA TYR R 169 48.32 33.13 41.97
C TYR R 169 48.33 34.50 42.60
N THR R 170 48.69 35.53 41.84
CA THR R 170 48.66 36.90 42.36
C THR R 170 47.24 37.36 42.63
N PHE R 171 46.31 37.04 41.72
CA PHE R 171 44.93 37.44 41.89
C PHE R 171 44.33 36.84 43.16
N LEU R 172 44.67 35.59 43.46
CA LEU R 172 44.09 34.94 44.63
C LEU R 172 44.49 35.66 45.91
N GLY R 173 45.75 36.08 46.01
CA GLY R 173 46.21 36.69 47.25
C GLY R 173 45.65 38.08 47.47
N SER R 174 45.32 38.78 46.39
CA SER R 174 44.90 40.18 46.52
C SER R 174 43.40 40.32 46.76
N VAL R 175 42.62 39.29 46.45
CA VAL R 175 41.18 39.39 46.71
C VAL R 175 40.89 39.31 48.19
N LEU R 176 41.68 38.55 48.94
CA LEU R 176 41.59 38.60 50.39
C LEU R 176 41.93 39.99 50.92
N MET R 177 42.96 40.62 50.36
CA MET R 177 43.28 42.00 50.74
C MET R 177 42.14 42.95 50.40
N LEU R 178 41.41 42.68 49.33
CA LEU R 178 40.30 43.55 48.98
C LEU R 178 39.23 43.56 50.07
N VAL R 179 38.92 42.40 50.64
CA VAL R 179 37.92 42.33 51.69
C VAL R 179 38.39 43.05 52.94
N ALA R 180 39.68 42.92 53.26
CA ALA R 180 40.23 43.69 54.38
C ALA R 180 40.15 45.18 54.13
N MET R 181 40.40 45.62 52.89
CA MET R 181 40.26 47.04 52.59
C MET R 181 38.83 47.51 52.76
N ILE R 182 37.85 46.66 52.43
CA ILE R 182 36.47 47.04 52.62
C ILE R 182 36.14 47.13 54.10
N ALA R 183 36.69 46.21 54.90
CA ALA R 183 36.47 46.27 56.34
C ALA R 183 37.07 47.53 56.94
N MET R 184 38.32 47.85 56.59
CA MET R 184 38.91 49.09 57.08
C MET R 184 38.10 50.29 56.64
N TYR R 185 37.56 50.24 55.42
CA TYR R 185 36.72 51.33 54.93
C TYR R 185 35.51 51.52 55.82
N ARG R 186 34.91 50.41 56.27
CA ARG R 186 33.71 50.50 57.10
C ARG R 186 34.01 50.91 58.53
N MET R 187 35.12 50.41 59.09
CA MET R 187 35.46 50.79 60.47
C MET R 187 35.82 52.26 60.55
N ALA R 188 36.73 52.71 59.70
CA ALA R 188 37.20 54.09 59.74
C ALA R 188 36.32 55.04 58.95
N GLY R 189 35.39 54.52 58.15
CA GLY R 189 34.53 55.38 57.38
C GLY R 189 35.25 56.23 56.37
N THR R 190 36.33 55.72 55.79
CA THR R 190 37.13 56.48 54.84
C THR R 190 38.05 55.52 54.12
N THR R 191 38.45 55.88 52.90
CA THR R 191 39.49 55.17 52.17
C THR R 191 40.75 56.00 52.04
N ASP R 192 40.81 57.15 52.72
CA ASP R 192 41.97 58.03 52.68
C ASP R 192 43.13 57.40 53.42
N ILE R 193 44.22 57.13 52.70
CA ILE R 193 45.38 56.51 53.34
C ILE R 193 45.93 57.38 54.44
N PRO R 194 46.09 58.70 54.28
CA PRO R 194 46.55 59.52 55.41
C PRO R 194 45.67 59.40 56.64
N THR R 195 44.35 59.33 56.45
CA THR R 195 43.45 59.17 57.59
C THR R 195 43.55 57.78 58.20
N LEU R 196 43.79 56.76 57.37
CA LEU R 196 43.91 55.41 57.89
C LEU R 196 45.24 55.19 58.60
N LEU R 197 46.23 56.03 58.34
CA LEU R 197 47.52 55.89 59.01
C LEU R 197 47.47 56.30 60.47
N THR R 198 46.50 57.15 60.83
CA THR R 198 46.32 57.56 62.22
C THR R 198 45.18 56.83 62.92
N PHE R 199 44.32 56.17 62.16
CA PHE R 199 43.24 55.41 62.79
C PHE R 199 43.82 54.27 63.63
N ASP R 200 43.16 53.98 64.74
CA ASP R 200 43.52 52.88 65.61
C ASP R 200 42.54 51.74 65.36
N PHE R 201 42.97 50.75 64.60
CA PHE R 201 42.16 49.57 64.41
C PHE R 201 42.20 48.71 65.67
N PRO R 202 41.08 48.12 66.09
CA PRO R 202 41.06 47.37 67.35
C PRO R 202 42.05 46.22 67.33
N SER R 203 42.69 46.00 68.48
CA SER R 203 43.67 44.93 68.63
C SER R 203 43.34 43.99 69.77
N GLU R 204 42.19 44.14 70.41
CA GLU R 204 41.79 43.25 71.50
C GLU R 204 41.43 41.87 70.96
N ASN R 205 41.98 40.85 71.60
CA ASN R 205 41.82 39.48 71.10
C ASN R 205 40.37 39.05 71.12
N PHE R 206 40.01 38.21 70.16
CA PHE R 206 38.73 37.52 70.14
C PHE R 206 38.95 36.11 69.63
N ARG R 207 37.86 35.37 69.50
CA ARG R 207 37.91 33.96 69.08
C ARG R 207 37.20 33.83 67.75
N LEU R 208 37.86 33.19 66.79
CA LEU R 208 37.30 32.95 65.47
C LEU R 208 37.48 31.48 65.13
N LEU R 209 36.38 30.75 65.06
CA LEU R 209 36.38 29.31 64.78
C LEU R 209 37.02 28.63 65.97
N GLY R 210 37.99 27.73 65.78
CA GLY R 210 38.56 26.94 66.85
C GLY R 210 39.82 27.48 67.46
N MET R 211 40.18 28.73 67.17
CA MET R 211 41.45 29.30 67.61
C MET R 211 41.22 30.70 68.16
N THR R 212 42.13 31.11 69.04
CA THR R 212 42.23 32.50 69.43
C THR R 212 42.98 33.28 68.38
N VAL R 213 42.52 34.49 68.10
CA VAL R 213 43.15 35.37 67.11
C VAL R 213 43.90 36.42 67.92
N VAL R 214 45.17 36.15 68.18
CA VAL R 214 46.02 37.12 68.85
C VAL R 214 46.17 38.33 67.97
N GLY R 215 45.90 39.51 68.51
CA GLY R 215 45.86 40.73 67.75
C GLY R 215 44.48 41.16 67.32
N GLY R 216 43.48 40.32 67.53
CA GLY R 216 42.11 40.74 67.26
C GLY R 216 41.90 41.11 65.80
N MET R 217 41.28 42.27 65.59
CA MET R 217 40.95 42.69 64.23
C MET R 217 42.21 43.05 63.45
N GLN R 218 43.21 43.60 64.12
CA GLN R 218 44.44 43.96 63.42
C GLN R 218 45.11 42.74 62.83
N MET R 219 45.12 41.62 63.56
CA MET R 219 45.71 40.41 63.02
C MET R 219 44.94 39.91 61.81
N LEU R 220 43.60 39.95 61.86
CA LEU R 220 42.82 39.52 60.70
C LEU R 220 43.08 40.41 59.50
N LEU R 221 43.11 41.72 59.69
CA LEU R 221 43.45 42.62 58.60
C LEU R 221 44.90 42.41 58.18
N PHE R 222 45.81 42.17 59.14
CA PHE R 222 47.20 41.94 58.81
C PHE R 222 47.37 40.72 57.92
N LEU R 223 46.67 39.64 58.23
CA LEU R 223 46.84 38.41 57.46
C LEU R 223 46.31 38.55 56.05
N ALA R 224 45.23 39.30 55.86
CA ALA R 224 44.72 39.52 54.52
C ALA R 224 45.74 40.28 53.67
N PHE R 225 46.30 41.37 54.22
CA PHE R 225 47.33 42.11 53.51
C PHE R 225 48.60 41.29 53.35
N PHE R 226 48.93 40.47 54.34
CA PHE R 226 50.13 39.65 54.24
C PHE R 226 50.02 38.67 53.07
N ALA R 227 48.84 38.07 52.89
CA ALA R 227 48.66 37.15 51.78
C ALA R 227 48.93 37.85 50.45
N SER R 228 48.44 39.07 50.28
CA SER R 228 48.67 39.79 49.04
C SER R 228 50.14 40.12 48.85
N PHE R 229 50.78 40.67 49.88
CA PHE R 229 52.16 41.13 49.73
C PHE R 229 53.16 39.99 49.81
N ALA R 230 52.85 38.93 50.56
CA ALA R 230 53.75 37.79 50.60
C ALA R 230 53.88 37.13 49.23
N VAL R 231 52.77 36.99 48.51
CA VAL R 231 52.83 36.40 47.18
C VAL R 231 53.51 37.33 46.21
N LYS R 232 53.25 38.64 46.33
CA LYS R 232 53.83 39.61 45.42
C LYS R 232 55.34 39.75 45.60
N MET R 233 55.83 39.56 46.82
CA MET R 233 57.20 39.93 47.15
C MET R 233 58.22 39.22 46.27
N PRO R 234 58.23 37.89 46.15
CA PRO R 234 57.45 36.90 46.88
C PRO R 234 58.19 36.38 48.10
N MET R 235 57.48 35.88 49.10
CA MET R 235 58.09 35.22 50.23
C MET R 235 57.99 33.71 50.04
N TRP R 236 58.92 33.00 50.64
CA TRP R 236 58.82 31.56 50.70
C TRP R 236 57.71 31.18 51.69
N PRO R 237 56.90 30.15 51.38
CA PRO R 237 56.90 29.25 50.23
C PRO R 237 55.86 29.58 49.17
N VAL R 238 55.50 30.85 48.99
CA VAL R 238 54.45 31.24 48.05
C VAL R 238 55.12 31.85 46.84
N HIS R 239 56.34 31.41 46.57
CA HIS R 239 57.20 31.99 45.55
C HIS R 239 57.21 31.23 44.24
N THR R 240 56.68 30.01 44.19
CA THR R 240 56.91 29.14 43.04
C THR R 240 56.26 29.65 41.77
N TRP R 241 55.53 30.76 41.80
CA TRP R 241 55.08 31.39 40.57
C TRP R 241 56.21 32.14 39.89
N LEU R 242 57.13 32.69 40.67
CA LEU R 242 58.18 33.54 40.10
C LEU R 242 59.12 32.77 39.17
N PRO R 243 59.62 31.59 39.53
CA PRO R 243 60.52 30.88 38.61
C PRO R 243 59.85 30.50 37.29
N ASP R 244 58.53 30.49 37.24
CA ASP R 244 57.83 30.30 35.96
C ASP R 244 57.70 31.63 35.22
N ALA R 245 57.07 32.62 35.84
CA ALA R 245 56.75 33.86 35.13
C ALA R 245 58.02 34.59 34.70
N HIS R 246 58.99 34.72 35.60
CA HIS R 246 60.22 35.45 35.27
C HIS R 246 61.02 34.74 34.20
N VAL R 247 61.04 33.41 34.23
CA VAL R 247 61.79 32.66 33.23
C VAL R 247 61.09 32.67 31.88
N GLN R 248 59.78 32.43 31.87
CA GLN R 248 59.05 32.30 30.61
C GLN R 248 58.71 33.64 29.96
N ALA R 249 58.86 34.74 30.67
CA ALA R 249 58.59 36.04 30.08
C ALA R 249 59.68 36.41 29.09
N PRO R 250 59.39 37.33 28.16
CA PRO R 250 60.47 37.89 27.34
C PRO R 250 61.43 38.69 28.21
N THR R 251 62.65 38.85 27.71
CA THR R 251 63.69 39.50 28.51
C THR R 251 63.20 40.83 29.10
N ALA R 252 62.57 41.66 28.27
CA ALA R 252 62.04 42.93 28.78
C ALA R 252 61.03 42.69 29.89
N GLY R 253 60.16 41.70 29.73
CA GLY R 253 59.20 41.38 30.78
C GLY R 253 59.89 40.96 32.07
N SER R 254 60.97 40.18 31.96
CA SER R 254 61.67 39.76 33.16
C SER R 254 62.30 40.94 33.88
N VAL R 255 62.73 41.95 33.13
CA VAL R 255 63.34 43.13 33.75
C VAL R 255 62.32 43.84 34.63
N LEU R 256 61.14 44.12 34.08
CA LEU R 256 60.12 44.83 34.85
C LEU R 256 59.50 43.94 35.91
N LEU R 257 59.41 42.64 35.65
CA LEU R 257 58.89 41.71 36.65
C LEU R 257 59.75 41.71 37.91
N ALA R 258 61.07 41.70 37.74
CA ALA R 258 61.95 41.59 38.89
C ALA R 258 62.31 42.94 39.48
N ALA R 259 62.51 43.95 38.63
CA ALA R 259 63.00 45.23 39.12
C ALA R 259 61.91 46.03 39.83
N VAL R 260 60.67 45.96 39.34
CA VAL R 260 59.63 46.85 39.83
C VAL R 260 58.52 46.09 40.54
N LEU R 261 57.89 45.13 39.85
CA LEU R 261 56.70 44.51 40.41
C LEU R 261 56.96 43.81 41.73
N LEU R 262 58.17 43.28 41.95
CA LEU R 262 58.46 42.68 43.23
C LEU R 262 58.41 43.72 44.35
N LYS R 263 58.80 44.97 44.05
CA LYS R 263 58.85 45.99 45.08
C LYS R 263 57.48 46.38 45.58
N MET R 264 56.41 46.02 44.89
CA MET R 264 55.08 46.35 45.37
C MET R 264 54.75 45.59 46.64
N GLY R 265 55.25 44.38 46.79
CA GLY R 265 55.03 43.63 48.01
C GLY R 265 55.72 44.26 49.21
N GLY R 266 56.99 44.64 49.03
CA GLY R 266 57.72 45.27 50.13
C GLY R 266 57.21 46.65 50.47
N TYR R 267 56.86 47.43 49.44
CA TYR R 267 56.26 48.74 49.69
C TYR R 267 54.92 48.60 50.40
N GLY R 268 54.16 47.57 50.08
CA GLY R 268 52.92 47.33 50.79
C GLY R 268 53.13 47.14 52.28
N PHE R 269 54.17 46.40 52.66
CA PHE R 269 54.49 46.23 54.07
C PHE R 269 54.82 47.54 54.74
N LEU R 270 55.54 48.44 54.05
CA LEU R 270 55.92 49.72 54.62
C LEU R 270 54.78 50.73 54.61
N ARG R 271 53.82 50.60 53.70
CA ARG R 271 52.73 51.56 53.63
C ARG R 271 51.56 51.16 54.51
N PHE R 272 51.25 49.87 54.59
CA PHE R 272 50.06 49.42 55.29
C PHE R 272 50.38 48.56 56.50
N SER R 273 51.11 47.47 56.33
CA SER R 273 51.19 46.47 57.39
C SER R 273 51.80 47.03 58.66
N LEU R 274 52.90 47.78 58.54
CA LEU R 274 53.54 48.32 59.74
C LEU R 274 52.83 49.56 60.26
N PRO R 275 52.52 50.57 59.44
CA PRO R 275 51.83 51.74 59.99
C PRO R 275 50.43 51.43 60.50
N MET R 276 49.62 50.69 59.74
CA MET R 276 48.22 50.51 60.07
C MET R 276 47.95 49.34 61.01
N PHE R 277 48.80 48.32 61.04
CA PHE R 277 48.64 47.17 61.92
C PHE R 277 49.93 46.94 62.70
N PRO R 278 50.27 47.85 63.62
CA PRO R 278 51.54 47.68 64.34
C PRO R 278 51.52 46.55 65.34
N VAL R 279 50.42 46.38 66.07
CA VAL R 279 50.36 45.31 67.06
C VAL R 279 50.47 43.96 66.38
N ALA R 280 49.73 43.76 65.28
CA ALA R 280 49.82 42.51 64.54
C ALA R 280 51.23 42.30 63.99
N SER R 281 51.85 43.37 63.48
CA SER R 281 53.20 43.23 62.96
C SER R 281 54.18 42.79 64.05
N GLY R 282 54.08 43.37 65.24
CA GLY R 282 54.92 42.95 66.33
C GLY R 282 54.75 41.47 66.66
N VAL R 283 53.52 40.99 66.60
CA VAL R 283 53.26 39.58 66.90
C VAL R 283 53.83 38.68 65.81
N ALA R 284 53.67 39.08 64.55
CA ALA R 284 54.11 38.25 63.43
C ALA R 284 55.60 38.31 63.19
N GLN R 285 56.33 39.17 63.90
CA GLN R 285 57.76 39.35 63.63
C GLN R 285 58.53 38.04 63.70
N PRO R 286 58.37 37.17 64.71
CA PRO R 286 59.13 35.92 64.73
C PRO R 286 58.91 35.05 63.51
N TYR R 287 57.66 34.94 63.04
CA TYR R 287 57.39 34.06 61.92
C TYR R 287 57.94 34.64 60.62
N VAL R 288 57.82 35.96 60.45
CA VAL R 288 58.37 36.59 59.26
C VAL R 288 59.88 36.46 59.22
N PHE R 289 60.53 36.52 60.38
CA PHE R 289 61.97 36.37 60.44
C PHE R 289 62.42 35.02 59.90
N TRP R 290 61.77 33.95 60.34
CA TRP R 290 62.21 32.62 59.95
C TRP R 290 61.78 32.27 58.53
N LEU R 291 60.64 32.79 58.07
CA LEU R 291 60.28 32.59 56.67
C LEU R 291 61.30 33.26 55.77
N SER R 292 61.78 34.43 56.17
CA SER R 292 62.76 35.14 55.36
C SER R 292 64.13 34.50 55.45
N ALA R 293 64.54 34.07 56.65
CA ALA R 293 65.79 33.33 56.77
C ALA R 293 65.74 32.04 55.98
N ILE R 294 64.63 31.30 56.07
CA ILE R 294 64.49 30.09 55.27
C ILE R 294 64.60 30.43 53.79
N ALA R 295 63.97 31.53 53.37
CA ALA R 295 63.98 31.91 51.97
C ALA R 295 65.39 32.13 51.46
N ILE R 296 66.23 32.81 52.24
CA ILE R 296 67.59 33.08 51.80
C ILE R 296 68.35 31.78 51.61
N VAL R 297 68.32 30.91 52.62
CA VAL R 297 69.06 29.66 52.55
C VAL R 297 68.45 28.73 51.52
N TYR R 298 67.12 28.62 51.54
CA TYR R 298 66.44 27.66 50.68
C TYR R 298 66.68 27.97 49.20
N THR R 299 66.41 29.21 48.79
CA THR R 299 66.52 29.54 47.37
C THR R 299 67.95 29.71 46.92
N SER R 300 68.86 30.05 47.84
CA SER R 300 70.27 30.08 47.49
C SER R 300 70.77 28.69 47.13
N LEU R 301 70.36 27.67 47.89
CA LEU R 301 70.73 26.30 47.55
C LEU R 301 70.02 25.83 46.30
N VAL R 302 68.77 26.28 46.09
CA VAL R 302 68.04 25.90 44.88
C VAL R 302 68.65 26.56 43.66
N ALA R 303 69.11 27.80 43.80
CA ALA R 303 69.76 28.47 42.67
C ALA R 303 71.03 27.73 42.27
N LEU R 304 71.77 27.24 43.26
CA LEU R 304 72.99 26.50 42.98
C LEU R 304 72.74 25.23 42.17
N ALA R 305 71.53 24.69 42.21
CA ALA R 305 71.23 23.45 41.52
C ALA R 305 70.69 23.65 40.11
N GLN R 306 70.49 24.88 39.66
CA GLN R 306 69.81 25.12 38.40
C GLN R 306 70.73 24.85 37.21
N SER R 307 70.17 24.25 36.17
CA SER R 307 70.87 24.09 34.90
C SER R 307 70.58 25.23 33.92
N ASP R 308 69.65 26.11 34.25
CA ASP R 308 69.15 27.14 33.36
C ASP R 308 69.58 28.50 33.90
N MET R 309 70.27 29.28 33.06
CA MET R 309 70.89 30.51 33.54
C MET R 309 69.83 31.49 34.04
N LYS R 310 68.73 31.63 33.30
CA LYS R 310 67.69 32.56 33.71
C LYS R 310 67.02 32.13 35.00
N LYS R 311 66.99 30.82 35.29
CA LYS R 311 66.40 30.36 36.54
C LYS R 311 67.29 30.63 37.73
N VAL R 312 68.62 30.64 37.53
CA VAL R 312 69.51 31.05 38.61
C VAL R 312 69.23 32.47 39.03
N ILE R 313 69.05 33.36 38.05
CA ILE R 313 68.75 34.76 38.35
C ILE R 313 67.39 34.88 39.00
N ALA R 314 66.41 34.12 38.52
CA ALA R 314 65.07 34.17 39.10
C ALA R 314 65.10 33.78 40.57
N TYR R 315 65.80 32.69 40.90
CA TYR R 315 65.83 32.24 42.28
C TYR R 315 66.66 33.17 43.14
N SER R 316 67.63 33.86 42.53
CA SER R 316 68.42 34.83 43.28
C SER R 316 67.54 35.95 43.82
N SER R 317 66.57 36.40 43.03
CA SER R 317 65.69 37.47 43.47
C SER R 317 64.94 37.11 44.75
N VAL R 318 64.47 35.87 44.85
CA VAL R 318 63.72 35.46 46.03
C VAL R 318 64.60 35.53 47.27
N ALA R 319 65.88 35.18 47.13
CA ALA R 319 66.80 35.32 48.26
C ALA R 319 67.01 36.78 48.63
N HIS R 320 67.17 37.64 47.62
CA HIS R 320 67.41 39.05 47.92
C HIS R 320 66.20 39.70 48.59
N MET R 321 64.99 39.30 48.21
CA MET R 321 63.80 39.82 48.88
C MET R 321 63.71 39.32 50.31
N GLY R 322 64.34 38.21 50.64
CA GLY R 322 64.32 37.73 52.01
C GLY R 322 64.95 38.72 52.96
N TYR R 323 65.99 39.41 52.51
CA TYR R 323 66.59 40.47 53.32
C TYR R 323 65.62 41.62 53.52
N VAL R 324 64.89 41.98 52.47
CA VAL R 324 63.95 43.10 52.56
C VAL R 324 62.88 42.80 53.60
N THR R 325 62.34 41.59 53.58
CA THR R 325 61.28 41.24 54.52
C THR R 325 61.77 41.29 55.96
N MET R 326 62.98 40.76 56.22
CA MET R 326 63.56 40.84 57.55
C MET R 326 63.75 42.28 57.98
N GLY R 327 64.30 43.11 57.10
CA GLY R 327 64.55 44.49 57.46
C GLY R 327 63.29 45.25 57.80
N VAL R 328 62.22 45.03 57.04
CA VAL R 328 60.98 45.73 57.30
C VAL R 328 60.45 45.39 58.68
N PHE R 329 60.43 44.12 59.02
CA PHE R 329 59.81 43.65 60.25
C PHE R 329 60.75 43.68 61.45
N ALA R 330 62.02 44.02 61.26
CA ALA R 330 62.85 44.37 62.40
C ALA R 330 62.38 45.66 63.04
N ALA R 331 61.71 46.50 62.26
CA ALA R 331 60.99 47.66 62.78
C ALA R 331 61.87 48.59 63.60
N ASN R 332 63.13 48.73 63.16
CA ASN R 332 64.03 49.74 63.69
C ASN R 332 64.57 50.55 62.53
N GLN R 333 65.13 51.71 62.84
CA GLN R 333 65.57 52.62 61.79
C GLN R 333 66.56 51.95 60.84
N ILE R 334 67.51 51.19 61.39
CA ILE R 334 68.55 50.59 60.56
C ILE R 334 67.97 49.52 59.64
N GLY R 335 67.09 48.67 60.16
CA GLY R 335 66.51 47.63 59.34
C GLY R 335 65.62 48.17 58.24
N VAL R 336 64.77 49.14 58.57
CA VAL R 336 63.82 49.65 57.59
C VAL R 336 64.53 50.46 56.51
N ASP R 337 65.53 51.25 56.89
CA ASP R 337 66.32 51.95 55.88
C ASP R 337 67.06 50.97 54.99
N GLY R 338 67.60 49.90 55.56
CA GLY R 338 68.24 48.88 54.75
C GLY R 338 67.26 48.17 53.83
N ALA R 339 66.04 47.94 54.30
CA ALA R 339 65.04 47.28 53.48
C ALA R 339 64.71 48.12 52.25
N ILE R 340 64.51 49.43 52.44
CA ILE R 340 64.22 50.30 51.31
C ILE R 340 65.41 50.37 50.37
N PHE R 341 66.62 50.49 50.92
CA PHE R 341 67.80 50.53 50.07
C PHE R 341 67.96 49.20 49.31
N GLN R 342 67.71 48.08 49.98
CA GLN R 342 67.83 46.80 49.31
C GLN R 342 66.84 46.69 48.16
N MET R 343 65.62 47.17 48.33
CA MET R 343 64.64 47.12 47.24
C MET R 343 65.12 47.93 46.06
N LEU R 344 65.51 49.19 46.28
CA LEU R 344 65.96 50.02 45.17
C LEU R 344 67.22 49.44 44.54
N SER R 345 68.17 49.01 45.36
CA SER R 345 69.40 48.44 44.84
C SER R 345 69.13 47.21 43.99
N HIS R 346 68.28 46.31 44.48
CA HIS R 346 67.96 45.10 43.72
C HIS R 346 67.31 45.42 42.39
N GLY R 347 66.69 46.58 42.26
CA GLY R 347 66.10 46.96 40.99
C GLY R 347 67.14 47.09 39.89
N PHE R 348 68.26 47.74 40.20
CA PHE R 348 69.30 47.91 39.18
C PHE R 348 70.02 46.61 38.88
N ILE R 349 70.36 45.86 39.93
CA ILE R 349 71.19 44.68 39.75
C ILE R 349 70.40 43.57 39.08
N SER R 350 69.22 43.25 39.60
CA SER R 350 68.44 42.15 39.03
C SER R 350 68.05 42.46 37.59
N GLY R 351 67.62 43.70 37.32
CA GLY R 351 67.32 44.07 35.96
C GLY R 351 68.51 43.89 35.04
N ALA R 352 69.69 44.35 35.49
CA ALA R 352 70.89 44.21 34.68
C ALA R 352 71.20 42.75 34.38
N LEU R 353 71.05 41.87 35.37
CA LEU R 353 71.35 40.46 35.15
C LEU R 353 70.40 39.85 34.13
N PHE R 354 69.12 40.21 34.16
CA PHE R 354 68.19 39.72 33.15
C PHE R 354 68.56 40.26 31.78
N LEU R 355 69.12 41.46 31.71
CA LEU R 355 69.62 41.97 30.44
C LEU R 355 70.89 41.24 30.00
N CYS R 356 71.72 40.81 30.95
CA CYS R 356 72.88 40.01 30.60
C CYS R 356 72.46 38.67 30.01
N VAL R 357 71.39 38.06 30.55
CA VAL R 357 70.89 36.82 29.99
C VAL R 357 70.36 37.04 28.58
N GLY R 358 69.68 38.16 28.36
CA GLY R 358 69.11 38.42 27.05
C GLY R 358 70.17 38.63 25.99
N VAL R 359 71.31 39.20 26.37
CA VAL R 359 72.37 39.46 25.40
C VAL R 359 72.82 38.16 24.75
N ILE R 360 73.03 37.11 25.55
CA ILE R 360 73.45 35.84 24.99
C ILE R 360 72.28 34.97 24.55
N TYR R 361 71.07 35.19 25.11
CA TYR R 361 69.91 34.50 24.58
C TYR R 361 69.62 34.94 23.14
N ASP R 362 69.75 36.24 22.87
CA ASP R 362 69.50 36.73 21.52
C ASP R 362 70.45 36.09 20.51
N ARG R 363 71.72 35.91 20.89
CA ARG R 363 72.70 35.35 19.98
C ARG R 363 72.55 33.85 19.82
N MET R 364 72.26 33.13 20.91
CA MET R 364 72.28 31.67 20.90
C MET R 364 70.92 31.02 21.05
N HIS R 365 69.89 31.76 21.49
CA HIS R 365 68.53 31.25 21.59
C HIS R 365 68.43 30.06 22.54
N THR R 366 69.25 30.03 23.58
CA THR R 366 69.18 29.00 24.59
C THR R 366 69.56 29.60 25.94
N ARG R 367 69.07 28.98 27.02
CA ARG R 367 69.38 29.39 28.37
C ARG R 367 70.12 28.33 29.16
N GLU R 368 70.42 27.18 28.58
CA GLU R 368 71.21 26.18 29.28
C GLU R 368 72.60 26.70 29.56
N ILE R 369 73.05 26.54 30.81
CA ILE R 369 74.39 26.96 31.18
C ILE R 369 75.42 26.19 30.38
N ASP R 370 75.20 24.88 30.19
CA ASP R 370 76.17 24.03 29.51
C ASP R 370 76.28 24.33 28.02
N ALA R 371 75.40 25.15 27.47
CA ALA R 371 75.47 25.52 26.06
C ALA R 371 76.46 26.65 25.81
N TYR R 372 77.10 27.17 26.85
CA TYR R 372 78.05 28.26 26.73
C TYR R 372 79.40 27.82 27.28
N GLY R 373 80.30 28.78 27.45
CA GLY R 373 81.62 28.50 27.96
C GLY R 373 82.68 29.34 27.27
N GLY R 374 83.57 29.94 28.04
CA GLY R 374 84.65 30.70 27.44
C GLY R 374 84.19 31.87 26.59
N LEU R 375 83.01 32.41 26.87
CA LEU R 375 82.53 33.57 26.12
C LEU R 375 83.46 34.76 26.27
N VAL R 376 84.28 34.80 27.32
CA VAL R 376 85.21 35.92 27.49
C VAL R 376 86.14 36.00 26.29
N ASN R 377 86.38 34.87 25.62
CA ASN R 377 87.31 34.85 24.50
C ASN R 377 86.81 35.69 23.33
N ARG R 378 85.49 35.71 23.09
CA ARG R 378 84.92 36.48 22.01
C ARG R 378 84.17 37.73 22.46
N MET R 379 83.81 37.83 23.73
CA MET R 379 82.91 38.86 24.21
C MET R 379 83.53 39.55 25.43
N PRO R 380 84.60 40.32 25.23
CA PRO R 380 85.27 40.94 26.38
C PRO R 380 84.39 41.91 27.14
N ALA R 381 83.64 42.77 26.44
CA ALA R 381 82.81 43.74 27.13
C ALA R 381 81.70 43.07 27.92
N TYR R 382 81.11 42.01 27.36
CA TYR R 382 80.05 41.30 28.07
C TYR R 382 80.57 40.67 29.35
N ALA R 383 81.75 40.04 29.28
CA ALA R 383 82.30 39.39 30.46
C ALA R 383 82.57 40.41 31.56
N ALA R 384 82.99 41.61 31.19
CA ALA R 384 83.22 42.65 32.19
C ALA R 384 81.91 43.08 32.84
N VAL R 385 80.87 43.31 32.04
CA VAL R 385 79.58 43.73 32.57
C VAL R 385 78.97 42.61 33.39
N PHE R 386 78.97 41.39 32.86
CA PHE R 386 78.40 40.26 33.59
C PHE R 386 79.14 40.04 34.90
N MET R 387 80.45 40.24 34.91
CA MET R 387 81.22 40.09 36.13
C MET R 387 80.87 41.17 37.15
N PHE R 388 80.74 42.41 36.69
CA PHE R 388 80.43 43.50 37.60
C PHE R 388 79.12 43.26 38.34
N PHE R 389 78.07 42.89 37.61
CA PHE R 389 76.78 42.65 38.24
C PHE R 389 76.71 41.33 38.97
N THR R 390 77.53 40.35 38.56
CA THR R 390 77.69 39.17 39.39
C THR R 390 78.24 39.55 40.75
N MET R 391 79.23 40.44 40.79
CA MET R 391 79.80 40.86 42.06
C MET R 391 78.82 41.71 42.85
N ALA R 392 78.06 42.56 42.18
CA ALA R 392 77.02 43.31 42.86
C ALA R 392 75.96 42.38 43.41
N ASN R 393 75.69 41.28 42.70
CA ASN R 393 74.67 40.34 43.16
C ASN R 393 75.09 39.60 44.43
N VAL R 394 76.40 39.49 44.68
CA VAL R 394 76.86 38.86 45.91
C VAL R 394 77.14 39.88 47.01
N GLY R 395 76.65 41.11 46.87
CA GLY R 395 76.78 42.11 47.91
C GLY R 395 78.19 42.57 48.19
N LEU R 396 78.97 42.79 47.14
CA LEU R 396 80.34 43.26 47.32
C LEU R 396 80.34 44.71 47.81
N PRO R 397 81.08 45.04 48.86
CA PRO R 397 81.18 46.45 49.26
C PRO R 397 81.75 47.29 48.12
N GLY R 398 81.22 48.50 47.98
CA GLY R 398 81.48 49.34 46.84
C GLY R 398 80.36 49.36 45.83
N THR R 399 79.58 48.29 45.73
CA THR R 399 78.37 48.26 44.93
C THR R 399 77.16 48.45 45.84
N SER R 400 76.06 48.88 45.25
CA SER R 400 74.87 49.15 46.03
C SER R 400 74.31 47.89 46.67
N GLY R 401 74.70 46.70 46.20
CA GLY R 401 74.19 45.48 46.78
C GLY R 401 74.58 45.30 48.22
N PHE R 402 75.78 45.74 48.59
CA PHE R 402 76.28 45.53 49.94
C PHE R 402 75.46 46.30 50.98
N VAL R 403 75.12 47.55 50.69
CA VAL R 403 74.57 48.43 51.71
C VAL R 403 73.23 47.89 52.21
N GLY R 404 72.33 47.55 51.29
CA GLY R 404 71.03 47.06 51.71
C GLY R 404 71.14 45.78 52.51
N GLU R 405 71.98 44.85 52.05
CA GLU R 405 72.19 43.61 52.79
C GLU R 405 72.76 43.88 54.16
N PHE R 406 73.75 44.75 54.26
CA PHE R 406 74.44 44.97 55.52
C PHE R 406 73.50 45.55 56.58
N LEU R 407 72.68 46.53 56.18
CA LEU R 407 71.85 47.22 57.17
C LEU R 407 70.68 46.37 57.63
N THR R 408 70.07 45.61 56.73
CA THR R 408 68.98 44.73 57.15
C THR R 408 69.48 43.64 58.08
N LEU R 409 70.68 43.12 57.82
CA LEU R 409 71.25 42.11 58.71
C LEU R 409 71.53 42.68 60.10
N MET R 410 72.03 43.91 60.17
CA MET R 410 72.35 44.49 61.46
C MET R 410 71.10 44.89 62.22
N GLY R 411 70.06 45.34 61.51
CA GLY R 411 68.80 45.62 62.18
C GLY R 411 68.16 44.38 62.77
N VAL R 412 68.26 43.25 62.08
CA VAL R 412 67.71 42.01 62.57
C VAL R 412 68.52 41.47 63.74
N PHE R 413 69.85 41.60 63.66
CA PHE R 413 70.71 41.17 64.75
C PHE R 413 70.24 41.75 66.09
N ARG R 414 69.85 43.01 66.08
CA ARG R 414 69.40 43.65 67.31
C ARG R 414 68.24 42.91 67.96
N VAL R 415 67.41 42.25 67.16
CA VAL R 415 66.22 41.57 67.66
C VAL R 415 66.47 40.09 67.88
N ASP R 416 66.94 39.39 66.85
CA ASP R 416 67.12 37.94 66.91
C ASP R 416 68.49 37.59 66.35
N THR R 417 69.34 37.00 67.18
CA THR R 417 70.66 36.57 66.74
C THR R 417 70.62 35.31 65.90
N TRP R 418 69.72 34.37 66.23
CA TRP R 418 69.63 33.15 65.44
C TRP R 418 69.24 33.45 64.01
N VAL R 419 68.27 34.34 63.82
CA VAL R 419 67.87 34.72 62.47
C VAL R 419 69.02 35.37 61.73
N ALA R 420 69.70 36.31 62.38
CA ALA R 420 70.76 37.03 61.71
C ALA R 420 71.89 36.09 61.32
N LEU R 421 72.19 35.11 62.15
CA LEU R 421 73.22 34.14 61.83
C LEU R 421 72.84 33.34 60.60
N VAL R 422 71.60 32.87 60.53
CA VAL R 422 71.16 32.09 59.38
C VAL R 422 71.12 32.96 58.13
N ALA R 423 70.55 34.16 58.24
CA ALA R 423 70.47 35.03 57.08
C ALA R 423 71.85 35.45 56.60
N THR R 424 72.76 35.75 57.53
CA THR R 424 74.10 36.18 57.16
C THR R 424 74.83 35.15 56.33
N SER R 425 74.47 33.87 56.44
CA SER R 425 75.12 32.84 55.63
C SER R 425 74.87 33.04 54.15
N GLY R 426 73.89 33.86 53.78
CA GLY R 426 73.67 34.15 52.38
C GLY R 426 74.89 34.69 51.67
N VAL R 427 75.76 35.39 52.40
CA VAL R 427 76.98 35.91 51.79
C VAL R 427 77.86 34.77 51.30
N ILE R 428 77.90 33.67 52.04
CA ILE R 428 78.63 32.49 51.58
C ILE R 428 77.91 31.83 50.43
N LEU R 429 76.58 31.72 50.52
CA LEU R 429 75.82 31.00 49.50
C LEU R 429 75.65 31.82 48.23
N SER R 430 75.46 33.13 48.35
CA SER R 430 75.33 33.95 47.15
C SER R 430 76.59 33.88 46.31
N ALA R 431 77.75 33.97 46.94
CA ALA R 431 79.00 33.87 46.19
C ALA R 431 79.11 32.53 45.49
N ALA R 432 78.63 31.46 46.14
CA ALA R 432 78.74 30.13 45.55
C ALA R 432 78.03 30.06 44.20
N TYR R 433 76.72 30.33 44.18
CA TYR R 433 75.99 30.13 42.93
C TYR R 433 76.28 31.24 41.93
N ALA R 434 76.51 32.46 42.39
CA ALA R 434 76.75 33.57 41.46
C ALA R 434 78.08 33.40 40.74
N LEU R 435 79.13 33.00 41.46
CA LEU R 435 80.42 32.81 40.83
C LEU R 435 80.43 31.59 39.94
N TRP R 436 79.79 30.51 40.38
CA TRP R 436 79.78 29.29 39.57
C TRP R 436 79.05 29.52 38.25
N LEU R 437 77.94 30.26 38.28
CA LEU R 437 77.25 30.59 37.05
C LEU R 437 78.14 31.42 36.14
N TYR R 438 78.79 32.44 36.68
CA TYR R 438 79.64 33.28 35.85
C TYR R 438 80.78 32.48 35.24
N ARG R 439 81.43 31.65 36.05
CA ARG R 439 82.54 30.85 35.54
C ARG R 439 82.10 29.92 34.44
N ARG R 440 80.99 29.21 34.65
CA ARG R 440 80.57 28.19 33.70
C ARG R 440 80.08 28.78 32.38
N VAL R 441 79.66 30.04 32.37
CA VAL R 441 79.12 30.68 31.19
C VAL R 441 80.18 31.49 30.46
N THR R 442 81.02 32.21 31.19
CA THR R 442 81.92 33.19 30.60
C THR R 442 83.36 32.74 30.51
N LEU R 443 83.84 31.94 31.47
CA LEU R 443 85.24 31.60 31.57
C LEU R 443 85.51 30.20 31.03
N GLY R 444 86.77 29.94 30.71
CA GLY R 444 87.17 28.69 30.11
C GLY R 444 87.65 28.88 28.69
N GLN R 445 87.67 27.80 27.91
CA GLN R 445 88.09 27.86 26.51
C GLN R 445 86.86 27.81 25.61
N LEU R 446 86.98 28.42 24.43
CA LEU R 446 85.92 28.38 23.44
C LEU R 446 86.09 27.09 22.65
N ILE R 447 85.34 26.06 23.05
CA ILE R 447 85.51 24.71 22.53
C ILE R 447 84.25 24.19 21.85
N LYS R 448 83.37 25.07 21.41
CA LYS R 448 82.14 24.68 20.74
C LYS R 448 82.02 25.43 19.42
N GLU R 449 81.68 24.71 18.35
CA GLU R 449 81.56 25.35 17.05
C GLU R 449 80.44 26.39 17.02
N SER R 450 79.41 26.19 17.84
CA SER R 450 78.28 27.12 17.83
C SER R 450 78.71 28.51 18.29
N LEU R 451 79.57 28.59 19.30
CA LEU R 451 80.00 29.86 19.85
C LEU R 451 81.19 30.46 19.13
N LYS R 452 81.67 29.81 18.07
CA LYS R 452 82.90 30.23 17.43
C LYS R 452 82.79 31.64 16.86
N SER R 453 81.63 31.98 16.28
CA SER R 453 81.44 33.25 15.61
C SER R 453 80.60 34.24 16.41
N ILE R 454 80.40 34.00 17.71
CA ILE R 454 79.53 34.86 18.50
C ILE R 454 80.08 36.28 18.51
N THR R 455 79.19 37.26 18.45
CA THR R 455 79.58 38.65 18.46
C THR R 455 79.58 39.22 19.88
N ASP R 456 80.28 40.33 20.05
CA ASP R 456 80.30 41.04 21.30
C ASP R 456 79.11 42.00 21.39
N MET R 457 78.92 42.56 22.57
CA MET R 457 77.84 43.51 22.78
C MET R 457 77.95 44.66 21.79
N THR R 458 76.82 44.99 21.16
CA THR R 458 76.75 46.10 20.23
C THR R 458 76.67 47.42 20.98
N PRO R 459 76.93 48.54 20.31
CA PRO R 459 76.95 49.83 21.01
C PRO R 459 75.65 50.13 21.74
N ARG R 460 74.50 49.79 21.16
CA ARG R 460 73.25 50.00 21.87
C ARG R 460 73.18 49.18 23.14
N GLU R 461 73.62 47.92 23.08
CA GLU R 461 73.58 47.07 24.26
C GLU R 461 74.50 47.61 25.35
N ARG R 462 75.68 48.12 24.97
CA ARG R 462 76.58 48.72 25.96
C ARG R 462 75.94 49.93 26.63
N TRP R 463 75.20 50.74 25.87
CA TRP R 463 74.64 51.97 26.41
C TRP R 463 73.45 51.71 27.31
N VAL R 464 72.79 50.56 27.17
CA VAL R 464 71.74 50.21 28.11
C VAL R 464 72.32 49.93 29.48
N PHE R 465 73.51 49.31 29.53
CA PHE R 465 74.09 48.90 30.79
C PHE R 465 74.73 50.05 31.55
N ILE R 466 75.23 51.06 30.84
CA ILE R 466 76.02 52.10 31.49
C ILE R 466 75.23 52.82 32.57
N PRO R 467 73.97 53.21 32.36
CA PRO R 467 73.23 53.83 33.46
C PRO R 467 73.08 52.92 34.67
N LEU R 468 72.95 51.61 34.45
CA LEU R 468 72.78 50.69 35.57
C LEU R 468 74.08 50.51 36.34
N ILE R 469 75.22 50.49 35.63
CA ILE R 469 76.51 50.45 36.30
C ILE R 469 76.71 51.72 37.12
N ALA R 470 76.27 52.86 36.59
CA ALA R 470 76.45 54.13 37.29
C ALA R 470 75.69 54.13 38.61
N MET R 471 74.41 53.76 38.58
CA MET R 471 73.63 53.79 39.81
C MET R 471 74.16 52.82 40.84
N THR R 472 74.55 51.62 40.39
CA THR R 472 75.08 50.63 41.32
C THR R 472 76.33 51.13 42.02
N LEU R 473 77.23 51.77 41.27
CA LEU R 473 78.46 52.27 41.88
C LEU R 473 78.19 53.51 42.72
N ILE R 474 77.40 54.44 42.21
CA ILE R 474 77.15 55.69 42.92
C ILE R 474 76.50 55.40 44.27
N LEU R 475 75.43 54.61 44.28
CA LEU R 475 74.76 54.31 45.53
C LEU R 475 75.61 53.43 46.43
N GLY R 476 76.48 52.60 45.86
CA GLY R 476 77.38 51.82 46.69
C GLY R 476 78.39 52.68 47.41
N VAL R 477 78.90 53.71 46.74
CA VAL R 477 79.90 54.59 47.35
C VAL R 477 79.26 55.74 48.12
N TYR R 478 78.12 56.25 47.67
CA TYR R 478 77.44 57.37 48.32
C TYR R 478 75.98 57.02 48.52
N PRO R 479 75.68 56.09 49.41
CA PRO R 479 74.28 55.75 49.68
C PRO R 479 73.49 56.89 50.30
N ARG R 480 74.16 57.95 50.78
CA ARG R 480 73.44 59.05 51.38
C ARG R 480 72.43 59.67 50.41
N LEU R 481 72.67 59.53 49.11
CA LEU R 481 71.71 60.02 48.13
C LEU R 481 70.35 59.37 48.32
N VAL R 482 70.32 58.19 48.93
CA VAL R 482 69.06 57.48 49.17
C VAL R 482 68.58 57.70 50.59
N THR R 483 69.47 57.60 51.58
CA THR R 483 69.05 57.66 52.97
C THR R 483 68.64 59.06 53.41
N ASP R 484 69.19 60.10 52.78
CA ASP R 484 68.71 61.45 53.05
C ASP R 484 67.24 61.57 52.70
N VAL R 485 66.83 60.99 51.58
CA VAL R 485 65.43 61.04 51.18
C VAL R 485 64.58 60.20 52.13
N THR R 486 64.99 58.96 52.39
CA THR R 486 64.17 58.05 53.17
C THR R 486 64.38 58.18 54.67
N GLY R 487 65.44 58.85 55.11
CA GLY R 487 65.77 58.94 56.51
C GLY R 487 64.64 59.44 57.37
N PRO R 488 64.23 60.69 57.16
CA PRO R 488 63.20 61.27 58.03
C PRO R 488 61.88 60.51 58.01
N ALA R 489 61.46 59.99 56.86
CA ALA R 489 60.19 59.28 56.80
C ALA R 489 60.26 57.96 57.56
N VAL R 490 61.37 57.24 57.44
CA VAL R 490 61.53 56.00 58.19
C VAL R 490 61.57 56.29 59.69
N ALA R 491 62.23 57.39 60.08
CA ALA R 491 62.28 57.75 61.49
C ALA R 491 60.88 57.94 62.06
N ALA R 492 60.01 58.65 61.33
CA ALA R 492 58.65 58.82 61.78
C ALA R 492 57.90 57.50 61.81
N LEU R 493 58.11 56.67 60.79
CA LEU R 493 57.44 55.38 60.75
C LEU R 493 57.85 54.50 61.93
N VAL R 494 59.15 54.45 62.22
CA VAL R 494 59.63 53.61 63.31
C VAL R 494 59.10 54.12 64.65
N GLN R 495 58.95 55.45 64.78
CA GLN R 495 58.46 56.00 66.03
C GLN R 495 57.01 55.63 66.29
N ASP R 496 56.16 55.68 65.25
CA ASP R 496 54.76 55.31 65.43
C ASP R 496 54.62 53.84 65.75
N TYR R 497 55.46 52.99 65.14
CA TYR R 497 55.39 51.56 65.44
C TYR R 497 55.67 51.29 66.91
N ASN R 498 56.66 51.99 67.47
CA ASN R 498 56.98 51.83 68.88
C ASN R 498 55.84 52.33 69.77
N GLN R 499 55.30 53.51 69.47
CA GLN R 499 54.27 54.09 70.32
C GLN R 499 52.98 53.28 70.31
N SER R 500 52.85 52.33 69.39
CA SER R 500 51.64 51.52 69.29
C SER R 500 51.78 50.14 69.91
N GLN R 501 52.98 49.74 70.32
CA GLN R 501 53.16 48.40 70.84
C GLN R 501 52.41 48.26 72.16
N PRO R 502 51.84 47.08 72.43
CA PRO R 502 51.14 46.90 73.71
C PRO R 502 52.08 47.15 74.89
N ALA R 503 51.51 47.72 75.95
CA ALA R 503 52.28 48.07 77.14
C ALA R 503 51.82 47.26 78.34
FE1 SF4 S . -39.87 -32.88 -39.59
FE2 SF4 S . -41.76 -31.46 -38.16
FE3 SF4 S . -42.52 -33.03 -40.28
FE4 SF4 S . -41.65 -34.19 -37.96
S1 SF4 S . -43.54 -32.91 -38.23
S2 SF4 S . -41.06 -34.78 -40.09
S3 SF4 S . -40.04 -32.70 -37.30
S4 SF4 S . -41.19 -31.17 -40.37
FE1 SF4 T . -39.67 -41.62 -47.94
FE2 SF4 T . -42.25 -41.91 -47.04
FE3 SF4 T . -40.57 -44.08 -47.14
FE4 SF4 T . -40.15 -42.10 -45.29
S1 SF4 T . -41.97 -43.50 -45.41
S2 SF4 T . -38.57 -43.12 -46.61
S3 SF4 T . -40.78 -40.24 -46.47
S4 SF4 T . -41.34 -42.85 -48.92
FE1 FES U . -33.00 -35.01 -57.03
FE2 FES U . -34.93 -35.72 -55.24
S1 FES U . -35.20 -35.02 -57.35
S2 FES U . -32.76 -35.36 -54.84
NA NA V . -36.71 -40.63 -39.97
FE1 SF4 W . -36.11 -21.41 -17.74
FE2 SF4 W . -37.36 -20.09 -15.67
FE3 SF4 W . -36.88 -18.77 -18.04
FE4 SF4 W . -38.78 -20.76 -17.92
S1 SF4 W . -38.83 -18.76 -16.81
S2 SF4 W . -37.19 -20.49 -19.56
S3 SF4 W . -37.81 -22.20 -16.42
S4 SF4 W . -35.30 -19.58 -16.58
FE1 SF4 X . -44.61 -27.29 -23.43
FE2 SF4 X . -44.24 -29.81 -22.40
FE3 SF4 X . -42.18 -27.98 -22.34
FE4 SF4 X . -42.98 -29.07 -24.74
S1 SF4 X . -42.04 -30.19 -22.96
S2 SF4 X . -42.53 -26.86 -24.31
S3 SF4 X . -45.25 -29.27 -24.39
S4 SF4 X . -44.20 -27.83 -21.24
O13 3PH Y . -46.82 24.39 -0.66
P 3PH Y . -45.46 24.98 -0.32
O14 3PH Y . -44.27 24.13 -0.76
O12 3PH Y . -45.30 26.46 -0.62
O11 3PH Y . -45.51 24.91 1.38
C1 3PH Y . -46.23 25.94 1.99
C2 3PH Y . -46.60 25.62 3.43
O21 3PH Y . -47.96 25.17 3.51
C21 3PH Y . -48.33 24.03 2.93
O22 3PH Y . -47.87 23.60 1.90
C22 3PH Y . -49.40 23.35 3.73
C23 3PH Y . -48.90 22.92 5.09
C24 3PH Y . -49.77 23.46 6.21
C25 3PH Y . -49.45 22.80 7.55
C26 3PH Y . -50.38 23.23 8.67
C27 3PH Y . -50.81 22.06 9.55
C28 3PH Y . -49.70 21.47 10.40
C29 3PH Y . -49.22 20.12 9.89
C3 3PH Y . -46.45 26.75 4.42
O31 3PH Y . -45.70 26.35 5.55
C31 3PH Y . -46.36 25.94 6.63
O32 3PH Y . -47.53 25.66 6.62
C32 3PH Y . -45.48 25.89 7.83
C33 3PH Y . -46.27 25.79 9.12
C34 3PH Y . -45.43 26.03 10.36
C35 3PH Y . -45.27 24.77 11.20
C36 3PH Y . -46.38 24.55 12.22
C37 3PH Y . -46.04 23.42 13.18
C38 3PH Y . -47.19 23.01 14.10
C39 3PH Y . -46.85 21.79 14.96
C3A 3PH Y . -46.76 20.48 14.20
C3B 3PH Y . -48.05 20.11 13.49
C3C 3PH Y . -48.45 18.64 13.64
C3D 3PH Y . -49.60 18.29 12.69
C3E 3PH Y . -50.38 17.04 13.08
C3F 3PH Y . -51.15 16.42 11.90
C3G 3PH Y . -52.05 17.39 11.13
C3H 3PH Y . -52.44 16.85 9.76
C3I 3PH Y . -53.17 17.87 8.90
C P5S Z . -57.55 11.23 4.34
N P5S Z . -58.76 10.16 2.40
O P5S Z . -57.76 12.36 3.85
C1 P5S Z . -51.58 13.24 5.81
C2 P5S Z . -52.81 12.38 5.74
C3 P5S Z . -53.40 12.21 4.36
CA P5S Z . -57.72 10.02 3.39
CB P5S Z . -56.37 9.77 2.73
OG P5S Z . -55.35 10.39 3.48
P12 P5S Z . -53.93 9.68 3.88
O13 P5S Z . -53.39 8.81 2.80
O15 P5S Z . -53.98 9.21 5.30
O16 P5S Z . -52.98 11.00 3.82
C17 P5S Z . -50.34 13.58 7.78
O18 P5S Z . -49.61 14.48 8.09
O19 P5S Z . -51.46 13.78 7.11
C20 P5S Z . -50.10 12.15 8.15
C21 P5S Z . -50.00 11.94 9.64
C22 P5S Z . -48.73 12.52 10.24
C23 P5S Z . -48.77 12.45 11.75
C24 P5S Z . -47.42 12.55 12.43
C25 P5S Z . -47.57 12.36 13.93
C26 P5S Z . -46.38 12.80 14.76
C27 P5S Z . -46.48 12.26 16.18
C28 P5S Z . -45.43 12.82 17.13
C29 P5S Z . -45.90 14.07 17.86
C30 P5S Z . -45.13 15.33 17.52
C31 P5S Z . -45.24 16.39 18.60
C32 P5S Z . -46.34 17.41 18.36
C33 P5S Z . -45.95 18.50 17.36
C34 P5S Z . -45.71 19.84 18.03
C35 P5S Z . -46.97 20.52 18.54
C36 P5S Z . -46.90 20.84 20.02
O37 P5S Z . -53.78 12.92 6.64
C38 P5S Z . -53.87 12.42 7.87
C39 P5S Z . -55.09 12.93 8.60
C40 P5S Z . -55.11 12.46 10.04
C41 P5S Z . -54.09 13.25 10.86
C42 P5S Z . -53.90 12.67 12.25
C43 P5S Z . -53.94 13.72 13.33
C44 P5S Z . -53.22 13.30 14.60
C45 P5S Z . -51.71 13.45 14.50
C46 P5S Z . -51.04 13.43 15.86
O47 P5S Z . -53.07 11.67 8.35
C48 P5S Z . -50.84 14.81 16.47
C49 P5S Z . -50.35 14.76 17.91
C50 P5S Z . -50.40 16.10 18.62
C51 P5S Z . -49.51 16.16 19.85
OXT P5S Z . -57.20 10.97 5.50
CA CA AA . -55.50 -41.90 -24.32
FE1 FES BA . -66.70 -37.38 -72.20
FE2 FES BA . -64.53 -37.19 -73.82
S1 FES BA . -66.02 -38.85 -73.74
S2 FES BA . -65.32 -35.64 -72.42
P 3PE CA . 16.39 60.25 39.26
N 3PE CA . 16.22 64.82 38.98
O11 3PE CA . 16.21 59.26 37.96
O12 3PE CA . 15.06 60.89 39.46
O13 3PE CA . 17.45 61.36 38.66
O14 3PE CA . 17.15 59.56 40.34
C11 3PE CA . 17.43 62.68 39.17
C12 3PE CA . 16.52 63.53 38.32
C1 3PE CA . 17.20 58.31 37.69
C2 3PE CA . 16.99 57.70 36.30
C3 3PE CA . 16.86 58.76 35.24
O31 3PE CA . 16.33 58.15 34.08
O32 3PE CA . 17.69 59.28 32.72
C31 3PE CA . 16.79 58.50 32.89
C32 3PE CA . 16.04 57.80 31.80
C33 3PE CA . 16.34 58.32 30.40
C34 3PE CA . 15.70 57.45 29.33
C35 3PE CA . 16.43 57.54 27.99
C36 3PE CA . 15.63 56.95 26.84
C37 3PE CA . 15.97 57.59 25.49
C38 3PE CA . 15.49 59.02 25.40
C39 3PE CA . 14.97 59.42 24.03
O21 3PE CA . 18.11 56.89 35.88
O22 3PE CA . 17.01 54.99 36.13
C21 3PE CA . 18.02 55.58 35.84
C22 3PE CA . 19.31 54.93 35.41
C23 3PE CA . 19.22 54.21 34.08
C24 3PE CA . 20.58 53.72 33.58
C25 3PE CA . 20.50 52.97 32.26
C26 3PE CA . 21.73 52.10 31.99
C27 3PE CA . 21.65 51.26 30.72
C28 3PE CA . 20.88 49.96 30.90
C29 3PE CA . 21.32 48.84 29.96
C2A 3PE CA . 21.28 49.22 28.48
C2B 3PE CA . 22.65 49.31 27.82
C2C 3PE CA . 22.58 49.69 26.34
C2D 3PE CA . 23.87 49.43 25.59
C2E 3PE CA . 23.98 50.17 24.26
C2F 3PE CA . 23.44 49.41 23.07
C2G 3PE CA . 23.87 49.99 21.73
C2H 3PE CA . 22.93 49.67 20.58
C2I 3PE CA . 22.49 48.21 20.57
O13 3PH DA . 42.32 26.15 26.59
P 3PH DA . 43.03 24.84 26.29
O14 3PH DA . 42.42 24.04 25.15
O12 3PH DA . 44.55 24.91 26.24
O11 3PH DA . 42.64 23.97 27.71
C1 3PH DA . 42.67 24.66 28.91
C2 3PH DA . 44.08 24.73 29.47
O21 3PH DA . 44.12 24.34 30.85
C21 3PH DA . 43.78 23.11 31.18
O22 3PH DA . 43.51 22.26 30.37
C22 3PH DA . 43.77 22.92 32.67
C23 3PH DA . 42.59 23.58 33.35
C24 3PH DA . 42.95 24.00 34.76
C25 3PH DA . 41.85 24.82 35.41
C26 3PH DA . 42.38 25.80 36.44
C27 3PH DA . 41.27 26.60 37.08
C28 3PH DA . 41.39 26.72 38.59
C29 3PH DA . 42.55 27.61 39.01
C2A 3PH DA . 42.15 29.02 39.41
C2B 3PH DA . 41.32 29.07 40.68
C2C 3PH DA . 42.03 28.62 41.94
C2D 3PH DA . 41.10 28.69 43.14
C2E 3PH DA . 41.74 28.31 44.47
C2F 3PH DA . 40.71 28.19 45.59
C2G 3PH DA . 41.32 27.77 46.92
C2H 3PH DA . 41.89 28.94 47.71
C2I 3PH DA . 42.42 28.52 49.08
C3 3PH DA . 44.78 26.07 29.39
O31 3PH DA . 45.15 26.48 30.70
C31 3PH DA . 46.42 26.34 31.05
O32 3PH DA . 47.22 25.66 30.47
C32 3PH DA . 46.72 27.15 32.27
C33 3PH DA . 46.64 26.35 33.56
C34 3PH DA . 46.72 27.27 34.76
C35 3PH DA . 46.90 26.51 36.05
C36 3PH DA . 46.89 27.42 37.26
C37 3PH DA . 47.91 27.02 38.31
C38 3PH DA . 48.14 28.07 39.38
C39 3PH DA . 46.84 28.61 39.96
C3A 3PH DA . 47.04 29.67 41.02
C3B 3PH DA . 47.43 29.07 42.35
C3C 3PH DA . 46.28 28.43 43.12
C3D 3PH DA . 46.66 28.02 44.52
C3E 3PH DA . 45.47 27.56 45.35
C3F 3PH DA . 45.85 27.02 46.72
C3G 3PH DA . 46.60 25.69 46.67
P 3PE EA . 12.13 48.59 5.02
N 3PE EA . 14.18 45.03 4.49
O11 3PE EA . 11.89 49.38 6.42
O12 3PE EA . 10.80 48.54 4.34
O13 3PE EA . 12.54 47.08 5.57
O14 3PE EA . 13.36 49.08 4.35
C11 3PE EA . 11.92 45.92 5.04
C12 3PE EA . 12.82 45.33 3.98
C1 3PE EA . 12.99 49.99 7.06
C2 3PE EA . 12.67 50.29 8.51
C3 3PE EA . 13.91 50.20 9.37
O31 3PE EA . 14.84 51.20 8.93
O32 3PE EA . 16.82 50.13 8.98
C31 3PE EA . 16.13 51.08 9.29
C32 3PE EA . 16.59 52.26 10.09
C33 3PE EA . 16.75 51.98 11.57
C34 3PE EA . 16.33 53.15 12.44
C35 3PE EA . 17.35 54.28 12.51
C36 3PE EA . 18.70 53.87 13.10
C37 3PE EA . 18.63 53.30 14.52
C38 3PE EA . 19.76 53.81 15.42
C39 3PE EA . 20.13 52.90 16.57
C3A 3PE EA . 19.23 53.05 17.80
C3B 3PE EA . 19.70 52.23 18.99
C3C 3PE EA . 18.81 52.41 20.22
C3D 3PE EA . 19.05 51.40 21.33
C3E 3PE EA . 19.89 51.95 22.47
C3F 3PE EA . 19.83 51.10 23.74
O21 3PE EA . 12.12 51.62 8.67
O22 3PE EA . 13.33 53.08 9.83
C21 3PE EA . 12.35 52.38 9.73
C22 3PE EA . 11.26 52.24 10.75
C23 3PE EA . 10.83 53.56 11.37
C24 3PE EA . 11.90 54.13 12.28
C25 3PE EA . 11.63 53.93 13.77
C26 3PE EA . 10.45 54.75 14.29
C27 3PE EA . 10.68 56.25 14.24
C28 3PE EA . 9.43 57.05 14.61
C29 3PE EA . 9.21 57.16 16.11
C2A 3PE EA . 8.20 56.15 16.65
C2B 3PE EA . 7.95 56.29 18.14
C2C 3PE EA . 7.25 55.09 18.75
C2D 3PE EA . 5.73 55.12 18.63
C2E 3PE EA . 5.04 54.49 19.84
C2F 3PE EA . 5.03 55.38 21.07
C2G 3PE EA . 4.00 56.51 21.00
C2H 3PE EA . 4.29 57.66 21.98
C2I 3PE EA . 3.05 58.42 22.40
P 3PE FA . 3.28 51.01 5.48
N 3PE FA . 1.41 47.55 2.67
O11 3PE FA . 3.38 50.40 7.01
O12 3PE FA . 4.67 50.98 4.95
O13 3PE FA . 2.38 49.82 4.76
O14 3PE FA . 2.40 52.22 5.48
C11 3PE FA . 2.31 49.75 3.35
C12 3PE FA . 1.08 48.96 3.00
C1 3PE FA . 2.85 51.10 8.10
C2 3PE FA . 3.98 51.28 9.09
C3 3PE FA . 4.95 52.35 8.60
O31 3PE FA . 6.01 51.68 7.93
O32 3PE FA . 7.01 51.80 5.94
C31 3PE FA . 6.73 52.30 7.00
C32 3PE FA . 7.15 53.68 7.42
C33 3PE FA . 7.76 53.74 8.82
C34 3PE FA . 7.10 54.81 9.68
C35 3PE FA . 6.79 54.35 11.09
C36 3PE FA . 5.56 55.03 11.68
C37 3PE FA . 5.23 54.55 13.09
C38 3PE FA . 4.36 55.51 13.89
C39 3PE FA . 5.16 56.58 14.61
O21 3PE FA . 3.52 51.69 10.38
O22 3PE FA . 4.43 49.96 11.43
C21 3PE FA . 3.68 50.91 11.42
C22 3PE FA . 2.83 51.32 12.58
C23 3PE FA . 3.09 50.51 13.84
C24 3PE FA . 2.04 50.80 14.90
C25 3PE FA . 2.33 52.05 15.71
C26 3PE FA . 1.32 52.28 16.83
C27 3PE FA . 1.10 53.75 17.16
C28 3PE FA . 0.29 53.95 18.44
C29 3PE FA . 1.14 53.90 19.70
C2A 3PE FA . 0.37 53.42 20.92
C2B 3PE FA . -0.37 54.51 21.67
C2C 3PE FA . -1.27 53.98 22.76
C2D 3PE FA . -2.05 55.05 23.52
C2E 3PE FA . -3.16 54.49 24.39
O13 3PH GA . -11.64 60.30 37.79
P 3PH GA . -12.78 60.23 36.78
O14 3PH GA . -14.18 60.33 37.38
O12 3PH GA . -12.59 61.10 35.54
O11 3PH GA . -12.63 58.63 36.22
C1 3PH GA . -13.72 58.09 35.56
C2 3PH GA . -13.30 57.38 34.28
O21 3PH GA . -14.17 56.26 34.00
C21 3PH GA . -14.80 56.18 32.83
O22 3PH GA . -15.85 56.73 32.59
C22 3PH GA . -14.07 55.32 31.84
C23 3PH GA . -13.66 53.96 32.41
C24 3PH GA . -12.79 53.17 31.45
C25 3PH GA . -12.19 51.95 32.11
C26 3PH GA . -11.14 51.26 31.25
C27 3PH GA . -10.18 50.39 32.03
C28 3PH GA . -8.99 49.90 31.20
C29 3PH GA . -7.74 50.74 31.38
C2A 3PH GA . -6.63 50.04 32.16
C2B 3PH GA . -5.63 49.33 31.25
C2C 3PH GA . -4.79 48.29 31.97
C2D 3PH GA . -3.29 48.45 31.75
C2E 3PH GA . -2.77 47.74 30.50
C2F 3PH GA . -1.30 47.36 30.62
C3 3PH GA . -11.87 56.89 34.30
O31 3PH GA . -10.97 57.94 34.01
C31 3PH GA . -9.84 57.65 33.41
O32 3PH GA . -8.80 57.52 34.00
C32 3PH GA . -9.98 57.52 31.93
C33 3PH GA . -9.24 56.32 31.36
C34 3PH GA . -9.01 56.47 29.87
C35 3PH GA . -8.93 55.14 29.13
C36 3PH GA . -9.10 55.29 27.62
C37 3PH GA . -8.36 54.23 26.83
C38 3PH GA . -8.76 52.80 27.17
C39 3PH GA . -7.79 52.09 28.09
C3A 3PH GA . -6.39 51.85 27.52
C3B 3PH GA . -6.40 51.13 26.19
C3C 3PH GA . -5.19 50.25 25.91
C3D 3PH GA . -5.02 49.14 26.95
C3E 3PH GA . -4.67 47.80 26.36
C3F 3PH GA . -4.59 46.68 27.39
C3G 3PH GA . -5.95 46.11 27.75
CA CA HA . 9.38 49.42 51.74
P 3PE IA . -52.88 4.54 9.18
N 3PE IA . -54.56 2.05 5.03
O11 3PE IA . -53.11 6.16 9.25
O12 3PE IA . -51.49 4.33 9.64
O13 3PE IA . -53.00 4.24 7.56
O14 3PE IA . -54.06 3.84 9.77
C11 3PE IA . -53.70 3.11 7.09
C12 3PE IA . -53.92 3.27 5.62
C1 3PE IA . -54.04 6.80 8.44
C2 3PE IA . -54.08 8.26 8.85
C3 3PE IA . -55.41 8.89 8.54
O31 3PE IA . -56.14 8.88 9.77
O32 3PE IA . -58.15 8.95 8.78
C31 3PE IA . -57.47 8.76 9.75
C32 3PE IA . -57.96 8.38 11.12
C33 3PE IA . -57.12 8.98 12.22
C34 3PE IA . -57.64 8.66 13.60
C35 3PE IA . -56.77 9.23 14.70
C36 3PE IA . -55.81 8.20 15.27
C37 3PE IA . -54.82 8.73 16.28
C38 3PE IA . -55.24 8.52 17.73
C39 3PE IA . -54.07 8.58 18.70
C3A 3PE IA . -54.34 7.80 20.00
O21 3PE IA . -53.92 8.41 10.26
O22 3PE IA . -51.93 9.39 10.17
C21 3PE IA . -52.83 8.89 10.80
C22 3PE IA . -52.88 8.78 12.29
C23 3PE IA . -51.54 8.86 12.98
C24 3PE IA . -51.74 8.85 14.48
C25 3PE IA . -50.64 9.57 15.25
C26 3PE IA . -51.01 9.72 16.71
C27 3PE IA . -49.89 10.33 17.55
C28 3PE IA . -50.11 10.12 19.05
C29 3PE IA . -49.12 10.89 19.91
C2A 3PE IA . -47.71 10.98 19.35
C2B 3PE IA . -46.69 11.52 20.35
C2C 3PE IA . -47.19 12.74 21.11
C2D 3PE IA . -46.10 13.45 21.91
C2E 3PE IA . -46.61 14.24 23.11
C2F 3PE IA . -46.89 15.70 22.79
C2G 3PE IA . -47.21 16.53 24.04
C2H 3PE IA . -47.47 18.01 23.75
C2I 3PE IA . -48.56 18.24 22.72
C1 CDL JA . -12.58 35.57 4.89
O1 CDL JA . -11.78 34.39 4.79
CA2 CDL JA . -13.75 35.29 3.98
OA2 CDL JA . -14.86 34.82 4.78
PA1 CDL JA . -15.11 33.28 5.02
OA3 CDL JA . -14.16 32.82 6.14
OA4 CDL JA . -15.03 32.49 3.79
OA5 CDL JA . -16.58 33.27 5.59
CA3 CDL JA . -16.94 34.05 6.75
CA4 CDL JA . -17.96 35.04 6.31
OA6 CDL JA . -17.31 36.32 6.61
CA5 CDL JA . -16.71 36.97 5.61
OA7 CDL JA . -17.08 36.91 4.46
C11 CDL JA . -15.55 37.78 6.10
C12 CDL JA . -15.89 39.25 6.30
C13 CDL JA . -15.19 39.87 7.50
C14 CDL JA . -16.06 40.01 8.74
C15 CDL JA . -16.12 41.43 9.27
C16 CDL JA . -16.95 41.58 10.53
CA6 CDL JA . -19.12 35.04 7.26
OA8 CDL JA . -19.35 36.39 7.72
CA7 CDL JA . -19.89 36.53 8.93
OA9 CDL JA . -20.86 35.92 9.29
C31 CDL JA . -19.18 37.56 9.74
C32 CDL JA . -20.07 38.73 10.13
C33 CDL JA . -19.45 39.62 11.19
C34 CDL JA . -20.26 39.76 12.46
C35 CDL JA . -19.73 40.83 13.40
C36 CDL JA . -20.71 41.95 13.71
C37 CDL JA . -22.01 41.49 14.35
C38 CDL JA . -22.92 42.61 14.78
C39 CDL JA . -24.06 42.21 15.71
C40 CDL JA . -25.41 42.06 15.03
C41 CDL JA . -26.24 40.87 15.49
C42 CDL JA . -26.33 39.72 14.52
C43 CDL JA . -27.53 39.76 13.59
CB2 CDL JA . -11.76 36.64 4.19
OB2 CDL JA . -10.34 36.54 4.49
PB2 CDL JA . -9.49 37.81 4.89
OB3 CDL JA . -9.06 38.56 3.63
OB4 CDL JA . -8.36 37.40 5.75
OB5 CDL JA . -10.51 38.70 5.69
CB3 CDL JA . -10.85 40.04 5.24
CB4 CDL JA . -12.00 40.50 6.09
OB6 CDL JA . -12.25 41.87 5.63
CB5 CDL JA . -11.42 42.84 6.05
OB7 CDL JA . -10.32 43.01 5.61
C51 CDL JA . -12.06 43.68 7.12
C52 CDL JA . -11.13 43.89 8.31
C53 CDL JA . -11.72 44.80 9.36
CB6 CDL JA . -11.50 40.64 7.50
OB8 CDL JA . -11.43 39.34 8.08
CB7 CDL JA . -11.11 39.28 9.36
OB9 CDL JA . -9.99 39.13 9.76
C71 CDL JA . -12.31 39.43 10.24
C72 CDL JA . -11.96 39.69 11.69
C73 CDL JA . -12.97 40.57 12.40
C74 CDL JA . -13.90 39.84 13.34
C75 CDL JA . -14.05 40.52 14.68
C76 CDL JA . -15.33 40.18 15.42
C77 CDL JA . -16.52 41.04 15.04
C78 CDL JA . -17.45 41.32 16.21
C79 CDL JA . -16.86 42.16 17.31
C80 CDL JA . -17.62 43.43 17.62
C81 CDL JA . -17.15 44.15 18.87
O13 3PH KA . -43.86 46.12 31.98
P 3PH KA . -43.73 45.02 30.94
O14 3PH KA . -42.56 44.06 31.16
O12 3PH KA . -45.03 44.32 30.58
O11 3PH KA . -43.30 45.93 29.55
C1 3PH KA . -42.07 46.57 29.52
C2 3PH KA . -41.65 46.91 28.11
O21 3PH KA . -40.90 45.85 27.50
C21 3PH KA . -41.23 44.59 27.70
O22 3PH KA . -40.60 43.84 28.41
C22 3PH KA . -42.48 44.19 26.96
C23 3PH KA . -42.68 44.88 25.62
C24 3PH KA . -43.69 44.15 24.76
C25 3PH KA . -44.07 44.92 23.51
C26 3PH KA . -43.38 44.43 22.25
C27 3PH KA . -44.01 44.98 20.98
C28 3PH KA . -43.43 44.36 19.70
C29 3PH KA . -44.42 44.37 18.56
C2A 3PH KA . -43.86 43.82 17.25
C2B 3PH KA . -43.73 42.30 17.27
C2C 3PH KA . -43.27 41.70 15.95
C3 3PH KA . -40.82 48.17 27.93
O31 3PH KA . -40.52 48.40 26.55
C31 3PH KA . -41.39 49.05 25.79
O32 3PH KA . -42.40 49.58 26.21
C32 3PH KA . -40.96 49.10 24.35
C33 3PH KA . -40.90 47.76 23.64
C34 3PH KA . -40.20 47.88 22.29
C35 3PH KA . -40.26 46.63 21.42
C36 3PH KA . -39.60 46.82 20.06
C37 3PH KA . -39.19 45.51 19.38
C38 3PH KA . -38.01 45.65 18.42
C39 3PH KA . -37.48 44.31 17.91
C3A 3PH KA . -36.00 44.07 18.20
C3B 3PH KA . -35.44 42.88 17.43
C3C 3PH KA . -34.01 42.51 17.80
O13 3PH LA . -49.41 22.02 42.05
P 3PH LA . -50.51 20.97 42.01
O14 3PH LA . -51.81 21.38 42.68
O12 3PH LA . -50.70 20.29 40.65
O11 3PH LA . -49.84 19.78 43.02
C1 3PH LA . -49.03 18.82 42.45
C2 3PH LA . -49.75 17.50 42.24
O21 3PH LA . -48.83 16.43 42.05
C21 3PH LA . -48.50 15.65 43.07
O22 3PH LA . -48.27 16.05 44.18
C22 3PH LA . -48.45 14.20 42.64
C23 3PH LA . -49.06 13.98 41.27
C24 3PH LA . -49.35 12.52 40.96
C25 3PH LA . -48.07 11.70 40.76
C26 3PH LA . -48.30 10.37 40.05
C27 3PH LA . -48.55 10.53 38.54
C28 3PH LA . -48.50 9.23 37.77
C29 3PH LA . -48.65 9.42 36.27
C3 3PH LA . -50.70 17.43 41.06
O31 3PH LA . -50.00 17.76 39.86
C31 3PH LA . -50.65 17.64 38.71
O32 3PH LA . -51.22 18.55 38.17
C32 3PH LA . -50.55 16.22 38.20
C33 3PH LA . -50.18 16.09 36.74
C34 3PH LA . -49.80 14.65 36.40
C35 3PH LA . -49.85 14.35 34.91
P 3PE MA . -40.64 20.76 46.73
N 3PE MA . -35.99 22.33 45.62
O11 3PE MA . -41.09 19.92 45.39
O12 3PE MA . -39.96 19.77 47.62
O13 3PE MA . -39.52 21.77 46.09
O14 3PE MA . -41.75 21.65 47.18
C11 3PE MA . -38.23 21.30 45.77
C12 3PE MA . -37.23 22.21 46.44
C1 3PE MA . -42.14 20.42 44.59
C2 3PE MA . -42.10 19.77 43.21
C3 3PE MA . -40.77 19.14 42.91
O31 3PE MA . -40.88 18.54 41.62
O32 3PE MA . -38.70 18.20 41.46
C31 3PE MA . -39.76 18.36 40.93
C32 3PE MA . -39.97 18.43 39.44
C33 3PE MA . -40.85 17.33 38.85
C34 3PE MA . -40.49 17.08 37.40
C35 3PE MA . -41.61 16.49 36.56
C36 3PE MA . -42.49 17.56 35.93
C37 3PE MA . -43.15 17.13 34.63
C38 3PE MA . -44.40 17.95 34.30
C39 3PE MA . -45.28 17.33 33.22
C3A 3PE MA . -46.25 16.30 33.77
C3B 3PE MA . -46.54 15.16 32.81
C3C 3PE MA . -47.17 15.62 31.50
O21 3PE MA . -43.05 18.71 43.09
O22 3PE MA . -44.83 20.01 42.80
C21 3PE MA . -44.26 18.95 42.64
C22 3PE MA . -44.83 17.77 41.90
C23 3PE MA . -44.01 17.35 40.70
C24 3PE MA . -44.87 16.79 39.57
C25 3PE MA . -45.11 15.30 39.66
C26 3PE MA . -45.94 14.79 38.49
C27 3PE MA . -45.12 14.34 37.28
C28 3PE MA . -44.84 12.85 37.30
C29 3PE MA . -44.18 12.30 36.05
C2A 3PE MA . -45.16 11.96 34.94
C2B 3PE MA . -44.66 10.86 34.02
C2C 3PE MA . -45.49 10.67 32.76
C2D 3PE MA . -45.25 11.76 31.73
C2E 3PE MA . -44.57 11.28 30.46
C2F 3PE MA . -45.55 10.91 29.36
C2G 3PE MA . -45.17 11.47 28.00
C2H 3PE MA . -45.26 12.99 27.91
C2I 3PE MA . -45.20 13.50 26.49
O13 3PH NA . -45.98 16.80 49.08
P 3PH NA . -45.61 16.66 50.55
O14 3PH NA . -44.71 17.77 51.09
O12 3PH NA . -46.77 16.31 51.48
O11 3PH NA . -44.64 15.27 50.53
C1 3PH NA . -43.58 15.21 49.66
C2 3PH NA . -43.98 15.01 48.21
O21 3PH NA . -45.24 14.31 48.04
C21 3PH NA . -45.54 13.18 48.68
O22 3PH NA . -45.68 13.09 49.87
C22 3PH NA . -45.72 12.03 47.72
C23 3PH NA . -47.16 11.83 47.26
C24 3PH NA . -47.26 11.15 45.91
C25 3PH NA . -47.06 9.64 45.99
C26 3PH NA . -47.02 8.94 44.63
C27 3PH NA . -46.06 7.76 44.62
C28 3PH NA . -46.34 6.74 43.53
C3 3PH NA . -42.96 14.33 47.33
O31 3PH NA . -42.54 15.26 46.35
C31 3PH NA . -43.20 15.24 45.21
O32 3PH NA . -44.19 15.89 45.01
C32 3PH NA . -42.58 14.30 44.22
C33 3PH NA . -43.50 13.92 43.09
C34 3PH NA . -44.60 12.96 43.52
C35 3PH NA . -44.78 11.86 42.50
C36 3PH NA . -43.72 10.77 42.60
C37 3PH NA . -43.22 10.32 41.24
C38 3PH NA . -44.19 9.46 40.44
C39 3PH NA . -43.50 8.77 39.27
C3A 3PH NA . -44.43 8.23 38.20
N1 FMN OA . -49.39 -39.12 -77.26
C2 FMN OA . -50.33 -39.89 -77.91
O2 FMN OA . -50.15 -40.21 -79.08
N3 FMN OA . -51.45 -40.31 -77.26
C4 FMN OA . -51.64 -39.96 -75.94
O4 FMN OA . -52.64 -40.32 -75.34
C4A FMN OA . -50.71 -39.18 -75.30
N5 FMN OA . -50.90 -38.84 -73.99
C5A FMN OA . -49.98 -38.07 -73.33
C6 FMN OA . -50.22 -37.75 -72.01
C7 FMN OA . -49.32 -36.97 -71.31
C7M FMN OA . -49.63 -36.65 -69.88
C8 FMN OA . -48.18 -36.53 -71.94
C8M FMN OA . -47.18 -35.70 -71.21
C9 FMN OA . -47.93 -36.86 -73.27
C9A FMN OA . -48.84 -37.63 -73.98
N10 FMN OA . -48.64 -37.99 -75.30
C10 FMN OA . -49.58 -38.75 -75.96
C1' FMN OA . -47.44 -37.56 -76.09
C2' FMN OA . -46.35 -38.61 -75.94
O2' FMN OA . -45.64 -38.37 -74.74
C3' FMN OA . -45.35 -38.59 -77.10
O3' FMN OA . -44.84 -37.29 -77.25
C4' FMN OA . -45.97 -39.03 -78.41
O4' FMN OA . -46.74 -40.19 -78.25
C5' FMN OA . -44.90 -39.29 -79.46
O5' FMN OA . -45.57 -39.65 -80.64
P FMN OA . -45.61 -38.66 -81.90
O1P FMN OA . -45.71 -39.49 -83.15
O2P FMN OA . -46.81 -37.77 -81.79
O3P FMN OA . -44.37 -37.82 -81.95
FE1 SF4 PA . -44.62 -35.98 -61.89
FE2 SF4 PA . -47.28 -35.63 -62.39
FE3 SF4 PA . -45.63 -36.52 -64.39
FE4 SF4 PA . -46.24 -38.17 -62.28
S1 SF4 PA . -47.71 -37.35 -63.84
S2 SF4 PA . -44.15 -37.81 -63.19
S3 SF4 PA . -46.35 -36.67 -60.56
S4 SF4 PA . -45.55 -34.49 -63.36
O12 PC1 QA . -24.46 29.72 5.14
P PC1 QA . -23.65 29.11 6.21
O14 PC1 QA . -22.67 28.01 5.98
O13 PC1 QA . -22.87 30.35 6.92
C11 PC1 QA . -23.61 31.54 7.02
C12 PC1 QA . -23.01 32.46 5.96
N PC1 QA . -23.88 33.57 5.45
C13 PC1 QA . -24.89 34.01 6.46
C14 PC1 QA . -23.01 34.73 5.14
C15 PC1 QA . -24.59 33.18 4.21
O11 PC1 QA . -24.72 28.68 7.39
C1 PC1 QA . -24.48 28.92 8.76
C2 PC1 QA . -25.82 28.99 9.45
O21 PC1 QA . -26.64 27.87 9.10
C21 PC1 QA . -26.34 26.68 9.56
O22 PC1 QA . -25.42 26.48 10.30
C22 PC1 QA . -27.26 25.62 9.07
C23 PC1 QA . -28.69 25.74 9.60
C24 PC1 QA . -29.20 24.43 10.18
C25 PC1 QA . -30.62 24.10 9.76
C26 PC1 QA . -31.62 25.21 10.05
C27 PC1 QA . -33.04 24.73 9.89
C28 PC1 QA . -34.09 25.82 10.04
C29 PC1 QA . -35.36 25.50 9.26
C2A PC1 QA . -36.61 26.15 9.81
C2B PC1 QA . -36.99 27.45 9.12
C2C PC1 QA . -38.50 27.62 8.96
C2D PC1 QA . -39.30 27.35 10.23
C2E PC1 QA . -40.78 27.71 10.08
C3 PC1 QA . -26.61 30.22 9.08
O31 PC1 QA . -25.92 31.34 9.63
C31 PC1 QA . -26.51 32.53 9.65
O32 PC1 QA . -26.25 33.39 8.87
C32 PC1 QA . -27.52 32.67 10.75
C33 PC1 QA . -27.89 34.12 11.06
C34 PC1 QA . -29.34 34.26 11.52
C35 PC1 QA . -29.81 35.70 11.58
C36 PC1 QA . -31.31 35.83 11.87
C37 PC1 QA . -32.20 35.74 10.64
C38 PC1 QA . -33.32 34.73 10.81
C39 PC1 QA . -34.13 34.47 9.55
C3A PC1 QA . -35.41 35.29 9.46
CA CA RA . 1.06 11.81 4.28
P 3PE SA . -51.74 -15.30 19.35
N 3PE SA . -47.68 -18.09 17.91
O11 3PE SA . -51.40 -14.51 20.75
O12 3PE SA . -53.12 -15.82 19.52
O13 3PE SA . -50.63 -16.53 19.44
O14 3PE SA . -51.29 -14.50 18.17
C11 3PE SA . -49.68 -16.70 18.43
C12 3PE SA . -48.85 -17.91 18.80
C1 3PE SA . -50.54 -13.39 20.68
C2 3PE SA . -49.97 -13.11 22.07
C3 3PE SA . -48.56 -12.56 22.00
O31 3PE SA . -48.69 -11.14 21.98
O32 3PE SA . -46.71 -10.79 22.92
C31 3PE SA . -47.84 -10.45 22.72
C32 3PE SA . -48.48 -9.22 23.30
C33 3PE SA . -47.61 -7.98 23.25
C34 3PE SA . -46.47 -8.03 24.24
C35 3PE SA . -46.75 -7.29 25.54
C36 3PE SA . -45.68 -6.25 25.86
C37 3PE SA . -45.76 -5.01 24.99
C38 3PE SA . -46.48 -3.86 25.67
C39 3PE SA . -45.57 -2.97 26.49
C3A 3PE SA . -46.32 -2.12 27.51
C3B 3PE SA . -47.21 -1.06 26.89
C3C 3PE SA . -47.62 0.03 27.88
C3D 3PE SA . -48.50 1.11 27.27
O21 3PE SA . -50.69 -12.10 22.78
O22 3PE SA . -52.77 -12.79 22.31
C21 3PE SA . -52.01 -12.06 22.90
C22 3PE SA . -52.43 -10.99 23.86
C23 3PE SA . -52.54 -11.45 25.30
C24 3PE SA . -52.16 -10.34 26.26
C25 3PE SA . -50.67 -10.30 26.59
C26 3PE SA . -50.30 -9.10 27.45
C27 3PE SA . -48.90 -9.15 28.02
C28 3PE SA . -48.77 -10.06 29.24
O13 3PH TA . -21.60 -10.62 32.36
P 3PH TA . -21.35 -11.91 31.60
O14 3PH TA . -20.72 -13.03 32.43
O12 3PH TA . -22.49 -12.35 30.68
O11 3PH TA . -20.10 -11.41 30.56
C1 3PH TA . -18.97 -10.86 31.17
C2 3PH TA . -18.91 -9.35 31.00
O21 3PH TA . -20.02 -8.85 30.25
C21 3PH TA . -20.89 -7.95 30.71
O22 3PH TA . -22.07 -8.05 30.54
C22 3PH TA . -20.28 -6.79 31.44
C23 3PH TA . -21.29 -5.70 31.75
C24 3PH TA . -20.71 -4.56 32.59
C25 3PH TA . -21.69 -4.07 33.64
C26 3PH TA . -21.35 -2.71 34.24
C27 3PH TA . -21.63 -1.56 33.28
C3 3PH TA . -17.67 -8.85 30.30
O31 3PH TA . -16.55 -8.79 31.15
C31 3PH TA . -15.42 -8.37 30.59
O32 3PH TA . -14.66 -9.11 30.01
C32 3PH TA . -15.21 -6.89 30.76
C33 3PH TA . -15.97 -6.30 31.94
C34 3PH TA . -15.63 -4.84 32.18
C35 3PH TA . -16.75 -4.12 32.88
C36 3PH TA . -16.54 -2.62 33.06
C37 3PH TA . -17.75 -1.98 33.73
C38 3PH TA . -17.48 -0.64 34.40
C39 3PH TA . -17.66 0.53 33.45
C3A 3PH TA . -19.09 1.07 33.38
C3B 3PH TA . -19.34 2.17 34.41
C3C 3PH TA . -20.06 1.67 35.64
C3D 3PH TA . -20.47 2.80 36.58
C3E 3PH TA . -19.33 3.72 37.00
C3F 3PH TA . -19.80 4.87 37.88
O12 PC1 UA . -8.22 -1.57 31.44
P PC1 UA . -7.64 -1.79 32.80
O14 PC1 UA . -7.50 -3.14 33.43
O13 PC1 UA . -6.15 -1.09 32.90
C11 PC1 UA . -5.52 -0.99 34.16
C12 PC1 UA . -4.08 -0.59 33.90
N PC1 UA . -3.80 0.77 33.30
C13 PC1 UA . -3.95 0.75 31.83
C14 PC1 UA . -4.74 1.77 33.89
C15 PC1 UA . -2.42 1.22 33.64
O11 PC1 UA . -8.51 -0.79 33.77
C1 PC1 UA . -8.72 0.53 33.32
C2 PC1 UA . -9.52 1.29 34.36
O21 PC1 UA . -9.12 2.67 34.34
C21 PC1 UA . -10.06 3.60 34.49
O22 PC1 UA . -11.14 3.34 34.96
C22 PC1 UA . -9.61 4.95 34.04
C23 PC1 UA . -10.67 6.04 34.17
C24 PC1 UA . -11.23 6.13 35.58
C25 PC1 UA . -12.02 7.40 35.82
C26 PC1 UA . -13.27 7.45 34.95
C27 PC1 UA . -14.19 8.62 35.28
C28 PC1 UA . -14.14 9.73 34.23
C29 PC1 UA . -15.36 10.61 34.23
C2A PC1 UA . -15.69 11.18 32.85
C3 PC1 UA . -9.30 0.75 35.76
O31 PC1 UA . -9.99 1.59 36.69
C31 PC1 UA . -10.84 1.07 37.57
O32 PC1 UA . -10.61 0.07 38.22
C32 PC1 UA . -12.11 1.85 37.64
C33 PC1 UA . -12.28 2.68 38.91
C34 PC1 UA . -13.23 3.83 38.63
C35 PC1 UA . -13.52 4.69 39.87
C36 PC1 UA . -14.75 5.57 39.70
C37 PC1 UA . -14.95 6.13 38.30
C38 PC1 UA . -15.78 7.41 38.29
C39 PC1 UA . -17.27 7.19 38.13
C3A PC1 UA . -17.81 7.63 36.78
C3B PC1 UA . -17.78 9.14 36.55
C3C PC1 UA . -18.80 9.94 37.33
C3D PC1 UA . -19.10 11.30 36.71
C3E PC1 UA . -19.89 12.23 37.62
C3F PC1 UA . -20.45 13.44 36.90
C3G PC1 UA . -20.55 14.69 37.77
C3H PC1 UA . -20.83 15.96 36.99
O13 3PH VA . -27.47 20.16 60.72
P 3PH VA . -26.23 19.52 60.13
O14 3PH VA . -25.04 20.46 59.94
O12 3PH VA . -25.85 18.17 60.73
O11 3PH VA . -26.75 19.16 58.55
C1 3PH VA . -27.19 17.86 58.33
C2 3PH VA . -27.69 17.66 56.91
O21 3PH VA . -28.19 16.32 56.73
C21 3PH VA . -29.42 16.18 56.25
O22 3PH VA . -30.36 16.86 56.60
C22 3PH VA . -29.48 15.09 55.22
C23 3PH VA . -30.55 14.05 55.53
C24 3PH VA . -31.09 13.41 54.26
C25 3PH VA . -30.11 12.43 53.65
C26 3PH VA . -30.35 12.16 52.18
C27 3PH VA . -30.09 10.71 51.80
C28 3PH VA . -30.10 10.43 50.31
C29 3PH VA . -30.19 8.95 49.99
C2A 3PH VA . -31.58 8.37 50.16
C3 3PH VA . -26.67 17.92 55.82
O31 3PH VA . -26.38 19.30 55.76
C31 3PH VA . -25.15 19.67 55.43
O32 3PH VA . -24.27 19.81 56.24
C32 3PH VA . -25.02 19.87 53.94
C33 3PH VA . -24.61 18.62 53.18
C34 3PH VA . -24.96 18.71 51.70
C35 3PH VA . -23.82 18.24 50.81
C36 3PH VA . -24.21 18.06 49.35
C37 3PH VA . -23.15 18.61 48.42
C38 3PH VA . -23.32 18.20 46.96
C39 3PH VA . -22.22 18.77 46.07
C3A 3PH VA . -22.61 18.85 44.60
O13 3PH WA . -10.76 21.22 62.59
P 3PH WA . -9.54 20.91 63.45
O14 3PH WA . -8.34 21.83 63.22
O12 3PH WA . -9.82 20.64 64.92
O11 3PH WA . -9.08 19.41 62.81
C1 3PH WA . -8.02 18.75 63.40
C2 3PH WA . -6.83 18.64 62.45
O21 3PH WA . -6.66 17.29 62.02
C21 3PH WA . -7.57 16.72 61.24
O22 3PH WA . -8.49 16.08 61.67
C22 3PH WA . -7.30 16.98 59.79
C23 3PH WA . -7.90 15.92 58.87
C24 3PH WA . -7.16 15.78 57.55
C25 3PH WA . -8.07 15.23 56.46
C26 3PH WA . -7.43 14.15 55.60
C27 3PH WA . -8.11 13.99 54.24
C28 3PH WA . -7.57 12.83 53.44
C29 3PH WA . -8.02 12.82 51.99
C2A 3PH WA . -7.79 11.49 51.29
C2B 3PH WA . -6.33 11.24 50.92
C2C 3PH WA . -6.09 9.95 50.18
C3 3PH WA . -5.50 19.11 63.00
O31 3PH WA . -4.49 19.02 62.00
C31 3PH WA . -3.74 17.93 61.92
O32 3PH WA . -3.54 17.19 62.84
C32 3PH WA . -3.15 17.78 60.54
C33 3PH WA . -2.59 16.38 60.29
C34 3PH WA . -1.69 16.30 59.07
C35 3PH WA . -1.53 14.86 58.60
C36 3PH WA . -0.12 14.46 58.18
C37 3PH WA . 0.77 14.03 59.34
C38 3PH WA . 1.83 15.05 59.74
C39 3PH WA . 1.39 15.96 60.87
C3A 3PH WA . 2.10 15.70 62.19
C3B 3PH WA . 1.27 16.06 63.41
C3C 3PH WA . 1.90 15.62 64.72
C3D 3PH WA . 2.75 16.70 65.38
C3E 3PH WA . 4.07 16.18 65.95
C3F 3PH WA . 5.26 16.43 65.03
C3G 3PH WA . 6.41 15.47 65.22
C3H 3PH WA . 6.53 14.43 64.11
C3I 3PH WA . 5.28 13.58 63.95
ZN ZN XA . -56.43 -32.44 -30.16
C1 U10 YA . -32.41 5.95 14.89
C2 U10 YA . -32.50 6.12 13.38
C3 U10 YA . -33.53 5.33 12.58
C4 U10 YA . -34.35 4.51 13.21
C5 U10 YA . -34.26 4.34 14.72
C6 U10 YA . -33.23 5.13 15.54
C1M U10 YA . -31.36 6.76 15.64
C3M U10 YA . -32.41 5.19 10.51
C4M U10 YA . -36.14 4.55 11.66
C7 U10 YA . -33.09 5.00 17.07
C8 U10 YA . -34.28 4.38 17.80
C9 U10 YA . -34.13 2.90 18.15
C10 U10 YA . -35.11 1.97 17.44
C11 U10 YA . -33.89 2.58 19.64
C12 U10 YA . -34.44 3.65 20.57
C13 U10 YA . -34.98 2.97 21.83
C14 U10 YA . -34.96 3.78 23.12
C15 U10 YA . -34.31 5.17 23.10
C16 U10 YA . -36.19 3.67 24.01
C17 U10 YA . -35.77 3.25 25.40
C18 U10 YA . -37.01 3.03 26.26
C19 U10 YA . -36.74 3.10 27.76
C20 U10 YA . -35.76 2.04 28.27
C21 U10 YA . -37.99 3.24 28.62
C22 U10 YA . -38.87 2.00 28.54
O2 U10 YA . -31.76 6.85 12.83
O3 U10 YA . -33.60 5.50 11.19
O4 U10 YA . -35.30 3.78 12.48
O5 U10 YA . -35.02 3.59 15.23
FE1 SF4 ZA . -30.33 -10.09 -10.09
FE2 SF4 ZA . -29.66 -12.59 -9.19
FE3 SF4 ZA . -32.00 -12.22 -10.52
FE4 SF4 ZA . -31.69 -11.19 -8.00
S1 SF4 ZA . -31.71 -13.41 -8.59
S2 SF4 ZA . -32.59 -10.11 -9.80
S3 SF4 ZA . -29.47 -10.62 -8.04
S4 SF4 ZA . -29.90 -11.95 -11.37
O13 3PH AB . 21.05 8.40 33.68
P 3PH AB . 21.87 9.58 33.18
O14 3PH AB . 21.16 10.92 33.24
O12 3PH AB . 22.59 9.34 31.85
O11 3PH AB . 23.09 9.65 34.38
C1 3PH AB . 23.59 10.89 34.73
C2 3PH AB . 24.06 10.90 36.18
O21 3PH AB . 23.66 12.11 36.86
C21 3PH AB . 22.46 12.13 37.43
O22 3PH AB . 21.78 11.15 37.59
C22 3PH AB . 22.06 13.51 37.83
C23 3PH AB . 21.35 13.56 39.16
C24 3PH AB . 20.10 14.44 39.13
C25 3PH AB . 19.46 14.61 40.50
C26 3PH AB . 20.31 15.35 41.51
C27 3PH AB . 20.55 16.79 41.10
C28 3PH AB . 21.45 17.55 42.05
C29 3PH AB . 21.57 19.01 41.64
C2A 3PH AB . 22.89 19.65 42.03
C2B 3PH AB . 22.93 21.15 41.79
C2C 3PH AB . 24.12 21.82 42.46
C2D 3PH AB . 23.99 21.90 43.98
C2E 3PH AB . 25.29 21.60 44.72
C2F 3PH AB . 26.45 22.53 44.36
C2G 3PH AB . 26.35 23.92 44.98
C2H 3PH AB . 27.63 24.73 44.84
C2I 3PH AB . 28.58 24.57 46.03
C3 3PH AB . 25.54 10.73 36.42
O31 3PH AB . 25.81 10.46 37.79
C31 3PH AB . 26.87 11.02 38.34
O32 3PH AB . 27.96 10.48 38.34
C32 3PH AB . 26.57 12.36 38.96
C33 3PH AB . 25.97 12.27 40.37
C34 3PH AB . 24.47 12.55 40.38
C35 3PH AB . 23.84 12.37 41.76
C36 3PH AB . 24.45 13.19 42.89
C37 3PH AB . 24.26 14.68 42.70
C38 3PH AB . 24.97 15.55 43.74
C39 3PH AB . 26.48 15.45 43.63
C3A 3PH AB . 27.22 16.79 43.68
C3B 3PH AB . 27.01 17.60 42.42
C3C 3PH AB . 27.68 18.96 42.42
C3D 3PH AB . 29.01 18.95 41.69
C3E 3PH AB . 29.65 20.32 41.53
C3F 3PH AB . 30.41 20.74 42.77
C3G 3PH AB . 31.10 22.09 42.62
C3H 3PH AB . 30.20 23.28 42.97
O13 3PH BB . 85.80 23.32 38.17
P 3PH BB . 85.69 22.37 39.35
O14 3PH BB . 85.17 20.98 38.99
O12 3PH BB . 86.88 22.38 40.29
O11 3PH BB . 84.42 23.11 40.22
C1 3PH BB . 84.13 22.64 41.49
C2 3PH BB . 83.97 23.80 42.45
O21 3PH BB . 82.69 24.45 42.31
C21 3PH BB . 81.61 23.88 42.82
O22 3PH BB . 81.56 22.73 43.17
C22 3PH BB . 80.45 24.84 42.89
C23 3PH BB . 80.28 25.51 44.23
C24 3PH BB . 79.82 24.52 45.30
C25 3PH BB . 79.18 25.17 46.50
C26 3PH BB . 80.13 25.47 47.64
C27 3PH BB . 79.40 25.64 48.97
C28 3PH BB . 80.32 25.99 50.13
C29 3PH BB . 79.72 25.66 51.48
C2A 3PH BB . 80.61 26.09 52.64
C2B 3PH BB . 79.86 26.18 53.96
C2C 3PH BB . 80.78 26.23 55.18
C2D 3PH BB . 80.02 26.01 56.48
C2E 3PH BB . 80.88 26.10 57.73
C2F 3PH BB . 80.89 27.49 58.36
C3 3PH BB . 85.03 24.86 42.33
O31 3PH BB . 85.59 25.16 43.60
C31 3PH BB . 85.03 26.15 44.28
O32 3PH BB . 85.21 27.31 44.00
C32 3PH BB . 84.17 25.66 45.41
C33 3PH BB . 84.88 24.66 46.30
C34 3PH BB . 84.41 24.69 47.74
C35 3PH BB . 85.11 25.77 48.54
C36 3PH BB . 84.69 25.85 50.00
C37 3PH BB . 85.31 24.73 50.84
C38 3PH BB . 84.69 24.59 52.22
C39 3PH BB . 85.22 25.60 53.23
C3A 3PH BB . 84.73 25.36 54.65
C3B 3PH BB . 85.38 26.30 55.65
C3C 3PH BB . 85.87 25.63 56.93
C3D 3PH BB . 84.77 25.37 57.94
C3E 3PH BB . 85.30 25.27 59.37
C3F 3PH BB . 85.41 26.62 60.07
C3G 3PH BB . 86.61 26.73 61.00
C3H 3PH BB . 86.37 27.63 62.21
C3I 3PH BB . 86.00 29.06 61.83
C P5S CB . 110.19 10.30 48.14
N P5S CB . 111.88 11.61 46.77
O P5S CB . 110.11 9.67 49.21
C1 P5S CB . 109.61 11.81 52.75
C2 P5S CB . 110.52 12.99 52.97
C3 P5S CB . 111.86 12.97 52.27
CA P5S CB . 111.24 11.43 48.06
CB P5S CB . 110.56 12.73 48.47
OG P5S CB . 110.92 13.09 49.78
P12 P5S CB . 111.59 14.52 50.13
O13 P5S CB . 110.57 15.58 50.33
O15 P5S CB . 112.76 14.74 49.19
O16 P5S CB . 112.14 14.19 51.63
C17 P5S CB . 108.47 10.99 54.63
O18 P5S CB . 108.77 9.84 54.46
O19 P5S CB . 108.52 11.90 53.66
C20 P5S CB . 108.01 11.59 55.94
C21 P5S CB . 109.14 11.71 56.93
C22 P5S CB . 108.70 12.19 58.30
C23 P5S CB . 108.33 13.66 58.34
C24 P5S CB . 108.55 14.33 59.69
C25 P5S CB . 107.39 15.20 60.12
C26 P5S CB . 106.48 14.56 61.16
C27 P5S CB . 105.18 15.33 61.32
C28 P5S CB . 103.97 14.46 61.64
C29 P5S CB . 102.74 15.29 61.94
C30 P5S CB . 101.42 14.54 61.74
C31 P5S CB . 100.31 15.08 62.63
O37 P5S CB . 110.71 13.09 54.37
C38 P5S CB . 111.11 14.24 54.88
C39 P5S CB . 112.30 14.05 55.79
C40 P5S CB . 112.51 15.21 56.74
C41 P5S CB . 112.28 14.84 58.19
C42 P5S CB . 112.20 16.09 59.05
C43 P5S CB . 113.55 16.69 59.37
C44 P5S CB . 113.47 17.84 60.36
C45 P5S CB . 113.44 17.43 61.82
C46 P5S CB . 114.72 16.71 62.25
O47 P5S CB . 110.59 15.29 54.64
OXT P5S CB . 109.51 10.10 47.11
P 3PE DB . 90.97 44.16 27.90
N 3PE DB . 91.99 40.61 25.07
O11 3PE DB . 90.18 43.14 28.92
O12 3PE DB . 89.90 45.00 27.28
O13 3PE DB . 91.53 43.08 26.78
O14 3PE DB . 92.18 44.72 28.54
C11 3PE DB . 90.62 42.53 25.84
C12 3PE DB . 90.79 41.03 25.84
C1 3PE DB . 88.79 42.98 28.77
C2 3PE DB . 88.20 42.45 30.07
C3 3PE DB . 88.48 40.98 30.24
O31 3PE DB . 88.20 40.70 31.60
O32 3PE DB . 88.62 38.53 31.52
C31 3PE DB . 87.98 39.45 31.95
C32 3PE DB . 86.83 39.33 32.92
C33 3PE DB . 86.14 40.64 33.27
C34 3PE DB . 86.80 41.38 34.42
C35 3PE DB . 86.40 42.83 34.49
C36 3PE DB . 86.61 43.47 35.86
C37 3PE DB . 85.32 43.97 36.50
C38 3PE DB . 85.38 43.97 38.03
C39 3PE DB . 84.02 43.98 38.70
C3A 3PE DB . 84.07 43.72 40.20
C3B 3PE DB . 84.66 44.86 41.02
C3C 3PE DB . 83.65 45.96 41.32
C3D 3PE DB . 84.17 47.01 42.29
C3E 3PE DB . 83.16 48.10 42.61
O21 3PE DB . 88.74 43.07 31.23
O22 3PE DB . 87.48 44.87 31.01
C21 3PE DB . 88.38 44.29 31.56
C22 3PE DB . 89.22 44.87 32.67
C23 3PE DB . 88.71 46.21 33.16
C24 3PE DB . 89.68 46.87 34.12
C25 3PE DB . 89.27 46.71 35.58
C26 3PE DB . 90.39 47.00 36.56
C27 3PE DB . 89.91 46.99 38.00
C28 3PE DB . 89.32 48.32 38.43
C29 3PE DB . 88.02 48.20 39.22
C2A 3PE DB . 86.79 48.31 38.32
C2B 3PE DB . 85.50 48.60 39.07
C2C 3PE DB . 84.37 49.04 38.16
C2D 3PE DB . 84.10 48.11 36.98
C2E 3PE DB . 82.97 48.57 36.08
C2F 3PE DB . 83.06 48.04 34.66
C2G 3PE DB . 82.50 46.64 34.47
O13 3PH EB . 86.75 47.42 19.58
P 3PH EB . 87.41 46.80 20.82
O14 3PH EB . 87.80 45.33 20.66
O12 3PH EB . 88.49 47.67 21.45
O11 3PH EB . 86.10 46.80 21.91
C1 3PH EB . 86.16 45.94 23.00
C2 3PH EB . 86.50 46.70 24.27
O21 3PH EB . 85.62 46.33 25.34
C21 3PH EB . 86.13 46.01 26.52
O22 3PH EB . 87.00 45.19 26.67
C22 3PH EB . 85.50 46.81 27.62
C23 3PH EB . 85.62 46.17 28.99
C24 3PH EB . 84.88 46.95 30.06
C25 3PH EB . 83.37 46.87 29.90
C26 3PH EB . 82.61 47.94 30.68
C27 3PH EB . 82.26 49.14 29.82
C28 3PH EB . 81.61 50.28 30.61
C29 3PH EB . 82.62 51.03 31.48
C2A 3PH EB . 82.07 52.33 32.06
C2B 3PH EB . 81.02 52.08 33.14
C2C 3PH EB . 80.10 53.26 33.41
C2D 3PH EB . 80.80 54.41 34.11
C2E 3PH EB . 79.84 55.37 34.81
C2F 3PH EB . 80.53 56.56 35.45
C2G 3PH EB . 79.71 57.22 36.55
C2H 3PH EB . 79.91 56.60 37.92
C2I 3PH EB . 81.23 56.98 38.56
C3 3PH EB . 86.47 48.20 24.17
O31 3PH EB . 86.30 48.80 25.46
C31 3PH EB . 86.02 50.09 25.49
O32 3PH EB . 86.03 50.80 24.52
C32 3PH EB . 85.71 50.55 26.89
C33 3PH EB . 85.43 52.04 27.01
C34 3PH EB . 84.70 52.38 28.29
C35 3PH EB . 85.11 53.74 28.86
C36 3PH EB . 84.74 53.93 30.32
O13 3PH FB . 84.21 33.75 78.00
P 3PH FB . 82.74 33.55 78.41
O14 3PH FB . 82.44 33.93 79.86
O12 3PH FB . 81.72 34.07 77.42
O11 3PH FB . 82.60 31.85 78.37
C1 3PH FB . 83.74 31.08 78.18
C2 3PH FB . 83.98 30.81 76.70
O21 3PH FB . 83.81 32.01 75.93
C21 3PH FB . 84.40 32.16 74.75
O22 3PH FB . 85.57 31.95 74.55
C22 3PH FB . 83.41 32.60 73.73
C23 3PH FB . 84.00 32.80 72.34
C24 3PH FB . 82.95 32.63 71.26
C25 3PH FB . 82.82 31.20 70.78
C26 3PH FB . 81.93 31.03 69.57
C27 3PH FB . 80.45 31.01 69.92
C28 3PH FB . 79.52 30.98 68.72
C29 3PH FB . 79.39 29.58 68.13
C3 3PH FB . 83.08 29.74 76.10
O31 3PH FB . 83.81 28.84 75.27
C31 3PH FB . 83.17 27.75 74.85
O32 3PH FB . 82.95 26.81 75.55
C32 3PH FB . 82.78 27.84 73.40
C33 3PH FB . 82.11 26.56 72.92
C34 3PH FB . 81.33 26.73 71.63
C35 3PH FB . 80.95 25.38 71.02
C36 3PH FB . 79.98 25.50 69.86
C37 3PH FB . 80.43 24.73 68.62
C38 3PH FB . 79.63 25.01 67.37
O13 3PH GB . 71.10 47.00 17.68
P 3PH GB . 71.59 48.27 17.00
O14 3PH GB . 72.84 48.91 17.60
O12 3PH GB . 71.60 48.21 15.47
O11 3PH GB . 70.31 49.33 17.37
C1 3PH GB . 70.34 50.56 16.74
C2 3PH GB . 70.97 51.62 17.63
O21 3PH GB . 70.15 52.79 17.65
C21 3PH GB . 69.53 53.11 18.78
O22 3PH GB . 69.93 52.81 19.87
C22 3PH GB . 68.28 53.89 18.53
C23 3PH GB . 67.82 54.64 19.77
C24 3PH GB . 68.72 55.82 20.11
C25 3PH GB . 68.18 56.63 21.28
C26 3PH GB . 69.17 57.67 21.80
C27 3PH GB . 68.45 58.92 22.32
C3 3PH GB . 72.39 52.03 17.29
O31 3PH GB . 72.63 53.40 17.62
C31 3PH GB . 73.87 53.77 17.93
O32 3PH GB . 74.76 53.84 17.13
C32 3PH GB . 74.02 54.08 19.40
C33 3PH GB . 72.84 53.63 20.23
C34 3PH GB . 73.09 53.86 21.72
C35 3PH GB . 71.83 53.67 22.55
C36 3PH GB . 71.06 54.95 22.82
C37 3PH GB . 71.49 55.61 24.12
C38 3PH GB . 72.81 56.35 24.05
C39 3PH GB . 72.72 57.59 23.16
C3A 3PH GB . 73.88 57.77 22.19
C3B 3PH GB . 75.20 57.97 22.91
C3C 3PH GB . 76.24 58.73 22.08
P 3PE HB . 43.06 48.21 13.46
N 3PE HB . 46.49 46.76 14.49
O11 3PE HB . 43.75 48.71 14.86
O12 3PE HB . 41.82 47.48 13.88
O13 3PE HB . 44.18 47.14 12.92
O14 3PE HB . 43.07 49.32 12.46
C11 3PE HB . 45.42 47.60 12.42
C12 3PE HB . 46.33 47.92 13.58
C1 3PE HB . 43.04 49.55 15.74
C2 3PE HB . 43.69 49.42 17.11
C3 3PE HB . 42.69 49.03 18.17
O31 3PE HB . 41.69 50.04 18.26
O32 3PE HB . 42.10 52.18 17.81
C31 3PE HB . 42.03 51.28 18.60
C32 3PE HB . 42.28 51.41 20.08
C33 3PE HB . 41.04 51.77 20.87
C34 3PE HB . 41.30 52.90 21.86
C35 3PE HB . 40.07 53.20 22.72
C36 3PE HB . 39.89 54.67 23.03
C37 3PE HB . 40.52 55.11 24.34
C38 3PE HB . 39.72 54.66 25.55
C39 3PE HB . 40.55 54.00 26.64
O21 3PE HB . 44.67 48.38 17.14
O22 3PE HB . 46.32 49.18 18.37
C21 3PE HB . 45.51 48.30 18.13
C22 3PE HB . 45.37 47.02 18.91
C23 3PE HB . 46.27 46.96 20.12
C24 3PE HB . 45.90 45.77 21.01
C25 3PE HB . 46.55 45.83 22.38
C26 3PE HB . 47.94 45.23 22.39
C27 3PE HB . 48.01 43.84 23.02
C28 3PE HB . 48.76 43.83 24.34
C29 3PE HB . 47.98 44.41 25.51
C2A 3PE HB . 48.05 45.92 25.59
C2B 3PE HB . 47.94 46.45 27.02
C2C 3PE HB . 46.67 46.04 27.74
C2D 3PE HB . 45.40 46.52 27.08
C2E 3PE HB . 44.15 46.28 27.93
C2F 3PE HB . 43.95 47.30 29.02
C2G 3PE HB . 42.51 47.37 29.53
C2H 3PE HB . 42.20 46.29 30.57
C2I 3PE HB . 40.71 46.02 30.72
O13 3PH IB . 44.49 57.31 12.26
P 3PH IB . 43.39 56.66 11.44
O14 3PH IB . 42.43 57.63 10.77
O12 3PH IB . 43.87 55.53 10.52
O11 3PH IB . 42.48 55.89 12.66
C1 3PH IB . 41.61 56.66 13.44
C2 3PH IB . 40.38 55.85 13.82
O21 3PH IB . 39.52 56.55 14.74
C21 3PH IB . 38.23 56.66 14.43
O22 3PH IB . 37.81 56.57 13.30
C22 3PH IB . 37.35 56.90 15.63
C23 3PH IB . 38.04 57.52 16.83
C24 3PH IB . 38.48 56.47 17.84
C25 3PH IB . 37.31 55.87 18.63
C26 3PH IB . 36.79 56.76 19.74
C27 3PH IB . 37.70 56.76 20.97
C28 3PH IB . 37.12 57.50 22.16
C3 3PH IB . 40.63 54.48 14.42
O31 3PH IB . 39.40 53.88 14.82
C31 3PH IB . 39.44 52.72 15.45
O32 3PH IB . 40.43 52.03 15.50
C32 3PH IB . 38.11 52.35 16.06
C33 3PH IB . 38.10 52.38 17.58
C34 3PH IB . 36.71 52.19 18.17
C35 3PH IB . 36.71 52.12 19.69
C36 3PH IB . 37.38 50.87 20.27
C37 3PH IB . 37.12 50.70 21.75
C38 3PH IB . 37.56 49.36 22.30
C39 3PH IB . 37.27 49.19 23.79
C3A 3PH IB . 38.15 50.01 24.72
C3B 3PH IB . 39.64 49.74 24.52
C3C 3PH IB . 40.48 49.95 25.77
C3D 3PH IB . 41.95 49.60 25.58
P 3PE JB . 32.09 44.25 61.25
N 3PE JB . 29.17 48.18 60.18
O11 3PE JB . 33.23 43.86 60.11
O12 3PE JB . 30.92 43.37 60.98
O13 3PE JB . 31.68 45.79 60.82
O14 3PE JB . 32.73 44.38 62.59
C11 3PE JB . 30.41 46.04 60.27
C12 3PE JB . 30.39 47.46 59.74
C1 3PE JB . 34.20 42.87 60.38
C2 3PE JB . 33.81 41.59 59.63
C3 3PE JB . 34.77 41.25 58.50
O31 3PE JB . 36.01 40.80 59.05
O32 3PE JB . 37.88 41.95 58.70
C31 3PE JB . 37.15 41.06 58.38
C32 3PE JB . 37.39 40.12 57.24
C33 3PE JB . 38.67 40.42 56.46
C34 3PE JB . 39.17 39.22 55.65
C35 3PE JB . 39.91 38.19 56.48
C36 3PE JB . 40.90 37.34 55.68
C37 3PE JB . 42.04 36.81 56.52
C38 3PE JB . 43.19 36.22 55.70
C39 3PE JB . 43.14 34.71 55.53
C3A 3PE JB . 44.45 34.02 55.85
C3B 3PE JB . 45.54 34.19 54.81
C3C 3PE JB . 46.94 34.01 55.38
C3D 3PE JB . 48.04 34.04 54.34
O21 3PE JB . 33.70 40.42 60.48
O22 3PE JB . 34.54 40.70 62.52
C21 3PE JB . 34.50 40.09 61.47
C22 3PE JB . 35.31 38.88 61.15
C23 3PE JB . 34.66 37.95 60.15
C24 3PE JB . 35.66 36.97 59.55
C25 3PE JB . 35.14 36.33 58.28
C26 3PE JB . 35.88 35.06 57.90
C27 3PE JB . 37.36 35.26 57.70
C28 3PE JB . 38.07 33.98 57.31
C29 3PE JB . 39.50 34.19 56.85
C2A 3PE JB . 39.78 33.61 55.48
C2B 3PE JB . 40.06 32.12 55.46
C2C 3PE JB . 40.77 31.67 54.20
C2D 3PE JB . 39.94 31.88 52.94
P 3PE KB . 51.02 33.55 68.91
N 3PE KB . 49.89 33.72 71.98
O11 3PE KB . 50.81 34.14 67.40
O12 3PE KB . 49.72 32.92 69.26
O13 3PE KB . 51.22 34.93 69.79
O14 3PE KB . 52.33 32.84 69.01
C11 3PE KB . 51.88 34.88 71.04
C12 3PE KB . 50.85 34.85 72.14
C1 3PE KB . 50.52 33.25 66.35
C2 3PE KB . 49.62 33.97 65.35
C3 3PE KB . 48.50 34.72 66.05
O31 3PE KB . 47.27 34.37 65.41
O32 3PE KB . 46.87 32.59 66.70
C31 3PE KB . 46.77 33.17 65.64
C32 3PE KB . 46.08 32.63 64.41
C33 3PE KB . 44.74 33.28 64.10
C34 3PE KB . 44.52 33.38 62.60
C35 3PE KB . 43.12 33.00 62.13
C36 3PE KB . 43.10 32.62 60.66
C37 3PE KB . 41.75 32.78 59.97
C38 3PE KB . 40.72 31.77 60.46
O21 3PE KB . 50.33 34.96 64.60
O22 3PE KB . 51.25 33.49 63.20
C21 3PE KB . 51.02 34.63 63.54
C22 3PE KB . 51.51 35.83 62.78
C23 3PE KB . 51.27 35.76 61.29
C24 3PE KB . 52.27 34.84 60.61
C25 3PE KB . 52.40 35.10 59.12
C26 3PE KB . 52.77 33.85 58.34
C1 CDL LB . 60.79 30.72 72.41
O1 CDL LB . 59.95 29.80 71.72
CA2 CDL LB . 60.00 32.01 72.40
OA2 CDL LB . 58.78 31.91 71.62
PA1 CDL LB . 57.84 33.16 71.40
OA3 CDL LB . 57.08 33.40 72.70
OA4 CDL LB . 58.61 34.33 70.94
OA5 CDL LB . 56.79 32.73 70.30
CA3 CDL LB . 57.08 31.71 69.32
CA4 CDL LB . 58.35 32.09 68.60
OA6 CDL LB . 57.96 32.03 67.19
CA5 CDL LB . 57.80 30.82 66.61
OA7 CDL LB . 57.22 29.90 67.13
C11 CDL LB . 58.45 30.79 65.26
C12 CDL LB . 58.17 29.50 64.50
C13 CDL LB . 58.95 29.41 63.20
C14 CDL LB . 58.12 29.70 61.97
C15 CDL LB . 58.77 29.31 60.66
C16 CDL LB . 58.34 27.97 60.12
C17 CDL LB . 58.34 27.88 58.60
C18 CDL LB . 58.20 26.48 58.04
C19 CDL LB . 59.28 25.51 58.47
CA6 CDL LB . 59.34 30.98 68.79
OA8 CDL LB . 60.34 31.00 67.76
CA7 CDL LB . 61.52 30.45 68.04
OA9 CDL LB . 62.51 31.08 68.27
C31 CDL LB . 61.45 28.95 68.05
C32 CDL LB . 61.23 28.36 66.66
C33 CDL LB . 61.92 29.14 65.57
C34 CDL LB . 62.16 28.36 64.30
C35 CDL LB . 63.14 27.23 64.45
C36 CDL LB . 64.06 27.06 63.27
C37 CDL LB . 63.33 26.87 61.96
C38 CDL LB . 64.14 26.21 60.87
C39 CDL LB . 65.54 26.75 60.67
C40 CDL LB . 66.15 26.48 59.31
C41 CDL LB . 66.91 27.62 58.69
C42 CDL LB . 67.46 27.37 57.30
CB2 CDL LB . 61.97 30.93 71.48
OB2 CDL LB . 63.05 31.69 72.08
PB2 CDL LB . 64.29 32.17 71.24
OB3 CDL LB . 65.58 31.92 72.03
OB4 CDL LB . 64.14 33.56 70.75
OB5 CDL LB . 64.24 31.14 70.05
CB3 CDL LB . 65.44 30.71 69.37
CB4 CDL LB . 65.41 29.22 69.28
OB6 CDL LB . 65.65 28.84 70.67
CB5 CDL LB . 65.42 27.56 71.02
OB7 CDL LB . 64.54 26.90 70.55
C51 CDL LB . 66.40 27.10 72.05
C52 CDL LB . 67.80 26.86 71.48
C53 CDL LB . 67.90 25.60 70.65
C54 CDL LB . 68.99 25.61 69.60
C55 CDL LB . 69.00 24.36 68.74
C56 CDL LB . 69.61 24.55 67.37
C57 CDL LB . 70.48 23.39 66.91
C58 CDL LB . 71.95 23.67 67.03
C59 CDL LB . 72.50 24.57 65.95
CB6 CDL LB . 66.66 28.78 68.58
OB8 CDL LB . 66.38 28.60 67.18
CB7 CDL LB . 67.10 27.66 66.54
OB9 CDL LB . 67.51 26.67 67.08
C71 CDL LB . 67.32 28.01 65.11
C72 CDL LB . 67.95 26.88 64.30
C73 CDL LB . 69.06 27.36 63.39
O13 3PH MB . 70.12 68.72 49.14
P 3PH MB . 70.37 68.23 47.72
O14 3PH MB . 69.47 68.88 46.66
O12 3PH MB . 71.83 68.11 47.33
O11 3PH MB . 69.78 66.63 47.83
C1 3PH MB . 70.36 65.65 47.03
C2 3PH MB . 69.79 65.65 45.63
O21 3PH MB . 69.48 64.32 45.17
C21 3PH MB . 68.41 63.67 45.61
O22 3PH MB . 67.74 64.04 46.54
C22 3PH MB . 68.13 62.44 44.80
C23 3PH MB . 69.37 61.59 44.56
C24 3PH MB . 69.13 60.41 43.63
C25 3PH MB . 68.45 59.23 44.33
C26 3PH MB . 68.30 58.01 43.43
C27 3PH MB . 67.63 56.85 44.15
C28 3PH MB . 67.59 55.56 43.36
C29 3PH MB . 66.20 55.22 42.82
C2A 3PH MB . 65.71 56.17 41.73
C2B 3PH MB . 66.09 55.73 40.32
C2C 3PH MB . 67.38 56.35 39.79
C2D 3PH MB . 67.26 57.82 39.43
C2E 3PH MB . 68.59 58.46 39.08
C2F 3PH MB . 68.57 59.97 39.08
C3 3PH MB . 70.68 66.26 44.57
O31 3PH MB . 71.82 65.44 44.41
C31 3PH MB . 72.92 65.96 43.90
O32 3PH MB . 73.83 66.39 44.56
C32 3PH MB . 72.86 65.95 42.39
C33 3PH MB . 72.73 64.56 41.81
C34 3PH MB . 71.36 63.92 42.06
O13 3PH NB . 38.34 67.90 41.05
P 3PH NB . 36.84 67.81 41.27
O14 3PH NB . 36.39 68.01 42.72
O12 3PH NB . 36.01 68.57 40.24
O11 3PH NB . 36.59 66.14 40.98
C1 3PH NB . 36.10 65.73 39.74
C2 3PH NB . 37.21 65.38 38.78
O21 3PH NB . 38.00 64.27 39.25
C21 3PH NB . 38.40 63.34 38.39
O22 3PH NB . 38.55 63.54 37.21
C22 3PH NB . 38.64 62.00 39.05
C23 3PH NB . 38.94 60.89 38.06
C24 3PH NB . 39.76 59.76 38.64
C25 3PH NB . 39.88 58.60 37.65
C26 3PH NB . 40.82 57.49 38.06
C27 3PH NB . 40.37 56.12 37.57
C28 3PH NB . 41.43 55.34 36.81
C29 3PH NB . 42.57 54.87 37.71
C3 3PH NB . 38.15 66.51 38.42
O31 3PH NB . 38.58 66.43 37.06
C31 3PH NB . 39.78 66.91 36.76
O32 3PH NB . 40.02 68.09 36.68
C32 3PH NB . 40.79 65.82 36.52
C33 3PH NB . 41.74 65.60 37.68
C34 3PH NB . 42.87 64.62 37.37
C35 3PH NB . 42.37 63.19 37.28
C36 3PH NB . 43.01 62.33 36.20
C37 3PH NB . 42.08 61.22 35.77
C38 3PH NB . 42.69 60.17 34.85
C39 3PH NB . 43.00 60.75 33.47
C3A 3PH NB . 42.48 59.90 32.32
C3B 3PH NB . 43.00 58.48 32.32
C3C 3PH NB . 42.90 57.78 30.97
CA CA OB . 49.20 53.91 62.74
#